data_8ONH
#
_entry.id   8ONH
#
_cell.length_a   131.880
_cell.length_b   210.771
_cell.length_c   133.754
_cell.angle_alpha   90.000
_cell.angle_beta   104.537
_cell.angle_gamma   90.000
#
_symmetry.space_group_name_H-M   'P 1 21 1'
#
loop_
_entity.id
_entity.type
_entity.pdbx_description
1 polymer 'Variant surface glycoprotein'
2 branched alpha-D-mannopyranose-(1-2)-alpha-D-mannopyranose-(1-3)-[alpha-D-mannopyranose-(1-6)]beta-D-mannopyranose-(1-4)-2-acetamido-2-deoxy-beta-D-glucopyranose-(1-4)-2-acetamido-2-deoxy-beta-D-glucopyranose
3 branched alpha-D-mannopyranose-(1-3)-[alpha-D-mannopyranose-(1-6)]beta-D-mannopyranose-(1-4)-2-acetamido-2-deoxy-beta-D-glucopyranose-(1-3)-2-acetamido-2-deoxy-beta-D-glucopyranose
4 branched beta-D-mannopyranose-(1-4)-2-acetamido-2-deoxy-beta-D-glucopyranose-(1-3)-2-acetamido-2-deoxy-beta-D-glucopyranose
5 branched beta-D-mannopyranose-(1-4)-2-acetamido-2-deoxy-beta-D-glucopyranose-(1-4)-2-acetamido-2-deoxy-beta-D-glucopyranose
6 branched alpha-D-mannopyranose-(1-3)-[alpha-D-mannopyranose-(1-6)]beta-D-mannopyranose-(1-3)-2-acetamido-2-deoxy-beta-D-glucopyranose-(1-3)-2-acetamido-2-deoxy-beta-D-glucopyranose
7 branched alpha-D-mannopyranose-(1-3)-[alpha-D-mannopyranose-(1-6)]beta-D-mannopyranose-(1-4)-2-acetamido-2-deoxy-beta-D-glucopyranose-(1-4)-2-acetamido-2-deoxy-beta-D-glucopyranose
8 non-polymer alpha-D-glucopyranose
9 non-polymer 2-acetamido-2-deoxy-beta-D-glucopyranose
10 water water
#
_entity_poly.entity_id   1
_entity_poly.type   'polypeptide(L)'
_entity_poly.pdbx_seq_one_letter_code
;MTSSVLAALLSVSIMLVQLRAEANIGTGDNVLHRAALCGIIELAGKRAKLETALPNFQNELNSILELNMTAAEPTWLDQF
RDKDDRSKPRDLTKQPLPKDTNWADHWTAWAKAALPLLNDETHQAKLKEYKLAGLQPEKLERARNTIRRLTAEAVAKAQD
PTVAESTADLTTEEDLQKQINQAVYSKDTEPDDDFNGYTAFEGKASTNRQTICGSAVAGSKATNAMDALFCVCADDRTNG
ADAGKACVAGTAPGTGWNPGVTATPTGTMLQKVRKLCNTHGKTTLSAAAIEGRLTAVGNLLTRGSATSILGSFLATDCSG
DQGSGMCVAYTEVTDAKGTPTKDIPWMQKLDSVRIKLQKHERAVEKLGKPQHDLKTILTLAKDPAYLQLASVGTRHLETT
KQRVSNEQGK
;
_entity_poly.pdbx_strand_id   A,B,C,D,E,F,G,H,I,J,K,L,M,N,O,P,Q,R
#
loop_
_chem_comp.id
_chem_comp.type
_chem_comp.name
_chem_comp.formula
BMA D-saccharide, beta linking beta-D-mannopyranose 'C6 H12 O6'
GLC D-saccharide, alpha linking alpha-D-glucopyranose 'C6 H12 O6'
MAN D-saccharide, alpha linking alpha-D-mannopyranose 'C6 H12 O6'
NAG D-saccharide, beta linking 2-acetamido-2-deoxy-beta-D-glucopyranose 'C8 H15 N O6'
#
# COMPACT_ATOMS: atom_id res chain seq x y z
N ASN A 24 20.80 16.51 32.35
CA ASN A 24 20.04 15.50 31.64
C ASN A 24 18.79 16.07 30.97
N ILE A 25 18.45 15.53 29.80
CA ILE A 25 17.29 15.99 29.05
C ILE A 25 16.03 15.63 29.83
N GLY A 26 15.22 16.64 30.15
CA GLY A 26 14.02 16.40 30.92
C GLY A 26 12.79 17.11 30.39
N THR A 27 11.74 17.13 31.20
CA THR A 27 10.45 17.71 30.82
C THR A 27 10.60 19.11 30.27
N GLY A 28 10.10 19.32 29.04
CA GLY A 28 10.02 20.62 28.45
C GLY A 28 11.29 21.13 27.79
N ASP A 29 12.37 20.36 27.80
CA ASP A 29 13.63 20.84 27.25
C ASP A 29 13.59 21.07 25.75
N ASN A 30 12.56 20.61 25.05
CA ASN A 30 12.48 20.77 23.61
C ASN A 30 11.30 21.66 23.17
N VAL A 31 10.71 22.41 24.10
CA VAL A 31 9.60 23.30 23.73
C VAL A 31 10.01 24.26 22.62
N LEU A 32 11.20 24.86 22.74
CA LEU A 32 11.70 25.72 21.68
C LEU A 32 11.72 25.01 20.33
N HIS A 33 12.19 23.77 20.28
CA HIS A 33 12.28 23.06 19.01
C HIS A 33 10.91 22.62 18.53
N ARG A 34 10.03 22.22 19.45
CA ARG A 34 8.66 21.87 19.06
C ARG A 34 7.96 23.05 18.42
N ALA A 35 8.12 24.25 18.99
CA ALA A 35 7.40 25.42 18.48
C ALA A 35 7.86 25.79 17.07
N ALA A 36 9.16 25.65 16.80
CA ALA A 36 9.65 25.96 15.46
C ALA A 36 9.17 24.93 14.45
N LEU A 37 9.22 23.64 14.80
CA LEU A 37 8.78 22.61 13.87
C LEU A 37 7.27 22.59 13.71
N CYS A 38 6.53 22.93 14.77
CA CYS A 38 5.08 23.06 14.62
C CYS A 38 4.70 24.25 13.76
N GLY A 39 5.60 25.25 13.67
CA GLY A 39 5.39 26.33 12.73
C GLY A 39 5.38 25.89 11.29
N ILE A 40 5.94 24.71 11.02
CA ILE A 40 5.89 24.10 9.68
C ILE A 40 4.65 23.23 9.52
N ILE A 41 4.41 22.33 10.47
CA ILE A 41 3.32 21.38 10.36
C ILE A 41 1.98 22.10 10.17
N GLU A 42 1.80 23.23 10.87
CA GLU A 42 0.53 23.94 10.79
C GLU A 42 0.27 24.54 9.40
N LEU A 43 1.33 24.72 8.59
CA LEU A 43 1.16 25.15 7.21
C LEU A 43 0.56 24.06 6.32
N ALA A 44 0.64 22.80 6.72
CA ALA A 44 0.29 21.67 5.86
C ALA A 44 -1.23 21.56 5.72
N GLY A 45 -1.70 20.49 5.07
CA GLY A 45 -3.11 20.36 4.78
C GLY A 45 -3.55 21.42 3.79
N LYS A 46 -4.78 21.87 3.94
CA LYS A 46 -5.30 23.00 3.18
C LYS A 46 -5.43 24.23 4.05
N ARG A 47 -4.54 24.38 5.02
CA ARG A 47 -4.61 25.47 5.99
C ARG A 47 -3.90 26.73 5.53
N ALA A 48 -2.93 26.60 4.61
CA ALA A 48 -2.23 27.75 4.06
C ALA A 48 -3.10 28.40 2.98
N LYS A 49 -3.34 29.70 3.13
CA LYS A 49 -4.32 30.42 2.32
C LYS A 49 -3.65 31.56 1.56
N LEU A 50 -3.92 31.64 0.25
CA LEU A 50 -3.46 32.75 -0.58
C LEU A 50 -4.63 33.72 -0.67
N GLU A 51 -4.70 34.65 0.27
CA GLU A 51 -5.85 35.52 0.41
C GLU A 51 -5.77 36.77 -0.45
N THR A 52 -4.64 37.00 -1.12
CA THR A 52 -4.51 38.15 -2.00
C THR A 52 -5.51 38.07 -3.14
N ALA A 53 -6.01 39.23 -3.57
CA ALA A 53 -6.92 39.29 -4.71
C ALA A 53 -6.22 38.78 -5.97
N LEU A 54 -6.96 38.01 -6.76
CA LEU A 54 -6.41 37.44 -7.98
C LEU A 54 -6.56 38.43 -9.13
N PRO A 55 -5.47 38.83 -9.80
CA PRO A 55 -5.58 39.86 -10.83
C PRO A 55 -6.55 39.49 -11.94
N ASN A 56 -7.01 40.50 -12.66
CA ASN A 56 -8.03 40.34 -13.68
C ASN A 56 -7.66 41.16 -14.91
N PHE A 57 -6.37 41.21 -15.25
CA PHE A 57 -5.91 42.11 -16.29
C PHE A 57 -6.38 41.66 -17.68
N GLN A 58 -6.13 40.40 -18.03
CA GLN A 58 -6.50 39.94 -19.36
C GLN A 58 -8.00 39.99 -19.59
N ASN A 59 -8.80 39.77 -18.54
CA ASN A 59 -10.25 39.80 -18.70
C ASN A 59 -10.74 41.19 -19.08
N GLU A 60 -10.17 42.23 -18.48
CA GLU A 60 -10.50 43.59 -18.89
C GLU A 60 -10.08 43.84 -20.34
N LEU A 61 -8.87 43.39 -20.69
CA LEU A 61 -8.39 43.55 -22.06
C LEU A 61 -9.29 42.79 -23.03
N ASN A 62 -9.63 41.54 -22.68
CA ASN A 62 -10.55 40.77 -23.52
C ASN A 62 -11.88 41.49 -23.69
N SER A 63 -12.33 42.22 -22.67
CA SER A 63 -13.61 42.91 -22.79
C SER A 63 -13.51 44.12 -23.71
N ILE A 64 -12.43 44.89 -23.58
CA ILE A 64 -12.20 46.01 -24.48
C ILE A 64 -12.08 45.54 -25.92
N LEU A 65 -11.48 44.36 -26.13
CA LEU A 65 -11.41 43.79 -27.48
C LEU A 65 -12.79 43.42 -28.01
N GLU A 66 -13.64 42.85 -27.16
CA GLU A 66 -14.99 42.49 -27.60
C GLU A 66 -15.82 43.72 -27.91
N LEU A 67 -15.65 44.80 -27.14
CA LEU A 67 -16.36 46.04 -27.42
C LEU A 67 -15.89 46.65 -28.74
N ASN A 68 -14.58 46.61 -29.00
CA ASN A 68 -14.05 47.13 -30.25
C ASN A 68 -14.59 46.38 -31.46
N MET A 69 -14.88 45.10 -31.31
CA MET A 69 -15.41 44.33 -32.42
C MET A 69 -16.88 44.64 -32.67
N THR A 70 -17.67 44.80 -31.60
CA THR A 70 -19.06 45.16 -31.77
C THR A 70 -19.20 46.48 -32.51
N ALA A 71 -18.34 47.45 -32.19
CA ALA A 71 -18.39 48.77 -32.81
C ALA A 71 -17.84 48.79 -34.22
N ALA A 72 -17.21 47.71 -34.68
CA ALA A 72 -16.66 47.69 -36.02
C ALA A 72 -17.77 47.61 -37.06
N GLU A 73 -17.42 48.02 -38.28
CA GLU A 73 -18.37 47.93 -39.39
C GLU A 73 -18.76 46.47 -39.64
N PRO A 74 -20.00 46.22 -40.04
CA PRO A 74 -20.41 44.83 -40.30
C PRO A 74 -19.54 44.13 -41.33
N THR A 75 -18.95 44.88 -42.27
CA THR A 75 -18.04 44.28 -43.23
C THR A 75 -16.83 43.69 -42.54
N TRP A 76 -16.36 44.33 -41.45
CA TRP A 76 -15.20 43.82 -40.74
C TRP A 76 -15.52 42.52 -40.02
N LEU A 77 -16.63 42.49 -39.29
CA LEU A 77 -17.01 41.27 -38.61
C LEU A 77 -17.27 40.13 -39.58
N ASP A 78 -17.73 40.45 -40.80
CA ASP A 78 -17.97 39.43 -41.81
C ASP A 78 -16.69 38.73 -42.26
N GLN A 79 -15.53 39.37 -42.09
CA GLN A 79 -14.25 38.76 -42.43
C GLN A 79 -13.88 37.60 -41.51
N PHE A 80 -14.67 37.33 -40.46
CA PHE A 80 -14.38 36.28 -39.49
C PHE A 80 -15.39 35.14 -39.55
N ARG A 81 -16.26 35.11 -40.55
CA ARG A 81 -17.17 34.01 -40.79
C ARG A 81 -16.82 33.36 -42.12
N ASP A 82 -17.06 32.04 -42.22
CA ASP A 82 -16.86 31.42 -43.52
C ASP A 82 -18.09 31.63 -44.40
N LYS A 83 -17.95 31.31 -45.68
CA LYS A 83 -19.03 31.56 -46.62
C LYS A 83 -20.19 30.57 -46.48
N ASP A 84 -20.03 29.52 -45.67
CA ASP A 84 -21.05 28.48 -45.52
C ASP A 84 -21.57 28.51 -44.08
N ASP A 85 -22.74 29.13 -43.89
CA ASP A 85 -23.35 29.38 -42.58
C ASP A 85 -22.59 30.48 -41.85
N ARG A 86 -23.19 31.67 -41.76
CA ARG A 86 -22.55 32.80 -41.08
C ARG A 86 -22.25 32.48 -39.63
N SER A 87 -23.10 31.69 -38.97
CA SER A 87 -22.90 31.36 -37.56
C SER A 87 -21.62 30.58 -37.32
N LYS A 88 -20.92 30.20 -38.39
CA LYS A 88 -19.71 29.39 -38.27
C LYS A 88 -18.45 30.25 -38.39
N PRO A 89 -17.43 29.96 -37.59
CA PRO A 89 -16.16 30.68 -37.72
C PRO A 89 -15.46 30.34 -39.02
N ARG A 90 -14.75 31.33 -39.55
CA ARG A 90 -14.01 31.15 -40.80
C ARG A 90 -12.88 30.16 -40.61
N ASP A 91 -12.81 29.15 -41.47
CA ASP A 91 -11.72 28.18 -41.45
C ASP A 91 -10.57 28.75 -42.26
N LEU A 92 -9.40 28.89 -41.62
CA LEU A 92 -8.27 29.54 -42.27
C LEU A 92 -7.72 28.70 -43.41
N THR A 93 -7.71 27.37 -43.26
CA THR A 93 -7.27 26.53 -44.36
C THR A 93 -8.23 26.64 -45.54
N LYS A 94 -9.54 26.77 -45.26
CA LYS A 94 -10.52 26.88 -46.33
C LYS A 94 -10.45 28.24 -47.00
N GLN A 95 -10.42 29.31 -46.22
CA GLN A 95 -10.27 30.68 -46.72
C GLN A 95 -8.99 31.25 -46.15
N PRO A 96 -7.85 31.03 -46.80
CA PRO A 96 -6.58 31.57 -46.29
C PRO A 96 -6.62 33.08 -46.19
N LEU A 97 -5.87 33.60 -45.21
CA LEU A 97 -5.81 35.03 -44.99
C LEU A 97 -5.00 35.70 -46.11
N PRO A 98 -5.40 36.91 -46.51
CA PRO A 98 -4.66 37.64 -47.56
C PRO A 98 -3.21 37.88 -47.15
N LYS A 99 -2.29 37.30 -47.91
CA LYS A 99 -0.87 37.43 -47.62
C LYS A 99 -0.40 38.87 -47.77
N ASP A 100 -1.28 39.78 -48.20
CA ASP A 100 -0.95 41.19 -48.27
C ASP A 100 -1.48 41.95 -47.07
N THR A 101 -1.68 41.29 -45.95
CA THR A 101 -2.19 41.90 -44.74
C THR A 101 -1.37 41.42 -43.55
N ASN A 102 -1.43 42.19 -42.46
CA ASN A 102 -0.88 41.78 -41.18
C ASN A 102 -1.89 41.00 -40.35
N TRP A 103 -2.93 40.46 -40.98
CA TRP A 103 -4.03 39.85 -40.25
C TRP A 103 -3.61 38.57 -39.52
N ALA A 104 -2.62 37.86 -40.04
CA ALA A 104 -2.10 36.70 -39.32
C ALA A 104 -1.49 37.11 -37.98
N ASP A 105 -1.15 38.38 -37.80
CA ASP A 105 -0.55 38.83 -36.55
C ASP A 105 -1.59 39.10 -35.47
N HIS A 106 -2.87 39.28 -35.83
CA HIS A 106 -3.89 39.61 -34.85
C HIS A 106 -5.08 38.66 -34.90
N TRP A 107 -5.03 37.60 -35.70
CA TRP A 107 -6.23 36.83 -35.98
C TRP A 107 -6.73 36.09 -34.74
N THR A 108 -5.81 35.46 -33.99
CA THR A 108 -6.22 34.66 -32.84
C THR A 108 -6.97 35.51 -31.83
N ALA A 109 -6.46 36.70 -31.52
CA ALA A 109 -7.18 37.62 -30.64
C ALA A 109 -8.45 38.15 -31.30
N TRP A 110 -8.35 38.56 -32.58
CA TRP A 110 -9.53 39.02 -33.31
C TRP A 110 -10.64 37.97 -33.31
N ALA A 111 -10.27 36.70 -33.50
CA ALA A 111 -11.27 35.63 -33.58
C ALA A 111 -11.93 35.39 -32.24
N LYS A 112 -11.17 35.53 -31.14
CA LYS A 112 -11.76 35.35 -29.82
C LYS A 112 -12.89 36.35 -29.57
N ALA A 113 -12.72 37.58 -30.06
CA ALA A 113 -13.76 38.59 -29.88
C ALA A 113 -14.93 38.41 -30.83
N ALA A 114 -14.65 37.94 -32.05
CA ALA A 114 -15.71 37.83 -33.06
C ALA A 114 -16.67 36.69 -32.75
N LEU A 115 -16.15 35.54 -32.31
CA LEU A 115 -16.95 34.33 -32.16
C LEU A 115 -18.27 34.53 -31.43
N PRO A 116 -18.34 35.19 -30.27
CA PRO A 116 -19.65 35.40 -29.64
C PRO A 116 -20.57 36.25 -30.47
N LEU A 117 -20.04 37.32 -31.08
CA LEU A 117 -20.85 38.26 -31.83
C LEU A 117 -21.28 37.76 -33.19
N LEU A 118 -20.79 36.59 -33.62
CA LEU A 118 -21.21 36.05 -34.91
C LEU A 118 -22.73 35.87 -34.96
N ASN A 119 -23.32 35.48 -33.83
CA ASN A 119 -24.78 35.41 -33.73
C ASN A 119 -25.34 36.83 -33.67
N ASP A 120 -26.38 37.08 -34.47
CA ASP A 120 -26.89 38.44 -34.60
C ASP A 120 -27.49 38.94 -33.30
N GLU A 121 -28.24 38.07 -32.60
CA GLU A 121 -28.80 38.47 -31.30
C GLU A 121 -27.69 38.85 -30.33
N THR A 122 -26.65 38.01 -30.24
CA THR A 122 -25.52 38.32 -29.38
C THR A 122 -24.85 39.64 -29.77
N HIS A 123 -24.86 39.97 -31.07
CA HIS A 123 -24.31 41.23 -31.52
C HIS A 123 -25.24 42.40 -31.18
N GLN A 124 -26.53 42.25 -31.44
CA GLN A 124 -27.47 43.31 -31.11
C GLN A 124 -27.51 43.57 -29.61
N ALA A 125 -27.40 42.51 -28.81
CA ALA A 125 -27.41 42.68 -27.35
C ALA A 125 -26.16 43.40 -26.88
N LYS A 126 -25.00 43.08 -27.46
CA LYS A 126 -23.77 43.76 -27.08
C LYS A 126 -23.82 45.23 -27.49
N LEU A 127 -24.39 45.53 -28.66
CA LEU A 127 -24.57 46.91 -29.07
C LEU A 127 -25.44 47.68 -28.08
N LYS A 128 -26.43 47.00 -27.49
CA LYS A 128 -27.25 47.65 -26.47
C LYS A 128 -26.48 47.81 -25.17
N GLU A 129 -25.80 46.75 -24.74
CA GLU A 129 -25.05 46.82 -23.47
C GLU A 129 -24.01 47.94 -23.50
N TYR A 130 -23.34 48.12 -24.62
CA TYR A 130 -22.28 49.13 -24.75
C TYR A 130 -22.81 50.48 -25.20
N LYS A 131 -24.13 50.68 -25.17
CA LYS A 131 -24.75 51.96 -25.55
C LYS A 131 -24.32 52.39 -26.95
N LEU A 132 -24.31 51.43 -27.87
CA LEU A 132 -23.96 51.68 -29.26
C LEU A 132 -25.09 51.40 -30.25
N ALA A 133 -26.10 50.63 -29.84
CA ALA A 133 -27.20 50.32 -30.73
C ALA A 133 -28.07 51.54 -30.98
N GLY A 134 -28.62 51.62 -32.20
CA GLY A 134 -29.45 52.74 -32.59
C GLY A 134 -28.68 54.04 -32.63
N LEU A 135 -27.69 54.13 -33.50
CA LEU A 135 -26.82 55.29 -33.60
C LEU A 135 -26.79 55.75 -35.04
N GLN A 136 -26.92 57.05 -35.26
CA GLN A 136 -26.86 57.57 -36.61
C GLN A 136 -25.45 57.43 -37.17
N PRO A 137 -25.31 57.19 -38.49
CA PRO A 137 -24.00 56.82 -39.05
C PRO A 137 -22.85 57.71 -38.62
N GLU A 138 -23.05 59.03 -38.60
CA GLU A 138 -21.99 59.94 -38.17
C GLU A 138 -21.63 59.72 -36.71
N LYS A 139 -22.64 59.58 -35.86
CA LYS A 139 -22.37 59.35 -34.44
C LYS A 139 -21.72 58.00 -34.20
N LEU A 140 -22.13 56.98 -34.97
CA LEU A 140 -21.51 55.66 -34.84
C LEU A 140 -20.04 55.70 -35.23
N GLU A 141 -19.74 56.31 -36.38
CA GLU A 141 -18.35 56.42 -36.83
C GLU A 141 -17.52 57.24 -35.85
N ARG A 142 -18.10 58.32 -35.32
CA ARG A 142 -17.40 59.12 -34.33
C ARG A 142 -17.07 58.30 -33.09
N ALA A 143 -18.06 57.56 -32.60
CA ALA A 143 -17.84 56.70 -31.43
C ALA A 143 -16.86 55.58 -31.76
N ARG A 144 -17.00 54.97 -32.95
CA ARG A 144 -16.09 53.90 -33.35
C ARG A 144 -14.64 54.37 -33.30
N ASN A 145 -14.37 55.57 -33.81
CA ASN A 145 -12.99 56.05 -33.86
C ASN A 145 -12.42 56.27 -32.47
N THR A 146 -13.23 56.78 -31.54
CA THR A 146 -12.75 56.95 -30.17
C THR A 146 -12.52 55.61 -29.50
N ILE A 147 -13.38 54.63 -29.78
CA ILE A 147 -13.21 53.30 -29.21
C ILE A 147 -11.93 52.64 -29.73
N ARG A 148 -11.59 52.89 -31.00
CA ARG A 148 -10.38 52.29 -31.55
C ARG A 148 -9.12 52.95 -30.99
N ARG A 149 -9.23 54.22 -30.58
CA ARG A 149 -8.11 54.89 -29.91
C ARG A 149 -7.92 54.34 -28.49
N LEU A 150 -9.02 54.19 -27.74
CA LEU A 150 -8.94 53.59 -26.42
C LEU A 150 -8.44 52.15 -26.50
N THR A 151 -8.89 51.41 -27.51
CA THR A 151 -8.45 50.02 -27.66
C THR A 151 -6.97 49.95 -27.99
N ALA A 152 -6.48 50.86 -28.83
CA ALA A 152 -5.05 50.92 -29.11
C ALA A 152 -4.25 51.17 -27.83
N GLU A 153 -4.80 51.98 -26.92
CA GLU A 153 -4.07 52.28 -25.68
C GLU A 153 -4.05 51.08 -24.75
N ALA A 154 -5.14 50.32 -24.70
CA ALA A 154 -5.19 49.15 -23.83
C ALA A 154 -4.19 48.09 -24.27
N VAL A 155 -4.10 47.86 -25.58
CA VAL A 155 -3.18 46.85 -26.09
C VAL A 155 -1.74 47.24 -25.82
N ALA A 156 -1.39 48.50 -26.10
CA ALA A 156 -0.02 48.96 -25.85
C ALA A 156 0.36 48.81 -24.39
N LYS A 157 -0.60 49.02 -23.47
CA LYS A 157 -0.32 48.86 -22.06
C LYS A 157 0.01 47.41 -21.71
N ALA A 158 -0.67 46.46 -22.36
CA ALA A 158 -0.37 45.06 -22.13
C ALA A 158 0.95 44.62 -22.75
N GLN A 159 1.57 45.47 -23.57
CA GLN A 159 2.82 45.13 -24.22
C GLN A 159 4.05 45.49 -23.39
N ASP A 160 3.87 46.20 -22.29
CA ASP A 160 4.94 46.39 -21.32
C ASP A 160 5.46 45.03 -20.86
N PRO A 161 6.74 44.72 -21.07
CA PRO A 161 7.26 43.42 -20.63
C PRO A 161 6.98 43.11 -19.17
N THR A 162 6.96 44.11 -18.29
CA THR A 162 6.70 43.84 -16.88
C THR A 162 5.30 43.27 -16.67
N VAL A 163 4.35 43.61 -17.54
CA VAL A 163 3.01 43.04 -17.45
C VAL A 163 3.03 41.57 -17.84
N ALA A 164 3.72 41.24 -18.93
CA ALA A 164 3.81 39.85 -19.34
C ALA A 164 4.57 39.02 -18.32
N GLU A 165 5.65 39.56 -17.76
CA GLU A 165 6.40 38.85 -16.73
C GLU A 165 5.55 38.62 -15.49
N SER A 166 4.75 39.62 -15.10
CA SER A 166 3.98 39.50 -13.87
C SER A 166 2.91 38.42 -13.98
N THR A 167 2.17 38.38 -15.09
CA THR A 167 1.19 37.31 -15.27
C THR A 167 1.86 35.94 -15.29
N ALA A 168 3.09 35.86 -15.78
CA ALA A 168 3.82 34.60 -15.78
C ALA A 168 4.30 34.21 -14.38
N ASP A 169 4.44 35.17 -13.46
CA ASP A 169 4.90 34.92 -12.10
C ASP A 169 3.76 34.75 -11.11
N LEU A 170 2.54 34.54 -11.57
CA LEU A 170 1.40 34.37 -10.68
C LEU A 170 1.20 32.89 -10.36
N THR A 171 1.02 32.59 -9.07
CA THR A 171 0.82 31.23 -8.60
C THR A 171 -0.63 31.03 -8.15
N THR A 172 -0.95 29.80 -7.78
CA THR A 172 -2.25 29.44 -7.24
C THR A 172 -2.08 28.84 -5.86
N GLU A 173 -3.15 28.89 -5.07
CA GLU A 173 -3.09 28.37 -3.71
C GLU A 173 -2.88 26.85 -3.71
N GLU A 174 -3.53 26.15 -4.65
CA GLU A 174 -3.42 24.69 -4.70
C GLU A 174 -1.99 24.26 -4.99
N ASP A 175 -1.29 24.98 -5.88
CA ASP A 175 0.08 24.62 -6.20
C ASP A 175 0.96 24.70 -4.96
N LEU A 176 0.84 25.78 -4.19
CA LEU A 176 1.67 25.95 -3.00
C LEU A 176 1.28 24.97 -1.90
N GLN A 177 -0.01 24.64 -1.80
CA GLN A 177 -0.44 23.69 -0.79
C GLN A 177 0.15 22.31 -1.03
N LYS A 178 0.25 21.89 -2.29
CA LYS A 178 0.90 20.63 -2.59
C LYS A 178 2.38 20.67 -2.23
N GLN A 179 3.04 21.80 -2.51
CA GLN A 179 4.44 21.94 -2.19
C GLN A 179 4.69 21.87 -0.68
N ILE A 180 3.88 22.59 0.10
CA ILE A 180 4.03 22.54 1.56
C ILE A 180 3.83 21.12 2.06
N ASN A 181 2.76 20.45 1.61
CA ASN A 181 2.52 19.07 2.01
C ASN A 181 3.64 18.13 1.56
N GLN A 182 4.29 18.41 0.43
CA GLN A 182 5.45 17.62 0.05
C GLN A 182 6.62 17.85 1.00
N ALA A 183 6.80 19.08 1.49
CA ALA A 183 7.88 19.36 2.44
C ALA A 183 7.61 18.70 3.79
N VAL A 184 6.35 18.58 4.19
CA VAL A 184 6.01 18.05 5.51
C VAL A 184 5.88 16.54 5.48
N TYR A 185 5.19 15.99 4.49
CA TYR A 185 4.86 14.58 4.48
C TYR A 185 5.42 13.81 3.28
N SER A 186 6.14 14.48 2.37
CA SER A 186 6.54 13.89 1.10
C SER A 186 5.34 13.45 0.28
N LYS A 187 4.15 13.98 0.57
CA LYS A 187 2.94 13.65 -0.16
C LYS A 187 2.21 14.92 -0.53
N ASP A 188 1.32 14.80 -1.53
CA ASP A 188 0.56 15.96 -1.97
C ASP A 188 -0.63 16.26 -1.08
N THR A 189 -1.08 15.30 -0.28
CA THR A 189 -2.17 15.50 0.66
C THR A 189 -1.71 15.06 2.05
N GLU A 190 -2.06 15.87 3.03
CA GLU A 190 -1.77 15.56 4.43
C GLU A 190 -2.46 14.27 4.84
N PRO A 191 -1.73 13.30 5.43
CA PRO A 191 -2.36 12.04 5.81
C PRO A 191 -3.39 12.23 6.92
N ASP A 192 -4.35 11.31 6.97
CA ASP A 192 -5.42 11.33 7.96
C ASP A 192 -4.84 11.02 9.35
N ASP A 193 -5.72 10.91 10.34
CA ASP A 193 -5.28 10.73 11.72
C ASP A 193 -4.68 9.36 11.99
N ASP A 194 -4.80 8.41 11.05
CA ASP A 194 -4.09 7.14 11.13
C ASP A 194 -2.95 7.06 10.13
N PHE A 195 -2.62 8.17 9.47
CA PHE A 195 -1.51 8.23 8.51
C PHE A 195 -1.61 7.11 7.48
N ASN A 196 -2.83 6.85 7.02
CA ASN A 196 -3.03 5.88 5.95
C ASN A 196 -2.21 6.27 4.72
N GLY A 197 -1.71 5.26 4.02
CA GLY A 197 -0.83 5.48 2.89
C GLY A 197 0.53 6.04 3.22
N TYR A 198 0.80 6.34 4.49
CA TYR A 198 2.04 7.00 4.90
C TYR A 198 2.90 6.00 5.67
N THR A 199 4.17 5.91 5.28
CA THR A 199 5.15 5.11 6.01
C THR A 199 6.25 6.03 6.51
N ALA A 200 6.51 6.01 7.82
CA ALA A 200 7.51 6.87 8.42
C ALA A 200 8.90 6.52 7.91
N PHE A 201 9.74 7.56 7.80
CA PHE A 201 11.14 7.42 7.39
C PHE A 201 11.27 6.74 6.04
N GLU A 202 10.24 6.88 5.20
CA GLU A 202 10.21 6.31 3.86
C GLU A 202 10.51 4.81 3.90
N GLY A 203 10.15 4.17 5.01
CA GLY A 203 10.35 2.73 5.16
C GLY A 203 11.78 2.31 5.32
N LYS A 204 12.65 3.18 5.85
CA LYS A 204 14.06 2.87 5.99
C LYS A 204 14.53 2.87 7.45
N ALA A 205 13.61 2.88 8.42
CA ALA A 205 14.00 2.80 9.83
C ALA A 205 14.52 1.42 10.18
N SER A 206 15.57 1.37 11.00
CA SER A 206 16.13 0.09 11.41
C SER A 206 16.91 0.25 12.70
N THR A 207 17.23 -0.90 13.31
CA THR A 207 18.17 -1.05 14.42
C THR A 207 17.69 -0.40 15.71
N ASN A 208 17.96 0.89 15.90
CA ASN A 208 17.64 1.57 17.14
C ASN A 208 17.43 3.05 16.84
N ARG A 209 17.00 3.79 17.87
CA ARG A 209 16.65 5.20 17.69
C ARG A 209 17.82 6.05 17.20
N GLN A 210 19.06 5.70 17.57
CA GLN A 210 20.19 6.53 17.15
C GLN A 210 20.49 6.38 15.66
N THR A 211 20.27 5.20 15.07
CA THR A 211 20.48 5.10 13.62
C THR A 211 19.34 5.72 12.84
N ILE A 212 18.13 5.72 13.41
CA ILE A 212 16.97 6.35 12.77
C ILE A 212 17.06 7.87 12.83
N CYS A 213 17.45 8.43 13.98
CA CYS A 213 17.42 9.88 14.17
C CYS A 213 18.78 10.55 14.02
N GLY A 214 19.85 9.77 13.85
CA GLY A 214 21.15 10.34 13.58
C GLY A 214 21.99 10.51 14.83
N SER A 215 23.20 10.97 14.61
CA SER A 215 24.22 11.08 15.65
C SER A 215 25.09 12.28 15.33
N ALA A 216 26.22 12.38 16.04
CA ALA A 216 27.24 13.38 15.73
C ALA A 216 28.03 13.02 14.48
N VAL A 217 28.03 11.75 14.07
CA VAL A 217 28.79 11.33 12.89
C VAL A 217 27.91 10.93 11.72
N ALA A 218 26.61 10.68 11.92
CA ALA A 218 25.73 10.19 10.87
C ALA A 218 24.42 10.96 10.86
N GLY A 219 23.85 11.13 9.66
CA GLY A 219 22.57 11.78 9.53
C GLY A 219 21.41 10.86 9.82
N SER A 220 20.23 11.44 9.94
CA SER A 220 19.03 10.69 10.26
C SER A 220 18.44 10.05 9.00
N LYS A 221 17.37 9.29 9.19
CA LYS A 221 16.57 8.76 8.11
C LYS A 221 15.28 9.55 7.91
N ALA A 222 15.25 10.80 8.35
CA ALA A 222 14.08 11.67 8.25
C ALA A 222 14.25 12.61 7.07
N THR A 223 13.48 12.37 6.00
CA THR A 223 13.58 13.21 4.82
C THR A 223 12.59 14.37 4.82
N ASN A 224 11.59 14.34 5.68
CA ASN A 224 10.58 15.40 5.71
C ASN A 224 10.50 16.01 7.10
N ALA A 225 9.61 17.01 7.24
CA ALA A 225 9.50 17.73 8.50
C ALA A 225 8.70 16.96 9.55
N MET A 226 7.71 16.17 9.12
CA MET A 226 6.92 15.40 10.08
C MET A 226 7.76 14.35 10.80
N ASP A 227 8.66 13.67 10.09
CA ASP A 227 9.51 12.68 10.75
C ASP A 227 10.62 13.34 11.56
N ALA A 228 11.05 14.54 11.18
CA ALA A 228 11.98 15.28 12.03
C ALA A 228 11.31 15.67 13.33
N LEU A 229 10.04 16.07 13.28
CA LEU A 229 9.30 16.36 14.51
C LEU A 229 9.16 15.11 15.37
N PHE A 230 9.05 13.93 14.75
CA PHE A 230 8.90 12.71 15.52
C PHE A 230 10.19 12.37 16.26
N CYS A 231 11.33 12.39 15.56
CA CYS A 231 12.61 12.18 16.24
C CYS A 231 12.79 13.13 17.40
N VAL A 232 12.34 14.37 17.27
CA VAL A 232 12.63 15.38 18.28
C VAL A 232 11.68 15.28 19.47
N CYS A 233 10.45 14.80 19.27
CA CYS A 233 9.42 14.89 20.29
C CYS A 233 8.81 13.56 20.73
N ALA A 234 9.12 12.46 20.06
CA ALA A 234 8.48 11.20 20.41
C ALA A 234 9.13 10.58 21.63
N ASP A 235 8.31 10.19 22.59
CA ASP A 235 8.79 9.33 23.65
C ASP A 235 8.91 7.89 23.13
N ASP A 236 9.77 7.11 23.80
CA ASP A 236 9.92 5.69 23.54
C ASP A 236 9.71 4.91 24.83
N ARG A 237 9.78 3.59 24.73
CA ARG A 237 9.50 2.75 25.88
C ARG A 237 10.60 2.80 26.94
N THR A 238 11.61 3.66 26.83
CA THR A 238 12.68 3.74 27.81
C THR A 238 12.84 5.12 28.43
N ASN A 239 12.40 6.19 27.76
CA ASN A 239 12.57 7.55 28.25
C ASN A 239 11.26 8.20 28.67
N GLY A 240 10.16 7.44 28.72
CA GLY A 240 8.84 7.99 28.99
C GLY A 240 8.74 8.77 30.29
N ALA A 241 9.62 8.51 31.24
CA ALA A 241 9.61 9.22 32.52
C ALA A 241 10.68 10.30 32.61
N ASP A 242 11.44 10.52 31.55
CA ASP A 242 12.50 11.53 31.58
C ASP A 242 12.56 12.30 30.26
N ALA A 243 13.32 11.79 29.28
CA ALA A 243 13.54 12.58 28.08
C ALA A 243 12.34 12.58 27.14
N GLY A 244 11.45 11.59 27.28
CA GLY A 244 10.28 11.47 26.42
C GLY A 244 9.25 12.55 26.70
N LYS A 245 9.52 13.43 27.67
CA LYS A 245 8.65 14.56 27.95
C LYS A 245 9.27 15.87 27.50
N ALA A 246 10.32 15.82 26.69
CA ALA A 246 11.04 17.02 26.29
C ALA A 246 10.16 18.02 25.55
N CYS A 247 9.08 17.59 24.90
CA CYS A 247 8.22 18.49 24.15
C CYS A 247 6.89 18.78 24.84
N VAL A 248 6.63 18.21 26.02
CA VAL A 248 5.32 18.31 26.64
C VAL A 248 5.43 18.83 28.07
N ALA A 249 4.31 18.80 28.81
CA ALA A 249 4.28 19.30 30.18
C ALA A 249 4.13 18.10 31.11
N GLY A 250 2.93 17.78 31.58
CA GLY A 250 2.75 16.72 32.56
C GLY A 250 2.83 15.30 32.01
N THR A 251 2.14 15.04 30.91
CA THR A 251 1.94 13.68 30.40
C THR A 251 2.70 13.46 29.10
N ALA A 252 3.49 12.39 29.03
CA ALA A 252 4.27 12.07 27.84
C ALA A 252 3.35 11.72 26.67
N PRO A 253 3.85 11.82 25.44
CA PRO A 253 3.02 11.47 24.28
C PRO A 253 2.43 10.08 24.35
N GLY A 254 3.13 9.12 24.98
CA GLY A 254 2.60 7.78 25.08
C GLY A 254 2.61 7.00 23.80
N THR A 255 3.59 7.22 22.92
CA THR A 255 3.61 6.51 21.65
C THR A 255 3.73 5.01 21.86
N GLY A 256 4.54 4.58 22.81
CA GLY A 256 4.93 3.19 22.92
C GLY A 256 5.98 2.77 21.92
N TRP A 257 6.64 3.72 21.27
CA TRP A 257 7.64 3.42 20.26
C TRP A 257 8.77 2.58 20.86
N ASN A 258 9.15 1.52 20.16
CA ASN A 258 10.17 0.58 20.64
C ASN A 258 11.09 0.25 19.47
N PRO A 259 11.93 1.20 19.05
CA PRO A 259 12.70 1.02 17.80
C PRO A 259 13.65 -0.16 17.82
N GLY A 260 14.01 -0.68 18.99
CA GLY A 260 14.84 -1.88 19.05
C GLY A 260 14.11 -3.15 18.67
N VAL A 261 12.77 -3.14 18.62
CA VAL A 261 11.96 -4.30 18.28
C VAL A 261 11.29 -4.12 16.92
N THR A 262 10.53 -3.04 16.77
CA THR A 262 9.94 -2.66 15.48
C THR A 262 10.34 -1.21 15.22
N ALA A 263 11.14 -1.00 14.17
CA ALA A 263 11.79 0.29 13.97
C ALA A 263 10.80 1.35 13.51
N THR A 264 9.98 1.02 12.52
CA THR A 264 9.03 1.99 11.96
C THR A 264 7.89 2.26 12.94
N PRO A 265 7.66 3.50 13.36
CA PRO A 265 6.51 3.79 14.19
C PRO A 265 5.22 3.67 13.40
N THR A 266 4.14 3.35 14.11
CA THR A 266 2.84 3.25 13.48
C THR A 266 2.18 4.61 13.40
N GLY A 267 1.16 4.71 12.55
CA GLY A 267 0.45 5.97 12.39
C GLY A 267 -0.18 6.47 13.67
N THR A 268 -0.61 5.55 14.54
CA THR A 268 -1.11 5.94 15.84
C THR A 268 -0.03 6.68 16.64
N MET A 269 1.22 6.24 16.51
CA MET A 269 2.31 6.91 17.22
C MET A 269 2.59 8.29 16.61
N LEU A 270 2.64 8.36 15.28
CA LEU A 270 2.91 9.63 14.59
C LEU A 270 1.89 10.68 14.97
N GLN A 271 0.62 10.30 15.08
CA GLN A 271 -0.42 11.27 15.39
C GLN A 271 -0.29 11.80 16.81
N LYS A 272 0.16 10.95 17.76
CA LYS A 272 0.37 11.41 19.13
C LYS A 272 1.43 12.50 19.21
N VAL A 273 2.31 12.57 18.22
CA VAL A 273 3.22 13.70 18.13
C VAL A 273 2.58 14.86 17.37
N ARG A 274 1.89 14.59 16.26
CA ARG A 274 1.32 15.67 15.45
C ARG A 274 0.25 16.45 16.20
N LYS A 275 -0.46 15.79 17.13
CA LYS A 275 -1.47 16.49 17.93
C LYS A 275 -0.87 17.61 18.77
N LEU A 276 0.45 17.68 18.89
CA LEU A 276 1.08 18.78 19.63
C LEU A 276 1.03 20.09 18.86
N CYS A 277 0.89 20.03 17.53
CA CYS A 277 0.84 21.22 16.69
C CYS A 277 -0.61 21.63 16.45
N ASN A 278 -0.80 22.92 16.14
CA ASN A 278 -2.11 23.46 15.84
C ASN A 278 -2.47 23.11 14.40
N THR A 279 -3.27 22.07 14.22
CA THR A 279 -3.82 21.71 12.93
C THR A 279 -5.28 22.16 12.77
N HIS A 280 -5.73 23.10 13.61
CA HIS A 280 -7.15 23.43 13.71
C HIS A 280 -7.48 24.83 13.23
N GLY A 281 -6.54 25.53 12.60
CA GLY A 281 -6.74 26.89 12.14
C GLY A 281 -6.26 27.07 10.71
N LYS A 282 -5.81 28.29 10.42
CA LYS A 282 -5.31 28.64 9.10
C LYS A 282 -4.11 29.57 9.24
N THR A 283 -3.41 29.77 8.14
CA THR A 283 -2.26 30.67 8.10
C THR A 283 -2.30 31.43 6.79
N THR A 284 -2.20 32.76 6.87
CA THR A 284 -2.16 33.59 5.67
C THR A 284 -0.81 33.43 4.99
N LEU A 285 -0.81 33.00 3.74
CA LEU A 285 0.45 32.77 3.04
C LEU A 285 1.11 34.10 2.65
N SER A 286 2.43 34.15 2.83
CA SER A 286 3.23 35.31 2.49
C SER A 286 4.68 34.87 2.45
N ALA A 287 5.47 35.52 1.59
CA ALA A 287 6.90 35.21 1.55
C ALA A 287 7.55 35.46 2.89
N ALA A 288 7.22 36.56 3.56
CA ALA A 288 7.84 36.85 4.85
C ALA A 288 7.43 35.84 5.92
N ALA A 289 6.22 35.29 5.82
CA ALA A 289 5.78 34.32 6.82
C ALA A 289 6.48 32.98 6.66
N ILE A 290 6.76 32.58 5.42
CA ILE A 290 7.51 31.34 5.18
C ILE A 290 8.97 31.53 5.55
N GLU A 291 9.56 32.68 5.18
CA GLU A 291 10.95 32.94 5.52
C GLU A 291 11.18 32.89 7.03
N GLY A 292 10.30 33.52 7.80
CA GLY A 292 10.45 33.50 9.25
C GLY A 292 10.41 32.09 9.82
N ARG A 293 9.44 31.31 9.39
CA ARG A 293 9.29 29.94 9.89
C ARG A 293 10.50 29.08 9.50
N LEU A 294 11.04 29.29 8.30
CA LEU A 294 12.24 28.55 7.90
C LEU A 294 13.45 28.97 8.73
N THR A 295 13.64 30.28 8.91
CA THR A 295 14.77 30.77 9.69
C THR A 295 14.73 30.23 11.11
N ALA A 296 13.53 30.18 11.70
CA ALA A 296 13.36 29.64 13.05
C ALA A 296 13.94 28.22 13.15
N VAL A 297 13.73 27.39 12.13
CA VAL A 297 14.27 26.05 12.16
C VAL A 297 15.75 26.05 11.76
N GLY A 298 16.11 26.82 10.73
CA GLY A 298 17.45 26.73 10.17
C GLY A 298 18.55 27.10 11.15
N ASN A 299 18.34 28.16 11.92
CA ASN A 299 19.35 28.62 12.86
C ASN A 299 19.26 27.92 14.22
N LEU A 300 18.24 27.10 14.45
CA LEU A 300 18.25 26.22 15.60
C LEU A 300 19.12 24.99 15.38
N LEU A 301 19.59 24.76 14.16
CA LEU A 301 20.47 23.64 13.86
C LEU A 301 21.87 23.90 14.41
N THR A 302 22.31 23.07 15.37
CA THR A 302 23.62 23.23 15.98
C THR A 302 24.66 22.58 15.09
N ARG A 303 25.54 23.38 14.50
CA ARG A 303 26.45 22.95 13.44
C ARG A 303 27.75 22.42 14.05
N GLY A 304 28.02 21.14 13.84
CA GLY A 304 29.28 20.53 14.21
C GLY A 304 30.13 20.19 12.99
N SER A 305 31.16 19.36 13.25
CA SER A 305 32.13 19.06 12.21
C SER A 305 31.58 18.08 11.17
N ALA A 306 30.70 17.17 11.58
CA ALA A 306 30.18 16.16 10.69
C ALA A 306 28.68 16.17 10.53
N THR A 307 27.92 16.66 11.51
CA THR A 307 26.48 16.79 11.39
C THR A 307 26.02 18.11 11.99
N SER A 308 24.74 18.41 11.77
CA SER A 308 24.06 19.49 12.46
C SER A 308 22.87 18.90 13.19
N ILE A 309 22.64 19.38 14.41
CA ILE A 309 21.67 18.77 15.31
C ILE A 309 20.54 19.74 15.57
N LEU A 310 19.31 19.23 15.55
CA LEU A 310 18.10 19.96 15.90
C LEU A 310 17.48 19.28 17.10
N GLY A 311 17.48 19.96 18.24
CA GLY A 311 16.96 19.43 19.48
C GLY A 311 18.03 19.38 20.56
N SER A 312 17.57 19.07 21.78
CA SER A 312 18.47 18.92 22.91
C SER A 312 19.45 17.77 22.69
N PHE A 313 20.71 18.02 23.02
CA PHE A 313 21.79 17.06 22.76
C PHE A 313 22.80 17.20 23.89
N LEU A 314 23.24 16.07 24.44
CA LEU A 314 24.26 16.10 25.48
C LEU A 314 25.52 15.34 25.14
N ALA A 315 25.41 14.14 24.55
CA ALA A 315 26.56 13.25 24.50
C ALA A 315 26.91 12.75 23.10
N THR A 316 26.21 11.73 22.60
CA THR A 316 26.79 10.96 21.50
C THR A 316 25.88 10.88 20.27
N ASP A 317 24.60 10.58 20.48
CA ASP A 317 23.66 10.38 19.39
C ASP A 317 22.30 10.91 19.81
N CYS A 318 21.33 10.79 18.91
CA CYS A 318 19.95 11.15 19.18
C CYS A 318 19.13 9.90 19.48
N SER A 319 19.51 9.23 20.57
CA SER A 319 18.93 7.95 20.94
C SER A 319 17.68 8.08 21.81
N GLY A 320 17.34 9.28 22.28
CA GLY A 320 16.28 9.45 23.24
C GLY A 320 16.68 9.26 24.68
N ASP A 321 17.87 8.71 24.94
CA ASP A 321 18.37 8.59 26.30
C ASP A 321 18.60 9.96 26.92
N GLN A 322 18.21 10.11 28.18
CA GLN A 322 18.22 11.42 28.81
C GLN A 322 19.62 12.02 28.87
N GLY A 323 20.65 11.17 28.92
CA GLY A 323 22.04 11.58 28.82
C GLY A 323 22.56 11.73 27.41
N SER A 324 21.75 11.44 26.39
CA SER A 324 22.25 11.47 25.02
C SER A 324 21.65 12.64 24.25
N GLY A 325 20.41 12.49 23.77
CA GLY A 325 19.74 13.56 23.05
C GLY A 325 18.35 13.22 22.57
N MET A 326 17.48 14.23 22.52
CA MET A 326 16.16 14.16 21.89
C MET A 326 16.22 15.07 20.66
N CYS A 327 16.73 14.52 19.56
CA CYS A 327 17.14 15.38 18.46
C CYS A 327 17.05 14.64 17.12
N VAL A 328 17.43 15.36 16.06
CA VAL A 328 17.51 14.83 14.70
C VAL A 328 18.75 15.44 14.06
N ALA A 329 19.43 14.65 13.23
CA ALA A 329 20.74 15.03 12.71
C ALA A 329 20.71 15.11 11.19
N TYR A 330 21.43 16.10 10.66
CA TYR A 330 21.57 16.28 9.22
C TYR A 330 23.05 16.36 8.88
N THR A 331 23.43 15.68 7.81
CA THR A 331 24.80 15.73 7.33
C THR A 331 25.00 16.74 6.22
N GLU A 332 23.93 17.36 5.73
CA GLU A 332 24.04 18.29 4.61
C GLU A 332 24.55 19.66 5.04
N VAL A 333 24.31 20.05 6.30
CA VAL A 333 24.85 21.29 6.87
C VAL A 333 25.79 20.93 8.01
N THR A 334 26.98 21.52 7.99
CA THR A 334 27.97 21.35 9.06
C THR A 334 28.49 22.71 9.45
N ASP A 335 29.54 22.75 10.27
CA ASP A 335 30.17 24.03 10.60
C ASP A 335 31.10 24.53 9.49
N ALA A 336 31.23 23.79 8.40
CA ALA A 336 32.10 24.20 7.31
C ALA A 336 31.38 24.28 5.96
N LYS A 337 30.08 24.00 5.90
CA LYS A 337 29.38 23.98 4.63
C LYS A 337 27.88 24.02 4.88
N GLY A 338 27.13 24.30 3.82
CA GLY A 338 25.70 24.10 3.84
C GLY A 338 24.81 25.26 4.25
N THR A 339 23.73 25.45 3.52
CA THR A 339 22.64 26.33 3.93
C THR A 339 21.36 25.51 3.96
N PRO A 340 20.64 25.49 5.07
CA PRO A 340 19.49 24.56 5.19
C PRO A 340 18.46 24.73 4.09
N THR A 341 18.13 25.96 3.72
CA THR A 341 17.09 26.19 2.72
C THR A 341 17.54 25.81 1.31
N LYS A 342 18.80 25.42 1.12
CA LYS A 342 19.26 24.98 -0.19
C LYS A 342 19.76 23.55 -0.21
N ASP A 343 20.17 23.01 0.94
CA ASP A 343 20.85 21.72 0.99
C ASP A 343 20.12 20.65 1.79
N ILE A 344 19.16 21.00 2.63
CA ILE A 344 18.27 20.02 3.26
C ILE A 344 17.02 19.94 2.39
N PRO A 345 16.76 18.80 1.72
CA PRO A 345 15.73 18.78 0.66
C PRO A 345 14.36 19.30 1.10
N TRP A 346 13.84 18.91 2.26
CA TRP A 346 12.50 19.34 2.61
C TRP A 346 12.45 20.83 2.90
N MET A 347 13.54 21.39 3.44
CA MET A 347 13.58 22.84 3.64
C MET A 347 13.74 23.58 2.32
N GLN A 348 14.47 23.00 1.36
CA GLN A 348 14.55 23.60 0.04
C GLN A 348 13.20 23.61 -0.65
N LYS A 349 12.40 22.56 -0.43
CA LYS A 349 11.04 22.55 -0.99
C LYS A 349 10.20 23.68 -0.41
N LEU A 350 10.25 23.86 0.90
CA LEU A 350 9.50 24.95 1.52
C LEU A 350 10.04 26.31 1.08
N ASP A 351 11.34 26.41 0.84
CA ASP A 351 11.91 27.67 0.36
C ASP A 351 11.43 27.99 -1.07
N SER A 352 11.04 26.98 -1.85
CA SER A 352 10.46 27.27 -3.17
C SER A 352 9.14 28.01 -3.04
N VAL A 353 8.30 27.58 -2.09
CA VAL A 353 7.05 28.27 -1.82
C VAL A 353 7.30 29.75 -1.54
N ARG A 354 8.32 30.05 -0.75
CA ARG A 354 8.64 31.44 -0.44
C ARG A 354 9.01 32.21 -1.70
N ILE A 355 9.90 31.64 -2.51
CA ILE A 355 10.31 32.31 -3.74
C ILE A 355 9.12 32.54 -4.66
N LYS A 356 8.23 31.56 -4.78
CA LYS A 356 7.03 31.76 -5.59
C LYS A 356 6.17 32.87 -5.01
N LEU A 357 5.97 32.85 -3.69
CA LEU A 357 5.20 33.92 -3.06
C LEU A 357 5.88 35.27 -3.22
N GLN A 358 7.20 35.29 -3.36
CA GLN A 358 7.91 36.54 -3.62
C GLN A 358 7.54 37.12 -4.97
N LYS A 359 7.60 36.28 -6.02
CA LYS A 359 7.30 36.75 -7.36
C LYS A 359 5.81 37.04 -7.53
N HIS A 360 4.96 36.25 -6.88
CA HIS A 360 3.53 36.48 -6.97
C HIS A 360 3.14 37.80 -6.31
N GLU A 361 3.76 38.12 -5.17
CA GLU A 361 3.44 39.36 -4.49
C GLU A 361 3.91 40.57 -5.30
N ARG A 362 5.07 40.45 -5.94
CA ARG A 362 5.52 41.54 -6.80
C ARG A 362 4.65 41.66 -8.05
N ALA A 363 4.17 40.53 -8.57
CA ALA A 363 3.31 40.54 -9.75
C ALA A 363 1.97 41.19 -9.47
N VAL A 364 1.36 40.87 -8.31
CA VAL A 364 0.09 41.48 -7.94
C VAL A 364 0.25 43.00 -7.82
N GLU A 365 1.38 43.44 -7.27
CA GLU A 365 1.61 44.87 -7.08
C GLU A 365 1.79 45.59 -8.42
N LYS A 366 2.53 44.98 -9.34
CA LYS A 366 2.78 45.60 -10.64
C LYS A 366 1.55 45.61 -11.53
N LEU A 367 0.61 44.71 -11.32
CA LEU A 367 -0.60 44.65 -12.13
C LEU A 367 -1.73 45.51 -11.58
N GLY A 368 -1.51 46.18 -10.46
CA GLY A 368 -2.53 47.01 -9.86
C GLY A 368 -2.94 48.20 -10.72
N LYS A 369 -1.98 49.05 -11.05
CA LYS A 369 -2.29 50.24 -11.82
C LYS A 369 -2.79 49.93 -13.22
N PRO A 370 -2.14 49.06 -14.00
CA PRO A 370 -2.68 48.77 -15.35
C PRO A 370 -4.06 48.14 -15.35
N GLN A 371 -4.38 47.30 -14.36
CA GLN A 371 -5.73 46.76 -14.31
C GLN A 371 -6.74 47.85 -13.97
N HIS A 372 -6.39 48.73 -13.04
CA HIS A 372 -7.23 49.89 -12.75
C HIS A 372 -7.32 50.81 -13.95
N ASP A 373 -6.25 50.91 -14.75
CA ASP A 373 -6.26 51.77 -15.92
C ASP A 373 -7.14 51.21 -17.03
N LEU A 374 -7.12 49.89 -17.22
CA LEU A 374 -8.00 49.27 -18.20
C LEU A 374 -9.45 49.36 -17.78
N LYS A 375 -9.72 49.35 -16.47
CA LYS A 375 -11.08 49.47 -15.98
C LYS A 375 -11.67 50.83 -16.32
N THR A 376 -10.90 51.91 -16.16
CA THR A 376 -11.39 53.23 -16.52
C THR A 376 -11.62 53.35 -18.02
N ILE A 377 -10.81 52.66 -18.83
CA ILE A 377 -11.03 52.65 -20.27
C ILE A 377 -12.37 52.00 -20.60
N LEU A 378 -12.71 50.92 -19.89
CA LEU A 378 -13.98 50.25 -20.16
C LEU A 378 -15.17 51.15 -19.81
N THR A 379 -15.12 51.82 -18.66
CA THR A 379 -16.23 52.70 -18.29
C THR A 379 -16.30 53.92 -19.20
N LEU A 380 -15.13 54.43 -19.62
CA LEU A 380 -15.12 55.55 -20.56
C LEU A 380 -15.71 55.15 -21.90
N ALA A 381 -15.38 53.94 -22.38
CA ALA A 381 -15.93 53.47 -23.64
C ALA A 381 -17.42 53.12 -23.54
N LYS A 382 -17.99 53.15 -22.33
CA LYS A 382 -19.42 52.94 -22.15
C LYS A 382 -20.13 54.21 -21.70
N ASP A 383 -19.52 55.37 -21.91
CA ASP A 383 -20.15 56.67 -21.68
C ASP A 383 -20.36 57.35 -23.03
N PRO A 384 -21.59 57.38 -23.56
CA PRO A 384 -21.81 57.94 -24.90
C PRO A 384 -21.34 59.38 -25.05
N ALA A 385 -21.42 60.18 -23.99
CA ALA A 385 -20.97 61.57 -24.08
C ALA A 385 -19.49 61.65 -24.42
N TYR A 386 -18.66 60.83 -23.77
CA TYR A 386 -17.22 60.88 -24.02
C TYR A 386 -16.89 60.41 -25.44
N LEU A 387 -17.61 59.41 -25.94
CA LEU A 387 -17.32 58.88 -27.27
C LEU A 387 -17.57 59.91 -28.37
N GLN A 388 -18.42 60.90 -28.13
CA GLN A 388 -18.82 61.88 -29.14
C GLN A 388 -18.07 63.21 -29.05
N LEU A 389 -17.13 63.34 -28.11
CA LEU A 389 -16.35 64.57 -27.97
C LEU A 389 -15.36 64.74 -29.13
N ASN B 24 14.33 21.12 38.69
CA ASN B 24 13.33 22.11 39.08
C ASN B 24 13.45 23.41 38.28
N ILE B 25 12.38 24.20 38.29
CA ILE B 25 12.37 25.46 37.56
C ILE B 25 13.27 26.45 38.28
N GLY B 26 14.18 27.07 37.54
CA GLY B 26 15.08 28.04 38.13
C GLY B 26 15.26 29.31 37.33
N THR B 27 16.36 30.02 37.59
CA THR B 27 16.61 31.31 36.97
C THR B 27 16.67 31.21 35.45
N GLY B 28 15.95 32.12 34.78
CA GLY B 28 16.00 32.24 33.35
C GLY B 28 15.24 31.21 32.57
N ASP B 29 14.47 30.33 33.24
CA ASP B 29 13.81 29.24 32.53
C ASP B 29 12.59 29.69 31.75
N ASN B 30 12.10 30.90 31.95
CA ASN B 30 10.94 31.40 31.23
C ASN B 30 11.28 32.57 30.32
N VAL B 31 12.56 32.73 29.97
CA VAL B 31 12.96 33.82 29.08
C VAL B 31 12.21 33.76 27.75
N LEU B 32 12.04 32.54 27.22
CA LEU B 32 11.28 32.37 25.98
C LEU B 32 9.86 32.92 26.11
N HIS B 33 9.14 32.51 27.15
CA HIS B 33 7.75 32.95 27.31
C HIS B 33 7.69 34.43 27.66
N ARG B 34 8.64 34.92 28.44
CA ARG B 34 8.67 36.36 28.73
C ARG B 34 8.84 37.16 27.46
N ALA B 35 9.71 36.71 26.55
CA ALA B 35 9.90 37.42 25.28
C ALA B 35 8.61 37.43 24.46
N ALA B 36 7.89 36.31 24.45
CA ALA B 36 6.65 36.25 23.68
C ALA B 36 5.59 37.17 24.27
N LEU B 37 5.41 37.12 25.60
CA LEU B 37 4.37 37.91 26.22
C LEU B 37 4.72 39.40 26.22
N CYS B 38 5.99 39.74 26.40
CA CYS B 38 6.39 41.13 26.31
C CYS B 38 6.27 41.69 24.91
N GLY B 39 6.34 40.84 23.88
CA GLY B 39 6.05 41.30 22.53
C GLY B 39 4.61 41.75 22.34
N ILE B 40 3.69 41.20 23.14
CA ILE B 40 2.33 41.70 23.21
C ILE B 40 2.26 42.98 24.02
N ILE B 41 2.86 42.97 25.22
CA ILE B 41 2.72 44.08 26.15
C ILE B 41 3.19 45.39 25.51
N GLU B 42 4.31 45.33 24.77
CA GLU B 42 4.88 46.56 24.23
C GLU B 42 3.98 47.21 23.19
N LEU B 43 2.99 46.48 22.66
CA LEU B 43 2.02 47.04 21.74
C LEU B 43 0.96 47.90 22.43
N ALA B 44 0.89 47.90 23.76
CA ALA B 44 -0.21 48.55 24.46
C ALA B 44 0.12 50.02 24.74
N GLY B 45 -0.68 50.66 25.61
CA GLY B 45 -0.55 52.09 25.81
C GLY B 45 -0.93 52.83 24.54
N LYS B 46 -0.14 53.85 24.20
CA LYS B 46 -0.27 54.51 22.91
C LYS B 46 0.95 54.23 22.03
N ARG B 47 1.60 53.09 22.25
CA ARG B 47 2.83 52.76 21.54
C ARG B 47 2.59 52.21 20.14
N ALA B 48 1.37 51.79 19.82
CA ALA B 48 1.05 51.27 18.50
C ALA B 48 0.68 52.43 17.59
N LYS B 49 1.41 52.57 16.48
CA LYS B 49 1.24 53.69 15.57
C LYS B 49 0.69 53.22 14.22
N LEU B 50 -0.39 53.85 13.78
CA LEU B 50 -0.92 53.70 12.43
C LEU B 50 -0.44 54.89 11.63
N GLU B 51 0.65 54.71 10.90
CA GLU B 51 1.32 55.80 10.22
C GLU B 51 0.90 55.94 8.77
N THR B 52 -0.16 55.25 8.35
CA THR B 52 -0.63 55.34 6.98
C THR B 52 -1.18 56.73 6.69
N ALA B 53 -1.11 57.13 5.42
CA ALA B 53 -1.62 58.42 4.97
C ALA B 53 -3.04 58.22 4.47
N LEU B 54 -4.01 58.82 5.16
CA LEU B 54 -5.39 58.79 4.68
C LEU B 54 -5.49 59.63 3.43
N PRO B 55 -5.80 59.06 2.27
CA PRO B 55 -5.75 59.82 1.03
C PRO B 55 -6.99 60.67 0.81
N ASN B 56 -6.80 61.79 0.11
CA ASN B 56 -7.92 62.49 -0.49
C ASN B 56 -7.48 63.09 -1.82
N PHE B 57 -8.39 63.05 -2.79
CA PHE B 57 -8.21 63.74 -4.06
C PHE B 57 -9.36 64.68 -4.35
N GLN B 58 -10.26 64.87 -3.38
CA GLN B 58 -11.40 65.77 -3.57
C GLN B 58 -10.96 67.18 -3.91
N ASN B 59 -9.85 67.63 -3.30
CA ASN B 59 -9.27 68.92 -3.65
C ASN B 59 -9.01 69.00 -5.16
N GLU B 60 -8.23 68.07 -5.69
CA GLU B 60 -7.87 68.12 -7.11
C GLU B 60 -9.09 67.88 -8.00
N LEU B 61 -9.98 66.98 -7.60
CA LEU B 61 -11.17 66.71 -8.40
C LEU B 61 -12.08 67.93 -8.46
N ASN B 62 -12.33 68.57 -7.31
CA ASN B 62 -13.21 69.73 -7.31
C ASN B 62 -12.65 70.86 -8.16
N SER B 63 -11.33 71.03 -8.17
CA SER B 63 -10.73 72.09 -8.99
C SER B 63 -10.92 71.81 -10.47
N ILE B 64 -10.82 70.55 -10.87
CA ILE B 64 -11.06 70.17 -12.26
C ILE B 64 -12.51 70.48 -12.65
N LEU B 65 -13.46 70.14 -11.78
CA LEU B 65 -14.86 70.37 -12.10
C LEU B 65 -15.17 71.85 -12.22
N GLU B 66 -14.59 72.68 -11.34
CA GLU B 66 -14.70 74.11 -11.49
C GLU B 66 -14.15 74.57 -12.84
N LEU B 67 -13.03 73.98 -13.27
CA LEU B 67 -12.43 74.34 -14.55
C LEU B 67 -13.39 74.03 -15.70
N ASN B 68 -14.03 72.86 -15.67
CA ASN B 68 -14.97 72.50 -16.72
C ASN B 68 -16.09 73.53 -16.84
N MET B 69 -16.60 74.02 -15.70
CA MET B 69 -17.68 75.00 -15.72
C MET B 69 -17.17 76.39 -16.07
N THR B 70 -15.99 76.75 -15.56
CA THR B 70 -15.39 78.03 -15.92
C THR B 70 -15.09 78.13 -17.41
N ALA B 71 -14.90 77.00 -18.08
CA ALA B 71 -14.58 76.97 -19.51
C ALA B 71 -15.79 76.74 -20.39
N ALA B 72 -16.95 76.42 -19.82
CA ALA B 72 -18.12 76.08 -20.62
C ALA B 72 -18.71 77.33 -21.27
N GLU B 73 -19.68 77.09 -22.17
CA GLU B 73 -20.39 78.19 -22.78
C GLU B 73 -21.16 78.96 -21.71
N PRO B 74 -21.25 80.29 -21.82
CA PRO B 74 -22.08 81.05 -20.86
C PRO B 74 -23.54 80.63 -20.88
N THR B 75 -24.00 80.00 -21.96
CA THR B 75 -25.33 79.41 -21.98
C THR B 75 -25.44 78.28 -20.97
N TRP B 76 -24.33 77.55 -20.77
CA TRP B 76 -24.35 76.45 -19.81
C TRP B 76 -24.27 76.96 -18.39
N LEU B 77 -23.47 77.99 -18.15
CA LEU B 77 -23.45 78.61 -16.82
C LEU B 77 -24.77 79.32 -16.54
N ASP B 78 -25.39 79.91 -17.56
CA ASP B 78 -26.72 80.50 -17.40
C ASP B 78 -27.78 79.46 -17.08
N GLN B 79 -27.50 78.17 -17.31
CA GLN B 79 -28.46 77.12 -17.00
C GLN B 79 -28.64 76.96 -15.49
N PHE B 80 -27.61 77.27 -14.70
CA PHE B 80 -27.63 77.11 -13.25
C PHE B 80 -27.97 78.41 -12.54
N ARG B 81 -28.73 79.29 -13.17
CA ARG B 81 -29.16 80.54 -12.57
C ARG B 81 -30.67 80.61 -12.59
N ASP B 82 -31.23 81.38 -11.65
CA ASP B 82 -32.65 81.66 -11.66
C ASP B 82 -32.97 82.59 -12.83
N LYS B 83 -34.16 82.43 -13.39
CA LYS B 83 -34.61 83.34 -14.45
C LYS B 83 -34.73 84.79 -13.97
N ASP B 84 -34.57 85.05 -12.67
CA ASP B 84 -34.66 86.39 -12.11
C ASP B 84 -33.27 87.02 -12.01
N ASP B 85 -32.79 87.23 -10.78
CA ASP B 85 -31.48 87.80 -10.58
C ASP B 85 -30.40 86.85 -11.10
N ARG B 86 -29.44 87.42 -11.82
CA ARG B 86 -28.37 86.62 -12.40
C ARG B 86 -27.56 85.90 -11.33
N SER B 87 -27.27 86.59 -10.22
CA SER B 87 -26.51 85.98 -9.13
C SER B 87 -27.32 84.95 -8.36
N LYS B 88 -28.63 84.88 -8.57
CA LYS B 88 -29.44 83.88 -7.88
C LYS B 88 -29.29 82.51 -8.54
N PRO B 89 -29.19 81.44 -7.77
CA PRO B 89 -29.18 80.10 -8.34
C PRO B 89 -30.58 79.66 -8.76
N ARG B 90 -30.62 78.68 -9.66
CA ARG B 90 -31.89 78.18 -10.17
C ARG B 90 -32.60 77.34 -9.11
N ASP B 91 -33.87 77.67 -8.86
CA ASP B 91 -34.70 76.90 -7.94
C ASP B 91 -35.34 75.76 -8.73
N LEU B 92 -34.98 74.53 -8.38
CA LEU B 92 -35.50 73.38 -9.12
C LEU B 92 -37.01 73.27 -8.97
N THR B 93 -37.54 73.62 -7.80
CA THR B 93 -38.98 73.67 -7.63
C THR B 93 -39.59 74.73 -8.53
N LYS B 94 -38.95 75.89 -8.63
CA LYS B 94 -39.44 76.95 -9.50
C LYS B 94 -39.30 76.56 -10.97
N GLN B 95 -38.08 76.27 -11.39
CA GLN B 95 -37.83 75.81 -12.76
C GLN B 95 -37.45 74.33 -12.74
N PRO B 96 -38.31 73.44 -13.23
CA PRO B 96 -37.99 72.02 -13.18
C PRO B 96 -36.93 71.66 -14.21
N LEU B 97 -36.32 70.51 -14.01
CA LEU B 97 -35.30 70.13 -14.98
C LEU B 97 -35.93 69.50 -16.20
N PRO B 98 -35.36 69.73 -17.39
CA PRO B 98 -35.89 69.09 -18.60
C PRO B 98 -35.82 67.57 -18.48
N LYS B 99 -36.99 66.94 -18.57
CA LYS B 99 -37.06 65.49 -18.42
C LYS B 99 -36.48 64.75 -19.61
N ASP B 100 -36.32 65.43 -20.75
CA ASP B 100 -35.68 64.83 -21.91
C ASP B 100 -34.16 64.74 -21.77
N THR B 101 -33.60 65.20 -20.64
CA THR B 101 -32.18 65.24 -20.42
C THR B 101 -31.83 64.49 -19.15
N ASN B 102 -30.56 64.07 -19.06
CA ASN B 102 -30.06 63.44 -17.84
C ASN B 102 -29.56 64.45 -16.82
N TRP B 103 -29.91 65.73 -16.99
CA TRP B 103 -29.36 66.82 -16.17
C TRP B 103 -29.68 66.68 -14.70
N ALA B 104 -30.48 65.67 -14.32
CA ALA B 104 -30.88 65.52 -12.93
C ALA B 104 -29.72 65.07 -12.06
N ASP B 105 -29.16 63.90 -12.35
CA ASP B 105 -28.16 63.28 -11.47
C ASP B 105 -26.98 64.21 -11.21
N HIS B 106 -26.49 64.85 -12.26
CA HIS B 106 -25.26 65.63 -12.20
C HIS B 106 -25.49 67.07 -11.75
N TRP B 107 -26.73 67.41 -11.37
CA TRP B 107 -27.06 68.81 -11.10
C TRP B 107 -26.39 69.32 -9.83
N THR B 108 -26.22 68.46 -8.82
CA THR B 108 -25.65 68.92 -7.56
C THR B 108 -24.17 69.27 -7.71
N ALA B 109 -23.41 68.41 -8.40
CA ALA B 109 -21.99 68.70 -8.59
C ALA B 109 -21.79 69.91 -9.49
N TRP B 110 -22.61 70.04 -10.54
CA TRP B 110 -22.51 71.20 -11.43
C TRP B 110 -22.68 72.51 -10.67
N ALA B 111 -23.80 72.66 -9.96
CA ALA B 111 -24.07 73.90 -9.23
C ALA B 111 -22.99 74.15 -8.19
N LYS B 112 -22.62 73.12 -7.43
CA LYS B 112 -21.61 73.27 -6.39
C LYS B 112 -20.34 73.92 -6.93
N ALA B 113 -19.86 73.44 -8.08
CA ALA B 113 -18.72 74.08 -8.72
C ALA B 113 -19.10 75.42 -9.35
N ALA B 114 -20.33 75.53 -9.86
CA ALA B 114 -20.77 76.77 -10.49
C ALA B 114 -21.09 77.86 -9.47
N LEU B 115 -21.48 77.49 -8.25
CA LEU B 115 -21.97 78.46 -7.28
C LEU B 115 -21.08 79.69 -7.11
N PRO B 116 -19.75 79.59 -7.02
CA PRO B 116 -18.94 80.82 -7.07
C PRO B 116 -18.98 81.50 -8.44
N LEU B 117 -19.10 80.73 -9.52
CA LEU B 117 -19.05 81.28 -10.87
C LEU B 117 -20.33 82.02 -11.25
N LEU B 118 -21.43 81.81 -10.53
CA LEU B 118 -22.62 82.62 -10.76
C LEU B 118 -22.32 84.11 -10.58
N ASN B 119 -21.44 84.42 -9.63
CA ASN B 119 -20.93 85.78 -9.51
C ASN B 119 -20.15 86.15 -10.76
N ASP B 120 -20.61 87.18 -11.46
CA ASP B 120 -20.01 87.56 -12.74
C ASP B 120 -18.66 88.24 -12.60
N GLU B 121 -18.17 88.42 -11.38
CA GLU B 121 -16.80 88.90 -11.15
C GLU B 121 -15.84 87.78 -10.80
N THR B 122 -16.29 86.80 -10.00
CA THR B 122 -15.47 85.64 -9.71
C THR B 122 -15.16 84.85 -10.98
N HIS B 123 -16.10 84.82 -11.93
CA HIS B 123 -15.87 84.12 -13.19
C HIS B 123 -14.63 84.66 -13.90
N GLN B 124 -14.59 85.97 -14.13
CA GLN B 124 -13.45 86.57 -14.82
C GLN B 124 -12.15 86.32 -14.07
N ALA B 125 -12.20 86.41 -12.72
CA ALA B 125 -11.01 86.14 -11.93
C ALA B 125 -10.54 84.69 -12.13
N LYS B 126 -11.46 83.74 -11.95
CA LYS B 126 -11.15 82.34 -12.22
C LYS B 126 -10.78 82.14 -13.69
N LEU B 127 -11.44 82.86 -14.58
CA LEU B 127 -11.16 82.74 -16.02
C LEU B 127 -9.71 83.07 -16.32
N LYS B 128 -9.18 84.11 -15.68
CA LYS B 128 -7.76 84.43 -15.83
C LYS B 128 -6.90 83.58 -14.91
N GLU B 129 -7.43 83.19 -13.75
CA GLU B 129 -6.67 82.37 -12.81
C GLU B 129 -6.31 81.02 -13.41
N TYR B 130 -7.15 80.50 -14.32
CA TYR B 130 -6.87 79.28 -15.04
C TYR B 130 -6.24 79.54 -16.40
N LYS B 131 -5.71 80.75 -16.62
CA LYS B 131 -5.10 81.14 -17.90
C LYS B 131 -6.04 80.86 -19.07
N LEU B 132 -7.35 81.04 -18.83
CA LEU B 132 -8.36 80.81 -19.83
C LEU B 132 -9.07 82.08 -20.28
N ALA B 133 -9.12 83.10 -19.43
CA ALA B 133 -9.53 84.41 -19.90
C ALA B 133 -8.49 84.95 -20.88
N GLY B 134 -8.96 85.45 -22.01
CA GLY B 134 -8.05 85.95 -23.01
C GLY B 134 -8.76 86.36 -24.27
N LEU B 135 -8.46 85.69 -25.37
CA LEU B 135 -9.05 86.03 -26.65
C LEU B 135 -9.22 84.75 -27.46
N GLN B 136 -9.34 84.91 -28.79
CA GLN B 136 -9.48 83.82 -29.74
C GLN B 136 -10.65 82.91 -29.34
N PRO B 137 -11.89 83.29 -29.67
CA PRO B 137 -13.02 82.40 -29.39
C PRO B 137 -12.84 81.01 -29.98
N GLU B 138 -12.08 80.90 -31.07
CA GLU B 138 -11.75 79.58 -31.61
C GLU B 138 -10.80 78.84 -30.67
N LYS B 139 -9.73 79.51 -30.23
CA LYS B 139 -8.77 78.86 -29.33
C LYS B 139 -9.34 78.62 -27.94
N LEU B 140 -10.36 79.38 -27.54
CA LEU B 140 -11.10 79.03 -26.32
C LEU B 140 -11.81 77.69 -26.51
N GLU B 141 -12.53 77.54 -27.63
CA GLU B 141 -13.24 76.31 -27.90
C GLU B 141 -12.30 75.11 -27.94
N ARG B 142 -11.08 75.31 -28.47
CA ARG B 142 -10.06 74.28 -28.38
C ARG B 142 -9.80 73.90 -26.93
N ALA B 143 -9.49 74.91 -26.09
CA ALA B 143 -9.24 74.66 -24.68
C ALA B 143 -10.43 73.99 -24.01
N ARG B 144 -11.63 74.53 -24.21
CA ARG B 144 -12.83 73.95 -23.62
C ARG B 144 -12.96 72.47 -23.96
N ASN B 145 -12.69 72.11 -25.22
CA ASN B 145 -12.80 70.71 -25.63
C ASN B 145 -11.80 69.82 -24.90
N THR B 146 -10.58 70.31 -24.68
CA THR B 146 -9.60 69.50 -23.95
C THR B 146 -9.93 69.45 -22.46
N ILE B 147 -10.34 70.58 -21.87
CA ILE B 147 -10.79 70.59 -20.49
C ILE B 147 -11.92 69.59 -20.31
N ARG B 148 -12.82 69.53 -21.29
CA ARG B 148 -13.93 68.58 -21.30
C ARG B 148 -13.44 67.15 -21.17
N ARG B 149 -12.58 66.73 -22.09
CA ARG B 149 -12.06 65.37 -22.07
C ARG B 149 -11.31 65.08 -20.78
N LEU B 150 -10.43 65.99 -20.36
CA LEU B 150 -9.70 65.81 -19.11
C LEU B 150 -10.64 65.63 -17.93
N THR B 151 -11.76 66.36 -17.94
CA THR B 151 -12.74 66.24 -16.86
C THR B 151 -13.43 64.88 -16.90
N ALA B 152 -13.87 64.46 -18.10
CA ALA B 152 -14.57 63.18 -18.21
C ALA B 152 -13.68 62.02 -17.81
N GLU B 153 -12.39 62.09 -18.17
CA GLU B 153 -11.46 61.05 -17.76
C GLU B 153 -11.16 61.12 -16.27
N ALA B 154 -11.18 62.32 -15.69
CA ALA B 154 -10.90 62.44 -14.26
C ALA B 154 -12.01 61.83 -13.42
N VAL B 155 -13.27 62.11 -13.76
CA VAL B 155 -14.37 61.53 -13.01
C VAL B 155 -14.45 60.03 -13.24
N ALA B 156 -13.95 59.54 -14.38
CA ALA B 156 -13.92 58.11 -14.63
C ALA B 156 -12.84 57.43 -13.79
N LYS B 157 -11.69 58.09 -13.63
CA LYS B 157 -10.61 57.52 -12.84
C LYS B 157 -10.95 57.43 -11.35
N ALA B 158 -11.92 58.21 -10.88
CA ALA B 158 -12.29 58.21 -9.48
C ALA B 158 -13.66 57.62 -9.21
N GLN B 159 -14.43 57.29 -10.25
CA GLN B 159 -15.82 56.91 -10.06
C GLN B 159 -15.95 55.58 -9.35
N ASP B 160 -14.93 54.71 -9.47
CA ASP B 160 -14.82 53.35 -8.95
C ASP B 160 -15.87 53.07 -7.89
N PRO B 161 -16.90 52.26 -8.20
CA PRO B 161 -18.08 52.14 -7.33
C PRO B 161 -17.74 51.79 -5.90
N THR B 162 -17.12 50.62 -5.70
CA THR B 162 -16.78 50.12 -4.37
C THR B 162 -16.08 51.19 -3.53
N VAL B 163 -16.88 52.13 -3.02
CA VAL B 163 -16.42 53.21 -2.15
C VAL B 163 -17.47 53.32 -1.05
N ALA B 164 -17.16 54.09 0.01
CA ALA B 164 -18.02 54.30 1.17
C ALA B 164 -18.02 53.03 2.02
N GLU B 165 -18.23 51.88 1.38
CA GLU B 165 -17.95 50.61 2.05
C GLU B 165 -16.45 50.41 2.23
N SER B 166 -15.65 50.88 1.26
CA SER B 166 -14.20 50.86 1.43
C SER B 166 -13.77 51.90 2.45
N THR B 167 -14.46 53.04 2.48
CA THR B 167 -14.23 54.01 3.54
C THR B 167 -14.79 53.51 4.87
N ALA B 168 -15.72 52.55 4.84
CA ALA B 168 -16.18 51.90 6.06
C ALA B 168 -15.16 50.91 6.60
N ASP B 169 -14.41 50.23 5.72
CA ASP B 169 -13.27 49.42 6.14
C ASP B 169 -12.05 50.25 6.50
N LEU B 170 -12.26 51.42 7.11
CA LEU B 170 -11.21 52.32 7.54
C LEU B 170 -11.32 52.50 9.05
N THR B 171 -10.18 52.51 9.73
CA THR B 171 -10.15 52.66 11.17
C THR B 171 -9.27 53.85 11.55
N THR B 172 -9.21 54.11 12.85
CA THR B 172 -8.40 55.17 13.41
C THR B 172 -7.35 54.56 14.33
N GLU B 173 -6.19 55.23 14.42
CA GLU B 173 -5.15 54.76 15.32
C GLU B 173 -5.67 54.64 16.75
N GLU B 174 -6.64 55.48 17.14
CA GLU B 174 -7.19 55.41 18.48
C GLU B 174 -8.03 54.15 18.69
N ASP B 175 -8.89 53.82 17.71
CA ASP B 175 -9.74 52.63 17.85
C ASP B 175 -8.91 51.36 17.95
N LEU B 176 -7.81 51.28 17.18
CA LEU B 176 -6.94 50.10 17.25
C LEU B 176 -6.25 50.01 18.60
N GLN B 177 -5.73 51.15 19.10
CA GLN B 177 -5.06 51.15 20.39
C GLN B 177 -5.99 50.78 21.53
N LYS B 178 -7.27 51.16 21.44
CA LYS B 178 -8.23 50.79 22.49
C LYS B 178 -8.50 49.29 22.48
N GLN B 179 -8.48 48.65 21.31
CA GLN B 179 -8.63 47.21 21.26
C GLN B 179 -7.40 46.50 21.80
N ILE B 180 -6.20 47.00 21.47
CA ILE B 180 -4.97 46.40 21.99
C ILE B 180 -4.96 46.46 23.52
N ASN B 181 -5.26 47.63 24.08
CA ASN B 181 -5.29 47.76 25.54
C ASN B 181 -6.39 46.89 26.16
N GLN B 182 -7.49 46.69 25.43
CA GLN B 182 -8.51 45.76 25.91
C GLN B 182 -8.01 44.32 25.89
N ALA B 183 -7.15 43.97 24.94
CA ALA B 183 -6.58 42.63 24.94
C ALA B 183 -5.57 42.47 26.07
N VAL B 184 -4.79 43.52 26.34
CA VAL B 184 -3.72 43.42 27.33
C VAL B 184 -4.25 43.65 28.74
N TYR B 185 -5.15 44.62 28.92
CA TYR B 185 -5.56 45.08 30.25
C TYR B 185 -7.05 45.01 30.52
N SER B 186 -7.87 44.60 29.54
CA SER B 186 -9.33 44.68 29.65
C SER B 186 -9.79 46.11 29.89
N LYS B 187 -9.00 47.09 29.45
CA LYS B 187 -9.34 48.49 29.58
C LYS B 187 -9.04 49.21 28.27
N ASP B 188 -9.57 50.42 28.14
CA ASP B 188 -9.33 51.20 26.93
C ASP B 188 -8.01 51.96 26.97
N THR B 189 -7.43 52.11 28.16
CA THR B 189 -6.14 52.77 28.33
C THR B 189 -5.28 51.94 29.26
N GLU B 190 -3.97 52.02 29.04
CA GLU B 190 -3.02 51.29 29.87
C GLU B 190 -2.97 51.88 31.27
N PRO B 191 -2.96 51.05 32.31
CA PRO B 191 -2.85 51.59 33.68
C PRO B 191 -1.50 52.24 33.93
N ASP B 192 -1.48 53.19 34.86
CA ASP B 192 -0.24 53.90 35.18
C ASP B 192 0.72 52.97 35.93
N ASP B 193 1.86 53.53 36.34
CA ASP B 193 2.88 52.72 37.00
C ASP B 193 2.47 52.24 38.38
N ASP B 194 1.32 52.66 38.89
CA ASP B 194 0.74 52.10 40.10
C ASP B 194 -0.45 51.19 39.80
N PHE B 195 -0.76 50.95 38.52
CA PHE B 195 -1.95 50.21 38.11
C PHE B 195 -3.21 50.76 38.78
N ASN B 196 -3.30 52.10 38.85
CA ASN B 196 -4.48 52.74 39.43
C ASN B 196 -5.74 52.37 38.66
N GLY B 197 -6.79 52.01 39.40
CA GLY B 197 -8.02 51.58 38.77
C GLY B 197 -7.99 50.19 38.16
N TYR B 198 -6.90 49.45 38.33
CA TYR B 198 -6.76 48.12 37.75
C TYR B 198 -6.87 47.07 38.85
N THR B 199 -7.79 46.11 38.65
CA THR B 199 -7.91 44.95 39.52
C THR B 199 -7.50 43.72 38.73
N ALA B 200 -6.46 43.02 39.20
CA ALA B 200 -5.95 41.87 38.49
C ALA B 200 -6.95 40.72 38.50
N PHE B 201 -6.93 39.94 37.41
CA PHE B 201 -7.72 38.72 37.28
C PHE B 201 -9.23 38.97 37.35
N GLU B 202 -9.66 40.14 36.86
CA GLU B 202 -11.06 40.54 36.87
C GLU B 202 -11.67 40.47 38.28
N GLY B 203 -10.83 40.62 39.31
CA GLY B 203 -11.30 40.50 40.68
C GLY B 203 -11.79 39.12 41.07
N LYS B 204 -11.27 38.07 40.43
CA LYS B 204 -11.73 36.70 40.65
C LYS B 204 -10.70 35.82 41.34
N ALA B 205 -9.55 36.38 41.73
CA ALA B 205 -8.48 35.60 42.33
C ALA B 205 -8.89 35.08 43.71
N SER B 206 -8.52 33.84 44.01
CA SER B 206 -8.87 33.24 45.29
C SER B 206 -7.95 32.07 45.59
N THR B 207 -7.94 31.68 46.88
CA THR B 207 -7.34 30.45 47.37
C THR B 207 -5.82 30.43 47.29
N ASN B 208 -5.27 30.19 46.10
CA ASN B 208 -3.82 30.05 45.96
C ASN B 208 -3.43 30.30 44.51
N ARG B 209 -2.11 30.23 44.26
CA ARG B 209 -1.59 30.53 42.93
C ARG B 209 -2.07 29.53 41.89
N GLN B 210 -2.18 28.25 42.25
CA GLN B 210 -2.61 27.26 41.26
C GLN B 210 -4.06 27.49 40.86
N THR B 211 -4.93 27.87 41.81
CA THR B 211 -6.30 28.23 41.46
C THR B 211 -6.33 29.45 40.56
N ILE B 212 -5.44 30.41 40.79
CA ILE B 212 -5.41 31.62 39.99
C ILE B 212 -4.86 31.35 38.59
N CYS B 213 -3.79 30.56 38.51
CA CYS B 213 -3.03 30.43 37.26
C CYS B 213 -3.31 29.15 36.49
N GLY B 214 -3.99 28.17 37.10
CA GLY B 214 -4.45 27.00 36.38
C GLY B 214 -3.60 25.77 36.65
N SER B 215 -3.93 24.70 35.94
CA SER B 215 -3.34 23.39 36.14
C SER B 215 -3.51 22.56 34.87
N ALA B 216 -3.24 21.26 34.98
CA ALA B 216 -3.44 20.34 33.87
C ALA B 216 -4.89 19.94 33.68
N VAL B 217 -5.79 20.36 34.58
CA VAL B 217 -7.20 20.03 34.47
C VAL B 217 -8.10 21.25 34.55
N ALA B 218 -7.56 22.46 34.74
CA ALA B 218 -8.39 23.64 34.93
C ALA B 218 -7.64 24.88 34.47
N GLY B 219 -8.39 25.87 33.99
CA GLY B 219 -7.82 27.09 33.46
C GLY B 219 -7.63 28.16 34.53
N SER B 220 -7.00 29.25 34.11
CA SER B 220 -6.68 30.35 35.01
C SER B 220 -7.84 31.33 35.12
N LYS B 221 -7.73 32.27 36.06
CA LYS B 221 -8.64 33.39 36.17
C LYS B 221 -8.19 34.57 35.32
N ALA B 222 -7.05 34.44 34.65
CA ALA B 222 -6.49 35.50 33.83
C ALA B 222 -7.16 35.51 32.47
N THR B 223 -7.82 36.61 32.13
CA THR B 223 -8.50 36.73 30.86
C THR B 223 -7.81 37.67 29.88
N ASN B 224 -6.79 38.40 30.31
CA ASN B 224 -6.04 39.29 29.44
C ASN B 224 -4.57 38.90 29.46
N ALA B 225 -3.78 39.64 28.68
CA ALA B 225 -2.38 39.27 28.50
C ALA B 225 -1.52 39.67 29.69
N MET B 226 -1.80 40.83 30.30
CA MET B 226 -0.98 41.25 31.44
C MET B 226 -1.07 40.23 32.56
N ASP B 227 -2.29 39.80 32.90
CA ASP B 227 -2.46 38.86 33.99
C ASP B 227 -1.85 37.49 33.66
N ALA B 228 -1.84 37.12 32.38
CA ALA B 228 -1.14 35.92 31.97
C ALA B 228 0.37 36.05 32.19
N LEU B 229 0.94 37.22 31.86
CA LEU B 229 2.35 37.47 32.12
C LEU B 229 2.64 37.43 33.62
N PHE B 230 1.72 37.93 34.44
CA PHE B 230 1.93 37.87 35.87
C PHE B 230 1.98 36.43 36.35
N CYS B 231 1.11 35.56 35.83
CA CYS B 231 1.15 34.16 36.20
C CYS B 231 2.45 33.48 35.76
N VAL B 232 3.03 33.92 34.65
CA VAL B 232 4.21 33.25 34.13
C VAL B 232 5.48 33.75 34.82
N CYS B 233 5.50 35.02 35.28
CA CYS B 233 6.75 35.66 35.68
C CYS B 233 6.79 36.18 37.11
N ALA B 234 5.67 36.22 37.83
CA ALA B 234 5.72 36.77 39.17
C ALA B 234 6.42 35.81 40.13
N ASP B 235 7.25 36.36 41.00
CA ASP B 235 7.70 35.60 42.16
C ASP B 235 6.69 35.76 43.28
N ASP B 236 6.79 34.89 44.28
CA ASP B 236 5.89 35.00 45.41
C ASP B 236 6.66 34.86 46.72
N ARG B 237 5.94 34.69 47.83
CA ARG B 237 6.59 34.56 49.13
C ARG B 237 7.12 33.15 49.42
N THR B 238 7.19 32.28 48.42
CA THR B 238 7.77 30.95 48.63
C THR B 238 8.86 30.63 47.62
N ASN B 239 8.73 31.08 46.38
CA ASN B 239 9.63 30.72 45.29
C ASN B 239 10.66 31.81 45.00
N GLY B 240 10.73 32.85 45.84
CA GLY B 240 11.60 33.98 45.55
C GLY B 240 13.06 33.62 45.37
N ALA B 241 13.49 32.46 45.87
CA ALA B 241 14.87 32.02 45.75
C ALA B 241 15.05 30.87 44.75
N ASP B 242 13.98 30.44 44.10
CA ASP B 242 14.08 29.41 43.07
C ASP B 242 13.27 29.79 41.84
N ALA B 243 12.02 29.31 41.75
CA ALA B 243 11.25 29.46 40.52
C ALA B 243 10.85 30.90 40.27
N GLY B 244 10.69 31.71 41.32
CA GLY B 244 10.35 33.10 41.14
C GLY B 244 11.35 33.88 40.29
N LYS B 245 12.51 33.31 39.98
CA LYS B 245 13.51 33.95 39.15
C LYS B 245 13.46 33.45 37.71
N ALA B 246 12.35 32.85 37.30
CA ALA B 246 12.28 32.18 36.01
C ALA B 246 12.39 33.16 34.84
N CYS B 247 11.92 34.40 35.01
CA CYS B 247 11.92 35.37 33.93
C CYS B 247 13.01 36.43 34.06
N VAL B 248 13.88 36.34 35.08
CA VAL B 248 14.83 37.41 35.33
C VAL B 248 16.24 36.85 35.28
N ALA B 249 17.23 37.70 35.53
CA ALA B 249 18.62 37.29 35.57
C ALA B 249 19.21 37.51 36.97
N GLY B 250 19.47 38.75 37.36
CA GLY B 250 20.11 38.97 38.65
C GLY B 250 19.24 38.79 39.88
N THR B 251 18.21 39.62 40.00
CA THR B 251 17.37 39.68 41.19
C THR B 251 15.93 39.45 40.81
N ALA B 252 15.21 38.70 41.65
CA ALA B 252 13.82 38.37 41.40
C ALA B 252 12.96 39.64 41.34
N PRO B 253 11.75 39.55 40.78
CA PRO B 253 10.89 40.75 40.73
C PRO B 253 10.62 41.37 42.10
N GLY B 254 10.48 40.56 43.14
CA GLY B 254 10.26 41.09 44.48
C GLY B 254 8.83 41.48 44.80
N THR B 255 7.85 40.80 44.20
CA THR B 255 6.44 41.14 44.47
C THR B 255 6.08 40.92 45.93
N GLY B 256 6.57 39.85 46.53
CA GLY B 256 6.08 39.45 47.83
C GLY B 256 4.66 38.93 47.77
N TRP B 257 4.23 38.41 46.62
CA TRP B 257 2.86 37.94 46.47
C TRP B 257 2.59 36.78 47.41
N ASN B 258 1.43 36.83 48.06
CA ASN B 258 1.00 35.79 48.99
C ASN B 258 -0.47 35.51 48.75
N PRO B 259 -0.77 34.73 47.71
CA PRO B 259 -2.18 34.51 47.35
C PRO B 259 -2.99 33.83 48.43
N GLY B 260 -2.37 32.95 49.22
CA GLY B 260 -3.10 32.30 50.30
C GLY B 260 -3.60 33.26 51.34
N VAL B 261 -2.94 34.40 51.50
CA VAL B 261 -3.37 35.45 52.42
C VAL B 261 -4.18 36.52 51.69
N THR B 262 -3.66 37.03 50.58
CA THR B 262 -4.35 38.02 49.76
C THR B 262 -4.17 37.62 48.30
N ALA B 263 -5.24 37.12 47.68
CA ALA B 263 -5.12 36.50 46.37
C ALA B 263 -4.87 37.53 45.28
N THR B 264 -5.59 38.64 45.30
CA THR B 264 -5.46 39.63 44.24
C THR B 264 -4.20 40.45 44.47
N PRO B 265 -3.26 40.46 43.54
CA PRO B 265 -2.03 41.23 43.72
C PRO B 265 -2.27 42.72 43.57
N THR B 266 -1.37 43.50 44.15
CA THR B 266 -1.46 44.94 44.08
C THR B 266 -0.80 45.46 42.81
N GLY B 267 -1.03 46.74 42.52
CA GLY B 267 -0.37 47.36 41.39
C GLY B 267 1.13 47.42 41.55
N THR B 268 1.60 47.57 42.79
CA THR B 268 3.03 47.54 43.06
C THR B 268 3.66 46.26 42.54
N MET B 269 3.04 45.12 42.87
CA MET B 269 3.52 43.83 42.39
C MET B 269 3.39 43.72 40.88
N LEU B 270 2.24 44.12 40.33
CA LEU B 270 2.04 44.05 38.88
C LEU B 270 3.11 44.83 38.14
N GLN B 271 3.40 46.04 38.58
CA GLN B 271 4.41 46.87 37.91
C GLN B 271 5.79 46.24 37.99
N LYS B 272 6.07 45.50 39.07
CA LYS B 272 7.35 44.81 39.19
C LYS B 272 7.55 43.75 38.11
N VAL B 273 6.47 43.25 37.51
CA VAL B 273 6.61 42.31 36.40
C VAL B 273 6.61 43.04 35.06
N ARG B 274 5.73 44.05 34.91
CA ARG B 274 5.64 44.74 33.62
C ARG B 274 6.94 45.45 33.26
N LYS B 275 7.75 45.81 34.26
CA LYS B 275 9.02 46.48 33.97
C LYS B 275 9.98 45.58 33.22
N LEU B 276 9.67 44.29 33.09
CA LEU B 276 10.48 43.37 32.29
C LEU B 276 10.28 43.56 30.79
N CYS B 277 9.16 44.15 30.38
CA CYS B 277 8.84 44.42 28.98
C CYS B 277 9.23 45.84 28.59
N ASN B 278 9.38 46.06 27.28
CA ASN B 278 9.79 47.36 26.76
C ASN B 278 8.56 48.25 26.60
N THR B 279 8.31 49.09 27.60
CA THR B 279 7.24 50.08 27.54
C THR B 279 7.79 51.47 27.19
N HIS B 280 8.99 51.52 26.65
CA HIS B 280 9.71 52.77 26.45
C HIS B 280 9.89 53.15 24.98
N GLY B 281 9.28 52.43 24.06
CA GLY B 281 9.46 52.78 22.66
C GLY B 281 8.17 52.81 21.84
N LYS B 282 8.25 52.55 20.54
CA LYS B 282 7.07 52.51 19.67
C LYS B 282 7.13 51.31 18.74
N THR B 283 5.99 51.00 18.13
CA THR B 283 5.91 49.89 17.17
C THR B 283 4.98 50.31 16.04
N THR B 284 5.47 50.24 14.81
CA THR B 284 4.63 50.53 13.67
C THR B 284 3.62 49.41 13.46
N LEU B 285 2.34 49.74 13.50
CA LEU B 285 1.29 48.74 13.37
C LEU B 285 1.26 48.17 11.95
N SER B 286 1.63 46.91 11.79
CA SER B 286 1.44 46.18 10.54
C SER B 286 0.77 44.86 10.88
N ALA B 287 -0.11 44.40 9.98
CA ALA B 287 -0.77 43.11 10.20
C ALA B 287 0.24 41.98 10.35
N ALA B 288 1.37 42.06 9.64
CA ALA B 288 2.44 41.08 9.85
C ALA B 288 3.05 41.19 11.24
N ALA B 289 3.15 42.40 11.78
CA ALA B 289 3.70 42.56 13.13
C ALA B 289 2.81 41.88 14.17
N ILE B 290 1.49 41.99 14.01
CA ILE B 290 0.57 41.34 14.93
C ILE B 290 0.62 39.83 14.76
N GLU B 291 0.73 39.36 13.51
CA GLU B 291 0.70 37.93 13.25
C GLU B 291 1.88 37.22 13.92
N GLY B 292 3.09 37.76 13.74
CA GLY B 292 4.26 37.14 14.34
C GLY B 292 4.18 37.06 15.85
N ARG B 293 3.74 38.15 16.48
CA ARG B 293 3.66 38.17 17.95
C ARG B 293 2.62 37.19 18.46
N LEU B 294 1.50 37.04 17.76
CA LEU B 294 0.49 36.07 18.18
C LEU B 294 0.96 34.64 17.93
N THR B 295 1.77 34.43 16.89
CA THR B 295 2.27 33.07 16.63
C THR B 295 3.31 32.68 17.66
N ALA B 296 4.14 33.63 18.07
CA ALA B 296 5.15 33.36 19.10
C ALA B 296 4.51 32.86 20.38
N VAL B 297 3.44 33.53 20.83
CA VAL B 297 2.74 33.06 22.02
C VAL B 297 2.00 31.76 21.72
N GLY B 298 1.40 31.66 20.53
CA GLY B 298 0.52 30.55 20.24
C GLY B 298 1.25 29.23 20.12
N ASN B 299 2.42 29.24 19.48
CA ASN B 299 3.21 28.04 19.33
C ASN B 299 4.00 27.67 20.59
N LEU B 300 4.04 28.54 21.60
CA LEU B 300 4.61 28.12 22.88
C LEU B 300 3.59 27.43 23.77
N LEU B 301 2.31 27.50 23.44
CA LEU B 301 1.29 26.77 24.19
C LEU B 301 1.51 25.28 24.03
N THR B 302 1.71 24.59 25.15
CA THR B 302 1.95 23.15 25.15
C THR B 302 0.62 22.44 25.29
N ARG B 303 0.16 21.81 24.21
CA ARG B 303 -1.18 21.27 24.14
C ARG B 303 -1.29 19.93 24.85
N GLY B 304 -2.26 19.82 25.76
CA GLY B 304 -2.51 18.59 26.48
C GLY B 304 -3.94 18.12 26.34
N SER B 305 -4.32 17.11 27.13
CA SER B 305 -5.65 16.53 26.98
C SER B 305 -6.75 17.50 27.41
N ALA B 306 -6.53 18.27 28.47
CA ALA B 306 -7.55 19.17 28.98
C ALA B 306 -7.18 20.64 28.95
N THR B 307 -5.89 20.98 29.03
CA THR B 307 -5.48 22.37 28.98
C THR B 307 -4.27 22.49 28.07
N SER B 308 -3.91 23.75 27.77
CA SER B 308 -2.64 24.09 27.15
C SER B 308 -1.89 25.02 28.08
N ILE B 309 -0.60 24.76 28.27
CA ILE B 309 0.22 25.42 29.27
C ILE B 309 1.17 26.38 28.57
N LEU B 310 1.20 27.62 29.03
CA LEU B 310 2.20 28.60 28.60
C LEU B 310 3.15 28.83 29.77
N GLY B 311 4.40 28.41 29.60
CA GLY B 311 5.41 28.52 30.64
C GLY B 311 5.96 27.16 31.05
N SER B 312 7.06 27.22 31.80
CA SER B 312 7.72 26.01 32.29
C SER B 312 6.79 25.22 33.21
N PHE B 313 6.57 23.95 32.87
CA PHE B 313 5.68 23.07 33.63
C PHE B 313 6.41 21.76 33.88
N LEU B 314 6.35 21.28 35.11
CA LEU B 314 6.98 20.01 35.47
C LEU B 314 6.01 18.98 36.00
N ALA B 315 5.06 19.37 36.85
CA ALA B 315 4.31 18.35 37.56
C ALA B 315 2.79 18.50 37.45
N THR B 316 2.19 19.32 38.28
CA THR B 316 0.76 19.18 38.52
C THR B 316 -0.02 20.44 38.22
N ASP B 317 0.46 21.60 38.65
CA ASP B 317 -0.27 22.84 38.48
C ASP B 317 0.73 23.98 38.31
N CYS B 318 0.18 25.16 38.07
CA CYS B 318 0.99 26.37 37.91
C CYS B 318 1.04 27.13 39.24
N SER B 319 1.53 26.43 40.25
CA SER B 319 1.55 26.97 41.61
C SER B 319 2.74 27.85 41.89
N GLY B 320 3.75 27.86 41.02
CA GLY B 320 4.97 28.60 41.27
C GLY B 320 6.02 27.82 42.04
N ASP B 321 5.66 26.66 42.59
CA ASP B 321 6.62 25.77 43.21
C ASP B 321 7.63 25.32 42.17
N GLN B 322 8.91 25.27 42.57
CA GLN B 322 9.96 24.94 41.61
C GLN B 322 9.81 23.53 41.06
N GLY B 323 9.08 22.66 41.73
CA GLY B 323 8.77 21.34 41.22
C GLY B 323 7.44 21.21 40.51
N SER B 324 6.67 22.30 40.41
CA SER B 324 5.35 22.27 39.79
C SER B 324 5.34 23.01 38.46
N GLY B 325 5.27 24.35 38.52
CA GLY B 325 5.26 25.14 37.31
C GLY B 325 5.19 26.63 37.55
N MET B 326 5.77 27.41 36.64
CA MET B 326 5.65 28.87 36.59
C MET B 326 4.97 29.19 35.27
N CYS B 327 3.64 29.13 35.25
CA CYS B 327 2.91 29.03 33.99
C CYS B 327 1.49 29.58 34.13
N VAL B 328 0.75 29.53 33.02
CA VAL B 328 -0.65 29.91 32.95
C VAL B 328 -1.35 28.92 32.02
N ALA B 329 -2.57 28.53 32.36
CA ALA B 329 -3.27 27.45 31.69
C ALA B 329 -4.56 27.96 31.04
N TYR B 330 -4.91 27.34 29.91
CA TYR B 330 -6.13 27.65 29.15
C TYR B 330 -6.84 26.35 28.80
N THR B 331 -8.17 26.36 28.88
CA THR B 331 -8.97 25.19 28.53
C THR B 331 -9.54 25.27 27.13
N GLU B 332 -9.34 26.40 26.43
CA GLU B 332 -10.00 26.60 25.15
C GLU B 332 -9.26 25.95 23.99
N VAL B 333 -7.98 25.67 24.12
CA VAL B 333 -7.24 24.90 23.11
C VAL B 333 -6.58 23.72 23.80
N THR B 334 -6.67 22.55 23.16
CA THR B 334 -6.10 21.32 23.69
C THR B 334 -5.35 20.59 22.59
N ASP B 335 -4.89 19.37 22.86
CA ASP B 335 -4.31 18.54 21.81
C ASP B 335 -5.35 18.02 20.84
N ALA B 336 -6.63 18.36 21.03
CA ALA B 336 -7.69 17.89 20.17
C ALA B 336 -8.56 19.00 19.59
N LYS B 337 -8.48 20.23 20.09
CA LYS B 337 -9.36 21.28 19.59
C LYS B 337 -8.77 22.65 19.87
N GLY B 338 -9.16 23.61 19.04
CA GLY B 338 -8.90 25.01 19.32
C GLY B 338 -7.70 25.63 18.63
N THR B 339 -7.90 26.80 18.03
CA THR B 339 -6.82 27.63 17.54
C THR B 339 -6.79 28.92 18.34
N PRO B 340 -5.64 29.29 18.92
CA PRO B 340 -5.63 30.39 19.90
C PRO B 340 -6.17 31.71 19.37
N THR B 341 -5.86 32.04 18.12
CA THR B 341 -6.27 33.30 17.52
C THR B 341 -7.78 33.42 17.35
N LYS B 342 -8.53 32.39 17.72
CA LYS B 342 -9.98 32.40 17.60
C LYS B 342 -10.70 31.96 18.87
N ASP B 343 -10.01 31.30 19.80
CA ASP B 343 -10.68 30.67 20.94
C ASP B 343 -10.13 31.10 22.29
N ILE B 344 -8.98 31.76 22.34
CA ILE B 344 -8.50 32.39 23.57
C ILE B 344 -8.88 33.87 23.48
N PRO B 345 -9.86 34.33 24.26
CA PRO B 345 -10.44 35.67 24.05
C PRO B 345 -9.44 36.80 23.83
N TRP B 346 -8.37 36.91 24.63
CA TRP B 346 -7.47 38.05 24.46
C TRP B 346 -6.66 37.94 23.18
N MET B 347 -6.34 36.72 22.73
CA MET B 347 -5.64 36.56 21.46
C MET B 347 -6.56 36.82 20.29
N GLN B 348 -7.85 36.52 20.45
CA GLN B 348 -8.82 36.80 19.40
C GLN B 348 -9.05 38.30 19.25
N LYS B 349 -9.09 39.04 20.37
CA LYS B 349 -9.22 40.49 20.29
C LYS B 349 -8.01 41.10 19.58
N LEU B 350 -6.82 40.62 19.89
CA LEU B 350 -5.64 41.12 19.21
C LEU B 350 -5.65 40.74 17.73
N ASP B 351 -6.18 39.55 17.41
CA ASP B 351 -6.30 39.18 16.00
C ASP B 351 -7.29 40.06 15.26
N SER B 352 -8.32 40.56 15.97
CA SER B 352 -9.26 41.48 15.37
C SER B 352 -8.59 42.78 14.94
N VAL B 353 -7.57 43.22 15.68
CA VAL B 353 -6.78 44.37 15.25
C VAL B 353 -6.08 44.07 13.94
N ARG B 354 -5.63 42.82 13.77
CA ARG B 354 -4.92 42.42 12.56
C ARG B 354 -5.88 42.38 11.37
N ILE B 355 -7.08 41.84 11.57
CA ILE B 355 -8.06 41.81 10.48
C ILE B 355 -8.47 43.22 10.09
N LYS B 356 -8.75 44.08 11.07
CA LYS B 356 -9.16 45.44 10.76
C LYS B 356 -8.04 46.25 10.12
N LEU B 357 -6.78 45.90 10.42
CA LEU B 357 -5.67 46.61 9.83
C LEU B 357 -5.43 46.17 8.39
N GLN B 358 -5.62 44.88 8.09
CA GLN B 358 -5.48 44.44 6.71
C GLN B 358 -6.59 44.97 5.81
N LYS B 359 -7.76 45.29 6.37
CA LYS B 359 -8.81 45.98 5.60
C LYS B 359 -8.47 47.45 5.39
N HIS B 360 -8.01 48.13 6.45
CA HIS B 360 -7.59 49.52 6.34
C HIS B 360 -6.50 49.68 5.29
N GLU B 361 -5.54 48.75 5.26
CA GLU B 361 -4.48 48.82 4.26
C GLU B 361 -5.03 48.63 2.85
N ARG B 362 -5.90 47.63 2.67
CA ARG B 362 -6.41 47.30 1.34
C ARG B 362 -7.29 48.42 0.78
N ALA B 363 -7.99 49.15 1.64
CA ALA B 363 -8.80 50.27 1.17
C ALA B 363 -7.98 51.49 0.83
N VAL B 364 -6.77 51.61 1.40
CA VAL B 364 -5.93 52.77 1.11
C VAL B 364 -5.51 52.79 -0.35
N GLU B 365 -5.01 51.66 -0.86
CA GLU B 365 -4.62 51.60 -2.26
C GLU B 365 -5.81 51.87 -3.17
N LYS B 366 -6.98 51.33 -2.82
CA LYS B 366 -8.20 51.50 -3.60
C LYS B 366 -8.98 52.74 -3.19
N LEU B 367 -8.27 53.77 -2.75
CA LEU B 367 -8.90 55.07 -2.56
C LEU B 367 -7.95 56.22 -2.90
N GLY B 368 -6.75 55.93 -3.40
CA GLY B 368 -5.77 56.94 -3.73
C GLY B 368 -5.14 56.72 -5.08
N LYS B 369 -5.47 55.61 -5.74
CA LYS B 369 -5.06 55.43 -7.12
C LYS B 369 -5.47 56.59 -8.02
N PRO B 370 -6.67 57.19 -7.87
CA PRO B 370 -6.95 58.41 -8.65
C PRO B 370 -6.10 59.60 -8.23
N GLN B 371 -5.63 59.65 -6.98
CA GLN B 371 -4.96 60.83 -6.44
C GLN B 371 -3.82 61.29 -7.35
N HIS B 372 -2.99 60.35 -7.81
CA HIS B 372 -1.86 60.72 -8.67
C HIS B 372 -2.31 61.02 -10.09
N ASP B 373 -3.30 60.29 -10.59
CA ASP B 373 -3.82 60.58 -11.93
C ASP B 373 -4.55 61.92 -11.96
N LEU B 374 -5.35 62.21 -10.93
CA LEU B 374 -6.05 63.49 -10.88
C LEU B 374 -5.08 64.67 -10.83
N LYS B 375 -3.95 64.52 -10.12
CA LYS B 375 -3.03 65.62 -9.96
C LYS B 375 -2.36 65.99 -11.27
N THR B 376 -1.98 64.99 -12.08
CA THR B 376 -1.35 65.29 -13.36
C THR B 376 -2.33 65.92 -14.33
N ILE B 377 -3.61 65.57 -14.24
CA ILE B 377 -4.62 66.15 -15.12
C ILE B 377 -4.74 67.65 -14.86
N LEU B 378 -4.64 68.05 -13.60
CA LEU B 378 -4.74 69.48 -13.27
C LEU B 378 -3.57 70.25 -13.86
N THR B 379 -2.36 69.69 -13.78
CA THR B 379 -1.21 70.34 -14.39
C THR B 379 -1.41 70.53 -15.89
N LEU B 380 -1.91 69.49 -16.57
CA LEU B 380 -2.16 69.60 -18.00
C LEU B 380 -3.30 70.55 -18.29
N ALA B 381 -4.36 70.52 -17.49
CA ALA B 381 -5.48 71.44 -17.70
C ALA B 381 -5.08 72.88 -17.44
N LYS B 382 -4.11 73.11 -16.54
CA LYS B 382 -3.62 74.45 -16.27
C LYS B 382 -2.52 74.88 -17.25
N ASP B 383 -2.03 73.98 -18.08
CA ASP B 383 -1.06 74.34 -19.10
C ASP B 383 -1.78 74.96 -20.29
N PRO B 384 -1.53 76.22 -20.63
CA PRO B 384 -2.21 76.82 -21.79
C PRO B 384 -1.77 76.20 -23.10
N ALA B 385 -0.51 75.75 -23.20
CA ALA B 385 -0.07 75.06 -24.41
C ALA B 385 -0.82 73.74 -24.59
N TYR B 386 -0.99 72.97 -23.51
CA TYR B 386 -1.70 71.70 -23.63
C TYR B 386 -3.14 71.92 -24.06
N LEU B 387 -3.75 73.03 -23.66
CA LEU B 387 -5.10 73.34 -24.13
C LEU B 387 -5.10 73.69 -25.61
N GLN B 388 -3.98 74.20 -26.12
CA GLN B 388 -3.91 74.63 -27.51
C GLN B 388 -3.17 73.64 -28.38
N LEU B 389 -3.69 72.42 -28.48
CA LEU B 389 -3.21 71.45 -29.47
C LEU B 389 -4.35 71.06 -30.41
N ASN C 24 23.09 24.56 36.88
CA ASN C 24 24.28 25.16 36.29
C ASN C 24 24.21 25.17 34.78
N ILE C 25 24.81 26.18 34.17
CA ILE C 25 24.77 26.31 32.72
C ILE C 25 25.58 25.19 32.10
N GLY C 26 24.94 24.37 31.26
CA GLY C 26 25.70 23.35 30.57
C GLY C 26 25.51 23.33 29.05
N THR C 27 25.59 22.16 28.43
CA THR C 27 25.53 22.06 26.98
C THR C 27 24.17 22.51 26.43
N GLY C 28 24.20 23.24 25.31
CA GLY C 28 23.00 23.66 24.61
C GLY C 28 22.14 24.71 25.30
N ASP C 29 22.52 25.17 26.49
CA ASP C 29 21.68 26.11 27.21
C ASP C 29 21.64 27.50 26.58
N ASN C 30 22.47 27.76 25.58
CA ASN C 30 22.48 29.04 24.88
C ASN C 30 22.14 28.90 23.41
N VAL C 31 21.47 27.81 23.02
CA VAL C 31 21.09 27.63 21.62
C VAL C 31 20.14 28.72 21.16
N LEU C 32 19.19 29.09 22.01
CA LEU C 32 18.23 30.14 21.66
C LEU C 32 18.93 31.47 21.41
N HIS C 33 19.91 31.83 22.25
CA HIS C 33 20.62 33.09 22.05
C HIS C 33 21.59 33.01 20.88
N ARG C 34 22.19 31.84 20.66
CA ARG C 34 23.03 31.63 19.49
C ARG C 34 22.23 31.74 18.19
N ALA C 35 21.02 31.17 18.17
CA ALA C 35 20.19 31.24 16.97
C ALA C 35 19.82 32.68 16.64
N ALA C 36 19.43 33.45 17.65
CA ALA C 36 19.10 34.86 17.44
C ALA C 36 20.31 35.64 16.93
N LEU C 37 21.47 35.45 17.54
CA LEU C 37 22.63 36.23 17.11
C LEU C 37 23.11 35.80 15.72
N CYS C 38 23.09 34.49 15.44
CA CYS C 38 23.48 34.02 14.11
C CYS C 38 22.54 34.56 13.03
N GLY C 39 21.29 34.87 13.40
CA GLY C 39 20.39 35.52 12.46
C GLY C 39 20.90 36.88 12.03
N ILE C 40 21.73 37.50 12.86
CA ILE C 40 22.39 38.78 12.53
C ILE C 40 23.67 38.55 11.74
N ILE C 41 24.51 37.61 12.20
CA ILE C 41 25.81 37.38 11.58
C ILE C 41 25.67 36.92 10.13
N GLU C 42 24.64 36.13 9.82
CA GLU C 42 24.48 35.61 8.47
C GLU C 42 24.17 36.70 7.44
N LEU C 43 23.69 37.87 7.88
CA LEU C 43 23.43 38.97 6.96
C LEU C 43 24.70 39.68 6.50
N ALA C 44 25.80 39.52 7.22
CA ALA C 44 27.03 40.26 6.95
C ALA C 44 27.69 39.72 5.68
N GLY C 45 28.90 40.23 5.38
CA GLY C 45 29.55 39.88 4.14
C GLY C 45 28.76 40.43 2.96
N LYS C 46 29.04 39.86 1.79
CA LYS C 46 28.27 40.20 0.59
C LYS C 46 27.03 39.33 0.45
N ARG C 47 26.55 38.73 1.54
CA ARG C 47 25.44 37.79 1.51
C ARG C 47 24.08 38.45 1.49
N ALA C 48 23.99 39.75 1.72
CA ALA C 48 22.71 40.45 1.68
C ALA C 48 22.45 40.98 0.27
N LYS C 49 21.30 40.61 -0.30
CA LYS C 49 20.98 40.92 -1.69
C LYS C 49 19.74 41.79 -1.73
N LEU C 50 19.81 42.89 -2.48
CA LEU C 50 18.64 43.75 -2.64
C LEU C 50 17.58 43.10 -3.54
N GLU C 51 18.00 42.59 -4.70
CA GLU C 51 17.14 41.79 -5.57
C GLU C 51 15.87 42.55 -5.95
N THR C 52 16.06 43.75 -6.48
CA THR C 52 14.94 44.58 -6.87
C THR C 52 15.27 45.20 -8.23
N ALA C 53 14.25 45.78 -8.86
CA ALA C 53 14.40 46.42 -10.16
C ALA C 53 14.42 47.92 -9.95
N LEU C 54 15.59 48.53 -10.13
CA LEU C 54 15.72 49.99 -10.13
C LEU C 54 14.85 50.53 -11.26
N PRO C 55 13.78 51.26 -10.94
CA PRO C 55 12.92 51.79 -12.01
C PRO C 55 13.63 52.95 -12.71
N ASN C 56 13.76 52.83 -14.03
CA ASN C 56 14.42 53.85 -14.84
C ASN C 56 13.58 54.09 -16.09
N PHE C 57 13.03 55.29 -16.21
CA PHE C 57 12.31 55.70 -17.40
C PHE C 57 13.03 56.81 -18.15
N GLN C 58 14.30 57.03 -17.86
CA GLN C 58 15.01 58.16 -18.46
C GLN C 58 15.31 57.90 -19.94
N ASN C 59 15.68 56.67 -20.28
CA ASN C 59 15.93 56.36 -21.69
C ASN C 59 14.67 56.58 -22.53
N GLU C 60 13.54 56.04 -22.07
CA GLU C 60 12.28 56.26 -22.78
C GLU C 60 11.99 57.75 -22.90
N LEU C 61 12.10 58.48 -21.78
CA LEU C 61 11.82 59.91 -21.80
C LEU C 61 12.74 60.64 -22.76
N ASN C 62 14.05 60.37 -22.69
CA ASN C 62 14.98 61.00 -23.61
C ASN C 62 14.67 60.63 -25.06
N SER C 63 14.08 59.45 -25.28
CA SER C 63 13.73 59.05 -26.64
C SER C 63 12.45 59.72 -27.11
N ILE C 64 11.46 59.85 -26.21
CA ILE C 64 10.24 60.58 -26.54
C ILE C 64 10.57 62.02 -26.91
N LEU C 65 11.40 62.66 -26.09
CA LEU C 65 11.80 64.04 -26.36
C LEU C 65 12.53 64.14 -27.70
N GLU C 66 13.31 63.11 -28.05
CA GLU C 66 13.95 63.10 -29.36
C GLU C 66 12.92 62.95 -30.47
N LEU C 67 11.91 62.11 -30.25
CA LEU C 67 10.85 61.97 -31.23
C LEU C 67 10.11 63.29 -31.45
N ASN C 68 9.82 64.02 -30.36
CA ASN C 68 9.19 65.33 -30.47
C ASN C 68 10.02 66.27 -31.32
N MET C 69 11.33 66.32 -31.06
CA MET C 69 12.20 67.19 -31.84
C MET C 69 12.38 66.67 -33.26
N THR C 70 12.34 65.34 -33.44
CA THR C 70 12.49 64.77 -34.77
C THR C 70 11.28 65.08 -35.65
N ALA C 71 10.09 65.16 -35.05
CA ALA C 71 8.87 65.36 -35.81
C ALA C 71 8.49 66.84 -35.98
N ALA C 72 9.20 67.75 -35.31
CA ALA C 72 8.85 69.16 -35.33
C ALA C 72 9.10 69.76 -36.71
N GLU C 73 8.75 71.03 -36.86
CA GLU C 73 9.04 71.74 -38.10
C GLU C 73 10.51 72.11 -38.16
N PRO C 74 11.12 72.05 -39.34
CA PRO C 74 12.53 72.49 -39.46
C PRO C 74 12.76 73.90 -38.96
N THR C 75 11.76 74.78 -39.07
CA THR C 75 11.87 76.11 -38.49
C THR C 75 12.23 76.03 -37.00
N TRP C 76 11.64 75.09 -36.29
CA TRP C 76 11.94 74.94 -34.86
C TRP C 76 13.36 74.40 -34.66
N LEU C 77 13.72 73.34 -35.36
CA LEU C 77 15.08 72.81 -35.27
C LEU C 77 16.11 73.85 -35.70
N ASP C 78 15.74 74.73 -36.63
CA ASP C 78 16.66 75.79 -37.04
C ASP C 78 16.91 76.78 -35.90
N GLN C 79 15.98 76.90 -34.96
CA GLN C 79 16.24 77.70 -33.76
C GLN C 79 17.34 77.10 -32.91
N PHE C 80 17.65 75.81 -33.09
CA PHE C 80 18.69 75.14 -32.33
C PHE C 80 20.00 75.03 -33.10
N ARG C 81 20.00 75.28 -34.40
CA ARG C 81 21.24 75.40 -35.15
C ARG C 81 21.92 76.72 -34.84
N ASP C 82 23.22 76.77 -35.10
CA ASP C 82 23.97 78.01 -34.97
C ASP C 82 23.79 78.84 -36.23
N LYS C 83 23.53 80.14 -36.06
CA LYS C 83 23.29 81.01 -37.21
C LYS C 83 24.47 81.00 -38.17
N ASP C 84 25.68 80.77 -37.67
CA ASP C 84 26.86 80.71 -38.52
C ASP C 84 26.92 79.39 -39.30
N ASP C 85 26.89 78.26 -38.59
CA ASP C 85 27.05 76.95 -39.19
C ASP C 85 25.86 76.06 -38.83
N ARG C 86 25.35 75.33 -39.82
CA ARG C 86 24.14 74.52 -39.65
C ARG C 86 24.32 73.48 -38.57
N SER C 87 25.21 72.51 -38.79
CA SER C 87 25.43 71.41 -37.84
C SER C 87 26.33 71.86 -36.70
N LYS C 88 25.85 72.85 -35.95
CA LYS C 88 26.59 73.40 -34.83
C LYS C 88 25.61 73.83 -33.75
N PRO C 89 25.89 73.54 -32.48
CA PRO C 89 24.99 73.98 -31.41
C PRO C 89 24.89 75.49 -31.38
N ARG C 90 23.68 75.99 -31.18
CA ARG C 90 23.49 77.43 -31.08
C ARG C 90 24.25 77.98 -29.89
N ASP C 91 25.24 78.84 -30.16
CA ASP C 91 26.01 79.48 -29.12
C ASP C 91 25.12 80.47 -28.39
N LEU C 92 24.66 80.08 -27.20
CA LEU C 92 23.76 80.95 -26.43
C LEU C 92 24.36 82.34 -26.21
N THR C 93 25.69 82.42 -26.14
CA THR C 93 26.33 83.73 -26.04
C THR C 93 26.21 84.52 -27.33
N LYS C 94 26.27 83.82 -28.48
CA LYS C 94 26.18 84.50 -29.76
C LYS C 94 24.76 84.95 -30.05
N GLN C 95 23.80 84.05 -29.93
CA GLN C 95 22.37 84.35 -30.13
C GLN C 95 21.64 84.13 -28.81
N PRO C 96 21.46 85.16 -27.99
CA PRO C 96 20.67 85.01 -26.76
C PRO C 96 19.21 84.70 -27.02
N LEU C 97 18.41 84.56 -25.92
CA LEU C 97 17.00 84.20 -25.98
C LEU C 97 16.12 85.44 -25.82
N PRO C 98 14.90 85.42 -26.38
CA PRO C 98 13.98 86.56 -26.22
C PRO C 98 13.48 86.73 -24.78
N LYS C 99 12.47 87.58 -24.60
CA LYS C 99 12.02 87.95 -23.24
C LYS C 99 10.91 87.02 -22.77
N ASP C 100 9.74 87.10 -23.39
CA ASP C 100 8.58 86.28 -23.04
C ASP C 100 8.86 84.85 -23.51
N THR C 101 10.03 84.66 -24.12
CA THR C 101 10.31 83.42 -24.83
C THR C 101 10.06 82.18 -23.96
N ASN C 102 10.40 82.25 -22.67
CA ASN C 102 10.32 81.11 -21.76
C ASN C 102 11.10 79.89 -22.27
N TRP C 103 11.78 80.04 -23.41
CA TRP C 103 12.61 78.96 -23.93
C TRP C 103 13.79 78.66 -23.01
N ALA C 104 14.21 79.64 -22.22
CA ALA C 104 15.30 79.44 -21.28
C ALA C 104 14.98 78.28 -20.34
N ASP C 105 16.04 77.58 -19.92
CA ASP C 105 15.98 76.43 -19.01
C ASP C 105 15.43 75.18 -19.69
N HIS C 106 14.49 75.32 -20.62
CA HIS C 106 14.12 74.20 -21.47
C HIS C 106 15.12 73.97 -22.60
N TRP C 107 16.07 74.90 -22.79
CA TRP C 107 17.02 74.79 -23.89
C TRP C 107 17.97 73.61 -23.71
N THR C 108 18.42 73.36 -22.49
CA THR C 108 19.35 72.26 -22.24
C THR C 108 18.70 70.92 -22.57
N ALA C 109 17.42 70.75 -22.20
CA ALA C 109 16.71 69.53 -22.58
C ALA C 109 16.48 69.47 -24.08
N TRP C 110 16.06 70.59 -24.68
CA TRP C 110 15.83 70.64 -26.11
C TRP C 110 17.11 70.37 -26.89
N ALA C 111 18.19 71.08 -26.55
CA ALA C 111 19.46 70.90 -27.26
C ALA C 111 19.95 69.46 -27.17
N LYS C 112 19.72 68.80 -26.03
CA LYS C 112 20.07 67.39 -25.92
C LYS C 112 19.32 66.55 -26.95
N ALA C 113 18.06 66.90 -27.21
CA ALA C 113 17.30 66.22 -28.25
C ALA C 113 17.65 66.71 -29.65
N ALA C 114 18.16 67.94 -29.76
CA ALA C 114 18.47 68.51 -31.06
C ALA C 114 19.90 68.26 -31.52
N LEU C 115 20.80 67.94 -30.61
CA LEU C 115 22.20 67.76 -30.99
C LEU C 115 22.41 66.65 -32.01
N PRO C 116 21.77 65.48 -31.94
CA PRO C 116 21.95 64.49 -33.01
C PRO C 116 21.22 64.86 -34.29
N LEU C 117 20.19 65.71 -34.19
CA LEU C 117 19.38 66.09 -35.34
C LEU C 117 19.90 67.33 -36.06
N LEU C 118 20.87 68.04 -35.47
CA LEU C 118 21.51 69.14 -36.20
C LEU C 118 22.20 68.63 -37.46
N ASN C 119 22.65 67.37 -37.44
CA ASN C 119 23.12 66.71 -38.65
C ASN C 119 21.91 66.27 -39.47
N ASP C 120 21.94 66.52 -40.77
CA ASP C 120 20.80 66.19 -41.62
C ASP C 120 20.63 64.68 -41.78
N GLU C 121 21.74 63.96 -41.96
CA GLU C 121 21.66 62.52 -42.21
C GLU C 121 21.02 61.79 -41.04
N THR C 122 21.37 62.18 -39.80
CA THR C 122 20.75 61.56 -38.64
C THR C 122 19.26 61.87 -38.59
N HIS C 123 18.88 63.11 -38.86
CA HIS C 123 17.47 63.47 -38.87
C HIS C 123 16.69 62.59 -39.84
N GLN C 124 17.25 62.37 -41.04
CA GLN C 124 16.61 61.45 -41.98
C GLN C 124 16.52 60.05 -41.38
N ALA C 125 17.59 59.60 -40.71
CA ALA C 125 17.61 58.28 -40.11
C ALA C 125 16.57 58.15 -39.01
N LYS C 126 16.48 59.15 -38.12
CA LYS C 126 15.50 59.09 -37.04
C LYS C 126 14.07 59.16 -37.59
N LEU C 127 13.87 59.85 -38.72
CA LEU C 127 12.55 59.95 -39.31
C LEU C 127 11.99 58.58 -39.68
N LYS C 128 12.81 57.75 -40.33
CA LYS C 128 12.35 56.43 -40.72
C LYS C 128 12.39 55.45 -39.55
N GLU C 129 13.30 55.67 -38.59
CA GLU C 129 13.34 54.85 -37.39
C GLU C 129 12.05 54.98 -36.59
N TYR C 130 11.56 56.20 -36.43
CA TYR C 130 10.30 56.45 -35.75
C TYR C 130 9.10 56.28 -36.67
N LYS C 131 9.31 55.79 -37.89
CA LYS C 131 8.23 55.44 -38.83
C LYS C 131 7.32 56.64 -39.09
N LEU C 132 7.93 57.80 -39.31
CA LEU C 132 7.18 59.02 -39.56
C LEU C 132 7.65 59.76 -40.81
N ALA C 133 8.54 59.16 -41.62
CA ALA C 133 9.03 59.80 -42.83
C ALA C 133 8.20 59.38 -44.04
N GLY C 134 7.96 60.33 -44.94
CA GLY C 134 7.28 60.02 -46.19
C GLY C 134 5.77 60.00 -46.06
N LEU C 135 5.17 61.11 -45.68
CA LEU C 135 3.73 61.24 -45.56
C LEU C 135 3.30 62.60 -46.07
N GLN C 136 2.07 62.66 -46.59
CA GLN C 136 1.52 63.93 -47.01
C GLN C 136 1.51 64.90 -45.82
N PRO C 137 1.79 66.19 -46.05
CA PRO C 137 1.91 67.15 -44.94
C PRO C 137 0.80 67.06 -43.90
N GLU C 138 -0.44 66.84 -44.36
CA GLU C 138 -1.57 66.72 -43.44
C GLU C 138 -1.36 65.56 -42.46
N LYS C 139 -0.85 64.43 -42.96
CA LYS C 139 -0.56 63.29 -42.08
C LYS C 139 0.49 63.66 -41.05
N LEU C 140 1.61 64.24 -41.49
CA LEU C 140 2.65 64.68 -40.56
C LEU C 140 2.10 65.71 -39.59
N GLU C 141 1.27 66.63 -40.09
CA GLU C 141 0.62 67.60 -39.21
C GLU C 141 -0.19 66.89 -38.12
N ARG C 142 -0.98 65.88 -38.53
CA ARG C 142 -1.76 65.11 -37.56
C ARG C 142 -0.85 64.41 -36.57
N ALA C 143 0.18 63.72 -37.05
CA ALA C 143 1.08 63.00 -36.17
C ALA C 143 1.82 63.96 -35.24
N ARG C 144 2.29 65.09 -35.77
CA ARG C 144 3.04 66.05 -34.97
C ARG C 144 2.22 66.58 -33.80
N ASN C 145 0.92 66.79 -34.01
CA ASN C 145 0.07 67.33 -32.96
C ASN C 145 -0.07 66.34 -31.80
N THR C 146 -0.31 65.06 -32.13
CA THR C 146 -0.48 64.07 -31.07
C THR C 146 0.83 63.82 -30.34
N ILE C 147 1.95 63.80 -31.06
CA ILE C 147 3.24 63.57 -30.44
C ILE C 147 3.56 64.69 -29.45
N ARG C 148 3.28 65.94 -29.82
CA ARG C 148 3.45 67.06 -28.89
C ARG C 148 2.59 66.86 -27.65
N ARG C 149 1.33 66.47 -27.85
CA ARG C 149 0.44 66.18 -26.74
C ARG C 149 0.98 65.03 -25.90
N LEU C 150 1.39 63.94 -26.57
CA LEU C 150 1.98 62.81 -25.86
C LEU C 150 3.25 63.21 -25.12
N THR C 151 4.11 63.99 -25.77
CA THR C 151 5.35 64.43 -25.13
C THR C 151 5.07 65.30 -23.91
N ALA C 152 3.97 66.06 -23.93
CA ALA C 152 3.60 66.86 -22.77
C ALA C 152 3.13 65.98 -21.62
N GLU C 153 2.34 64.94 -21.94
CA GLU C 153 1.90 64.03 -20.90
C GLU C 153 3.07 63.29 -20.28
N ALA C 154 4.04 62.88 -21.11
CA ALA C 154 5.23 62.21 -20.59
C ALA C 154 6.03 63.14 -19.69
N VAL C 155 6.15 64.41 -20.07
CA VAL C 155 6.90 65.36 -19.26
C VAL C 155 6.13 65.69 -17.97
N ALA C 156 4.80 65.82 -18.07
CA ALA C 156 4.00 66.11 -16.89
C ALA C 156 4.13 65.04 -15.82
N LYS C 157 4.37 63.79 -16.23
CA LYS C 157 4.54 62.70 -15.28
C LYS C 157 5.97 62.63 -14.76
N ALA C 158 6.95 62.71 -15.67
CA ALA C 158 8.35 62.61 -15.26
C ALA C 158 8.75 63.75 -14.33
N GLN C 159 8.08 64.91 -14.44
CA GLN C 159 8.39 66.06 -13.61
C GLN C 159 7.45 66.21 -12.42
N ASP C 160 6.67 65.18 -12.10
CA ASP C 160 5.86 65.21 -10.90
C ASP C 160 6.77 65.25 -9.67
N PRO C 161 6.57 66.21 -8.76
CA PRO C 161 7.45 66.30 -7.57
C PRO C 161 7.50 65.04 -6.71
N THR C 162 6.58 64.08 -6.90
CA THR C 162 6.74 62.80 -6.22
C THR C 162 7.99 62.08 -6.72
N VAL C 163 8.30 62.19 -8.01
CA VAL C 163 9.58 61.75 -8.50
C VAL C 163 10.65 62.67 -7.90
N ALA C 164 11.89 62.17 -7.88
CA ALA C 164 13.01 62.83 -7.20
C ALA C 164 12.86 62.74 -5.69
N GLU C 165 11.63 62.89 -5.17
CA GLU C 165 11.37 62.51 -3.79
C GLU C 165 11.64 61.02 -3.60
N SER C 166 11.01 60.18 -4.42
CA SER C 166 11.25 58.74 -4.36
C SER C 166 12.66 58.41 -4.82
N THR C 167 13.14 59.07 -5.87
CA THR C 167 14.50 58.84 -6.35
C THR C 167 15.52 59.10 -5.26
N ALA C 168 15.26 60.09 -4.39
CA ALA C 168 16.17 60.36 -3.28
C ALA C 168 16.16 59.24 -2.25
N ASP C 169 15.01 58.59 -2.06
CA ASP C 169 14.88 57.48 -1.12
C ASP C 169 15.40 56.15 -1.65
N LEU C 170 16.16 56.17 -2.74
CA LEU C 170 16.70 54.94 -3.31
C LEU C 170 18.11 54.70 -2.77
N THR C 171 18.39 53.45 -2.42
CA THR C 171 19.67 53.02 -1.90
C THR C 171 20.29 51.99 -2.85
N THR C 172 21.50 51.55 -2.51
CA THR C 172 22.20 50.55 -3.29
C THR C 172 22.58 49.38 -2.39
N GLU C 173 22.75 48.22 -3.02
CA GLU C 173 23.08 47.01 -2.27
C GLU C 173 24.38 47.18 -1.49
N GLU C 174 25.34 47.90 -2.07
CA GLU C 174 26.65 48.04 -1.45
C GLU C 174 26.59 48.92 -0.20
N ASP C 175 25.77 49.97 -0.24
CA ASP C 175 25.63 50.84 0.94
C ASP C 175 24.99 50.10 2.10
N LEU C 176 24.03 49.22 1.81
CA LEU C 176 23.41 48.44 2.86
C LEU C 176 24.37 47.38 3.40
N GLN C 177 25.17 46.78 2.52
CA GLN C 177 26.12 45.77 2.97
C GLN C 177 27.19 46.38 3.88
N LYS C 178 27.61 47.61 3.59
CA LYS C 178 28.62 48.26 4.43
C LYS C 178 28.07 48.54 5.82
N GLN C 179 26.80 48.95 5.92
CA GLN C 179 26.22 49.22 7.21
C GLN C 179 26.04 47.94 8.03
N ILE C 180 25.65 46.85 7.38
CA ILE C 180 25.50 45.58 8.08
C ILE C 180 26.84 45.09 8.61
N ASN C 181 27.88 45.14 7.77
CA ASN C 181 29.23 44.80 8.24
C ASN C 181 29.75 45.75 9.31
N GLN C 182 29.30 47.00 9.35
CA GLN C 182 29.66 47.90 10.45
C GLN C 182 28.93 47.50 11.74
N ALA C 183 27.67 47.10 11.64
CA ALA C 183 26.93 46.70 12.84
C ALA C 183 27.45 45.38 13.40
N VAL C 184 27.99 44.51 12.54
CA VAL C 184 28.46 43.21 12.99
C VAL C 184 29.92 43.22 13.37
N TYR C 185 30.76 43.90 12.58
CA TYR C 185 32.20 43.86 12.76
C TYR C 185 32.84 45.24 12.99
N SER C 186 32.08 46.33 12.89
CA SER C 186 32.61 47.69 12.91
C SER C 186 33.64 47.90 11.81
N LYS C 187 33.41 47.25 10.66
CA LYS C 187 34.25 47.39 9.48
C LYS C 187 33.34 47.44 8.26
N ASP C 188 33.88 47.94 7.15
CA ASP C 188 33.09 48.02 5.93
C ASP C 188 33.01 46.69 5.20
N THR C 189 33.78 45.68 5.60
CA THR C 189 33.78 44.39 4.95
C THR C 189 33.93 43.30 6.00
N GLU C 190 33.44 42.10 5.67
CA GLU C 190 33.50 41.00 6.62
C GLU C 190 34.93 40.45 6.69
N PRO C 191 35.53 40.37 7.87
CA PRO C 191 36.90 39.86 7.97
C PRO C 191 37.01 38.42 7.54
N ASP C 192 38.19 38.04 7.05
CA ASP C 192 38.42 36.69 6.58
C ASP C 192 38.41 35.70 7.74
N ASP C 193 38.67 34.42 7.41
CA ASP C 193 38.62 33.38 8.41
C ASP C 193 39.74 33.49 9.45
N ASP C 194 40.71 34.36 9.23
CA ASP C 194 41.70 34.69 10.24
C ASP C 194 41.42 36.02 10.93
N PHE C 195 40.35 36.70 10.54
CA PHE C 195 40.00 38.03 11.07
C PHE C 195 41.17 38.99 10.90
N ASN C 196 41.80 38.95 9.73
CA ASN C 196 42.87 39.90 9.43
C ASN C 196 42.34 41.32 9.46
N GLY C 197 43.10 42.22 10.08
CA GLY C 197 42.66 43.58 10.24
C GLY C 197 41.55 43.76 11.24
N TYR C 198 41.40 42.82 12.18
CA TYR C 198 40.33 42.86 13.16
C TYR C 198 40.91 42.59 14.54
N THR C 199 40.43 43.33 15.53
CA THR C 199 40.80 43.13 16.92
C THR C 199 39.53 43.17 17.76
N ALA C 200 39.30 42.12 18.55
CA ALA C 200 38.04 42.00 19.25
C ALA C 200 37.93 43.04 20.36
N PHE C 201 36.67 43.41 20.65
CA PHE C 201 36.34 44.34 21.74
C PHE C 201 37.11 45.65 21.61
N GLU C 202 37.31 46.10 20.37
CA GLU C 202 38.00 47.35 20.04
C GLU C 202 39.40 47.43 20.64
N GLY C 203 39.95 46.31 21.11
CA GLY C 203 41.22 46.33 21.80
C GLY C 203 41.16 46.86 23.22
N LYS C 204 40.02 46.67 23.90
CA LYS C 204 39.83 47.19 25.25
C LYS C 204 39.56 46.10 26.28
N ALA C 205 39.70 44.83 25.91
CA ALA C 205 39.61 43.75 26.89
C ALA C 205 40.77 43.87 27.86
N SER C 206 40.51 43.64 29.16
CA SER C 206 41.50 43.99 30.18
C SER C 206 41.85 42.86 31.14
N THR C 207 40.93 42.53 32.05
CA THR C 207 41.27 41.74 33.24
C THR C 207 40.76 40.30 33.15
N ASN C 208 39.47 40.11 32.94
CA ASN C 208 38.88 38.78 32.96
C ASN C 208 37.57 38.82 32.17
N ARG C 209 36.97 37.64 31.99
CA ARG C 209 35.81 37.53 31.12
C ARG C 209 34.65 38.39 31.62
N GLN C 210 34.45 38.47 32.94
CA GLN C 210 33.38 39.32 33.47
C GLN C 210 33.64 40.79 33.22
N THR C 211 34.91 41.22 33.22
CA THR C 211 35.22 42.60 32.84
C THR C 211 35.02 42.80 31.34
N ILE C 212 35.28 41.77 30.54
CA ILE C 212 35.15 41.91 29.09
C ILE C 212 33.70 41.78 28.66
N CYS C 213 32.93 40.92 29.32
CA CYS C 213 31.58 40.62 28.85
C CYS C 213 30.48 41.28 29.67
N GLY C 214 30.77 41.77 30.88
CA GLY C 214 29.82 42.54 31.66
C GLY C 214 29.23 41.74 32.81
N SER C 215 28.39 42.43 33.57
CA SER C 215 27.85 41.89 34.82
C SER C 215 26.50 42.55 35.11
N ALA C 216 25.97 42.27 36.31
CA ALA C 216 24.73 42.91 36.72
C ALA C 216 24.92 44.38 37.09
N VAL C 217 26.16 44.85 37.16
CA VAL C 217 26.43 46.24 37.52
C VAL C 217 27.25 46.97 36.48
N ALA C 218 27.76 46.31 35.44
CA ALA C 218 28.62 46.99 34.48
C ALA C 218 28.38 46.42 33.09
N GLY C 219 28.61 47.28 32.08
CA GLY C 219 28.43 46.88 30.71
C GLY C 219 29.65 46.18 30.14
N SER C 220 29.46 45.63 28.95
CA SER C 220 30.51 44.88 28.27
C SER C 220 31.45 45.83 27.52
N LYS C 221 32.49 45.24 26.92
CA LYS C 221 33.37 45.95 26.00
C LYS C 221 33.08 45.61 24.56
N ALA C 222 32.01 44.85 24.31
CA ALA C 222 31.63 44.47 22.95
C ALA C 222 30.73 45.55 22.37
N THR C 223 31.17 46.17 21.28
CA THR C 223 30.41 47.23 20.62
C THR C 223 29.65 46.74 19.40
N ASN C 224 29.94 45.55 18.90
CA ASN C 224 29.29 45.04 17.70
C ASN C 224 28.64 43.68 17.97
N ALA C 225 28.07 43.10 16.92
CA ALA C 225 27.36 41.83 17.05
C ALA C 225 28.31 40.65 17.23
N MET C 226 29.40 40.63 16.46
CA MET C 226 30.32 39.49 16.51
C MET C 226 30.91 39.32 17.91
N ASP C 227 31.37 40.40 18.53
CA ASP C 227 31.96 40.28 19.86
C ASP C 227 30.92 39.91 20.91
N ALA C 228 29.68 40.38 20.76
CA ALA C 228 28.61 39.89 21.63
C ALA C 228 28.45 38.39 21.47
N LEU C 229 28.50 37.89 20.23
CA LEU C 229 28.38 36.45 19.98
C LEU C 229 29.53 35.70 20.63
N PHE C 230 30.73 36.29 20.64
CA PHE C 230 31.85 35.65 21.31
C PHE C 230 31.64 35.59 22.83
N CYS C 231 31.08 36.65 23.42
CA CYS C 231 30.83 36.62 24.85
C CYS C 231 29.79 35.57 25.22
N VAL C 232 28.83 35.33 24.35
CA VAL C 232 27.74 34.40 24.66
C VAL C 232 28.10 32.94 24.37
N CYS C 233 29.06 32.67 23.48
CA CYS C 233 29.28 31.31 23.00
C CYS C 233 30.70 30.79 23.15
N ALA C 234 31.70 31.65 23.36
CA ALA C 234 33.06 31.16 23.40
C ALA C 234 33.29 30.36 24.68
N ASP C 235 34.03 29.26 24.53
CA ASP C 235 34.54 28.52 25.67
C ASP C 235 35.89 29.09 26.10
N ASP C 236 36.26 28.82 27.34
CA ASP C 236 37.55 29.24 27.88
C ASP C 236 38.22 28.06 28.58
N ARG C 237 39.44 28.30 29.06
CA ARG C 237 40.22 27.24 29.70
C ARG C 237 39.55 26.72 30.96
N THR C 238 38.62 27.48 31.53
CA THR C 238 37.98 27.07 32.78
C THR C 238 36.68 26.30 32.54
N ASN C 239 35.84 26.75 31.62
CA ASN C 239 34.52 26.18 31.43
C ASN C 239 34.45 25.18 30.28
N GLY C 240 35.59 24.88 29.64
CA GLY C 240 35.64 24.05 28.45
C GLY C 240 34.92 22.73 28.54
N ALA C 241 34.77 22.21 29.76
CA ALA C 241 34.09 20.95 29.99
C ALA C 241 32.70 21.12 30.55
N ASP C 242 32.21 22.34 30.69
CA ASP C 242 30.88 22.55 31.24
C ASP C 242 30.16 23.69 30.52
N ALA C 243 30.31 24.91 31.05
CA ALA C 243 29.56 26.04 30.50
C ALA C 243 30.03 26.41 29.10
N GLY C 244 31.28 26.14 28.77
CA GLY C 244 31.81 26.45 27.45
C GLY C 244 31.15 25.71 26.29
N LYS C 245 30.21 24.79 26.56
CA LYS C 245 29.46 24.06 25.54
C LYS C 245 28.02 24.56 25.42
N ALA C 246 27.75 25.78 25.85
CA ALA C 246 26.39 26.27 25.95
C ALA C 246 25.76 26.52 24.58
N CYS C 247 26.57 26.83 23.56
CA CYS C 247 26.06 27.03 22.20
C CYS C 247 26.28 25.84 21.28
N VAL C 248 26.80 24.72 21.78
CA VAL C 248 27.18 23.62 20.91
C VAL C 248 26.45 22.34 21.31
N ALA C 249 26.82 21.22 20.69
CA ALA C 249 26.20 19.93 20.97
C ALA C 249 27.18 18.97 21.62
N GLY C 250 28.05 18.34 20.83
CA GLY C 250 28.93 17.33 21.37
C GLY C 250 30.33 17.81 21.71
N THR C 251 30.93 18.63 20.85
CA THR C 251 32.29 19.11 21.04
C THR C 251 32.27 20.61 21.24
N ALA C 252 33.02 21.08 22.25
CA ALA C 252 33.13 22.50 22.53
C ALA C 252 33.79 23.21 21.35
N PRO C 253 33.62 24.53 21.25
CA PRO C 253 34.31 25.26 20.17
C PRO C 253 35.82 25.03 20.17
N GLY C 254 36.42 24.90 21.35
CA GLY C 254 37.87 24.72 21.42
C GLY C 254 38.67 25.96 21.09
N THR C 255 38.23 27.13 21.58
CA THR C 255 38.98 28.35 21.30
C THR C 255 40.30 28.40 22.04
N GLY C 256 40.36 27.80 23.24
CA GLY C 256 41.55 27.93 24.06
C GLY C 256 41.71 29.28 24.71
N TRP C 257 40.67 30.12 24.65
CA TRP C 257 40.72 31.47 25.21
C TRP C 257 41.08 31.42 26.68
N ASN C 258 42.07 32.22 27.07
CA ASN C 258 42.56 32.28 28.45
C ASN C 258 42.56 33.74 28.88
N PRO C 259 41.37 34.32 29.09
CA PRO C 259 41.30 35.78 29.31
C PRO C 259 42.10 36.26 30.51
N GLY C 260 42.31 35.43 31.53
CA GLY C 260 43.12 35.84 32.65
C GLY C 260 44.57 36.13 32.27
N VAL C 261 45.06 35.48 31.22
CA VAL C 261 46.45 35.60 30.81
C VAL C 261 46.53 36.56 29.62
N THR C 262 45.81 36.23 28.55
CA THR C 262 45.72 37.09 27.37
C THR C 262 44.24 37.39 27.14
N ALA C 263 43.87 38.66 27.31
CA ALA C 263 42.45 39.03 27.29
C ALA C 263 41.88 39.00 25.88
N THR C 264 42.56 39.63 24.93
CA THR C 264 42.05 39.73 23.58
C THR C 264 42.03 38.37 22.89
N PRO C 265 40.88 37.89 22.42
CA PRO C 265 40.86 36.63 21.67
C PRO C 265 41.54 36.79 20.32
N THR C 266 42.21 35.73 19.89
CA THR C 266 42.87 35.75 18.59
C THR C 266 41.89 35.38 17.50
N GLY C 267 42.31 35.59 16.24
CA GLY C 267 41.40 35.33 15.12
C GLY C 267 40.98 33.88 15.02
N THR C 268 41.90 32.95 15.33
CA THR C 268 41.56 31.54 15.32
C THR C 268 40.46 31.21 16.31
N MET C 269 40.39 31.96 17.42
CA MET C 269 39.32 31.77 18.39
C MET C 269 38.00 32.35 17.91
N LEU C 270 38.05 33.54 17.30
CA LEU C 270 36.83 34.18 16.81
C LEU C 270 36.17 33.33 15.74
N GLN C 271 36.96 32.75 14.83
CA GLN C 271 36.39 31.97 13.75
C GLN C 271 35.74 30.69 14.26
N LYS C 272 36.25 30.15 15.36
CA LYS C 272 35.67 28.93 15.91
C LYS C 272 34.30 29.17 16.52
N VAL C 273 33.91 30.44 16.71
CA VAL C 273 32.56 30.79 17.13
C VAL C 273 31.70 31.23 15.96
N ARG C 274 32.28 32.00 15.03
CA ARG C 274 31.52 32.43 13.86
C ARG C 274 31.08 31.24 13.01
N LYS C 275 31.86 30.15 12.99
CA LYS C 275 31.51 29.00 12.18
C LYS C 275 30.21 28.35 12.66
N LEU C 276 29.73 28.70 13.84
CA LEU C 276 28.41 28.24 14.29
C LEU C 276 27.28 28.90 13.53
N CYS C 277 27.54 29.94 12.75
CA CYS C 277 26.51 30.65 12.02
C CYS C 277 26.64 30.37 10.52
N ASN C 278 25.51 30.44 9.82
CA ASN C 278 25.49 30.15 8.39
C ASN C 278 26.13 31.31 7.63
N THR C 279 27.41 31.14 7.29
CA THR C 279 28.14 32.09 6.45
C THR C 279 28.32 31.57 5.03
N HIS C 280 27.43 30.68 4.60
CA HIS C 280 27.58 30.02 3.30
C HIS C 280 26.40 30.27 2.37
N GLY C 281 25.43 31.09 2.76
CA GLY C 281 24.27 31.31 1.91
C GLY C 281 24.03 32.76 1.54
N LYS C 282 22.76 33.13 1.41
CA LYS C 282 22.38 34.49 1.05
C LYS C 282 20.98 34.76 1.56
N THR C 283 20.68 36.04 1.76
CA THR C 283 19.38 36.47 2.26
C THR C 283 18.84 37.58 1.38
N THR C 284 17.61 37.41 0.89
CA THR C 284 16.95 38.49 0.19
C THR C 284 16.65 39.60 1.19
N LEU C 285 17.13 40.81 0.89
CA LEU C 285 17.02 41.93 1.83
C LEU C 285 15.59 42.47 1.82
N SER C 286 14.85 42.18 2.89
CA SER C 286 13.55 42.77 3.12
C SER C 286 13.58 43.55 4.41
N ALA C 287 12.77 44.60 4.49
CA ALA C 287 12.72 45.38 5.72
C ALA C 287 12.16 44.54 6.87
N ALA C 288 11.12 43.75 6.59
CA ALA C 288 10.56 42.90 7.64
C ALA C 288 11.51 41.80 8.03
N ALA C 289 12.44 41.44 7.13
CA ALA C 289 13.45 40.44 7.48
C ALA C 289 14.40 40.99 8.54
N ILE C 290 14.86 42.23 8.37
CA ILE C 290 15.72 42.85 9.37
C ILE C 290 14.95 43.06 10.67
N GLU C 291 13.70 43.47 10.56
CA GLU C 291 12.88 43.73 11.75
C GLU C 291 12.74 42.49 12.61
N GLY C 292 12.41 41.35 11.97
CA GLY C 292 12.26 40.10 12.70
C GLY C 292 13.54 39.62 13.36
N ARG C 293 14.69 39.88 12.73
CA ARG C 293 15.96 39.51 13.33
C ARG C 293 16.32 40.41 14.51
N LEU C 294 16.10 41.72 14.37
CA LEU C 294 16.36 42.63 15.49
C LEU C 294 15.40 42.39 16.64
N THR C 295 14.12 42.15 16.33
CA THR C 295 13.15 41.84 17.38
C THR C 295 13.54 40.56 18.11
N ALA C 296 14.06 39.59 17.37
CA ALA C 296 14.50 38.34 17.99
C ALA C 296 15.57 38.60 19.05
N VAL C 297 16.57 39.42 18.71
CA VAL C 297 17.65 39.71 19.63
C VAL C 297 17.17 40.59 20.79
N GLY C 298 16.46 41.68 20.46
CA GLY C 298 16.05 42.63 21.49
C GLY C 298 15.12 42.04 22.56
N ASN C 299 14.23 41.13 22.18
CA ASN C 299 13.31 40.55 23.15
C ASN C 299 13.97 39.56 24.10
N LEU C 300 15.16 39.05 23.76
CA LEU C 300 15.86 38.13 24.64
C LEU C 300 16.67 38.83 25.72
N LEU C 301 16.87 40.14 25.61
CA LEU C 301 17.59 40.89 26.65
C LEU C 301 16.77 40.92 27.94
N THR C 302 17.36 40.45 29.03
CA THR C 302 16.68 40.43 30.32
C THR C 302 16.99 41.71 31.07
N ARG C 303 15.96 42.53 31.32
CA ARG C 303 16.16 43.85 31.87
C ARG C 303 16.35 43.78 33.38
N GLY C 304 17.45 44.35 33.86
CA GLY C 304 17.71 44.39 35.29
C GLY C 304 17.81 45.80 35.81
N SER C 305 18.29 45.93 37.05
CA SER C 305 18.37 47.24 37.69
C SER C 305 19.35 48.16 36.97
N ALA C 306 20.53 47.65 36.64
CA ALA C 306 21.58 48.48 36.05
C ALA C 306 21.97 48.08 34.64
N THR C 307 21.74 46.84 34.23
CA THR C 307 22.09 46.38 32.90
C THR C 307 20.96 45.50 32.37
N SER C 308 21.10 45.12 31.10
CA SER C 308 20.31 44.06 30.51
C SER C 308 21.27 42.96 30.03
N ILE C 309 20.87 41.71 30.24
CA ILE C 309 21.71 40.54 29.98
C ILE C 309 21.15 39.78 28.78
N LEU C 310 22.04 39.39 27.86
CA LEU C 310 21.70 38.51 26.75
C LEU C 310 22.48 37.20 26.92
N GLY C 311 21.77 36.12 27.18
CA GLY C 311 22.38 34.82 27.39
C GLY C 311 21.97 34.23 28.72
N SER C 312 22.44 33.01 28.95
CA SER C 312 22.18 32.32 30.21
C SER C 312 22.91 33.04 31.35
N PHE C 313 22.18 33.33 32.42
CA PHE C 313 22.73 34.03 33.57
C PHE C 313 22.17 33.42 34.84
N LEU C 314 23.06 33.01 35.75
CA LEU C 314 22.66 32.49 37.04
C LEU C 314 22.99 33.41 38.20
N ALA C 315 24.18 34.00 38.23
CA ALA C 315 24.58 34.76 39.41
C ALA C 315 25.68 35.75 39.06
N THR C 316 25.55 36.97 39.59
CA THR C 316 26.62 37.97 39.66
C THR C 316 27.04 38.57 38.32
N ASP C 317 27.68 37.80 37.43
CA ASP C 317 28.33 38.40 36.27
C ASP C 317 28.34 37.42 35.10
N CYS C 318 28.91 37.86 33.98
CA CYS C 318 29.08 37.04 32.78
C CYS C 318 30.53 36.56 32.68
N SER C 319 30.91 35.71 33.62
CA SER C 319 32.29 35.28 33.71
C SER C 319 32.58 34.04 32.90
N GLY C 320 31.56 33.39 32.34
CA GLY C 320 31.71 32.08 31.74
C GLY C 320 31.68 30.93 32.73
N ASP C 321 31.61 31.21 34.03
CA ASP C 321 31.49 30.14 35.02
C ASP C 321 30.12 29.51 34.96
N GLN C 322 30.09 28.17 35.05
CA GLN C 322 28.83 27.43 34.93
C GLN C 322 27.82 27.82 36.01
N GLY C 323 28.28 28.39 37.12
CA GLY C 323 27.40 28.92 38.13
C GLY C 323 27.14 30.41 38.01
N SER C 324 27.67 31.07 36.98
CA SER C 324 27.59 32.52 36.85
C SER C 324 26.78 32.94 35.63
N GLY C 325 27.34 32.78 34.42
CA GLY C 325 26.65 33.19 33.21
C GLY C 325 27.50 33.06 31.97
N MET C 326 26.86 32.70 30.86
CA MET C 326 27.44 32.75 29.52
C MET C 326 26.61 33.79 28.78
N CYS C 327 27.08 35.03 28.77
CA CYS C 327 26.19 36.14 28.42
C CYS C 327 27.03 37.38 28.09
N VAL C 328 26.31 38.43 27.66
CA VAL C 328 26.86 39.76 27.44
C VAL C 328 25.88 40.76 28.06
N ALA C 329 26.42 41.86 28.59
CA ALA C 329 25.62 42.84 29.30
C ALA C 329 25.69 44.19 28.61
N TYR C 330 24.57 44.93 28.67
CA TYR C 330 24.48 46.29 28.12
C TYR C 330 23.92 47.22 29.19
N THR C 331 24.48 48.43 29.28
CA THR C 331 23.95 49.43 30.20
C THR C 331 22.92 50.36 29.56
N GLU C 332 22.73 50.27 28.24
CA GLU C 332 21.83 51.20 27.57
C GLU C 332 20.37 50.84 27.76
N VAL C 333 20.08 49.63 28.24
CA VAL C 333 18.71 49.13 28.38
C VAL C 333 18.59 48.54 29.77
N THR C 334 17.61 49.01 30.53
CA THR C 334 17.38 48.53 31.89
C THR C 334 15.88 48.34 32.07
N ASP C 335 15.50 47.87 33.25
CA ASP C 335 14.06 47.75 33.51
C ASP C 335 13.37 49.09 33.75
N ALA C 336 14.08 50.21 33.52
CA ALA C 336 13.51 51.54 33.66
C ALA C 336 13.63 52.40 32.40
N LYS C 337 14.38 51.96 31.40
CA LYS C 337 14.62 52.79 30.22
C LYS C 337 15.16 51.92 29.10
N GLY C 338 15.17 52.49 27.90
CA GLY C 338 15.88 51.90 26.78
C GLY C 338 15.06 51.06 25.83
N THR C 339 15.17 51.36 24.53
CA THR C 339 14.72 50.47 23.47
C THR C 339 15.94 49.98 22.71
N PRO C 340 16.16 48.67 22.60
CA PRO C 340 17.41 48.18 21.99
C PRO C 340 17.71 48.77 20.62
N THR C 341 16.74 48.77 19.69
CA THR C 341 16.96 49.29 18.34
C THR C 341 17.18 50.79 18.30
N LYS C 342 17.26 51.45 19.45
CA LYS C 342 17.52 52.89 19.51
C LYS C 342 18.73 53.24 20.36
N ASP C 343 19.00 52.48 21.43
CA ASP C 343 20.03 52.88 22.39
C ASP C 343 21.26 51.99 22.38
N ILE C 344 21.14 50.74 21.92
CA ILE C 344 22.28 49.85 21.75
C ILE C 344 22.88 50.11 20.36
N PRO C 345 24.07 50.70 20.27
CA PRO C 345 24.55 51.21 18.96
C PRO C 345 24.49 50.21 17.81
N TRP C 346 25.04 49.00 17.97
CA TRP C 346 25.06 48.10 16.83
C TRP C 346 23.66 47.71 16.39
N MET C 347 22.71 47.64 17.32
CA MET C 347 21.35 47.34 16.94
C MET C 347 20.72 48.53 16.23
N GLN C 348 21.06 49.74 16.67
CA GLN C 348 20.54 50.94 16.01
C GLN C 348 21.04 51.05 14.59
N LYS C 349 22.29 50.64 14.33
CA LYS C 349 22.80 50.69 12.96
C LYS C 349 22.02 49.76 12.06
N LEU C 350 21.72 48.55 12.54
CA LEU C 350 20.96 47.62 11.72
C LEU C 350 19.52 48.10 11.53
N ASP C 351 18.96 48.81 12.52
CA ASP C 351 17.63 49.38 12.35
C ASP C 351 17.63 50.47 11.30
N SER C 352 18.74 51.17 11.16
CA SER C 352 18.87 52.13 10.07
C SER C 352 18.77 51.44 8.72
N VAL C 353 19.36 50.25 8.60
CA VAL C 353 19.30 49.51 7.34
C VAL C 353 17.86 49.13 7.02
N ARG C 354 17.09 48.74 8.05
CA ARG C 354 15.69 48.45 7.83
C ARG C 354 14.94 49.69 7.36
N ILE C 355 15.23 50.84 7.94
CA ILE C 355 14.53 52.07 7.59
C ILE C 355 14.83 52.46 6.15
N LYS C 356 16.09 52.32 5.71
CA LYS C 356 16.41 52.63 4.32
C LYS C 356 15.78 51.64 3.36
N LEU C 357 15.69 50.36 3.76
CA LEU C 357 15.02 49.37 2.93
C LEU C 357 13.55 49.73 2.74
N GLN C 358 12.91 50.24 3.79
CA GLN C 358 11.53 50.68 3.68
C GLN C 358 11.41 51.79 2.64
N LYS C 359 12.13 52.89 2.84
CA LYS C 359 12.08 54.01 1.91
C LYS C 359 12.36 53.57 0.49
N HIS C 360 13.30 52.64 0.31
CA HIS C 360 13.65 52.16 -1.03
C HIS C 360 12.50 51.37 -1.65
N GLU C 361 11.92 50.44 -0.88
CA GLU C 361 10.83 49.62 -1.40
C GLU C 361 9.62 50.48 -1.77
N ARG C 362 9.34 51.53 -1.00
CA ARG C 362 8.26 52.43 -1.37
C ARG C 362 8.61 53.26 -2.59
N ALA C 363 9.89 53.63 -2.72
CA ALA C 363 10.31 54.43 -3.86
C ALA C 363 10.25 53.62 -5.15
N VAL C 364 10.78 52.40 -5.13
CA VAL C 364 10.75 51.53 -6.31
C VAL C 364 9.31 51.31 -6.76
N GLU C 365 8.40 51.11 -5.81
CA GLU C 365 7.00 50.91 -6.15
C GLU C 365 6.39 52.17 -6.76
N LYS C 366 6.67 53.34 -6.18
CA LYS C 366 6.07 54.58 -6.68
C LYS C 366 6.61 54.95 -8.06
N LEU C 367 7.88 54.65 -8.33
CA LEU C 367 8.47 54.98 -9.63
C LEU C 367 8.07 54.00 -10.72
N GLY C 368 7.41 52.89 -10.39
CA GLY C 368 6.97 51.97 -11.41
C GLY C 368 5.77 52.48 -12.20
N LYS C 369 4.97 53.35 -11.57
CA LYS C 369 3.77 53.85 -12.26
C LYS C 369 4.13 54.78 -13.41
N PRO C 370 5.01 55.78 -13.26
CA PRO C 370 5.39 56.58 -14.43
C PRO C 370 6.21 55.79 -15.43
N GLN C 371 6.95 54.79 -14.98
CA GLN C 371 7.71 53.95 -15.90
C GLN C 371 6.78 53.21 -16.86
N HIS C 372 5.67 52.68 -16.34
CA HIS C 372 4.69 52.04 -17.20
C HIS C 372 4.00 53.03 -18.10
N ASP C 373 3.74 54.24 -17.60
CA ASP C 373 3.10 55.27 -18.41
C ASP C 373 4.02 55.71 -19.56
N LEU C 374 5.28 55.98 -19.25
CA LEU C 374 6.19 56.48 -20.28
C LEU C 374 6.51 55.40 -21.32
N LYS C 375 6.54 54.13 -20.91
CA LYS C 375 6.68 53.06 -21.89
C LYS C 375 5.50 53.02 -22.83
N THR C 376 4.29 53.22 -22.30
CA THR C 376 3.10 53.20 -23.15
C THR C 376 3.06 54.40 -24.07
N ILE C 377 3.53 55.56 -23.59
CA ILE C 377 3.60 56.76 -24.43
C ILE C 377 4.56 56.53 -25.59
N LEU C 378 5.74 55.96 -25.30
CA LEU C 378 6.74 55.72 -26.33
C LEU C 378 6.25 54.69 -27.35
N THR C 379 5.56 53.65 -26.88
CA THR C 379 5.04 52.63 -27.79
C THR C 379 4.00 53.19 -28.73
N LEU C 380 3.09 54.02 -28.22
CA LEU C 380 2.04 54.58 -29.07
C LEU C 380 2.60 55.62 -30.03
N ALA C 381 3.57 56.42 -29.58
CA ALA C 381 4.15 57.44 -30.44
C ALA C 381 4.86 56.85 -31.64
N LYS C 382 5.27 55.58 -31.57
CA LYS C 382 5.92 54.90 -32.67
C LYS C 382 4.95 54.00 -33.44
N ASP C 383 3.65 54.21 -33.27
CA ASP C 383 2.62 53.50 -34.03
C ASP C 383 1.97 54.50 -35.00
N PRO C 384 2.35 54.50 -36.28
CA PRO C 384 1.77 55.49 -37.21
C PRO C 384 0.27 55.36 -37.37
N ALA C 385 -0.28 54.16 -37.16
CA ALA C 385 -1.73 53.99 -37.22
C ALA C 385 -2.42 54.79 -36.12
N TYR C 386 -2.01 54.59 -34.86
CA TYR C 386 -2.60 55.33 -33.75
C TYR C 386 -2.45 56.84 -33.94
N LEU C 387 -1.36 57.29 -34.55
CA LEU C 387 -1.16 58.72 -34.76
C LEU C 387 -2.13 59.28 -35.80
N GLN C 388 -2.48 58.49 -36.82
CA GLN C 388 -3.43 58.91 -37.85
C GLN C 388 -4.82 58.32 -37.56
N LEU C 389 -5.45 58.87 -36.52
CA LEU C 389 -6.78 58.45 -36.14
C LEU C 389 -7.78 59.60 -36.24
N ASN D 24 35.38 -23.69 18.58
CA ASN D 24 34.01 -23.67 18.09
C ASN D 24 33.87 -22.98 16.73
N ILE D 25 32.63 -22.85 16.26
CA ILE D 25 32.35 -22.22 14.99
C ILE D 25 32.66 -20.73 15.08
N GLY D 26 33.65 -20.28 14.30
CA GLY D 26 34.03 -18.88 14.31
C GLY D 26 34.39 -18.34 12.94
N THR D 27 35.30 -17.38 12.92
CA THR D 27 35.65 -16.66 11.70
C THR D 27 36.16 -17.61 10.62
N GLY D 28 35.66 -17.43 9.41
CA GLY D 28 36.18 -18.14 8.25
C GLY D 28 35.81 -19.60 8.15
N ASP D 29 34.95 -20.10 9.04
CA ASP D 29 34.69 -21.54 9.07
C ASP D 29 33.72 -22.01 8.00
N ASN D 30 33.03 -21.09 7.30
CA ASN D 30 32.10 -21.48 6.25
C ASN D 30 32.54 -20.98 4.88
N VAL D 31 33.82 -20.61 4.73
CA VAL D 31 34.31 -20.14 3.45
C VAL D 31 34.12 -21.19 2.37
N LEU D 32 34.36 -22.47 2.72
CA LEU D 32 34.14 -23.55 1.78
C LEU D 32 32.69 -23.58 1.28
N HIS D 33 31.74 -23.45 2.20
CA HIS D 33 30.33 -23.50 1.81
C HIS D 33 29.87 -22.20 1.17
N ARG D 34 30.50 -21.09 1.53
CA ARG D 34 30.18 -19.81 0.90
C ARG D 34 30.60 -19.83 -0.58
N ALA D 35 31.82 -20.30 -0.84
CA ALA D 35 32.30 -20.32 -2.22
C ALA D 35 31.45 -21.23 -3.09
N ALA D 36 30.87 -22.29 -2.52
CA ALA D 36 30.00 -23.16 -3.29
C ALA D 36 28.68 -22.48 -3.61
N LEU D 37 28.00 -21.94 -2.60
CA LEU D 37 26.72 -21.30 -2.83
C LEU D 37 26.85 -20.03 -3.66
N CYS D 38 27.95 -19.30 -3.53
CA CYS D 38 28.13 -18.12 -4.37
C CYS D 38 28.32 -18.51 -5.84
N GLY D 39 28.89 -19.68 -6.10
CA GLY D 39 29.01 -20.13 -7.47
C GLY D 39 27.66 -20.37 -8.11
N ILE D 40 26.62 -20.60 -7.30
CA ILE D 40 25.26 -20.62 -7.81
C ILE D 40 24.76 -19.19 -8.03
N ILE D 41 24.92 -18.33 -7.01
CA ILE D 41 24.32 -17.00 -7.04
C ILE D 41 24.82 -16.20 -8.23
N GLU D 42 26.10 -16.34 -8.58
CA GLU D 42 26.69 -15.51 -9.63
C GLU D 42 26.12 -15.84 -11.01
N LEU D 43 25.45 -16.99 -11.17
CA LEU D 43 24.82 -17.33 -12.44
C LEU D 43 23.51 -16.58 -12.67
N ALA D 44 22.91 -16.03 -11.64
CA ALA D 44 21.57 -15.45 -11.74
C ALA D 44 21.64 -14.10 -12.42
N GLY D 45 20.55 -13.32 -12.32
CA GLY D 45 20.44 -12.12 -13.12
C GLY D 45 20.42 -12.49 -14.59
N LYS D 46 21.12 -11.70 -15.40
CA LYS D 46 21.37 -12.03 -16.78
C LYS D 46 22.85 -12.28 -17.04
N ARG D 47 23.57 -12.72 -16.00
CA ARG D 47 25.01 -12.92 -16.05
C ARG D 47 25.41 -14.21 -16.74
N ALA D 48 24.52 -15.21 -16.80
CA ALA D 48 24.79 -16.47 -17.49
C ALA D 48 24.46 -16.30 -18.97
N LYS D 49 25.49 -16.36 -19.82
CA LYS D 49 25.37 -16.05 -21.24
C LYS D 49 25.42 -17.34 -22.08
N LEU D 50 24.61 -17.38 -23.15
CA LEU D 50 24.61 -18.53 -24.04
C LEU D 50 25.91 -18.63 -24.82
N GLU D 51 26.29 -17.55 -25.51
CA GLU D 51 27.57 -17.44 -26.23
C GLU D 51 27.74 -18.50 -27.31
N THR D 52 26.69 -19.20 -27.71
CA THR D 52 26.77 -20.14 -28.82
C THR D 52 26.57 -19.38 -30.13
N ALA D 53 26.24 -20.09 -31.21
CA ALA D 53 26.16 -19.49 -32.53
C ALA D 53 24.74 -19.31 -33.04
N LEU D 54 23.81 -20.21 -32.69
CA LEU D 54 22.49 -20.27 -33.28
C LEU D 54 22.61 -20.31 -34.80
N PRO D 55 23.01 -21.44 -35.39
CA PRO D 55 23.00 -21.54 -36.86
C PRO D 55 21.60 -21.36 -37.42
N ASN D 56 21.44 -20.34 -38.26
CA ASN D 56 20.23 -20.08 -39.01
C ASN D 56 20.55 -20.06 -40.49
N PHE D 57 19.84 -20.88 -41.27
CA PHE D 57 20.06 -20.94 -42.70
C PHE D 57 18.80 -20.61 -43.52
N GLN D 58 17.69 -20.27 -42.87
CA GLN D 58 16.49 -19.93 -43.62
C GLN D 58 16.68 -18.67 -44.45
N ASN D 59 17.60 -17.78 -44.02
CA ASN D 59 17.94 -16.62 -44.84
C ASN D 59 18.60 -17.04 -46.15
N GLU D 60 19.50 -18.03 -46.09
CA GLU D 60 20.10 -18.54 -47.31
C GLU D 60 19.04 -19.23 -48.18
N LEU D 61 18.13 -19.99 -47.57
CA LEU D 61 17.16 -20.75 -48.33
C LEU D 61 16.22 -19.83 -49.09
N ASN D 62 15.69 -18.80 -48.41
CA ASN D 62 14.80 -17.85 -49.06
C ASN D 62 15.51 -17.10 -50.18
N SER D 63 16.78 -16.73 -49.96
CA SER D 63 17.56 -16.04 -50.99
C SER D 63 17.84 -16.97 -52.17
N ILE D 64 18.09 -18.25 -51.90
CA ILE D 64 18.33 -19.20 -52.99
C ILE D 64 17.02 -19.52 -53.72
N LEU D 65 15.90 -19.59 -52.98
CA LEU D 65 14.62 -19.82 -53.62
C LEU D 65 14.26 -18.66 -54.54
N GLU D 66 14.57 -17.43 -54.12
CA GLU D 66 14.40 -16.29 -55.01
C GLU D 66 15.33 -16.39 -56.21
N LEU D 67 16.53 -16.94 -56.00
CA LEU D 67 17.47 -17.15 -57.10
C LEU D 67 17.05 -18.31 -57.99
N ASN D 68 16.20 -19.23 -57.49
CA ASN D 68 15.58 -20.20 -58.38
C ASN D 68 14.67 -19.50 -59.39
N MET D 69 13.86 -18.55 -58.92
CA MET D 69 13.21 -17.59 -59.80
C MET D 69 14.27 -16.63 -60.31
N THR D 70 13.86 -15.47 -60.86
CA THR D 70 14.71 -14.58 -61.68
C THR D 70 15.71 -15.33 -62.58
N ALA D 71 15.58 -16.66 -62.67
CA ALA D 71 16.43 -17.51 -63.50
C ALA D 71 15.59 -18.56 -64.22
N ALA D 72 14.27 -18.39 -64.25
CA ALA D 72 13.37 -19.36 -64.84
C ALA D 72 12.71 -18.78 -66.09
N GLU D 73 12.18 -19.68 -66.91
CA GLU D 73 11.53 -19.30 -68.17
C GLU D 73 10.30 -18.43 -67.92
N THR D 108 3.03 -21.20 -52.17
CA THR D 108 3.19 -20.30 -51.05
C THR D 108 4.65 -19.85 -50.92
N ALA D 109 5.56 -20.80 -50.68
CA ALA D 109 6.98 -20.48 -50.68
C ALA D 109 7.45 -20.06 -52.07
N TRP D 110 6.90 -20.69 -53.11
CA TRP D 110 7.16 -20.25 -54.48
C TRP D 110 6.65 -18.84 -54.73
N ALA D 111 5.66 -18.38 -53.96
CA ALA D 111 5.06 -17.07 -54.17
C ALA D 111 5.82 -15.96 -53.46
N LYS D 112 6.37 -16.24 -52.27
CA LYS D 112 7.17 -15.25 -51.57
C LYS D 112 8.40 -14.84 -52.38
N ALA D 113 8.97 -15.78 -53.13
CA ALA D 113 10.14 -15.47 -53.94
C ALA D 113 9.76 -14.64 -55.17
N ALA D 114 8.59 -14.91 -55.75
CA ALA D 114 8.19 -14.24 -56.98
C ALA D 114 7.58 -12.86 -56.72
N LEU D 115 7.02 -12.64 -55.52
CA LEU D 115 6.39 -11.36 -55.18
C LEU D 115 7.25 -10.15 -55.50
N PRO D 116 8.51 -10.04 -55.05
CA PRO D 116 9.30 -8.87 -55.45
C PRO D 116 9.68 -8.90 -56.92
N LEU D 117 10.00 -10.08 -57.45
CA LEU D 117 10.43 -10.19 -58.84
C LEU D 117 9.36 -9.71 -59.82
N LEU D 118 8.11 -9.57 -59.37
CA LEU D 118 7.03 -9.19 -60.28
C LEU D 118 7.28 -7.84 -60.92
N ASN D 119 7.69 -6.84 -60.12
CA ASN D 119 7.91 -5.47 -60.57
C ASN D 119 8.72 -5.39 -61.87
N THR D 122 12.30 -4.39 -60.09
CA THR D 122 12.93 -5.27 -59.11
C THR D 122 13.07 -6.68 -59.69
N HIS D 123 13.20 -6.75 -61.01
CA HIS D 123 13.54 -7.98 -61.71
C HIS D 123 14.81 -7.83 -62.52
N GLN D 124 14.92 -6.74 -63.30
CA GLN D 124 16.18 -6.44 -63.98
C GLN D 124 17.32 -6.28 -62.98
N ALA D 125 17.04 -5.63 -61.85
CA ALA D 125 18.06 -5.47 -60.81
C ALA D 125 18.41 -6.81 -60.17
N LYS D 126 17.40 -7.62 -59.84
CA LYS D 126 17.66 -8.96 -59.32
C LYS D 126 18.36 -9.82 -60.37
N LEU D 127 18.10 -9.58 -61.65
CA LEU D 127 18.87 -10.21 -62.71
C LEU D 127 20.34 -9.83 -62.61
N LYS D 128 20.62 -8.54 -62.38
CA LYS D 128 22.00 -8.06 -62.32
C LYS D 128 22.67 -8.47 -61.01
N GLU D 129 21.97 -8.33 -59.88
CA GLU D 129 22.58 -8.64 -58.60
C GLU D 129 22.87 -10.13 -58.46
N TYR D 130 22.06 -10.99 -59.08
CA TYR D 130 22.32 -12.42 -59.08
C TYR D 130 23.17 -12.86 -60.27
N LYS D 131 23.65 -11.91 -61.07
CA LYS D 131 24.66 -12.13 -62.09
C LYS D 131 24.17 -13.00 -63.25
N LEU D 132 22.87 -12.95 -63.54
CA LEU D 132 22.31 -13.68 -64.67
C LEU D 132 21.58 -12.74 -65.63
N ALA D 133 22.03 -11.49 -65.70
CA ALA D 133 21.51 -10.51 -66.63
C ALA D 133 22.46 -10.34 -67.81
N GLY D 134 21.92 -9.87 -68.92
CA GLY D 134 22.70 -9.72 -70.14
C GLY D 134 23.33 -11.03 -70.58
N LEU D 135 22.50 -12.04 -70.83
CA LEU D 135 22.98 -13.37 -71.17
C LEU D 135 22.37 -13.82 -72.49
N GLN D 136 23.21 -14.24 -73.41
CA GLN D 136 22.74 -14.93 -74.59
C GLN D 136 21.95 -16.16 -74.16
N PRO D 137 20.84 -16.47 -74.82
CA PRO D 137 19.96 -17.56 -74.34
C PRO D 137 20.67 -18.88 -74.04
N GLU D 138 21.75 -19.20 -74.74
CA GLU D 138 22.46 -20.45 -74.49
C GLU D 138 23.08 -20.47 -73.09
N LYS D 139 23.66 -19.35 -72.67
CA LYS D 139 24.30 -19.27 -71.37
C LYS D 139 23.27 -19.36 -70.24
N LEU D 140 22.11 -18.73 -70.42
CA LEU D 140 21.06 -18.82 -69.42
C LEU D 140 20.57 -20.26 -69.26
N GLU D 141 20.44 -20.97 -70.37
CA GLU D 141 20.02 -22.37 -70.34
C GLU D 141 21.11 -23.24 -69.73
N ALA D 143 22.88 -22.38 -67.11
CA ALA D 143 22.79 -21.70 -65.82
C ALA D 143 21.48 -22.02 -65.12
N ARG D 144 20.38 -21.99 -65.87
CA ARG D 144 19.09 -22.40 -65.31
C ARG D 144 19.13 -23.86 -64.89
N ASN D 145 19.75 -24.71 -65.70
CA ASN D 145 19.87 -26.13 -65.34
C ASN D 145 20.67 -26.29 -64.05
N THR D 146 21.72 -25.49 -63.87
CA THR D 146 22.53 -25.59 -62.67
C THR D 146 21.79 -25.08 -61.44
N ILE D 147 21.06 -23.98 -61.58
CA ILE D 147 20.42 -23.35 -60.41
C ILE D 147 19.28 -24.22 -59.89
N ARG D 148 18.40 -24.70 -60.78
CA ARG D 148 17.31 -25.56 -60.36
C ARG D 148 17.82 -26.85 -59.74
N ARG D 149 18.93 -27.38 -60.24
CA ARG D 149 19.55 -28.56 -59.65
C ARG D 149 19.99 -28.27 -58.22
N LEU D 150 20.82 -27.23 -58.04
CA LEU D 150 21.34 -26.91 -56.71
C LEU D 150 20.22 -26.54 -55.74
N THR D 151 19.19 -25.83 -56.22
CA THR D 151 18.07 -25.49 -55.36
C THR D 151 17.41 -26.74 -54.79
N ALA D 152 17.30 -27.79 -55.60
CA ALA D 152 16.72 -29.04 -55.11
C ALA D 152 17.60 -29.68 -54.06
N GLU D 153 18.92 -29.63 -54.25
CA GLU D 153 19.84 -30.18 -53.26
C GLU D 153 19.76 -29.39 -51.96
N ALA D 154 19.66 -28.06 -52.06
CA ALA D 154 19.50 -27.23 -50.87
C ALA D 154 18.22 -27.56 -50.13
N VAL D 155 17.11 -27.70 -50.87
CA VAL D 155 15.84 -28.12 -50.27
C VAL D 155 16.06 -29.43 -49.50
N ALA D 156 16.43 -30.49 -50.22
CA ALA D 156 16.63 -31.80 -49.59
C ALA D 156 17.49 -31.73 -48.32
N LYS D 157 18.56 -30.94 -48.36
CA LYS D 157 19.42 -30.82 -47.18
C LYS D 157 18.67 -30.16 -46.02
N ALA D 158 17.92 -29.10 -46.29
CA ALA D 158 17.14 -28.45 -45.25
C ALA D 158 15.87 -29.23 -44.88
N GLN D 159 15.41 -30.12 -45.75
CA GLN D 159 14.26 -30.97 -45.45
C GLN D 159 14.65 -32.25 -44.73
N ASP D 160 15.94 -32.48 -44.53
CA ASP D 160 16.43 -33.61 -43.73
C ASP D 160 15.64 -33.66 -42.43
N PRO D 161 15.06 -34.82 -42.08
CA PRO D 161 14.28 -34.90 -40.84
C PRO D 161 15.06 -34.48 -39.61
N THR D 162 16.39 -34.65 -39.62
CA THR D 162 17.21 -34.29 -38.47
C THR D 162 17.09 -32.82 -38.13
N VAL D 163 16.86 -31.97 -39.14
CA VAL D 163 16.81 -30.53 -38.92
C VAL D 163 15.71 -30.18 -37.92
N ALA D 164 14.50 -30.70 -38.15
CA ALA D 164 13.38 -30.38 -37.26
C ALA D 164 13.59 -30.93 -35.86
N GLU D 165 14.15 -32.14 -35.76
CA GLU D 165 14.42 -32.73 -34.44
C GLU D 165 15.39 -31.87 -33.64
N SER D 166 16.53 -31.54 -34.24
CA SER D 166 17.52 -30.73 -33.53
C SER D 166 17.10 -29.27 -33.41
N THR D 167 16.24 -28.77 -34.29
CA THR D 167 15.68 -27.43 -34.12
C THR D 167 14.77 -27.37 -32.89
N ALA D 168 14.10 -28.48 -32.56
CA ALA D 168 13.24 -28.53 -31.40
C ALA D 168 14.01 -28.74 -30.09
N ASP D 169 15.30 -29.05 -30.16
CA ASP D 169 16.14 -29.17 -28.98
C ASP D 169 16.99 -27.92 -28.73
N LEU D 170 16.62 -26.80 -29.33
CA LEU D 170 17.32 -25.53 -29.16
C LEU D 170 16.56 -24.65 -28.18
N THR D 171 17.29 -24.04 -27.25
CA THR D 171 16.72 -23.15 -26.27
C THR D 171 17.19 -21.73 -26.56
N THR D 172 16.86 -20.81 -25.64
CA THR D 172 17.38 -19.45 -25.72
C THR D 172 17.97 -19.06 -24.38
N GLU D 173 18.88 -18.09 -24.43
CA GLU D 173 19.54 -17.59 -23.22
C GLU D 173 18.51 -17.17 -22.18
N GLU D 174 17.47 -16.48 -22.61
CA GLU D 174 16.50 -15.91 -21.70
C GLU D 174 15.70 -16.99 -20.97
N ASP D 175 15.28 -18.05 -21.69
CA ASP D 175 14.56 -19.14 -21.05
C ASP D 175 15.44 -19.83 -20.00
N LEU D 176 16.73 -19.94 -20.28
CA LEU D 176 17.66 -20.50 -19.30
C LEU D 176 17.87 -19.54 -18.13
N GLN D 177 18.01 -18.26 -18.42
CA GLN D 177 18.22 -17.27 -17.36
C GLN D 177 17.05 -17.24 -16.39
N LYS D 178 15.82 -17.40 -16.90
CA LYS D 178 14.67 -17.41 -16.00
C LYS D 178 14.70 -18.61 -15.08
N GLN D 179 15.09 -19.78 -15.60
CA GLN D 179 15.13 -20.98 -14.76
C GLN D 179 16.19 -20.86 -13.68
N ILE D 180 17.34 -20.27 -14.01
CA ILE D 180 18.39 -20.07 -13.02
C ILE D 180 17.91 -19.17 -11.89
N ASN D 181 17.23 -18.06 -12.25
CA ASN D 181 16.72 -17.17 -11.22
C ASN D 181 15.66 -17.85 -10.36
N GLN D 182 14.85 -18.72 -10.97
CA GLN D 182 13.89 -19.50 -10.19
C GLN D 182 14.60 -20.41 -9.21
N ALA D 183 15.73 -20.99 -9.63
CA ALA D 183 16.48 -21.85 -8.71
C ALA D 183 17.06 -21.02 -7.57
N VAL D 184 17.50 -19.81 -7.85
CA VAL D 184 18.12 -18.97 -6.83
C VAL D 184 17.09 -18.21 -6.00
N TYR D 185 16.05 -17.68 -6.64
CA TYR D 185 15.17 -16.72 -5.98
C TYR D 185 13.69 -17.08 -6.00
N SER D 186 13.31 -18.17 -6.66
CA SER D 186 11.90 -18.50 -6.89
C SER D 186 11.19 -17.39 -7.66
N LYS D 187 11.95 -16.65 -8.48
CA LYS D 187 11.41 -15.58 -9.30
C LYS D 187 11.98 -15.72 -10.70
N ASP D 188 11.35 -15.03 -11.66
CA ASP D 188 11.83 -15.07 -13.04
C ASP D 188 12.98 -14.10 -13.28
N THR D 189 13.04 -13.02 -12.50
CA THR D 189 14.11 -12.04 -12.58
C THR D 189 14.78 -11.91 -11.22
N GLU D 190 15.99 -11.36 -11.23
CA GLU D 190 16.74 -11.21 -9.99
C GLU D 190 16.23 -10.01 -9.21
N PRO D 191 15.94 -10.15 -7.92
CA PRO D 191 15.45 -9.02 -7.14
C PRO D 191 16.49 -7.91 -7.07
N ASP D 192 16.01 -6.68 -6.93
CA ASP D 192 16.90 -5.53 -6.78
C ASP D 192 17.57 -5.55 -5.41
N ASP D 193 18.41 -4.55 -5.15
CA ASP D 193 19.17 -4.49 -3.91
C ASP D 193 18.29 -4.30 -2.68
N ASP D 194 17.07 -3.79 -2.85
CA ASP D 194 16.11 -3.75 -1.76
C ASP D 194 15.23 -5.00 -1.70
N PHE D 195 15.34 -5.90 -2.68
CA PHE D 195 14.54 -7.13 -2.73
C PHE D 195 13.04 -6.82 -2.77
N ASN D 196 12.66 -5.88 -3.62
CA ASN D 196 11.25 -5.58 -3.83
C ASN D 196 10.51 -6.79 -4.42
N GLY D 197 9.34 -7.08 -3.86
CA GLY D 197 8.57 -8.23 -4.28
C GLY D 197 9.06 -9.55 -3.74
N TYR D 198 10.19 -9.59 -3.05
CA TYR D 198 10.75 -10.82 -2.51
C TYR D 198 10.45 -10.94 -1.03
N THR D 199 10.00 -12.12 -0.60
CA THR D 199 9.79 -12.44 0.80
C THR D 199 10.63 -13.67 1.13
N ALA D 200 11.66 -13.47 1.95
CA ALA D 200 12.57 -14.55 2.30
C ALA D 200 11.82 -15.74 2.93
N PHE D 201 12.31 -16.94 2.63
CA PHE D 201 11.77 -18.18 3.20
C PHE D 201 10.27 -18.34 2.92
N GLU D 202 9.82 -17.76 1.81
CA GLU D 202 8.41 -17.76 1.42
C GLU D 202 7.50 -17.28 2.54
N GLY D 203 8.04 -16.49 3.47
CA GLY D 203 7.25 -15.99 4.58
C GLY D 203 6.85 -17.03 5.59
N LYS D 204 7.47 -18.20 5.57
CA LYS D 204 7.17 -19.25 6.53
C LYS D 204 8.11 -19.25 7.73
N ALA D 205 9.01 -18.27 7.83
CA ALA D 205 9.94 -18.22 8.94
C ALA D 205 9.22 -18.02 10.26
N SER D 206 9.73 -18.64 11.33
CA SER D 206 9.03 -18.59 12.60
C SER D 206 10.00 -18.80 13.75
N THR D 207 9.56 -18.39 14.94
CA THR D 207 10.13 -18.81 16.22
C THR D 207 11.58 -18.38 16.41
N ASN D 208 12.51 -18.95 15.65
CA ASN D 208 13.94 -18.67 15.85
C ASN D 208 14.72 -19.14 14.63
N ARG D 209 16.04 -18.97 14.69
CA ARG D 209 16.90 -19.32 13.57
C ARG D 209 16.87 -20.83 13.28
N GLN D 210 16.89 -21.66 14.32
CA GLN D 210 16.93 -23.10 14.08
C GLN D 210 15.63 -23.60 13.45
N THR D 211 14.50 -22.98 13.79
CA THR D 211 13.25 -23.36 13.13
C THR D 211 13.29 -23.00 11.64
N ILE D 212 13.90 -21.87 11.30
CA ILE D 212 13.97 -21.46 9.90
C ILE D 212 15.02 -22.26 9.14
N CYS D 213 16.19 -22.47 9.75
CA CYS D 213 17.34 -22.97 9.02
C CYS D 213 17.51 -24.48 9.09
N GLY D 214 17.04 -25.13 10.16
CA GLY D 214 17.00 -26.58 10.22
C GLY D 214 17.80 -27.13 11.39
N SER D 215 17.75 -28.44 11.52
CA SER D 215 18.39 -29.16 12.62
C SER D 215 18.82 -30.54 12.12
N ALA D 216 19.07 -31.45 13.04
CA ALA D 216 19.31 -32.84 12.65
C ALA D 216 18.03 -33.63 12.45
N VAL D 217 16.88 -33.09 12.86
CA VAL D 217 15.62 -33.83 12.80
C VAL D 217 14.56 -33.17 11.91
N ALA D 218 14.75 -31.91 11.49
CA ALA D 218 13.72 -31.21 10.75
C ALA D 218 14.34 -30.37 9.65
N GLY D 219 13.62 -30.26 8.53
CA GLY D 219 14.09 -29.49 7.41
C GLY D 219 13.95 -27.99 7.59
N SER D 220 14.51 -27.26 6.64
CA SER D 220 14.52 -25.80 6.66
C SER D 220 13.32 -25.23 5.91
N LYS D 221 13.13 -23.93 6.06
CA LYS D 221 12.14 -23.18 5.29
C LYS D 221 12.75 -22.53 4.06
N ALA D 222 14.01 -22.83 3.74
CA ALA D 222 14.72 -22.23 2.61
C ALA D 222 14.49 -23.10 1.37
N THR D 223 13.59 -22.65 0.50
CA THR D 223 13.27 -23.41 -0.70
C THR D 223 14.12 -23.02 -1.90
N ASN D 224 15.09 -22.12 -1.75
CA ASN D 224 15.92 -21.70 -2.87
C ASN D 224 17.36 -21.52 -2.40
N ALA D 225 18.24 -21.22 -3.35
CA ALA D 225 19.67 -21.12 -3.04
C ALA D 225 19.98 -19.85 -2.25
N MET D 226 19.29 -18.76 -2.56
CA MET D 226 19.55 -17.49 -1.88
C MET D 226 19.27 -17.61 -0.39
N ASP D 227 18.09 -18.12 -0.03
CA ASP D 227 17.75 -18.25 1.39
C ASP D 227 18.63 -19.29 2.06
N ALA D 228 19.03 -20.36 1.36
CA ALA D 228 20.02 -21.28 1.90
C ALA D 228 21.32 -20.55 2.22
N LEU D 229 21.81 -19.73 1.28
CA LEU D 229 22.99 -18.92 1.53
C LEU D 229 22.84 -18.06 2.79
N PHE D 230 21.66 -17.45 2.96
CA PHE D 230 21.43 -16.61 4.14
C PHE D 230 21.56 -17.43 5.43
N CYS D 231 20.92 -18.60 5.48
CA CYS D 231 21.02 -19.44 6.67
C CYS D 231 22.46 -19.84 6.96
N VAL D 232 23.29 -19.97 5.92
CA VAL D 232 24.66 -20.43 6.13
C VAL D 232 25.57 -19.25 6.47
N CYS D 233 25.26 -18.04 5.98
CA CYS D 233 26.21 -16.95 6.05
C CYS D 233 25.74 -15.70 6.78
N ALA D 234 24.49 -15.61 7.20
CA ALA D 234 24.01 -14.38 7.84
C ALA D 234 24.38 -14.33 9.31
N ASP D 235 24.85 -13.17 9.75
CA ASP D 235 24.98 -12.93 11.19
C ASP D 235 23.62 -12.58 11.78
N ASP D 236 23.55 -12.55 13.11
CA ASP D 236 22.35 -12.10 13.80
C ASP D 236 22.80 -11.21 14.96
N ARG D 237 21.87 -10.92 15.86
CA ARG D 237 22.17 -10.06 16.99
C ARG D 237 22.80 -10.81 18.16
N THR D 238 23.17 -12.07 17.97
CA THR D 238 23.74 -12.88 19.03
C THR D 238 25.11 -13.43 18.69
N ASN D 239 25.33 -13.86 17.45
CA ASN D 239 26.57 -14.48 17.03
C ASN D 239 27.47 -13.51 16.27
N GLY D 240 27.18 -12.20 16.35
CA GLY D 240 27.92 -11.22 15.58
C GLY D 240 29.42 -11.27 15.77
N ALA D 241 29.87 -11.53 16.99
CA ALA D 241 31.30 -11.55 17.30
C ALA D 241 31.92 -12.93 17.17
N ASP D 242 31.11 -13.99 17.07
CA ASP D 242 31.65 -15.34 17.04
C ASP D 242 31.32 -16.04 15.73
N ALA D 243 30.19 -16.73 15.67
CA ALA D 243 29.87 -17.56 14.52
C ALA D 243 29.38 -16.74 13.33
N GLY D 244 28.84 -15.55 13.58
CA GLY D 244 28.30 -14.73 12.51
C GLY D 244 29.34 -14.26 11.51
N LYS D 245 30.63 -14.53 11.76
CA LYS D 245 31.71 -14.21 10.85
C LYS D 245 32.22 -15.44 10.10
N ALA D 246 31.45 -16.53 10.11
CA ALA D 246 31.90 -17.78 9.49
C ALA D 246 32.11 -17.65 7.99
N CYS D 247 31.45 -16.71 7.32
CA CYS D 247 31.61 -16.51 5.88
C CYS D 247 32.45 -15.30 5.51
N VAL D 248 32.98 -14.58 6.49
CA VAL D 248 33.68 -13.33 6.20
C VAL D 248 35.07 -13.37 6.83
N ALA D 249 35.75 -12.22 6.80
CA ALA D 249 37.10 -12.13 7.33
C ALA D 249 37.08 -11.30 8.59
N GLY D 250 37.18 -9.97 8.51
CA GLY D 250 37.33 -9.17 9.72
C GLY D 250 36.07 -8.52 10.24
N THR D 251 35.14 -8.21 9.35
CA THR D 251 33.91 -7.51 9.70
C THR D 251 32.71 -8.38 9.38
N ALA D 252 31.80 -8.52 10.35
CA ALA D 252 30.61 -9.32 10.15
C ALA D 252 29.71 -8.69 9.09
N PRO D 253 28.83 -9.49 8.46
CA PRO D 253 27.91 -8.90 7.47
C PRO D 253 27.08 -7.75 8.01
N GLY D 254 26.64 -7.82 9.27
CA GLY D 254 25.90 -6.73 9.86
C GLY D 254 24.42 -6.69 9.54
N THR D 255 23.77 -7.85 9.50
CA THR D 255 22.35 -7.87 9.15
C THR D 255 21.49 -7.22 10.22
N GLY D 256 21.87 -7.39 11.49
CA GLY D 256 20.97 -7.02 12.57
C GLY D 256 19.79 -7.96 12.71
N TRP D 257 19.84 -9.13 12.08
CA TRP D 257 18.73 -10.07 12.10
C TRP D 257 18.44 -10.55 13.52
N ASN D 258 17.15 -10.53 13.89
CA ASN D 258 16.70 -10.97 15.22
C ASN D 258 15.56 -11.96 15.04
N PRO D 259 15.88 -13.21 14.65
CA PRO D 259 14.83 -14.17 14.32
C PRO D 259 13.89 -14.48 15.47
N GLY D 260 14.39 -14.43 16.71
CA GLY D 260 13.53 -14.71 17.85
C GLY D 260 12.43 -13.67 18.03
N VAL D 261 12.66 -12.47 17.52
CA VAL D 261 11.70 -11.38 17.60
C VAL D 261 11.01 -11.12 16.27
N THR D 262 11.79 -10.97 15.20
CA THR D 262 11.26 -10.69 13.86
C THR D 262 11.88 -11.73 12.92
N ALA D 263 11.13 -12.79 12.64
CA ALA D 263 11.70 -13.96 11.95
C ALA D 263 12.18 -13.60 10.55
N THR D 264 11.29 -13.08 9.72
CA THR D 264 11.61 -12.81 8.33
C THR D 264 12.65 -11.70 8.23
N PRO D 265 13.82 -11.94 7.65
CA PRO D 265 14.77 -10.84 7.45
C PRO D 265 14.31 -9.90 6.35
N THR D 266 14.73 -8.63 6.46
CA THR D 266 14.37 -7.65 5.45
C THR D 266 15.29 -7.76 4.23
N GLY D 267 14.91 -7.05 3.17
CA GLY D 267 15.75 -7.02 1.98
C GLY D 267 17.10 -6.40 2.22
N THR D 268 17.20 -5.48 3.18
CA THR D 268 18.48 -4.88 3.53
C THR D 268 19.43 -5.93 4.09
N MET D 269 18.88 -6.88 4.84
CA MET D 269 19.70 -7.92 5.44
C MET D 269 20.15 -8.95 4.40
N LEU D 270 19.25 -9.30 3.47
CA LEU D 270 19.61 -10.27 2.43
C LEU D 270 20.68 -9.71 1.51
N GLN D 271 20.70 -8.40 1.30
CA GLN D 271 21.70 -7.84 0.40
C GLN D 271 23.09 -7.81 1.03
N LYS D 272 23.17 -7.63 2.35
CA LYS D 272 24.47 -7.68 3.02
C LYS D 272 25.12 -9.04 2.92
N VAL D 273 24.35 -10.08 2.62
CA VAL D 273 24.88 -11.41 2.38
C VAL D 273 25.09 -11.67 0.89
N ARG D 274 24.17 -11.19 0.04
CA ARG D 274 24.31 -11.40 -1.40
C ARG D 274 25.57 -10.72 -1.94
N LYS D 275 25.96 -9.58 -1.37
CA LYS D 275 27.16 -8.88 -1.84
C LYS D 275 28.44 -9.66 -1.54
N LEU D 276 28.37 -10.74 -0.78
CA LEU D 276 29.52 -11.62 -0.61
C LEU D 276 29.83 -12.40 -1.89
N CYS D 277 28.87 -12.52 -2.80
CA CYS D 277 29.06 -13.21 -4.05
C CYS D 277 29.32 -12.21 -5.19
N ASN D 278 29.94 -12.72 -6.26
CA ASN D 278 30.28 -11.91 -7.43
C ASN D 278 29.05 -11.72 -8.30
N THR D 279 28.42 -10.55 -8.18
CA THR D 279 27.33 -10.14 -9.06
C THR D 279 27.80 -9.13 -10.10
N HIS D 280 29.11 -8.96 -10.27
CA HIS D 280 29.66 -7.88 -11.07
C HIS D 280 30.33 -8.39 -12.34
N GLY D 281 30.02 -9.61 -12.77
CA GLY D 281 30.65 -10.17 -13.94
C GLY D 281 29.74 -11.03 -14.78
N LYS D 282 30.33 -11.96 -15.53
CA LYS D 282 29.58 -12.84 -16.41
C LYS D 282 30.10 -14.26 -16.27
N THR D 283 29.32 -15.21 -16.78
CA THR D 283 29.71 -16.61 -16.81
C THR D 283 29.19 -17.24 -18.10
N THR D 284 30.09 -17.88 -18.83
CA THR D 284 29.70 -18.59 -20.04
C THR D 284 28.96 -19.87 -19.67
N LEU D 285 27.70 -19.97 -20.09
CA LEU D 285 26.89 -21.16 -19.80
C LEU D 285 27.45 -22.37 -20.53
N SER D 286 27.86 -23.39 -19.77
CA SER D 286 28.17 -24.71 -20.30
C SER D 286 27.56 -25.74 -19.37
N ALA D 287 27.08 -26.84 -19.95
CA ALA D 287 26.55 -27.93 -19.13
C ALA D 287 27.57 -28.40 -18.10
N ALA D 288 28.84 -28.48 -18.51
CA ALA D 288 29.89 -28.85 -17.57
C ALA D 288 30.01 -27.82 -16.45
N ALA D 289 29.79 -26.54 -16.75
CA ALA D 289 29.87 -25.51 -15.71
C ALA D 289 28.78 -25.70 -14.66
N ILE D 290 27.58 -26.08 -15.09
CA ILE D 290 26.46 -26.27 -14.16
C ILE D 290 26.70 -27.50 -13.29
N GLU D 291 27.21 -28.59 -13.87
CA GLU D 291 27.38 -29.83 -13.11
C GLU D 291 28.40 -29.66 -11.99
N GLY D 292 29.55 -29.04 -12.30
CA GLY D 292 30.57 -28.84 -11.27
C GLY D 292 30.09 -27.98 -10.13
N ARG D 293 29.32 -26.93 -10.43
CA ARG D 293 28.77 -26.08 -9.38
C ARG D 293 27.72 -26.82 -8.56
N LEU D 294 26.87 -27.60 -9.23
CA LEU D 294 25.89 -28.39 -8.49
C LEU D 294 26.55 -29.49 -7.70
N THR D 295 27.57 -30.15 -8.27
CA THR D 295 28.30 -31.17 -7.53
C THR D 295 29.04 -30.57 -6.34
N ALA D 296 29.53 -29.33 -6.48
CA ALA D 296 30.24 -28.67 -5.39
C ALA D 296 29.32 -28.44 -4.19
N VAL D 297 28.04 -28.21 -4.42
CA VAL D 297 27.11 -28.05 -3.31
C VAL D 297 26.61 -29.40 -2.83
N GLY D 298 26.34 -30.32 -3.76
CA GLY D 298 25.74 -31.60 -3.40
C GLY D 298 26.63 -32.45 -2.51
N ASN D 299 27.92 -32.49 -2.79
CA ASN D 299 28.82 -33.31 -1.98
C ASN D 299 29.28 -32.61 -0.71
N LEU D 300 28.95 -31.32 -0.54
CA LEU D 300 29.17 -30.68 0.74
C LEU D 300 28.04 -30.97 1.71
N LEU D 301 26.91 -31.47 1.23
CA LEU D 301 25.85 -31.94 2.11
C LEU D 301 26.34 -33.11 2.96
N THR D 302 26.41 -32.90 4.27
CA THR D 302 26.79 -33.96 5.21
C THR D 302 25.56 -34.80 5.50
N ARG D 303 25.55 -36.02 4.97
CA ARG D 303 24.38 -36.89 5.06
C ARG D 303 24.28 -37.52 6.43
N GLY D 304 23.13 -37.35 7.08
CA GLY D 304 22.83 -37.94 8.37
C GLY D 304 21.63 -38.87 8.31
N SER D 305 21.13 -39.27 9.48
CA SER D 305 19.99 -40.18 9.53
C SER D 305 18.71 -39.52 9.04
N ALA D 306 18.38 -38.34 9.59
CA ALA D 306 17.11 -37.67 9.26
C ALA D 306 17.28 -36.53 8.28
N THR D 307 18.35 -35.74 8.41
CA THR D 307 18.60 -34.61 7.53
C THR D 307 20.03 -34.66 7.02
N SER D 308 20.29 -33.82 6.01
CA SER D 308 21.63 -33.57 5.51
C SER D 308 21.94 -32.10 5.72
N ILE D 309 23.14 -31.81 6.23
CA ILE D 309 23.51 -30.48 6.69
C ILE D 309 24.49 -29.85 5.70
N LEU D 310 24.27 -28.57 5.39
CA LEU D 310 25.20 -27.79 4.59
C LEU D 310 25.70 -26.63 5.44
N GLY D 311 26.99 -26.61 5.71
CA GLY D 311 27.63 -25.63 6.57
C GLY D 311 28.18 -26.26 7.84
N SER D 312 29.04 -25.50 8.52
CA SER D 312 29.60 -25.96 9.79
C SER D 312 28.50 -26.29 10.79
N PHE D 313 28.64 -27.45 11.43
CA PHE D 313 27.67 -27.99 12.38
C PHE D 313 28.45 -28.71 13.47
N LEU D 314 28.13 -28.39 14.73
CA LEU D 314 28.85 -28.99 15.85
C LEU D 314 27.94 -29.79 16.77
N ALA D 315 26.78 -29.26 17.16
CA ALA D 315 26.01 -29.94 18.19
C ALA D 315 24.63 -30.37 17.72
N THR D 316 23.65 -29.47 17.76
CA THR D 316 22.24 -29.89 17.73
C THR D 316 21.50 -29.39 16.50
N ASP D 317 21.65 -28.13 16.12
CA ASP D 317 20.83 -27.56 15.06
C ASP D 317 21.58 -26.41 14.39
N CYS D 318 20.95 -25.85 13.36
CA CYS D 318 21.50 -24.71 12.65
C CYS D 318 20.95 -23.43 13.26
N SER D 319 21.42 -23.14 14.48
CA SER D 319 20.88 -22.06 15.27
C SER D 319 21.72 -20.79 15.21
N GLY D 320 22.91 -20.84 14.62
CA GLY D 320 23.81 -19.72 14.60
C GLY D 320 24.75 -19.65 15.79
N ASP D 321 24.45 -20.40 16.86
CA ASP D 321 25.36 -20.50 17.99
C ASP D 321 26.71 -21.02 17.53
N GLN D 322 27.78 -20.48 18.14
CA GLN D 322 29.11 -21.00 17.85
C GLN D 322 29.26 -22.45 18.28
N GLY D 323 28.40 -22.96 19.17
CA GLY D 323 28.44 -24.34 19.56
C GLY D 323 27.41 -25.21 18.87
N SER D 324 26.54 -24.61 18.07
CA SER D 324 25.47 -25.36 17.42
C SER D 324 25.77 -25.62 15.95
N GLY D 325 25.66 -24.59 15.11
CA GLY D 325 25.87 -24.75 13.68
C GLY D 325 25.43 -23.56 12.85
N MET D 326 26.30 -23.12 11.94
CA MET D 326 25.96 -22.10 10.95
C MET D 326 25.71 -22.85 9.64
N CYS D 327 24.45 -23.24 9.43
CA CYS D 327 24.17 -24.24 8.41
C CYS D 327 22.72 -24.16 7.98
N VAL D 328 22.36 -25.04 7.04
CA VAL D 328 20.99 -25.24 6.57
C VAL D 328 20.78 -26.74 6.39
N ALA D 329 19.56 -27.21 6.66
CA ALA D 329 19.26 -28.64 6.69
C ALA D 329 18.23 -29.01 5.64
N TYR D 330 18.40 -30.18 5.03
CA TYR D 330 17.47 -30.71 4.05
C TYR D 330 17.07 -32.13 4.45
N THR D 331 15.78 -32.42 4.37
CA THR D 331 15.27 -33.75 4.67
C THR D 331 15.14 -34.63 3.43
N GLU D 332 15.33 -34.09 2.24
CA GLU D 332 15.10 -34.88 1.03
C GLU D 332 16.22 -35.85 0.74
N VAL D 333 17.44 -35.60 1.23
CA VAL D 333 18.55 -36.53 1.11
C VAL D 333 19.04 -36.87 2.50
N THR D 334 19.33 -38.16 2.73
CA THR D 334 19.86 -38.64 3.99
C THR D 334 21.04 -39.57 3.71
N ASP D 335 21.48 -40.33 4.72
CA ASP D 335 22.46 -41.39 4.46
C ASP D 335 21.82 -42.66 3.93
N ALA D 336 20.50 -42.66 3.74
CA ALA D 336 19.78 -43.81 3.22
C ALA D 336 19.10 -43.58 1.89
N LYS D 337 18.94 -42.32 1.45
CA LYS D 337 18.20 -42.05 0.23
C LYS D 337 18.58 -40.66 -0.28
N GLY D 338 18.17 -40.39 -1.52
CA GLY D 338 18.17 -39.03 -2.03
C GLY D 338 19.37 -38.58 -2.82
N THR D 339 19.14 -38.14 -4.05
CA THR D 339 20.16 -37.47 -4.82
C THR D 339 19.77 -36.00 -4.97
N PRO D 340 20.70 -35.06 -4.77
CA PRO D 340 20.29 -33.64 -4.69
C PRO D 340 19.65 -33.11 -5.97
N THR D 341 20.25 -33.37 -7.12
CA THR D 341 19.74 -32.78 -8.36
C THR D 341 18.41 -33.36 -8.81
N LYS D 342 17.80 -34.24 -8.02
CA LYS D 342 16.47 -34.74 -8.32
C LYS D 342 15.48 -34.61 -7.17
N ASP D 343 15.93 -34.48 -5.92
CA ASP D 343 15.04 -34.49 -4.78
C ASP D 343 15.04 -33.20 -3.97
N ILE D 344 16.09 -32.39 -4.06
CA ILE D 344 16.08 -31.03 -3.53
C ILE D 344 15.59 -30.10 -4.64
N PRO D 345 14.38 -29.53 -4.52
CA PRO D 345 13.77 -28.84 -5.68
C PRO D 345 14.63 -27.79 -6.36
N TRP D 346 15.28 -26.89 -5.62
CA TRP D 346 15.99 -25.80 -6.30
C TRP D 346 17.18 -26.33 -7.09
N MET D 347 17.86 -27.36 -6.57
CA MET D 347 18.94 -27.97 -7.33
C MET D 347 18.42 -28.75 -8.52
N GLN D 348 17.19 -29.27 -8.42
CA GLN D 348 16.58 -29.91 -9.58
C GLN D 348 16.26 -28.89 -10.67
N LYS D 349 15.85 -27.68 -10.29
CA LYS D 349 15.60 -26.63 -11.28
C LYS D 349 16.89 -26.25 -11.99
N LEU D 350 17.97 -26.06 -11.25
CA LEU D 350 19.24 -25.70 -11.88
C LEU D 350 19.77 -26.85 -12.73
N ASP D 351 19.50 -28.09 -12.34
CA ASP D 351 19.95 -29.23 -13.15
C ASP D 351 19.17 -29.32 -14.45
N SER D 352 17.93 -28.80 -14.46
CA SER D 352 17.18 -28.72 -15.71
C SER D 352 17.88 -27.84 -16.72
N VAL D 353 18.64 -26.85 -16.26
CA VAL D 353 19.39 -26.00 -17.17
C VAL D 353 20.51 -26.79 -17.83
N ARG D 354 21.16 -27.67 -17.07
CA ARG D 354 22.27 -28.46 -17.61
C ARG D 354 21.77 -29.43 -18.67
N ILE D 355 20.56 -29.98 -18.48
CA ILE D 355 20.02 -30.93 -19.45
C ILE D 355 19.63 -30.21 -20.74
N LYS D 356 18.87 -29.12 -20.62
CA LYS D 356 18.51 -28.32 -21.79
C LYS D 356 19.76 -27.80 -22.51
N LEU D 357 20.77 -27.41 -21.74
CA LEU D 357 22.00 -26.90 -22.35
C LEU D 357 22.68 -27.99 -23.17
N GLN D 358 22.76 -29.20 -22.61
CA GLN D 358 23.30 -30.34 -23.36
C GLN D 358 22.63 -30.48 -24.71
N LYS D 359 21.29 -30.50 -24.73
CA LYS D 359 20.57 -30.66 -25.98
C LYS D 359 20.81 -29.50 -26.92
N HIS D 360 20.95 -28.28 -26.38
CA HIS D 360 21.20 -27.12 -27.22
C HIS D 360 22.54 -27.23 -27.92
N GLU D 361 23.61 -27.43 -27.15
CA GLU D 361 24.95 -27.43 -27.74
C GLU D 361 25.17 -28.66 -28.62
N ARG D 362 24.48 -29.77 -28.34
CA ARG D 362 24.54 -30.89 -29.26
C ARG D 362 23.87 -30.56 -30.57
N ALA D 363 22.72 -29.88 -30.52
CA ALA D 363 21.98 -29.58 -31.75
C ALA D 363 22.74 -28.58 -32.62
N VAL D 364 23.32 -27.54 -32.01
CA VAL D 364 24.12 -26.60 -32.78
C VAL D 364 25.37 -27.27 -33.33
N GLU D 365 25.83 -28.35 -32.70
CA GLU D 365 26.93 -29.14 -33.24
C GLU D 365 26.50 -30.03 -34.38
N LYS D 366 25.20 -30.05 -34.70
CA LYS D 366 24.69 -30.74 -35.88
C LYS D 366 24.12 -29.78 -36.90
N LEU D 367 23.28 -28.83 -36.46
CA LEU D 367 22.67 -27.88 -37.39
C LEU D 367 23.72 -27.08 -38.13
N GLY D 368 24.92 -26.96 -37.57
CA GLY D 368 25.98 -26.20 -38.21
C GLY D 368 26.47 -26.84 -39.49
N LYS D 369 26.41 -28.17 -39.57
CA LYS D 369 26.85 -28.87 -40.77
C LYS D 369 25.98 -28.55 -41.98
N PRO D 370 24.64 -28.59 -41.91
CA PRO D 370 23.85 -28.08 -43.04
C PRO D 370 24.12 -26.61 -43.34
N GLN D 371 24.06 -25.75 -42.33
CA GLN D 371 24.19 -24.31 -42.56
C GLN D 371 25.42 -23.96 -43.39
N HIS D 372 26.51 -24.73 -43.24
CA HIS D 372 27.68 -24.50 -44.09
C HIS D 372 27.39 -24.86 -45.54
N ASP D 373 26.66 -25.95 -45.78
CA ASP D 373 26.37 -26.38 -47.14
C ASP D 373 25.52 -25.35 -47.87
N LEU D 374 24.47 -24.84 -47.22
CA LEU D 374 23.59 -23.88 -47.87
C LEU D 374 24.33 -22.59 -48.21
N LYS D 375 25.24 -22.15 -47.33
CA LYS D 375 25.99 -20.94 -47.59
C LYS D 375 26.85 -21.06 -48.85
N THR D 376 27.13 -22.28 -49.30
CA THR D 376 27.98 -22.48 -50.46
C THR D 376 27.15 -22.69 -51.72
N ILE D 377 26.03 -23.42 -51.60
CA ILE D 377 25.09 -23.53 -52.71
C ILE D 377 24.74 -22.15 -53.23
N LEU D 378 24.53 -21.21 -52.32
CA LEU D 378 24.32 -19.82 -52.71
C LEU D 378 25.59 -19.23 -53.31
N THR D 379 26.74 -19.48 -52.68
CA THR D 379 28.00 -18.92 -53.13
C THR D 379 28.39 -19.44 -54.51
N LEU D 380 27.98 -20.67 -54.85
CA LEU D 380 28.24 -21.19 -56.19
C LEU D 380 27.36 -20.49 -57.22
N ALA D 381 26.07 -20.41 -56.98
CA ALA D 381 25.13 -19.83 -57.94
C ALA D 381 25.38 -18.35 -58.16
N ASN E 24 42.88 -20.02 16.29
CA ASN E 24 44.07 -19.49 15.64
C ASN E 24 44.43 -20.31 14.40
N ILE E 25 45.15 -19.70 13.47
CA ILE E 25 45.54 -20.37 12.24
C ILE E 25 46.49 -21.50 12.59
N GLY E 26 46.01 -22.75 12.52
CA GLY E 26 46.82 -23.91 12.81
C GLY E 26 47.26 -24.64 11.55
N THR E 27 47.93 -25.76 11.78
CA THR E 27 48.41 -26.58 10.68
C THR E 27 47.24 -27.11 9.87
N GLY E 28 47.28 -26.89 8.56
CA GLY E 28 46.28 -27.40 7.65
C GLY E 28 45.08 -26.50 7.42
N ASP E 29 45.07 -25.30 8.00
CA ASP E 29 43.95 -24.38 7.82
C ASP E 29 44.03 -23.60 6.51
N ASN E 30 45.00 -23.91 5.65
CA ASN E 30 45.12 -23.28 4.34
C ASN E 30 45.27 -24.32 3.23
N VAL E 31 44.95 -25.58 3.51
CA VAL E 31 45.01 -26.61 2.48
C VAL E 31 44.04 -26.28 1.35
N LEU E 32 42.86 -25.75 1.69
CA LEU E 32 41.90 -25.35 0.68
C LEU E 32 42.51 -24.32 -0.28
N HIS E 33 43.19 -23.32 0.28
CA HIS E 33 43.75 -22.27 -0.56
C HIS E 33 45.00 -22.75 -1.30
N ARG E 34 45.82 -23.58 -0.66
CA ARG E 34 46.96 -24.17 -1.34
C ARG E 34 46.49 -25.01 -2.54
N ALA E 35 45.42 -25.79 -2.36
CA ALA E 35 44.93 -26.63 -3.44
C ALA E 35 44.44 -25.79 -4.62
N ALA E 36 43.84 -24.63 -4.35
CA ALA E 36 43.36 -23.79 -5.44
C ALA E 36 44.51 -23.10 -6.15
N LEU E 37 45.49 -22.60 -5.40
CA LEU E 37 46.61 -21.91 -6.03
C LEU E 37 47.52 -22.88 -6.75
N CYS E 38 47.79 -24.05 -6.17
CA CYS E 38 48.61 -25.06 -6.84
C CYS E 38 47.98 -25.51 -8.15
N GLY E 39 46.65 -25.47 -8.24
CA GLY E 39 45.99 -25.71 -9.51
C GLY E 39 46.36 -24.70 -10.58
N ILE E 40 46.87 -23.54 -10.18
CA ILE E 40 47.38 -22.54 -11.12
C ILE E 40 48.86 -22.76 -11.40
N ILE E 41 49.64 -23.09 -10.37
CA ILE E 41 51.08 -23.27 -10.53
C ILE E 41 51.37 -24.46 -11.43
N GLU E 42 50.63 -25.56 -11.24
CA GLU E 42 50.86 -26.78 -12.02
C GLU E 42 50.65 -26.58 -13.51
N LEU E 43 49.98 -25.49 -13.92
CA LEU E 43 49.75 -25.18 -15.32
C LEU E 43 50.95 -24.52 -16.00
N ALA E 44 51.91 -24.01 -15.23
CA ALA E 44 53.01 -23.25 -15.81
C ALA E 44 54.07 -24.14 -16.42
N GLY E 45 55.27 -23.60 -16.63
CA GLY E 45 56.31 -24.34 -17.31
C GLY E 45 55.89 -24.71 -18.72
N LYS E 46 55.95 -26.01 -19.04
CA LYS E 46 55.44 -26.52 -20.29
C LYS E 46 54.51 -27.70 -20.07
N ARG E 47 53.82 -27.72 -18.93
CA ARG E 47 52.94 -28.83 -18.59
C ARG E 47 51.58 -28.72 -19.25
N ALA E 48 51.23 -27.54 -19.76
CA ALA E 48 49.95 -27.33 -20.42
C ALA E 48 50.07 -27.72 -21.90
N LYS E 49 49.19 -28.62 -22.33
CA LYS E 49 49.24 -29.17 -23.68
C LYS E 49 47.96 -28.88 -24.43
N LEU E 50 48.08 -28.72 -25.75
CA LEU E 50 46.94 -28.55 -26.66
C LEU E 50 47.00 -29.68 -27.68
N GLU E 51 46.20 -30.72 -27.45
CA GLU E 51 46.22 -31.95 -28.25
C GLU E 51 45.14 -31.96 -29.32
N THR E 52 44.95 -30.83 -30.02
CA THR E 52 43.96 -30.75 -31.09
C THR E 52 44.44 -29.73 -32.11
N ALA E 53 44.42 -30.10 -33.39
CA ALA E 53 44.81 -29.20 -34.45
C ALA E 53 44.04 -29.55 -35.71
N LEU E 54 43.66 -28.53 -36.49
CA LEU E 54 43.05 -28.71 -37.80
C LEU E 54 43.79 -27.89 -38.85
N PRO E 55 45.10 -28.11 -39.01
CA PRO E 55 45.85 -27.32 -40.01
C PRO E 55 45.59 -27.78 -41.43
N ASN E 56 45.04 -28.98 -41.60
CA ASN E 56 44.81 -29.54 -42.93
C ASN E 56 43.93 -28.63 -43.79
N PHE E 57 42.83 -28.13 -43.22
CA PHE E 57 41.80 -27.42 -43.97
C PHE E 57 42.34 -26.51 -45.07
N GLN E 58 43.37 -25.73 -44.76
CA GLN E 58 43.98 -24.88 -45.77
C GLN E 58 44.86 -25.69 -46.72
N ASN E 59 45.61 -26.66 -46.18
CA ASN E 59 46.50 -27.47 -47.03
C ASN E 59 45.72 -28.25 -48.07
N GLU E 60 44.53 -28.74 -47.69
CA GLU E 60 43.70 -29.47 -48.66
C GLU E 60 43.28 -28.58 -49.82
N LEU E 61 42.94 -27.33 -49.53
CA LEU E 61 42.51 -26.41 -50.60
C LEU E 61 43.67 -26.08 -51.54
N ASN E 62 44.86 -25.84 -50.98
CA ASN E 62 46.02 -25.56 -51.81
C ASN E 62 46.29 -26.73 -52.76
N SER E 63 46.26 -27.95 -52.23
CA SER E 63 46.40 -29.12 -53.08
C SER E 63 45.23 -29.24 -54.06
N ILE E 64 44.01 -28.94 -53.59
CA ILE E 64 42.85 -28.95 -54.47
C ILE E 64 43.03 -27.96 -55.61
N LEU E 65 43.57 -26.78 -55.30
CA LEU E 65 43.74 -25.74 -56.30
C LEU E 65 44.88 -26.04 -57.26
N GLU E 66 45.85 -26.87 -56.85
CA GLU E 66 47.07 -27.08 -57.64
C GLU E 66 46.76 -27.46 -59.09
N LEU E 67 45.72 -28.26 -59.31
CA LEU E 67 45.36 -28.68 -60.65
C LEU E 67 44.42 -27.69 -61.33
N ASN E 68 43.31 -27.34 -60.67
CA ASN E 68 42.26 -26.52 -61.25
C ASN E 68 41.86 -27.03 -62.63
N THR E 146 34.64 -30.71 -64.43
CA THR E 146 35.09 -31.64 -63.41
C THR E 146 36.18 -31.03 -62.55
N ILE E 147 37.43 -31.18 -63.01
CA ILE E 147 38.57 -30.66 -62.25
C ILE E 147 38.44 -29.14 -62.06
N ARG E 148 37.88 -28.45 -63.05
CA ARG E 148 37.58 -27.04 -62.90
C ARG E 148 36.29 -26.83 -62.12
N ARG E 149 35.31 -27.72 -62.32
CA ARG E 149 34.11 -27.72 -61.49
C ARG E 149 34.47 -27.90 -60.02
N LEU E 150 35.23 -28.96 -59.71
CA LEU E 150 35.47 -29.32 -58.31
C LEU E 150 36.23 -28.26 -57.55
N THR E 151 37.11 -27.50 -58.22
CA THR E 151 37.81 -26.42 -57.52
C THR E 151 36.89 -25.26 -57.17
N ALA E 152 35.77 -25.12 -57.88
CA ALA E 152 34.85 -24.01 -57.60
C ALA E 152 34.15 -24.21 -56.26
N GLU E 153 33.57 -25.39 -56.03
CA GLU E 153 32.92 -25.65 -54.75
C GLU E 153 33.90 -25.61 -53.59
N ALA E 154 35.12 -26.10 -53.80
CA ALA E 154 36.14 -26.04 -52.76
C ALA E 154 36.39 -24.61 -52.31
N VAL E 155 36.58 -23.70 -53.27
CA VAL E 155 36.78 -22.29 -52.94
C VAL E 155 35.56 -21.73 -52.23
N ALA E 156 34.36 -22.08 -52.71
CA ALA E 156 33.14 -21.59 -52.09
C ALA E 156 33.00 -22.12 -50.68
N LYS E 157 33.42 -23.36 -50.43
CA LYS E 157 33.51 -23.86 -49.06
C LYS E 157 34.42 -22.96 -48.24
N ALA E 158 35.58 -22.61 -48.78
CA ALA E 158 36.50 -21.71 -48.10
C ALA E 158 35.97 -20.27 -48.05
N GLN E 159 34.97 -19.95 -48.86
CA GLN E 159 34.44 -18.58 -48.87
C GLN E 159 33.63 -18.29 -47.61
N ASP E 160 32.88 -19.29 -47.11
CA ASP E 160 32.10 -19.24 -45.87
C ASP E 160 32.85 -18.45 -44.82
N PRO E 161 32.25 -17.38 -44.28
CA PRO E 161 32.96 -16.54 -43.30
C PRO E 161 33.53 -17.35 -42.16
N THR E 162 32.64 -18.05 -41.44
CA THR E 162 32.98 -18.85 -40.27
C THR E 162 34.28 -19.64 -40.43
N VAL E 163 34.56 -20.09 -41.66
CA VAL E 163 35.83 -20.78 -41.92
C VAL E 163 37.00 -19.82 -41.77
N ALA E 164 36.88 -18.61 -42.33
CA ALA E 164 38.00 -17.69 -42.35
C ALA E 164 38.40 -17.25 -40.94
N GLU E 165 37.42 -16.92 -40.10
CA GLU E 165 37.74 -16.49 -38.75
C GLU E 165 38.10 -17.67 -37.85
N SER E 166 37.56 -18.86 -38.14
CA SER E 166 38.00 -20.06 -37.43
C SER E 166 39.50 -20.27 -37.62
N THR E 167 40.00 -20.03 -38.83
CA THR E 167 41.42 -20.10 -39.08
C THR E 167 42.17 -19.02 -38.30
N ALA E 168 41.63 -17.81 -38.26
CA ALA E 168 42.27 -16.73 -37.52
C ALA E 168 42.13 -16.91 -36.00
N ASP E 169 41.14 -17.69 -35.54
CA ASP E 169 40.95 -17.95 -34.12
C ASP E 169 41.66 -19.21 -33.66
N LEU E 170 42.80 -19.54 -34.25
CA LEU E 170 43.61 -20.68 -33.84
C LEU E 170 44.91 -20.19 -33.21
N THR E 171 45.21 -20.72 -32.03
CA THR E 171 46.38 -20.32 -31.26
C THR E 171 47.34 -21.50 -31.14
N THR E 172 48.58 -21.21 -30.74
CA THR E 172 49.60 -22.22 -30.61
C THR E 172 49.73 -22.66 -29.16
N GLU E 173 50.23 -23.88 -28.96
CA GLU E 173 50.45 -24.39 -27.62
C GLU E 173 51.39 -23.49 -26.83
N GLU E 174 52.51 -23.10 -27.44
CA GLU E 174 53.45 -22.20 -26.79
C GLU E 174 52.77 -20.89 -26.40
N ASP E 175 52.11 -20.24 -27.38
CA ASP E 175 51.49 -18.93 -27.20
C ASP E 175 50.70 -18.86 -25.90
N LEU E 176 50.07 -19.97 -25.53
CA LEU E 176 49.37 -20.00 -24.25
C LEU E 176 50.32 -20.30 -23.11
N GLN E 177 51.32 -21.17 -23.33
CA GLN E 177 52.28 -21.49 -22.29
C GLN E 177 53.06 -20.25 -21.86
N LYS E 178 53.37 -19.37 -22.81
CA LYS E 178 54.05 -18.13 -22.47
C LYS E 178 53.12 -17.22 -21.65
N GLN E 179 51.83 -17.21 -21.97
CA GLN E 179 50.89 -16.39 -21.22
C GLN E 179 50.61 -16.97 -19.84
N ILE E 180 50.49 -18.29 -19.74
CA ILE E 180 50.28 -18.93 -18.44
C ILE E 180 51.45 -18.61 -17.51
N ASN E 181 52.67 -18.72 -18.02
CA ASN E 181 53.84 -18.41 -17.20
C ASN E 181 53.86 -16.94 -16.80
N GLN E 182 53.46 -16.05 -17.72
CA GLN E 182 53.36 -14.63 -17.39
C GLN E 182 52.36 -14.35 -16.28
N ALA E 183 51.36 -15.21 -16.11
CA ALA E 183 50.43 -15.12 -14.98
C ALA E 183 50.96 -15.70 -13.69
N VAL E 184 51.72 -16.78 -13.74
CA VAL E 184 52.29 -17.36 -12.53
C VAL E 184 53.59 -16.69 -12.09
N TYR E 185 54.42 -16.24 -13.03
CA TYR E 185 55.77 -15.78 -12.72
C TYR E 185 56.14 -14.42 -13.30
N SER E 186 55.22 -13.75 -13.99
CA SER E 186 55.51 -12.50 -14.69
C SER E 186 56.63 -12.67 -15.71
N LYS E 187 56.88 -13.90 -16.16
CA LYS E 187 57.89 -14.20 -17.17
C LYS E 187 57.30 -15.19 -18.15
N ASP E 188 57.92 -15.32 -19.32
CA ASP E 188 57.44 -16.24 -20.34
C ASP E 188 57.84 -17.69 -20.07
N THR E 189 58.75 -17.93 -19.12
CA THR E 189 59.19 -19.27 -18.78
C THR E 189 59.20 -19.43 -17.26
N GLU E 190 59.24 -20.68 -16.83
CA GLU E 190 59.27 -20.97 -15.40
C GLU E 190 60.69 -20.87 -14.87
N PRO E 191 60.94 -20.07 -13.83
CA PRO E 191 62.28 -20.03 -13.24
C PRO E 191 62.71 -21.40 -12.73
N ASP E 192 64.02 -21.59 -12.65
CA ASP E 192 64.58 -22.87 -12.21
C ASP E 192 64.31 -23.06 -10.72
N ASP E 193 64.88 -24.13 -10.16
CA ASP E 193 64.66 -24.44 -8.75
C ASP E 193 65.38 -23.48 -7.81
N ASP E 194 66.33 -22.70 -8.31
CA ASP E 194 66.97 -21.64 -7.54
C ASP E 194 66.36 -20.28 -7.83
N PHE E 195 65.34 -20.22 -8.69
CA PHE E 195 64.65 -18.97 -9.06
C PHE E 195 65.65 -17.91 -9.54
N ASN E 196 66.58 -18.32 -10.38
CA ASN E 196 67.53 -17.39 -10.98
C ASN E 196 66.81 -16.52 -12.00
N GLY E 197 67.07 -15.22 -11.96
CA GLY E 197 66.36 -14.29 -12.82
C GLY E 197 64.96 -13.97 -12.39
N TYR E 198 64.63 -14.17 -11.11
CA TYR E 198 63.30 -13.92 -10.59
C TYR E 198 63.43 -13.15 -9.28
N THR E 199 62.80 -11.99 -9.22
CA THR E 199 62.74 -11.20 -7.99
C THR E 199 61.29 -11.23 -7.51
N ALA E 200 61.07 -11.86 -6.36
CA ALA E 200 59.72 -11.94 -5.81
C ALA E 200 59.18 -10.54 -5.50
N PHE E 201 57.87 -10.37 -5.73
CA PHE E 201 57.18 -9.09 -5.53
C PHE E 201 57.77 -7.97 -6.38
N GLU E 202 58.49 -8.32 -7.44
CA GLU E 202 59.15 -7.36 -8.33
C GLU E 202 60.03 -6.38 -7.56
N GLY E 203 60.63 -6.85 -6.47
CA GLY E 203 61.50 -6.02 -5.66
C GLY E 203 60.80 -4.91 -4.89
N LYS E 204 59.47 -4.82 -4.97
CA LYS E 204 58.70 -3.80 -4.28
C LYS E 204 58.47 -4.15 -2.81
N ALA E 205 59.08 -5.22 -2.31
CA ALA E 205 58.94 -5.56 -0.90
C ALA E 205 59.57 -4.48 -0.03
N SER E 206 59.06 -4.35 1.20
CA SER E 206 59.59 -3.36 2.13
C SER E 206 59.41 -3.82 3.58
N THR E 207 59.03 -2.90 4.46
CA THR E 207 58.89 -3.21 5.86
C THR E 207 57.85 -4.32 6.08
N ASN E 208 58.15 -5.20 7.05
CA ASN E 208 57.38 -6.36 7.50
C ASN E 208 56.59 -7.13 6.44
N ARG E 209 55.69 -8.00 6.90
CA ARG E 209 54.98 -8.94 6.04
C ARG E 209 53.57 -8.49 5.69
N GLN E 210 52.86 -7.87 6.64
CA GLN E 210 51.50 -7.42 6.37
C GLN E 210 51.49 -6.32 5.31
N THR E 211 52.61 -5.59 5.17
CA THR E 211 52.74 -4.66 4.08
C THR E 211 53.09 -5.38 2.79
N ILE E 212 53.68 -6.57 2.87
CA ILE E 212 54.02 -7.32 1.68
C ILE E 212 52.84 -8.14 1.20
N CYS E 213 52.08 -8.72 2.14
CA CYS E 213 51.03 -9.65 1.76
C CYS E 213 49.66 -9.01 1.74
N GLY E 214 49.43 -7.98 2.52
CA GLY E 214 48.18 -7.24 2.50
C GLY E 214 47.49 -7.22 3.85
N SER E 215 46.42 -6.44 3.90
CA SER E 215 45.67 -6.21 5.12
C SER E 215 44.19 -6.12 4.77
N ALA E 216 43.38 -5.72 5.75
CA ALA E 216 41.97 -5.47 5.51
C ALA E 216 41.71 -4.10 4.89
N VAL E 217 42.72 -3.24 4.80
CA VAL E 217 42.57 -1.92 4.20
C VAL E 217 43.59 -1.65 3.10
N ALA E 218 44.54 -2.57 2.87
CA ALA E 218 45.61 -2.33 1.91
C ALA E 218 45.86 -3.60 1.11
N GLY E 219 46.40 -3.41 -0.10
CA GLY E 219 46.70 -4.51 -0.99
C GLY E 219 48.07 -5.10 -0.75
N SER E 220 48.52 -5.90 -1.72
CA SER E 220 49.79 -6.59 -1.64
C SER E 220 50.70 -6.14 -2.77
N LYS E 221 52.01 -6.33 -2.57
CA LYS E 221 52.98 -6.14 -3.63
C LYS E 221 53.23 -7.42 -4.42
N ALA E 222 52.37 -8.42 -4.26
CA ALA E 222 52.43 -9.65 -5.03
C ALA E 222 51.55 -9.49 -6.27
N THR E 223 52.18 -9.36 -7.44
CA THR E 223 51.46 -9.13 -8.68
C THR E 223 51.19 -10.41 -9.48
N ASN E 224 51.77 -11.53 -9.07
CA ASN E 224 51.59 -12.80 -9.78
C ASN E 224 50.93 -13.81 -8.85
N ALA E 225 50.78 -15.03 -9.36
CA ALA E 225 50.19 -16.10 -8.56
C ALA E 225 51.22 -16.74 -7.63
N MET E 226 52.47 -16.82 -8.06
CA MET E 226 53.50 -17.46 -7.23
C MET E 226 53.72 -16.69 -5.93
N ASP E 227 53.91 -15.37 -6.03
CA ASP E 227 54.12 -14.57 -4.83
C ASP E 227 52.90 -14.57 -3.93
N ALA E 228 51.70 -14.73 -4.51
CA ALA E 228 50.50 -14.90 -3.71
C ALA E 228 50.53 -16.21 -2.95
N LEU E 229 50.89 -17.30 -3.63
CA LEU E 229 51.06 -18.59 -2.96
C LEU E 229 52.09 -18.49 -1.84
N PHE E 230 53.16 -17.73 -2.07
CA PHE E 230 54.14 -17.50 -1.02
C PHE E 230 53.51 -16.79 0.17
N CYS E 231 52.69 -15.77 -0.08
CA CYS E 231 52.06 -15.03 1.00
C CYS E 231 51.03 -15.85 1.76
N VAL E 232 50.52 -16.92 1.17
CA VAL E 232 49.46 -17.71 1.78
C VAL E 232 50.05 -18.92 2.49
N CYS E 233 51.15 -19.46 1.96
CA CYS E 233 51.66 -20.75 2.39
C CYS E 233 53.05 -20.73 3.02
N ALA E 234 53.85 -19.68 2.82
CA ALA E 234 55.21 -19.69 3.31
C ALA E 234 55.26 -19.36 4.80
N ASP E 235 56.16 -20.05 5.50
CA ASP E 235 56.40 -19.80 6.91
C ASP E 235 57.52 -18.80 7.10
N ASP E 236 57.42 -18.00 8.17
CA ASP E 236 58.46 -17.05 8.53
C ASP E 236 59.13 -17.49 9.84
N ARG E 237 60.05 -16.65 10.33
CA ARG E 237 60.74 -16.96 11.56
C ARG E 237 59.81 -16.96 12.77
N THR E 238 58.61 -16.38 12.64
CA THR E 238 57.70 -16.24 13.77
C THR E 238 56.58 -17.28 13.74
N ASN E 239 55.88 -17.42 12.61
CA ASN E 239 54.77 -18.37 12.55
C ASN E 239 55.25 -19.80 12.36
N GLY E 240 56.44 -20.14 12.87
CA GLY E 240 57.05 -21.42 12.53
C GLY E 240 56.25 -22.61 13.02
N ALA E 241 55.88 -22.60 14.30
CA ALA E 241 55.26 -23.77 14.93
C ALA E 241 53.83 -23.51 15.35
N ASP E 242 53.11 -22.63 14.63
CA ASP E 242 51.70 -22.40 14.92
C ASP E 242 50.91 -22.24 13.61
N ALA E 243 51.30 -21.27 12.78
CA ALA E 243 50.60 -20.96 11.54
C ALA E 243 51.36 -21.38 10.29
N GLY E 244 52.68 -21.25 10.28
CA GLY E 244 53.49 -21.57 9.12
C GLY E 244 53.21 -22.93 8.50
N LYS E 245 52.60 -23.82 9.29
CA LYS E 245 52.18 -25.13 8.81
C LYS E 245 50.76 -25.12 8.23
N ALA E 246 50.21 -23.93 7.92
CA ALA E 246 48.82 -23.85 7.50
C ALA E 246 48.59 -24.56 6.16
N CYS E 247 49.61 -24.59 5.31
CA CYS E 247 49.54 -25.31 4.04
C CYS E 247 50.21 -26.67 4.10
N VAL E 248 50.59 -27.13 5.28
CA VAL E 248 51.47 -28.28 5.44
C VAL E 248 50.84 -29.24 6.44
N ALA E 249 51.17 -30.52 6.28
CA ALA E 249 50.76 -31.53 7.25
C ALA E 249 51.61 -31.48 8.52
N GLY E 250 52.82 -32.03 8.47
CA GLY E 250 53.60 -32.24 9.68
C GLY E 250 54.85 -31.40 9.83
N THR E 251 55.58 -31.19 8.73
CA THR E 251 56.83 -30.45 8.76
C THR E 251 56.67 -29.17 7.96
N ALA E 252 56.56 -28.04 8.66
CA ALA E 252 56.48 -26.70 8.06
C ALA E 252 57.55 -26.56 6.98
N PRO E 253 57.31 -25.73 5.94
CA PRO E 253 58.31 -25.56 4.88
C PRO E 253 59.71 -25.37 5.43
N GLY E 254 59.94 -24.26 6.11
CA GLY E 254 61.26 -24.00 6.65
C GLY E 254 62.07 -23.12 5.73
N THR E 255 61.69 -21.84 5.66
CA THR E 255 62.34 -20.88 4.78
C THR E 255 63.21 -19.88 5.52
N GLY E 256 62.95 -19.64 6.81
CA GLY E 256 63.71 -18.66 7.55
C GLY E 256 63.40 -17.24 7.15
N TRP E 257 62.21 -16.99 6.62
CA TRP E 257 61.88 -15.66 6.12
C TRP E 257 61.77 -14.67 7.26
N ASN E 258 62.40 -13.52 7.08
CA ASN E 258 62.35 -12.43 8.07
C ASN E 258 62.16 -11.12 7.32
N PRO E 259 60.91 -10.79 6.98
CA PRO E 259 60.66 -9.47 6.35
C PRO E 259 61.09 -8.31 7.21
N GLY E 260 61.29 -8.51 8.52
CA GLY E 260 61.72 -7.42 9.37
C GLY E 260 63.12 -6.95 9.08
N VAL E 261 63.93 -7.79 8.43
CA VAL E 261 65.31 -7.42 8.12
C VAL E 261 65.61 -7.61 6.64
N THR E 262 65.11 -8.70 6.06
CA THR E 262 65.32 -9.01 4.63
C THR E 262 63.97 -9.37 4.03
N ALA E 263 63.36 -8.41 3.33
CA ALA E 263 61.99 -8.56 2.86
C ALA E 263 61.89 -9.49 1.66
N THR E 264 62.60 -9.15 0.58
CA THR E 264 62.51 -9.94 -0.64
C THR E 264 63.05 -11.35 -0.39
N PRO E 265 62.24 -12.38 -0.54
CA PRO E 265 62.72 -13.74 -0.23
C PRO E 265 63.64 -14.26 -1.33
N THR E 266 64.62 -15.04 -0.93
CA THR E 266 65.52 -15.62 -1.91
C THR E 266 64.86 -16.80 -2.61
N GLY E 267 65.48 -17.24 -3.70
CA GLY E 267 64.89 -18.32 -4.50
C GLY E 267 64.81 -19.64 -3.76
N THR E 268 65.70 -19.87 -2.80
CA THR E 268 65.66 -21.10 -2.03
C THR E 268 64.34 -21.25 -1.30
N MET E 269 63.83 -20.16 -0.73
CA MET E 269 62.55 -20.18 -0.03
C MET E 269 61.36 -20.26 -0.98
N LEU E 270 61.43 -19.60 -2.14
CA LEU E 270 60.36 -19.69 -3.12
C LEU E 270 60.12 -21.14 -3.54
N GLN E 271 61.19 -21.85 -3.90
CA GLN E 271 61.06 -23.26 -4.26
C GLN E 271 60.63 -24.11 -3.07
N LYS E 272 60.83 -23.63 -1.85
CA LYS E 272 60.32 -24.33 -0.68
C LYS E 272 58.81 -24.33 -0.63
N VAL E 273 58.17 -23.35 -1.26
CA VAL E 273 56.72 -23.30 -1.36
C VAL E 273 56.23 -23.88 -2.69
N ARG E 274 56.92 -23.57 -3.78
CA ARG E 274 56.61 -24.18 -5.07
C ARG E 274 56.69 -25.69 -4.99
N LYS E 275 57.52 -26.21 -4.09
CA LYS E 275 57.64 -27.65 -3.86
C LYS E 275 56.31 -28.31 -3.51
N LEU E 276 55.37 -27.55 -2.93
CA LEU E 276 54.09 -28.12 -2.50
C LEU E 276 53.12 -28.38 -3.64
N CYS E 277 53.42 -27.91 -4.85
CA CYS E 277 52.55 -28.12 -5.99
C CYS E 277 53.11 -29.20 -6.91
N ASN E 278 52.28 -29.65 -7.84
CA ASN E 278 52.62 -30.74 -8.77
C ASN E 278 53.24 -30.15 -10.02
N THR E 279 54.56 -29.95 -9.97
CA THR E 279 55.34 -29.54 -11.13
C THR E 279 55.82 -30.72 -11.96
N HIS E 280 55.40 -31.94 -11.63
CA HIS E 280 55.92 -33.15 -12.26
C HIS E 280 54.84 -33.89 -13.03
N GLY E 281 53.92 -33.17 -13.66
CA GLY E 281 52.86 -33.81 -14.41
C GLY E 281 52.53 -33.11 -15.71
N LYS E 282 51.33 -33.36 -16.24
CA LYS E 282 50.84 -32.68 -17.44
C LYS E 282 49.37 -32.38 -17.27
N THR E 283 48.92 -31.29 -17.91
CA THR E 283 47.52 -30.89 -17.91
C THR E 283 47.13 -30.44 -19.31
N THR E 284 46.19 -31.15 -19.93
CA THR E 284 45.71 -30.75 -21.25
C THR E 284 44.86 -29.49 -21.13
N LEU E 285 44.98 -28.60 -22.10
CA LEU E 285 44.33 -27.30 -22.04
C LEU E 285 42.91 -27.38 -22.59
N SER E 286 41.97 -26.84 -21.84
CA SER E 286 40.60 -26.65 -22.31
C SER E 286 40.03 -25.44 -21.59
N ALA E 287 39.14 -24.72 -22.27
CA ALA E 287 38.55 -23.54 -21.65
C ALA E 287 37.83 -23.90 -20.35
N ALA E 288 37.29 -25.11 -20.26
CA ALA E 288 36.65 -25.55 -19.02
C ALA E 288 37.66 -25.65 -17.89
N ALA E 289 38.80 -26.31 -18.16
CA ALA E 289 39.81 -26.52 -17.13
C ALA E 289 40.34 -25.20 -16.59
N ILE E 290 40.55 -24.22 -17.47
CA ILE E 290 41.04 -22.91 -17.03
C ILE E 290 39.96 -22.19 -16.24
N GLU E 291 38.71 -22.31 -16.67
CA GLU E 291 37.62 -21.64 -15.95
C GLU E 291 37.50 -22.19 -14.54
N GLY E 292 37.49 -23.51 -14.40
CA GLY E 292 37.30 -24.11 -13.09
C GLY E 292 38.40 -23.73 -12.12
N ARG E 293 39.65 -23.69 -12.59
CA ARG E 293 40.76 -23.32 -11.72
C ARG E 293 40.69 -21.85 -11.33
N LEU E 294 40.30 -20.99 -12.27
CA LEU E 294 40.15 -19.58 -11.96
C LEU E 294 38.98 -19.35 -11.01
N THR E 295 37.86 -20.02 -11.24
CA THR E 295 36.71 -19.86 -10.34
C THR E 295 37.05 -20.38 -8.94
N ALA E 296 37.89 -21.41 -8.86
CA ALA E 296 38.27 -21.95 -7.56
C ALA E 296 39.00 -20.92 -6.73
N VAL E 297 39.88 -20.13 -7.35
CA VAL E 297 40.54 -19.05 -6.65
C VAL E 297 39.60 -17.86 -6.45
N GLY E 298 38.78 -17.55 -7.46
CA GLY E 298 38.00 -16.32 -7.43
C GLY E 298 36.96 -16.33 -6.33
N ASN E 299 36.15 -17.38 -6.26
CA ASN E 299 35.12 -17.45 -5.23
C ASN E 299 35.69 -17.77 -3.84
N LEU E 300 36.99 -18.05 -3.72
CA LEU E 300 37.62 -18.12 -2.40
C LEU E 300 38.02 -16.76 -1.86
N LEU E 301 38.05 -15.73 -2.71
CA LEU E 301 38.31 -14.36 -2.27
C LEU E 301 37.16 -13.89 -1.38
N THR E 302 37.46 -13.67 -0.10
CA THR E 302 36.45 -13.20 0.84
C THR E 302 36.33 -11.68 0.70
N ARG E 303 35.19 -11.21 0.19
CA ARG E 303 35.04 -9.81 -0.19
C ARG E 303 34.67 -8.95 1.01
N GLY E 304 35.45 -7.89 1.23
CA GLY E 304 35.17 -6.94 2.28
C GLY E 304 34.93 -5.54 1.75
N SER E 305 34.93 -4.55 2.65
CA SER E 305 34.69 -3.17 2.23
C SER E 305 35.82 -2.63 1.37
N ALA E 306 37.07 -2.86 1.75
CA ALA E 306 38.21 -2.28 1.06
C ALA E 306 39.06 -3.29 0.31
N THR E 307 39.12 -4.54 0.77
CA THR E 307 39.92 -5.56 0.11
C THR E 307 39.15 -6.88 0.10
N SER E 308 39.64 -7.81 -0.70
CA SER E 308 39.25 -9.21 -0.66
C SER E 308 40.46 -10.03 -0.23
N ILE E 309 40.21 -11.03 0.62
CA ILE E 309 41.28 -11.77 1.29
C ILE E 309 41.21 -13.23 0.89
N LEU E 310 42.27 -13.71 0.24
CA LEU E 310 42.43 -15.14 -0.08
C LEU E 310 43.32 -15.78 0.98
N GLY E 311 42.76 -16.76 1.69
CA GLY E 311 43.46 -17.44 2.76
C GLY E 311 42.82 -17.16 4.11
N SER E 312 43.35 -17.86 5.13
CA SER E 312 42.84 -17.69 6.47
C SER E 312 43.04 -16.26 6.95
N PHE E 313 42.06 -15.77 7.72
CA PHE E 313 42.09 -14.41 8.23
C PHE E 313 41.29 -14.37 9.51
N LEU E 314 41.80 -13.65 10.50
CA LEU E 314 41.12 -13.55 11.78
C LEU E 314 40.97 -12.13 12.27
N ALA E 315 42.01 -11.30 12.17
CA ALA E 315 42.01 -10.02 12.86
C ALA E 315 42.09 -8.83 11.91
N THR E 316 43.30 -8.44 11.52
CA THR E 316 43.46 -7.15 10.87
C THR E 316 44.25 -7.20 9.57
N ASP E 317 45.21 -8.13 9.47
CA ASP E 317 46.11 -8.11 8.32
C ASP E 317 46.63 -9.52 8.05
N CYS E 318 47.41 -9.63 6.99
CA CYS E 318 48.01 -10.91 6.62
C CYS E 318 49.49 -10.92 6.99
N SER E 319 49.79 -10.68 8.26
CA SER E 319 51.19 -10.69 8.73
C SER E 319 51.72 -12.11 8.83
N GLY E 320 50.86 -13.06 9.17
CA GLY E 320 51.26 -14.43 9.44
C GLY E 320 51.10 -14.83 10.89
N ASP E 321 50.75 -13.89 11.77
CA ASP E 321 50.49 -14.23 13.16
C ASP E 321 49.32 -15.20 13.25
N GLN E 322 49.42 -16.16 14.17
CA GLN E 322 48.36 -17.16 14.29
C GLN E 322 47.01 -16.54 14.62
N GLY E 323 46.99 -15.30 15.10
CA GLY E 323 45.76 -14.59 15.38
C GLY E 323 45.38 -13.56 14.34
N SER E 324 46.26 -13.33 13.36
CA SER E 324 46.03 -12.31 12.34
C SER E 324 45.53 -12.94 11.04
N GLY E 325 46.47 -13.38 10.19
CA GLY E 325 46.10 -13.91 8.90
C GLY E 325 47.25 -14.55 8.15
N MET E 326 46.95 -15.64 7.44
CA MET E 326 47.86 -16.29 6.50
C MET E 326 47.25 -16.14 5.12
N CYS E 327 47.45 -14.98 4.50
CA CYS E 327 46.62 -14.62 3.37
C CYS E 327 47.33 -13.59 2.49
N VAL E 328 46.62 -13.15 1.45
CA VAL E 328 47.05 -12.11 0.53
C VAL E 328 45.83 -11.25 0.21
N ALA E 329 46.06 -9.95 0.03
CA ALA E 329 44.97 -9.00 -0.13
C ALA E 329 44.98 -8.39 -1.53
N TYR E 330 43.78 -8.02 -2.00
CA TYR E 330 43.60 -7.34 -3.27
C TYR E 330 42.57 -6.23 -3.09
N THR E 331 42.91 -5.02 -3.54
CA THR E 331 41.95 -3.92 -3.52
C THR E 331 41.07 -3.85 -4.76
N GLU E 332 41.45 -4.56 -5.83
CA GLU E 332 40.71 -4.49 -7.10
C GLU E 332 39.34 -5.14 -7.02
N VAL E 333 39.04 -5.90 -5.96
CA VAL E 333 37.77 -6.61 -5.82
C VAL E 333 37.30 -6.43 -4.39
N THR E 334 36.08 -5.91 -4.22
CA THR E 334 35.50 -5.69 -2.90
C THR E 334 34.07 -6.24 -2.89
N ASP E 335 33.37 -6.02 -1.78
CA ASP E 335 31.97 -6.44 -1.67
C ASP E 335 31.02 -5.53 -2.45
N ALA E 336 31.54 -4.60 -3.25
CA ALA E 336 30.71 -3.68 -4.01
C ALA E 336 31.21 -3.44 -5.42
N LYS E 337 32.26 -4.12 -5.87
CA LYS E 337 32.81 -3.87 -7.20
C LYS E 337 33.77 -4.98 -7.57
N GLY E 338 33.97 -5.14 -8.87
CA GLY E 338 35.06 -5.96 -9.38
C GLY E 338 34.78 -7.43 -9.55
N THR E 339 35.22 -7.99 -10.69
CA THR E 339 35.22 -9.41 -10.90
C THR E 339 36.64 -9.89 -11.13
N PRO E 340 37.08 -10.98 -10.47
CA PRO E 340 38.50 -11.32 -10.51
C PRO E 340 39.06 -11.60 -11.90
N THR E 341 38.34 -12.37 -12.72
CA THR E 341 38.84 -12.70 -14.06
C THR E 341 38.91 -11.48 -15.00
N LYS E 342 38.73 -10.27 -14.49
CA LYS E 342 38.82 -9.07 -15.32
C LYS E 342 39.55 -7.92 -14.65
N ASP E 343 39.56 -7.83 -13.32
CA ASP E 343 40.13 -6.69 -12.61
C ASP E 343 41.37 -7.02 -11.78
N ILE E 344 41.68 -8.30 -11.56
CA ILE E 344 42.93 -8.71 -10.93
C ILE E 344 43.90 -9.09 -12.06
N PRO E 345 45.06 -8.44 -12.16
CA PRO E 345 45.95 -8.65 -13.32
C PRO E 345 46.26 -10.10 -13.69
N TRP E 346 46.80 -10.90 -12.77
CA TRP E 346 47.25 -12.23 -13.19
C TRP E 346 46.09 -13.15 -13.52
N MET E 347 44.93 -12.94 -12.90
CA MET E 347 43.76 -13.75 -13.22
C MET E 347 43.14 -13.35 -14.55
N GLN E 348 43.21 -12.07 -14.92
CA GLN E 348 42.79 -11.67 -16.25
C GLN E 348 43.70 -12.25 -17.31
N LYS E 349 44.99 -12.35 -17.03
CA LYS E 349 45.93 -12.99 -17.95
C LYS E 349 45.54 -14.44 -18.20
N LEU E 350 45.34 -15.21 -17.14
CA LEU E 350 44.93 -16.60 -17.31
C LEU E 350 43.54 -16.70 -17.94
N ASP E 351 42.66 -15.74 -17.65
CA ASP E 351 41.35 -15.77 -18.28
C ASP E 351 41.46 -15.52 -19.78
N SER E 352 42.45 -14.73 -20.21
CA SER E 352 42.66 -14.53 -21.64
C SER E 352 43.03 -15.84 -22.34
N VAL E 353 43.73 -16.73 -21.63
CA VAL E 353 44.01 -18.06 -22.15
C VAL E 353 42.71 -18.82 -22.36
N ARG E 354 41.80 -18.75 -21.39
CA ARG E 354 40.50 -19.42 -21.51
C ARG E 354 39.70 -18.89 -22.70
N ILE E 355 39.78 -17.59 -22.98
CA ILE E 355 39.06 -17.02 -24.11
C ILE E 355 39.61 -17.57 -25.42
N LYS E 356 40.93 -17.66 -25.55
CA LYS E 356 41.53 -18.21 -26.76
C LYS E 356 41.13 -19.67 -26.95
N LEU E 357 41.11 -20.45 -25.86
CA LEU E 357 40.77 -21.86 -25.96
C LEU E 357 39.33 -22.04 -26.40
N GLN E 358 38.44 -21.13 -26.00
CA GLN E 358 37.03 -21.26 -26.36
C GLN E 358 36.81 -20.98 -27.83
N LYS E 359 37.50 -19.97 -28.37
CA LYS E 359 37.44 -19.73 -29.80
C LYS E 359 38.15 -20.84 -30.56
N HIS E 360 39.27 -21.34 -30.01
CA HIS E 360 39.99 -22.44 -30.63
C HIS E 360 39.12 -23.70 -30.70
N GLU E 361 38.39 -23.99 -29.62
CA GLU E 361 37.59 -25.22 -29.57
C GLU E 361 36.46 -25.18 -30.59
N ARG E 362 35.78 -24.05 -30.73
CA ARG E 362 34.71 -23.96 -31.71
C ARG E 362 35.23 -24.04 -33.13
N ALA E 363 36.45 -23.53 -33.36
CA ALA E 363 37.01 -23.50 -34.72
C ALA E 363 37.23 -24.92 -35.25
N VAL E 364 37.93 -25.76 -34.48
CA VAL E 364 38.23 -27.12 -34.94
C VAL E 364 36.97 -27.94 -35.17
N GLU E 365 35.87 -27.60 -34.49
CA GLU E 365 34.60 -28.29 -34.77
C GLU E 365 33.94 -27.75 -36.04
N LYS E 366 34.01 -26.43 -36.25
CA LYS E 366 33.49 -25.82 -37.46
C LYS E 366 34.35 -26.09 -38.69
N LEU E 367 35.57 -26.60 -38.50
CA LEU E 367 36.49 -26.89 -39.59
C LEU E 367 36.59 -28.37 -39.92
N GLY E 368 36.02 -29.25 -39.08
CA GLY E 368 36.13 -30.68 -39.28
C GLY E 368 35.42 -31.20 -40.51
N LYS E 369 34.11 -30.97 -40.59
CA LYS E 369 33.37 -31.32 -41.80
C LYS E 369 33.90 -30.64 -43.05
N PRO E 370 34.26 -29.34 -43.04
CA PRO E 370 34.88 -28.75 -44.24
C PRO E 370 36.14 -29.49 -44.69
N GLN E 371 37.02 -29.87 -43.76
CA GLN E 371 38.17 -30.69 -44.13
C GLN E 371 37.71 -31.99 -44.80
N HIS E 372 36.70 -32.64 -44.22
CA HIS E 372 36.16 -33.87 -44.79
C HIS E 372 35.67 -33.64 -46.22
N ASP E 373 34.90 -32.57 -46.43
CA ASP E 373 34.42 -32.26 -47.78
C ASP E 373 35.58 -32.08 -48.75
N LEU E 374 36.61 -31.34 -48.34
CA LEU E 374 37.77 -31.15 -49.20
C LEU E 374 38.54 -32.45 -49.40
N LYS E 375 38.70 -33.24 -48.34
CA LYS E 375 39.43 -34.51 -48.46
C LYS E 375 38.72 -35.46 -49.42
N THR E 376 37.38 -35.49 -49.40
CA THR E 376 36.65 -36.32 -50.34
C THR E 376 36.81 -35.82 -51.76
N ILE E 377 36.77 -34.49 -51.95
CA ILE E 377 36.93 -33.91 -53.28
C ILE E 377 38.28 -34.28 -53.87
N LEU E 378 39.34 -34.23 -53.04
CA LEU E 378 40.66 -34.67 -53.50
C LEU E 378 40.62 -36.13 -53.95
N THR E 379 39.94 -36.98 -53.18
CA THR E 379 39.89 -38.40 -53.51
C THR E 379 39.13 -38.65 -54.79
N LEU E 380 37.91 -38.12 -54.89
CA LEU E 380 37.06 -38.41 -56.04
C LEU E 380 37.62 -37.79 -57.32
N ALA E 381 38.38 -36.69 -57.21
CA ALA E 381 38.94 -36.06 -58.39
C ALA E 381 39.99 -36.94 -59.05
N LYS E 382 40.82 -37.63 -58.25
CA LYS E 382 41.86 -38.47 -58.81
C LYS E 382 41.30 -39.72 -59.49
N ASP E 383 40.08 -40.12 -59.15
CA ASP E 383 39.45 -41.23 -59.84
C ASP E 383 39.39 -40.93 -61.33
N PRO E 384 39.82 -41.85 -62.20
CA PRO E 384 39.83 -41.57 -63.65
C PRO E 384 38.48 -41.13 -64.20
N ALA E 385 37.37 -41.61 -63.64
CA ALA E 385 36.05 -41.17 -64.04
C ALA E 385 35.78 -39.74 -63.57
N ASN F 24 43.62 -29.45 17.87
CA ASN F 24 43.09 -30.81 17.72
C ASN F 24 42.12 -30.91 16.54
N ILE F 25 41.57 -32.11 16.35
CA ILE F 25 40.71 -32.43 15.22
C ILE F 25 39.36 -32.89 15.74
N GLY F 26 38.29 -32.36 15.17
CA GLY F 26 36.94 -32.65 15.64
C GLY F 26 35.91 -32.65 14.53
N THR F 27 34.66 -32.37 14.90
CA THR F 27 33.55 -32.53 13.96
C THR F 27 33.72 -31.66 12.70
N GLY F 28 33.64 -32.31 11.53
CA GLY F 28 33.60 -31.63 10.26
C GLY F 28 34.93 -31.24 9.67
N ASP F 29 36.04 -31.50 10.37
CA ASP F 29 37.34 -31.05 9.88
C ASP F 29 37.75 -31.75 8.59
N ASN F 30 37.10 -32.86 8.24
CA ASN F 30 37.41 -33.60 7.02
C ASN F 30 36.25 -33.59 6.02
N VAL F 31 35.35 -32.61 6.12
CA VAL F 31 34.24 -32.52 5.17
C VAL F 31 34.77 -32.28 3.76
N LEU F 32 35.83 -31.47 3.64
CA LEU F 32 36.40 -31.19 2.34
C LEU F 32 36.94 -32.45 1.67
N HIS F 33 37.58 -33.33 2.45
CA HIS F 33 38.16 -34.55 1.89
C HIS F 33 37.10 -35.61 1.60
N ARG F 34 36.11 -35.74 2.49
CA ARG F 34 34.98 -36.63 2.22
C ARG F 34 34.27 -36.24 0.94
N ALA F 35 34.11 -34.93 0.70
CA ALA F 35 33.43 -34.47 -0.51
C ALA F 35 34.15 -34.93 -1.77
N ALA F 36 35.47 -34.79 -1.81
CA ALA F 36 36.25 -35.20 -2.99
C ALA F 36 36.17 -36.71 -3.20
N LEU F 37 36.39 -37.47 -2.14
CA LEU F 37 36.39 -38.93 -2.25
C LEU F 37 35.00 -39.46 -2.61
N CYS F 38 33.94 -38.87 -2.03
CA CYS F 38 32.60 -39.29 -2.40
C CYS F 38 32.29 -38.97 -3.85
N GLY F 39 32.91 -37.91 -4.40
CA GLY F 39 32.85 -37.66 -5.84
C GLY F 39 33.42 -38.80 -6.65
N ILE F 40 34.37 -39.55 -6.10
CA ILE F 40 34.86 -40.78 -6.73
C ILE F 40 33.89 -41.93 -6.52
N ILE F 41 33.46 -42.13 -5.26
CA ILE F 41 32.63 -43.28 -4.91
C ILE F 41 31.33 -43.29 -5.71
N GLU F 42 30.74 -42.10 -5.92
CA GLU F 42 29.45 -42.02 -6.60
C GLU F 42 29.52 -42.47 -8.05
N LEU F 43 30.71 -42.43 -8.67
CA LEU F 43 30.87 -42.91 -10.03
C LEU F 43 30.78 -44.43 -10.14
N ALA F 44 30.87 -45.14 -9.02
CA ALA F 44 30.96 -46.59 -9.02
C ALA F 44 29.57 -47.20 -9.16
N GLY F 45 29.49 -48.50 -8.90
CA GLY F 45 28.26 -49.22 -9.17
C GLY F 45 27.97 -49.24 -10.66
N LYS F 46 26.69 -49.16 -11.00
CA LYS F 46 26.25 -48.97 -12.37
C LYS F 46 25.69 -47.56 -12.57
N ARG F 47 26.25 -46.58 -11.84
CA ARG F 47 25.74 -45.21 -11.86
C ARG F 47 26.34 -44.36 -12.96
N ALA F 48 27.50 -44.75 -13.51
CA ALA F 48 28.12 -44.00 -14.59
C ALA F 48 27.49 -44.39 -15.92
N LYS F 49 27.08 -43.39 -16.69
CA LYS F 49 26.31 -43.61 -17.91
C LYS F 49 27.08 -43.09 -19.12
N LEU F 50 27.04 -43.86 -20.20
CA LEU F 50 27.73 -43.53 -21.44
C LEU F 50 26.70 -43.17 -22.50
N GLU F 51 26.79 -41.94 -23.02
CA GLU F 51 25.88 -41.46 -24.05
C GLU F 51 26.28 -42.07 -25.40
N THR F 52 25.49 -43.01 -25.89
CA THR F 52 25.76 -43.65 -27.17
C THR F 52 24.60 -43.47 -28.14
N ASN F 56 25.51 -46.94 -37.95
CA ASN F 56 24.37 -47.45 -38.71
C ASN F 56 24.45 -47.03 -40.17
N PHE F 57 25.68 -46.86 -40.67
CA PHE F 57 25.90 -46.42 -42.03
C PHE F 57 25.99 -47.57 -43.02
N GLN F 58 25.92 -48.81 -42.56
CA GLN F 58 26.13 -49.99 -43.40
C GLN F 58 24.81 -50.67 -43.78
N ASN F 59 23.87 -49.90 -44.34
CA ASN F 59 22.65 -50.49 -44.89
C ASN F 59 22.15 -49.67 -46.08
N GLU F 60 21.91 -48.37 -45.87
CA GLU F 60 21.51 -47.53 -47.00
C GLU F 60 22.66 -47.32 -47.97
N LEU F 61 23.90 -47.39 -47.48
CA LEU F 61 25.07 -47.41 -48.35
C LEU F 61 24.94 -48.59 -49.30
N ASN F 62 24.94 -49.82 -48.74
CA ASN F 62 24.75 -51.02 -49.54
C ASN F 62 23.49 -50.95 -50.39
N SER F 63 22.46 -50.27 -49.91
CA SER F 63 21.24 -50.12 -50.69
C SER F 63 21.47 -49.23 -51.91
N ILE F 64 22.27 -48.18 -51.76
CA ILE F 64 22.57 -47.33 -52.90
C ILE F 64 23.48 -48.05 -53.88
N LEU F 65 24.21 -49.05 -53.41
CA LEU F 65 24.97 -49.90 -54.32
C LEU F 65 24.03 -50.77 -55.14
N GLU F 66 22.94 -51.24 -54.54
CA GLU F 66 21.92 -51.94 -55.30
C GLU F 66 21.33 -51.03 -56.37
N LEU F 67 21.14 -49.74 -56.04
CA LEU F 67 20.66 -48.78 -57.02
C LEU F 67 21.70 -48.56 -58.12
N ASN F 68 22.99 -48.61 -57.78
CA ASN F 68 24.01 -48.58 -58.82
C ASN F 68 23.96 -49.84 -59.67
N MET F 69 23.65 -50.98 -59.05
CA MET F 69 23.35 -52.20 -59.77
C MET F 69 21.97 -52.17 -60.43
N THR F 70 21.20 -51.11 -60.18
CA THR F 70 19.86 -50.93 -60.75
C THR F 70 18.93 -52.06 -60.32
N ASP F 105 39.18 -56.86 -57.47
CA ASP F 105 38.96 -56.53 -56.06
C ASP F 105 37.81 -55.53 -55.90
N HIS F 106 36.79 -55.68 -56.74
CA HIS F 106 35.61 -54.81 -56.68
C HIS F 106 34.34 -55.65 -56.67
N TRP F 107 34.20 -56.54 -57.65
CA TRP F 107 32.98 -57.33 -57.84
C TRP F 107 32.59 -58.16 -56.62
N THR F 108 33.45 -58.23 -55.61
CA THR F 108 33.14 -58.99 -54.40
C THR F 108 31.79 -58.60 -53.83
N ALA F 109 31.52 -57.29 -53.75
CA ALA F 109 30.27 -56.78 -53.20
C ALA F 109 29.40 -56.09 -54.25
N TRP F 110 29.78 -56.16 -55.53
CA TRP F 110 28.90 -55.65 -56.58
C TRP F 110 27.58 -56.40 -56.59
N ALA F 111 27.57 -57.65 -56.15
CA ALA F 111 26.35 -58.42 -56.01
C ALA F 111 26.43 -59.33 -54.79
N THR F 151 25.90 -41.47 -56.64
CA THR F 151 26.23 -42.89 -56.59
C THR F 151 27.66 -43.10 -56.08
N ALA F 152 28.63 -43.01 -56.99
CA ALA F 152 30.03 -43.11 -56.60
C ALA F 152 30.42 -42.02 -55.62
N GLU F 153 29.62 -40.96 -55.51
CA GLU F 153 29.85 -39.94 -54.50
C GLU F 153 29.87 -40.54 -53.11
N ALA F 154 28.89 -41.40 -52.82
CA ALA F 154 28.78 -41.98 -51.47
C ALA F 154 30.00 -42.81 -51.12
N VAL F 155 30.66 -43.40 -52.11
CA VAL F 155 31.78 -44.30 -51.84
C VAL F 155 32.94 -43.55 -51.20
N ALA F 156 33.35 -42.43 -51.81
CA ALA F 156 34.50 -41.68 -51.32
C ALA F 156 34.23 -41.08 -49.95
N LYS F 157 33.01 -40.57 -49.73
CA LYS F 157 32.67 -40.02 -48.42
C LYS F 157 32.71 -41.10 -47.34
N ALA F 158 32.16 -42.28 -47.65
CA ALA F 158 32.08 -43.38 -46.70
C ALA F 158 33.37 -44.19 -46.62
N GLN F 159 34.46 -43.71 -47.21
CA GLN F 159 35.74 -44.43 -47.16
C GLN F 159 36.59 -43.85 -46.05
N ASP F 160 37.12 -44.74 -45.20
CA ASP F 160 37.92 -44.35 -44.05
C ASP F 160 39.17 -45.22 -44.01
N PRO F 161 40.37 -44.64 -44.04
CA PRO F 161 41.59 -45.42 -43.80
C PRO F 161 41.87 -45.73 -42.34
N THR F 162 40.93 -45.46 -41.43
CA THR F 162 41.12 -45.75 -40.01
C THR F 162 39.83 -46.28 -39.39
N VAL F 163 39.11 -47.11 -40.12
CA VAL F 163 37.83 -47.63 -39.62
C VAL F 163 38.07 -48.71 -38.57
N ALA F 164 39.00 -49.63 -38.84
CA ALA F 164 39.26 -50.72 -37.91
C ALA F 164 39.80 -50.19 -36.59
N GLU F 165 40.77 -49.28 -36.63
CA GLU F 165 41.28 -48.69 -35.40
C GLU F 165 40.20 -47.89 -34.68
N SER F 166 39.34 -47.22 -35.45
CA SER F 166 38.18 -46.55 -34.86
C SER F 166 37.31 -47.56 -34.11
N THR F 167 36.88 -48.61 -34.80
CA THR F 167 36.08 -49.64 -34.16
C THR F 167 36.82 -50.30 -33.00
N ALA F 168 38.16 -50.34 -33.07
CA ALA F 168 38.94 -50.84 -31.94
C ALA F 168 38.85 -49.89 -30.76
N ASP F 169 38.87 -48.58 -31.02
CA ASP F 169 38.79 -47.56 -29.97
C ASP F 169 37.39 -47.44 -29.36
N LEU F 170 36.47 -48.36 -29.62
CA LEU F 170 35.14 -48.30 -29.06
C LEU F 170 35.06 -49.10 -27.76
N THR F 171 34.11 -48.72 -26.91
CA THR F 171 33.90 -49.34 -25.61
C THR F 171 32.39 -49.43 -25.38
N THR F 172 32.01 -50.13 -24.32
CA THR F 172 30.63 -50.19 -23.89
C THR F 172 30.49 -49.57 -22.51
N GLU F 173 29.23 -49.32 -22.12
CA GLU F 173 28.96 -48.76 -20.81
C GLU F 173 29.40 -49.71 -19.70
N GLU F 174 29.11 -51.00 -19.86
CA GLU F 174 29.48 -51.98 -18.85
C GLU F 174 31.00 -52.03 -18.65
N ASP F 175 31.76 -51.93 -19.75
CA ASP F 175 33.21 -52.03 -19.65
C ASP F 175 33.79 -50.90 -18.79
N LEU F 176 33.31 -49.67 -19.00
CA LEU F 176 33.82 -48.56 -18.21
C LEU F 176 33.35 -48.65 -16.76
N GLN F 177 32.11 -49.09 -16.54
CA GLN F 177 31.61 -49.27 -15.18
C GLN F 177 32.47 -50.25 -14.40
N LYS F 178 32.84 -51.38 -15.02
CA LYS F 178 33.64 -52.38 -14.34
C LYS F 178 35.02 -51.83 -13.97
N GLN F 179 35.60 -51.00 -14.83
CA GLN F 179 36.90 -50.39 -14.53
C GLN F 179 36.78 -49.42 -13.36
N ILE F 180 35.68 -48.68 -13.27
CA ILE F 180 35.49 -47.75 -12.15
C ILE F 180 35.37 -48.52 -10.85
N ASN F 181 34.56 -49.58 -10.83
CA ASN F 181 34.41 -50.37 -9.62
C ASN F 181 35.74 -51.00 -9.20
N GLN F 182 36.63 -51.24 -10.16
CA GLN F 182 37.96 -51.76 -9.83
C GLN F 182 38.79 -50.72 -9.10
N ALA F 183 38.72 -49.45 -9.53
CA ALA F 183 39.45 -48.40 -8.84
C ALA F 183 38.88 -48.10 -7.46
N VAL F 184 37.60 -48.40 -7.23
CA VAL F 184 36.96 -48.12 -5.96
C VAL F 184 36.97 -49.33 -5.04
N TYR F 185 36.75 -50.53 -5.58
CA TYR F 185 36.57 -51.71 -4.75
C TYR F 185 37.51 -52.86 -5.09
N SER F 186 38.40 -52.70 -6.08
CA SER F 186 39.22 -53.81 -6.59
C SER F 186 38.34 -54.95 -7.07
N LYS F 187 37.23 -54.61 -7.73
CA LYS F 187 36.25 -55.58 -8.19
C LYS F 187 35.51 -55.01 -9.40
N ASP F 188 34.93 -55.90 -10.20
CA ASP F 188 34.15 -55.44 -11.34
C ASP F 188 32.72 -55.05 -10.96
N THR F 189 32.28 -55.39 -9.76
CA THR F 189 30.91 -55.15 -9.31
C THR F 189 30.95 -54.53 -7.93
N GLU F 190 30.13 -53.51 -7.73
CA GLU F 190 30.09 -52.84 -6.44
C GLU F 190 29.58 -53.81 -5.39
N PRO F 191 30.23 -53.91 -4.23
CA PRO F 191 29.74 -54.79 -3.16
C PRO F 191 28.37 -54.37 -2.67
N ASP F 192 27.60 -55.36 -2.20
CA ASP F 192 26.31 -55.09 -1.59
C ASP F 192 26.51 -54.39 -0.24
N ASP F 193 25.39 -54.12 0.44
CA ASP F 193 25.45 -53.35 1.67
C ASP F 193 26.18 -54.09 2.78
N ASP F 194 26.20 -55.42 2.74
CA ASP F 194 26.98 -56.19 3.70
C ASP F 194 28.45 -56.30 3.29
N PHE F 195 28.80 -55.82 2.10
CA PHE F 195 30.15 -55.97 1.54
C PHE F 195 30.54 -57.43 1.39
N ASN F 196 29.58 -58.27 1.02
CA ASN F 196 29.86 -59.70 0.84
C ASN F 196 30.91 -59.90 -0.25
N GLY F 197 31.80 -60.86 -0.01
CA GLY F 197 32.92 -61.13 -0.89
C GLY F 197 34.05 -60.13 -0.80
N TYR F 198 33.97 -59.14 0.08
CA TYR F 198 34.93 -58.05 0.13
C TYR F 198 35.79 -58.20 1.37
N THR F 199 37.08 -57.90 1.22
CA THR F 199 38.04 -57.86 2.32
C THR F 199 38.82 -56.56 2.21
N ALA F 200 38.78 -55.75 3.27
CA ALA F 200 39.36 -54.43 3.21
C ALA F 200 40.88 -54.49 3.31
N PHE F 201 41.55 -53.53 2.66
CA PHE F 201 43.00 -53.37 2.72
C PHE F 201 43.74 -54.59 2.19
N GLU F 202 43.12 -55.31 1.24
CA GLU F 202 43.68 -56.51 0.61
C GLU F 202 43.91 -57.63 1.61
N GLY F 203 43.46 -57.49 2.85
CA GLY F 203 43.77 -58.46 3.88
C GLY F 203 45.10 -58.25 4.56
N LYS F 204 45.68 -57.05 4.41
CA LYS F 204 46.99 -56.74 4.96
C LYS F 204 46.93 -55.82 6.18
N ALA F 205 45.74 -55.48 6.68
CA ALA F 205 45.64 -54.70 7.90
C ALA F 205 46.32 -55.41 9.06
N SER F 206 47.20 -54.69 9.77
CA SER F 206 48.11 -55.36 10.69
C SER F 206 47.91 -54.98 12.16
N THR F 207 48.66 -54.00 12.66
CA THR F 207 48.77 -53.80 14.10
C THR F 207 47.88 -52.67 14.63
N ASN F 208 47.87 -51.52 13.96
CA ASN F 208 47.09 -50.37 14.43
C ASN F 208 46.74 -49.48 13.25
N ARG F 209 45.98 -48.42 13.54
CA ARG F 209 45.48 -47.55 12.49
C ARG F 209 46.63 -46.87 11.74
N GLN F 210 47.64 -46.39 12.47
CA GLN F 210 48.79 -45.76 11.82
C GLN F 210 49.56 -46.72 10.92
N THR F 211 49.47 -48.03 11.18
CA THR F 211 50.02 -49.00 10.24
C THR F 211 49.07 -49.27 9.08
N ILE F 212 47.77 -49.21 9.34
CA ILE F 212 46.77 -49.48 8.31
C ILE F 212 46.61 -48.27 7.39
N CYS F 213 46.63 -47.06 7.96
CA CYS F 213 46.32 -45.85 7.20
C CYS F 213 47.53 -45.02 6.82
N GLY F 214 48.67 -45.23 7.44
CA GLY F 214 49.91 -44.59 7.01
C GLY F 214 50.41 -43.57 8.02
N SER F 215 51.50 -42.90 7.63
CA SER F 215 52.18 -41.95 8.49
C SER F 215 52.92 -40.96 7.60
N ALA F 216 53.76 -40.13 8.21
CA ALA F 216 54.62 -39.23 7.46
C ALA F 216 55.79 -39.95 6.79
N VAL F 217 56.10 -41.18 7.17
CA VAL F 217 57.18 -41.95 6.57
C VAL F 217 56.70 -43.25 5.93
N ALA F 218 55.44 -43.64 6.13
CA ALA F 218 54.94 -44.92 5.65
C ALA F 218 53.62 -44.73 4.92
N GLY F 219 53.38 -45.60 3.94
CA GLY F 219 52.13 -45.58 3.20
C GLY F 219 51.08 -46.47 3.84
N SER F 220 49.84 -46.30 3.39
CA SER F 220 48.74 -47.07 3.92
C SER F 220 48.73 -48.48 3.33
N LYS F 221 47.90 -49.33 3.91
CA LYS F 221 47.58 -50.63 3.33
C LYS F 221 46.36 -50.57 2.44
N ALA F 222 46.03 -49.39 1.90
CA ALA F 222 44.87 -49.20 1.06
C ALA F 222 45.32 -49.04 -0.39
N THR F 223 44.75 -49.85 -1.28
CA THR F 223 45.06 -49.77 -2.69
C THR F 223 43.95 -49.18 -3.53
N ASN F 224 42.72 -49.10 -3.02
CA ASN F 224 41.60 -48.58 -3.78
C ASN F 224 41.05 -47.30 -3.12
N ALA F 225 39.94 -46.80 -3.67
CA ALA F 225 39.38 -45.54 -3.19
C ALA F 225 38.50 -45.74 -1.95
N MET F 226 37.82 -46.88 -1.84
CA MET F 226 36.93 -47.12 -0.69
C MET F 226 37.71 -47.27 0.60
N ASP F 227 38.82 -48.01 0.57
CA ASP F 227 39.64 -48.17 1.76
C ASP F 227 40.31 -46.85 2.15
N ALA F 228 40.64 -46.02 1.16
CA ALA F 228 41.12 -44.68 1.47
C ALA F 228 40.05 -43.87 2.21
N LEU F 229 38.80 -43.95 1.74
CA LEU F 229 37.72 -43.23 2.43
C LEU F 229 37.54 -43.73 3.86
N PHE F 230 37.68 -45.04 4.07
CA PHE F 230 37.56 -45.58 5.42
C PHE F 230 38.68 -45.07 6.32
N CYS F 231 39.88 -44.89 5.76
CA CYS F 231 40.97 -44.34 6.55
C CYS F 231 40.72 -42.88 6.94
N VAL F 232 39.96 -42.15 6.15
CA VAL F 232 39.82 -40.71 6.33
C VAL F 232 38.58 -40.38 7.16
N CYS F 233 37.57 -41.25 7.12
CA CYS F 233 36.28 -40.91 7.66
C CYS F 233 35.72 -41.87 8.71
N ALA F 234 36.36 -43.01 8.95
CA ALA F 234 35.79 -43.94 9.91
C ALA F 234 36.15 -43.52 11.34
N ASP F 235 35.25 -43.80 12.26
CA ASP F 235 35.51 -43.62 13.68
C ASP F 235 35.94 -44.97 14.27
N ASP F 236 36.89 -44.91 15.21
CA ASP F 236 37.30 -46.08 15.95
C ASP F 236 36.68 -46.03 17.35
N ARG F 237 37.18 -46.86 18.27
CA ARG F 237 36.70 -46.86 19.64
C ARG F 237 37.57 -46.03 20.57
N THR F 238 38.41 -45.15 20.01
CA THR F 238 39.13 -44.16 20.81
C THR F 238 39.13 -42.79 20.13
N ASN F 239 38.26 -42.57 19.14
CA ASN F 239 38.10 -41.25 18.55
C ASN F 239 36.64 -40.85 18.34
N GLY F 240 35.68 -41.71 18.69
CA GLY F 240 34.28 -41.46 18.38
C GLY F 240 33.72 -40.21 19.04
N ALA F 241 34.32 -39.77 20.15
CA ALA F 241 33.92 -38.54 20.79
C ALA F 241 34.65 -37.32 20.24
N ASP F 242 35.69 -37.52 19.43
CA ASP F 242 36.51 -36.42 18.96
C ASP F 242 36.75 -36.51 17.46
N ALA F 243 37.83 -37.18 17.06
CA ALA F 243 38.24 -37.17 15.66
C ALA F 243 37.30 -37.98 14.79
N GLY F 244 36.64 -39.00 15.35
CA GLY F 244 35.76 -39.86 14.56
C GLY F 244 34.60 -39.15 13.91
N LYS F 245 34.31 -37.91 14.31
CA LYS F 245 33.24 -37.11 13.71
C LYS F 245 33.76 -36.15 12.65
N ALA F 246 34.99 -36.34 12.18
CA ALA F 246 35.60 -35.37 11.27
C ALA F 246 34.92 -35.32 9.91
N CYS F 247 34.12 -36.34 9.56
CA CYS F 247 33.40 -36.36 8.29
C CYS F 247 31.90 -36.24 8.43
N VAL F 248 31.36 -36.24 9.65
CA VAL F 248 29.91 -36.14 9.84
C VAL F 248 29.59 -34.83 10.55
N ALA F 249 28.36 -34.73 11.07
CA ALA F 249 27.93 -33.53 11.77
C ALA F 249 27.35 -33.88 13.14
N GLY F 250 26.16 -34.49 13.14
CA GLY F 250 25.50 -34.86 14.37
C GLY F 250 26.15 -36.03 15.09
N THR F 251 25.88 -37.24 14.62
CA THR F 251 26.38 -38.45 15.27
C THR F 251 27.51 -39.07 14.45
N ALA F 252 28.45 -39.69 15.15
CA ALA F 252 29.57 -40.35 14.50
C ALA F 252 29.09 -41.61 13.78
N PRO F 253 29.81 -42.04 12.75
CA PRO F 253 29.34 -43.20 11.95
C PRO F 253 29.07 -44.44 12.78
N GLY F 254 29.69 -44.58 13.94
CA GLY F 254 29.43 -45.69 14.84
C GLY F 254 29.90 -47.05 14.35
N THR F 255 31.10 -47.12 13.76
CA THR F 255 31.58 -48.39 13.22
C THR F 255 31.98 -49.35 14.32
N GLY F 256 32.49 -48.84 15.44
CA GLY F 256 33.04 -49.72 16.45
C GLY F 256 34.34 -50.34 16.06
N TRP F 257 35.01 -49.79 15.04
CA TRP F 257 36.29 -50.33 14.55
C TRP F 257 37.31 -50.35 15.68
N ASN F 258 37.91 -51.52 15.89
CA ASN F 258 38.87 -51.73 16.97
C ASN F 258 40.14 -52.32 16.37
N PRO F 259 40.90 -51.52 15.61
CA PRO F 259 42.08 -52.07 14.91
C PRO F 259 43.17 -52.59 15.85
N GLY F 260 43.04 -52.38 17.16
CA GLY F 260 44.02 -52.91 18.09
C GLY F 260 43.84 -54.37 18.44
N VAL F 261 42.67 -54.94 18.12
CA VAL F 261 42.43 -56.37 18.31
C VAL F 261 42.16 -57.08 16.99
N THR F 262 41.36 -56.48 16.11
CA THR F 262 41.09 -57.02 14.78
C THR F 262 41.31 -55.88 13.80
N ALA F 263 42.43 -55.93 13.09
CA ALA F 263 42.82 -54.80 12.26
C ALA F 263 41.86 -54.57 11.10
N THR F 264 41.40 -55.66 10.47
CA THR F 264 40.52 -55.55 9.30
C THR F 264 39.09 -55.20 9.74
N PRO F 265 38.51 -54.12 9.23
CA PRO F 265 37.11 -53.82 9.56
C PRO F 265 36.15 -54.75 8.86
N THR F 266 34.96 -54.87 9.42
CA THR F 266 33.92 -55.72 8.86
C THR F 266 33.09 -54.96 7.83
N GLY F 267 32.17 -55.67 7.18
CA GLY F 267 31.40 -55.06 6.11
C GLY F 267 30.45 -53.99 6.61
N THR F 268 29.77 -54.24 7.72
CA THR F 268 28.87 -53.23 8.27
C THR F 268 29.66 -52.00 8.71
N MET F 269 30.92 -52.17 9.12
CA MET F 269 31.76 -51.01 9.39
C MET F 269 31.99 -50.19 8.13
N LEU F 270 32.31 -50.87 7.03
CA LEU F 270 32.55 -50.17 5.76
C LEU F 270 31.28 -49.45 5.29
N GLN F 271 30.14 -50.11 5.40
CA GLN F 271 28.90 -49.54 4.88
C GLN F 271 28.52 -48.27 5.64
N LYS F 272 28.90 -48.18 6.91
CA LYS F 272 28.60 -47.00 7.70
C LYS F 272 29.40 -45.77 7.27
N VAL F 273 30.45 -45.94 6.47
CA VAL F 273 31.19 -44.82 5.92
C VAL F 273 30.75 -44.49 4.50
N ARG F 274 30.48 -45.54 3.69
CA ARG F 274 30.02 -45.34 2.32
C ARG F 274 28.69 -44.61 2.26
N LYS F 275 27.81 -44.82 3.24
CA LYS F 275 26.53 -44.11 3.26
C LYS F 275 26.69 -42.60 3.34
N LEU F 276 27.89 -42.10 3.65
CA LEU F 276 28.17 -40.67 3.54
C LEU F 276 28.21 -40.20 2.09
N CYS F 277 28.41 -41.10 1.14
CA CYS F 277 28.46 -40.77 -0.27
C CYS F 277 27.11 -41.01 -0.93
N ASN F 278 26.93 -40.37 -2.09
CA ASN F 278 25.69 -40.49 -2.85
C ASN F 278 25.78 -41.73 -3.73
N THR F 279 25.17 -42.82 -3.29
CA THR F 279 25.02 -44.04 -4.08
C THR F 279 23.63 -44.17 -4.70
N HIS F 280 22.82 -43.12 -4.63
CA HIS F 280 21.41 -43.20 -5.01
C HIS F 280 21.08 -42.46 -6.30
N GLY F 281 22.07 -41.84 -6.93
CA GLY F 281 21.81 -41.09 -8.14
C GLY F 281 22.50 -41.67 -9.35
N LYS F 282 22.84 -40.82 -10.31
CA LYS F 282 23.50 -41.23 -11.53
C LYS F 282 24.41 -40.11 -12.01
N THR F 283 25.32 -40.46 -12.91
CA THR F 283 26.28 -39.50 -13.44
C THR F 283 26.55 -39.83 -14.89
N THR F 284 26.39 -38.84 -15.76
CA THR F 284 26.78 -38.98 -17.16
C THR F 284 28.30 -38.91 -17.26
N LEU F 285 28.92 -39.95 -17.79
CA LEU F 285 30.37 -39.99 -17.87
C LEU F 285 30.88 -39.00 -18.90
N SER F 286 31.82 -38.16 -18.49
CA SER F 286 32.47 -37.20 -19.37
C SER F 286 33.94 -37.10 -18.97
N ALA F 287 34.81 -36.86 -19.96
CA ALA F 287 36.24 -36.74 -19.69
C ALA F 287 36.54 -35.60 -18.73
N ALA F 288 35.81 -34.49 -18.84
CA ALA F 288 36.03 -33.37 -17.92
C ALA F 288 35.50 -33.68 -16.53
N ALA F 289 34.45 -34.50 -16.43
CA ALA F 289 33.92 -34.83 -15.12
C ALA F 289 34.87 -35.75 -14.36
N ILE F 290 35.52 -36.68 -15.07
CA ILE F 290 36.49 -37.57 -14.44
C ILE F 290 37.77 -36.81 -14.11
N GLU F 291 38.19 -35.91 -15.00
CA GLU F 291 39.38 -35.11 -14.73
C GLU F 291 39.19 -34.25 -13.47
N GLY F 292 38.03 -33.61 -13.33
CA GLY F 292 37.82 -32.75 -12.18
C GLY F 292 37.77 -33.50 -10.86
N ARG F 293 36.98 -34.58 -10.82
CA ARG F 293 36.89 -35.38 -9.60
C ARG F 293 38.25 -35.92 -9.19
N LEU F 294 39.10 -36.28 -10.17
CA LEU F 294 40.45 -36.72 -9.83
C LEU F 294 41.34 -35.55 -9.42
N THR F 295 41.14 -34.39 -10.04
CA THR F 295 41.90 -33.21 -9.65
C THR F 295 41.57 -32.77 -8.23
N ALA F 296 40.30 -32.89 -7.84
CA ALA F 296 39.91 -32.51 -6.48
C ALA F 296 40.65 -33.36 -5.44
N VAL F 297 40.79 -34.66 -5.68
CA VAL F 297 41.50 -35.51 -4.74
C VAL F 297 43.00 -35.24 -4.79
N GLY F 298 43.57 -35.11 -5.98
CA GLY F 298 45.01 -35.06 -6.12
C GLY F 298 45.62 -33.80 -5.52
N ASN F 299 44.98 -32.65 -5.73
CA ASN F 299 45.50 -31.40 -5.19
C ASN F 299 45.19 -31.21 -3.72
N LEU F 300 44.37 -32.08 -3.12
CA LEU F 300 44.22 -32.09 -1.67
C LEU F 300 45.33 -32.86 -0.96
N LEU F 301 46.20 -33.53 -1.71
CA LEU F 301 47.31 -34.26 -1.12
C LEU F 301 48.37 -33.28 -0.61
N THR F 302 48.70 -33.39 0.69
CA THR F 302 49.72 -32.56 1.30
C THR F 302 51.07 -33.26 1.14
N ARG F 303 51.94 -32.68 0.33
CA ARG F 303 53.19 -33.31 -0.08
C ARG F 303 54.27 -33.10 0.98
N GLY F 304 54.76 -34.21 1.56
CA GLY F 304 55.86 -34.19 2.49
C GLY F 304 57.13 -34.73 1.89
N SER F 305 58.14 -34.89 2.75
CA SER F 305 59.46 -35.32 2.28
C SER F 305 59.41 -36.74 1.72
N ALA F 306 58.71 -37.64 2.41
CA ALA F 306 58.61 -39.04 2.01
C ALA F 306 57.23 -39.40 1.48
N THR F 307 56.17 -39.03 2.21
CA THR F 307 54.82 -39.42 1.84
C THR F 307 53.95 -38.19 1.64
N SER F 308 52.83 -38.38 0.96
CA SER F 308 51.81 -37.35 0.81
C SER F 308 50.57 -37.75 1.61
N ILE F 309 49.98 -36.77 2.28
CA ILE F 309 48.90 -37.00 3.24
C ILE F 309 47.60 -36.44 2.67
N LEU F 310 46.53 -37.23 2.74
CA LEU F 310 45.19 -36.81 2.34
C LEU F 310 44.28 -36.91 3.55
N GLY F 311 43.89 -35.76 4.08
CA GLY F 311 43.08 -35.70 5.29
C GLY F 311 43.69 -34.77 6.32
N SER F 312 42.91 -34.54 7.38
CA SER F 312 43.34 -33.66 8.46
C SER F 312 44.50 -34.32 9.19
N PHE F 313 45.66 -33.65 9.18
CA PHE F 313 46.87 -34.14 9.82
C PHE F 313 47.45 -33.03 10.68
N LEU F 314 47.86 -33.38 11.90
CA LEU F 314 48.39 -32.41 12.84
C LEU F 314 49.79 -32.76 13.35
N ALA F 315 50.05 -34.03 13.69
CA ALA F 315 51.29 -34.37 14.37
C ALA F 315 52.18 -35.35 13.60
N THR F 316 51.97 -36.66 13.81
CA THR F 316 52.95 -37.65 13.37
C THR F 316 52.43 -38.65 12.36
N ASP F 317 51.21 -39.17 12.55
CA ASP F 317 50.68 -40.19 11.67
C ASP F 317 49.16 -40.10 11.62
N CYS F 318 48.56 -40.95 10.80
CA CYS F 318 47.11 -40.96 10.62
C CYS F 318 46.53 -42.16 11.38
N SER F 319 46.56 -42.02 12.71
CA SER F 319 46.14 -43.04 13.64
C SER F 319 44.73 -42.80 14.19
N GLY F 320 44.02 -41.81 13.67
CA GLY F 320 42.74 -41.42 14.21
C GLY F 320 42.81 -40.59 15.48
N ASP F 321 43.99 -40.45 16.08
CA ASP F 321 44.15 -39.62 17.26
C ASP F 321 43.86 -38.16 16.93
N GLN F 322 43.12 -37.49 17.82
CA GLN F 322 42.78 -36.09 17.59
C GLN F 322 44.02 -35.20 17.52
N GLY F 323 45.13 -35.63 18.10
CA GLY F 323 46.35 -34.87 18.03
C GLY F 323 47.19 -35.19 16.81
N SER F 324 47.01 -36.39 16.25
CA SER F 324 47.86 -36.87 15.17
C SER F 324 47.21 -36.65 13.81
N GLY F 325 46.12 -37.35 13.53
CA GLY F 325 45.47 -37.19 12.24
C GLY F 325 44.41 -38.22 11.91
N MET F 326 43.48 -37.84 11.05
CA MET F 326 42.46 -38.71 10.47
C MET F 326 42.63 -38.63 8.96
N CYS F 327 43.40 -39.56 8.39
CA CYS F 327 43.85 -39.39 7.02
C CYS F 327 44.28 -40.73 6.42
N VAL F 328 44.73 -40.68 5.16
CA VAL F 328 45.36 -41.79 4.48
C VAL F 328 46.68 -41.26 3.89
N ALA F 329 47.66 -42.15 3.76
CA ALA F 329 49.00 -41.74 3.36
C ALA F 329 49.48 -42.55 2.16
N TYR F 330 50.21 -41.87 1.26
CA TYR F 330 50.73 -42.48 0.04
C TYR F 330 52.21 -42.16 -0.10
N THR F 331 53.00 -43.15 -0.52
CA THR F 331 54.41 -42.96 -0.80
C THR F 331 54.70 -42.68 -2.27
N GLU F 332 53.78 -43.05 -3.17
CA GLU F 332 54.03 -42.91 -4.60
C GLU F 332 54.20 -41.46 -5.00
N VAL F 333 53.57 -40.54 -4.27
CA VAL F 333 53.61 -39.12 -4.57
C VAL F 333 54.26 -38.40 -3.39
N THR F 334 55.31 -37.64 -3.68
CA THR F 334 56.01 -36.88 -2.66
C THR F 334 56.25 -35.45 -3.15
N ASP F 335 56.97 -34.65 -2.37
CA ASP F 335 57.31 -33.29 -2.77
C ASP F 335 58.46 -33.23 -3.78
N ALA F 336 59.02 -34.37 -4.18
CA ALA F 336 60.11 -34.42 -5.15
C ALA F 336 59.70 -34.94 -6.52
N LYS F 337 58.77 -35.89 -6.58
CA LYS F 337 58.19 -36.33 -7.84
C LYS F 337 56.85 -36.98 -7.58
N GLY F 338 56.06 -37.12 -8.64
CA GLY F 338 54.79 -37.81 -8.54
C GLY F 338 53.61 -37.05 -9.11
N THR F 339 52.85 -37.71 -9.97
CA THR F 339 51.56 -37.21 -10.44
C THR F 339 50.51 -38.23 -10.03
N PRO F 340 49.56 -37.88 -9.15
CA PRO F 340 48.65 -38.90 -8.61
C PRO F 340 47.89 -39.65 -9.68
N THR F 341 47.46 -38.96 -10.74
CA THR F 341 46.72 -39.59 -11.81
C THR F 341 47.56 -40.59 -12.62
N LYS F 342 48.83 -40.77 -12.30
CA LYS F 342 49.66 -41.73 -13.03
C LYS F 342 50.39 -42.67 -12.07
N ASP F 343 50.76 -42.18 -10.89
CA ASP F 343 51.62 -42.93 -10.00
C ASP F 343 50.88 -43.58 -8.84
N ILE F 344 49.67 -43.12 -8.50
CA ILE F 344 48.84 -43.78 -7.49
C ILE F 344 47.93 -44.76 -8.22
N PRO F 345 48.11 -46.07 -8.04
CA PRO F 345 47.40 -47.06 -8.88
C PRO F 345 45.91 -46.84 -9.05
N TRP F 346 45.16 -46.59 -7.97
CA TRP F 346 43.72 -46.46 -8.12
C TRP F 346 43.35 -45.18 -8.85
N MET F 347 44.20 -44.16 -8.83
CA MET F 347 43.92 -42.95 -9.58
C MET F 347 44.28 -43.10 -11.05
N GLN F 348 45.39 -43.79 -11.35
CA GLN F 348 45.73 -44.02 -12.74
C GLN F 348 44.77 -45.02 -13.39
N LYS F 349 44.18 -45.91 -12.59
CA LYS F 349 43.13 -46.77 -13.11
C LYS F 349 41.94 -45.96 -13.59
N LEU F 350 41.46 -45.04 -12.74
CA LEU F 350 40.32 -44.22 -13.11
C LEU F 350 40.66 -43.23 -14.21
N ASP F 351 41.93 -42.78 -14.28
CA ASP F 351 42.34 -41.91 -15.37
C ASP F 351 42.29 -42.63 -16.70
N SER F 352 42.65 -43.92 -16.73
CA SER F 352 42.58 -44.67 -17.97
C SER F 352 41.15 -44.76 -18.47
N VAL F 353 40.17 -44.70 -17.57
CA VAL F 353 38.77 -44.65 -18.01
C VAL F 353 38.52 -43.38 -18.81
N ARG F 354 39.05 -42.24 -18.34
CA ARG F 354 38.95 -41.01 -19.10
C ARG F 354 39.66 -41.12 -20.44
N ILE F 355 40.86 -41.68 -20.44
CA ILE F 355 41.61 -41.86 -21.69
C ILE F 355 40.83 -42.74 -22.66
N LYS F 356 40.31 -43.87 -22.16
CA LYS F 356 39.49 -44.73 -23.01
C LYS F 356 38.21 -44.02 -23.43
N LEU F 357 37.62 -43.22 -22.53
CA LEU F 357 36.39 -42.50 -22.87
C LEU F 357 36.64 -41.50 -23.98
N GLN F 358 37.75 -40.78 -23.93
CA GLN F 358 38.10 -39.86 -25.01
C GLN F 358 38.23 -40.60 -26.34
N LYS F 359 38.84 -41.79 -26.32
CA LYS F 359 38.98 -42.54 -27.56
C LYS F 359 37.63 -42.98 -28.10
N HIS F 360 36.70 -43.32 -27.20
CA HIS F 360 35.38 -43.78 -27.64
C HIS F 360 34.63 -42.69 -28.39
N GLU F 361 34.63 -41.47 -27.87
CA GLU F 361 33.77 -40.42 -28.43
C GLU F 361 34.28 -39.95 -29.78
N ARG F 362 35.60 -39.78 -29.93
CA ARG F 362 36.15 -39.36 -31.22
C ARG F 362 35.76 -40.34 -32.32
N ALA F 363 35.88 -41.63 -32.04
CA ALA F 363 35.61 -42.67 -33.02
C ALA F 363 34.14 -42.83 -33.32
N VAL F 364 33.24 -41.95 -32.86
CA VAL F 364 31.84 -42.02 -33.24
C VAL F 364 31.40 -40.70 -33.87
N GLU F 365 31.25 -39.66 -33.04
CA GLU F 365 30.71 -38.40 -33.54
C GLU F 365 31.74 -37.52 -34.21
N LYS F 366 33.03 -37.87 -34.11
CA LYS F 366 34.05 -37.28 -34.96
C LYS F 366 34.50 -38.24 -36.07
N LEU F 367 33.96 -39.47 -36.07
CA LEU F 367 34.27 -40.46 -37.09
C LEU F 367 33.01 -41.14 -37.64
N GLY F 368 31.86 -40.48 -37.55
CA GLY F 368 30.64 -40.99 -38.13
C GLY F 368 30.04 -39.99 -39.10
N LYS F 369 30.91 -39.18 -39.69
CA LYS F 369 30.46 -38.11 -40.59
C LYS F 369 29.63 -38.61 -41.77
N PRO F 370 29.96 -39.70 -42.47
CA PRO F 370 29.19 -40.07 -43.66
C PRO F 370 27.72 -40.34 -43.40
N GLN F 371 27.32 -40.67 -42.17
CA GLN F 371 25.92 -40.95 -41.86
C GLN F 371 24.98 -39.93 -42.48
N HIS F 372 25.26 -38.64 -42.27
CA HIS F 372 24.43 -37.60 -42.84
C HIS F 372 24.61 -37.52 -44.34
N ASP F 373 25.86 -37.54 -44.82
CA ASP F 373 26.14 -37.39 -46.24
C ASP F 373 25.58 -38.54 -47.05
N LEU F 374 25.50 -39.74 -46.47
CA LEU F 374 24.93 -40.86 -47.19
C LEU F 374 23.40 -40.87 -47.13
N LYS F 375 22.83 -40.28 -46.07
CA LYS F 375 21.38 -40.29 -45.92
C LYS F 375 20.69 -39.57 -47.07
N THR F 376 21.25 -38.43 -47.51
CA THR F 376 20.63 -37.67 -48.58
C THR F 376 20.71 -38.39 -49.91
N ILE F 377 21.84 -39.04 -50.19
CA ILE F 377 22.04 -39.70 -51.49
C ILE F 377 20.95 -40.74 -51.74
N LEU F 378 20.70 -41.60 -50.75
CA LEU F 378 19.69 -42.63 -50.90
C LEU F 378 18.29 -42.04 -51.00
N THR F 379 17.97 -41.09 -50.11
CA THR F 379 16.63 -40.51 -50.10
C THR F 379 16.35 -39.70 -51.36
N LEU F 380 17.35 -38.94 -51.83
CA LEU F 380 17.16 -38.19 -53.07
C LEU F 380 16.93 -39.12 -54.24
N ALA F 381 17.65 -40.23 -54.29
CA ALA F 381 17.49 -41.21 -55.36
C ALA F 381 16.16 -41.94 -55.23
N ASN G 24 -5.03 -17.24 44.23
CA ASN G 24 -4.28 -16.92 43.02
C ASN G 24 -4.82 -17.66 41.81
N ILE G 25 -4.84 -16.97 40.67
CA ILE G 25 -5.31 -17.56 39.41
C ILE G 25 -4.42 -18.75 39.08
N GLY G 26 -4.98 -19.95 39.11
CA GLY G 26 -4.20 -21.14 38.82
C GLY G 26 -4.68 -21.87 37.60
N THR G 27 -4.49 -23.19 37.58
CA THR G 27 -4.88 -24.00 36.45
C THR G 27 -6.38 -24.27 36.46
N GLY G 28 -7.05 -24.00 35.34
CA GLY G 28 -8.45 -24.29 35.17
C GLY G 28 -9.40 -23.34 35.87
N ASP G 29 -8.90 -22.26 36.49
CA ASP G 29 -9.78 -21.35 37.20
C ASP G 29 -10.71 -20.58 36.28
N ASN G 30 -10.43 -20.57 34.97
CA ASN G 30 -11.22 -19.82 34.00
C ASN G 30 -11.94 -20.73 33.01
N VAL G 31 -11.93 -22.05 33.23
CA VAL G 31 -12.56 -22.99 32.29
C VAL G 31 -14.03 -22.67 32.11
N LEU G 32 -14.71 -22.20 33.15
CA LEU G 32 -16.08 -21.72 33.02
C LEU G 32 -16.20 -20.69 31.92
N HIS G 33 -15.34 -19.67 31.94
CA HIS G 33 -15.40 -18.62 30.92
C HIS G 33 -14.91 -19.13 29.57
N ARG G 34 -13.96 -20.08 29.56
CA ARG G 34 -13.52 -20.66 28.30
C ARG G 34 -14.68 -21.33 27.56
N ALA G 35 -15.49 -22.09 28.29
CA ALA G 35 -16.59 -22.82 27.65
C ALA G 35 -17.61 -21.86 27.04
N ALA G 36 -17.87 -20.74 27.71
CA ALA G 36 -18.86 -19.80 27.20
C ALA G 36 -18.38 -19.12 25.93
N LEU G 37 -17.11 -18.69 25.90
CA LEU G 37 -16.60 -18.03 24.70
C LEU G 37 -16.41 -19.03 23.56
N CYS G 38 -15.98 -20.26 23.88
CA CYS G 38 -15.85 -21.26 22.83
C CYS G 38 -17.20 -21.64 22.25
N GLY G 39 -18.25 -21.60 23.08
CA GLY G 39 -19.60 -21.76 22.56
C GLY G 39 -19.97 -20.70 21.55
N ILE G 40 -19.26 -19.57 21.54
CA ILE G 40 -19.50 -18.51 20.57
C ILE G 40 -18.71 -18.73 19.30
N ILE G 41 -17.40 -19.02 19.42
CA ILE G 41 -16.58 -19.12 18.22
C ILE G 41 -16.70 -20.47 17.53
N GLU G 42 -17.36 -21.46 18.15
CA GLU G 42 -17.62 -22.70 17.43
C GLU G 42 -18.68 -22.52 16.36
N LEU G 43 -19.42 -21.41 16.38
CA LEU G 43 -20.39 -21.10 15.35
C LEU G 43 -19.76 -20.39 14.15
N ALA G 44 -18.52 -19.93 14.28
CA ALA G 44 -17.88 -19.14 13.23
C ALA G 44 -17.47 -20.06 12.09
N GLY G 45 -16.74 -19.50 11.12
CA GLY G 45 -16.50 -20.25 9.89
C GLY G 45 -17.80 -20.51 9.18
N LYS G 46 -17.91 -21.71 8.59
CA LYS G 46 -19.15 -22.16 7.99
C LYS G 46 -19.78 -23.31 8.77
N ARG G 47 -19.49 -23.37 10.08
CA ARG G 47 -20.00 -24.45 10.91
C ARG G 47 -21.43 -24.21 11.39
N ALA G 48 -21.91 -22.97 11.32
CA ALA G 48 -23.30 -22.66 11.64
C ALA G 48 -24.15 -22.92 10.41
N LYS G 49 -25.07 -23.87 10.51
CA LYS G 49 -25.80 -24.37 9.35
C LYS G 49 -27.30 -24.18 9.54
N LEU G 50 -27.94 -23.59 8.54
CA LEU G 50 -29.40 -23.39 8.53
C LEU G 50 -30.01 -24.63 7.92
N GLU G 51 -30.26 -25.64 8.76
CA GLU G 51 -30.68 -26.96 8.32
C GLU G 51 -32.18 -27.06 8.07
N THR G 52 -32.84 -25.95 7.79
CA THR G 52 -34.26 -25.97 7.46
C THR G 52 -34.43 -25.94 5.94
N ALA G 53 -35.63 -26.28 5.50
CA ALA G 53 -35.94 -26.35 4.08
C ALA G 53 -36.53 -25.04 3.59
N LEU G 54 -36.28 -24.74 2.30
CA LEU G 54 -36.81 -23.54 1.67
C LEU G 54 -38.18 -23.84 1.10
N PRO G 55 -39.26 -23.21 1.61
CA PRO G 55 -40.62 -23.49 1.11
C PRO G 55 -41.07 -22.55 -0.01
N ASN G 56 -40.64 -22.84 -1.24
CA ASN G 56 -41.00 -22.04 -2.40
C ASN G 56 -42.10 -22.74 -3.19
N PHE G 57 -43.14 -21.99 -3.52
CA PHE G 57 -44.27 -22.48 -4.29
C PHE G 57 -44.34 -21.86 -5.69
N GLN G 58 -43.41 -20.97 -6.02
CA GLN G 58 -43.58 -20.13 -7.20
C GLN G 58 -43.65 -20.96 -8.47
N ASN G 59 -42.72 -21.91 -8.63
CA ASN G 59 -42.73 -22.73 -9.84
C ASN G 59 -43.99 -23.57 -9.93
N GLU G 60 -44.64 -23.83 -8.80
CA GLU G 60 -45.96 -24.46 -8.84
C GLU G 60 -46.99 -23.48 -9.35
N LEU G 61 -47.01 -22.26 -8.78
CA LEU G 61 -47.90 -21.21 -9.26
C LEU G 61 -47.65 -20.94 -10.74
N ASN G 62 -46.38 -20.86 -11.15
CA ASN G 62 -46.07 -20.69 -12.57
C ASN G 62 -46.60 -21.86 -13.39
N SER G 63 -46.64 -23.06 -12.81
CA SER G 63 -47.11 -24.22 -13.55
C SER G 63 -48.63 -24.21 -13.70
N ILE G 64 -49.34 -23.82 -12.64
CA ILE G 64 -50.81 -23.77 -12.74
C ILE G 64 -51.23 -22.58 -13.60
N LEU G 65 -50.46 -21.48 -13.58
CA LEU G 65 -50.76 -20.36 -14.45
C LEU G 65 -50.52 -20.72 -15.91
N GLU G 66 -49.47 -21.51 -16.17
CA GLU G 66 -49.28 -22.05 -17.52
C GLU G 66 -50.39 -23.04 -17.86
N LEU G 67 -50.88 -23.78 -16.87
CA LEU G 67 -52.00 -24.68 -17.12
C LEU G 67 -53.27 -23.90 -17.45
N ASN G 68 -53.54 -22.82 -16.70
CA ASN G 68 -54.70 -21.98 -17.01
C ASN G 68 -54.65 -21.47 -18.44
N MET G 69 -53.48 -20.99 -18.87
CA MET G 69 -53.37 -20.43 -20.21
C MET G 69 -53.51 -21.51 -21.29
N THR G 70 -52.99 -22.71 -21.01
CA THR G 70 -53.06 -23.79 -22.01
C THR G 70 -54.51 -24.16 -22.29
N ALA G 71 -55.32 -24.30 -21.25
CA ALA G 71 -56.71 -24.72 -21.39
C ALA G 71 -57.64 -23.59 -21.81
N ALA G 72 -57.13 -22.36 -21.91
CA ALA G 72 -57.98 -21.24 -22.26
C ALA G 72 -58.38 -21.31 -23.74
N GLU G 73 -59.47 -20.61 -24.07
CA GLU G 73 -59.95 -20.59 -25.44
C GLU G 73 -58.90 -19.95 -26.36
N PRO G 74 -58.85 -20.36 -27.63
CA PRO G 74 -57.80 -19.84 -28.53
C PRO G 74 -57.87 -18.34 -28.71
N THR G 75 -59.07 -17.76 -28.71
CA THR G 75 -59.20 -16.30 -28.81
C THR G 75 -58.51 -15.59 -27.65
N TRP G 76 -58.43 -16.24 -26.49
CA TRP G 76 -57.75 -15.64 -25.34
C TRP G 76 -56.25 -15.57 -25.59
N LEU G 77 -55.64 -16.68 -26.02
CA LEU G 77 -54.23 -16.66 -26.36
C LEU G 77 -53.94 -15.68 -27.49
N ASP G 78 -54.87 -15.58 -28.45
CA ASP G 78 -54.71 -14.60 -29.53
C ASP G 78 -54.65 -13.17 -29.01
N GLN G 79 -55.22 -12.90 -27.83
CA GLN G 79 -55.15 -11.55 -27.26
C GLN G 79 -53.74 -11.18 -26.83
N PHE G 80 -52.83 -12.16 -26.71
CA PHE G 80 -51.45 -11.91 -26.34
C PHE G 80 -50.50 -12.01 -27.53
N ARG G 81 -51.02 -12.29 -28.72
CA ARG G 81 -50.23 -12.35 -29.95
C ARG G 81 -50.32 -11.02 -30.69
N ASP G 82 -49.17 -10.44 -31.00
CA ASP G 82 -49.13 -9.14 -31.66
C ASP G 82 -49.81 -9.21 -33.02
N LYS G 83 -50.43 -8.09 -33.41
CA LYS G 83 -51.11 -8.02 -34.70
C LYS G 83 -50.10 -8.23 -35.83
N ASP G 84 -50.56 -8.89 -36.90
CA ASP G 84 -49.77 -9.21 -38.10
C ASP G 84 -48.41 -9.84 -37.77
N ASP G 85 -48.22 -10.35 -36.55
CA ASP G 85 -46.99 -11.03 -36.19
C ASP G 85 -47.36 -12.10 -35.14
N ARG G 86 -47.87 -13.23 -35.64
CA ARG G 86 -48.19 -14.34 -34.77
C ARG G 86 -46.91 -14.97 -34.23
N SER G 87 -47.06 -15.68 -33.11
CA SER G 87 -45.96 -16.27 -32.35
C SER G 87 -44.98 -15.22 -31.83
N LYS G 88 -45.41 -13.95 -31.78
CA LYS G 88 -44.61 -12.85 -31.27
C LYS G 88 -45.43 -12.08 -30.23
N PRO G 89 -44.80 -11.70 -29.11
CA PRO G 89 -45.56 -11.04 -28.03
C PRO G 89 -46.17 -9.73 -28.48
N ARG G 90 -47.31 -9.40 -27.87
CA ARG G 90 -48.05 -8.21 -28.24
C ARG G 90 -47.37 -6.96 -27.70
N ASP G 91 -47.07 -6.02 -28.59
CA ASP G 91 -46.51 -4.73 -28.19
C ASP G 91 -47.64 -3.86 -27.64
N LEU G 92 -47.57 -3.56 -26.34
CA LEU G 92 -48.68 -2.87 -25.68
C LEU G 92 -48.79 -1.41 -26.07
N THR G 93 -47.73 -0.82 -26.63
CA THR G 93 -47.85 0.55 -27.15
C THR G 93 -48.49 0.56 -28.54
N LYS G 94 -48.10 -0.39 -29.39
CA LYS G 94 -48.76 -0.54 -30.69
C LYS G 94 -50.23 -0.93 -30.50
N GLN G 95 -50.48 -1.95 -29.70
CA GLN G 95 -51.84 -2.39 -29.38
C GLN G 95 -52.10 -2.17 -27.90
N PRO G 96 -52.78 -1.08 -27.52
CA PRO G 96 -53.03 -0.83 -26.09
C PRO G 96 -54.00 -1.83 -25.47
N LEU G 97 -54.29 -1.64 -24.19
CA LEU G 97 -55.21 -2.52 -23.49
C LEU G 97 -56.55 -1.82 -23.29
N PRO G 98 -57.67 -2.50 -23.58
CA PRO G 98 -58.99 -1.85 -23.46
C PRO G 98 -59.21 -1.21 -22.10
N LYS G 99 -59.69 0.02 -22.11
CA LYS G 99 -59.76 0.81 -20.89
C LYS G 99 -60.87 0.35 -19.95
N ASP G 100 -61.89 -0.31 -20.49
CA ASP G 100 -63.02 -0.77 -19.70
C ASP G 100 -62.77 -2.13 -19.04
N THR G 101 -61.51 -2.55 -18.92
CA THR G 101 -61.15 -3.84 -18.36
C THR G 101 -60.19 -3.66 -17.19
N ASN G 102 -59.55 -4.77 -16.80
CA ASN G 102 -58.54 -4.79 -15.75
C ASN G 102 -57.31 -5.55 -16.22
N TRP G 103 -57.08 -5.60 -17.53
CA TRP G 103 -56.03 -6.45 -18.07
C TRP G 103 -54.64 -5.93 -17.78
N ALA G 104 -54.48 -4.63 -17.51
CA ALA G 104 -53.17 -4.10 -17.15
C ALA G 104 -52.72 -4.58 -15.79
N ASP G 105 -53.67 -4.88 -14.90
CA ASP G 105 -53.32 -5.33 -13.56
C ASP G 105 -52.78 -6.76 -13.53
N HIS G 106 -53.14 -7.59 -14.53
CA HIS G 106 -52.73 -8.98 -14.57
C HIS G 106 -51.88 -9.32 -15.79
N TRP G 107 -51.53 -8.33 -16.60
CA TRP G 107 -50.91 -8.61 -17.89
C TRP G 107 -49.52 -9.22 -17.72
N THR G 108 -48.72 -8.66 -16.83
CA THR G 108 -47.34 -9.12 -16.68
C THR G 108 -47.29 -10.61 -16.33
N ALA G 109 -48.18 -11.06 -15.44
CA ALA G 109 -48.23 -12.47 -15.08
C ALA G 109 -48.78 -13.31 -16.23
N TRP G 110 -49.71 -12.77 -17.01
CA TRP G 110 -50.32 -13.53 -18.10
C TRP G 110 -49.33 -13.83 -19.21
N ALA G 111 -48.56 -12.82 -19.63
CA ALA G 111 -47.68 -12.99 -20.77
C ALA G 111 -46.60 -14.02 -20.51
N LYS G 112 -46.19 -14.18 -19.24
CA LYS G 112 -45.16 -15.17 -18.93
C LYS G 112 -45.69 -16.59 -19.07
N ALA G 113 -46.99 -16.81 -18.75
CA ALA G 113 -47.58 -18.12 -18.97
C ALA G 113 -47.84 -18.37 -20.45
N ALA G 114 -48.01 -17.31 -21.24
CA ALA G 114 -48.35 -17.45 -22.65
C ALA G 114 -47.15 -17.42 -23.57
N LEU G 115 -46.01 -16.88 -23.11
CA LEU G 115 -44.84 -16.76 -24.00
C LEU G 115 -44.39 -18.10 -24.58
N PRO G 116 -44.25 -19.18 -23.81
CA PRO G 116 -43.90 -20.46 -24.47
C PRO G 116 -45.02 -21.01 -25.33
N LEU G 117 -46.28 -20.85 -24.90
CA LEU G 117 -47.41 -21.38 -25.64
C LEU G 117 -47.73 -20.57 -26.89
N LEU G 118 -47.07 -19.42 -27.08
CA LEU G 118 -47.38 -18.59 -28.25
C LEU G 118 -47.08 -19.33 -29.55
N ASN G 119 -45.97 -20.07 -29.59
CA ASN G 119 -45.67 -20.91 -30.74
C ASN G 119 -46.77 -21.96 -30.91
N ASP G 120 -47.35 -22.02 -32.10
CA ASP G 120 -48.49 -22.90 -32.39
C ASP G 120 -48.15 -24.39 -32.35
N GLU G 121 -46.93 -24.75 -31.94
CA GLU G 121 -46.52 -26.12 -31.73
C GLU G 121 -46.33 -26.46 -30.26
N THR G 122 -45.64 -25.59 -29.50
CA THR G 122 -45.47 -25.81 -28.08
C THR G 122 -46.80 -25.84 -27.34
N HIS G 123 -47.82 -25.18 -27.89
CA HIS G 123 -49.15 -25.25 -27.30
C HIS G 123 -49.71 -26.67 -27.40
N GLN G 124 -49.57 -27.30 -28.57
CA GLN G 124 -50.02 -28.68 -28.73
C GLN G 124 -49.19 -29.66 -27.91
N ALA G 125 -47.98 -29.28 -27.52
CA ALA G 125 -47.18 -30.15 -26.67
C ALA G 125 -47.72 -30.16 -25.24
N LYS G 126 -47.94 -28.97 -24.67
CA LYS G 126 -48.50 -28.90 -23.32
C LYS G 126 -49.94 -29.39 -23.28
N LEU G 127 -50.70 -29.15 -24.35
CA LEU G 127 -52.08 -29.62 -24.40
C LEU G 127 -52.14 -31.14 -24.30
N LYS G 128 -51.27 -31.82 -25.04
CA LYS G 128 -51.18 -33.28 -24.90
C LYS G 128 -50.49 -33.70 -23.62
N GLU G 129 -49.68 -32.82 -23.02
CA GLU G 129 -48.97 -33.16 -21.79
C GLU G 129 -49.85 -32.97 -20.56
N TYR G 130 -50.59 -31.85 -20.50
CA TYR G 130 -51.45 -31.53 -19.38
C TYR G 130 -52.75 -32.31 -19.35
N LYS G 131 -52.81 -33.43 -20.08
CA LYS G 131 -53.98 -34.30 -20.18
C LYS G 131 -55.16 -33.63 -20.87
N LEU G 132 -54.95 -32.46 -21.49
CA LEU G 132 -55.99 -31.78 -22.26
C LEU G 132 -55.98 -32.17 -23.73
N ALA G 133 -55.38 -33.31 -24.06
CA ALA G 133 -55.17 -33.73 -25.45
C ALA G 133 -56.47 -33.78 -26.23
N GLY G 134 -56.68 -32.79 -27.10
CA GLY G 134 -57.82 -32.65 -28.00
C GLY G 134 -58.93 -33.67 -27.89
N LEU G 135 -60.02 -33.31 -27.23
CA LEU G 135 -61.05 -34.26 -26.87
C LEU G 135 -62.41 -33.60 -27.08
N GLN G 136 -63.44 -34.13 -26.41
CA GLN G 136 -64.78 -33.59 -26.56
C GLN G 136 -64.81 -32.13 -26.15
N PRO G 137 -65.36 -31.24 -26.98
CA PRO G 137 -65.39 -29.82 -26.62
C PRO G 137 -66.17 -29.54 -25.34
N GLU G 138 -67.22 -30.33 -25.07
CA GLU G 138 -67.91 -30.21 -23.79
C GLU G 138 -66.99 -30.62 -22.64
N LYS G 139 -66.20 -31.68 -22.84
CA LYS G 139 -65.24 -32.09 -21.82
C LYS G 139 -64.22 -31.00 -21.55
N LEU G 140 -63.76 -30.32 -22.62
CA LEU G 140 -62.90 -29.15 -22.44
C LEU G 140 -63.60 -28.11 -21.58
N GLU G 141 -64.81 -27.72 -21.97
CA GLU G 141 -65.56 -26.71 -21.22
C GLU G 141 -65.78 -27.15 -19.77
N ARG G 142 -65.86 -28.47 -19.53
CA ARG G 142 -65.95 -28.96 -18.17
C ARG G 142 -64.60 -28.83 -17.46
N ALA G 143 -63.52 -29.19 -18.13
CA ALA G 143 -62.20 -29.10 -17.51
C ALA G 143 -61.72 -27.66 -17.43
N ARG G 144 -61.97 -26.86 -18.47
CA ARG G 144 -61.54 -25.47 -18.47
C ARG G 144 -62.19 -24.70 -17.34
N ASN G 145 -63.45 -25.00 -17.03
CA ASN G 145 -64.12 -24.31 -15.94
C ASN G 145 -63.51 -24.69 -14.59
N THR G 146 -63.18 -25.98 -14.40
CA THR G 146 -62.58 -26.41 -13.15
C THR G 146 -61.18 -25.85 -12.97
N ILE G 147 -60.37 -25.88 -14.03
CA ILE G 147 -59.02 -25.36 -13.97
C ILE G 147 -59.03 -23.88 -13.60
N ARG G 148 -59.92 -23.11 -14.22
CA ARG G 148 -60.04 -21.69 -13.89
C ARG G 148 -60.42 -21.48 -12.43
N ARG G 149 -61.25 -22.38 -11.88
CA ARG G 149 -61.59 -22.31 -10.46
C ARG G 149 -60.37 -22.59 -9.59
N LEU G 150 -59.64 -23.66 -9.92
CA LEU G 150 -58.44 -23.99 -9.15
C LEU G 150 -57.39 -22.90 -9.27
N THR G 151 -57.27 -22.31 -10.46
CA THR G 151 -56.27 -21.26 -10.65
C THR G 151 -56.58 -20.03 -9.80
N ALA G 152 -57.86 -19.65 -9.70
CA ALA G 152 -58.21 -18.48 -8.91
C ALA G 152 -57.99 -18.72 -7.42
N GLU G 153 -58.27 -19.94 -6.97
CA GLU G 153 -58.05 -20.28 -5.56
C GLU G 153 -56.58 -20.18 -5.20
N ALA G 154 -55.70 -20.68 -6.06
CA ALA G 154 -54.28 -20.73 -5.73
C ALA G 154 -53.65 -19.34 -5.73
N VAL G 155 -54.06 -18.48 -6.67
CA VAL G 155 -53.49 -17.13 -6.66
C VAL G 155 -53.98 -16.36 -5.44
N ALA G 156 -55.18 -16.67 -4.95
CA ALA G 156 -55.68 -15.99 -3.75
C ALA G 156 -54.99 -16.49 -2.51
N LYS G 157 -54.59 -17.77 -2.48
CA LYS G 157 -53.80 -18.27 -1.36
C LYS G 157 -52.42 -17.61 -1.34
N ALA G 158 -51.78 -17.48 -2.51
CA ALA G 158 -50.52 -16.77 -2.61
C ALA G 158 -50.68 -15.27 -2.51
N GLN G 159 -51.92 -14.76 -2.51
CA GLN G 159 -52.18 -13.33 -2.38
C GLN G 159 -52.39 -12.92 -0.93
N ASP G 160 -52.48 -13.87 -0.01
CA ASP G 160 -52.67 -13.56 1.40
C ASP G 160 -51.55 -12.66 1.89
N PRO G 161 -51.86 -11.50 2.49
CA PRO G 161 -50.79 -10.60 2.94
C PRO G 161 -49.79 -11.24 3.90
N THR G 162 -50.14 -12.35 4.55
CA THR G 162 -49.20 -12.99 5.47
C THR G 162 -48.00 -13.57 4.72
N VAL G 163 -48.25 -14.21 3.56
CA VAL G 163 -47.16 -14.80 2.80
C VAL G 163 -46.21 -13.73 2.26
N ALA G 164 -46.69 -12.50 2.06
CA ALA G 164 -45.80 -11.41 1.64
C ALA G 164 -44.79 -11.07 2.73
N GLU G 165 -45.26 -10.93 3.97
CA GLU G 165 -44.34 -10.70 5.08
C GLU G 165 -43.44 -11.91 5.33
N SER G 166 -43.96 -13.12 5.09
CA SER G 166 -43.19 -14.31 5.41
C SER G 166 -41.99 -14.46 4.49
N THR G 167 -42.19 -14.25 3.18
CA THR G 167 -41.08 -14.38 2.24
C THR G 167 -40.00 -13.33 2.49
N ALA G 168 -40.39 -12.15 2.97
CA ALA G 168 -39.43 -11.10 3.28
C ALA G 168 -38.68 -11.34 4.58
N ASP G 169 -39.14 -12.26 5.43
CA ASP G 169 -38.43 -12.64 6.64
C ASP G 169 -37.47 -13.80 6.42
N LEU G 170 -37.55 -14.47 5.28
CA LEU G 170 -36.61 -15.55 4.98
C LEU G 170 -35.23 -14.98 4.74
N THR G 171 -34.22 -15.57 5.38
CA THR G 171 -32.83 -15.15 5.23
C THR G 171 -32.03 -16.32 4.64
N THR G 172 -30.73 -16.10 4.45
CA THR G 172 -29.87 -17.10 3.84
C THR G 172 -28.79 -17.53 4.82
N GLU G 173 -28.25 -18.73 4.58
CA GLU G 173 -27.18 -19.25 5.44
C GLU G 173 -25.92 -18.40 5.35
N GLU G 174 -25.52 -18.01 4.14
CA GLU G 174 -24.30 -17.22 4.00
C GLU G 174 -24.44 -15.85 4.66
N ASP G 175 -25.66 -15.31 4.72
CA ASP G 175 -25.86 -14.02 5.38
C ASP G 175 -25.69 -14.15 6.89
N LEU G 176 -26.29 -15.18 7.50
CA LEU G 176 -26.12 -15.39 8.93
C LEU G 176 -24.67 -15.73 9.25
N GLN G 177 -24.04 -16.58 8.44
CA GLN G 177 -22.64 -16.93 8.67
C GLN G 177 -21.75 -15.70 8.61
N LYS G 178 -22.04 -14.78 7.69
CA LYS G 178 -21.25 -13.55 7.59
C LYS G 178 -21.35 -12.73 8.87
N GLN G 179 -22.56 -12.61 9.41
CA GLN G 179 -22.75 -11.81 10.63
C GLN G 179 -22.09 -12.49 11.83
N ILE G 180 -22.10 -13.81 11.87
CA ILE G 180 -21.49 -14.54 12.99
C ILE G 180 -19.98 -14.37 12.97
N ASN G 181 -19.36 -14.51 11.80
CA ASN G 181 -17.92 -14.29 11.68
C ASN G 181 -17.55 -12.85 11.97
N GLN G 182 -18.43 -11.90 11.66
CA GLN G 182 -18.18 -10.51 12.02
C GLN G 182 -18.19 -10.30 13.52
N ALA G 183 -18.99 -11.09 14.24
CA ALA G 183 -19.08 -10.92 15.69
C ALA G 183 -17.83 -11.43 16.40
N VAL G 184 -17.18 -12.47 15.87
CA VAL G 184 -16.07 -13.07 16.58
C VAL G 184 -14.74 -12.65 15.96
N TYR G 185 -14.73 -12.31 14.68
CA TYR G 185 -13.49 -11.95 14.00
C TYR G 185 -13.49 -10.55 13.41
N SER G 186 -14.62 -9.84 13.41
CA SER G 186 -14.74 -8.56 12.69
C SER G 186 -14.37 -8.74 11.22
N LYS G 187 -14.75 -9.88 10.66
CA LYS G 187 -14.52 -10.17 9.25
C LYS G 187 -15.66 -11.03 8.75
N ASP G 188 -15.78 -11.13 7.43
CA ASP G 188 -16.84 -11.93 6.84
C ASP G 188 -16.48 -13.42 6.81
N THR G 189 -15.19 -13.75 6.78
CA THR G 189 -14.72 -15.12 6.72
C THR G 189 -13.79 -15.41 7.89
N GLU G 190 -13.81 -16.66 8.34
CA GLU G 190 -12.94 -17.10 9.40
C GLU G 190 -11.49 -17.18 8.91
N PRO G 191 -10.55 -16.55 9.60
CA PRO G 191 -9.14 -16.63 9.17
C PRO G 191 -8.62 -18.06 9.19
N ASP G 192 -7.63 -18.33 8.34
CA ASP G 192 -7.03 -19.65 8.29
C ASP G 192 -6.12 -19.87 9.50
N ASP G 193 -5.52 -21.06 9.57
CA ASP G 193 -4.77 -21.45 10.76
C ASP G 193 -3.59 -20.52 11.02
N ASP G 194 -2.97 -19.99 9.98
CA ASP G 194 -1.89 -19.02 10.15
C ASP G 194 -2.42 -17.60 10.40
N PHE G 195 -3.73 -17.39 10.31
CA PHE G 195 -4.36 -16.08 10.49
C PHE G 195 -3.82 -15.06 9.48
N ASN G 196 -3.94 -15.42 8.21
CA ASN G 196 -3.59 -14.50 7.13
C ASN G 196 -4.65 -13.40 7.01
N GLY G 197 -4.18 -12.16 6.84
CA GLY G 197 -5.06 -11.03 6.71
C GLY G 197 -5.68 -10.54 8.01
N TYR G 198 -5.51 -11.26 9.12
CA TYR G 198 -6.11 -10.89 10.38
C TYR G 198 -5.09 -10.15 11.24
N THR G 199 -5.42 -8.93 11.62
CA THR G 199 -4.62 -8.15 12.56
C THR G 199 -5.30 -8.21 13.92
N ALA G 200 -4.57 -8.70 14.92
CA ALA G 200 -5.15 -8.90 16.24
C ALA G 200 -5.35 -7.57 16.96
N PHE G 201 -6.50 -7.44 17.63
CA PHE G 201 -6.85 -6.30 18.47
C PHE G 201 -7.09 -5.01 17.68
N GLU G 202 -7.16 -5.10 16.34
CA GLU G 202 -7.43 -3.94 15.49
C GLU G 202 -6.46 -2.80 15.78
N GLY G 203 -5.18 -3.13 15.80
CA GLY G 203 -4.20 -2.17 16.31
C GLY G 203 -4.48 -1.95 17.77
N LYS G 204 -4.50 -0.68 18.18
CA LYS G 204 -4.99 -0.25 19.49
C LYS G 204 -4.44 -1.12 20.62
N ALA G 205 -3.12 -1.29 20.65
CA ALA G 205 -2.44 -2.06 21.69
C ALA G 205 -1.46 -1.12 22.39
N SER G 206 -1.86 -0.60 23.55
CA SER G 206 -1.12 0.45 24.23
C SER G 206 -0.75 0.07 25.65
N THR G 207 0.21 0.81 26.21
CA THR G 207 0.70 0.66 27.58
C THR G 207 1.05 -0.80 27.90
N ASN G 208 0.29 -1.41 28.79
CA ASN G 208 0.54 -2.76 29.27
C ASN G 208 -0.54 -3.71 28.78
N ARG G 209 -0.23 -5.01 28.84
CA ARG G 209 -1.23 -6.04 28.52
C ARG G 209 -2.44 -5.94 29.43
N GLN G 210 -2.32 -5.25 30.56
CA GLN G 210 -3.48 -4.98 31.42
C GLN G 210 -4.47 -4.07 30.71
N THR G 211 -4.02 -2.89 30.30
CA THR G 211 -4.90 -1.95 29.60
C THR G 211 -5.40 -2.52 28.28
N ILE G 212 -4.62 -3.42 27.66
CA ILE G 212 -5.08 -4.10 26.45
C ILE G 212 -6.33 -4.91 26.75
N CYS G 213 -6.37 -5.55 27.91
CA CYS G 213 -7.48 -6.43 28.27
C CYS G 213 -8.49 -5.79 29.22
N GLY G 214 -8.24 -4.58 29.68
CA GLY G 214 -9.19 -3.86 30.51
C GLY G 214 -8.81 -3.87 31.98
N SER G 215 -9.56 -3.09 32.75
CA SER G 215 -9.27 -2.93 34.18
C SER G 215 -10.60 -2.73 34.91
N ALA G 216 -10.53 -2.19 36.13
CA ALA G 216 -11.71 -2.00 36.95
C ALA G 216 -12.31 -0.61 36.80
N VAL G 217 -11.57 0.35 36.25
CA VAL G 217 -12.09 1.67 35.96
C VAL G 217 -12.06 2.00 34.47
N ALA G 218 -11.19 1.37 33.69
CA ALA G 218 -11.10 1.60 32.26
C ALA G 218 -11.78 0.46 31.50
N GLY G 219 -11.68 0.51 30.18
CA GLY G 219 -12.25 -0.51 29.33
C GLY G 219 -11.22 -1.20 28.47
N SER G 220 -11.53 -2.41 28.00
CA SER G 220 -10.63 -3.19 27.18
C SER G 220 -10.59 -2.66 25.75
N LYS G 221 -9.57 -3.11 25.01
CA LYS G 221 -9.45 -2.83 23.59
C LYS G 221 -9.87 -3.99 22.71
N ALA G 222 -10.64 -4.93 23.28
CA ALA G 222 -11.16 -6.07 22.52
C ALA G 222 -12.55 -5.72 22.03
N THR G 223 -12.75 -5.78 20.72
CA THR G 223 -14.03 -5.43 20.12
C THR G 223 -14.80 -6.62 19.58
N ASN G 224 -14.14 -7.75 19.28
CA ASN G 224 -14.82 -8.96 18.87
C ASN G 224 -14.70 -10.01 19.96
N ALA G 225 -15.05 -11.25 19.62
CA ALA G 225 -15.01 -12.35 20.57
C ALA G 225 -13.68 -13.09 20.55
N MET G 226 -13.02 -13.14 19.39
CA MET G 226 -11.75 -13.85 19.30
C MET G 226 -10.69 -13.18 20.17
N ASP G 227 -10.49 -11.88 20.00
CA ASP G 227 -9.51 -11.17 20.81
C ASP G 227 -9.91 -11.16 22.28
N ALA G 228 -11.22 -11.14 22.56
CA ALA G 228 -11.67 -11.27 23.94
C ALA G 228 -11.31 -12.62 24.51
N LEU G 229 -11.40 -13.68 23.69
CA LEU G 229 -10.97 -15.00 24.13
C LEU G 229 -9.46 -15.03 24.37
N PHE G 230 -8.70 -14.26 23.58
CA PHE G 230 -7.25 -14.21 23.80
C PHE G 230 -6.94 -13.57 25.15
N CYS G 231 -7.74 -12.58 25.56
CA CYS G 231 -7.48 -11.88 26.80
C CYS G 231 -7.78 -12.72 28.03
N VAL G 232 -8.58 -13.78 27.90
CA VAL G 232 -8.95 -14.59 29.05
C VAL G 232 -8.13 -15.87 29.07
N CYS G 233 -7.72 -16.36 27.90
CA CYS G 233 -6.94 -17.59 27.78
C CYS G 233 -5.75 -17.33 26.86
N ALA G 234 -4.58 -17.08 27.47
CA ALA G 234 -3.35 -16.92 26.70
C ALA G 234 -2.15 -16.79 27.64
N ASP G 235 -1.21 -17.72 27.54
CA ASP G 235 -0.02 -17.66 28.38
C ASP G 235 1.02 -16.74 27.75
N ASP G 236 1.55 -15.82 28.56
CA ASP G 236 2.67 -15.00 28.16
C ASP G 236 3.96 -15.68 28.61
N ARG G 237 5.08 -14.96 28.55
CA ARG G 237 6.32 -15.43 29.16
C ARG G 237 6.49 -14.96 30.59
N THR G 238 5.44 -14.36 31.17
CA THR G 238 5.43 -14.00 32.58
C THR G 238 4.45 -14.81 33.40
N ASN G 239 3.72 -15.75 32.76
CA ASN G 239 2.82 -16.62 33.52
C ASN G 239 2.70 -18.01 32.92
N GLY G 240 3.62 -18.44 32.06
CA GLY G 240 3.55 -19.71 31.38
C GLY G 240 3.31 -20.92 32.27
N ALA G 241 3.70 -20.82 33.55
CA ALA G 241 3.40 -21.85 34.53
C ALA G 241 2.49 -21.36 35.64
N ASP G 242 2.13 -20.08 35.64
CA ASP G 242 1.34 -19.47 36.70
C ASP G 242 -0.15 -19.46 36.35
N ALA G 243 -0.63 -18.32 35.85
CA ALA G 243 -2.03 -18.15 35.50
C ALA G 243 -2.32 -18.48 34.04
N GLY G 244 -1.30 -18.54 33.19
CA GLY G 244 -1.48 -18.87 31.79
C GLY G 244 -1.98 -20.28 31.52
N LYS G 245 -2.39 -20.98 32.59
CA LYS G 245 -3.00 -22.29 32.50
C LYS G 245 -4.45 -22.29 32.98
N ALA G 246 -5.05 -21.11 33.15
CA ALA G 246 -6.43 -21.01 33.64
C ALA G 246 -7.45 -21.59 32.66
N CYS G 247 -7.02 -22.01 31.47
CA CYS G 247 -7.92 -22.60 30.51
C CYS G 247 -7.42 -23.91 29.95
N VAL G 248 -6.27 -24.41 30.41
CA VAL G 248 -5.76 -25.70 29.99
C VAL G 248 -5.62 -26.58 31.24
N ALA G 249 -5.26 -27.83 31.04
CA ALA G 249 -5.07 -28.75 32.15
C ALA G 249 -3.59 -28.88 32.53
N GLY G 250 -2.77 -29.45 31.66
CA GLY G 250 -1.39 -29.77 31.88
C GLY G 250 -0.50 -28.79 31.13
N THR G 251 -0.11 -29.13 29.91
CA THR G 251 0.80 -28.29 29.14
C THR G 251 0.15 -26.97 28.73
N ALA G 252 0.82 -25.84 29.04
CA ALA G 252 0.31 -24.54 28.70
C ALA G 252 0.24 -24.39 27.18
N PRO G 253 -0.52 -23.40 26.69
CA PRO G 253 -0.64 -23.25 25.23
C PRO G 253 0.69 -23.01 24.52
N GLY G 254 1.55 -22.17 25.08
CA GLY G 254 2.83 -21.91 24.47
C GLY G 254 2.80 -20.86 23.37
N THR G 255 2.04 -19.79 23.55
CA THR G 255 2.06 -18.70 22.58
C THR G 255 3.42 -18.03 22.54
N GLY G 256 4.08 -17.93 23.69
CA GLY G 256 5.30 -17.15 23.77
C GLY G 256 5.07 -15.67 23.68
N TRP G 257 3.95 -15.18 24.20
CA TRP G 257 3.61 -13.77 24.07
C TRP G 257 4.52 -12.92 24.95
N ASN G 258 5.20 -11.96 24.35
CA ASN G 258 5.98 -10.96 25.06
C ASN G 258 5.33 -9.60 24.84
N PRO G 259 4.26 -9.28 25.57
CA PRO G 259 3.51 -8.04 25.29
C PRO G 259 4.36 -6.78 25.37
N GLY G 260 5.36 -6.74 26.25
CA GLY G 260 6.28 -5.61 26.30
C GLY G 260 7.00 -5.40 24.99
N VAL G 261 7.71 -6.44 24.54
CA VAL G 261 8.38 -6.40 23.23
C VAL G 261 7.35 -6.19 22.12
N THR G 262 6.27 -6.97 22.13
CA THR G 262 5.26 -6.91 21.08
C THR G 262 3.88 -7.05 21.71
N ALA G 263 3.16 -5.94 21.83
CA ALA G 263 1.79 -5.95 22.31
C ALA G 263 0.80 -6.52 21.30
N THR G 264 1.28 -7.10 20.20
CA THR G 264 0.44 -7.69 19.18
C THR G 264 0.79 -9.16 19.01
N PRO G 265 -0.16 -10.08 19.12
CA PRO G 265 0.13 -11.50 18.90
C PRO G 265 0.22 -11.81 17.41
N THR G 266 0.96 -12.87 17.11
CA THR G 266 1.01 -13.36 15.73
C THR G 266 0.00 -14.49 15.52
N GLY G 267 -0.29 -14.77 14.25
CA GLY G 267 -1.30 -15.78 13.95
C GLY G 267 -0.95 -17.14 14.49
N THR G 268 0.34 -17.46 14.54
CA THR G 268 0.77 -18.72 15.14
C THR G 268 0.31 -18.80 16.60
N MET G 269 0.48 -17.71 17.34
CA MET G 269 0.00 -17.65 18.71
C MET G 269 -1.52 -17.68 18.76
N LEU G 270 -2.17 -16.88 17.91
CA LEU G 270 -3.63 -16.79 17.92
C LEU G 270 -4.28 -18.15 17.72
N GLN G 271 -3.68 -19.00 16.89
CA GLN G 271 -4.26 -20.31 16.66
C GLN G 271 -4.08 -21.22 17.87
N LYS G 272 -2.95 -21.10 18.57
CA LYS G 272 -2.70 -21.95 19.74
C LYS G 272 -3.72 -21.70 20.86
N VAL G 273 -4.47 -20.60 20.79
CA VAL G 273 -5.60 -20.42 21.70
C VAL G 273 -6.89 -20.91 21.08
N ARG G 274 -7.06 -20.68 19.77
CA ARG G 274 -8.29 -21.09 19.09
C ARG G 274 -8.49 -22.60 19.13
N LYS G 275 -7.40 -23.36 19.16
CA LYS G 275 -7.49 -24.82 19.21
C LYS G 275 -8.18 -25.32 20.48
N LEU G 276 -8.33 -24.47 21.50
CA LEU G 276 -9.07 -24.87 22.69
C LEU G 276 -10.57 -24.98 22.45
N CYS G 277 -11.08 -24.38 21.38
CA CYS G 277 -12.49 -24.48 21.04
C CYS G 277 -12.70 -25.51 19.94
N ASN G 278 -13.94 -26.00 19.84
CA ASN G 278 -14.30 -27.04 18.87
C ASN G 278 -14.57 -26.40 17.52
N THR G 279 -13.51 -26.28 16.70
CA THR G 279 -13.61 -25.79 15.33
C THR G 279 -13.78 -26.93 14.33
N HIS G 280 -14.05 -28.14 14.80
CA HIS G 280 -14.12 -29.31 13.94
C HIS G 280 -15.51 -29.89 13.81
N GLY G 281 -16.52 -29.27 14.42
CA GLY G 281 -17.88 -29.76 14.38
C GLY G 281 -18.80 -28.85 13.59
N LYS G 282 -20.10 -29.15 13.70
CA LYS G 282 -21.16 -28.37 13.09
C LYS G 282 -22.13 -27.95 14.18
N THR G 283 -22.99 -26.98 13.83
CA THR G 283 -23.99 -26.49 14.77
C THR G 283 -25.25 -26.15 13.98
N THR G 284 -26.36 -26.77 14.35
CA THR G 284 -27.64 -26.46 13.74
C THR G 284 -28.09 -25.07 14.19
N LEU G 285 -28.25 -24.16 13.24
CA LEU G 285 -28.67 -22.81 13.57
C LEU G 285 -30.12 -22.79 14.03
N SER G 286 -30.38 -22.02 15.08
CA SER G 286 -31.72 -21.78 15.59
C SER G 286 -31.64 -20.60 16.55
N ALA G 287 -32.72 -19.84 16.63
CA ALA G 287 -32.76 -18.70 17.54
C ALA G 287 -32.50 -19.12 18.98
N ALA G 288 -33.02 -20.28 19.39
CA ALA G 288 -32.80 -20.76 20.74
C ALA G 288 -31.32 -21.06 20.97
N ALA G 289 -30.66 -21.69 20.01
CA ALA G 289 -29.25 -22.01 20.16
C ALA G 289 -28.40 -20.77 20.34
N ILE G 290 -28.68 -19.72 19.57
CA ILE G 290 -27.97 -18.46 19.74
C ILE G 290 -28.35 -17.80 21.06
N GLU G 291 -29.61 -17.96 21.46
CA GLU G 291 -30.09 -17.32 22.69
C GLU G 291 -29.32 -17.81 23.90
N GLY G 292 -29.23 -19.13 24.08
CA GLY G 292 -28.54 -19.67 25.24
C GLY G 292 -27.07 -19.29 25.28
N ARG G 293 -26.39 -19.41 24.13
CA ARG G 293 -24.97 -19.10 24.10
C ARG G 293 -24.72 -17.64 24.45
N LEU G 294 -25.64 -16.75 24.06
CA LEU G 294 -25.46 -15.33 24.33
C LEU G 294 -25.64 -15.01 25.80
N THR G 295 -26.72 -15.53 26.41
CA THR G 295 -26.96 -15.27 27.83
C THR G 295 -25.96 -15.98 28.72
N ALA G 296 -25.27 -17.01 28.22
CA ALA G 296 -24.16 -17.58 28.96
C ALA G 296 -23.05 -16.54 29.16
N VAL G 297 -22.54 -15.98 28.06
CA VAL G 297 -21.51 -14.96 28.17
C VAL G 297 -22.04 -13.71 28.87
N GLY G 298 -23.29 -13.35 28.56
CA GLY G 298 -23.83 -12.08 29.05
C GLY G 298 -23.94 -12.03 30.57
N ASN G 299 -24.43 -13.11 31.17
CA ASN G 299 -24.60 -13.13 32.63
C ASN G 299 -23.29 -13.38 33.36
N LEU G 300 -22.30 -13.98 32.72
CA LEU G 300 -21.00 -14.16 33.35
C LEU G 300 -20.26 -12.84 33.57
N LEU G 301 -20.74 -11.75 32.98
CA LEU G 301 -20.12 -10.45 33.14
C LEU G 301 -20.28 -10.00 34.59
N THR G 302 -19.21 -10.08 35.36
CA THR G 302 -19.22 -9.62 36.75
C THR G 302 -19.26 -8.10 36.73
N ARG G 303 -20.46 -7.54 36.91
CA ARG G 303 -20.62 -6.09 36.84
C ARG G 303 -19.98 -5.40 38.04
N GLY G 304 -19.57 -4.15 37.82
CA GLY G 304 -19.03 -3.33 38.88
C GLY G 304 -19.75 -2.00 38.97
N SER G 305 -18.99 -0.91 38.97
CA SER G 305 -19.57 0.43 38.91
C SER G 305 -19.06 1.24 37.74
N ALA G 306 -17.78 1.10 37.39
CA ALA G 306 -17.22 1.70 36.19
C ALA G 306 -17.06 0.71 35.05
N THR G 307 -17.17 -0.58 35.33
CA THR G 307 -16.95 -1.62 34.33
C THR G 307 -17.72 -2.87 34.70
N SER G 308 -17.71 -3.83 33.78
CA SER G 308 -18.11 -5.20 34.04
C SER G 308 -17.03 -6.11 33.50
N ILE G 309 -16.66 -7.12 34.28
CA ILE G 309 -15.50 -7.96 33.98
C ILE G 309 -15.98 -9.36 33.65
N LEU G 310 -15.22 -10.02 32.76
CA LEU G 310 -15.51 -11.38 32.33
C LEU G 310 -14.24 -12.22 32.47
N GLY G 311 -14.21 -13.09 33.47
CA GLY G 311 -13.08 -13.97 33.69
C GLY G 311 -12.62 -13.92 35.14
N SER G 312 -11.70 -14.85 35.45
CA SER G 312 -11.08 -14.87 36.77
C SER G 312 -10.28 -13.60 36.98
N PHE G 313 -10.74 -12.74 37.87
CA PHE G 313 -10.11 -11.45 38.14
C PHE G 313 -10.02 -11.29 39.65
N LEU G 314 -8.82 -11.49 40.21
CA LEU G 314 -8.66 -11.44 41.66
C LEU G 314 -9.09 -10.09 42.22
N ALA G 315 -8.38 -9.02 41.82
CA ALA G 315 -8.73 -7.67 42.24
C ALA G 315 -7.91 -6.58 41.55
N THR G 316 -6.92 -6.96 40.74
CA THR G 316 -5.93 -6.01 40.25
C THR G 316 -5.86 -6.03 38.73
N ASP G 317 -6.12 -4.86 38.12
CA ASP G 317 -6.11 -4.59 36.68
C ASP G 317 -6.74 -5.71 35.85
N CYS G 318 -5.91 -6.56 35.22
CA CYS G 318 -6.29 -7.75 34.44
C CYS G 318 -5.08 -8.16 33.60
N SER G 319 -3.93 -8.36 34.24
CA SER G 319 -2.70 -8.71 33.54
C SER G 319 -2.60 -10.21 33.30
N GLY G 320 -1.40 -10.75 33.45
CA GLY G 320 -1.21 -12.17 33.31
C GLY G 320 -0.79 -12.83 34.61
N ASP G 321 -0.38 -12.01 35.58
CA ASP G 321 0.15 -12.50 36.84
C ASP G 321 -0.92 -13.21 37.67
N GLN G 322 -0.47 -14.06 38.58
CA GLN G 322 -1.40 -14.81 39.43
C GLN G 322 -2.25 -13.88 40.28
N GLY G 323 -1.61 -12.90 40.92
CA GLY G 323 -2.36 -11.99 41.78
C GLY G 323 -3.28 -11.06 41.04
N SER G 324 -3.06 -10.88 39.74
CA SER G 324 -3.83 -9.90 38.98
C SER G 324 -5.15 -10.49 38.50
N GLY G 325 -5.09 -11.45 37.58
CA GLY G 325 -6.27 -12.05 37.00
C GLY G 325 -6.09 -12.33 35.52
N MET G 326 -7.05 -13.03 34.92
CA MET G 326 -7.05 -13.28 33.47
C MET G 326 -8.48 -13.10 32.98
N CYS G 327 -8.79 -11.89 32.51
CA CYS G 327 -10.16 -11.48 32.27
C CYS G 327 -10.22 -10.60 31.02
N VAL G 328 -11.33 -9.89 30.86
CA VAL G 328 -11.52 -8.87 29.84
C VAL G 328 -12.65 -7.98 30.33
N ALA G 329 -12.42 -6.67 30.34
CA ALA G 329 -13.38 -5.73 30.91
C ALA G 329 -14.18 -5.01 29.81
N TYR G 330 -15.30 -4.42 30.21
CA TYR G 330 -16.16 -3.68 29.30
C TYR G 330 -16.74 -2.48 30.04
N THR G 331 -16.91 -1.38 29.30
CA THR G 331 -17.38 -0.13 29.89
C THR G 331 -18.86 0.15 29.63
N GLU G 332 -19.53 -0.67 28.81
CA GLU G 332 -20.90 -0.39 28.40
C GLU G 332 -21.94 -1.03 29.31
N VAL G 333 -21.52 -1.74 30.36
CA VAL G 333 -22.44 -2.37 31.31
C VAL G 333 -21.90 -2.11 32.72
N THR G 334 -22.73 -1.50 33.56
CA THR G 334 -22.36 -1.22 34.94
C THR G 334 -23.47 -1.71 35.87
N ASP G 335 -23.50 -1.17 37.09
CA ASP G 335 -24.56 -1.51 38.04
C ASP G 335 -25.94 -1.04 37.57
N ALA G 336 -26.00 -0.06 36.67
CA ALA G 336 -27.26 0.41 36.10
C ALA G 336 -27.27 0.35 34.59
N LYS G 337 -26.35 1.06 33.93
CA LYS G 337 -26.34 1.11 32.48
C LYS G 337 -25.94 -0.23 31.88
N GLY G 338 -26.61 -0.61 30.81
CA GLY G 338 -26.11 -1.67 29.95
C GLY G 338 -26.99 -2.91 29.93
N THR G 339 -27.20 -3.45 28.70
CA THR G 339 -27.78 -4.75 28.39
C THR G 339 -26.89 -5.44 27.37
N PRO G 340 -26.33 -6.62 27.69
CA PRO G 340 -25.17 -7.08 26.91
C PRO G 340 -25.46 -7.40 25.46
N THR G 341 -26.66 -7.88 25.11
CA THR G 341 -26.95 -8.15 23.70
C THR G 341 -27.04 -6.86 22.88
N LYS G 342 -27.11 -5.71 23.53
CA LYS G 342 -26.93 -4.40 22.94
C LYS G 342 -25.70 -3.75 23.60
N ASP G 343 -25.38 -2.52 23.21
CA ASP G 343 -24.35 -1.74 23.87
C ASP G 343 -22.95 -2.36 23.74
N ILE G 344 -22.89 -3.65 23.47
CA ILE G 344 -21.65 -4.37 23.16
C ILE G 344 -21.68 -4.69 21.66
N PRO G 345 -20.74 -4.15 20.86
CA PRO G 345 -20.86 -4.34 19.40
C PRO G 345 -20.87 -5.80 18.96
N TRP G 346 -19.95 -6.63 19.47
CA TRP G 346 -19.87 -8.00 18.99
C TRP G 346 -21.07 -8.82 19.47
N MET G 347 -21.52 -8.60 20.71
CA MET G 347 -22.73 -9.26 21.16
C MET G 347 -23.95 -8.74 20.42
N GLN G 348 -23.92 -7.49 19.98
CA GLN G 348 -25.02 -6.94 19.21
C GLN G 348 -25.15 -7.65 17.87
N LYS G 349 -24.02 -7.84 17.17
CA LYS G 349 -24.05 -8.50 15.87
C LYS G 349 -24.55 -9.92 15.99
N LEU G 350 -24.15 -10.62 17.04
CA LEU G 350 -24.60 -11.99 17.22
C LEU G 350 -26.07 -12.05 17.60
N ASP G 351 -26.59 -11.01 18.25
CA ASP G 351 -28.01 -11.02 18.63
C ASP G 351 -28.90 -10.78 17.43
N SER G 352 -28.42 -9.98 16.47
CA SER G 352 -29.21 -9.76 15.26
C SER G 352 -29.34 -11.03 14.44
N VAL G 353 -28.41 -11.98 14.63
CA VAL G 353 -28.54 -13.28 13.98
C VAL G 353 -29.71 -14.04 14.57
N ARG G 354 -29.85 -14.00 15.91
CA ARG G 354 -31.00 -14.64 16.56
C ARG G 354 -32.31 -14.01 16.09
N ILE G 355 -32.36 -12.68 16.02
CA ILE G 355 -33.58 -11.99 15.62
C ILE G 355 -33.96 -12.37 14.20
N LYS G 356 -32.99 -12.38 13.28
CA LYS G 356 -33.28 -12.81 11.92
C LYS G 356 -33.68 -14.28 11.88
N LEU G 357 -33.15 -15.10 12.81
CA LEU G 357 -33.54 -16.50 12.87
C LEU G 357 -34.95 -16.67 13.42
N GLN G 358 -35.37 -15.82 14.35
CA GLN G 358 -36.75 -15.84 14.82
C GLN G 358 -37.71 -15.52 13.68
N LYS G 359 -37.37 -14.54 12.85
CA LYS G 359 -38.19 -14.23 11.68
C LYS G 359 -38.23 -15.40 10.71
N HIS G 360 -37.07 -15.99 10.43
CA HIS G 360 -37.00 -17.09 9.47
C HIS G 360 -37.75 -18.31 9.98
N GLU G 361 -37.67 -18.60 11.28
CA GLU G 361 -38.35 -19.77 11.83
C GLU G 361 -39.87 -19.58 11.77
N ARG G 362 -40.35 -18.37 12.05
CA ARG G 362 -41.77 -18.08 11.91
C ARG G 362 -42.21 -18.15 10.45
N ALA G 363 -41.33 -17.76 9.52
CA ALA G 363 -41.69 -17.70 8.11
C ALA G 363 -41.80 -19.09 7.48
N VAL G 364 -40.85 -19.98 7.77
CA VAL G 364 -40.90 -21.32 7.19
C VAL G 364 -42.11 -22.09 7.70
N GLU G 365 -42.50 -21.86 8.96
CA GLU G 365 -43.68 -22.53 9.50
C GLU G 365 -44.95 -22.05 8.81
N LYS G 366 -45.07 -20.74 8.59
CA LYS G 366 -46.27 -20.18 7.98
C LYS G 366 -46.36 -20.52 6.50
N LEU G 367 -45.23 -20.46 5.78
CA LEU G 367 -45.22 -20.77 4.35
C LEU G 367 -45.37 -22.25 4.06
N GLY G 368 -45.50 -23.09 5.08
CA GLY G 368 -45.58 -24.53 4.84
C GLY G 368 -46.87 -24.97 4.19
N LYS G 369 -48.00 -24.44 4.65
CA LYS G 369 -49.29 -24.92 4.18
C LYS G 369 -49.67 -24.34 2.83
N PRO G 370 -49.49 -23.02 2.58
CA PRO G 370 -49.70 -22.53 1.21
C PRO G 370 -48.91 -23.28 0.15
N GLN G 371 -47.68 -23.69 0.47
CA GLN G 371 -46.93 -24.54 -0.45
C GLN G 371 -47.63 -25.88 -0.64
N HIS G 372 -48.10 -26.47 0.46
CA HIS G 372 -48.83 -27.74 0.36
C HIS G 372 -50.13 -27.57 -0.41
N ASP G 373 -50.85 -26.48 -0.17
CA ASP G 373 -52.11 -26.25 -0.86
C ASP G 373 -51.91 -26.10 -2.36
N LEU G 374 -50.84 -25.43 -2.77
CA LEU G 374 -50.60 -25.23 -4.20
C LEU G 374 -50.12 -26.51 -4.88
N LYS G 375 -49.63 -27.49 -4.13
CA LYS G 375 -49.22 -28.75 -4.73
C LYS G 375 -50.40 -29.67 -4.97
N THR G 376 -51.35 -29.72 -4.02
CA THR G 376 -52.56 -30.50 -4.22
C THR G 376 -53.38 -29.95 -5.38
N ILE G 377 -53.42 -28.61 -5.52
CA ILE G 377 -54.16 -28.00 -6.61
C ILE G 377 -53.54 -28.38 -7.96
N LEU G 378 -52.21 -28.39 -8.03
CA LEU G 378 -51.54 -28.73 -9.28
C LEU G 378 -51.83 -30.17 -9.68
N THR G 379 -51.80 -31.10 -8.73
CA THR G 379 -52.07 -32.50 -9.06
C THR G 379 -53.54 -32.70 -9.43
N LEU G 380 -54.45 -32.03 -8.71
CA LEU G 380 -55.86 -32.14 -9.04
C LEU G 380 -56.16 -31.57 -10.43
N ALA G 381 -55.52 -30.44 -10.77
CA ALA G 381 -55.71 -29.84 -12.07
C ALA G 381 -55.24 -30.73 -13.22
N LYS G 382 -54.51 -31.80 -12.92
CA LYS G 382 -54.05 -32.74 -13.93
C LYS G 382 -54.60 -34.15 -13.68
N ASP G 383 -55.59 -34.29 -12.82
CA ASP G 383 -56.29 -35.56 -12.62
C ASP G 383 -57.49 -35.59 -13.55
N PRO G 384 -57.40 -36.29 -14.69
CA PRO G 384 -58.51 -36.24 -15.66
C PRO G 384 -59.82 -36.71 -15.09
N ALA G 385 -59.80 -37.66 -14.15
CA ALA G 385 -61.04 -38.06 -13.50
C ALA G 385 -61.62 -36.93 -12.66
N TYR G 386 -60.76 -36.16 -11.98
CA TYR G 386 -61.25 -35.07 -11.13
C TYR G 386 -61.88 -33.96 -11.95
N LEU G 387 -61.35 -33.70 -13.15
CA LEU G 387 -61.88 -32.61 -13.97
C LEU G 387 -63.30 -32.90 -14.44
N GLN G 388 -63.67 -34.17 -14.55
CA GLN G 388 -65.05 -34.54 -14.90
C GLN G 388 -65.72 -35.28 -13.76
N ASN H 24 -5.38 -25.85 45.70
CA ASN H 24 -5.56 -27.28 45.49
C ASN H 24 -7.03 -27.62 45.33
N ILE H 25 -7.31 -28.79 44.77
CA ILE H 25 -8.70 -29.19 44.51
C ILE H 25 -9.40 -29.45 45.83
N GLY H 26 -10.42 -28.65 46.12
CA GLY H 26 -11.18 -28.80 47.35
C GLY H 26 -12.65 -29.02 47.14
N THR H 27 -13.47 -28.53 48.07
CA THR H 27 -14.91 -28.69 47.98
C THR H 27 -15.49 -27.78 46.89
N GLY H 28 -16.44 -28.30 46.13
CA GLY H 28 -17.10 -27.53 45.10
C GLY H 28 -16.32 -27.37 43.82
N ASP H 29 -15.08 -27.87 43.76
CA ASP H 29 -14.24 -27.65 42.58
C ASP H 29 -14.65 -28.52 41.39
N ASN H 30 -15.69 -29.33 41.52
CA ASN H 30 -16.22 -30.11 40.40
C ASN H 30 -17.73 -29.99 40.29
N VAL H 31 -18.33 -28.96 40.91
CA VAL H 31 -19.77 -28.80 40.88
C VAL H 31 -20.27 -28.55 39.46
N LEU H 32 -19.58 -27.68 38.73
CA LEU H 32 -20.01 -27.35 37.37
C LEU H 32 -19.99 -28.59 36.48
N HIS H 33 -19.00 -29.46 36.66
CA HIS H 33 -18.96 -30.69 35.88
C HIS H 33 -20.02 -31.68 36.34
N ARG H 34 -20.43 -31.59 37.61
CA ARG H 34 -21.52 -32.43 38.11
C ARG H 34 -22.85 -31.98 37.52
N ALA H 35 -23.13 -30.67 37.60
CA ALA H 35 -24.36 -30.14 37.03
C ALA H 35 -24.48 -30.47 35.55
N ALA H 36 -23.36 -30.48 34.82
CA ALA H 36 -23.41 -30.82 33.41
C ALA H 36 -23.62 -32.32 33.20
N LEU H 37 -22.98 -33.15 34.02
CA LEU H 37 -23.14 -34.59 33.83
C LEU H 37 -24.45 -35.10 34.39
N CYS H 38 -24.90 -34.55 35.53
CA CYS H 38 -26.22 -34.91 36.03
C CYS H 38 -27.32 -34.53 35.05
N GLY H 39 -27.09 -33.48 34.26
CA GLY H 39 -28.02 -33.12 33.20
C GLY H 39 -28.15 -34.18 32.12
N ILE H 40 -27.18 -35.08 32.03
CA ILE H 40 -27.28 -36.20 31.11
C ILE H 40 -27.97 -37.38 31.76
N ILE H 41 -27.67 -37.63 33.04
CA ILE H 41 -28.23 -38.79 33.73
C ILE H 41 -29.69 -38.55 34.05
N GLU H 42 -30.11 -37.29 34.16
CA GLU H 42 -31.51 -37.03 34.47
C GLU H 42 -32.41 -37.33 33.29
N LEU H 43 -31.86 -37.43 32.08
CA LEU H 43 -32.61 -37.89 30.93
C LEU H 43 -32.76 -39.41 30.89
N ALA H 44 -31.97 -40.13 31.69
CA ALA H 44 -31.97 -41.58 31.67
C ALA H 44 -33.19 -42.13 32.41
N GLY H 45 -33.27 -43.46 32.47
CA GLY H 45 -34.48 -44.08 32.99
C GLY H 45 -35.63 -43.96 32.00
N LYS H 46 -36.82 -43.66 32.53
CA LYS H 46 -38.01 -43.44 31.72
C LYS H 46 -38.52 -42.01 31.86
N ARG H 47 -37.61 -41.08 32.16
CA ARG H 47 -37.98 -39.69 32.44
C ARG H 47 -37.95 -38.79 31.21
N ALA H 48 -37.54 -39.31 30.06
CA ALA H 48 -37.45 -38.53 28.83
C ALA H 48 -38.76 -38.72 28.05
N LYS H 49 -39.67 -37.77 28.19
CA LYS H 49 -40.99 -37.86 27.58
C LYS H 49 -40.93 -37.35 26.14
N LEU H 50 -41.55 -38.10 25.23
CA LEU H 50 -41.58 -37.72 23.82
C LEU H 50 -42.73 -36.76 23.51
N GLU H 51 -43.93 -37.07 24.00
CA GLU H 51 -45.14 -36.32 23.66
C GLU H 51 -45.39 -36.37 22.15
N THR H 52 -45.22 -35.22 21.47
CA THR H 52 -45.59 -35.07 20.07
C THR H 52 -46.92 -35.75 19.74
N ALA H 53 -46.97 -36.48 18.64
CA ALA H 53 -48.16 -37.21 18.24
C ALA H 53 -47.80 -38.12 17.07
N LEU H 54 -48.64 -39.15 16.86
CA LEU H 54 -48.50 -40.04 15.71
C LEU H 54 -49.68 -39.78 14.78
N PRO H 55 -49.52 -38.90 13.77
CA PRO H 55 -50.65 -38.56 12.90
C PRO H 55 -51.23 -39.76 12.18
N ASN H 56 -52.39 -40.22 12.64
CA ASN H 56 -53.11 -41.32 12.01
C ASN H 56 -53.95 -40.73 10.89
N PHE H 57 -53.28 -40.39 9.79
CA PHE H 57 -53.96 -39.77 8.66
C PHE H 57 -54.72 -40.75 7.80
N GLN H 58 -54.42 -42.05 7.92
CA GLN H 58 -55.03 -43.02 7.01
C GLN H 58 -56.49 -43.26 7.34
N ASN H 59 -56.83 -43.40 8.62
CA ASN H 59 -58.20 -43.79 8.99
C ASN H 59 -59.24 -42.82 8.45
N GLU H 60 -58.86 -41.56 8.22
CA GLU H 60 -59.76 -40.64 7.54
C GLU H 60 -59.96 -41.04 6.09
N LEU H 61 -58.89 -41.50 5.42
CA LEU H 61 -59.03 -41.98 4.05
C LEU H 61 -59.89 -43.24 3.97
N ASN H 62 -59.66 -44.19 4.89
CA ASN H 62 -60.44 -45.44 4.88
C ASN H 62 -61.93 -45.17 5.01
N SER H 63 -62.31 -44.25 5.90
CA SER H 63 -63.72 -43.90 6.07
C SER H 63 -64.25 -43.12 4.87
N ILE H 64 -63.40 -42.29 4.26
CA ILE H 64 -63.80 -41.64 3.00
C ILE H 64 -63.92 -42.67 1.89
N LEU H 65 -62.97 -43.60 1.82
CA LEU H 65 -63.12 -44.72 0.89
C LEU H 65 -64.33 -45.58 1.23
N GLU H 66 -64.65 -45.70 2.52
CA GLU H 66 -65.86 -46.43 2.90
C GLU H 66 -67.12 -45.66 2.53
N LEU H 67 -67.09 -44.33 2.62
CA LEU H 67 -68.20 -43.53 2.11
C LEU H 67 -68.43 -43.79 0.63
N ASN H 68 -67.35 -43.78 -0.16
CA ASN H 68 -67.40 -44.21 -1.55
C ASN H 68 -67.99 -45.61 -1.63
N MET H 69 -69.29 -45.70 -1.92
CA MET H 69 -70.04 -46.96 -1.86
C MET H 69 -69.95 -47.58 -0.47
N THR H 146 -70.64 -35.38 -5.85
CA THR H 146 -69.69 -34.51 -5.16
C THR H 146 -68.78 -35.33 -4.25
N ILE H 147 -69.29 -36.48 -3.81
CA ILE H 147 -68.52 -37.35 -2.92
C ILE H 147 -67.26 -37.85 -3.62
N ARG H 148 -67.37 -38.19 -4.91
CA ARG H 148 -66.20 -38.63 -5.65
C ARG H 148 -65.18 -37.50 -5.79
N ARG H 149 -65.65 -36.26 -5.92
CA ARG H 149 -64.75 -35.12 -6.01
C ARG H 149 -63.98 -34.93 -4.71
N LEU H 150 -64.65 -35.14 -3.57
CA LEU H 150 -63.98 -35.01 -2.28
C LEU H 150 -62.99 -36.16 -2.07
N THR H 151 -63.34 -37.36 -2.54
CA THR H 151 -62.41 -38.50 -2.43
C THR H 151 -61.13 -38.23 -3.20
N ALA H 152 -61.25 -37.76 -4.44
CA ALA H 152 -60.07 -37.41 -5.21
C ALA H 152 -59.27 -36.30 -4.55
N GLU H 153 -59.92 -35.46 -3.76
CA GLU H 153 -59.18 -34.46 -2.99
C GLU H 153 -58.43 -35.11 -1.84
N ALA H 154 -59.09 -36.01 -1.11
CA ALA H 154 -58.43 -36.68 0.02
C ALA H 154 -57.21 -37.44 -0.43
N VAL H 155 -57.31 -38.16 -1.55
CA VAL H 155 -56.15 -38.87 -2.09
C VAL H 155 -55.12 -37.91 -2.68
N ALA H 156 -55.48 -36.63 -2.85
CA ALA H 156 -54.54 -35.61 -3.29
C ALA H 156 -53.96 -34.82 -2.12
N LYS H 157 -54.77 -34.52 -1.10
CA LYS H 157 -54.22 -33.96 0.13
C LYS H 157 -53.27 -34.93 0.79
N ALA H 158 -53.47 -36.23 0.56
CA ALA H 158 -52.56 -37.28 0.96
C ALA H 158 -51.84 -37.81 -0.27
N GLN H 159 -51.06 -38.87 -0.08
CA GLN H 159 -50.32 -39.53 -1.17
C GLN H 159 -49.37 -38.58 -1.88
N ASP H 160 -48.84 -37.60 -1.15
CA ASP H 160 -47.84 -36.66 -1.65
C ASP H 160 -46.45 -37.12 -1.25
N PRO H 161 -45.41 -36.65 -1.95
CA PRO H 161 -44.04 -36.96 -1.48
C PRO H 161 -43.75 -36.40 -0.10
N THR H 162 -44.22 -35.19 0.21
CA THR H 162 -43.95 -34.59 1.51
C THR H 162 -44.66 -35.33 2.64
N VAL H 163 -45.81 -35.95 2.35
CA VAL H 163 -46.58 -36.60 3.41
C VAL H 163 -46.04 -37.99 3.72
N ALA H 164 -45.68 -38.76 2.69
CA ALA H 164 -45.23 -40.13 2.92
C ALA H 164 -43.84 -40.17 3.54
N GLU H 165 -42.94 -39.30 3.09
CA GLU H 165 -41.57 -39.31 3.60
C GLU H 165 -41.52 -38.88 5.07
N SER H 166 -42.37 -37.92 5.44
CA SER H 166 -42.38 -37.40 6.80
C SER H 166 -43.11 -38.30 7.78
N THR H 167 -43.47 -39.52 7.37
CA THR H 167 -44.02 -40.53 8.27
C THR H 167 -42.97 -41.55 8.70
N ALA H 168 -41.96 -41.79 7.87
CA ALA H 168 -40.87 -42.69 8.20
C ALA H 168 -39.75 -42.01 8.98
N ASP H 169 -39.88 -40.71 9.25
CA ASP H 169 -38.92 -39.97 10.05
C ASP H 169 -39.42 -39.74 11.48
N LEU H 170 -40.39 -40.53 11.93
CA LEU H 170 -40.88 -40.48 13.30
C LEU H 170 -40.27 -41.62 14.12
N THR H 171 -40.07 -41.36 15.41
CA THR H 171 -39.44 -42.33 16.30
C THR H 171 -40.33 -42.59 17.50
N THR H 172 -40.11 -43.74 18.14
CA THR H 172 -40.85 -44.12 19.33
C THR H 172 -40.06 -43.73 20.57
N GLU H 173 -40.79 -43.40 21.64
CA GLU H 173 -40.14 -43.01 22.89
C GLU H 173 -39.30 -44.14 23.45
N GLU H 174 -39.72 -45.40 23.20
CA GLU H 174 -38.96 -46.54 23.71
C GLU H 174 -37.55 -46.59 23.12
N ASP H 175 -37.43 -46.33 21.81
CA ASP H 175 -36.13 -46.40 21.16
C ASP H 175 -35.28 -45.17 21.42
N LEU H 176 -35.91 -44.01 21.64
CA LEU H 176 -35.16 -42.85 22.11
C LEU H 176 -34.70 -43.05 23.54
N GLN H 177 -35.56 -43.62 24.40
CA GLN H 177 -35.15 -43.98 25.75
C GLN H 177 -34.12 -45.10 25.75
N LYS H 178 -34.20 -45.99 24.76
CA LYS H 178 -33.24 -47.10 24.68
C LYS H 178 -31.82 -46.58 24.54
N GLN H 179 -31.62 -45.55 23.72
CA GLN H 179 -30.28 -45.02 23.51
C GLN H 179 -29.85 -44.05 24.61
N ILE H 180 -30.77 -43.26 25.15
CA ILE H 180 -30.42 -42.35 26.24
C ILE H 180 -29.89 -43.14 27.43
N ASN H 181 -30.54 -44.26 27.77
CA ASN H 181 -30.02 -45.13 28.81
C ASN H 181 -28.71 -45.79 28.36
N GLN H 182 -28.64 -46.19 27.09
CA GLN H 182 -27.41 -46.81 26.58
C GLN H 182 -26.23 -45.85 26.65
N ALA H 183 -26.49 -44.55 26.54
CA ALA H 183 -25.41 -43.58 26.63
C ALA H 183 -24.98 -43.35 28.07
N VAL H 184 -25.89 -43.49 29.03
CA VAL H 184 -25.55 -43.24 30.43
C VAL H 184 -25.04 -44.51 31.11
N TYR H 185 -25.66 -45.66 30.85
CA TYR H 185 -25.37 -46.88 31.57
C TYR H 185 -24.82 -48.00 30.71
N SER H 186 -24.62 -47.77 29.41
CA SER H 186 -24.28 -48.82 28.45
C SER H 186 -25.29 -49.96 28.49
N LYS H 187 -26.52 -49.65 28.94
CA LYS H 187 -27.59 -50.62 29.10
C LYS H 187 -28.87 -50.07 28.51
N ASP H 188 -29.72 -50.97 28.02
CA ASP H 188 -30.99 -50.55 27.45
C ASP H 188 -31.97 -50.04 28.51
N THR H 189 -31.73 -50.36 29.78
CA THR H 189 -32.56 -49.88 30.88
C THR H 189 -31.67 -49.41 32.02
N GLU H 190 -32.18 -48.44 32.78
CA GLU H 190 -31.44 -47.87 33.89
C GLU H 190 -31.41 -48.84 35.06
N PRO H 191 -30.24 -49.07 35.67
CA PRO H 191 -30.17 -49.96 36.84
C PRO H 191 -30.94 -49.37 38.01
N ASP H 192 -31.30 -50.26 38.94
CA ASP H 192 -32.10 -49.86 40.10
C ASP H 192 -31.21 -49.16 41.14
N ASP H 193 -31.77 -48.95 42.34
CA ASP H 193 -31.04 -48.24 43.38
C ASP H 193 -29.85 -49.02 43.90
N ASP H 194 -29.79 -50.33 43.62
CA ASP H 194 -28.66 -51.16 43.99
C ASP H 194 -27.75 -51.47 42.82
N PHE H 195 -28.07 -50.98 41.62
CA PHE H 195 -27.28 -51.23 40.40
C PHE H 195 -27.11 -52.73 40.16
N ASN H 196 -28.20 -53.47 40.31
CA ASN H 196 -28.16 -54.92 40.13
C ASN H 196 -27.90 -55.27 38.68
N GLY H 197 -26.96 -56.19 38.45
CA GLY H 197 -26.64 -56.62 37.11
C GLY H 197 -25.81 -55.64 36.30
N TYR H 198 -25.22 -54.65 36.95
CA TYR H 198 -24.42 -53.63 36.27
C TYR H 198 -22.97 -53.76 36.68
N THR H 199 -22.08 -53.72 35.69
CA THR H 199 -20.65 -53.71 35.91
C THR H 199 -20.14 -52.32 35.58
N ALA H 200 -19.49 -51.66 36.55
CA ALA H 200 -19.02 -50.30 36.35
C ALA H 200 -17.73 -50.30 35.54
N PHE H 201 -17.57 -49.28 34.70
CA PHE H 201 -16.45 -49.15 33.77
C PHE H 201 -16.35 -50.35 32.84
N GLU H 202 -17.47 -51.05 32.66
CA GLU H 202 -17.58 -52.27 31.87
C GLU H 202 -16.81 -53.42 32.52
N GLY H 203 -15.82 -53.11 33.35
CA GLY H 203 -15.10 -54.10 34.12
C GLY H 203 -13.60 -54.12 33.93
N LYS H 204 -13.05 -53.42 32.94
CA LYS H 204 -11.61 -53.46 32.68
C LYS H 204 -10.81 -52.52 33.58
N ALA H 205 -11.35 -52.14 34.73
CA ALA H 205 -10.58 -51.34 35.67
C ALA H 205 -9.39 -52.14 36.19
N SER H 206 -8.24 -51.48 36.28
CA SER H 206 -7.01 -52.14 36.69
C SER H 206 -6.10 -51.14 37.40
N THR H 207 -5.13 -51.68 38.13
CA THR H 207 -4.12 -50.91 38.85
C THR H 207 -4.74 -49.91 39.83
N ASN H 208 -5.02 -48.69 39.39
CA ASN H 208 -5.55 -47.68 40.30
C ASN H 208 -6.27 -46.60 39.50
N ARG H 209 -6.72 -45.56 40.22
CA ARG H 209 -7.71 -44.63 39.67
C ARG H 209 -7.25 -43.99 38.38
N GLN H 210 -6.00 -43.50 38.34
CA GLN H 210 -5.52 -42.80 37.16
C GLN H 210 -5.49 -43.71 35.95
N THR H 211 -5.31 -45.01 36.15
CA THR H 211 -5.32 -45.96 35.03
C THR H 211 -6.73 -46.19 34.50
N ILE H 212 -7.76 -45.91 35.31
CA ILE H 212 -9.14 -46.12 34.90
C ILE H 212 -9.84 -44.82 34.56
N CYS H 213 -9.52 -43.75 35.28
CA CYS H 213 -10.09 -42.44 35.02
C CYS H 213 -9.31 -41.64 33.99
N GLY H 214 -8.19 -42.16 33.52
CA GLY H 214 -7.50 -41.53 32.41
C GLY H 214 -6.45 -40.54 32.87
N SER H 215 -5.40 -40.43 32.06
CA SER H 215 -4.29 -39.52 32.29
C SER H 215 -4.23 -38.50 31.16
N ALA H 216 -3.18 -37.68 31.17
CA ALA H 216 -2.93 -36.74 30.10
C ALA H 216 -2.34 -37.40 28.85
N VAL H 217 -1.88 -38.64 28.96
CA VAL H 217 -1.32 -39.35 27.82
C VAL H 217 -2.12 -40.58 27.43
N ALA H 218 -2.97 -41.11 28.31
CA ALA H 218 -3.72 -42.34 28.03
C ALA H 218 -5.20 -42.10 28.27
N GLY H 219 -6.03 -42.85 27.54
CA GLY H 219 -7.45 -42.69 27.65
C GLY H 219 -8.03 -43.43 28.84
N SER H 220 -9.17 -42.94 29.31
CA SER H 220 -9.88 -43.56 30.41
C SER H 220 -10.63 -44.80 29.96
N LYS H 221 -10.71 -45.78 30.84
CA LYS H 221 -11.46 -47.01 30.57
C LYS H 221 -12.96 -46.85 30.75
N ALA H 222 -13.45 -45.62 30.90
CA ALA H 222 -14.88 -45.36 30.95
C ALA H 222 -15.43 -45.25 29.53
N THR H 223 -16.72 -45.59 29.38
CA THR H 223 -17.36 -45.54 28.07
C THR H 223 -18.80 -45.08 28.15
N ASN H 224 -19.29 -44.68 29.32
CA ASN H 224 -20.64 -44.17 29.45
C ASN H 224 -20.65 -42.98 30.41
N ALA H 225 -21.80 -42.29 30.46
CA ALA H 225 -21.91 -41.09 31.28
C ALA H 225 -21.75 -41.41 32.76
N MET H 226 -22.42 -42.46 33.23
CA MET H 226 -22.32 -42.82 34.65
C MET H 226 -20.87 -43.07 35.05
N ASP H 227 -20.15 -43.87 34.26
CA ASP H 227 -18.75 -44.12 34.53
C ASP H 227 -17.93 -42.83 34.51
N ALA H 228 -18.32 -41.89 33.65
CA ALA H 228 -17.64 -40.60 33.62
C ALA H 228 -17.91 -39.81 34.89
N LEU H 229 -19.13 -39.84 35.40
CA LEU H 229 -19.43 -39.07 36.61
C LEU H 229 -18.74 -39.66 37.83
N PHE H 230 -18.62 -40.99 37.89
CA PHE H 230 -17.95 -41.62 39.01
C PHE H 230 -16.49 -41.18 39.12
N CYS H 231 -15.83 -40.95 37.99
CA CYS H 231 -14.47 -40.43 38.02
C CYS H 231 -14.42 -38.97 38.44
N VAL H 232 -15.48 -38.21 38.17
CA VAL H 232 -15.46 -36.77 38.41
C VAL H 232 -15.94 -36.42 39.82
N CYS H 233 -16.80 -37.23 40.42
CA CYS H 233 -17.44 -36.85 41.67
C CYS H 233 -17.13 -37.75 42.85
N ALA H 234 -16.82 -39.01 42.64
CA ALA H 234 -16.69 -39.95 43.75
C ALA H 234 -15.39 -39.72 44.53
N ASP H 235 -15.36 -40.27 45.74
CA ASP H 235 -14.16 -40.34 46.54
C ASP H 235 -13.72 -41.79 46.68
N ASP H 236 -12.42 -41.98 46.86
CA ASP H 236 -11.88 -43.26 47.29
C ASP H 236 -11.28 -43.11 48.69
N ARG H 237 -10.64 -44.18 49.17
CA ARG H 237 -10.18 -44.18 50.54
C ARG H 237 -9.05 -43.19 50.76
N THR H 238 -8.32 -42.84 49.70
CA THR H 238 -7.25 -41.85 49.83
C THR H 238 -7.81 -40.46 50.03
N ASN H 239 -8.93 -40.14 49.35
CA ASN H 239 -9.57 -38.85 49.46
C ASN H 239 -10.52 -38.82 50.65
N GLY H 240 -11.16 -37.67 50.87
CA GLY H 240 -11.98 -37.48 52.06
C GLY H 240 -11.54 -36.29 52.87
N ALA H 241 -12.48 -35.39 53.17
CA ALA H 241 -12.20 -34.09 53.77
C ALA H 241 -11.24 -33.26 52.92
N ASP H 242 -11.13 -33.61 51.63
CA ASP H 242 -10.29 -32.88 50.70
C ASP H 242 -10.87 -32.95 49.29
N ALA H 243 -10.03 -33.32 48.31
CA ALA H 243 -10.47 -33.36 46.91
C ALA H 243 -11.72 -34.19 46.73
N GLY H 244 -11.83 -35.33 47.41
CA GLY H 244 -12.99 -36.19 47.29
C GLY H 244 -14.30 -35.54 47.68
N LYS H 245 -14.25 -34.33 48.26
CA LYS H 245 -15.43 -33.59 48.66
C LYS H 245 -15.82 -32.52 47.65
N ALA H 246 -15.43 -32.69 46.38
CA ALA H 246 -15.66 -31.67 45.36
C ALA H 246 -17.13 -31.54 45.00
N CYS H 247 -17.69 -32.57 44.35
CA CYS H 247 -19.06 -32.50 43.84
C CYS H 247 -20.11 -32.34 44.94
N VAL H 248 -19.73 -32.43 46.21
CA VAL H 248 -20.68 -32.37 47.30
C VAL H 248 -20.41 -31.10 48.11
N ALA H 249 -21.33 -30.81 49.03
CA ALA H 249 -21.13 -29.72 49.98
C ALA H 249 -20.50 -30.28 51.25
N GLY H 250 -20.95 -29.82 52.42
CA GLY H 250 -20.45 -30.32 53.67
C GLY H 250 -21.09 -31.62 54.09
N THR H 251 -21.48 -32.43 53.09
CA THR H 251 -22.18 -33.69 53.31
C THR H 251 -21.32 -34.93 53.10
N ALA H 252 -20.34 -34.87 52.17
CA ALA H 252 -19.41 -35.94 51.84
C ALA H 252 -20.11 -37.10 51.15
N PRO H 253 -19.46 -37.76 50.19
CA PRO H 253 -20.13 -38.83 49.45
C PRO H 253 -20.33 -40.10 50.29
N GLY H 254 -19.25 -40.56 50.92
CA GLY H 254 -19.33 -41.78 51.71
C GLY H 254 -19.30 -43.05 50.89
N THR H 255 -18.60 -43.05 49.75
CA THR H 255 -18.56 -44.24 48.91
C THR H 255 -17.63 -45.29 49.50
N GLY H 256 -16.42 -44.89 49.87
CA GLY H 256 -15.44 -45.83 50.37
C GLY H 256 -14.71 -46.59 49.30
N TRP H 257 -14.70 -46.10 48.06
CA TRP H 257 -14.02 -46.76 46.96
C TRP H 257 -12.53 -46.91 47.25
N ASN H 258 -11.90 -47.86 46.58
CA ASN H 258 -10.46 -48.08 46.66
C ASN H 258 -9.97 -48.89 45.46
N PRO H 259 -9.55 -48.23 44.39
CA PRO H 259 -9.01 -48.97 43.24
C PRO H 259 -7.72 -49.70 43.56
N GLY H 260 -6.97 -49.26 44.57
CA GLY H 260 -5.70 -49.91 44.90
C GLY H 260 -5.87 -51.34 45.34
N VAL H 261 -7.02 -51.68 45.95
CA VAL H 261 -7.32 -53.02 46.44
C VAL H 261 -8.57 -53.60 45.75
N THR H 262 -9.69 -52.90 45.81
CA THR H 262 -10.96 -53.43 45.28
C THR H 262 -11.16 -53.17 43.79
N ALA H 263 -10.56 -52.10 43.26
CA ALA H 263 -10.57 -51.79 41.83
C ALA H 263 -11.96 -51.51 41.29
N THR H 264 -12.57 -52.50 40.64
CA THR H 264 -13.88 -52.32 40.02
C THR H 264 -14.93 -52.05 41.09
N PRO H 265 -15.62 -50.91 41.04
CA PRO H 265 -16.50 -50.52 42.14
C PRO H 265 -17.80 -51.31 42.14
N THR H 266 -18.59 -51.10 43.19
CA THR H 266 -19.86 -51.78 43.41
C THR H 266 -21.00 -50.76 43.42
N GLY H 267 -22.23 -51.29 43.32
CA GLY H 267 -23.38 -50.44 43.07
C GLY H 267 -23.79 -49.56 44.22
N THR H 268 -23.52 -49.99 45.46
CA THR H 268 -23.89 -49.20 46.62
C THR H 268 -23.13 -47.87 46.66
N MET H 269 -21.88 -47.87 46.20
CA MET H 269 -21.12 -46.63 46.12
C MET H 269 -21.49 -45.82 44.90
N LEU H 270 -21.78 -46.51 43.79
CA LEU H 270 -22.26 -45.83 42.59
C LEU H 270 -23.52 -45.01 42.88
N GLN H 271 -24.42 -45.54 43.71
CA GLN H 271 -25.66 -44.83 43.99
C GLN H 271 -25.41 -43.60 44.85
N LYS H 272 -24.36 -43.60 45.67
CA LYS H 272 -24.02 -42.42 46.44
C LYS H 272 -23.49 -41.28 45.58
N VAL H 273 -23.21 -41.54 44.30
CA VAL H 273 -22.85 -40.51 43.35
C VAL H 273 -24.02 -40.14 42.45
N ARG H 274 -24.82 -41.14 42.07
CA ARG H 274 -26.03 -40.86 41.30
C ARG H 274 -27.01 -40.06 42.14
N LYS H 275 -26.98 -40.22 43.46
CA LYS H 275 -27.90 -39.53 44.37
C LYS H 275 -27.78 -38.01 44.30
N LEU H 276 -26.71 -37.49 43.71
CA LEU H 276 -26.56 -36.05 43.54
C LEU H 276 -27.34 -35.52 42.34
N CYS H 277 -27.83 -36.39 41.46
CA CYS H 277 -28.58 -35.97 40.29
C CYS H 277 -30.08 -36.01 40.57
N ASN H 278 -30.84 -35.35 39.70
CA ASN H 278 -32.29 -35.27 39.85
C ASN H 278 -32.94 -36.42 39.08
N THR H 279 -32.92 -37.60 39.72
CA THR H 279 -33.66 -38.76 39.23
C THR H 279 -35.12 -38.74 39.67
N HIS H 280 -35.60 -37.61 40.17
CA HIS H 280 -36.96 -37.48 40.68
C HIS H 280 -37.86 -36.63 39.78
N GLY H 281 -37.35 -36.11 38.67
CA GLY H 281 -38.09 -35.22 37.82
C GLY H 281 -38.42 -35.82 36.46
N LYS H 282 -38.71 -34.94 35.50
CA LYS H 282 -39.02 -35.36 34.14
C LYS H 282 -38.64 -34.25 33.19
N THR H 283 -38.25 -34.63 31.98
CA THR H 283 -37.82 -33.68 30.96
C THR H 283 -38.47 -34.02 29.63
N THR H 284 -39.15 -33.05 29.03
CA THR H 284 -39.77 -33.26 27.72
C THR H 284 -38.68 -33.29 26.65
N LEU H 285 -38.67 -34.34 25.84
CA LEU H 285 -37.61 -34.53 24.84
C LEU H 285 -37.69 -33.45 23.76
N SER H 286 -36.69 -32.57 23.74
CA SER H 286 -36.57 -31.53 22.72
C SER H 286 -35.14 -31.50 22.22
N ALA H 287 -34.98 -31.27 20.91
CA ALA H 287 -33.63 -31.22 20.33
C ALA H 287 -32.81 -30.09 20.95
N ALA H 288 -33.46 -28.94 21.21
CA ALA H 288 -32.77 -27.84 21.87
C ALA H 288 -32.31 -28.23 23.27
N ALA H 289 -33.10 -29.06 23.95
CA ALA H 289 -32.72 -29.52 25.28
C ALA H 289 -31.58 -30.52 25.24
N ILE H 290 -31.54 -31.37 24.21
CA ILE H 290 -30.50 -32.39 24.13
C ILE H 290 -29.19 -31.80 23.63
N GLU H 291 -29.25 -30.92 22.63
CA GLU H 291 -28.03 -30.29 22.13
C GLU H 291 -27.38 -29.41 23.21
N GLY H 292 -28.20 -28.66 23.95
CA GLY H 292 -27.65 -27.79 24.98
C GLY H 292 -26.96 -28.56 26.09
N ARG H 293 -27.54 -29.70 26.47
CA ARG H 293 -26.91 -30.56 27.47
C ARG H 293 -25.62 -31.17 26.94
N LEU H 294 -25.62 -31.64 25.69
CA LEU H 294 -24.40 -32.14 25.08
C LEU H 294 -23.35 -31.03 24.97
N THR H 295 -23.76 -29.85 24.51
CA THR H 295 -22.83 -28.74 24.37
C THR H 295 -22.26 -28.31 25.72
N ALA H 296 -23.08 -28.34 26.77
CA ALA H 296 -22.63 -27.91 28.09
C ALA H 296 -21.47 -28.76 28.59
N VAL H 297 -21.56 -30.08 28.40
CA VAL H 297 -20.47 -30.95 28.83
C VAL H 297 -19.44 -31.14 27.72
N GLY H 298 -19.85 -31.09 26.45
CA GLY H 298 -18.89 -31.18 25.36
C GLY H 298 -17.91 -30.03 25.32
N ASN H 299 -18.35 -28.84 25.75
CA ASN H 299 -17.45 -27.70 25.82
C ASN H 299 -16.62 -27.67 27.10
N LEU H 300 -16.87 -28.57 28.03
CA LEU H 300 -16.03 -28.68 29.22
C LEU H 300 -14.77 -29.48 28.97
N LEU H 301 -14.63 -30.09 27.80
CA LEU H 301 -13.47 -30.93 27.51
C LEU H 301 -12.25 -30.04 27.28
N THR H 302 -11.27 -30.12 28.18
CA THR H 302 -10.03 -29.37 28.03
C THR H 302 -9.21 -30.00 26.90
N ARG H 303 -9.16 -29.30 25.76
CA ARG H 303 -8.54 -29.85 24.55
C ARG H 303 -7.03 -29.76 24.66
N GLY H 304 -6.40 -30.90 24.98
CA GLY H 304 -4.97 -31.00 25.09
C GLY H 304 -4.32 -31.57 23.84
N SER H 305 -3.09 -32.05 24.01
CA SER H 305 -2.29 -32.48 22.86
C SER H 305 -2.68 -33.89 22.42
N ALA H 306 -2.77 -34.83 23.35
CA ALA H 306 -3.13 -36.19 23.03
C ALA H 306 -4.32 -36.70 23.83
N THR H 307 -4.94 -35.85 24.67
CA THR H 307 -6.04 -36.27 25.52
C THR H 307 -6.83 -35.04 25.95
N SER H 308 -8.16 -35.17 25.96
CA SER H 308 -9.05 -34.15 26.51
C SER H 308 -9.59 -34.59 27.86
N ILE H 309 -9.81 -33.61 28.74
CA ILE H 309 -10.06 -33.86 30.16
C ILE H 309 -11.36 -33.18 30.58
N LEU H 310 -12.24 -33.94 31.23
CA LEU H 310 -13.50 -33.44 31.78
C LEU H 310 -13.41 -33.49 33.29
N GLY H 311 -13.20 -32.35 33.91
CA GLY H 311 -13.03 -32.24 35.35
C GLY H 311 -11.73 -31.54 35.71
N SER H 312 -11.62 -31.22 37.00
CA SER H 312 -10.44 -30.52 37.49
C SER H 312 -9.18 -31.36 37.32
N PHE H 313 -8.14 -30.73 36.78
CA PHE H 313 -6.87 -31.39 36.47
C PHE H 313 -5.73 -30.47 36.88
N LEU H 314 -4.71 -31.04 37.50
CA LEU H 314 -3.55 -30.25 37.92
C LEU H 314 -2.23 -30.79 37.40
N ALA H 315 -2.03 -32.12 37.43
CA ALA H 315 -0.76 -32.66 36.99
C ALA H 315 -0.92 -34.12 36.59
N THR H 316 -0.16 -34.53 35.57
CA THR H 316 0.04 -35.92 35.18
C THR H 316 -1.25 -36.63 34.80
N ASP H 317 -2.11 -36.93 35.77
CA ASP H 317 -3.30 -37.74 35.53
C ASP H 317 -4.40 -37.30 36.47
N CYS H 318 -5.49 -38.08 36.51
CA CYS H 318 -6.61 -37.82 37.41
C CYS H 318 -6.75 -39.01 38.36
N SER H 319 -5.80 -39.12 39.28
CA SER H 319 -5.72 -40.23 40.22
C SER H 319 -6.60 -40.04 41.44
N GLY H 320 -7.45 -38.99 41.45
CA GLY H 320 -8.07 -38.45 42.67
C GLY H 320 -7.14 -37.69 43.58
N ASP H 321 -5.83 -37.84 43.41
CA ASP H 321 -4.89 -36.96 44.11
C ASP H 321 -5.16 -35.49 43.81
N GLN H 322 -5.35 -34.68 44.86
CA GLN H 322 -5.62 -33.25 44.67
C GLN H 322 -4.51 -32.59 43.86
N GLY H 323 -3.28 -33.10 43.94
CA GLY H 323 -2.22 -32.60 43.09
C GLY H 323 -2.28 -33.07 41.66
N SER H 324 -2.98 -34.18 41.40
CA SER H 324 -3.12 -34.71 40.04
C SER H 324 -4.39 -34.19 39.39
N GLY H 325 -5.53 -34.71 39.81
CA GLY H 325 -6.80 -34.25 39.28
C GLY H 325 -7.91 -35.25 39.56
N MET H 326 -9.12 -34.85 39.17
CA MET H 326 -10.33 -35.66 39.33
C MET H 326 -11.15 -35.47 38.06
N CYS H 327 -11.04 -36.41 37.11
CA CYS H 327 -11.59 -36.17 35.79
C CYS H 327 -11.69 -37.48 35.03
N VAL H 328 -12.13 -37.37 33.77
CA VAL H 328 -12.10 -38.45 32.80
C VAL H 328 -11.28 -37.97 31.61
N ALA H 329 -10.58 -38.91 30.98
CA ALA H 329 -9.76 -38.62 29.82
C ALA H 329 -10.35 -39.26 28.58
N TYR H 330 -10.20 -38.58 27.44
CA TYR H 330 -10.67 -39.08 26.16
C TYR H 330 -9.58 -38.86 25.12
N THR H 331 -9.25 -39.92 24.38
CA THR H 331 -8.19 -39.88 23.39
C THR H 331 -8.67 -39.54 21.99
N GLU H 332 -9.98 -39.55 21.75
CA GLU H 332 -10.51 -39.34 20.41
C GLU H 332 -10.67 -37.87 20.05
N VAL H 333 -10.67 -36.97 21.02
CA VAL H 333 -10.78 -35.53 20.78
C VAL H 333 -9.55 -34.85 21.35
N THR H 334 -8.99 -33.92 20.58
CA THR H 334 -7.81 -33.18 20.98
C THR H 334 -7.91 -31.78 20.40
N ASP H 335 -6.88 -30.97 20.64
CA ASP H 335 -6.85 -29.61 20.11
C ASP H 335 -6.45 -29.55 18.64
N ALA H 336 -6.51 -30.69 17.94
CA ALA H 336 -6.16 -30.73 16.52
C ALA H 336 -7.23 -31.45 15.71
N LYS H 337 -7.93 -32.39 16.33
CA LYS H 337 -8.88 -33.22 15.60
C LYS H 337 -10.04 -33.59 16.51
N GLY H 338 -11.17 -33.93 15.90
CA GLY H 338 -12.28 -34.54 16.61
C GLY H 338 -13.32 -33.60 17.16
N THR H 339 -14.59 -33.96 16.99
CA THR H 339 -15.69 -33.31 17.67
C THR H 339 -16.37 -34.30 18.59
N PRO H 340 -16.63 -33.94 19.86
CA PRO H 340 -17.17 -34.94 20.80
C PRO H 340 -18.49 -35.55 20.37
N THR H 341 -19.42 -34.75 19.84
CA THR H 341 -20.73 -35.26 19.46
C THR H 341 -20.69 -36.20 18.25
N LYS H 342 -19.51 -36.54 17.75
CA LYS H 342 -19.40 -37.45 16.63
C LYS H 342 -18.11 -38.27 16.63
N ASP H 343 -17.27 -38.17 17.67
CA ASP H 343 -16.01 -38.90 17.70
C ASP H 343 -15.75 -39.68 18.98
N ILE H 344 -16.49 -39.43 20.06
CA ILE H 344 -16.40 -40.21 21.28
C ILE H 344 -17.75 -40.86 21.54
N PRO H 345 -17.81 -42.17 21.81
CA PRO H 345 -19.07 -42.91 21.71
C PRO H 345 -20.24 -42.39 22.54
N TRP H 346 -20.08 -42.26 23.86
CA TRP H 346 -21.25 -42.02 24.71
C TRP H 346 -21.95 -40.72 24.34
N MET H 347 -21.22 -39.74 23.80
CA MET H 347 -21.84 -38.50 23.35
C MET H 347 -22.43 -38.63 21.95
N GLN H 348 -21.84 -39.46 21.09
CA GLN H 348 -22.40 -39.68 19.76
C GLN H 348 -23.75 -40.38 19.83
N LYS H 349 -23.89 -41.38 20.70
CA LYS H 349 -25.15 -42.10 20.81
C LYS H 349 -26.27 -41.17 21.26
N LEU H 350 -25.98 -40.30 22.24
CA LEU H 350 -26.96 -39.31 22.66
C LEU H 350 -27.16 -38.25 21.57
N ASP H 351 -26.14 -37.99 20.76
CA ASP H 351 -26.30 -37.08 19.63
C ASP H 351 -27.18 -37.69 18.55
N SER H 352 -27.06 -39.01 18.35
CA SER H 352 -27.95 -39.72 17.44
C SER H 352 -29.41 -39.64 17.88
N VAL H 353 -29.66 -39.48 19.19
CA VAL H 353 -31.02 -39.28 19.66
C VAL H 353 -31.55 -37.91 19.23
N ARG H 354 -30.68 -36.91 19.15
CA ARG H 354 -31.11 -35.58 18.73
C ARG H 354 -31.50 -35.56 17.26
N ILE H 355 -30.75 -36.26 16.41
CA ILE H 355 -31.00 -36.18 14.97
C ILE H 355 -32.32 -36.85 14.62
N LYS H 356 -32.63 -37.98 15.26
CA LYS H 356 -33.94 -38.61 15.07
C LYS H 356 -35.05 -37.73 15.59
N LEU H 357 -34.76 -36.95 16.64
CA LEU H 357 -35.73 -36.06 17.25
C LEU H 357 -35.90 -34.77 16.46
N GLN H 358 -34.84 -34.32 15.78
CA GLN H 358 -34.94 -33.10 14.98
C GLN H 358 -35.87 -33.30 13.79
N LYS H 359 -35.66 -34.36 13.02
CA LYS H 359 -36.58 -34.69 11.95
C LYS H 359 -37.97 -35.01 12.48
N HIS H 360 -38.05 -35.57 13.69
CA HIS H 360 -39.35 -35.87 14.28
C HIS H 360 -40.16 -34.60 14.50
N GLU H 361 -39.52 -33.54 14.99
CA GLU H 361 -40.25 -32.30 15.26
C GLU H 361 -40.74 -31.65 13.98
N ARG H 362 -39.96 -31.74 12.91
CA ARG H 362 -40.39 -31.20 11.62
C ARG H 362 -41.41 -32.11 10.93
N ALA H 363 -41.30 -33.43 11.11
CA ALA H 363 -42.22 -34.34 10.44
C ALA H 363 -43.64 -34.19 10.97
N VAL H 364 -43.81 -34.03 12.28
CA VAL H 364 -45.15 -33.83 12.82
C VAL H 364 -45.67 -32.44 12.48
N GLU H 365 -44.76 -31.48 12.31
CA GLU H 365 -45.18 -30.13 11.95
C GLU H 365 -45.67 -30.07 10.50
N LYS H 366 -45.06 -30.86 9.62
CA LYS H 366 -45.49 -30.89 8.22
C LYS H 366 -46.73 -31.76 8.03
N LEU H 367 -46.92 -32.75 8.90
CA LEU H 367 -48.10 -33.60 8.81
C LEU H 367 -49.35 -32.93 9.36
N GLY H 368 -49.21 -31.80 10.04
CA GLY H 368 -50.37 -31.10 10.57
C GLY H 368 -51.23 -30.42 9.52
N LYS H 369 -50.77 -30.34 8.28
CA LYS H 369 -51.53 -29.72 7.21
C LYS H 369 -52.45 -30.75 6.56
N PRO H 370 -51.98 -31.96 6.21
CA PRO H 370 -52.94 -33.00 5.81
C PRO H 370 -53.95 -33.32 6.89
N GLN H 371 -53.49 -33.52 8.13
CA GLN H 371 -54.38 -33.94 9.20
C GLN H 371 -55.57 -33.00 9.35
N HIS H 372 -55.35 -31.69 9.25
CA HIS H 372 -56.45 -30.74 9.34
C HIS H 372 -57.32 -30.79 8.09
N ASP H 373 -56.71 -30.97 6.91
CA ASP H 373 -57.47 -30.92 5.66
C ASP H 373 -58.34 -32.17 5.47
N LEU H 374 -57.77 -33.36 5.68
CA LEU H 374 -58.53 -34.59 5.46
C LEU H 374 -59.69 -34.73 6.45
N LYS H 375 -59.56 -34.13 7.64
CA LYS H 375 -60.68 -34.17 8.58
C LYS H 375 -61.82 -33.27 8.14
N THR H 376 -61.52 -32.20 7.39
CA THR H 376 -62.55 -31.29 6.91
C THR H 376 -63.35 -31.91 5.77
N ILE H 377 -62.68 -32.67 4.90
CA ILE H 377 -63.38 -33.36 3.81
C ILE H 377 -64.39 -34.36 4.38
N LEU H 378 -63.97 -35.14 5.37
CA LEU H 378 -64.86 -36.13 5.97
C LEU H 378 -66.02 -35.47 6.69
N THR H 379 -65.78 -34.32 7.33
CA THR H 379 -66.85 -33.58 7.97
C THR H 379 -67.88 -33.12 6.95
N LEU H 380 -67.42 -32.59 5.81
CA LEU H 380 -68.34 -32.19 4.77
C LEU H 380 -69.10 -33.38 4.19
N ALA H 381 -68.48 -34.55 4.18
CA ALA H 381 -69.17 -35.74 3.70
C ALA H 381 -70.34 -36.11 4.61
N LYS H 382 -70.22 -35.83 5.91
CA LYS H 382 -71.34 -36.04 6.81
C LYS H 382 -72.48 -35.08 6.51
N ASP H 383 -72.15 -33.84 6.15
CA ASP H 383 -73.15 -32.85 5.81
C ASP H 383 -73.80 -33.21 4.48
N PRO H 384 -75.13 -33.38 4.41
CA PRO H 384 -75.75 -33.75 3.13
C PRO H 384 -75.84 -32.58 2.16
N ALA H 385 -76.28 -31.42 2.66
CA ALA H 385 -76.39 -30.23 1.84
C ALA H 385 -75.01 -29.66 1.53
N TYR H 386 -74.24 -30.38 0.70
CA TYR H 386 -72.93 -29.92 0.26
C TYR H 386 -72.54 -30.62 -1.04
N ILE I 25 -12.67 -19.36 51.39
CA ILE I 25 -13.07 -19.04 50.03
C ILE I 25 -12.04 -18.13 49.35
N GLY I 26 -12.29 -17.86 48.07
CA GLY I 26 -11.51 -16.89 47.34
C GLY I 26 -12.41 -16.00 46.51
N THR I 27 -11.85 -14.91 46.03
CA THR I 27 -12.61 -14.00 45.17
C THR I 27 -12.98 -14.70 43.87
N GLY I 28 -14.18 -14.40 43.38
CA GLY I 28 -14.67 -15.09 42.19
C GLY I 28 -14.96 -16.56 42.42
N ASP I 29 -15.51 -16.92 43.58
CA ASP I 29 -15.95 -18.29 43.83
C ASP I 29 -17.43 -18.49 43.59
N ASN I 30 -18.22 -17.42 43.57
CA ASN I 30 -19.65 -17.46 43.31
C ASN I 30 -19.99 -16.82 41.96
N VAL I 31 -19.18 -17.11 40.93
CA VAL I 31 -19.40 -16.49 39.63
C VAL I 31 -20.63 -17.09 38.97
N LEU I 32 -20.62 -18.40 38.73
CA LEU I 32 -21.77 -19.03 38.08
C LEU I 32 -23.02 -18.90 38.94
N HIS I 33 -22.87 -18.92 40.26
CA HIS I 33 -24.03 -18.78 41.13
C HIS I 33 -24.67 -17.40 40.97
N ARG I 34 -23.85 -16.36 40.81
CA ARG I 34 -24.38 -15.04 40.53
C ARG I 34 -25.06 -15.00 39.17
N ALA I 35 -24.42 -15.60 38.17
CA ALA I 35 -24.96 -15.56 36.81
C ALA I 35 -26.19 -16.45 36.67
N ALA I 36 -26.07 -17.72 37.09
CA ALA I 36 -27.18 -18.66 36.94
C ALA I 36 -28.42 -18.20 37.70
N LEU I 37 -28.24 -17.59 38.87
CA LEU I 37 -29.39 -17.08 39.61
C LEU I 37 -29.97 -15.82 38.96
N CYS I 38 -29.13 -14.99 38.34
CA CYS I 38 -29.61 -13.75 37.74
C CYS I 38 -30.22 -13.92 36.36
N GLY I 39 -30.10 -15.10 35.74
CA GLY I 39 -30.93 -15.40 34.59
C GLY I 39 -32.41 -15.40 34.90
N ILE I 40 -32.78 -15.35 36.18
CA ILE I 40 -34.17 -15.35 36.61
C ILE I 40 -34.64 -13.94 36.99
N ILE I 41 -33.80 -13.16 37.66
CA ILE I 41 -34.19 -11.81 38.06
C ILE I 41 -34.36 -10.89 36.85
N GLU I 42 -33.69 -11.20 35.75
CA GLU I 42 -33.85 -10.40 34.52
C GLU I 42 -35.21 -10.60 33.86
N LEU I 43 -36.00 -11.58 34.29
CA LEU I 43 -37.27 -11.91 33.65
C LEU I 43 -38.48 -11.27 34.32
N ALA I 44 -38.33 -10.71 35.51
CA ALA I 44 -39.47 -10.17 36.25
C ALA I 44 -39.93 -8.84 35.67
N GLY I 45 -40.71 -8.09 36.45
CA GLY I 45 -41.28 -6.86 35.95
C GLY I 45 -42.17 -7.12 34.75
N LYS I 46 -42.04 -6.26 33.73
CA LYS I 46 -42.70 -6.46 32.46
C LYS I 46 -41.69 -6.69 31.33
N ARG I 47 -40.43 -6.98 31.69
CA ARG I 47 -39.39 -7.13 30.68
C ARG I 47 -39.63 -8.34 29.78
N ALA I 48 -40.23 -9.40 30.32
CA ALA I 48 -40.52 -10.60 29.53
C ALA I 48 -41.66 -10.29 28.57
N LYS I 49 -41.35 -10.20 27.28
CA LYS I 49 -42.31 -9.80 26.25
C LYS I 49 -42.76 -11.01 25.44
N LEU I 50 -44.00 -10.93 24.96
CA LEU I 50 -44.60 -11.97 24.13
C LEU I 50 -44.88 -11.43 22.73
N GLU I 51 -45.08 -12.35 21.79
CA GLU I 51 -45.37 -11.97 20.42
C GLU I 51 -46.81 -11.46 20.31
N THR I 52 -47.12 -10.81 19.18
CA THR I 52 -48.43 -10.25 18.94
C THR I 52 -49.37 -11.21 18.22
N ALA I 53 -49.00 -12.48 18.12
CA ALA I 53 -49.82 -13.47 17.41
C ALA I 53 -51.23 -13.52 18.00
N LEU I 54 -52.22 -13.38 17.13
CA LEU I 54 -53.61 -13.35 17.57
C LEU I 54 -54.48 -14.16 16.62
N PRO I 55 -55.09 -15.26 17.09
CA PRO I 55 -56.01 -16.02 16.22
C PRO I 55 -57.23 -15.20 15.84
N ASN I 56 -57.29 -14.80 14.58
CA ASN I 56 -58.39 -13.97 14.14
C ASN I 56 -59.35 -14.74 13.26
N PHE I 57 -59.94 -15.83 13.78
CA PHE I 57 -61.08 -16.43 13.12
C PHE I 57 -62.26 -15.46 13.09
N GLN I 58 -62.40 -14.64 14.12
CA GLN I 58 -63.32 -13.50 14.08
C GLN I 58 -62.83 -12.47 13.07
N ASN I 59 -63.68 -11.46 12.83
CA ASN I 59 -63.47 -10.48 11.75
C ASN I 59 -63.51 -11.17 10.39
N GLU I 60 -62.73 -12.25 10.24
CA GLU I 60 -62.87 -13.21 9.15
C GLU I 60 -64.08 -14.11 9.31
N LEU I 61 -64.98 -13.78 10.25
CA LEU I 61 -66.31 -14.39 10.31
C LEU I 61 -67.35 -13.56 9.56
N SER I 63 -66.90 -12.60 8.76
CA SER I 63 -67.79 -11.88 7.85
C SER I 63 -68.31 -12.76 6.71
N ILE I 64 -67.75 -13.95 6.54
CA ILE I 64 -68.31 -14.91 5.60
C ILE I 64 -69.76 -15.24 5.95
N LEU I 65 -70.05 -15.38 7.25
CA LEU I 65 -71.42 -15.59 7.68
C LEU I 65 -72.26 -14.33 7.52
N GLU I 66 -71.65 -13.15 7.65
CA GLU I 66 -72.35 -11.92 7.28
C GLU I 66 -72.67 -11.89 5.80
N LEU I 67 -71.71 -12.31 4.96
CA LEU I 67 -71.95 -12.36 3.52
C LEU I 67 -73.04 -13.37 3.17
N ASN I 68 -72.95 -14.59 3.72
CA ASN I 68 -73.99 -15.58 3.50
C ASN I 68 -75.36 -15.06 3.90
N MET I 69 -75.41 -14.03 4.75
CA MET I 69 -76.65 -13.33 5.03
C MET I 69 -76.83 -12.11 4.14
N THR I 70 -75.75 -11.42 3.78
CA THR I 70 -75.86 -10.27 2.90
C THR I 70 -76.21 -10.68 1.47
N ALA I 71 -75.86 -11.90 1.07
CA ALA I 71 -76.10 -12.39 -0.27
C ALA I 71 -77.34 -13.26 -0.36
N ALA I 72 -78.16 -13.30 0.68
CA ALA I 72 -79.37 -14.12 0.68
C ALA I 72 -80.58 -13.30 0.25
N GLU I 73 -81.63 -14.00 -0.15
CA GLU I 73 -82.85 -13.35 -0.60
C GLU I 73 -83.55 -12.67 0.58
N PRO I 74 -84.42 -11.68 0.30
CA PRO I 74 -85.22 -11.09 1.38
C PRO I 74 -86.38 -11.98 1.82
N THR I 75 -86.14 -13.29 1.83
CA THR I 75 -87.07 -14.28 2.37
C THR I 75 -86.45 -15.08 3.50
N TRP I 76 -85.25 -15.63 3.29
CA TRP I 76 -84.50 -16.26 4.37
C TRP I 76 -84.09 -15.23 5.41
N LEU I 77 -83.92 -13.97 5.01
CA LEU I 77 -83.58 -12.92 5.95
C LEU I 77 -84.81 -12.52 6.79
N ASP I 78 -85.95 -12.32 6.13
CA ASP I 78 -87.15 -11.85 6.81
C ASP I 78 -87.67 -12.86 7.84
N GLN I 79 -87.18 -14.10 7.84
CA GLN I 79 -87.60 -15.08 8.82
C GLN I 79 -87.05 -14.77 10.21
N PHE I 80 -85.97 -13.98 10.30
CA PHE I 80 -85.32 -13.67 11.56
C PHE I 80 -85.95 -12.47 12.26
N ARG I 81 -87.21 -12.15 11.96
CA ARG I 81 -87.88 -10.98 12.50
C ARG I 81 -89.11 -11.40 13.31
N ASP I 82 -89.79 -10.42 13.89
CA ASP I 82 -90.97 -10.68 14.71
C ASP I 82 -92.25 -10.55 13.88
N ARG I 86 -89.70 -4.23 12.45
CA ARG I 86 -88.79 -4.91 11.53
C ARG I 86 -87.37 -4.94 12.08
N SER I 87 -87.05 -3.98 12.96
CA SER I 87 -85.72 -3.91 13.55
C SER I 87 -85.55 -4.85 14.74
N LYS I 88 -86.62 -5.52 15.17
CA LYS I 88 -86.53 -6.47 16.26
C LYS I 88 -86.45 -7.90 15.70
N PRO I 89 -85.66 -8.77 16.34
CA PRO I 89 -85.51 -10.14 15.82
C PRO I 89 -86.73 -11.01 16.08
N ARG I 90 -86.57 -12.31 15.91
CA ARG I 90 -87.63 -13.26 16.19
C ARG I 90 -87.81 -13.44 17.69
N LEU I 92 -88.50 -14.02 20.94
CA LEU I 92 -89.12 -15.12 21.67
C LEU I 92 -89.66 -16.18 20.71
N THR I 93 -90.72 -16.86 21.11
CA THR I 93 -91.29 -17.93 20.31
C THR I 93 -92.10 -17.37 19.14
N LYS I 94 -91.51 -16.43 18.39
CA LYS I 94 -92.09 -16.01 17.13
C LYS I 94 -91.86 -17.03 16.03
N GLN I 95 -90.81 -17.84 16.15
CA GLN I 95 -90.60 -19.02 15.32
C GLN I 95 -90.48 -20.21 16.26
N PRO I 96 -91.61 -20.74 16.76
CA PRO I 96 -91.54 -21.90 17.66
C PRO I 96 -91.00 -23.16 16.99
N LEU I 97 -90.07 -22.99 16.05
CA LEU I 97 -89.34 -24.05 15.38
C LEU I 97 -90.28 -24.93 14.55
N PRO I 98 -90.43 -24.65 13.26
CA PRO I 98 -90.95 -25.68 12.36
C PRO I 98 -90.15 -26.97 12.51
N LYS I 99 -90.82 -28.06 12.87
CA LYS I 99 -90.12 -29.32 13.13
C LYS I 99 -89.55 -29.93 11.85
N ASP I 100 -90.05 -29.54 10.68
CA ASP I 100 -89.50 -30.06 9.43
C ASP I 100 -88.03 -29.68 9.27
N THR I 101 -87.64 -28.50 9.75
CA THR I 101 -86.26 -28.07 9.74
C THR I 101 -85.63 -28.26 11.11
N ASN I 102 -84.30 -28.33 11.12
CA ASN I 102 -83.51 -28.38 12.35
C ASN I 102 -82.96 -27.00 12.68
N TRP I 103 -83.80 -25.96 12.52
CA TRP I 103 -83.32 -24.59 12.67
C TRP I 103 -82.85 -24.30 14.10
N ALA I 104 -83.36 -25.05 15.08
CA ALA I 104 -82.97 -24.83 16.47
C ALA I 104 -81.47 -25.04 16.66
N ASP I 105 -80.85 -25.88 15.84
CA ASP I 105 -79.42 -26.13 16.00
C ASP I 105 -78.58 -24.94 15.56
N HIS I 106 -78.98 -24.28 14.47
CA HIS I 106 -78.17 -23.20 13.90
C HIS I 106 -78.71 -21.81 14.20
N TRP I 107 -79.89 -21.68 14.82
CA TRP I 107 -80.48 -20.37 15.00
C TRP I 107 -79.61 -19.47 15.87
N THR I 108 -78.85 -20.07 16.80
CA THR I 108 -77.90 -19.30 17.59
C THR I 108 -76.90 -18.57 16.70
N ALA I 109 -76.16 -19.33 15.88
CA ALA I 109 -75.19 -18.71 14.99
C ALA I 109 -75.86 -17.98 13.83
N TRP I 110 -77.07 -18.39 13.46
CA TRP I 110 -77.79 -17.69 12.39
C TRP I 110 -78.23 -16.30 12.83
N ALA I 111 -78.73 -16.17 14.06
CA ALA I 111 -79.27 -14.90 14.53
C ALA I 111 -78.16 -13.91 14.91
N LYS I 112 -77.04 -14.40 15.45
CA LYS I 112 -75.94 -13.51 15.77
C LYS I 112 -75.36 -12.88 14.51
N ALA I 113 -75.32 -13.63 13.41
CA ALA I 113 -74.84 -13.09 12.14
C ALA I 113 -75.88 -12.19 11.47
N ALA I 114 -77.16 -12.37 11.82
CA ALA I 114 -78.23 -11.57 11.23
C ALA I 114 -78.57 -10.33 12.05
N LEU I 115 -77.90 -10.11 13.18
CA LEU I 115 -78.17 -8.92 13.98
C LEU I 115 -77.86 -7.62 13.23
N PRO I 116 -76.71 -7.45 12.57
CA PRO I 116 -76.48 -6.19 11.83
C PRO I 116 -77.44 -6.00 10.67
N LEU I 117 -77.95 -7.07 10.08
CA LEU I 117 -78.87 -6.97 8.96
C LEU I 117 -80.31 -6.76 9.44
N ASP I 120 -82.76 -2.34 7.91
CA ASP I 120 -83.05 -2.19 6.49
C ASP I 120 -82.22 -1.08 5.87
N GLU I 121 -81.12 -0.71 6.55
CA GLU I 121 -80.20 0.28 6.02
C GLU I 121 -78.77 -0.23 5.88
N THR I 122 -78.37 -1.24 6.66
CA THR I 122 -77.04 -1.79 6.58
C THR I 122 -76.97 -2.95 5.58
N GLN I 124 -78.75 -2.86 2.58
CA GLN I 124 -78.54 -2.69 1.15
C GLN I 124 -77.59 -1.53 0.86
N ALA I 125 -76.80 -1.16 1.87
CA ALA I 125 -75.77 -0.14 1.73
C ALA I 125 -74.37 -0.72 1.72
N LYS I 126 -74.08 -1.65 2.63
CA LYS I 126 -72.76 -2.26 2.68
C LYS I 126 -72.52 -3.21 1.51
N LEU I 127 -73.57 -3.56 0.77
CA LEU I 127 -73.41 -4.50 -0.33
C LEU I 127 -72.61 -3.88 -1.46
N LYS I 128 -72.59 -2.55 -1.54
CA LYS I 128 -71.82 -1.88 -2.58
C LYS I 128 -70.33 -2.13 -2.38
N GLU I 129 -69.87 -2.01 -1.14
CA GLU I 129 -68.46 -2.27 -0.85
C GLU I 129 -68.15 -3.76 -0.87
N TYR I 130 -69.18 -4.61 -0.83
CA TYR I 130 -68.99 -6.05 -0.82
C TYR I 130 -69.16 -6.66 -2.20
N LYS I 131 -69.14 -5.84 -3.26
CA LYS I 131 -69.21 -6.30 -4.65
C LYS I 131 -70.48 -7.12 -4.91
N LEU I 132 -71.61 -6.59 -4.47
CA LEU I 132 -72.91 -7.22 -4.70
C LEU I 132 -73.94 -6.19 -5.13
N ALA I 133 -73.52 -5.12 -5.81
CA ALA I 133 -74.42 -4.05 -6.22
C ALA I 133 -74.74 -4.16 -7.71
N GLY I 134 -75.99 -3.89 -8.05
CA GLY I 134 -76.41 -3.85 -9.45
C GLY I 134 -76.31 -5.19 -10.16
N LEU I 135 -76.57 -6.29 -9.46
CA LEU I 135 -76.51 -7.61 -10.05
C LEU I 135 -77.85 -7.99 -10.64
N GLN I 136 -77.81 -8.60 -11.82
CA GLN I 136 -79.02 -9.19 -12.39
C GLN I 136 -79.47 -10.36 -11.53
N PRO I 137 -80.78 -10.57 -11.35
CA PRO I 137 -81.26 -11.64 -10.46
C PRO I 137 -80.65 -13.01 -10.72
N GLU I 138 -80.40 -13.38 -11.98
CA GLU I 138 -79.79 -14.69 -12.24
C GLU I 138 -78.32 -14.72 -11.85
N LYS I 139 -77.59 -13.62 -12.04
CA LYS I 139 -76.18 -13.56 -11.62
C LYS I 139 -76.05 -13.66 -10.10
N LEU I 140 -76.98 -13.06 -9.35
CA LEU I 140 -76.94 -13.14 -7.89
C LEU I 140 -77.24 -14.55 -7.38
N GLU I 141 -78.04 -15.32 -8.13
CA GLU I 141 -78.32 -16.70 -7.74
C GLU I 141 -77.06 -17.55 -7.79
N ARG I 142 -76.26 -17.41 -8.85
CA ARG I 142 -75.04 -18.20 -8.97
C ARG I 142 -73.97 -17.73 -7.98
N ALA I 143 -73.95 -16.44 -7.66
CA ALA I 143 -73.01 -15.95 -6.66
C ALA I 143 -73.35 -16.51 -5.28
N ARG I 144 -74.62 -16.48 -4.92
CA ARG I 144 -75.05 -17.02 -3.63
C ARG I 144 -74.71 -18.50 -3.53
N ASN I 145 -75.04 -19.27 -4.56
CA ASN I 145 -74.86 -20.72 -4.49
C ASN I 145 -73.42 -21.10 -4.22
N THR I 146 -72.47 -20.42 -4.87
CA THR I 146 -71.06 -20.69 -4.59
C THR I 146 -70.60 -20.02 -3.30
N ILE I 147 -71.32 -19.00 -2.81
CA ILE I 147 -71.02 -18.45 -1.50
C ILE I 147 -71.43 -19.42 -0.40
N ARG I 148 -72.60 -20.03 -0.53
CA ARG I 148 -73.01 -21.06 0.42
C ARG I 148 -72.02 -22.21 0.48
N ARG I 149 -71.38 -22.51 -0.65
CA ARG I 149 -70.35 -23.55 -0.67
C ARG I 149 -69.16 -23.16 0.20
N LEU I 150 -68.70 -21.92 0.08
CA LEU I 150 -67.52 -21.48 0.81
C LEU I 150 -67.75 -21.45 2.31
N THR I 151 -68.83 -20.79 2.75
CA THR I 151 -69.09 -20.70 4.18
C THR I 151 -69.40 -22.07 4.78
N ALA I 152 -69.94 -22.99 3.97
CA ALA I 152 -70.09 -24.36 4.43
C ALA I 152 -68.74 -25.01 4.69
N GLU I 153 -67.74 -24.66 3.86
CA GLU I 153 -66.40 -25.18 4.07
C GLU I 153 -65.73 -24.52 5.26
N ALA I 154 -65.92 -23.20 5.42
CA ALA I 154 -65.29 -22.48 6.53
C ALA I 154 -65.87 -22.86 7.88
N VAL I 155 -67.13 -23.28 7.92
CA VAL I 155 -67.72 -23.77 9.16
C VAL I 155 -67.01 -25.05 9.62
N ALA I 156 -66.80 -25.99 8.69
CA ALA I 156 -66.09 -27.22 9.03
C ALA I 156 -64.61 -26.97 9.32
N LYS I 157 -64.05 -25.86 8.85
CA LYS I 157 -62.69 -25.51 9.25
C LYS I 157 -62.61 -25.26 10.75
N ALA I 158 -63.58 -24.51 11.29
CA ALA I 158 -63.62 -24.25 12.73
C ALA I 158 -64.27 -25.39 13.51
N GLN I 159 -64.87 -26.37 12.83
CA GLN I 159 -65.44 -27.53 13.50
C GLN I 159 -64.39 -28.60 13.81
N ASP I 160 -63.17 -28.44 13.34
CA ASP I 160 -62.11 -29.37 13.65
C ASP I 160 -61.86 -29.38 15.16
N PRO I 161 -61.86 -30.55 15.81
CA PRO I 161 -61.50 -30.59 17.24
C PRO I 161 -60.15 -29.94 17.54
N THR I 162 -59.23 -29.92 16.58
CA THR I 162 -57.98 -29.20 16.77
C THR I 162 -58.23 -27.72 17.04
N VAL I 163 -59.13 -27.10 16.26
CA VAL I 163 -59.56 -25.75 16.57
C VAL I 163 -60.32 -25.77 17.91
N ALA I 164 -60.30 -24.64 18.61
CA ALA I 164 -60.92 -24.45 19.93
C ALA I 164 -60.13 -25.15 21.02
N GLU I 165 -59.67 -26.38 20.78
CA GLU I 165 -58.74 -27.02 21.71
C GLU I 165 -57.49 -26.17 21.87
N SER I 166 -56.98 -25.61 20.77
CA SER I 166 -55.86 -24.69 20.85
C SER I 166 -56.30 -23.35 21.43
N THR I 167 -57.53 -22.93 21.14
CA THR I 167 -58.07 -21.70 21.73
C THR I 167 -58.10 -21.81 23.24
N ALA I 168 -58.37 -23.01 23.77
CA ALA I 168 -58.32 -23.22 25.21
C ALA I 168 -56.88 -23.23 25.74
N ASP I 169 -55.90 -23.45 24.86
CA ASP I 169 -54.49 -23.48 25.24
C ASP I 169 -53.77 -22.19 24.89
N LEU I 170 -54.48 -21.06 24.89
CA LEU I 170 -53.89 -19.75 24.69
C LEU I 170 -53.77 -19.03 26.02
N THR I 171 -52.63 -18.37 26.23
CA THR I 171 -52.44 -17.49 27.38
C THR I 171 -52.08 -16.10 26.87
N THR I 172 -51.70 -15.22 27.79
CA THR I 172 -51.46 -13.82 27.43
C THR I 172 -50.44 -13.22 28.38
N GLU I 173 -49.98 -12.02 28.03
CA GLU I 173 -49.10 -11.25 28.89
C GLU I 173 -49.87 -10.73 30.10
N GLU I 174 -49.14 -10.49 31.19
CA GLU I 174 -49.70 -10.07 32.48
C GLU I 174 -50.52 -11.20 33.12
N ASP I 175 -50.94 -12.18 32.31
CA ASP I 175 -51.46 -13.41 32.88
C ASP I 175 -50.32 -14.37 33.20
N LEU I 176 -49.18 -14.20 32.52
CA LEU I 176 -47.96 -14.92 32.86
C LEU I 176 -47.04 -14.07 33.71
N GLN I 177 -46.76 -12.84 33.26
CA GLN I 177 -45.76 -11.99 33.89
C GLN I 177 -45.97 -11.87 35.39
N LYS I 178 -47.23 -11.90 35.83
CA LYS I 178 -47.51 -11.80 37.26
C LYS I 178 -47.01 -13.03 38.00
N GLN I 179 -47.04 -14.19 37.34
CA GLN I 179 -46.55 -15.41 37.98
C GLN I 179 -45.04 -15.36 38.14
N ILE I 180 -44.33 -14.78 37.18
CA ILE I 180 -42.89 -14.64 37.32
C ILE I 180 -42.54 -13.46 38.22
N ASN I 181 -43.38 -12.42 38.22
CA ASN I 181 -43.23 -11.36 39.22
C ASN I 181 -43.45 -11.90 40.62
N GLN I 182 -44.38 -12.83 40.78
CA GLN I 182 -44.55 -13.51 42.06
C GLN I 182 -43.31 -14.35 42.40
N ALA I 183 -42.69 -14.93 41.38
CA ALA I 183 -41.48 -15.73 41.59
C ALA I 183 -40.30 -14.88 42.04
N VAL I 184 -40.36 -13.57 41.85
CA VAL I 184 -39.29 -12.68 42.29
C VAL I 184 -39.88 -11.58 43.18
N SER I 186 -42.92 -11.87 45.39
CA SER I 186 -44.22 -12.42 45.78
C SER I 186 -45.35 -11.41 45.59
N LYS I 187 -45.30 -10.69 44.47
CA LYS I 187 -46.33 -9.73 44.12
C LYS I 187 -46.53 -9.80 42.61
N ASP I 188 -47.21 -8.80 42.06
CA ASP I 188 -47.40 -8.70 40.61
C ASP I 188 -46.62 -7.55 39.99
N THR I 189 -45.89 -6.79 40.80
CA THR I 189 -45.11 -5.66 40.31
C THR I 189 -43.69 -5.73 40.87
N GLU I 190 -42.75 -5.13 40.14
CA GLU I 190 -41.38 -5.03 40.59
C GLU I 190 -41.16 -3.72 41.36
N PRO I 191 -40.47 -3.76 42.50
CA PRO I 191 -40.30 -2.55 43.30
C PRO I 191 -39.14 -1.68 42.81
N ASP I 192 -39.14 -0.45 43.31
CA ASP I 192 -38.11 0.53 43.01
C ASP I 192 -37.08 0.54 44.14
N ASP I 193 -36.24 1.59 44.20
CA ASP I 193 -35.16 1.67 45.18
C ASP I 193 -35.64 1.45 46.61
N ASP I 194 -36.90 1.75 46.90
CA ASP I 194 -37.41 1.74 48.26
C ASP I 194 -38.17 0.46 48.61
N PHE I 195 -38.54 -0.35 47.63
CA PHE I 195 -39.19 -1.64 47.85
C PHE I 195 -40.45 -1.50 48.71
N ASN I 196 -41.41 -0.75 48.18
CA ASN I 196 -42.68 -0.53 48.87
C ASN I 196 -43.62 -1.71 48.64
N GLY I 197 -44.62 -1.82 49.52
CA GLY I 197 -45.64 -2.85 49.42
C GLY I 197 -45.08 -4.27 49.44
N TYR I 198 -43.78 -4.39 49.69
CA TYR I 198 -43.07 -5.66 49.71
C TYR I 198 -42.23 -5.68 50.97
N THR I 199 -42.50 -6.63 51.86
CA THR I 199 -41.67 -6.87 53.01
C THR I 199 -40.70 -8.01 52.70
N ALA I 200 -39.41 -7.76 52.94
CA ALA I 200 -38.40 -8.80 52.71
C ALA I 200 -38.66 -9.99 53.62
N PHE I 201 -38.66 -11.18 53.03
CA PHE I 201 -38.89 -12.43 53.76
C PHE I 201 -40.21 -12.41 54.51
N THR I 207 -32.78 -13.42 63.17
CA THR I 207 -31.56 -13.04 63.88
C THR I 207 -30.45 -12.72 62.88
N ASN I 208 -29.33 -13.42 62.98
CA ASN I 208 -28.21 -13.23 62.07
C ASN I 208 -28.47 -13.97 60.76
N ARG I 209 -27.46 -14.05 59.89
CA ARG I 209 -27.66 -14.56 58.55
C ARG I 209 -27.89 -16.07 58.53
N GLN I 210 -27.06 -16.82 59.26
CA GLN I 210 -27.10 -18.29 59.21
C GLN I 210 -28.48 -18.85 59.56
N THR I 211 -29.27 -18.12 60.34
CA THR I 211 -30.62 -18.56 60.70
C THR I 211 -31.53 -18.58 59.48
N CYS I 213 -30.20 -17.64 55.62
CA CYS I 213 -29.41 -18.30 54.58
C CYS I 213 -29.41 -19.82 54.75
N GLY I 214 -30.13 -20.29 55.76
CA GLY I 214 -30.20 -21.70 56.01
C GLY I 214 -28.85 -22.31 56.37
N SER I 215 -28.80 -23.64 56.30
CA SER I 215 -27.62 -24.40 56.67
C SER I 215 -27.72 -25.80 56.07
N ALA I 216 -26.82 -26.69 56.48
CA ALA I 216 -26.85 -28.06 55.99
C ALA I 216 -28.07 -28.81 56.51
N VAL I 217 -28.57 -28.45 57.68
CA VAL I 217 -29.76 -29.05 58.25
C VAL I 217 -30.91 -28.08 58.39
N ALA I 218 -30.69 -26.79 58.16
CA ALA I 218 -31.73 -25.78 58.30
C ALA I 218 -32.21 -25.31 56.93
N GLY I 219 -33.35 -24.62 56.92
CA GLY I 219 -33.88 -23.99 55.74
C GLY I 219 -33.83 -22.47 55.86
N SER I 220 -34.43 -21.81 54.86
CA SER I 220 -34.42 -20.36 54.79
C SER I 220 -35.83 -19.83 54.63
N LYS I 221 -36.04 -18.59 55.11
CA LYS I 221 -37.31 -17.91 55.00
C LYS I 221 -37.45 -17.13 53.69
N ALA I 222 -36.78 -17.57 52.63
CA ALA I 222 -36.86 -16.92 51.32
C ALA I 222 -38.03 -17.51 50.55
N THR I 223 -39.10 -16.72 50.39
CA THR I 223 -40.30 -17.17 49.70
C THR I 223 -40.25 -16.94 48.19
N ASN I 224 -39.19 -16.31 47.68
CA ASN I 224 -39.08 -16.04 46.26
C ASN I 224 -37.61 -16.01 45.88
N ALA I 225 -37.35 -15.70 44.61
CA ALA I 225 -35.98 -15.74 44.09
C ALA I 225 -35.18 -14.55 44.56
N MET I 226 -35.80 -13.37 44.61
CA MET I 226 -35.08 -12.16 44.99
C MET I 226 -34.46 -12.29 46.37
N ASP I 227 -35.24 -12.77 47.34
CA ASP I 227 -34.69 -13.04 48.68
C ASP I 227 -33.50 -13.99 48.62
N ALA I 228 -33.68 -15.13 47.93
CA ALA I 228 -32.63 -16.15 47.86
C ALA I 228 -31.32 -15.57 47.33
N LEU I 229 -31.41 -14.72 46.32
CA LEU I 229 -30.22 -14.11 45.73
C LEU I 229 -29.37 -13.39 46.78
N PHE I 230 -30.02 -12.55 47.60
CA PHE I 230 -29.30 -11.77 48.61
C PHE I 230 -28.45 -12.67 49.52
N CYS I 231 -29.01 -13.81 49.94
CA CYS I 231 -28.28 -14.74 50.79
C CYS I 231 -27.15 -15.46 50.07
N VAL I 232 -26.87 -15.16 48.80
CA VAL I 232 -25.84 -15.87 48.07
C VAL I 232 -24.71 -14.97 47.59
N CYS I 233 -24.91 -13.65 47.52
CA CYS I 233 -23.88 -12.74 47.04
C CYS I 233 -23.55 -11.59 47.97
N ALA I 234 -24.37 -11.33 49.00
CA ALA I 234 -24.14 -10.19 49.87
C ALA I 234 -23.11 -10.51 50.95
N ASP I 235 -22.35 -9.48 51.33
CA ASP I 235 -21.40 -9.57 52.43
C ASP I 235 -21.61 -8.40 53.37
N ASP I 236 -22.03 -8.68 54.60
CA ASP I 236 -22.23 -7.65 55.61
C ASP I 236 -21.45 -7.98 56.86
N ARG I 237 -21.63 -7.19 57.92
CA ARG I 237 -21.07 -7.48 59.24
C ARG I 237 -19.58 -7.77 59.15
N THR I 238 -19.19 -9.01 59.48
CA THR I 238 -17.80 -9.44 59.30
C THR I 238 -17.54 -9.85 57.86
N ASN I 239 -18.56 -10.36 57.17
CA ASN I 239 -18.39 -10.87 55.81
C ASN I 239 -18.01 -9.76 54.84
N GLY I 240 -18.42 -8.52 55.13
CA GLY I 240 -18.16 -7.42 54.21
C GLY I 240 -16.69 -7.21 53.91
N ALA I 241 -15.82 -7.53 54.86
CA ALA I 241 -14.39 -7.43 54.66
C ALA I 241 -13.95 -8.36 53.53
N ASP I 242 -14.09 -9.67 53.74
CA ASP I 242 -13.75 -10.64 52.70
C ASP I 242 -14.57 -11.91 52.96
N ALA I 243 -15.62 -12.10 52.17
CA ALA I 243 -16.41 -13.32 52.18
C ALA I 243 -17.25 -13.37 50.91
N GLY I 244 -18.01 -12.32 50.66
CA GLY I 244 -18.80 -12.18 49.46
C GLY I 244 -18.06 -11.58 48.28
N LYS I 245 -16.75 -11.40 48.37
CA LYS I 245 -15.96 -11.03 47.19
C LYS I 245 -16.01 -12.12 46.13
N ALA I 246 -16.61 -13.27 46.42
CA ALA I 246 -16.82 -14.32 45.44
C ALA I 246 -17.81 -13.93 44.34
N CYS I 247 -18.61 -12.88 44.53
CA CYS I 247 -19.58 -12.48 43.52
C CYS I 247 -19.16 -11.26 42.72
N VAL I 248 -18.29 -10.40 43.26
CA VAL I 248 -17.72 -9.29 42.49
C VAL I 248 -16.27 -9.67 42.24
N ALA I 249 -15.50 -8.80 41.60
CA ALA I 249 -14.10 -9.06 41.35
C ALA I 249 -13.18 -8.01 41.95
N GLY I 250 -13.50 -6.72 41.78
CA GLY I 250 -12.70 -5.66 42.36
C GLY I 250 -13.28 -5.10 43.63
N THR I 251 -14.50 -4.57 43.54
CA THR I 251 -15.22 -4.02 44.67
C THR I 251 -15.91 -5.16 45.43
N ALA I 252 -16.61 -4.80 46.51
CA ALA I 252 -17.52 -5.68 47.23
C ALA I 252 -18.91 -5.07 47.25
N PRO I 253 -19.96 -5.89 47.35
CA PRO I 253 -21.32 -5.31 47.42
C PRO I 253 -21.49 -4.29 48.53
N GLY I 254 -20.87 -4.52 49.69
CA GLY I 254 -20.98 -3.59 50.81
C GLY I 254 -22.41 -3.27 51.15
N THR I 255 -23.22 -4.32 51.35
CA THR I 255 -24.65 -4.14 51.52
C THR I 255 -24.97 -3.24 52.71
N GLY I 256 -24.29 -3.47 53.82
CA GLY I 256 -24.62 -2.77 55.05
C GLY I 256 -25.79 -3.42 55.74
N TRP I 257 -25.64 -4.70 56.06
CA TRP I 257 -26.72 -5.48 56.66
C TRP I 257 -26.30 -6.08 57.99
N THR I 266 -31.61 -5.41 55.17
CA THR I 266 -30.66 -4.29 55.15
C THR I 266 -31.38 -2.96 54.93
N GLY I 267 -32.62 -3.04 54.49
CA GLY I 267 -33.43 -1.84 54.33
C GLY I 267 -33.50 -1.33 52.90
N THR I 268 -32.33 -1.04 52.31
CA THR I 268 -32.31 -0.47 50.96
C THR I 268 -31.30 -1.11 50.03
N MET I 269 -30.27 -1.81 50.53
CA MET I 269 -29.41 -2.56 49.62
C MET I 269 -30.10 -3.77 49.04
N LEU I 270 -31.37 -4.02 49.41
CA LEU I 270 -32.19 -4.99 48.70
C LEU I 270 -32.51 -4.54 47.28
N GLN I 271 -32.21 -3.28 46.93
CA GLN I 271 -32.14 -2.86 45.54
C GLN I 271 -30.70 -2.73 45.05
N LYS I 272 -29.74 -2.67 45.96
CA LYS I 272 -28.32 -2.64 45.59
C LYS I 272 -27.70 -4.02 45.49
N VAL I 273 -28.42 -5.07 45.89
CA VAL I 273 -27.96 -6.43 45.63
C VAL I 273 -28.21 -6.80 44.17
N ARG I 274 -29.43 -6.57 43.69
CA ARG I 274 -29.77 -6.89 42.30
C ARG I 274 -28.97 -6.04 41.31
N LYS I 275 -28.48 -4.88 41.73
CA LYS I 275 -27.68 -4.01 40.87
C LYS I 275 -26.48 -4.73 40.27
N LEU I 276 -26.09 -5.86 40.85
CA LEU I 276 -25.06 -6.72 40.27
C LEU I 276 -25.49 -7.34 38.94
N CYS I 277 -26.74 -7.14 38.50
CA CYS I 277 -27.28 -7.79 37.31
C CYS I 277 -28.08 -6.76 36.53
N ASN I 278 -28.97 -7.22 35.64
CA ASN I 278 -29.61 -6.35 34.64
C ASN I 278 -31.12 -6.53 34.70
N THR I 279 -31.79 -5.66 35.47
CA THR I 279 -33.21 -5.43 35.32
C THR I 279 -33.51 -4.33 34.30
N HIS I 280 -32.52 -3.96 33.49
CA HIS I 280 -32.62 -2.88 32.52
C HIS I 280 -32.57 -3.41 31.09
N GLY I 281 -33.10 -4.61 30.87
CA GLY I 281 -33.08 -5.22 29.55
C GLY I 281 -34.42 -5.75 29.11
N LYS I 282 -34.40 -6.69 28.16
CA LYS I 282 -35.61 -7.30 27.64
C LYS I 282 -35.31 -8.73 27.22
N THR I 283 -36.34 -9.55 27.16
CA THR I 283 -36.18 -10.94 26.78
C THR I 283 -37.42 -11.43 26.05
N THR I 284 -37.21 -12.03 24.87
CA THR I 284 -38.31 -12.67 24.17
C THR I 284 -38.72 -13.95 24.89
N LEU I 285 -40.00 -14.06 25.19
CA LEU I 285 -40.51 -15.20 25.95
C LEU I 285 -40.47 -16.47 25.11
N SER I 286 -40.04 -17.57 25.73
CA SER I 286 -39.92 -18.83 25.03
C SER I 286 -39.94 -19.96 26.05
N ALA I 287 -40.55 -21.09 25.66
CA ALA I 287 -40.50 -22.27 26.53
C ALA I 287 -39.07 -22.76 26.68
N ALA I 288 -38.29 -22.74 25.60
CA ALA I 288 -36.89 -23.15 25.69
C ALA I 288 -36.10 -22.17 26.56
N ALA I 289 -36.44 -20.89 26.49
CA ALA I 289 -35.72 -19.90 27.30
C ALA I 289 -36.00 -20.07 28.78
N ILE I 290 -37.24 -20.48 29.12
CA ILE I 290 -37.58 -20.71 30.52
C ILE I 290 -36.91 -21.99 31.02
N GLU I 291 -36.80 -23.00 30.15
CA GLU I 291 -36.11 -24.22 30.54
C GLU I 291 -34.68 -23.95 30.94
N GLY I 292 -33.97 -23.14 30.14
CA GLY I 292 -32.55 -22.94 30.37
C GLY I 292 -32.24 -22.38 31.74
N ARG I 293 -33.03 -21.41 32.20
CA ARG I 293 -32.77 -20.76 33.47
C ARG I 293 -33.26 -21.60 34.65
N LEU I 294 -34.41 -22.28 34.49
CA LEU I 294 -34.87 -23.18 35.53
C LEU I 294 -33.97 -24.39 35.68
N THR I 295 -33.47 -24.93 34.56
CA THR I 295 -32.52 -26.04 34.65
C THR I 295 -31.20 -25.59 35.26
N ALA I 296 -30.71 -24.41 34.86
CA ALA I 296 -29.42 -23.93 35.35
C ALA I 296 -29.40 -23.86 36.86
N VAL I 297 -30.35 -23.14 37.46
CA VAL I 297 -30.46 -23.11 38.92
C VAL I 297 -30.78 -24.49 39.45
N GLY I 298 -31.54 -25.28 38.71
CA GLY I 298 -31.93 -26.61 39.13
C GLY I 298 -30.79 -27.55 39.43
N ASN I 299 -30.12 -28.05 38.38
CA ASN I 299 -29.06 -29.02 38.58
C ASN I 299 -27.84 -28.43 39.29
N LEU I 300 -27.84 -27.12 39.57
CA LEU I 300 -26.79 -26.54 40.38
C LEU I 300 -26.92 -27.00 41.82
N LEU I 301 -28.07 -26.66 42.46
CA LEU I 301 -28.43 -27.02 43.81
C LEU I 301 -27.79 -28.31 44.32
N THR I 302 -26.77 -28.20 45.18
CA THR I 302 -26.14 -29.36 45.77
C THR I 302 -27.05 -29.92 46.86
N ARG I 303 -27.49 -31.17 46.68
CA ARG I 303 -28.51 -31.78 47.53
C ARG I 303 -27.85 -32.64 48.60
N GLY I 304 -28.28 -32.42 49.85
CA GLY I 304 -27.86 -33.25 50.96
C GLY I 304 -29.04 -34.05 51.49
N SER I 305 -28.73 -34.92 52.46
CA SER I 305 -29.78 -35.75 53.05
C SER I 305 -30.82 -34.90 53.78
N ALA I 306 -30.40 -33.76 54.34
CA ALA I 306 -31.31 -32.88 55.07
C ALA I 306 -31.87 -31.77 54.18
N THR I 307 -31.00 -30.94 53.61
CA THR I 307 -31.42 -29.82 52.79
C THR I 307 -30.55 -29.76 51.53
N SER I 308 -31.06 -29.06 50.52
CA SER I 308 -30.30 -28.76 49.32
C SER I 308 -29.87 -27.30 49.36
N ILE I 309 -28.71 -27.01 48.77
CA ILE I 309 -28.12 -25.68 48.88
C ILE I 309 -27.02 -25.56 47.84
N LEU I 310 -26.80 -24.35 47.35
CA LEU I 310 -25.58 -24.05 46.61
C LEU I 310 -25.28 -22.56 46.69
N GLY I 311 -24.05 -22.24 47.08
CA GLY I 311 -23.57 -20.89 47.18
C GLY I 311 -22.11 -20.92 47.59
N SER I 312 -21.35 -21.83 46.95
CA SER I 312 -19.97 -22.11 47.32
C SER I 312 -19.84 -22.35 48.82
N PHE I 313 -20.87 -22.97 49.40
CA PHE I 313 -20.88 -23.29 50.82
C PHE I 313 -19.70 -24.17 51.18
N LEU I 314 -19.02 -23.83 52.29
CA LEU I 314 -17.78 -24.49 52.64
C LEU I 314 -18.02 -25.86 53.26
N ALA I 315 -18.28 -25.91 54.57
CA ALA I 315 -18.42 -27.22 55.20
C ALA I 315 -19.20 -27.20 56.50
N THR I 316 -19.61 -26.03 56.98
CA THR I 316 -20.27 -25.90 58.26
C THR I 316 -21.73 -25.45 58.11
N ASP I 317 -21.96 -24.19 57.79
CA ASP I 317 -23.30 -23.61 57.80
C ASP I 317 -23.27 -22.29 57.05
N CYS I 318 -24.33 -22.02 56.29
CA CYS I 318 -24.37 -20.81 55.45
C CYS I 318 -24.52 -19.58 56.33
N SER I 319 -23.38 -19.13 56.87
CA SER I 319 -23.29 -17.93 57.68
C SER I 319 -22.58 -16.80 56.98
N GLY I 320 -21.45 -17.07 56.33
CA GLY I 320 -20.74 -16.05 55.59
C GLY I 320 -19.27 -15.94 55.95
N ASP I 321 -18.64 -17.06 56.31
CA ASP I 321 -17.22 -17.10 56.57
C ASP I 321 -16.52 -17.94 55.50
N GLN I 322 -15.22 -17.73 55.35
CA GLN I 322 -14.43 -18.46 54.37
C GLN I 322 -14.33 -19.94 54.76
N GLY I 323 -14.88 -20.29 55.92
CA GLY I 323 -14.92 -21.67 56.38
C GLY I 323 -16.33 -22.17 56.64
N SER I 324 -17.29 -21.26 56.78
CA SER I 324 -18.68 -21.64 57.07
C SER I 324 -19.59 -20.80 56.17
N GLY I 325 -19.97 -21.39 55.04
CA GLY I 325 -20.96 -20.81 54.13
C GLY I 325 -21.08 -19.31 54.02
N CYS I 327 -25.31 -18.53 50.76
CA CYS I 327 -26.19 -19.54 50.17
C CYS I 327 -27.59 -19.46 50.74
N VAL I 328 -28.51 -20.24 50.18
CA VAL I 328 -29.92 -20.26 50.60
C VAL I 328 -30.36 -21.71 50.65
N ALA I 329 -30.94 -22.12 51.78
CA ALA I 329 -31.27 -23.53 52.02
C ALA I 329 -32.72 -23.80 51.67
N TYR I 330 -32.94 -24.82 50.85
CA TYR I 330 -34.26 -25.30 50.52
C TYR I 330 -34.40 -26.73 51.05
N THR I 331 -35.45 -26.96 51.83
CA THR I 331 -35.74 -28.29 52.37
C THR I 331 -36.75 -29.05 51.53
N GLU I 332 -37.45 -28.39 50.61
CA GLU I 332 -38.43 -29.06 49.77
C GLU I 332 -37.79 -30.06 48.83
N VAL I 333 -36.47 -29.95 48.60
CA VAL I 333 -35.75 -30.79 47.65
C VAL I 333 -34.48 -31.30 48.34
N THR I 334 -34.29 -32.62 48.32
CA THR I 334 -33.11 -33.23 48.94
C THR I 334 -32.42 -34.18 47.96
N ASP I 335 -31.43 -34.92 48.44
CA ASP I 335 -30.79 -35.95 47.61
C ASP I 335 -31.66 -37.17 47.43
N ALA I 336 -32.77 -37.28 48.16
CA ALA I 336 -33.71 -38.37 47.99
C ALA I 336 -35.09 -37.94 47.51
N LYS I 337 -35.39 -36.64 47.53
CA LYS I 337 -36.73 -36.16 47.22
C LYS I 337 -36.65 -34.83 46.48
N GLY I 338 -37.67 -34.59 45.65
CA GLY I 338 -37.92 -33.26 45.11
C GLY I 338 -37.30 -32.94 43.77
N THR I 339 -38.15 -32.74 42.76
CA THR I 339 -37.69 -32.07 41.56
C THR I 339 -37.75 -30.55 41.80
N PRO I 340 -36.67 -29.83 41.54
CA PRO I 340 -36.64 -28.40 41.95
C PRO I 340 -37.71 -27.57 41.27
N THR I 341 -38.03 -27.87 40.01
CA THR I 341 -38.93 -27.03 39.24
C THR I 341 -40.39 -27.15 39.66
N LYS I 342 -40.72 -28.07 40.57
CA LYS I 342 -42.10 -28.28 41.00
C LYS I 342 -42.27 -28.33 42.51
N ASP I 343 -41.22 -28.02 43.28
CA ASP I 343 -41.32 -28.05 44.74
C ASP I 343 -40.85 -26.77 45.39
N ILE I 344 -39.80 -26.15 44.88
CA ILE I 344 -39.42 -24.81 45.36
C ILE I 344 -40.49 -23.82 44.93
N PRO I 345 -41.04 -23.01 45.84
CA PRO I 345 -42.30 -22.30 45.52
C PRO I 345 -42.21 -21.35 44.34
N TRP I 346 -41.21 -20.47 44.32
CA TRP I 346 -41.10 -19.52 43.23
C TRP I 346 -40.63 -20.20 41.94
N MET I 347 -39.82 -21.25 42.05
CA MET I 347 -39.41 -21.98 40.85
C MET I 347 -40.58 -22.75 40.27
N GLN I 348 -41.47 -23.28 41.12
CA GLN I 348 -42.69 -23.88 40.61
C GLN I 348 -43.58 -22.83 39.95
N LYS I 349 -43.59 -21.62 40.50
CA LYS I 349 -44.35 -20.53 39.89
C LYS I 349 -43.84 -20.22 38.49
N LEU I 350 -42.55 -20.44 38.25
CA LEU I 350 -41.99 -20.16 36.93
C LEU I 350 -42.25 -21.31 35.96
N ASP I 351 -42.13 -22.56 36.44
CA ASP I 351 -42.43 -23.70 35.57
C ASP I 351 -43.87 -23.70 35.10
N SER I 352 -44.76 -22.99 35.83
CA SER I 352 -46.14 -22.87 35.41
C SER I 352 -46.28 -22.08 34.12
N VAL I 353 -45.27 -21.29 33.75
CA VAL I 353 -45.24 -20.63 32.46
C VAL I 353 -44.47 -21.43 31.41
N ARG I 354 -43.57 -22.32 31.82
CA ARG I 354 -42.93 -23.22 30.86
C ARG I 354 -43.94 -24.14 30.21
N ILE I 355 -44.90 -24.65 31.00
CA ILE I 355 -45.96 -25.48 30.45
C ILE I 355 -46.91 -24.64 29.61
N LYS I 356 -47.31 -23.47 30.11
CA LYS I 356 -48.27 -22.64 29.40
C LYS I 356 -47.71 -22.13 28.08
N LEU I 357 -46.41 -21.83 28.04
CA LEU I 357 -45.81 -21.36 26.79
C LEU I 357 -45.79 -22.46 25.73
N GLN I 358 -45.47 -23.69 26.15
CA GLN I 358 -45.47 -24.80 25.19
C GLN I 358 -46.83 -24.98 24.54
N LYS I 359 -47.89 -24.88 25.33
CA LYS I 359 -49.24 -25.00 24.78
C LYS I 359 -49.62 -23.79 23.96
N HIS I 360 -49.30 -22.58 24.46
CA HIS I 360 -49.55 -21.37 23.70
C HIS I 360 -48.85 -21.40 22.35
N GLU I 361 -47.60 -21.84 22.33
CA GLU I 361 -46.86 -21.94 21.07
C GLU I 361 -47.54 -22.91 20.13
N ARG I 362 -47.65 -24.19 20.53
CA ARG I 362 -48.35 -25.18 19.71
C ARG I 362 -49.71 -24.67 19.25
N ALA I 363 -50.40 -23.87 20.08
CA ALA I 363 -51.71 -23.37 19.70
C ALA I 363 -51.64 -22.46 18.49
N VAL I 364 -50.73 -21.49 18.50
CA VAL I 364 -50.67 -20.53 17.39
C VAL I 364 -50.13 -21.19 16.12
N GLU I 365 -49.32 -22.25 16.26
CA GLU I 365 -48.88 -22.97 15.06
C GLU I 365 -50.06 -23.61 14.35
N LYS I 366 -50.98 -24.21 15.11
CA LYS I 366 -52.12 -24.92 14.53
C LYS I 366 -53.32 -24.02 14.27
N LEU I 367 -53.44 -22.90 14.99
CA LEU I 367 -54.60 -22.03 14.78
C LEU I 367 -54.46 -21.19 13.52
N GLY I 368 -53.23 -20.92 13.07
CA GLY I 368 -53.05 -20.15 11.85
C GLY I 368 -53.39 -20.91 10.59
N LYS I 369 -53.40 -22.24 10.65
CA LYS I 369 -53.64 -23.03 9.44
C LYS I 369 -55.06 -22.86 8.92
N PRO I 370 -56.13 -22.96 9.73
CA PRO I 370 -57.45 -22.58 9.22
C PRO I 370 -57.69 -21.08 9.26
N GLN I 371 -56.80 -20.31 9.89
CA GLN I 371 -56.92 -18.85 9.84
C GLN I 371 -56.52 -18.33 8.47
N HIS I 372 -55.42 -18.82 7.92
CA HIS I 372 -55.07 -18.51 6.54
C HIS I 372 -56.13 -19.02 5.57
N ASP I 373 -56.62 -20.24 5.80
CA ASP I 373 -57.70 -20.77 4.98
C ASP I 373 -58.90 -19.84 4.99
N LEU I 374 -59.35 -19.44 6.19
CA LEU I 374 -60.55 -18.60 6.26
C LEU I 374 -60.33 -17.24 5.60
N LYS I 375 -59.10 -16.71 5.63
CA LYS I 375 -58.85 -15.44 4.98
C LYS I 375 -58.94 -15.56 3.46
N THR I 376 -58.30 -16.59 2.89
CA THR I 376 -58.35 -16.77 1.44
C THR I 376 -59.75 -17.16 0.99
N ILE I 377 -60.43 -18.04 1.74
CA ILE I 377 -61.82 -18.36 1.41
C ILE I 377 -62.68 -17.11 1.46
N LEU I 378 -62.34 -16.17 2.33
CA LEU I 378 -63.13 -14.95 2.46
C LEU I 378 -62.93 -14.02 1.26
N THR I 379 -61.70 -13.94 0.74
CA THR I 379 -61.46 -13.07 -0.41
C THR I 379 -62.08 -13.64 -1.67
N LEU I 380 -62.26 -14.96 -1.75
CA LEU I 380 -62.93 -15.55 -2.90
C LEU I 380 -64.38 -15.09 -2.99
N ALA I 381 -65.01 -14.83 -1.85
CA ALA I 381 -66.39 -14.37 -1.82
C ALA I 381 -66.54 -12.91 -2.24
N LYS I 382 -65.45 -12.22 -2.56
CA LYS I 382 -65.51 -10.86 -3.06
C LYS I 382 -65.03 -10.71 -4.49
N ASP I 383 -64.35 -11.71 -5.04
CA ASP I 383 -63.92 -11.69 -6.42
C ASP I 383 -65.09 -12.04 -7.32
N PRO I 384 -65.68 -11.08 -8.03
CA PRO I 384 -66.90 -11.37 -8.80
C PRO I 384 -66.70 -12.35 -9.94
N ALA I 385 -65.47 -12.47 -10.47
CA ALA I 385 -65.22 -13.49 -11.48
C ALA I 385 -65.37 -14.89 -10.91
N TYR I 386 -64.77 -15.14 -9.73
CA TYR I 386 -64.80 -16.46 -9.13
C TYR I 386 -66.23 -16.92 -8.86
N LEU I 387 -67.11 -15.98 -8.51
CA LEU I 387 -68.47 -16.34 -8.17
C LEU I 387 -69.29 -16.69 -9.40
N GLN I 388 -69.03 -16.03 -10.53
CA GLN I 388 -69.81 -16.22 -11.75
C GLN I 388 -69.25 -17.31 -12.65
N LEU I 389 -68.27 -18.08 -12.19
CA LEU I 389 -67.73 -19.18 -12.98
C LEU I 389 -68.78 -20.27 -13.14
N ALA I 390 -69.19 -20.52 -14.38
CA ALA I 390 -70.21 -21.51 -14.70
C ALA I 390 -69.61 -22.65 -15.51
N SER I 391 -70.20 -23.84 -15.36
CA SER I 391 -69.69 -25.06 -15.99
C SER I 391 -69.59 -24.92 -17.51
N ASN J 24 2.97 13.92 -40.31
CA ASN J 24 2.61 12.78 -39.47
C ASN J 24 3.84 12.15 -38.85
N ILE J 25 3.76 11.89 -37.55
CA ILE J 25 4.87 11.29 -36.81
C ILE J 25 4.93 9.80 -37.15
N GLY J 26 6.11 9.36 -37.60
CA GLY J 26 6.28 7.96 -37.96
C GLY J 26 7.57 7.35 -37.45
N THR J 27 7.98 6.27 -38.11
CA THR J 27 9.15 5.51 -37.67
C THR J 27 10.38 6.39 -37.51
N GLY J 28 10.96 6.35 -36.31
CA GLY J 28 12.24 6.97 -36.05
C GLY J 28 12.22 8.47 -35.82
N ASP J 29 11.05 9.10 -35.80
CA ASP J 29 11.01 10.55 -35.63
C ASP J 29 11.46 10.99 -34.24
N ASN J 30 11.54 10.07 -33.27
CA ASN J 30 11.94 10.40 -31.91
C ASN J 30 13.29 9.78 -31.53
N VAL J 31 14.09 9.38 -32.52
CA VAL J 31 15.43 8.88 -32.23
C VAL J 31 16.26 9.94 -31.51
N LEU J 32 16.05 11.21 -31.88
CA LEU J 32 16.76 12.31 -31.23
C LEU J 32 16.46 12.36 -29.74
N HIS J 33 15.18 12.25 -29.38
CA HIS J 33 14.78 12.32 -27.98
C HIS J 33 15.12 11.04 -27.21
N ARG J 34 15.04 9.87 -27.87
CA ARG J 34 15.39 8.63 -27.20
C ARG J 34 16.85 8.62 -26.78
N ALA J 35 17.75 8.99 -27.70
CA ALA J 35 19.16 9.09 -27.36
C ALA J 35 19.38 10.02 -26.18
N ALA J 36 18.69 11.17 -26.17
CA ALA J 36 18.85 12.10 -25.05
C ALA J 36 18.35 11.49 -23.76
N LEU J 37 17.17 10.86 -23.78
CA LEU J 37 16.62 10.26 -22.57
C LEU J 37 17.37 8.99 -22.16
N CYS J 38 17.83 8.19 -23.13
CA CYS J 38 18.65 7.03 -22.76
C CYS J 38 19.98 7.46 -22.16
N GLY J 39 20.49 8.64 -22.54
CA GLY J 39 21.67 9.17 -21.88
C GLY J 39 21.48 9.39 -20.39
N ILE J 40 20.25 9.45 -19.92
CA ILE J 40 19.95 9.52 -18.50
C ILE J 40 19.81 8.12 -17.90
N ILE J 41 19.09 7.23 -18.58
CA ILE J 41 18.78 5.91 -18.03
C ILE J 41 20.05 5.10 -17.82
N GLU J 42 21.00 5.21 -18.75
CA GLU J 42 22.19 4.38 -18.66
C GLU J 42 23.04 4.69 -17.45
N LEU J 43 22.82 5.86 -16.82
CA LEU J 43 23.51 6.22 -15.59
C LEU J 43 22.93 5.52 -14.36
N ALA J 44 21.74 4.93 -14.44
CA ALA J 44 21.06 4.41 -13.27
C ALA J 44 21.64 3.07 -12.84
N GLY J 45 20.95 2.40 -11.93
CA GLY J 45 21.48 1.18 -11.36
C GLY J 45 22.77 1.49 -10.64
N LYS J 46 23.79 0.68 -10.88
CA LYS J 46 25.14 0.92 -10.37
C LYS J 46 26.13 1.08 -11.52
N ARG J 47 25.65 1.60 -12.65
CA ARG J 47 26.48 1.75 -13.84
C ARG J 47 27.33 3.02 -13.82
N ALA J 48 26.98 3.99 -12.97
CA ALA J 48 27.73 5.23 -12.87
C ALA J 48 28.86 5.02 -11.86
N LYS J 49 30.09 4.95 -12.35
CA LYS J 49 31.22 4.58 -11.51
C LYS J 49 31.98 5.83 -11.08
N LEU J 50 32.30 5.90 -9.79
CA LEU J 50 33.12 7.01 -9.27
C LEU J 50 34.57 6.54 -9.22
N GLU J 51 35.23 6.58 -10.38
CA GLU J 51 36.55 6.03 -10.55
C GLU J 51 37.63 6.97 -10.02
N THR J 52 37.25 7.92 -9.18
CA THR J 52 38.23 8.79 -8.57
C THR J 52 39.07 8.02 -7.55
N ALA J 53 40.31 8.46 -7.38
CA ALA J 53 41.15 7.94 -6.32
C ALA J 53 40.71 8.56 -5.00
N LEU J 54 40.06 7.76 -4.17
CA LEU J 54 39.56 8.25 -2.89
C LEU J 54 40.73 8.65 -2.00
N PRO J 55 40.92 9.93 -1.69
CA PRO J 55 42.10 10.34 -0.94
C PRO J 55 41.92 10.15 0.56
N ASN J 56 43.04 9.98 1.25
CA ASN J 56 43.05 9.82 2.70
C ASN J 56 44.31 10.48 3.24
N PHE J 57 44.19 11.76 3.60
CA PHE J 57 45.27 12.48 4.28
C PHE J 57 45.36 12.10 5.75
N GLN J 58 44.23 11.73 6.36
CA GLN J 58 44.21 11.42 7.79
C GLN J 58 44.98 10.14 8.11
N ASN J 59 44.91 9.13 7.23
CA ASN J 59 45.60 7.88 7.50
C ASN J 59 47.09 8.09 7.69
N GLU J 60 47.73 8.82 6.76
CA GLU J 60 49.16 9.10 6.90
C GLU J 60 49.44 9.97 8.11
N LEU J 61 48.58 10.95 8.38
CA LEU J 61 48.71 11.76 9.58
C LEU J 61 48.58 10.89 10.83
N ASN J 62 47.56 10.02 10.87
CA ASN J 62 47.42 9.10 11.99
C ASN J 62 48.66 8.23 12.15
N SER J 63 49.32 7.88 11.05
CA SER J 63 50.56 7.13 11.14
C SER J 63 51.66 7.97 11.77
N ILE J 64 51.69 9.27 11.45
CA ILE J 64 52.69 10.16 12.03
C ILE J 64 52.46 10.30 13.54
N LEU J 65 51.21 10.52 13.94
CA LEU J 65 50.89 10.70 15.36
C LEU J 65 51.27 9.46 16.18
N GLU J 66 51.11 8.26 15.63
CA GLU J 66 51.53 7.06 16.35
C GLU J 66 53.03 7.01 16.49
N LEU J 67 53.77 7.27 15.41
CA LEU J 67 55.23 7.32 15.47
C LEU J 67 55.69 8.32 16.54
N ASN J 68 55.12 9.54 16.51
CA ASN J 68 55.47 10.55 17.49
C ASN J 68 55.26 10.04 18.92
N MET J 69 54.26 9.19 19.12
CA MET J 69 53.93 8.72 20.46
C MET J 69 54.90 7.64 20.93
N THR J 70 55.17 6.64 20.09
CA THR J 70 56.18 5.65 20.43
C THR J 70 57.54 6.31 20.62
N ALA J 71 57.84 7.29 19.77
CA ALA J 71 59.06 8.10 19.89
C ALA J 71 58.84 9.27 20.84
N ALA J 72 58.35 8.99 22.04
CA ALA J 72 58.14 10.02 23.04
C ALA J 72 58.68 9.51 24.36
N GLU J 73 58.97 10.45 25.26
CA GLU J 73 59.56 10.08 26.53
C GLU J 73 58.58 9.23 27.34
N PRO J 74 59.09 8.25 28.09
CA PRO J 74 58.18 7.37 28.86
C PRO J 74 57.31 8.12 29.84
N THR J 75 57.79 9.25 30.37
CA THR J 75 56.98 10.04 31.29
C THR J 75 55.79 10.68 30.59
N TRP J 76 55.87 10.86 29.27
CA TRP J 76 54.74 11.46 28.54
C TRP J 76 53.64 10.44 28.31
N LEU J 77 53.99 9.20 27.98
CA LEU J 77 52.97 8.18 27.80
C LEU J 77 52.28 7.83 29.12
N ASP J 78 52.98 7.99 30.25
CA ASP J 78 52.37 7.74 31.55
C ASP J 78 51.22 8.71 31.82
N GLN J 79 51.28 9.92 31.26
CA GLN J 79 50.20 10.88 31.46
C GLN J 79 48.88 10.37 30.90
N PHE J 80 48.95 9.54 29.85
CA PHE J 80 47.76 8.97 29.22
C PHE J 80 47.40 7.60 29.81
N ARG J 81 47.77 7.37 31.06
CA ARG J 81 47.51 6.11 31.74
C ARG J 81 46.83 6.36 33.07
N ASP J 82 45.86 5.51 33.41
CA ASP J 82 45.32 5.49 34.76
C ASP J 82 46.41 5.04 35.73
N LYS J 83 46.65 5.82 36.78
CA LYS J 83 47.75 5.53 37.69
C LYS J 83 47.50 4.29 38.52
N ASP J 84 46.23 3.87 38.66
CA ASP J 84 45.94 2.65 39.42
C ASP J 84 46.28 1.40 38.60
N ASP J 85 45.97 1.41 37.31
CA ASP J 85 46.25 0.29 36.43
C ASP J 85 46.95 0.82 35.18
N ARG J 86 48.19 0.37 34.97
CA ARG J 86 49.02 0.94 33.90
C ARG J 86 48.48 0.57 32.52
N SER J 87 47.87 -0.60 32.36
CA SER J 87 47.35 -1.00 31.06
C SER J 87 45.97 -0.41 30.75
N LYS J 88 45.56 0.63 31.46
CA LYS J 88 44.24 1.23 31.29
C LYS J 88 44.36 2.72 31.01
N PRO J 89 43.46 3.27 30.22
CA PRO J 89 43.53 4.70 29.89
C PRO J 89 43.02 5.57 31.04
N ARG J 90 43.23 6.88 30.86
CA ARG J 90 42.74 7.87 31.80
C ARG J 90 41.28 8.19 31.49
N ASP J 91 40.46 8.33 32.53
CA ASP J 91 39.05 8.65 32.33
C ASP J 91 38.71 10.10 32.60
N LEU J 92 39.69 10.90 33.03
CA LEU J 92 39.59 12.35 33.17
C LEU J 92 38.78 12.81 34.38
N THR J 93 38.02 11.91 35.00
CA THR J 93 37.29 12.26 36.22
C THR J 93 38.04 11.92 37.50
N LYS J 94 38.65 10.72 37.59
CA LYS J 94 39.56 10.43 38.69
C LYS J 94 40.96 10.98 38.45
N GLN J 95 41.27 11.39 37.22
CA GLN J 95 42.56 12.01 36.90
C GLN J 95 42.30 13.12 35.88
N PRO J 96 41.88 14.29 36.34
CA PRO J 96 41.59 15.39 35.41
C PRO J 96 42.86 15.99 34.82
N LEU J 97 42.68 16.73 33.74
CA LEU J 97 43.83 17.35 33.08
C LEU J 97 44.17 18.68 33.73
N PRO J 98 45.45 18.98 33.90
CA PRO J 98 45.83 20.25 34.53
C PRO J 98 45.42 21.44 33.68
N LYS J 99 44.77 22.40 34.32
CA LYS J 99 44.21 23.55 33.61
C LYS J 99 45.26 24.55 33.13
N ASP J 100 46.48 24.50 33.67
CA ASP J 100 47.57 25.34 33.18
C ASP J 100 48.18 24.81 31.89
N THR J 101 47.47 23.94 31.18
CA THR J 101 47.95 23.32 29.96
C THR J 101 46.95 23.53 28.83
N ASN J 102 47.37 23.20 27.61
CA ASN J 102 46.47 23.10 26.48
C ASN J 102 46.18 21.65 26.11
N TRP J 103 46.39 20.72 27.05
CA TRP J 103 46.23 19.30 26.75
C TRP J 103 44.79 18.98 26.36
N ALA J 104 43.82 19.68 26.95
CA ALA J 104 42.42 19.44 26.62
C ALA J 104 42.14 19.72 25.15
N ASP J 105 42.89 20.62 24.54
CA ASP J 105 42.67 20.97 23.14
C ASP J 105 43.04 19.82 22.21
N HIS J 106 43.97 18.95 22.62
CA HIS J 106 44.44 17.87 21.76
C HIS J 106 44.39 16.50 22.41
N TRP J 107 43.67 16.36 23.53
CA TRP J 107 43.74 15.11 24.29
C TRP J 107 43.12 13.95 23.53
N THR J 108 42.02 14.20 22.82
CA THR J 108 41.35 13.11 22.10
C THR J 108 42.24 12.54 21.00
N ALA J 109 42.99 13.40 20.30
CA ALA J 109 43.91 12.92 19.28
C ALA J 109 45.10 12.19 19.88
N TRP J 110 45.60 12.68 21.02
CA TRP J 110 46.72 12.01 21.68
C TRP J 110 46.32 10.62 22.17
N ALA J 111 45.12 10.51 22.76
CA ALA J 111 44.68 9.22 23.28
C ALA J 111 44.58 8.18 22.18
N LYS J 112 44.19 8.59 20.97
CA LYS J 112 44.12 7.66 19.86
C LYS J 112 45.50 7.08 19.55
N ALA J 113 46.55 7.88 19.74
CA ALA J 113 47.89 7.38 19.53
C ALA J 113 48.44 6.65 20.75
N ALA J 114 47.84 6.85 21.93
CA ALA J 114 48.34 6.27 23.15
C ALA J 114 47.66 4.96 23.54
N LEU J 115 46.42 4.74 23.09
CA LEU J 115 45.72 3.51 23.44
C LEU J 115 46.45 2.26 22.97
N PRO J 116 46.90 2.14 21.71
CA PRO J 116 47.65 0.93 21.33
C PRO J 116 49.00 0.84 21.99
N LEU J 117 49.58 1.95 22.40
CA LEU J 117 50.95 1.99 22.90
C LEU J 117 51.05 1.89 24.42
N LEU J 118 49.92 1.91 25.15
CA LEU J 118 49.97 1.75 26.60
C LEU J 118 50.48 0.36 27.00
N ASN J 119 50.45 -0.60 26.08
CA ASN J 119 50.97 -1.94 26.33
C ASN J 119 52.47 -1.97 26.04
N ASP J 120 53.25 -2.46 27.01
CA ASP J 120 54.70 -2.46 26.88
C ASP J 120 55.22 -3.42 25.82
N GLU J 121 54.41 -4.39 25.39
CA GLU J 121 54.82 -5.32 24.34
C GLU J 121 54.65 -4.76 22.93
N THR J 122 53.57 -4.01 22.67
CA THR J 122 53.48 -3.26 21.42
C THR J 122 54.57 -2.20 21.34
N HIS J 123 54.90 -1.59 22.48
CA HIS J 123 56.13 -0.83 22.60
C HIS J 123 57.33 -1.78 22.47
N GLN J 124 58.48 -1.22 22.10
CA GLN J 124 59.70 -1.99 21.83
C GLN J 124 59.54 -2.84 20.57
N ALA J 125 58.30 -3.05 20.13
CA ALA J 125 58.03 -3.67 18.84
C ALA J 125 57.88 -2.61 17.74
N LYS J 126 57.14 -1.54 18.02
CA LYS J 126 57.11 -0.42 17.08
C LYS J 126 58.41 0.35 17.08
N LEU J 127 59.15 0.31 18.20
CA LEU J 127 60.48 0.93 18.23
C LEU J 127 61.39 0.30 17.19
N LYS J 128 61.47 -1.03 17.15
CA LYS J 128 62.27 -1.69 16.14
C LYS J 128 61.73 -1.45 14.73
N GLU J 129 60.42 -1.27 14.61
CA GLU J 129 59.84 -0.99 13.30
C GLU J 129 60.30 0.37 12.78
N TYR J 130 60.17 1.41 13.59
CA TYR J 130 60.42 2.77 13.14
C TYR J 130 61.92 3.07 13.11
N LYS J 131 62.74 2.01 13.09
CA LYS J 131 64.19 2.10 13.15
C LYS J 131 64.68 2.77 14.44
N LEU J 132 63.83 2.79 15.48
CA LEU J 132 64.23 3.29 16.80
C LEU J 132 64.75 2.20 17.71
N ALA J 133 65.20 1.08 17.14
CA ALA J 133 65.67 -0.06 17.92
C ALA J 133 66.87 0.32 18.78
N GLY J 134 66.62 0.64 20.04
CA GLY J 134 67.66 0.82 21.03
C GLY J 134 68.85 1.68 20.63
N LEU J 135 68.61 2.96 20.38
CA LEU J 135 69.73 3.86 20.10
C LEU J 135 70.35 4.37 21.40
N GLN J 136 71.54 4.93 21.27
CA GLN J 136 72.18 5.60 22.39
C GLN J 136 71.26 6.73 22.89
N PRO J 137 71.38 7.12 24.16
CA PRO J 137 70.49 8.17 24.68
C PRO J 137 70.60 9.46 23.90
N GLU J 138 71.82 9.85 23.52
CA GLU J 138 72.02 11.02 22.67
C GLU J 138 71.38 10.82 21.30
N LYS J 139 71.38 9.58 20.79
CA LYS J 139 70.80 9.30 19.49
C LYS J 139 69.28 9.29 19.51
N LEU J 140 68.66 8.84 20.61
CA LEU J 140 67.21 8.90 20.72
C LEU J 140 66.71 10.31 21.01
N GLU J 141 67.62 11.27 21.21
CA GLU J 141 67.26 12.67 21.41
C GLU J 141 67.29 13.47 20.11
N ARG J 142 68.32 13.26 19.28
CA ARG J 142 68.34 13.90 17.97
C ARG J 142 67.19 13.42 17.10
N ALA J 143 66.91 12.12 17.12
CA ALA J 143 65.80 11.58 16.34
C ALA J 143 64.46 12.06 16.89
N ARG J 144 64.28 12.00 18.21
CA ARG J 144 63.04 12.47 18.80
C ARG J 144 62.82 13.95 18.51
N ASN J 145 63.89 14.72 18.40
CA ASN J 145 63.75 16.15 18.15
C ASN J 145 63.20 16.40 16.74
N THR J 146 63.81 15.80 15.73
CA THR J 146 63.34 16.00 14.36
C THR J 146 61.96 15.38 14.15
N ILE J 147 61.68 14.25 14.81
CA ILE J 147 60.36 13.64 14.71
C ILE J 147 59.28 14.59 15.22
N ARG J 148 59.51 15.20 16.39
CA ARG J 148 58.54 16.14 16.94
C ARG J 148 58.38 17.36 16.05
N ARG J 149 59.46 17.80 15.41
CA ARG J 149 59.38 18.91 14.47
C ARG J 149 58.57 18.51 13.23
N LEU J 150 58.84 17.32 12.69
CA LEU J 150 58.08 16.82 11.55
C LEU J 150 56.60 16.69 11.88
N THR J 151 56.28 16.09 13.03
CA THR J 151 54.88 15.96 13.44
C THR J 151 54.20 17.31 13.57
N ALA J 152 54.92 18.33 14.05
CA ALA J 152 54.37 19.67 14.11
C ALA J 152 54.04 20.19 12.72
N GLU J 153 54.86 19.85 11.73
CA GLU J 153 54.59 20.31 10.36
C GLU J 153 53.45 19.52 9.75
N ALA J 154 53.41 18.20 9.97
CA ALA J 154 52.33 17.39 9.43
C ALA J 154 50.97 17.82 9.97
N VAL J 155 50.90 18.10 11.27
CA VAL J 155 49.65 18.57 11.86
C VAL J 155 49.27 19.92 11.29
N ALA J 156 50.24 20.84 11.18
CA ALA J 156 49.92 22.20 10.75
C ALA J 156 49.36 22.23 9.33
N LYS J 157 49.81 21.31 8.48
CA LYS J 157 49.31 21.27 7.10
C LYS J 157 47.83 20.92 7.06
N ALA J 158 47.40 20.01 7.91
CA ALA J 158 45.99 19.63 8.01
C ALA J 158 45.14 20.63 8.78
N GLN J 159 45.71 21.79 9.14
CA GLN J 159 44.96 22.85 9.80
C GLN J 159 44.52 23.95 8.86
N ASP J 160 45.10 24.03 7.66
CA ASP J 160 44.65 24.92 6.61
C ASP J 160 43.14 24.75 6.41
N PRO J 161 42.34 25.80 6.62
CA PRO J 161 40.88 25.65 6.48
C PRO J 161 40.43 25.06 5.15
N THR J 162 41.23 25.20 4.09
CA THR J 162 40.86 24.67 2.78
C THR J 162 41.09 23.18 2.65
N VAL J 163 41.63 22.50 3.67
CA VAL J 163 41.63 21.06 3.72
C VAL J 163 40.47 20.50 4.57
N ALA J 164 39.99 21.24 5.61
CA ALA J 164 38.75 20.83 6.32
C ALA J 164 37.51 20.81 5.39
N GLU J 165 37.36 21.83 4.56
CA GLU J 165 36.21 21.90 3.67
C GLU J 165 36.31 20.92 2.51
N SER J 166 37.52 20.64 2.01
CA SER J 166 37.68 19.62 0.98
C SER J 166 37.26 18.25 1.49
N THR J 167 37.66 17.90 2.72
CA THR J 167 37.24 16.64 3.31
C THR J 167 35.72 16.58 3.44
N ALA J 168 35.10 17.68 3.89
CA ALA J 168 33.64 17.73 3.99
C ALA J 168 32.95 17.81 2.64
N ASP J 169 33.69 18.00 1.54
CA ASP J 169 33.10 18.04 0.21
C ASP J 169 33.22 16.73 -0.55
N LEU J 170 33.92 15.74 0.00
CA LEU J 170 34.00 14.44 -0.65
C LEU J 170 32.66 13.72 -0.52
N THR J 171 32.30 12.99 -1.56
CA THR J 171 31.10 12.14 -1.56
C THR J 171 31.50 10.71 -1.90
N THR J 172 30.52 9.81 -1.87
CA THR J 172 30.76 8.42 -2.19
C THR J 172 29.96 8.01 -3.41
N GLU J 173 30.47 7.02 -4.13
CA GLU J 173 29.77 6.48 -5.28
C GLU J 173 28.37 6.01 -4.91
N GLU J 174 28.25 5.34 -3.76
CA GLU J 174 26.94 4.86 -3.32
C GLU J 174 25.95 6.01 -3.18
N ASP J 175 26.38 7.10 -2.54
CA ASP J 175 25.50 8.26 -2.38
C ASP J 175 25.08 8.82 -3.74
N LEU J 176 26.02 8.97 -4.66
CA LEU J 176 25.67 9.49 -5.98
C LEU J 176 24.71 8.56 -6.71
N GLN J 177 24.94 7.24 -6.61
CA GLN J 177 24.11 6.28 -7.35
C GLN J 177 22.67 6.29 -6.83
N LYS J 178 22.51 6.41 -5.51
CA LYS J 178 21.17 6.45 -4.95
C LYS J 178 20.38 7.66 -5.46
N GLN J 179 21.05 8.82 -5.59
CA GLN J 179 20.36 10.00 -6.06
C GLN J 179 20.08 9.95 -7.56
N ILE J 180 20.94 9.26 -8.33
CA ILE J 180 20.67 9.07 -9.75
C ILE J 180 19.42 8.21 -9.95
N ASN J 181 19.32 7.12 -9.19
CA ASN J 181 18.13 6.28 -9.28
C ASN J 181 16.88 7.02 -8.82
N GLN J 182 17.03 7.94 -7.86
CA GLN J 182 15.91 8.78 -7.45
C GLN J 182 15.44 9.66 -8.61
N ALA J 183 16.37 10.24 -9.37
CA ALA J 183 15.96 11.05 -10.50
C ALA J 183 15.34 10.19 -11.60
N VAL J 184 15.88 9.00 -11.82
CA VAL J 184 15.36 8.17 -12.91
C VAL J 184 14.08 7.46 -12.50
N TYR J 185 14.03 6.89 -11.30
CA TYR J 185 12.92 6.02 -10.91
C TYR J 185 12.15 6.46 -9.67
N SER J 186 12.56 7.56 -9.00
CA SER J 186 12.00 7.93 -7.69
C SER J 186 12.24 6.85 -6.64
N LYS J 187 13.35 6.12 -6.77
CA LYS J 187 13.67 5.03 -5.86
C LYS J 187 15.15 5.09 -5.55
N ASP J 188 15.55 4.36 -4.50
CA ASP J 188 16.96 4.30 -4.15
C ASP J 188 17.73 3.32 -5.01
N THR J 189 17.08 2.27 -5.51
CA THR J 189 17.71 1.29 -6.36
C THR J 189 16.89 1.10 -7.63
N GLU J 190 17.55 0.60 -8.66
CA GLU J 190 16.91 0.41 -9.95
C GLU J 190 15.94 -0.77 -9.90
N PRO J 191 14.68 -0.57 -10.32
CA PRO J 191 13.74 -1.70 -10.32
C PRO J 191 14.21 -2.82 -11.24
N ASP J 192 13.81 -4.05 -10.90
CA ASP J 192 14.17 -5.20 -11.70
C ASP J 192 13.38 -5.21 -13.01
N ASP J 193 13.65 -6.20 -13.86
CA ASP J 193 13.05 -6.25 -15.18
C ASP J 193 11.53 -6.47 -15.15
N ASP J 194 10.97 -6.81 -14.00
CA ASP J 194 9.52 -6.82 -13.81
C ASP J 194 9.02 -5.56 -13.10
N PHE J 195 9.92 -4.64 -12.76
CA PHE J 195 9.56 -3.40 -12.07
C PHE J 195 8.74 -3.69 -10.81
N ASN J 196 9.23 -4.64 -10.02
CA ASN J 196 8.62 -4.91 -8.73
C ASN J 196 8.70 -3.69 -7.82
N GLY J 197 7.62 -3.45 -7.09
CA GLY J 197 7.59 -2.33 -6.16
C GLY J 197 7.59 -0.98 -6.83
N TYR J 198 7.31 -0.94 -8.13
CA TYR J 198 7.31 0.29 -8.90
C TYR J 198 5.94 0.47 -9.54
N THR J 199 5.41 1.68 -9.46
CA THR J 199 4.16 2.04 -10.12
C THR J 199 4.41 3.25 -11.00
N ALA J 200 4.12 3.12 -12.29
CA ALA J 200 4.39 4.20 -13.25
C ALA J 200 3.49 5.40 -12.98
N PHE J 201 4.04 6.59 -13.23
CA PHE J 201 3.32 7.84 -13.06
C PHE J 201 2.81 8.00 -11.62
N GLU J 202 3.51 7.35 -10.68
CA GLU J 202 3.22 7.45 -9.24
C GLU J 202 1.74 7.19 -8.96
N GLY J 203 1.16 6.27 -9.71
CA GLY J 203 -0.22 5.92 -9.50
C GLY J 203 -1.23 6.97 -9.90
N LYS J 204 -0.83 8.01 -10.63
CA LYS J 204 -1.72 9.11 -10.96
C LYS J 204 -2.29 9.05 -12.37
N ALA J 205 -1.90 8.06 -13.17
CA ALA J 205 -2.39 7.95 -14.53
C ALA J 205 -3.90 7.73 -14.56
N SER J 206 -4.56 8.30 -15.57
CA SER J 206 -6.00 8.16 -15.71
C SER J 206 -6.42 8.51 -17.13
N THR J 207 -7.60 8.01 -17.50
CA THR J 207 -8.36 8.47 -18.66
C THR J 207 -7.76 8.05 -20.01
N ASN J 208 -6.76 8.78 -20.49
CA ASN J 208 -6.19 8.52 -21.81
C ASN J 208 -4.73 8.94 -21.84
N ARG J 209 -4.11 8.83 -23.02
CA ARG J 209 -2.68 9.08 -23.11
C ARG J 209 -2.37 10.57 -22.99
N GLN J 210 -3.21 11.44 -23.55
CA GLN J 210 -2.91 12.86 -23.48
C GLN J 210 -3.10 13.42 -22.08
N THR J 211 -3.98 12.81 -21.27
CA THR J 211 -4.04 13.18 -19.86
C THR J 211 -2.76 12.77 -19.13
N ILE J 212 -2.20 11.62 -19.49
CA ILE J 212 -1.01 11.10 -18.81
C ILE J 212 0.24 11.84 -19.25
N CYS J 213 0.39 12.09 -20.55
CA CYS J 213 1.65 12.59 -21.08
C CYS J 213 1.66 14.10 -21.31
N GLY J 214 0.52 14.76 -21.28
CA GLY J 214 0.47 16.21 -21.32
C GLY J 214 -0.09 16.74 -22.63
N SER J 215 -0.25 18.05 -22.67
CA SER J 215 -0.80 18.74 -23.83
C SER J 215 -0.13 20.09 -23.94
N ALA J 216 -0.62 20.93 -24.86
CA ALA J 216 -0.13 22.29 -24.95
C ALA J 216 -0.55 23.15 -23.77
N VAL J 217 -1.55 22.73 -22.99
CA VAL J 217 -2.08 23.53 -21.90
C VAL J 217 -1.96 22.85 -20.54
N ALA J 218 -1.48 21.60 -20.50
CA ALA J 218 -1.44 20.85 -19.25
C ALA J 218 -0.18 20.01 -19.17
N GLY J 219 0.41 19.96 -17.97
CA GLY J 219 1.57 19.14 -17.76
C GLY J 219 1.22 17.67 -17.69
N SER J 220 2.26 16.85 -17.75
CA SER J 220 2.12 15.41 -17.70
C SER J 220 2.02 14.91 -16.26
N LYS J 221 1.85 13.60 -16.11
CA LYS J 221 1.93 12.94 -14.81
C LYS J 221 3.29 12.31 -14.56
N ALA J 222 4.26 12.54 -15.42
CA ALA J 222 5.58 11.93 -15.31
C ALA J 222 6.43 12.76 -14.37
N THR J 223 6.77 12.19 -13.21
CA THR J 223 7.61 12.89 -12.24
C THR J 223 9.08 12.52 -12.35
N ASN J 224 9.41 11.42 -13.02
CA ASN J 224 10.78 10.96 -13.13
C ASN J 224 11.13 10.77 -14.61
N ALA J 225 12.35 10.33 -14.87
CA ALA J 225 12.82 10.24 -16.26
C ALA J 225 12.38 8.96 -16.94
N MET J 226 12.28 7.85 -16.20
CA MET J 226 11.79 6.60 -16.79
C MET J 226 10.38 6.77 -17.32
N ASP J 227 9.53 7.48 -16.57
CA ASP J 227 8.16 7.71 -17.01
C ASP J 227 8.09 8.71 -18.14
N ALA J 228 8.96 9.72 -18.14
CA ALA J 228 9.08 10.59 -19.31
C ALA J 228 9.45 9.77 -20.54
N LEU J 229 10.39 8.83 -20.39
CA LEU J 229 10.81 8.00 -21.51
C LEU J 229 9.67 7.14 -22.02
N PHE J 230 8.81 6.66 -21.12
CA PHE J 230 7.68 5.87 -21.56
C PHE J 230 6.72 6.71 -22.39
N CYS J 231 6.45 7.94 -21.96
CA CYS J 231 5.54 8.81 -22.72
C CYS J 231 6.08 9.10 -24.13
N VAL J 232 7.40 9.20 -24.27
CA VAL J 232 7.95 9.64 -25.55
C VAL J 232 8.13 8.47 -26.52
N CYS J 233 8.33 7.26 -26.03
CA CYS J 233 8.71 6.15 -26.90
C CYS J 233 7.78 4.95 -26.89
N ALA J 234 6.84 4.87 -25.96
CA ALA J 234 5.99 3.69 -25.89
C ALA J 234 4.95 3.73 -27.01
N ASP J 235 4.71 2.57 -27.61
CA ASP J 235 3.59 2.42 -28.51
C ASP J 235 2.34 2.06 -27.70
N ASP J 236 1.19 2.08 -28.38
CA ASP J 236 -0.07 1.69 -27.75
C ASP J 236 -0.90 0.93 -28.78
N ARG J 237 -2.08 0.46 -28.34
CA ARG J 237 -2.94 -0.35 -29.19
C ARG J 237 -3.46 0.40 -30.41
N THR J 238 -3.25 1.71 -30.49
CA THR J 238 -3.76 2.52 -31.59
C THR J 238 -2.71 2.96 -32.58
N ASN J 239 -1.53 3.35 -32.10
CA ASN J 239 -0.47 3.86 -32.97
C ASN J 239 0.58 2.81 -33.33
N GLY J 240 0.28 1.53 -33.13
CA GLY J 240 1.31 0.51 -33.26
C GLY J 240 1.94 0.45 -34.64
N ALA J 241 1.23 0.94 -35.65
CA ALA J 241 1.82 0.97 -36.98
C ALA J 241 2.35 2.34 -37.37
N ASP J 242 1.89 3.40 -36.72
CA ASP J 242 2.27 4.76 -37.10
C ASP J 242 3.29 5.33 -36.13
N ALA J 243 2.83 6.22 -35.26
CA ALA J 243 3.72 6.92 -34.35
C ALA J 243 4.34 6.00 -33.30
N GLY J 244 3.74 4.83 -33.06
CA GLY J 244 4.28 3.93 -32.05
C GLY J 244 5.66 3.41 -32.36
N LYS J 245 6.15 3.58 -33.59
CA LYS J 245 7.50 3.22 -33.99
C LYS J 245 8.45 4.42 -33.98
N ALA J 246 8.13 5.46 -33.21
CA ALA J 246 8.91 6.69 -33.25
C ALA J 246 10.32 6.52 -32.72
N CYS J 247 10.55 5.59 -31.79
CA CYS J 247 11.87 5.40 -31.21
C CYS J 247 12.55 4.11 -31.65
N VAL J 248 12.00 3.40 -32.63
CA VAL J 248 12.53 2.11 -33.05
C VAL J 248 12.71 2.11 -34.56
N ALA J 249 13.20 0.99 -35.09
CA ALA J 249 13.45 0.87 -36.52
C ALA J 249 12.30 0.18 -37.23
N GLY J 250 12.33 -1.15 -37.30
CA GLY J 250 11.31 -1.89 -38.02
C GLY J 250 10.16 -2.38 -37.15
N THR J 251 10.47 -2.84 -35.94
CA THR J 251 9.51 -3.50 -35.08
C THR J 251 9.17 -2.61 -33.89
N ALA J 252 7.88 -2.35 -33.70
CA ALA J 252 7.43 -1.53 -32.58
C ALA J 252 7.72 -2.24 -31.26
N PRO J 253 7.80 -1.49 -30.15
CA PRO J 253 8.06 -2.13 -28.85
C PRO J 253 7.02 -3.18 -28.47
N GLY J 254 5.77 -3.02 -28.91
CA GLY J 254 4.73 -3.99 -28.59
C GLY J 254 4.31 -4.02 -27.14
N THR J 255 4.19 -2.85 -26.49
CA THR J 255 3.78 -2.82 -25.08
C THR J 255 2.36 -3.31 -24.89
N GLY J 256 1.52 -3.20 -25.92
CA GLY J 256 0.10 -3.45 -25.73
C GLY J 256 -0.60 -2.45 -24.85
N TRP J 257 0.07 -1.35 -24.50
CA TRP J 257 -0.52 -0.33 -23.63
C TRP J 257 -1.81 0.20 -24.22
N ASN J 258 -2.82 0.35 -23.36
CA ASN J 258 -4.13 0.85 -23.79
C ASN J 258 -4.65 1.78 -22.70
N PRO J 259 -4.13 3.01 -22.65
CA PRO J 259 -4.49 3.94 -21.56
C PRO J 259 -5.98 4.20 -21.46
N GLY J 260 -6.72 4.12 -22.57
CA GLY J 260 -8.16 4.35 -22.55
C GLY J 260 -8.95 3.37 -21.69
N VAL J 261 -8.44 2.15 -21.49
CA VAL J 261 -9.13 1.16 -20.67
C VAL J 261 -8.39 0.90 -19.36
N THR J 262 -7.06 0.88 -19.40
CA THR J 262 -6.26 0.80 -18.18
C THR J 262 -5.10 1.78 -18.33
N ALA J 263 -5.05 2.77 -17.45
CA ALA J 263 -4.12 3.88 -17.66
C ALA J 263 -2.70 3.52 -17.28
N THR J 264 -2.52 2.87 -16.14
CA THR J 264 -1.19 2.60 -15.63
C THR J 264 -0.56 1.45 -16.40
N PRO J 265 0.62 1.63 -16.99
CA PRO J 265 1.29 0.52 -17.68
C PRO J 265 1.85 -0.48 -16.68
N THR J 266 1.99 -1.72 -17.13
CA THR J 266 2.56 -2.75 -16.29
C THR J 266 4.08 -2.75 -16.42
N GLY J 267 4.74 -3.47 -15.49
CA GLY J 267 6.18 -3.56 -15.53
C GLY J 267 6.71 -4.18 -16.82
N THR J 268 5.95 -5.12 -17.39
CA THR J 268 6.37 -5.68 -18.67
C THR J 268 6.41 -4.61 -19.75
N MET J 269 5.40 -3.72 -19.78
CA MET J 269 5.38 -2.65 -20.77
C MET J 269 6.51 -1.65 -20.54
N LEU J 270 6.75 -1.28 -19.27
CA LEU J 270 7.88 -0.41 -18.95
C LEU J 270 9.20 -1.02 -19.43
N GLN J 271 9.40 -2.32 -19.18
CA GLN J 271 10.66 -2.95 -19.55
C GLN J 271 10.86 -2.99 -21.06
N LYS J 272 9.78 -3.14 -21.83
CA LYS J 272 9.93 -3.14 -23.29
C LYS J 272 10.41 -1.81 -23.83
N VAL J 273 10.20 -0.71 -23.11
CA VAL J 273 10.75 0.59 -23.51
C VAL J 273 12.13 0.80 -22.93
N ARG J 274 12.34 0.47 -21.64
CA ARG J 274 13.66 0.64 -21.04
C ARG J 274 14.75 -0.15 -21.80
N LYS J 275 14.41 -1.31 -22.35
CA LYS J 275 15.42 -2.10 -23.06
C LYS J 275 15.95 -1.39 -24.29
N LEU J 276 15.35 -0.26 -24.70
CA LEU J 276 15.90 0.52 -25.81
C LEU J 276 17.21 1.19 -25.44
N CYS J 277 17.48 1.37 -24.16
CA CYS J 277 18.70 1.98 -23.66
C CYS J 277 19.75 0.91 -23.30
N ASN J 278 21.01 1.34 -23.26
CA ASN J 278 22.13 0.45 -22.93
C ASN J 278 22.24 0.36 -21.41
N THR J 279 21.61 -0.66 -20.84
CA THR J 279 21.74 -0.95 -19.42
C THR J 279 22.79 -2.02 -19.13
N HIS J 280 23.66 -2.32 -20.08
CA HIS J 280 24.65 -3.38 -19.95
C HIS J 280 26.08 -2.87 -19.88
N GLY J 281 26.28 -1.55 -19.88
CA GLY J 281 27.58 -0.96 -19.82
C GLY J 281 27.86 -0.26 -18.51
N LYS J 282 28.79 0.70 -18.55
CA LYS J 282 29.15 1.52 -17.41
C LYS J 282 29.43 2.94 -17.90
N THR J 283 29.33 3.89 -16.98
CA THR J 283 29.63 5.29 -17.27
C THR J 283 30.56 5.83 -16.21
N THR J 284 31.59 6.55 -16.64
CA THR J 284 32.52 7.21 -15.73
C THR J 284 31.91 8.50 -15.21
N LEU J 285 31.70 8.58 -13.90
CA LEU J 285 30.99 9.70 -13.29
C LEU J 285 31.89 10.94 -13.27
N SER J 286 31.44 12.01 -13.92
CA SER J 286 32.10 13.29 -13.80
C SER J 286 31.06 14.39 -13.92
N ALA J 287 31.36 15.55 -13.32
CA ALA J 287 30.46 16.69 -13.44
C ALA J 287 30.23 17.04 -14.90
N ALA J 288 31.29 17.01 -15.71
CA ALA J 288 31.14 17.29 -17.13
C ALA J 288 30.22 16.28 -17.81
N ALA J 289 30.27 15.01 -17.36
CA ALA J 289 29.40 13.99 -17.95
C ALA J 289 27.94 14.25 -17.63
N ILE J 290 27.64 14.64 -16.38
CA ILE J 290 26.25 14.90 -16.00
C ILE J 290 25.75 16.20 -16.63
N GLU J 291 26.63 17.20 -16.73
CA GLU J 291 26.23 18.49 -17.30
C GLU J 291 25.76 18.32 -18.75
N GLY J 292 26.57 17.65 -19.56
CA GLY J 292 26.23 17.53 -20.97
C GLY J 292 24.93 16.77 -21.21
N ARG J 293 24.74 15.68 -20.47
CA ARG J 293 23.53 14.88 -20.61
C ARG J 293 22.29 15.67 -20.21
N LEU J 294 22.39 16.47 -19.15
CA LEU J 294 21.26 17.32 -18.76
C LEU J 294 20.99 18.39 -19.80
N THR J 295 22.03 19.03 -20.32
CA THR J 295 21.83 20.07 -21.33
C THR J 295 21.20 19.47 -22.59
N ALA J 296 21.57 18.23 -22.93
CA ALA J 296 20.98 17.56 -24.08
C ALA J 296 19.46 17.42 -23.93
N VAL J 297 19.00 17.09 -22.73
CA VAL J 297 17.57 16.91 -22.52
C VAL J 297 16.88 18.26 -22.41
N GLY J 298 17.44 19.17 -21.63
CA GLY J 298 16.74 20.39 -21.27
C GLY J 298 16.44 21.28 -22.47
N ASN J 299 17.41 21.44 -23.36
CA ASN J 299 17.22 22.32 -24.51
C ASN J 299 16.48 21.66 -25.66
N LEU J 300 16.15 20.37 -25.54
CA LEU J 300 15.19 19.78 -26.46
C LEU J 300 13.75 20.12 -26.10
N LEU J 301 13.50 20.63 -24.89
CA LEU J 301 12.16 21.05 -24.49
C LEU J 301 11.75 22.26 -25.32
N THR J 302 10.75 22.06 -26.18
CA THR J 302 10.22 23.14 -27.01
C THR J 302 9.34 24.06 -26.16
N ARG J 303 9.73 25.32 -26.04
CA ARG J 303 9.10 26.24 -25.09
C ARG J 303 7.89 26.91 -25.71
N GLY J 304 6.71 26.67 -25.14
CA GLY J 304 5.48 27.29 -25.55
C GLY J 304 4.96 28.28 -24.52
N SER J 305 3.72 28.70 -24.74
CA SER J 305 3.13 29.71 -23.87
C SER J 305 2.72 29.14 -22.51
N ALA J 306 2.27 27.88 -22.47
CA ALA J 306 1.80 27.26 -21.23
C ALA J 306 2.55 26.00 -20.83
N THR J 307 3.14 25.28 -21.77
CA THR J 307 3.93 24.09 -21.44
C THR J 307 5.20 24.08 -22.28
N SER J 308 6.10 23.17 -21.93
CA SER J 308 7.25 22.86 -22.74
C SER J 308 7.18 21.39 -23.11
N ILE J 309 7.44 21.07 -24.38
CA ILE J 309 7.21 19.74 -24.94
C ILE J 309 8.54 19.08 -25.24
N LEU J 310 8.69 17.84 -24.80
CA LEU J 310 9.85 17.01 -25.13
C LEU J 310 9.37 15.86 -26.01
N GLY J 311 9.83 15.84 -27.26
CA GLY J 311 9.39 14.87 -28.23
C GLY J 311 8.73 15.51 -29.43
N SER J 312 8.46 14.68 -30.43
CA SER J 312 7.80 15.15 -31.64
C SER J 312 6.38 15.62 -31.32
N PHE J 313 6.03 16.80 -31.81
CA PHE J 313 4.72 17.39 -31.56
C PHE J 313 4.22 18.00 -32.86
N LEU J 314 2.97 17.73 -33.20
CA LEU J 314 2.34 18.33 -34.36
C LEU J 314 1.13 19.20 -34.01
N ALA J 315 0.26 18.71 -33.13
CA ALA J 315 -0.96 19.45 -32.83
C ALA J 315 -1.52 19.02 -31.48
N THR J 316 -2.03 20.02 -30.74
CA THR J 316 -2.90 19.81 -29.58
C THR J 316 -2.21 19.18 -28.38
N ASP J 317 -1.93 17.88 -28.42
CA ASP J 317 -1.52 17.19 -27.21
C ASP J 317 -0.58 16.03 -27.56
N CYS J 318 0.00 15.44 -26.51
CA CYS J 318 0.87 14.27 -26.60
C CYS J 318 0.06 12.99 -26.46
N SER J 319 -0.86 12.78 -27.40
CA SER J 319 -1.79 11.65 -27.31
C SER J 319 -1.26 10.37 -27.93
N GLY J 320 -0.08 10.39 -28.53
CA GLY J 320 0.40 9.26 -29.28
C GLY J 320 -0.16 9.13 -30.67
N ASP J 321 -1.19 9.90 -31.01
CA ASP J 321 -1.74 9.89 -32.36
C ASP J 321 -0.71 10.45 -33.35
N GLN J 322 -0.63 9.84 -34.53
CA GLN J 322 0.38 10.25 -35.50
C GLN J 322 0.20 11.69 -35.97
N GLY J 323 -0.98 12.27 -35.80
CA GLY J 323 -1.21 13.66 -36.10
C GLY J 323 -1.22 14.58 -34.89
N SER J 324 -0.86 14.09 -33.71
CA SER J 324 -0.86 14.90 -32.49
C SER J 324 0.56 15.02 -31.93
N GLY J 325 1.11 13.95 -31.36
CA GLY J 325 2.44 13.97 -30.79
C GLY J 325 2.81 12.71 -30.04
N MET J 326 4.11 12.43 -29.96
CA MET J 326 4.67 11.39 -29.10
C MET J 326 5.66 12.08 -28.16
N CYS J 327 5.18 12.52 -27.00
CA CYS J 327 5.95 13.49 -26.23
C CYS J 327 5.49 13.52 -24.79
N VAL J 328 6.14 14.37 -24.00
CA VAL J 328 5.79 14.61 -22.62
C VAL J 328 5.86 16.11 -22.38
N ALA J 329 4.93 16.63 -21.57
CA ALA J 329 4.79 18.07 -21.36
C ALA J 329 5.02 18.43 -19.90
N TYR J 330 5.59 19.61 -19.67
CA TYR J 330 5.85 20.16 -18.35
C TYR J 330 5.32 21.58 -18.25
N THR J 331 4.64 21.91 -17.15
CA THR J 331 4.20 23.28 -16.91
C THR J 331 5.25 24.15 -16.23
N GLU J 332 6.26 23.55 -15.61
CA GLU J 332 7.21 24.31 -14.81
C GLU J 332 8.06 25.26 -15.66
N VAL J 333 8.14 25.02 -16.97
CA VAL J 333 9.00 25.77 -17.88
C VAL J 333 8.19 26.14 -19.11
N THR J 334 8.20 27.43 -19.46
CA THR J 334 7.50 27.93 -20.64
C THR J 334 8.43 28.87 -21.40
N ASP J 335 7.88 29.63 -22.33
CA ASP J 335 8.69 30.62 -23.04
C ASP J 335 8.81 31.92 -22.28
N ALA J 336 8.31 31.97 -21.06
CA ALA J 336 8.40 33.17 -20.24
C ALA J 336 9.09 32.95 -18.90
N LYS J 337 9.30 31.70 -18.48
CA LYS J 337 9.88 31.42 -17.17
C LYS J 337 10.46 30.01 -17.16
N GLY J 338 11.29 29.75 -16.15
CA GLY J 338 11.67 28.39 -15.81
C GLY J 338 13.01 27.89 -16.31
N THR J 339 13.72 27.16 -15.47
CA THR J 339 14.97 26.51 -15.83
C THR J 339 14.82 25.03 -15.52
N PRO J 340 15.02 24.13 -16.50
CA PRO J 340 14.75 22.71 -16.24
C PRO J 340 15.54 22.14 -15.07
N THR J 341 16.83 22.44 -14.95
CA THR J 341 17.65 21.89 -13.87
C THR J 341 17.33 22.52 -12.52
N LYS J 342 16.40 23.45 -12.47
CA LYS J 342 15.97 24.04 -11.22
C LYS J 342 14.50 23.82 -10.91
N ASP J 343 13.64 23.75 -11.93
CA ASP J 343 12.21 23.78 -11.73
C ASP J 343 11.50 22.49 -12.10
N ILE J 344 12.15 21.59 -12.83
CA ILE J 344 11.62 20.25 -13.06
C ILE J 344 12.27 19.33 -12.02
N PRO J 345 11.49 18.78 -11.08
CA PRO J 345 12.09 18.03 -9.95
C PRO J 345 13.12 16.98 -10.32
N TRP J 346 12.85 16.14 -11.32
CA TRP J 346 13.79 15.05 -11.57
C TRP J 346 15.08 15.56 -12.20
N MET J 347 15.00 16.63 -12.99
CA MET J 347 16.23 17.23 -13.50
C MET J 347 16.95 18.02 -12.41
N GLN J 348 16.22 18.50 -11.41
CA GLN J 348 16.87 19.15 -10.29
C GLN J 348 17.61 18.13 -9.43
N LYS J 349 17.00 16.96 -9.23
CA LYS J 349 17.68 15.87 -8.51
C LYS J 349 18.98 15.46 -9.19
N LEU J 350 18.95 15.33 -10.52
CA LEU J 350 20.14 14.94 -11.25
C LEU J 350 21.19 16.06 -11.25
N ASP J 351 20.73 17.31 -11.34
CA ASP J 351 21.68 18.42 -11.28
C ASP J 351 22.33 18.54 -9.92
N SER J 352 21.68 18.01 -8.88
CA SER J 352 22.32 17.90 -7.57
C SER J 352 23.55 17.00 -7.65
N VAL J 353 23.48 15.91 -8.41
CA VAL J 353 24.62 15.01 -8.54
C VAL J 353 25.79 15.75 -9.19
N ARG J 354 25.51 16.60 -10.17
CA ARG J 354 26.57 17.34 -10.84
C ARG J 354 27.26 18.29 -9.87
N ILE J 355 26.50 18.97 -9.04
CA ILE J 355 27.09 19.93 -8.12
C ILE J 355 27.97 19.23 -7.10
N LYS J 356 27.52 18.08 -6.59
CA LYS J 356 28.35 17.30 -5.69
C LYS J 356 29.60 16.79 -6.40
N LEU J 357 29.45 16.31 -7.63
CA LEU J 357 30.62 15.91 -8.41
C LEU J 357 31.56 17.08 -8.63
N GLN J 358 31.04 18.29 -8.75
CA GLN J 358 31.90 19.45 -8.92
C GLN J 358 32.71 19.73 -7.66
N LYS J 359 32.04 19.71 -6.50
CA LYS J 359 32.74 19.92 -5.23
C LYS J 359 33.69 18.77 -4.92
N HIS J 360 33.27 17.54 -5.25
CA HIS J 360 34.12 16.38 -5.02
C HIS J 360 35.37 16.40 -5.89
N GLU J 361 35.23 16.69 -7.18
CA GLU J 361 36.39 16.76 -8.06
C GLU J 361 37.36 17.84 -7.62
N ARG J 362 36.83 19.00 -7.21
CA ARG J 362 37.69 20.07 -6.73
C ARG J 362 38.41 19.67 -5.44
N ALA J 363 37.70 19.00 -4.54
CA ALA J 363 38.31 18.56 -3.29
C ALA J 363 39.37 17.50 -3.52
N VAL J 364 39.25 16.72 -4.58
CA VAL J 364 40.27 15.71 -4.88
C VAL J 364 41.49 16.35 -5.52
N GLU J 365 41.33 17.43 -6.29
CA GLU J 365 42.49 18.18 -6.77
C GLU J 365 43.23 18.83 -5.60
N LYS J 366 42.50 19.47 -4.69
CA LYS J 366 43.05 19.85 -3.40
C LYS J 366 43.27 18.54 -2.66
N LEU J 367 43.86 18.57 -1.46
CA LEU J 367 44.15 17.35 -0.71
C LEU J 367 45.21 16.49 -1.39
N GLY J 368 45.47 16.75 -2.67
CA GLY J 368 46.50 16.02 -3.38
C GLY J 368 47.89 16.28 -2.84
N LYS J 369 48.33 17.54 -2.95
CA LYS J 369 49.61 17.92 -2.36
C LYS J 369 49.68 17.64 -0.87
N PRO J 370 48.67 17.96 -0.05
CA PRO J 370 48.76 17.59 1.38
C PRO J 370 48.88 16.09 1.61
N GLN J 371 48.18 15.26 0.83
CA GLN J 371 48.33 13.82 1.00
C GLN J 371 49.73 13.37 0.60
N HIS J 372 50.22 13.86 -0.54
CA HIS J 372 51.56 13.46 -0.98
C HIS J 372 52.62 13.94 0.00
N ASP J 373 52.42 15.12 0.59
CA ASP J 373 53.41 15.68 1.51
C ASP J 373 53.54 14.82 2.76
N LEU J 374 52.43 14.58 3.45
CA LEU J 374 52.48 13.77 4.67
C LEU J 374 53.06 12.38 4.41
N LYS J 375 52.86 11.86 3.19
CA LYS J 375 53.48 10.58 2.83
C LYS J 375 55.00 10.70 2.85
N THR J 376 55.53 11.77 2.27
CA THR J 376 56.98 11.97 2.30
C THR J 376 57.46 12.27 3.72
N ILE J 377 56.69 13.06 4.47
CA ILE J 377 57.03 13.33 5.86
C ILE J 377 57.06 12.04 6.67
N LEU J 378 56.16 11.10 6.35
CA LEU J 378 56.14 9.80 7.01
C LEU J 378 57.45 9.04 6.75
N THR J 379 57.81 8.87 5.48
CA THR J 379 59.01 8.12 5.15
C THR J 379 60.27 8.81 5.66
N LEU J 380 60.31 10.15 5.62
CA LEU J 380 61.46 10.87 6.18
C LEU J 380 61.63 10.57 7.67
N ALA J 381 60.51 10.49 8.41
CA ALA J 381 60.60 10.21 9.83
C ALA J 381 61.15 8.81 10.11
N LYS J 382 61.08 7.91 9.13
CA LYS J 382 61.62 6.57 9.26
C LYS J 382 63.01 6.45 8.63
N ASP J 383 63.60 7.57 8.21
CA ASP J 383 64.96 7.60 7.66
C ASP J 383 65.93 7.84 8.82
N PRO J 384 66.65 6.81 9.27
CA PRO J 384 67.58 7.02 10.39
C PRO J 384 68.69 8.00 10.05
N ALA J 385 69.10 8.08 8.79
CA ALA J 385 70.09 9.06 8.39
C ALA J 385 69.54 10.48 8.48
N TYR J 386 68.26 10.66 8.15
CA TYR J 386 67.67 11.99 8.21
C TYR J 386 67.51 12.46 9.65
N LEU J 387 67.06 11.56 10.54
CA LEU J 387 66.86 11.92 11.93
C LEU J 387 68.16 12.35 12.59
N GLN J 388 69.25 11.63 12.32
CA GLN J 388 70.55 11.91 12.91
C GLN J 388 71.32 12.91 12.05
N LEU J 389 70.68 14.04 11.78
CA LEU J 389 71.31 15.13 11.02
C LEU J 389 71.42 16.38 11.88
N ASN K 24 9.15 9.27 -46.86
CA ASN K 24 10.28 8.35 -46.97
C ASN K 24 11.58 9.01 -46.50
N ILE K 25 12.69 8.30 -46.68
CA ILE K 25 14.00 8.81 -46.28
C ILE K 25 14.45 9.84 -47.31
N GLY K 26 14.65 11.07 -46.85
CA GLY K 26 14.96 12.15 -47.76
C GLY K 26 16.21 12.90 -47.38
N THR K 27 16.40 14.07 -47.98
CA THR K 27 17.66 14.81 -47.84
C THR K 27 17.81 15.32 -46.40
N GLY K 28 18.99 15.12 -45.82
CA GLY K 28 19.29 15.59 -44.49
C GLY K 28 18.82 14.71 -43.35
N ASP K 29 18.10 13.61 -43.65
CA ASP K 29 17.54 12.77 -42.59
C ASP K 29 18.62 12.04 -41.79
N ASN K 30 19.85 11.96 -42.28
CA ASN K 30 20.94 11.30 -41.59
C ASN K 30 21.96 12.30 -41.03
N VAL K 31 21.53 13.53 -40.75
CA VAL K 31 22.46 14.56 -40.29
C VAL K 31 22.98 14.22 -38.89
N LEU K 32 22.14 13.64 -38.04
CA LEU K 32 22.60 13.22 -36.72
C LEU K 32 23.66 12.14 -36.82
N HIS K 33 23.40 11.14 -37.66
CA HIS K 33 24.34 10.01 -37.78
C HIS K 33 25.61 10.42 -38.50
N ARG K 34 25.52 11.38 -39.43
CA ARG K 34 26.72 11.90 -40.06
C ARG K 34 27.58 12.66 -39.05
N ALA K 35 26.95 13.47 -38.18
CA ALA K 35 27.71 14.21 -37.18
C ALA K 35 28.38 13.26 -36.19
N ALA K 36 27.68 12.22 -35.76
CA ALA K 36 28.30 11.30 -34.80
C ALA K 36 29.47 10.57 -35.43
N LEU K 37 29.28 10.02 -36.64
CA LEU K 37 30.33 9.24 -37.28
C LEU K 37 31.52 10.12 -37.67
N CYS K 38 31.27 11.35 -38.14
CA CYS K 38 32.38 12.24 -38.47
C CYS K 38 33.18 12.62 -37.23
N GLY K 39 32.53 12.65 -36.06
CA GLY K 39 33.26 12.82 -34.82
C GLY K 39 34.29 11.75 -34.57
N ILE K 40 34.11 10.57 -35.18
CA ILE K 40 35.14 9.54 -35.16
C ILE K 40 36.16 9.77 -36.26
N ILE K 41 35.68 10.08 -37.47
CA ILE K 41 36.57 10.22 -38.63
C ILE K 41 37.58 11.33 -38.40
N GLU K 42 37.16 12.42 -37.75
CA GLU K 42 38.05 13.56 -37.58
C GLU K 42 39.17 13.29 -36.58
N LEU K 43 39.10 12.19 -35.82
CA LEU K 43 40.20 11.78 -34.97
C LEU K 43 41.28 11.02 -35.73
N ALA K 44 41.02 10.62 -36.97
CA ALA K 44 41.94 9.76 -37.71
C ALA K 44 43.09 10.59 -38.26
N GLY K 45 43.89 9.99 -39.14
CA GLY K 45 45.06 10.68 -39.65
C GLY K 45 46.01 11.02 -38.53
N LYS K 46 46.66 12.17 -38.65
CA LYS K 46 47.53 12.71 -37.61
C LYS K 46 46.87 13.81 -36.81
N ARG K 47 45.54 13.98 -36.94
CA ARG K 47 44.85 15.12 -36.32
C ARG K 47 44.69 14.97 -34.81
N ALA K 48 44.79 13.75 -34.28
CA ALA K 48 44.67 13.53 -32.84
C ALA K 48 45.99 13.86 -32.16
N LYS K 49 45.98 14.87 -31.30
CA LYS K 49 47.20 15.40 -30.71
C LYS K 49 47.21 15.14 -29.20
N LEU K 50 48.28 14.50 -28.73
CA LEU K 50 48.53 14.36 -27.29
C LEU K 50 49.26 15.61 -26.83
N GLU K 51 48.47 16.64 -26.53
CA GLU K 51 49.00 17.96 -26.22
C GLU K 51 49.41 18.06 -24.75
N THR K 52 50.12 17.05 -24.25
CA THR K 52 50.62 17.06 -22.89
C THR K 52 52.14 17.12 -22.93
N ALA K 53 52.72 17.72 -21.89
CA ALA K 53 54.16 17.80 -21.72
C ALA K 53 54.59 16.67 -20.80
N LEU K 54 55.40 15.76 -21.32
CA LEU K 54 55.90 14.63 -20.55
C LEU K 54 56.81 15.13 -19.44
N PRO K 55 56.42 15.04 -18.16
CA PRO K 55 57.24 15.62 -17.10
C PRO K 55 58.42 14.74 -16.74
N ASN K 56 59.58 15.37 -16.58
CA ASN K 56 60.79 14.69 -16.12
C ASN K 56 61.58 15.66 -15.26
N PHE K 57 61.54 15.46 -13.96
CA PHE K 57 62.29 16.26 -13.00
C PHE K 57 63.76 15.82 -12.90
N GLN K 58 64.17 14.80 -13.65
CA GLN K 58 65.53 14.28 -13.55
C GLN K 58 66.59 15.31 -13.92
N ASN K 59 66.21 16.47 -14.44
CA ASN K 59 67.19 17.52 -14.69
C ASN K 59 67.53 18.29 -13.42
N GLU K 60 66.57 18.43 -12.51
CA GLU K 60 66.80 19.13 -11.25
C GLU K 60 67.33 18.21 -10.16
N LEU K 61 66.74 17.02 -10.00
CA LEU K 61 67.18 16.11 -8.95
C LEU K 61 68.63 15.70 -9.14
N ASN K 62 69.03 15.47 -10.40
CA ASN K 62 70.43 15.17 -10.67
C ASN K 62 71.34 16.34 -10.29
N SER K 63 70.84 17.57 -10.46
CA SER K 63 71.60 18.74 -10.02
C SER K 63 71.69 18.79 -8.51
N ILE K 64 70.63 18.40 -7.82
CA ILE K 64 70.63 18.37 -6.36
C ILE K 64 71.59 17.28 -5.86
N LEU K 65 71.62 16.14 -6.54
CA LEU K 65 72.52 15.07 -6.15
C LEU K 65 73.98 15.45 -6.38
N GLU K 66 74.26 16.31 -7.36
CA GLU K 66 75.62 16.76 -7.60
C GLU K 66 76.04 17.85 -6.62
N LEU K 67 75.13 18.76 -6.28
CA LEU K 67 75.43 19.80 -5.31
C LEU K 67 75.74 19.20 -3.94
N ASN K 68 74.98 18.19 -3.53
CA ASN K 68 75.29 17.48 -2.29
C ASN K 68 76.67 16.84 -2.35
N MET K 69 77.11 16.42 -3.54
CA MET K 69 78.42 15.81 -3.68
C MET K 69 79.53 16.86 -3.68
N THR K 70 79.30 18.00 -4.34
CA THR K 70 80.33 19.04 -4.36
C THR K 70 80.57 19.59 -2.96
N ALA K 71 79.50 19.80 -2.20
CA ALA K 71 79.62 20.33 -0.85
C ALA K 71 80.11 19.28 0.13
N ALA K 72 80.08 18.00 -0.24
CA ALA K 72 80.50 16.95 0.66
C ALA K 72 81.98 17.09 1.01
N GLU K 73 82.37 16.46 2.11
CA GLU K 73 83.76 16.50 2.51
C GLU K 73 84.62 15.77 1.49
N PRO K 74 85.85 16.23 1.25
CA PRO K 74 86.71 15.52 0.28
C PRO K 74 86.98 14.08 0.66
N THR K 75 86.94 13.74 1.95
CA THR K 75 87.08 12.35 2.36
C THR K 75 85.96 11.49 1.78
N TRP K 76 84.76 12.07 1.65
CA TRP K 76 83.65 11.33 1.05
C TRP K 76 83.86 11.15 -0.44
N LEU K 77 84.23 12.22 -1.14
CA LEU K 77 84.53 12.10 -2.57
C LEU K 77 85.71 11.19 -2.81
N ASP K 78 86.68 11.15 -1.89
CA ASP K 78 87.80 10.22 -1.98
C ASP K 78 87.42 8.79 -1.57
N GLN K 79 86.22 8.37 -1.91
CA GLN K 79 85.76 6.99 -1.76
C GLN K 79 85.22 6.44 -3.07
N PHE K 80 85.09 7.27 -4.10
CA PHE K 80 84.69 6.83 -5.42
C PHE K 80 85.86 6.60 -6.36
N ARG K 81 87.09 6.90 -5.93
CA ARG K 81 88.31 6.72 -6.70
C ARG K 81 89.03 5.43 -6.30
N ASP K 82 90.10 5.08 -7.00
CA ASP K 82 90.76 3.80 -6.73
C ASP K 82 92.25 4.05 -6.55
N ASP K 84 92.96 4.18 -7.65
CA ASP K 84 94.39 4.31 -7.63
C ASP K 84 94.80 5.50 -8.46
N ASP K 85 94.18 5.63 -9.63
CA ASP K 85 94.34 6.75 -10.57
C ASP K 85 93.87 8.07 -9.96
N ARG K 86 93.01 8.02 -8.93
CA ARG K 86 92.35 9.21 -8.37
C ARG K 86 91.39 9.83 -9.38
N SER K 87 91.64 9.61 -10.66
CA SER K 87 90.78 10.01 -11.76
C SER K 87 89.84 8.88 -12.21
N LYS K 88 90.34 7.66 -12.28
CA LYS K 88 89.48 6.53 -12.63
C LYS K 88 88.56 6.20 -11.47
N PRO K 89 87.31 5.80 -11.74
CA PRO K 89 86.40 5.46 -10.64
C PRO K 89 86.79 4.16 -9.97
N ARG K 90 86.23 3.96 -8.78
CA ARG K 90 86.54 2.78 -7.98
C ARG K 90 85.95 1.54 -8.63
N ASP K 91 86.80 0.58 -8.97
CA ASP K 91 86.35 -0.70 -9.51
C ASP K 91 85.82 -1.54 -8.36
N LEU K 92 84.50 -1.79 -8.37
CA LEU K 92 83.88 -2.46 -7.22
C LEU K 92 84.37 -3.89 -7.07
N THR K 93 84.57 -4.61 -8.17
CA THR K 93 85.08 -5.97 -8.08
C THR K 93 86.49 -6.00 -7.50
N LYS K 94 87.36 -5.13 -8.02
CA LYS K 94 88.73 -5.06 -7.51
C LYS K 94 88.77 -4.46 -6.11
N GLN K 95 87.92 -3.47 -5.84
CA GLN K 95 87.88 -2.76 -4.57
C GLN K 95 86.48 -2.93 -3.97
N PRO K 96 86.25 -3.99 -3.22
CA PRO K 96 84.91 -4.23 -2.68
C PRO K 96 84.51 -3.18 -1.64
N LEU K 97 83.21 -2.90 -1.60
CA LEU K 97 82.64 -2.00 -0.62
C LEU K 97 82.45 -2.74 0.70
N PRO K 98 82.40 -2.02 1.83
CA PRO K 98 82.17 -2.70 3.11
C PRO K 98 80.73 -3.21 3.19
N LYS K 99 80.58 -4.50 3.48
CA LYS K 99 79.27 -5.11 3.64
C LYS K 99 78.56 -4.65 4.90
N ASP K 100 79.17 -3.77 5.68
CA ASP K 100 78.60 -3.21 6.90
C ASP K 100 77.92 -1.88 6.67
N THR K 101 77.55 -1.58 5.43
CA THR K 101 77.00 -0.28 5.05
C THR K 101 75.70 -0.48 4.29
N ASN K 102 75.00 0.64 4.06
CA ASN K 102 73.94 0.69 3.06
C ASN K 102 74.49 1.04 1.69
N TRP K 103 75.80 1.26 1.58
CA TRP K 103 76.40 1.93 0.42
C TRP K 103 76.03 1.23 -0.88
N ALA K 104 75.91 -0.10 -0.86
CA ALA K 104 75.63 -0.85 -2.08
C ALA K 104 74.34 -0.38 -2.74
N ASP K 105 73.27 -0.24 -1.96
CA ASP K 105 71.99 0.18 -2.53
C ASP K 105 72.01 1.63 -2.97
N HIS K 106 72.81 2.47 -2.33
CA HIS K 106 72.90 3.89 -2.64
C HIS K 106 74.08 4.22 -3.55
N TRP K 107 74.68 3.23 -4.20
CA TRP K 107 75.96 3.44 -4.85
C TRP K 107 75.81 4.04 -6.25
N THR K 108 74.92 3.47 -7.06
CA THR K 108 74.80 3.91 -8.45
C THR K 108 74.43 5.39 -8.53
N ALA K 109 73.52 5.84 -7.66
CA ALA K 109 73.18 7.27 -7.63
C ALA K 109 74.37 8.10 -7.17
N TRP K 110 75.12 7.60 -6.18
CA TRP K 110 76.33 8.29 -5.74
C TRP K 110 77.39 8.29 -6.83
N ALA K 111 77.61 7.15 -7.49
CA ALA K 111 78.68 7.06 -8.48
C ALA K 111 78.43 7.98 -9.66
N LYS K 112 77.19 8.01 -10.17
CA LYS K 112 76.88 8.89 -11.29
C LYS K 112 77.03 10.35 -10.90
N ALA K 113 76.69 10.68 -9.65
CA ALA K 113 76.84 12.05 -9.18
C ALA K 113 78.29 12.51 -9.22
N ALA K 114 79.20 11.67 -8.72
CA ALA K 114 80.59 12.05 -8.54
C ALA K 114 81.47 11.81 -9.78
N LEU K 115 80.94 11.19 -10.82
CA LEU K 115 81.73 10.93 -12.02
C LEU K 115 82.44 12.17 -12.58
N PRO K 116 81.77 13.31 -12.81
CA PRO K 116 82.51 14.48 -13.29
C PRO K 116 83.31 15.15 -12.18
N LEU K 117 82.85 14.98 -10.94
CA LEU K 117 83.49 15.61 -9.80
C LEU K 117 84.78 14.92 -9.37
N LEU K 118 85.08 13.74 -9.92
CA LEU K 118 86.37 13.11 -9.66
C LEU K 118 87.51 13.99 -10.18
N ASN K 119 87.30 14.63 -11.33
CA ASN K 119 88.29 15.57 -11.84
C ASN K 119 88.37 16.77 -10.92
N ASP K 120 89.60 17.17 -10.57
CA ASP K 120 89.78 18.24 -9.59
C ASP K 120 89.38 19.59 -10.15
N GLU K 121 89.70 19.86 -11.42
CA GLU K 121 89.38 21.17 -12.01
C GLU K 121 87.88 21.38 -12.10
N THR K 122 87.13 20.35 -12.47
CA THR K 122 85.68 20.49 -12.56
C THR K 122 85.04 20.65 -11.19
N HIS K 123 85.67 20.09 -10.14
CA HIS K 123 85.14 20.22 -8.79
C HIS K 123 85.20 21.67 -8.32
N GLN K 124 86.27 22.39 -8.66
CA GLN K 124 86.38 23.80 -8.30
C GLN K 124 85.40 24.65 -9.10
N ALA K 125 85.19 24.31 -10.37
CA ALA K 125 84.25 25.06 -11.20
C ALA K 125 82.82 24.92 -10.69
N LYS K 126 82.45 23.70 -10.27
CA LYS K 126 81.14 23.51 -9.68
C LYS K 126 81.00 24.26 -8.36
N LEU K 127 82.09 24.34 -7.59
CA LEU K 127 82.07 25.12 -6.36
C LEU K 127 81.82 26.60 -6.64
N LYS K 128 82.39 27.11 -7.74
CA LYS K 128 82.12 28.49 -8.13
C LYS K 128 80.74 28.64 -8.74
N GLU K 129 80.30 27.64 -9.50
CA GLU K 129 78.97 27.68 -10.10
C GLU K 129 77.87 27.59 -9.05
N TYR K 130 78.10 26.80 -8.00
CA TYR K 130 77.12 26.58 -6.95
C TYR K 130 77.29 27.52 -5.76
N LYS K 131 78.12 28.56 -5.89
CA LYS K 131 78.34 29.55 -4.84
C LYS K 131 78.81 28.89 -3.55
N LEU K 132 79.79 27.99 -3.68
CA LEU K 132 80.39 27.31 -2.54
C LEU K 132 81.89 27.54 -2.42
N ALA K 133 82.48 28.34 -3.31
CA ALA K 133 83.89 28.65 -3.22
C ALA K 133 84.16 29.55 -2.00
N GLY K 134 85.44 29.81 -1.77
CA GLY K 134 85.84 30.53 -0.57
C GLY K 134 85.36 29.81 0.68
N LEU K 135 84.39 30.40 1.37
CA LEU K 135 83.69 29.78 2.49
C LEU K 135 84.63 29.09 3.47
N GLN K 136 85.14 29.84 4.45
CA GLN K 136 86.02 29.31 5.50
C GLN K 136 85.43 28.04 6.09
N PRO K 137 86.28 27.08 6.52
CA PRO K 137 85.80 25.74 6.92
C PRO K 137 84.50 25.71 7.71
N GLU K 138 84.31 26.65 8.63
CA GLU K 138 83.10 26.68 9.44
C GLU K 138 81.86 26.95 8.57
N LYS K 139 81.98 27.83 7.58
CA LYS K 139 80.83 28.16 6.74
C LYS K 139 80.51 27.03 5.77
N LEU K 140 81.54 26.39 5.20
CA LEU K 140 81.31 25.26 4.30
C LEU K 140 80.65 24.10 5.04
N GLU K 141 81.00 23.90 6.31
CA GLU K 141 80.37 22.84 7.10
C GLU K 141 78.90 23.13 7.34
N ARG K 142 78.58 24.38 7.73
CA ARG K 142 77.19 24.78 7.83
C ARG K 142 76.50 24.70 6.47
N ALA K 143 77.21 25.09 5.41
CA ALA K 143 76.66 24.97 4.06
C ALA K 143 76.40 23.52 3.71
N ARG K 144 77.36 22.64 4.01
CA ARG K 144 77.16 21.21 3.76
C ARG K 144 75.91 20.70 4.47
N ASN K 145 75.83 20.96 5.78
CA ASN K 145 74.76 20.36 6.59
C ASN K 145 73.38 20.69 6.06
N THR K 146 73.10 21.97 5.79
CA THR K 146 71.76 22.32 5.31
C THR K 146 71.55 21.86 3.88
N ILE K 147 72.62 21.74 3.09
CA ILE K 147 72.49 21.13 1.77
C ILE K 147 72.14 19.66 1.89
N ARG K 148 72.74 18.98 2.86
CA ARG K 148 72.43 17.57 3.07
C ARG K 148 70.98 17.37 3.44
N ARG K 149 70.45 18.22 4.32
CA ARG K 149 69.05 18.11 4.71
C ARG K 149 68.12 18.39 3.53
N LEU K 150 68.46 19.39 2.72
CA LEU K 150 67.66 19.66 1.52
C LEU K 150 67.73 18.50 0.54
N THR K 151 68.91 17.90 0.39
CA THR K 151 69.06 16.80 -0.56
C THR K 151 68.24 15.59 -0.13
N ALA K 152 68.20 15.30 1.17
CA ALA K 152 67.42 14.17 1.65
C ALA K 152 65.92 14.38 1.45
N GLU K 153 65.46 15.63 1.54
CA GLU K 153 64.05 15.91 1.29
C GLU K 153 63.72 15.77 -0.19
N ALA K 154 64.68 16.06 -1.07
CA ALA K 154 64.44 15.94 -2.51
C ALA K 154 64.19 14.49 -2.90
N VAL K 155 65.09 13.59 -2.49
CA VAL K 155 64.97 12.20 -2.90
C VAL K 155 63.70 11.57 -2.35
N ALA K 156 63.35 11.89 -1.10
CA ALA K 156 62.13 11.33 -0.51
C ALA K 156 60.90 11.80 -1.27
N LYS K 157 60.84 13.09 -1.60
CA LYS K 157 59.71 13.62 -2.35
C LYS K 157 59.65 13.09 -3.77
N ALA K 158 60.77 12.58 -4.30
CA ALA K 158 60.83 12.10 -5.67
C ALA K 158 60.89 10.59 -5.78
N GLN K 159 61.68 9.93 -4.94
CA GLN K 159 61.81 8.47 -4.98
C GLN K 159 60.65 7.75 -4.31
N ASP K 160 59.53 8.43 -4.07
CA ASP K 160 58.35 7.76 -3.58
C ASP K 160 57.93 6.68 -4.58
N PRO K 161 57.39 5.55 -4.12
CA PRO K 161 57.08 4.46 -5.07
C PRO K 161 56.03 4.86 -6.08
N THR K 162 55.13 5.78 -5.71
CA THR K 162 54.12 6.28 -6.64
C THR K 162 54.76 6.80 -7.92
N VAL K 163 55.93 7.44 -7.79
CA VAL K 163 56.76 7.74 -8.95
C VAL K 163 57.54 6.48 -9.31
N ALA K 164 57.49 6.09 -10.58
CA ALA K 164 58.00 4.88 -11.22
C ALA K 164 57.03 3.70 -11.07
N GLU K 165 55.98 3.80 -10.24
CA GLU K 165 54.89 2.84 -10.28
C GLU K 165 53.89 3.13 -11.39
N SER K 166 53.98 4.30 -12.02
CA SER K 166 53.07 4.70 -13.08
C SER K 166 53.78 5.08 -14.38
N THR K 167 55.11 5.10 -14.40
CA THR K 167 55.84 5.44 -15.62
C THR K 167 55.54 4.47 -16.75
N ALA K 168 55.28 3.20 -16.42
CA ALA K 168 54.87 2.23 -17.44
C ALA K 168 53.48 2.51 -17.98
N ASP K 169 52.62 3.18 -17.21
CA ASP K 169 51.27 3.53 -17.66
C ASP K 169 51.28 4.80 -18.50
N LEU K 170 52.37 5.04 -19.22
CA LEU K 170 52.48 6.19 -20.11
C LEU K 170 52.32 5.73 -21.56
N THR K 171 51.76 6.60 -22.39
CA THR K 171 51.59 6.33 -23.80
C THR K 171 52.14 7.50 -24.60
N THR K 172 52.21 7.31 -25.92
CA THR K 172 52.70 8.33 -26.84
C THR K 172 51.64 8.68 -27.86
N GLU K 173 51.86 9.79 -28.56
CA GLU K 173 50.93 10.24 -29.59
C GLU K 173 50.98 9.30 -30.80
N GLU K 174 52.18 8.85 -31.18
CA GLU K 174 52.33 7.96 -32.32
C GLU K 174 51.53 6.67 -32.15
N ASP K 175 51.65 6.04 -30.98
CA ASP K 175 50.88 4.82 -30.72
C ASP K 175 49.37 5.11 -30.81
N LEU K 176 48.90 6.10 -30.05
CA LEU K 176 47.47 6.37 -29.99
C LEU K 176 46.88 6.66 -31.36
N GLN K 177 47.66 7.27 -32.26
CA GLN K 177 47.16 7.54 -33.60
C GLN K 177 46.98 6.26 -34.40
N LYS K 178 47.90 5.30 -34.25
CA LYS K 178 47.74 4.02 -34.93
C LYS K 178 46.50 3.29 -34.44
N GLN K 179 46.22 3.37 -33.14
CA GLN K 179 45.00 2.76 -32.60
C GLN K 179 43.76 3.40 -33.21
N ILE K 180 43.75 4.73 -33.35
CA ILE K 180 42.59 5.42 -33.91
C ILE K 180 42.44 5.09 -35.39
N ASN K 181 43.53 5.20 -36.15
CA ASN K 181 43.47 4.92 -37.58
C ASN K 181 43.08 3.46 -37.82
N GLN K 182 43.55 2.55 -36.98
CA GLN K 182 43.16 1.15 -37.10
C GLN K 182 41.67 0.98 -36.84
N ALA K 183 41.08 1.88 -36.05
CA ALA K 183 39.65 1.81 -35.79
C ALA K 183 38.83 2.45 -36.91
N VAL K 184 39.41 3.41 -37.63
CA VAL K 184 38.68 4.09 -38.69
C VAL K 184 38.88 3.41 -40.04
N TYR K 185 40.11 3.02 -40.37
CA TYR K 185 40.41 2.45 -41.68
C TYR K 185 41.01 1.05 -41.62
N SER K 186 41.15 0.46 -40.44
CA SER K 186 41.84 -0.82 -40.28
C SER K 186 43.28 -0.76 -40.78
N LYS K 187 43.90 0.41 -40.68
CA LYS K 187 45.28 0.62 -41.11
C LYS K 187 45.97 1.56 -40.14
N ASP K 188 47.30 1.50 -40.11
CA ASP K 188 48.07 2.32 -39.18
C ASP K 188 48.14 3.78 -39.59
N THR K 189 47.71 4.12 -40.81
CA THR K 189 47.73 5.48 -41.31
C THR K 189 46.50 5.72 -42.18
N GLU K 190 46.07 6.98 -42.20
CA GLU K 190 44.89 7.34 -42.99
C GLU K 190 45.19 7.23 -44.47
N PRO K 191 44.33 6.58 -45.25
CA PRO K 191 44.55 6.52 -46.70
C PRO K 191 44.41 7.89 -47.34
N ASP K 192 45.22 8.13 -48.38
CA ASP K 192 45.23 9.40 -49.08
C ASP K 192 43.91 9.60 -49.84
N ASP K 193 43.80 10.73 -50.54
CA ASP K 193 42.57 11.10 -51.20
C ASP K 193 42.18 10.13 -52.32
N ASP K 194 43.08 9.26 -52.74
CA ASP K 194 42.75 8.20 -53.69
C ASP K 194 42.47 6.87 -53.00
N PHE K 195 42.65 6.78 -51.69
CA PHE K 195 42.46 5.54 -50.93
C PHE K 195 43.34 4.42 -51.47
N ASN K 196 44.57 4.78 -51.85
CA ASN K 196 45.54 3.79 -52.28
C ASN K 196 45.81 2.78 -51.16
N GLY K 197 45.95 1.52 -51.53
CA GLY K 197 46.14 0.45 -50.58
C GLY K 197 44.95 0.13 -49.71
N TYR K 198 43.81 0.80 -49.92
CA TYR K 198 42.60 0.57 -49.13
C TYR K 198 41.59 -0.16 -49.98
N THR K 199 40.96 -1.17 -49.40
CA THR K 199 39.86 -1.89 -50.04
C THR K 199 38.67 -1.89 -49.08
N ALA K 200 37.58 -1.25 -49.50
CA ALA K 200 36.44 -1.09 -48.61
C ALA K 200 35.80 -2.44 -48.32
N PHE K 201 35.35 -2.60 -47.07
CA PHE K 201 34.67 -3.80 -46.59
C PHE K 201 35.53 -5.05 -46.67
N GLU K 202 36.85 -4.87 -46.73
CA GLU K 202 37.82 -5.98 -46.80
C GLU K 202 37.54 -6.91 -47.96
N GLY K 203 37.06 -6.36 -49.08
CA GLY K 203 36.78 -7.18 -50.25
C GLY K 203 35.74 -8.25 -50.02
N LYS K 204 34.78 -8.00 -49.15
CA LYS K 204 33.70 -8.94 -48.88
C LYS K 204 32.36 -8.44 -49.39
N ALA K 205 32.32 -7.25 -49.97
CA ALA K 205 31.10 -6.76 -50.61
C ALA K 205 30.69 -7.70 -51.72
N SER K 206 29.38 -7.98 -51.82
CA SER K 206 28.96 -9.13 -52.61
C SER K 206 27.88 -8.80 -53.65
N THR K 207 26.64 -8.66 -53.21
CA THR K 207 25.49 -8.69 -54.10
C THR K 207 24.82 -7.33 -54.25
N ASN K 208 24.46 -6.71 -53.14
CA ASN K 208 23.72 -5.44 -53.17
C ASN K 208 23.94 -4.74 -51.84
N ARG K 209 23.36 -3.54 -51.72
CA ARG K 209 23.60 -2.70 -50.55
C ARG K 209 23.17 -3.40 -49.26
N GLN K 210 22.01 -4.08 -49.29
CA GLN K 210 21.52 -4.73 -48.06
C GLN K 210 22.48 -5.81 -47.58
N THR K 211 23.14 -6.52 -48.50
CA THR K 211 24.13 -7.51 -48.07
C THR K 211 25.39 -6.85 -47.54
N ILE K 212 25.73 -5.68 -48.06
CA ILE K 212 26.94 -4.98 -47.65
C ILE K 212 26.73 -4.18 -46.37
N CYS K 213 25.53 -3.63 -46.17
CA CYS K 213 25.27 -2.77 -45.03
C CYS K 213 24.39 -3.40 -43.96
N GLY K 214 23.77 -4.55 -44.24
CA GLY K 214 23.04 -5.28 -43.22
C GLY K 214 21.55 -5.04 -43.28
N SER K 215 20.85 -5.69 -42.35
CA SER K 215 19.40 -5.65 -42.32
C SER K 215 18.94 -5.74 -40.88
N ALA K 216 17.65 -5.98 -40.69
CA ALA K 216 17.13 -6.22 -39.36
C ALA K 216 17.55 -7.59 -38.82
N VAL K 217 18.01 -8.48 -39.70
CA VAL K 217 18.37 -9.84 -39.31
C VAL K 217 19.84 -10.16 -39.55
N ALA K 218 20.58 -9.32 -40.26
CA ALA K 218 21.96 -9.63 -40.62
C ALA K 218 22.83 -8.40 -40.46
N GLY K 219 24.11 -8.62 -40.17
CA GLY K 219 25.06 -7.55 -40.03
C GLY K 219 25.68 -7.15 -41.35
N SER K 220 26.56 -6.15 -41.28
CA SER K 220 27.19 -5.61 -42.47
C SER K 220 28.54 -6.28 -42.73
N LYS K 221 29.17 -5.88 -43.83
CA LYS K 221 30.54 -6.25 -44.13
C LYS K 221 31.53 -5.16 -43.76
N ALA K 222 31.06 -4.09 -43.12
CA ALA K 222 31.92 -3.00 -42.69
C ALA K 222 32.45 -3.29 -41.30
N THR K 223 33.77 -3.40 -41.17
CA THR K 223 34.39 -3.66 -39.88
C THR K 223 34.93 -2.41 -39.20
N ASN K 224 35.21 -1.36 -39.95
CA ASN K 224 35.77 -0.14 -39.39
C ASN K 224 34.70 0.95 -39.36
N ALA K 225 35.11 2.16 -38.97
CA ALA K 225 34.19 3.29 -38.90
C ALA K 225 34.01 3.98 -40.25
N MET K 226 35.05 4.00 -41.09
CA MET K 226 34.93 4.64 -42.39
C MET K 226 33.92 3.91 -43.27
N ASP K 227 34.06 2.59 -43.38
CA ASP K 227 33.11 1.81 -44.16
C ASP K 227 31.70 1.85 -43.58
N ALA K 228 31.55 2.11 -42.27
CA ALA K 228 30.21 2.30 -41.71
C ALA K 228 29.65 3.66 -42.11
N LEU K 229 30.50 4.68 -42.20
CA LEU K 229 30.05 5.98 -42.67
C LEU K 229 29.60 5.92 -44.12
N PHE K 230 30.27 5.10 -44.94
CA PHE K 230 29.87 4.94 -46.34
C PHE K 230 28.48 4.30 -46.45
N CYS K 231 28.23 3.26 -45.66
CA CYS K 231 26.91 2.64 -45.68
C CYS K 231 25.82 3.62 -45.27
N VAL K 232 26.16 4.60 -44.44
CA VAL K 232 25.18 5.53 -43.90
C VAL K 232 24.94 6.71 -44.85
N CYS K 233 25.96 7.13 -45.59
CA CYS K 233 25.90 8.40 -46.29
C CYS K 233 26.05 8.32 -47.80
N ALA K 234 26.67 7.28 -48.34
CA ALA K 234 26.91 7.21 -49.77
C ALA K 234 25.61 7.02 -50.54
N ASP K 235 25.50 7.73 -51.66
CA ASP K 235 24.38 7.54 -52.57
C ASP K 235 24.77 6.53 -53.63
N ASP K 236 23.76 5.81 -54.13
CA ASP K 236 23.96 4.84 -55.20
C ASP K 236 23.23 5.32 -56.46
N ARG K 237 23.37 4.54 -57.54
CA ARG K 237 22.73 4.89 -58.80
C ARG K 237 21.21 4.95 -58.68
N THR K 238 20.64 4.29 -57.67
CA THR K 238 19.19 4.18 -57.56
C THR K 238 18.58 5.34 -56.78
N ASN K 239 19.23 5.79 -55.71
CA ASN K 239 18.63 6.79 -54.84
C ASN K 239 19.33 8.14 -54.93
N GLY K 240 19.99 8.44 -56.05
CA GLY K 240 20.70 9.69 -56.18
C GLY K 240 19.80 10.90 -56.00
N ALA K 241 18.52 10.77 -56.35
CA ALA K 241 17.56 11.85 -56.20
C ALA K 241 16.70 11.72 -54.94
N ASP K 242 16.91 10.68 -54.14
CA ASP K 242 16.04 10.42 -53.00
C ASP K 242 16.83 10.24 -51.72
N ALA K 243 16.79 9.03 -51.17
CA ALA K 243 17.44 8.72 -49.91
C ALA K 243 18.96 8.90 -49.96
N GLY K 244 19.54 8.90 -51.15
CA GLY K 244 20.98 9.10 -51.32
C GLY K 244 21.47 10.46 -50.87
N LYS K 245 20.58 11.40 -50.61
CA LYS K 245 20.94 12.71 -50.07
C LYS K 245 20.77 12.79 -48.56
N ALA K 246 20.72 11.65 -47.86
CA ALA K 246 20.36 11.65 -46.44
C ALA K 246 21.37 12.40 -45.58
N CYS K 247 22.62 12.47 -46.01
CA CYS K 247 23.68 13.09 -45.21
C CYS K 247 24.08 14.47 -45.70
N VAL K 248 23.54 14.95 -46.81
CA VAL K 248 23.97 16.21 -47.40
C VAL K 248 22.77 17.16 -47.45
N ALA K 249 23.05 18.42 -47.82
CA ALA K 249 22.00 19.41 -47.97
C ALA K 249 21.74 19.72 -49.44
N GLY K 250 22.59 20.54 -50.05
CA GLY K 250 22.36 20.99 -51.41
C GLY K 250 22.93 20.08 -52.48
N THR K 251 24.20 19.71 -52.35
CA THR K 251 24.93 18.99 -53.40
C THR K 251 24.99 17.51 -53.06
N ALA K 252 24.32 16.69 -53.86
CA ALA K 252 24.31 15.24 -53.64
C ALA K 252 25.74 14.70 -53.73
N PRO K 253 26.04 13.60 -53.02
CA PRO K 253 27.42 13.09 -53.01
C PRO K 253 27.95 12.72 -54.38
N GLY K 254 27.11 12.07 -55.20
CA GLY K 254 27.50 11.72 -56.56
C GLY K 254 28.62 10.71 -56.64
N THR K 255 28.54 9.65 -55.84
CA THR K 255 29.56 8.61 -55.92
C THR K 255 29.42 7.80 -57.21
N GLY K 256 28.18 7.57 -57.64
CA GLY K 256 27.93 6.67 -58.76
C GLY K 256 27.97 5.21 -58.41
N TRP K 257 27.69 4.87 -57.15
CA TRP K 257 27.83 3.48 -56.69
C TRP K 257 26.75 2.61 -57.29
N ASN K 258 27.14 1.43 -57.78
CA ASN K 258 26.19 0.43 -58.27
C ASN K 258 26.59 -0.90 -57.65
N PRO K 259 26.11 -1.19 -56.44
CA PRO K 259 26.50 -2.44 -55.78
C PRO K 259 25.99 -3.68 -56.49
N GLY K 260 24.99 -3.56 -57.36
CA GLY K 260 24.47 -4.73 -58.06
C GLY K 260 25.45 -5.34 -59.02
N VAL K 261 26.37 -4.54 -59.57
CA VAL K 261 27.40 -5.02 -60.50
C VAL K 261 28.78 -5.04 -59.83
N THR K 262 29.27 -3.87 -59.42
CA THR K 262 30.55 -3.73 -58.74
C THR K 262 30.25 -3.39 -57.29
N ALA K 263 30.33 -4.39 -56.41
CA ALA K 263 29.92 -4.21 -55.03
C ALA K 263 30.92 -3.35 -54.26
N THR K 264 32.20 -3.49 -54.54
CA THR K 264 33.22 -2.74 -53.81
C THR K 264 33.31 -1.32 -54.35
N PRO K 265 33.11 -0.30 -53.51
CA PRO K 265 33.29 1.08 -53.97
C PRO K 265 34.75 1.46 -54.11
N THR K 266 35.01 2.37 -55.03
CA THR K 266 36.37 2.80 -55.30
C THR K 266 36.75 3.99 -54.42
N GLY K 267 38.03 4.37 -54.48
CA GLY K 267 38.51 5.44 -53.63
C GLY K 267 37.88 6.77 -53.96
N THR K 268 37.57 7.02 -55.23
CA THR K 268 36.92 8.26 -55.61
C THR K 268 35.57 8.41 -54.93
N MET K 269 34.85 7.28 -54.77
CA MET K 269 33.57 7.29 -54.09
C MET K 269 33.73 7.40 -52.58
N LEU K 270 34.69 6.67 -52.02
CA LEU K 270 34.92 6.73 -50.58
C LEU K 270 35.30 8.13 -50.15
N GLN K 271 36.13 8.82 -50.94
CA GLN K 271 36.50 10.18 -50.60
C GLN K 271 35.32 11.14 -50.71
N LYS K 272 34.42 10.91 -51.67
CA LYS K 272 33.23 11.75 -51.81
C LYS K 272 32.34 11.69 -50.57
N VAL K 273 32.44 10.63 -49.79
CA VAL K 273 31.73 10.56 -48.51
C VAL K 273 32.57 11.13 -47.37
N ARG K 274 33.87 10.78 -47.35
CA ARG K 274 34.73 11.25 -46.28
C ARG K 274 34.83 12.76 -46.23
N LYS K 275 34.71 13.43 -47.38
CA LYS K 275 34.82 14.89 -47.40
C LYS K 275 33.69 15.57 -46.67
N LEU K 276 32.63 14.84 -46.30
CA LEU K 276 31.60 15.42 -45.43
C LEU K 276 32.11 15.63 -44.01
N CYS K 277 33.12 14.87 -43.60
CA CYS K 277 33.72 15.02 -42.28
C CYS K 277 34.83 16.05 -42.30
N ASN K 278 35.12 16.62 -41.13
CA ASN K 278 36.14 17.66 -41.01
C ASN K 278 37.51 16.99 -40.87
N THR K 279 38.25 16.91 -41.96
CA THR K 279 39.62 16.40 -41.94
C THR K 279 40.65 17.52 -41.99
N HIS K 280 40.24 18.77 -41.73
CA HIS K 280 41.12 19.92 -41.88
C HIS K 280 41.45 20.57 -40.54
N GLY K 281 41.36 19.82 -39.44
CA GLY K 281 41.67 20.37 -38.14
C GLY K 281 42.42 19.42 -37.25
N LYS K 282 42.27 19.58 -35.94
CA LYS K 282 42.89 18.70 -34.96
C LYS K 282 41.99 18.62 -33.74
N THR K 283 42.24 17.61 -32.90
CA THR K 283 41.49 17.41 -31.68
C THR K 283 42.46 17.13 -30.56
N THR K 284 42.29 17.81 -29.43
CA THR K 284 43.09 17.53 -28.25
C THR K 284 42.72 16.16 -27.69
N LEU K 285 43.67 15.22 -27.70
CA LEU K 285 43.38 13.88 -27.22
C LEU K 285 43.08 13.91 -25.72
N SER K 286 42.08 13.15 -25.32
CA SER K 286 41.58 13.20 -23.95
C SER K 286 40.65 12.01 -23.73
N ALA K 287 40.66 11.50 -22.49
CA ALA K 287 39.77 10.39 -22.17
C ALA K 287 38.31 10.80 -22.31
N ALA K 288 37.96 11.99 -21.83
CA ALA K 288 36.58 12.47 -21.98
C ALA K 288 36.25 12.73 -23.44
N ALA K 289 37.23 13.14 -24.24
CA ALA K 289 36.97 13.39 -25.65
C ALA K 289 36.61 12.11 -26.39
N ILE K 290 37.30 11.01 -26.08
CA ILE K 290 37.02 9.76 -26.76
C ILE K 290 35.69 9.18 -26.29
N GLU K 291 35.34 9.40 -25.01
CA GLU K 291 34.06 8.89 -24.50
C GLU K 291 32.88 9.57 -25.21
N GLY K 292 32.92 10.89 -25.34
CA GLY K 292 31.80 11.61 -25.91
C GLY K 292 31.49 11.19 -27.34
N ARG K 293 32.53 11.03 -28.16
CA ARG K 293 32.31 10.63 -29.54
C ARG K 293 31.80 9.20 -29.64
N LEU K 294 32.24 8.33 -28.73
CA LEU K 294 31.70 6.97 -28.70
C LEU K 294 30.25 6.95 -28.25
N THR K 295 29.93 7.71 -27.18
CA THR K 295 28.57 7.77 -26.69
C THR K 295 27.61 8.34 -27.73
N ALA K 296 28.10 9.27 -28.56
CA ALA K 296 27.27 9.82 -29.62
C ALA K 296 26.87 8.73 -30.61
N VAL K 297 27.82 7.91 -31.05
CA VAL K 297 27.48 6.81 -31.95
C VAL K 297 26.66 5.75 -31.22
N GLY K 298 27.05 5.43 -29.98
CA GLY K 298 26.39 4.35 -29.27
C GLY K 298 24.92 4.62 -29.00
N ASN K 299 24.59 5.84 -28.59
CA ASN K 299 23.21 6.17 -28.26
C ASN K 299 22.31 6.33 -29.47
N LEU K 300 22.88 6.47 -30.66
CA LEU K 300 22.10 6.49 -31.89
C LEU K 300 21.77 5.09 -32.42
N LEU K 301 22.39 4.06 -31.87
CA LEU K 301 22.10 2.68 -32.27
C LEU K 301 20.70 2.30 -31.81
N THR K 302 19.85 1.90 -32.75
CA THR K 302 18.48 1.51 -32.45
C THR K 302 18.48 -0.01 -32.20
N ARG K 303 18.38 -0.40 -30.93
CA ARG K 303 18.50 -1.80 -30.56
C ARG K 303 17.26 -2.58 -30.99
N GLY K 304 17.47 -3.60 -31.82
CA GLY K 304 16.41 -4.52 -32.20
C GLY K 304 16.58 -5.89 -31.58
N SER K 305 15.81 -6.84 -32.10
CA SER K 305 15.84 -8.20 -31.56
C SER K 305 17.07 -8.96 -32.03
N ALA K 306 17.50 -8.74 -33.27
CA ALA K 306 18.65 -9.45 -33.82
C ALA K 306 19.81 -8.56 -34.22
N THR K 307 19.56 -7.31 -34.59
CA THR K 307 20.61 -6.35 -34.90
C THR K 307 20.33 -5.02 -34.22
N SER K 308 21.30 -4.12 -34.30
CA SER K 308 21.12 -2.72 -33.98
C SER K 308 21.52 -1.91 -35.20
N ILE K 309 20.75 -0.87 -35.51
CA ILE K 309 20.94 -0.10 -36.73
C ILE K 309 21.42 1.30 -36.37
N LEU K 310 22.45 1.77 -37.08
CA LEU K 310 22.89 3.16 -37.04
C LEU K 310 22.47 3.83 -38.33
N GLY K 311 21.53 4.76 -38.25
CA GLY K 311 21.03 5.48 -39.41
C GLY K 311 19.52 5.35 -39.56
N SER K 312 19.00 6.11 -40.52
CA SER K 312 17.55 6.10 -40.77
C SER K 312 17.12 4.75 -41.34
N PHE K 313 16.15 4.12 -40.69
CA PHE K 313 15.69 2.79 -41.04
C PHE K 313 14.17 2.77 -41.04
N LEU K 314 13.57 2.38 -42.16
CA LEU K 314 12.12 2.39 -42.28
C LEU K 314 11.49 1.01 -42.33
N ALA K 315 11.95 0.13 -43.23
CA ALA K 315 11.24 -1.12 -43.42
C ALA K 315 12.07 -2.36 -43.10
N THR K 316 12.91 -2.79 -44.04
CA THR K 316 13.42 -4.15 -43.94
C THR K 316 14.92 -4.25 -43.83
N ASP K 317 15.68 -3.42 -44.57
CA ASP K 317 17.12 -3.59 -44.62
C ASP K 317 17.76 -2.25 -44.95
N CYS K 318 19.09 -2.24 -44.94
CA CYS K 318 19.86 -1.04 -45.27
C CYS K 318 20.27 -1.06 -46.75
N SER K 319 19.25 -1.14 -47.60
CA SER K 319 19.45 -1.20 -49.03
C SER K 319 19.66 0.17 -49.67
N GLY K 320 19.58 1.25 -48.90
CA GLY K 320 19.61 2.58 -49.47
C GLY K 320 18.31 3.02 -50.10
N ASP K 321 17.33 2.13 -50.22
CA ASP K 321 16.03 2.52 -50.74
C ASP K 321 15.31 3.40 -49.73
N GLN K 322 14.60 4.41 -50.24
CA GLN K 322 13.96 5.41 -49.38
C GLN K 322 12.85 4.81 -48.53
N GLY K 323 12.39 3.61 -48.82
CA GLY K 323 11.43 2.94 -47.96
C GLY K 323 12.10 1.92 -47.07
N SER K 324 13.37 1.60 -47.36
CA SER K 324 14.09 0.56 -46.62
C SER K 324 14.89 1.18 -45.49
N GLY K 325 15.99 1.87 -45.82
CA GLY K 325 16.84 2.48 -44.83
C GLY K 325 18.18 2.92 -45.37
N MET K 326 18.72 4.01 -44.81
CA MET K 326 20.09 4.46 -45.08
C MET K 326 20.87 4.23 -43.78
N CYS K 327 21.47 3.04 -43.66
CA CYS K 327 21.92 2.60 -42.35
C CYS K 327 23.03 1.55 -42.50
N VAL K 328 23.59 1.18 -41.35
CA VAL K 328 24.51 0.07 -41.21
C VAL K 328 24.07 -0.74 -40.00
N ALA K 329 24.20 -2.05 -40.07
CA ALA K 329 23.65 -2.95 -39.06
C ALA K 329 24.77 -3.67 -38.32
N TYR K 330 24.53 -3.93 -37.03
CA TYR K 330 25.45 -4.68 -36.20
C TYR K 330 24.67 -5.76 -35.46
N THR K 331 25.15 -7.00 -35.50
CA THR K 331 24.57 -8.08 -34.73
C THR K 331 25.13 -8.15 -33.31
N GLU K 332 26.18 -7.37 -33.01
CA GLU K 332 26.90 -7.57 -31.76
C GLU K 332 26.15 -7.03 -30.56
N VAL K 333 25.32 -5.99 -30.74
CA VAL K 333 24.50 -5.45 -29.66
C VAL K 333 23.04 -5.48 -30.10
N THR K 334 22.17 -5.78 -29.15
CA THR K 334 20.74 -5.93 -29.41
C THR K 334 19.98 -5.29 -28.26
N ASP K 335 18.65 -5.44 -28.28
CA ASP K 335 17.83 -4.98 -27.16
C ASP K 335 17.90 -5.91 -25.97
N ALA K 336 18.76 -6.92 -25.99
CA ALA K 336 18.88 -7.87 -24.88
C ALA K 336 20.31 -8.08 -24.40
N LYS K 337 21.33 -7.69 -25.17
CA LYS K 337 22.70 -7.91 -24.76
C LYS K 337 23.60 -6.89 -25.46
N GLY K 338 24.80 -6.76 -24.92
CA GLY K 338 25.85 -6.05 -25.60
C GLY K 338 25.98 -4.58 -25.26
N THR K 339 27.22 -4.12 -25.08
CA THR K 339 27.54 -2.71 -25.00
C THR K 339 28.54 -2.37 -26.09
N PRO K 340 28.32 -1.31 -26.86
CA PRO K 340 29.13 -1.09 -28.08
C PRO K 340 30.63 -1.00 -27.83
N THR K 341 31.07 -0.33 -26.77
CA THR K 341 32.50 -0.09 -26.55
C THR K 341 33.27 -1.36 -26.18
N LYS K 342 32.57 -2.47 -25.96
CA LYS K 342 33.23 -3.75 -25.71
C LYS K 342 32.94 -4.80 -26.77
N ASP K 343 31.83 -4.68 -27.51
CA ASP K 343 31.36 -5.76 -28.36
C ASP K 343 31.35 -5.43 -29.85
N ILE K 344 31.33 -4.17 -30.24
CA ILE K 344 31.55 -3.78 -31.63
C ILE K 344 33.03 -3.49 -31.79
N PRO K 345 33.76 -4.24 -32.63
CA PRO K 345 35.23 -4.22 -32.56
C PRO K 345 35.86 -2.85 -32.79
N TRP K 346 35.42 -2.10 -33.80
CA TRP K 346 36.10 -0.83 -34.07
C TRP K 346 35.86 0.17 -32.95
N MET K 347 34.71 0.10 -32.28
CA MET K 347 34.49 0.98 -31.13
C MET K 347 35.28 0.50 -29.92
N GLN K 348 35.48 -0.82 -29.78
CA GLN K 348 36.35 -1.31 -28.72
C GLN K 348 37.79 -0.89 -28.94
N LYS K 349 38.27 -0.93 -30.19
CA LYS K 349 39.60 -0.42 -30.49
C LYS K 349 39.72 1.04 -30.10
N LEU K 350 38.71 1.85 -30.43
CA LEU K 350 38.73 3.24 -30.03
C LEU K 350 38.60 3.41 -28.52
N ASP K 351 37.90 2.50 -27.85
CA ASP K 351 37.70 2.61 -26.41
C ASP K 351 38.99 2.32 -25.66
N SER K 352 39.82 1.43 -26.20
CA SER K 352 41.13 1.18 -25.60
C SER K 352 41.98 2.44 -25.60
N VAL K 353 41.79 3.30 -26.60
CA VAL K 353 42.45 4.61 -26.59
C VAL K 353 42.02 5.42 -25.37
N ARG K 354 40.71 5.46 -25.11
CA ARG K 354 40.21 6.14 -23.92
C ARG K 354 40.82 5.54 -22.65
N ILE K 355 40.91 4.21 -22.61
CA ILE K 355 41.49 3.54 -21.45
C ILE K 355 42.98 3.84 -21.35
N LYS K 356 43.70 3.80 -22.47
CA LYS K 356 45.11 4.15 -22.45
C LYS K 356 45.32 5.63 -22.13
N LEU K 357 44.39 6.49 -22.54
CA LEU K 357 44.49 7.90 -22.17
C LEU K 357 44.23 8.09 -20.68
N GLN K 358 43.30 7.33 -20.11
CA GLN K 358 42.98 7.45 -18.69
C GLN K 358 44.20 7.20 -17.83
N LYS K 359 44.93 6.12 -18.10
CA LYS K 359 46.15 5.81 -17.35
C LYS K 359 47.18 6.92 -17.53
N HIS K 360 47.41 7.34 -18.77
CA HIS K 360 48.39 8.38 -19.06
C HIS K 360 48.11 9.64 -18.25
N GLU K 361 46.86 10.11 -18.28
CA GLU K 361 46.50 11.35 -17.58
C GLU K 361 46.69 11.19 -16.08
N ARG K 362 46.28 10.05 -15.53
CA ARG K 362 46.45 9.81 -14.11
C ARG K 362 47.92 9.73 -13.73
N ALA K 363 48.77 9.29 -14.66
CA ALA K 363 50.19 9.15 -14.36
C ALA K 363 50.93 10.48 -14.44
N VAL K 364 50.53 11.38 -15.34
CA VAL K 364 51.21 12.66 -15.41
C VAL K 364 50.91 13.48 -14.16
N GLU K 365 49.75 13.26 -13.54
CA GLU K 365 49.45 13.94 -12.28
C GLU K 365 50.33 13.41 -11.15
N LYS K 366 50.47 12.08 -11.06
CA LYS K 366 51.31 11.51 -10.02
C LYS K 366 52.79 11.79 -10.27
N LEU K 367 53.22 11.75 -11.53
CA LEU K 367 54.61 11.99 -11.86
C LEU K 367 55.01 13.46 -11.76
N GLY K 368 54.06 14.37 -11.51
CA GLY K 368 54.34 15.78 -11.54
C GLY K 368 54.51 16.44 -10.19
N LYS K 369 53.91 15.87 -9.15
CA LYS K 369 54.00 16.47 -7.82
C LYS K 369 55.43 16.68 -7.34
N PRO K 370 56.38 15.76 -7.55
CA PRO K 370 57.76 16.06 -7.13
C PRO K 370 58.34 17.29 -7.80
N GLN K 371 58.00 17.52 -9.07
CA GLN K 371 58.64 18.60 -9.83
C GLN K 371 58.34 19.97 -9.22
N HIS K 372 57.17 20.14 -8.61
CA HIS K 372 56.80 21.43 -8.05
C HIS K 372 57.78 21.86 -6.95
N ASP K 373 58.04 20.95 -6.01
CA ASP K 373 58.90 21.28 -4.88
C ASP K 373 60.38 20.99 -5.16
N LEU K 374 60.69 20.08 -6.08
CA LEU K 374 62.08 19.84 -6.44
C LEU K 374 62.73 21.05 -7.11
N LYS K 375 61.93 22.03 -7.53
CA LYS K 375 62.46 23.24 -8.16
C LYS K 375 62.82 24.30 -7.13
N THR K 376 62.02 24.44 -6.07
CA THR K 376 62.30 25.46 -5.08
C THR K 376 63.46 25.07 -4.17
N ILE K 377 63.53 23.79 -3.78
CA ILE K 377 64.62 23.37 -2.90
C ILE K 377 65.97 23.42 -3.61
N LEU K 378 65.97 23.44 -4.94
CA LEU K 378 67.24 23.64 -5.65
C LEU K 378 67.68 25.09 -5.53
N THR K 379 66.75 26.03 -5.64
CA THR K 379 67.10 27.44 -5.51
C THR K 379 67.48 27.79 -4.08
N LEU K 380 66.77 27.21 -3.10
CA LEU K 380 67.15 27.43 -1.69
C LEU K 380 68.56 26.94 -1.42
N ALA K 381 68.92 25.80 -2.01
CA ALA K 381 70.26 25.26 -1.84
C ALA K 381 71.32 26.10 -2.51
N LYS K 382 70.94 26.98 -3.43
CA LYS K 382 71.89 27.84 -4.13
C LYS K 382 71.85 29.28 -3.63
N ASP K 383 71.11 29.56 -2.55
CA ASP K 383 71.10 30.89 -1.95
C ASP K 383 71.98 30.88 -0.72
N PRO K 384 73.08 31.65 -0.68
CA PRO K 384 74.00 31.56 0.45
C PRO K 384 73.44 32.11 1.74
N ALA K 385 72.44 32.99 1.68
CA ALA K 385 71.84 33.51 2.90
C ALA K 385 71.06 32.42 3.64
N TYR K 386 70.26 31.64 2.90
CA TYR K 386 69.56 30.52 3.51
C TYR K 386 70.54 29.45 3.98
N LEU K 387 71.67 29.31 3.29
CA LEU K 387 72.66 28.31 3.66
C LEU K 387 73.31 28.63 5.00
N GLN K 388 73.36 29.90 5.39
CA GLN K 388 73.97 30.33 6.64
C GLN K 388 72.88 30.93 7.53
N LEU K 389 72.42 30.16 8.51
CA LEU K 389 71.38 30.62 9.43
C LEU K 389 71.58 30.07 10.83
N ASN L 24 8.29 18.14 -47.51
CA ASN L 24 8.47 19.55 -47.17
C ASN L 24 8.87 19.75 -45.72
N ILE L 25 9.44 20.91 -45.42
CA ILE L 25 9.85 21.24 -44.05
C ILE L 25 8.64 21.73 -43.27
N GLY L 26 8.38 21.10 -42.13
CA GLY L 26 7.24 21.45 -41.30
C GLY L 26 7.52 21.53 -39.81
N THR L 27 6.48 21.35 -39.01
CA THR L 27 6.58 21.54 -37.57
C THR L 27 7.66 20.66 -36.96
N GLY L 28 8.57 21.30 -36.22
CA GLY L 28 9.54 20.61 -35.40
C GLY L 28 10.80 20.15 -36.12
N ASP L 29 10.94 20.44 -37.41
CA ASP L 29 12.08 19.93 -38.16
C ASP L 29 13.39 20.59 -37.79
N ASN L 30 13.36 21.76 -37.15
CA ASN L 30 14.59 22.43 -36.72
C ASN L 30 14.75 22.40 -35.20
N VAL L 31 14.02 21.52 -34.52
CA VAL L 31 14.17 21.38 -33.07
C VAL L 31 15.63 21.09 -32.73
N LEU L 32 16.23 20.14 -33.45
CA LEU L 32 17.63 19.77 -33.20
C LEU L 32 18.56 20.96 -33.34
N HIS L 33 18.34 21.79 -34.36
CA HIS L 33 19.20 22.95 -34.59
C HIS L 33 18.90 24.07 -33.60
N ARG L 34 17.62 24.24 -33.25
CA ARG L 34 17.27 25.20 -32.21
C ARG L 34 17.91 24.81 -30.88
N ALA L 35 17.90 23.52 -30.55
CA ALA L 35 18.51 23.06 -29.30
C ALA L 35 20.00 23.34 -29.26
N ALA L 36 20.69 23.12 -30.38
CA ALA L 36 22.12 23.43 -30.43
C ALA L 36 22.37 24.93 -30.28
N LEU L 37 21.52 25.76 -30.87
CA LEU L 37 21.78 27.20 -30.88
C LEU L 37 21.37 27.86 -29.57
N CYS L 38 20.27 27.40 -28.96
CA CYS L 38 19.92 27.94 -27.66
C CYS L 38 20.97 27.61 -26.61
N GLY L 39 21.73 26.52 -26.82
CA GLY L 39 22.83 26.23 -25.93
C GLY L 39 23.87 27.35 -25.94
N ILE L 40 23.91 28.13 -27.02
CA ILE L 40 24.78 29.28 -27.07
C ILE L 40 24.12 30.48 -26.40
N ILE L 41 22.84 30.72 -26.73
CA ILE L 41 22.15 31.93 -26.29
C ILE L 41 22.07 31.99 -24.77
N GLU L 42 21.77 30.86 -24.14
CA GLU L 42 21.58 30.85 -22.69
C GLU L 42 22.83 31.23 -21.93
N LEU L 43 24.01 31.23 -22.58
CA LEU L 43 25.25 31.66 -21.94
C LEU L 43 25.41 33.16 -21.90
N ALA L 44 24.60 33.91 -22.65
CA ALA L 44 24.79 35.34 -22.80
C ALA L 44 24.17 36.08 -21.62
N GLY L 45 24.01 37.39 -21.77
CA GLY L 45 23.58 38.22 -20.65
C GLY L 45 24.61 38.18 -19.54
N LYS L 46 24.13 38.12 -18.30
CA LYS L 46 25.00 37.93 -17.15
C LYS L 46 24.84 36.53 -16.56
N ARG L 47 24.38 35.56 -17.37
CA ARG L 47 24.08 34.23 -16.85
C ARG L 47 25.32 33.34 -16.72
N ALA L 48 26.41 33.64 -17.41
CA ALA L 48 27.63 32.86 -17.30
C ALA L 48 28.39 33.25 -16.03
N LYS L 49 28.56 32.30 -15.11
CA LYS L 49 29.16 32.54 -13.80
C LYS L 49 30.48 31.78 -13.69
N LEU L 50 31.50 32.47 -13.17
CA LEU L 50 32.80 31.82 -12.97
C LEU L 50 32.78 30.92 -11.73
N GLU L 51 32.41 31.48 -10.57
CA GLU L 51 32.13 30.74 -9.35
C GLU L 51 33.37 30.21 -8.64
N THR L 52 34.54 30.32 -9.27
CA THR L 52 35.78 29.79 -8.70
C THR L 52 36.45 30.85 -7.84
N ALA L 53 36.77 30.49 -6.60
CA ALA L 53 37.44 31.41 -5.70
C ALA L 53 38.88 31.63 -6.14
N LEU L 54 39.27 32.91 -6.26
CA LEU L 54 40.63 33.25 -6.66
C LEU L 54 41.58 33.07 -5.49
N PRO L 55 42.59 32.19 -5.59
CA PRO L 55 43.51 32.01 -4.47
C PRO L 55 44.32 33.26 -4.20
N ASN L 56 44.63 33.48 -2.93
CA ASN L 56 45.41 34.64 -2.52
C ASN L 56 46.24 34.26 -1.30
N PHE L 57 47.56 34.33 -1.43
CA PHE L 57 48.46 34.13 -0.30
C PHE L 57 49.16 35.42 0.11
N GLN L 58 48.71 36.58 -0.40
CA GLN L 58 49.37 37.84 -0.09
C GLN L 58 49.10 38.27 1.35
N ASN L 59 47.90 37.99 1.85
CA ASN L 59 47.59 38.37 3.23
C ASN L 59 48.46 37.63 4.23
N GLU L 60 48.71 36.35 3.98
CA GLU L 60 49.61 35.58 4.83
C GLU L 60 51.06 36.00 4.61
N LEU L 61 51.46 36.18 3.35
CA LEU L 61 52.84 36.56 3.06
C LEU L 61 53.19 37.92 3.68
N ASN L 62 52.26 38.87 3.65
CA ASN L 62 52.53 40.19 4.22
C ASN L 62 52.57 40.16 5.73
N SER L 63 52.01 39.14 6.36
CA SER L 63 52.11 38.99 7.81
C SER L 63 53.37 38.25 8.23
N ILE L 64 53.81 37.28 7.43
CA ILE L 64 55.07 36.59 7.72
C ILE L 64 56.24 37.58 7.63
N LEU L 65 56.23 38.45 6.62
CA LEU L 65 57.24 39.48 6.54
C LEU L 65 57.16 40.44 7.71
N GLU L 66 55.94 40.75 8.16
CA GLU L 66 55.78 41.62 9.32
C GLU L 66 56.26 40.93 10.59
N LEU L 67 56.02 39.62 10.71
CA LEU L 67 56.51 38.89 11.87
C LEU L 67 58.03 38.80 11.87
N ASN L 68 58.63 38.58 10.70
CA ASN L 68 60.09 38.54 10.61
C ASN L 68 60.69 39.88 10.99
N MET L 69 60.05 40.98 10.57
CA MET L 69 60.51 42.30 10.99
C MET L 69 60.30 42.51 12.48
N THR L 70 59.17 42.03 13.01
CA THR L 70 58.89 42.19 14.44
C THR L 70 59.88 41.42 15.29
N ALA L 71 60.20 40.19 14.89
CA ALA L 71 61.10 39.34 15.66
C ALA L 71 62.57 39.68 15.43
N ALA L 72 62.89 40.52 14.45
CA ALA L 72 64.27 40.90 14.22
C ALA L 72 64.81 41.69 15.40
N GLU L 73 66.13 41.71 15.51
CA GLU L 73 66.79 42.46 16.56
C GLU L 73 66.52 43.95 16.38
N PRO L 74 66.47 44.72 17.48
CA PRO L 74 66.15 46.14 17.36
C PRO L 74 67.12 46.92 16.48
N THR L 75 68.40 46.50 16.44
CA THR L 75 69.37 47.21 15.61
C THR L 75 68.96 47.21 14.15
N TRP L 76 68.61 46.04 13.61
CA TRP L 76 68.21 45.94 12.21
C TRP L 76 67.01 46.81 11.89
N LEU L 77 66.12 47.01 12.87
CA LEU L 77 64.96 47.87 12.68
C LEU L 77 65.35 49.35 12.64
N ASP L 78 66.47 49.74 13.24
CA ASP L 78 66.88 51.13 13.22
C ASP L 78 67.14 51.62 11.80
N GLN L 79 67.61 50.73 10.91
CA GLN L 79 67.99 51.13 9.56
C GLN L 79 66.81 51.63 8.73
N PHE L 80 65.59 51.48 9.21
CA PHE L 80 64.42 52.01 8.52
C PHE L 80 63.87 53.27 9.17
N ARG L 81 64.13 53.48 10.45
CA ARG L 81 63.80 54.74 11.09
C ARG L 81 64.79 55.83 10.65
N ASP L 82 64.36 57.08 10.78
CA ASP L 82 65.24 58.19 10.45
C ASP L 82 66.33 58.31 11.50
N LYS L 83 67.46 58.90 11.09
CA LYS L 83 68.61 59.00 11.98
C LYS L 83 68.34 59.88 13.20
N ASP L 84 67.35 60.79 13.12
CA ASP L 84 67.08 61.68 14.23
C ASP L 84 65.61 62.08 14.31
N ASP L 85 64.82 61.77 13.28
CA ASP L 85 63.42 62.17 13.22
C ASP L 85 62.48 61.17 13.89
N ARG L 86 62.90 60.59 15.01
CA ARG L 86 62.08 59.68 15.82
C ARG L 86 61.64 58.51 14.94
N SER L 87 60.34 58.22 14.84
CA SER L 87 59.85 57.07 14.08
C SER L 87 59.35 57.50 12.71
N LYS L 88 60.27 58.03 11.91
CA LYS L 88 60.00 58.40 10.53
C LYS L 88 60.77 57.50 9.58
N PRO L 89 60.29 57.30 8.35
CA PRO L 89 61.02 56.46 7.39
C PRO L 89 62.37 57.06 7.05
N ARG L 90 63.34 56.17 6.81
CA ARG L 90 64.68 56.59 6.41
C ARG L 90 64.63 57.11 4.98
N ASP L 91 64.57 58.44 4.83
CA ASP L 91 64.56 59.06 3.51
C ASP L 91 65.85 58.71 2.77
N LEU L 92 65.69 58.20 1.55
CA LEU L 92 66.85 57.78 0.78
C LEU L 92 67.62 58.98 0.26
N THR L 93 68.95 58.85 0.26
CA THR L 93 69.86 59.91 -0.15
C THR L 93 69.59 61.22 0.58
N ASN L 102 72.72 44.37 -0.76
CA ASN L 102 71.52 44.03 -1.51
C ASN L 102 70.29 44.70 -0.90
N TRP L 103 70.51 45.79 -0.18
CA TRP L 103 69.42 46.43 0.56
C TRP L 103 68.45 47.13 -0.38
N ALA L 104 68.95 47.76 -1.45
CA ALA L 104 68.07 48.42 -2.41
C ALA L 104 67.13 47.41 -3.06
N ASP L 105 67.56 46.16 -3.19
CA ASP L 105 66.69 45.12 -3.75
C ASP L 105 65.49 44.85 -2.85
N HIS L 106 65.73 44.75 -1.55
CA HIS L 106 64.71 44.30 -0.61
C HIS L 106 64.08 45.45 0.19
N TRP L 107 64.40 46.70 -0.14
CA TRP L 107 64.03 47.80 0.74
C TRP L 107 62.53 48.07 0.71
N THR L 108 61.95 48.18 -0.49
CA THR L 108 60.52 48.46 -0.60
C THR L 108 59.69 47.44 0.17
N ALA L 109 60.05 46.17 0.09
CA ALA L 109 59.34 45.14 0.85
C ALA L 109 59.61 45.29 2.34
N TRP L 110 60.89 45.40 2.72
CA TRP L 110 61.25 45.60 4.12
C TRP L 110 60.56 46.83 4.70
N ALA L 111 60.44 47.89 3.89
CA ALA L 111 59.84 49.13 4.37
C ALA L 111 58.36 48.95 4.67
N LYS L 112 57.63 48.27 3.78
CA LYS L 112 56.20 48.08 3.98
C LYS L 112 55.94 47.27 5.25
N ALA L 113 56.78 46.28 5.53
CA ALA L 113 56.65 45.55 6.78
C ALA L 113 57.13 46.38 7.97
N ALA L 114 58.03 47.33 7.73
CA ALA L 114 58.63 48.09 8.82
C ALA L 114 57.76 49.25 9.26
N LEU L 115 57.11 49.93 8.31
CA LEU L 115 56.40 51.17 8.59
C LEU L 115 55.39 51.07 9.74
N PRO L 116 54.52 50.06 9.81
CA PRO L 116 53.61 49.99 10.97
C PRO L 116 54.33 49.83 12.30
N LEU L 117 55.47 49.13 12.32
CA LEU L 117 56.21 48.87 13.54
C LEU L 117 57.22 49.96 13.87
N LEU L 118 57.27 51.04 13.09
CA LEU L 118 58.19 52.13 13.40
C LEU L 118 57.88 52.73 14.77
N ASN L 119 56.59 52.81 15.10
CA ASN L 119 56.17 53.25 16.42
C ASN L 119 56.66 52.27 17.49
N ASP L 120 56.81 52.78 18.71
CA ASP L 120 57.34 51.96 19.81
C ASP L 120 56.26 51.07 20.43
N GLU L 121 55.06 51.62 20.69
CA GLU L 121 54.02 50.80 21.30
C GLU L 121 53.49 49.74 20.34
N THR L 122 53.42 50.07 19.05
CA THR L 122 52.92 49.09 18.08
C THR L 122 53.81 47.86 18.02
N HIS L 123 55.13 48.06 18.05
CA HIS L 123 56.07 46.94 18.03
C HIS L 123 55.89 46.07 19.27
N GLN L 124 55.79 46.69 20.44
CA GLN L 124 55.65 45.92 21.68
C GLN L 124 54.26 45.33 21.84
N ALA L 125 53.22 46.02 21.35
CA ALA L 125 51.88 45.45 21.39
C ALA L 125 51.78 44.22 20.50
N LYS L 126 52.38 44.26 19.31
CA LYS L 126 52.40 43.10 18.43
C LYS L 126 53.34 42.01 18.96
N LEU L 127 54.45 42.41 19.59
CA LEU L 127 55.38 41.45 20.18
C LEU L 127 54.65 40.44 21.05
N LYS L 128 53.79 40.94 21.94
CA LYS L 128 52.99 40.04 22.76
C LYS L 128 51.96 39.28 21.92
N GLU L 129 51.33 39.97 20.97
CA GLU L 129 50.31 39.33 20.14
C GLU L 129 50.87 38.12 19.40
N TYR L 130 52.09 38.23 18.87
CA TYR L 130 52.78 37.11 18.26
C TYR L 130 53.46 36.19 19.28
N LYS L 131 53.10 36.31 20.56
CA LYS L 131 53.63 35.46 21.61
C LYS L 131 55.15 35.55 21.70
N LEU L 132 55.68 36.76 21.59
CA LEU L 132 57.11 37.02 21.74
C LEU L 132 57.37 38.02 22.86
N ALA L 133 56.56 37.99 23.91
CA ALA L 133 56.68 38.92 25.02
C ALA L 133 57.33 38.24 26.22
N GLY L 134 58.27 38.95 26.86
CA GLY L 134 58.91 38.44 28.05
C GLY L 134 59.71 37.18 27.83
N LEU L 135 60.21 36.97 26.63
CA LEU L 135 60.98 35.78 26.31
C LEU L 135 62.44 35.99 26.69
N GLN L 136 63.04 34.97 27.29
CA GLN L 136 64.44 35.04 27.66
C GLN L 136 65.28 35.29 26.41
N PRO L 137 66.34 36.10 26.52
CA PRO L 137 67.12 36.45 25.31
C PRO L 137 67.71 35.25 24.60
N GLU L 138 68.05 34.19 25.34
CA GLU L 138 68.57 32.98 24.72
C GLU L 138 67.51 32.29 23.88
N LYS L 139 66.30 32.13 24.44
CA LYS L 139 65.22 31.49 23.71
C LYS L 139 64.60 32.38 22.65
N LEU L 140 64.70 33.70 22.81
CA LEU L 140 64.24 34.59 21.75
C LEU L 140 65.13 34.49 20.52
N GLU L 141 66.43 34.28 20.73
CA GLU L 141 67.34 34.06 19.60
C GLU L 141 67.02 32.74 18.91
N ARG L 142 66.61 31.72 19.67
CA ARG L 142 66.21 30.45 19.06
C ARG L 142 64.97 30.64 18.20
N ALA L 143 63.99 31.40 18.69
CA ALA L 143 62.83 31.72 17.87
C ALA L 143 63.21 32.56 16.66
N ARG L 144 64.14 33.50 16.84
CA ARG L 144 64.52 34.39 15.74
C ARG L 144 65.15 33.60 14.60
N ASN L 145 65.95 32.57 14.91
CA ASN L 145 66.56 31.76 13.85
C ASN L 145 65.53 30.91 13.12
N THR L 146 64.54 30.40 13.85
CA THR L 146 63.50 29.59 13.21
C THR L 146 62.57 30.46 12.36
N ILE L 147 62.20 31.64 12.86
CA ILE L 147 61.34 32.54 12.08
C ILE L 147 62.04 32.98 10.81
N ARG L 148 63.34 33.29 10.90
CA ARG L 148 64.08 33.71 9.71
C ARG L 148 64.12 32.61 8.66
N ARG L 149 64.23 31.36 9.10
CA ARG L 149 64.26 30.25 8.14
C ARG L 149 62.91 30.06 7.48
N LEU L 150 61.83 30.18 8.25
CA LEU L 150 60.48 30.05 7.69
C LEU L 150 60.16 31.20 6.75
N THR L 151 60.60 32.41 7.09
CA THR L 151 60.33 33.57 6.23
C THR L 151 61.06 33.45 4.90
N ALA L 152 62.27 32.87 4.91
CA ALA L 152 63.02 32.68 3.67
C ALA L 152 62.34 31.64 2.77
N GLU L 153 61.79 30.59 3.37
CA GLU L 153 61.08 29.58 2.59
C GLU L 153 59.76 30.12 2.06
N ALA L 154 59.12 31.03 2.81
CA ALA L 154 57.87 31.62 2.35
C ALA L 154 58.07 32.43 1.08
N VAL L 155 59.11 33.26 1.06
CA VAL L 155 59.38 34.11 -0.10
C VAL L 155 59.77 33.27 -1.30
N ALA L 156 60.67 32.30 -1.10
CA ALA L 156 61.17 31.50 -2.21
C ALA L 156 60.03 30.77 -2.93
N LYS L 157 59.03 30.33 -2.18
CA LYS L 157 57.87 29.70 -2.80
C LYS L 157 56.92 30.73 -3.39
N ALA L 158 56.76 31.88 -2.73
CA ALA L 158 55.82 32.89 -3.20
C ALA L 158 56.30 33.58 -4.47
N GLN L 159 57.62 33.70 -4.66
CA GLN L 159 58.19 34.41 -5.78
C GLN L 159 58.82 33.48 -6.80
N ASP L 160 58.29 32.27 -6.92
CA ASP L 160 58.72 31.39 -8.00
C ASP L 160 58.12 31.88 -9.32
N PRO L 161 58.87 31.80 -10.43
CA PRO L 161 58.30 32.17 -11.73
C PRO L 161 56.95 31.52 -12.01
N THR L 162 56.73 30.29 -11.52
CA THR L 162 55.45 29.62 -11.70
C THR L 162 54.29 30.47 -11.19
N VAL L 163 54.47 31.16 -10.06
CA VAL L 163 53.39 31.93 -9.48
C VAL L 163 52.99 33.08 -10.40
N ALA L 164 53.97 33.78 -10.96
CA ALA L 164 53.66 34.93 -11.81
C ALA L 164 53.02 34.50 -13.12
N GLU L 165 53.51 33.41 -13.72
CA GLU L 165 52.92 32.92 -14.97
C GLU L 165 51.47 32.51 -14.76
N SER L 166 51.17 31.87 -13.63
CA SER L 166 49.80 31.42 -13.38
C SER L 166 48.86 32.61 -13.18
N THR L 167 49.33 33.65 -12.51
CA THR L 167 48.48 34.83 -12.31
C THR L 167 48.11 35.47 -13.64
N ALA L 168 49.01 35.40 -14.63
CA ALA L 168 48.73 35.97 -15.94
C ALA L 168 47.60 35.26 -16.67
N ASP L 169 47.32 34.00 -16.32
CA ASP L 169 46.26 33.22 -16.94
C ASP L 169 44.95 33.25 -16.15
N LEU L 170 44.78 34.23 -15.27
CA LEU L 170 43.56 34.37 -14.48
C LEU L 170 42.63 35.37 -15.14
N THR L 171 41.42 34.93 -15.49
CA THR L 171 40.43 35.80 -16.12
C THR L 171 39.41 36.25 -15.07
N THR L 172 38.41 37.01 -15.52
CA THR L 172 37.34 37.50 -14.67
C THR L 172 36.01 37.18 -15.32
N GLU L 173 34.96 37.21 -14.49
CA GLU L 173 33.62 36.91 -14.98
C GLU L 173 33.17 37.91 -16.02
N GLU L 174 33.46 39.20 -15.78
CA GLU L 174 33.00 40.24 -16.70
C GLU L 174 33.67 40.10 -18.06
N ASP L 175 34.97 39.79 -18.09
CA ASP L 175 35.67 39.63 -19.35
C ASP L 175 35.06 38.50 -20.18
N LEU L 176 34.72 37.38 -19.53
CA LEU L 176 34.13 36.26 -20.25
C LEU L 176 32.68 36.57 -20.64
N GLN L 177 31.95 37.30 -19.78
CA GLN L 177 30.58 37.67 -20.14
C GLN L 177 30.57 38.59 -21.35
N LYS L 178 31.50 39.55 -21.41
CA LYS L 178 31.56 40.46 -22.55
C LYS L 178 31.90 39.70 -23.83
N GLN L 179 32.94 38.86 -23.77
CA GLN L 179 33.32 38.07 -24.94
C GLN L 179 32.18 37.19 -25.42
N ILE L 180 31.39 36.64 -24.49
CA ILE L 180 30.28 35.79 -24.87
C ILE L 180 29.18 36.60 -25.55
N ASN L 181 28.85 37.77 -24.99
CA ASN L 181 27.83 38.61 -25.60
C ASN L 181 28.25 39.10 -26.98
N GLN L 182 29.55 39.26 -27.22
CA GLN L 182 30.02 39.66 -28.54
C GLN L 182 29.77 38.55 -29.55
N ALA L 183 29.87 37.29 -29.12
CA ALA L 183 29.65 36.19 -30.05
C ALA L 183 28.18 35.98 -30.32
N VAL L 184 27.31 36.42 -29.41
CA VAL L 184 25.88 36.19 -29.56
C VAL L 184 25.19 37.37 -30.22
N TYR L 185 25.52 38.59 -29.81
CA TYR L 185 24.82 39.78 -30.31
C TYR L 185 25.73 40.79 -31.01
N SER L 186 27.03 40.53 -31.09
CA SER L 186 28.01 41.53 -31.52
C SER L 186 28.01 42.76 -30.61
N LYS L 187 27.56 42.59 -29.37
CA LYS L 187 27.43 43.68 -28.41
C LYS L 187 28.16 43.30 -27.13
N ASP L 188 28.46 44.31 -26.30
CA ASP L 188 29.13 44.07 -25.03
C ASP L 188 28.20 43.48 -23.98
N THR L 189 26.97 43.98 -23.90
CA THR L 189 25.96 43.48 -22.99
C THR L 189 24.73 43.05 -23.79
N GLU L 190 23.90 42.23 -23.17
CA GLU L 190 22.74 41.67 -23.87
C GLU L 190 21.66 42.74 -24.09
N PRO L 191 21.10 42.81 -25.29
CA PRO L 191 20.00 43.76 -25.52
C PRO L 191 18.75 43.37 -24.75
N ASP L 192 17.93 44.39 -24.46
CA ASP L 192 16.70 44.17 -23.70
C ASP L 192 15.66 43.48 -24.56
N ASP L 193 14.46 43.32 -23.99
CA ASP L 193 13.41 42.58 -24.68
C ASP L 193 12.96 43.27 -25.96
N ASP L 194 13.26 44.56 -26.10
CA ASP L 194 12.97 45.31 -27.31
C ASP L 194 14.17 45.40 -28.24
N PHE L 195 15.32 44.87 -27.84
CA PHE L 195 16.55 44.90 -28.64
C PHE L 195 16.96 46.34 -28.97
N ASN L 196 16.89 47.21 -27.96
CA ASN L 196 17.33 48.59 -28.15
C ASN L 196 18.82 48.64 -28.47
N GLY L 197 19.17 49.54 -29.38
CA GLY L 197 20.53 49.65 -29.87
C GLY L 197 21.02 48.48 -30.70
N TYR L 198 20.12 47.59 -31.11
CA TYR L 198 20.48 46.41 -31.89
C TYR L 198 19.83 46.47 -33.27
N THR L 199 20.60 46.14 -34.30
CA THR L 199 20.10 46.00 -35.65
C THR L 199 20.52 44.64 -36.18
N ALA L 200 19.54 43.80 -36.51
CA ALA L 200 19.85 42.45 -36.96
C ALA L 200 20.62 42.48 -38.27
N PHE L 201 21.45 41.46 -38.47
CA PHE L 201 22.23 41.29 -39.71
C PHE L 201 23.08 42.52 -40.04
N GLU L 202 23.38 43.32 -39.02
CA GLU L 202 24.22 44.52 -39.16
C GLU L 202 23.67 45.49 -40.20
N GLY L 203 22.35 45.48 -40.38
CA GLY L 203 21.71 46.38 -41.33
C GLY L 203 22.01 46.11 -42.78
N LYS L 204 22.70 45.02 -43.09
CA LYS L 204 23.01 44.66 -44.46
C LYS L 204 21.99 43.70 -45.07
N ALA L 205 20.86 43.46 -44.40
CA ALA L 205 19.81 42.63 -44.95
C ALA L 205 19.09 43.36 -46.07
N SER L 206 18.69 42.61 -47.10
CA SER L 206 18.03 43.21 -48.26
C SER L 206 17.28 42.14 -49.03
N THR L 207 16.62 42.57 -50.11
CA THR L 207 15.96 41.70 -51.09
C THR L 207 14.96 40.73 -50.47
N ASN L 208 15.43 39.56 -50.06
CA ASN L 208 14.55 38.46 -49.68
C ASN L 208 15.24 37.64 -48.58
N ARG L 209 14.52 36.62 -48.10
CA ARG L 209 15.07 35.74 -47.07
C ARG L 209 16.30 34.99 -47.59
N GLN L 210 16.33 34.69 -48.88
CA GLN L 210 17.49 34.03 -49.48
C GLN L 210 18.74 34.88 -49.32
N THR L 211 18.67 36.17 -49.67
CA THR L 211 19.82 37.04 -49.55
C THR L 211 20.26 37.17 -48.10
N ILE L 212 19.29 37.25 -47.19
CA ILE L 212 19.61 37.49 -45.78
C ILE L 212 20.23 36.24 -45.15
N CYS L 213 19.70 35.06 -45.48
CA CYS L 213 20.05 33.84 -44.76
C CYS L 213 20.96 32.89 -45.54
N GLY L 214 21.19 33.12 -46.82
CA GLY L 214 22.17 32.34 -47.56
C GLY L 214 21.54 31.29 -48.45
N SER L 215 22.41 30.58 -49.16
CA SER L 215 22.01 29.58 -50.13
C SER L 215 23.10 28.51 -50.20
N ALA L 216 22.99 27.64 -51.20
CA ALA L 216 24.01 26.65 -51.46
C ALA L 216 25.19 27.20 -52.24
N VAL L 217 25.15 28.47 -52.66
CA VAL L 217 26.23 29.03 -53.45
C VAL L 217 26.74 30.34 -52.84
N ALA L 218 26.04 30.86 -51.84
CA ALA L 218 26.43 32.14 -51.27
C ALA L 218 26.12 32.14 -49.77
N GLY L 219 26.88 32.96 -49.02
CA GLY L 219 26.73 33.01 -47.59
C GLY L 219 25.62 33.95 -47.13
N SER L 220 25.35 33.90 -45.83
CA SER L 220 24.32 34.73 -45.21
C SER L 220 24.90 36.05 -44.75
N LYS L 221 24.01 36.93 -44.27
CA LYS L 221 24.38 38.22 -43.70
C LYS L 221 24.42 38.19 -42.19
N ALA L 222 24.20 37.03 -41.57
CA ALA L 222 24.22 36.91 -40.11
C ALA L 222 25.66 36.72 -39.65
N THR L 223 26.12 37.60 -38.77
CA THR L 223 27.48 37.52 -38.26
C THR L 223 27.58 36.90 -36.89
N ASN L 224 26.48 36.83 -36.14
CA ASN L 224 26.49 36.37 -34.76
C ASN L 224 25.55 35.19 -34.60
N ALA L 225 25.45 34.71 -33.35
CA ALA L 225 24.61 33.55 -33.06
C ALA L 225 23.12 33.91 -33.10
N MET L 226 22.75 35.08 -32.56
CA MET L 226 21.34 35.45 -32.51
C MET L 226 20.74 35.53 -33.91
N ASP L 227 21.44 36.21 -34.83
CA ASP L 227 20.93 36.36 -36.19
C ASP L 227 20.94 35.03 -36.93
N ALA L 228 21.88 34.14 -36.61
CA ALA L 228 21.83 32.79 -37.15
C ALA L 228 20.61 32.05 -36.64
N LEU L 229 20.31 32.17 -35.35
CA LEU L 229 19.11 31.55 -34.80
C LEU L 229 17.84 32.13 -35.42
N PHE L 230 17.87 33.42 -35.76
CA PHE L 230 16.69 34.01 -36.40
C PHE L 230 16.46 33.43 -37.78
N CYS L 231 17.52 33.33 -38.59
CA CYS L 231 17.39 32.71 -39.90
C CYS L 231 16.93 31.26 -39.79
N VAL L 232 17.32 30.56 -38.73
CA VAL L 232 16.99 29.15 -38.59
C VAL L 232 15.61 28.94 -38.01
N CYS L 233 15.07 29.89 -37.26
CA CYS L 233 13.85 29.66 -36.48
C CYS L 233 12.71 30.65 -36.69
N ALA L 234 12.93 31.78 -37.35
CA ALA L 234 11.87 32.76 -37.52
C ALA L 234 10.87 32.31 -38.57
N ASP L 235 9.60 32.60 -38.30
CA ASP L 235 8.58 32.47 -39.33
C ASP L 235 8.42 33.80 -40.07
N ASP L 236 7.88 33.72 -41.28
CA ASP L 236 7.61 34.91 -42.07
C ASP L 236 6.17 34.86 -42.57
N ARG L 237 5.77 35.93 -43.27
CA ARG L 237 4.40 36.07 -43.73
C ARG L 237 3.97 34.94 -44.67
N THR L 238 4.92 34.25 -45.31
CA THR L 238 4.56 33.21 -46.26
C THR L 238 4.67 31.80 -45.70
N ASN L 239 5.57 31.55 -44.76
CA ASN L 239 5.73 30.21 -44.20
C ASN L 239 5.12 30.07 -42.81
N GLY L 240 4.35 31.05 -42.35
CA GLY L 240 3.78 31.00 -41.02
C GLY L 240 2.86 29.82 -40.77
N ALA L 241 2.36 29.18 -41.83
CA ALA L 241 1.46 28.04 -41.69
C ALA L 241 2.13 26.71 -41.97
N ASP L 242 3.39 26.71 -42.42
CA ASP L 242 4.09 25.47 -42.71
C ASP L 242 5.51 25.47 -42.14
N ALA L 243 6.47 26.00 -42.91
CA ALA L 243 7.86 25.94 -42.51
C ALA L 243 8.23 26.90 -41.39
N GLY L 244 7.36 27.86 -41.06
CA GLY L 244 7.65 28.74 -39.94
C GLY L 244 7.52 28.09 -38.58
N LYS L 245 7.07 26.84 -38.54
CA LYS L 245 6.93 26.08 -37.30
C LYS L 245 8.07 25.09 -37.10
N ALA L 246 9.21 25.31 -37.77
CA ALA L 246 10.30 24.34 -37.73
C ALA L 246 10.93 24.22 -36.34
N CYS L 247 10.96 25.30 -35.55
CA CYS L 247 11.58 25.31 -34.23
C CYS L 247 10.58 25.27 -33.09
N VAL L 248 9.30 25.04 -33.38
CA VAL L 248 8.26 25.09 -32.35
C VAL L 248 7.39 23.84 -32.41
N ALA L 249 6.31 23.84 -31.63
CA ALA L 249 5.41 22.69 -31.56
C ALA L 249 4.01 23.06 -32.03
N GLY L 250 3.24 23.72 -31.16
CA GLY L 250 1.88 24.08 -31.50
C GLY L 250 1.76 25.39 -32.26
N THR L 251 2.31 26.46 -31.71
CA THR L 251 2.13 27.80 -32.25
C THR L 251 3.42 28.31 -32.85
N ALA L 252 3.32 28.86 -34.06
CA ALA L 252 4.47 29.49 -34.70
C ALA L 252 4.92 30.71 -33.88
N PRO L 253 6.17 31.14 -34.04
CA PRO L 253 6.64 32.30 -33.26
C PRO L 253 5.82 33.55 -33.48
N GLY L 254 5.24 33.72 -34.67
CA GLY L 254 4.42 34.89 -34.96
C GLY L 254 5.21 36.18 -35.11
N THR L 255 6.39 36.12 -35.73
CA THR L 255 7.17 37.34 -35.93
C THR L 255 6.44 38.30 -36.86
N GLY L 256 5.83 37.77 -37.92
CA GLY L 256 5.28 38.62 -38.96
C GLY L 256 6.31 39.14 -39.93
N TRP L 257 7.51 38.52 -39.95
CA TRP L 257 8.59 38.96 -40.81
C TRP L 257 8.15 38.96 -42.27
N ASN L 258 8.38 40.07 -42.95
CA ASN L 258 8.04 40.22 -44.37
C ASN L 258 9.27 40.75 -45.09
N PRO L 259 10.30 39.92 -45.26
CA PRO L 259 11.56 40.42 -45.84
C PRO L 259 11.40 40.97 -47.24
N GLY L 260 10.40 40.53 -48.01
CA GLY L 260 10.22 41.06 -49.35
C GLY L 260 9.93 42.54 -49.38
N VAL L 261 9.22 43.04 -48.37
CA VAL L 261 8.89 44.46 -48.27
C VAL L 261 9.87 45.18 -47.35
N THR L 262 10.09 44.64 -46.16
CA THR L 262 11.03 45.21 -45.19
C THR L 262 11.97 44.10 -44.73
N ALA L 263 13.24 44.20 -45.14
CA ALA L 263 14.16 43.09 -44.95
C ALA L 263 14.58 42.95 -43.48
N THR L 264 14.93 44.07 -42.85
CA THR L 264 15.46 44.02 -41.49
C THR L 264 14.34 43.76 -40.49
N PRO L 265 14.42 42.69 -39.71
CA PRO L 265 13.38 42.44 -38.69
C PRO L 265 13.52 43.35 -37.49
N THR L 266 12.40 43.56 -36.81
CA THR L 266 12.33 44.46 -35.66
C THR L 266 12.68 43.69 -34.39
N GLY L 267 12.83 44.44 -33.30
CA GLY L 267 13.15 43.82 -32.03
C GLY L 267 12.02 42.93 -31.52
N THR L 268 10.78 43.31 -31.83
CA THR L 268 9.64 42.47 -31.45
C THR L 268 9.72 41.12 -32.14
N MET L 269 10.15 41.10 -33.41
CA MET L 269 10.31 39.84 -34.14
C MET L 269 11.45 39.01 -33.57
N LEU L 270 12.59 39.66 -33.25
CA LEU L 270 13.73 38.94 -32.71
C LEU L 270 13.41 38.30 -31.36
N GLN L 271 12.73 39.05 -30.48
CA GLN L 271 12.44 38.54 -29.15
C GLN L 271 11.50 37.34 -29.18
N LYS L 272 10.60 37.28 -30.17
CA LYS L 272 9.74 36.11 -30.32
C LYS L 272 10.52 34.86 -30.71
N VAL L 273 11.75 35.01 -31.18
CA VAL L 273 12.61 33.87 -31.45
C VAL L 273 13.51 33.56 -30.26
N ARG L 274 14.16 34.59 -29.70
CA ARG L 274 14.99 34.38 -28.52
C ARG L 274 14.18 33.79 -27.36
N LYS L 275 12.88 34.07 -27.33
CA LYS L 275 11.98 33.50 -26.33
C LYS L 275 12.04 31.99 -26.27
N LEU L 276 12.49 31.32 -27.34
CA LEU L 276 12.59 29.87 -27.37
C LEU L 276 13.80 29.35 -26.59
N CYS L 277 14.74 30.21 -26.25
CA CYS L 277 15.89 29.83 -25.44
C CYS L 277 15.67 30.19 -23.98
N ASN L 278 16.52 29.62 -23.12
CA ASN L 278 16.39 29.76 -21.67
C ASN L 278 17.22 30.95 -21.22
N THR L 279 16.58 32.11 -21.12
CA THR L 279 17.22 33.31 -20.61
C THR L 279 16.87 33.58 -19.16
N HIS L 280 16.37 32.57 -18.45
CA HIS L 280 15.87 32.73 -17.09
C HIS L 280 16.64 31.88 -16.09
N GLY L 281 17.91 31.58 -16.38
CA GLY L 281 18.69 30.74 -15.49
C GLY L 281 20.14 31.18 -15.39
N LYS L 282 21.02 30.26 -14.99
CA LYS L 282 22.45 30.51 -14.88
C LYS L 282 23.20 29.30 -15.39
N THR L 283 24.48 29.50 -15.69
CA THR L 283 25.35 28.41 -16.16
C THR L 283 26.71 28.56 -15.50
N THR L 284 27.17 27.51 -14.80
CA THR L 284 28.52 27.47 -14.25
C THR L 284 29.51 27.40 -15.41
N LEU L 285 30.29 28.47 -15.59
CA LEU L 285 31.26 28.50 -16.67
C LEU L 285 32.30 27.40 -16.49
N SER L 286 32.50 26.61 -17.55
CA SER L 286 33.52 25.57 -17.56
C SER L 286 34.03 25.42 -18.98
N ALA L 287 35.32 25.13 -19.11
CA ALA L 287 35.89 24.94 -20.44
C ALA L 287 35.22 23.78 -21.16
N ALA L 288 34.91 22.70 -20.43
CA ALA L 288 34.23 21.57 -21.04
C ALA L 288 32.81 21.92 -21.45
N ALA L 289 32.13 22.76 -20.66
CA ALA L 289 30.76 23.14 -21.00
C ALA L 289 30.71 24.00 -22.25
N ILE L 290 31.61 24.98 -22.35
CA ILE L 290 31.69 25.79 -23.56
C ILE L 290 32.03 24.92 -24.76
N GLU L 291 32.97 23.99 -24.58
CA GLU L 291 33.39 23.13 -25.69
C GLU L 291 32.24 22.28 -26.20
N GLY L 292 31.49 21.67 -25.28
CA GLY L 292 30.38 20.83 -25.68
C GLY L 292 29.33 21.60 -26.46
N ARG L 293 29.01 22.81 -26.02
CA ARG L 293 28.03 23.63 -26.73
C ARG L 293 28.53 23.97 -28.13
N LEU L 294 29.80 24.36 -28.26
CA LEU L 294 30.34 24.72 -29.56
C LEU L 294 30.38 23.53 -30.50
N THR L 295 30.73 22.35 -29.99
CA THR L 295 30.83 21.17 -30.85
C THR L 295 29.46 20.70 -31.31
N ALA L 296 28.43 20.88 -30.48
CA ALA L 296 27.07 20.52 -30.88
C ALA L 296 26.60 21.34 -32.09
N VAL L 297 27.07 22.60 -32.20
CA VAL L 297 26.67 23.44 -33.32
C VAL L 297 27.49 23.12 -34.56
N GLY L 298 28.81 23.02 -34.40
CA GLY L 298 29.68 22.82 -35.56
C GLY L 298 29.44 21.51 -36.27
N ASN L 299 29.19 20.45 -35.50
CA ASN L 299 28.91 19.14 -36.10
C ASN L 299 27.64 19.15 -36.93
N LEU L 300 26.76 20.11 -36.71
CA LEU L 300 25.52 20.17 -37.48
C LEU L 300 25.70 20.82 -38.83
N LEU L 301 26.76 21.62 -39.02
CA LEU L 301 27.00 22.24 -40.32
C LEU L 301 27.20 21.17 -41.39
N THR L 302 26.43 21.25 -42.46
CA THR L 302 26.50 20.27 -43.55
C THR L 302 27.35 20.85 -44.67
N ARG L 303 28.50 20.22 -44.92
CA ARG L 303 29.52 20.78 -45.80
C ARG L 303 29.18 20.47 -47.26
N GLY L 304 29.08 21.52 -48.06
CA GLY L 304 28.88 21.40 -49.50
C GLY L 304 30.06 21.96 -50.26
N SER L 305 29.94 22.05 -51.60
CA SER L 305 31.05 22.51 -52.41
C SER L 305 31.34 23.99 -52.20
N ALA L 306 30.30 24.81 -52.01
CA ALA L 306 30.47 26.25 -51.91
C ALA L 306 30.14 26.82 -50.54
N THR L 307 29.21 26.23 -49.79
CA THR L 307 28.87 26.69 -48.45
C THR L 307 28.66 25.50 -47.53
N SER L 308 28.44 25.81 -46.25
CA SER L 308 27.96 24.85 -45.27
C SER L 308 26.63 25.34 -44.72
N ILE L 309 25.68 24.41 -44.57
CA ILE L 309 24.31 24.75 -44.21
C ILE L 309 24.03 24.29 -42.79
N LEU L 310 23.51 25.19 -41.95
CA LEU L 310 23.01 24.85 -40.63
C LEU L 310 21.49 24.98 -40.64
N GLY L 311 20.81 23.86 -40.49
CA GLY L 311 19.35 23.83 -40.51
C GLY L 311 18.83 22.92 -41.61
N SER L 312 17.52 22.67 -41.53
CA SER L 312 16.86 21.82 -42.52
C SER L 312 16.99 22.44 -43.91
N PHE L 313 17.34 21.61 -44.89
CA PHE L 313 17.60 22.08 -46.24
C PHE L 313 17.05 21.05 -47.22
N LEU L 314 16.27 21.50 -48.20
CA LEU L 314 15.75 20.60 -49.21
C LEU L 314 16.18 20.95 -50.61
N ALA L 315 16.17 22.23 -50.99
CA ALA L 315 16.54 22.61 -52.34
C ALA L 315 17.01 24.06 -52.39
N THR L 316 18.08 24.29 -53.13
CA THR L 316 18.49 25.61 -53.60
C THR L 316 19.03 26.55 -52.52
N ASP L 317 18.17 27.06 -51.64
CA ASP L 317 18.60 28.14 -50.77
C ASP L 317 17.87 28.05 -49.43
N CYS L 318 18.19 29.00 -48.53
CA CYS L 318 17.49 29.13 -47.25
C CYS L 318 16.46 30.26 -47.31
N SER L 319 15.45 30.06 -48.15
CA SER L 319 14.42 31.07 -48.37
C SER L 319 13.29 31.04 -47.34
N GLY L 320 13.28 30.05 -46.44
CA GLY L 320 12.14 29.81 -45.59
C GLY L 320 10.99 29.09 -46.25
N ASP L 321 10.99 28.98 -47.58
CA ASP L 321 9.94 28.25 -48.28
C ASP L 321 10.01 26.77 -47.94
N GLN L 322 8.84 26.18 -47.68
CA GLN L 322 8.76 24.81 -47.18
C GLN L 322 9.40 23.79 -48.12
N GLY L 323 9.65 24.15 -49.38
CA GLY L 323 10.39 23.31 -50.28
C GLY L 323 11.85 23.67 -50.45
N SER L 324 12.33 24.72 -49.77
CA SER L 324 13.69 25.20 -49.93
C SER L 324 14.53 24.87 -48.71
N GLY L 325 14.32 25.56 -47.60
CA GLY L 325 15.10 25.32 -46.41
C GLY L 325 14.86 26.36 -45.34
N MET L 326 14.94 25.94 -44.08
CA MET L 326 14.91 26.80 -42.90
C MET L 326 16.29 26.70 -42.27
N CYS L 327 17.19 27.59 -42.67
CA CYS L 327 18.60 27.36 -42.42
C CYS L 327 19.37 28.67 -42.55
N VAL L 328 20.66 28.59 -42.23
CA VAL L 328 21.62 29.67 -42.46
C VAL L 328 22.83 29.04 -43.15
N ALA L 329 23.54 29.83 -43.95
CA ALA L 329 24.65 29.35 -44.76
C ALA L 329 25.94 30.09 -44.42
N TYR L 330 27.07 29.36 -44.54
CA TYR L 330 28.40 29.88 -44.23
C TYR L 330 29.38 29.49 -45.33
N THR L 331 30.21 30.45 -45.74
CA THR L 331 31.27 30.18 -46.70
C THR L 331 32.60 29.85 -46.04
N GLU L 332 32.76 30.16 -44.75
CA GLU L 332 34.03 29.91 -44.07
C GLU L 332 34.33 28.43 -43.94
N VAL L 333 33.34 27.57 -44.15
CA VAL L 333 33.50 26.13 -43.99
C VAL L 333 32.84 25.45 -45.19
N THR L 334 33.60 24.62 -45.91
CA THR L 334 33.04 23.81 -46.98
C THR L 334 33.52 22.37 -46.85
N ASP L 335 33.26 21.54 -47.86
CA ASP L 335 33.71 20.16 -47.87
C ASP L 335 35.17 20.01 -48.25
N ALA L 336 35.92 21.10 -48.33
CA ALA L 336 37.33 21.05 -48.67
C ALA L 336 38.21 21.93 -47.80
N LYS L 337 37.64 22.60 -46.79
CA LYS L 337 38.39 23.54 -45.96
C LYS L 337 37.57 23.87 -44.73
N GLY L 338 38.25 24.39 -43.71
CA GLY L 338 37.58 25.01 -42.59
C GLY L 338 37.30 24.15 -41.36
N THR L 339 37.61 24.68 -40.19
CA THR L 339 37.11 24.14 -38.94
C THR L 339 36.16 25.17 -38.35
N PRO L 340 34.90 24.82 -38.07
CA PRO L 340 33.93 25.85 -37.65
C PRO L 340 34.38 26.67 -36.44
N THR L 341 34.78 25.99 -35.35
CA THR L 341 35.17 26.70 -34.14
C THR L 341 36.35 27.63 -34.36
N LYS L 342 37.14 27.40 -35.41
CA LYS L 342 38.31 28.22 -35.69
C LYS L 342 38.11 29.23 -36.81
N ASP L 343 37.15 29.01 -37.72
CA ASP L 343 37.06 29.80 -38.94
C ASP L 343 35.74 30.55 -39.11
N ILE L 344 34.72 30.25 -38.33
CA ILE L 344 33.50 31.04 -38.29
C ILE L 344 33.61 32.02 -37.13
N PRO L 345 33.57 33.34 -37.39
CA PRO L 345 34.00 34.30 -36.36
C PRO L 345 33.27 34.22 -35.03
N TRP L 346 31.94 34.08 -35.01
CA TRP L 346 31.29 34.08 -33.70
C TRP L 346 31.61 32.81 -32.93
N MET L 347 31.78 31.69 -33.64
CA MET L 347 32.23 30.47 -32.98
C MET L 347 33.67 30.59 -32.52
N GLN L 348 34.48 31.36 -33.25
CA GLN L 348 35.86 31.59 -32.83
C GLN L 348 35.91 32.43 -31.55
N LYS L 349 35.04 33.43 -31.43
CA LYS L 349 35.01 34.24 -30.21
C LYS L 349 34.69 33.38 -29.00
N LEU L 350 33.73 32.48 -29.12
CA LEU L 350 33.43 31.55 -28.03
C LEU L 350 34.57 30.58 -27.78
N ASP L 351 35.27 30.16 -28.84
CA ASP L 351 36.39 29.24 -28.66
C ASP L 351 37.50 29.90 -27.85
N SER L 352 37.68 31.21 -27.98
CA SER L 352 38.63 31.91 -27.13
C SER L 352 38.16 31.92 -25.68
N VAL L 353 36.85 32.02 -25.45
CA VAL L 353 36.32 31.94 -24.09
C VAL L 353 36.64 30.58 -23.46
N ARG L 354 36.63 29.51 -24.27
CA ARG L 354 37.01 28.21 -23.75
C ARG L 354 38.49 28.14 -23.42
N ILE L 355 39.34 28.67 -24.32
CA ILE L 355 40.78 28.65 -24.07
C ILE L 355 41.14 29.48 -22.84
N LYS L 356 40.56 30.67 -22.72
CA LYS L 356 40.85 31.51 -21.56
C LYS L 356 40.38 30.83 -20.27
N LEU L 357 39.18 30.24 -20.30
CA LEU L 357 38.69 29.51 -19.13
C LEU L 357 39.58 28.33 -18.81
N GLN L 358 40.02 27.60 -19.83
CA GLN L 358 40.90 26.45 -19.63
C GLN L 358 42.17 26.85 -18.89
N LYS L 359 42.80 27.94 -19.32
CA LYS L 359 44.00 28.41 -18.63
C LYS L 359 43.69 28.90 -17.23
N HIS L 360 42.50 29.46 -17.01
CA HIS L 360 42.11 29.92 -15.68
C HIS L 360 41.97 28.75 -14.71
N GLU L 361 41.54 27.59 -15.23
CA GLU L 361 41.35 26.43 -14.36
C GLU L 361 42.69 25.80 -14.00
N ARG L 362 43.64 25.80 -14.92
CA ARG L 362 44.97 25.27 -14.59
C ARG L 362 45.69 26.21 -13.64
N ALA L 363 45.49 27.52 -13.79
CA ALA L 363 46.19 28.48 -12.96
C ALA L 363 45.68 28.45 -11.52
N VAL L 364 44.36 28.32 -11.34
CA VAL L 364 43.82 28.27 -9.98
C VAL L 364 44.33 27.03 -9.25
N GLU L 365 44.53 25.93 -9.97
CA GLU L 365 45.07 24.73 -9.35
C GLU L 365 46.55 24.90 -9.02
N LYS L 366 47.32 25.44 -9.95
CA LYS L 366 48.75 25.67 -9.70
C LYS L 366 48.94 26.64 -8.54
N LEU L 367 48.18 27.72 -8.50
CA LEU L 367 48.34 28.72 -7.46
C LEU L 367 47.87 28.26 -6.09
N GLY L 368 47.13 27.13 -6.03
CA GLY L 368 46.70 26.61 -4.75
C GLY L 368 47.79 25.95 -3.94
N LYS L 369 48.88 25.53 -4.59
CA LYS L 369 49.98 24.90 -3.86
C LYS L 369 50.80 25.91 -3.07
N PRO L 370 51.21 27.05 -3.62
CA PRO L 370 51.89 28.05 -2.78
C PRO L 370 51.01 28.58 -1.65
N GLN L 371 49.71 28.73 -1.91
CA GLN L 371 48.82 29.26 -0.88
C GLN L 371 48.76 28.33 0.32
N HIS L 372 48.72 27.03 0.09
CA HIS L 372 48.72 26.09 1.20
C HIS L 372 50.05 26.14 1.95
N ASP L 373 51.17 26.12 1.22
CA ASP L 373 52.47 26.17 1.85
C ASP L 373 52.63 27.44 2.67
N LEU L 374 52.20 28.57 2.12
CA LEU L 374 52.34 29.84 2.84
C LEU L 374 51.44 29.91 4.05
N LYS L 375 50.27 29.25 4.01
CA LYS L 375 49.40 29.26 5.17
C LYS L 375 49.94 28.38 6.29
N THR L 376 50.66 27.31 5.95
CA THR L 376 51.27 26.44 6.94
C THR L 376 52.52 27.08 7.57
N ILE L 377 53.27 27.86 6.80
CA ILE L 377 54.43 28.55 7.35
C ILE L 377 54.02 29.59 8.38
N LEU L 378 52.97 30.38 8.08
CA LEU L 378 52.51 31.38 9.03
C LEU L 378 51.99 30.73 10.30
N THR L 379 51.29 29.59 10.17
CA THR L 379 50.82 28.88 11.35
C THR L 379 51.98 28.43 12.24
N LEU L 380 53.05 27.93 11.63
CA LEU L 380 54.20 27.48 12.42
C LEU L 380 54.93 28.64 13.07
N ALA L 381 55.06 29.76 12.35
CA ALA L 381 55.76 30.92 12.91
C ALA L 381 55.04 31.47 14.12
N LYS L 382 53.72 31.52 14.09
CA LYS L 382 52.94 32.00 15.22
C LYS L 382 52.75 30.93 16.30
N ASP L 383 53.50 29.82 16.23
CA ASP L 383 53.39 28.76 17.22
C ASP L 383 54.62 28.79 18.11
N PRO L 384 54.49 29.22 19.36
CA PRO L 384 55.69 29.36 20.22
C PRO L 384 56.38 28.04 20.54
N ALA L 385 55.65 26.93 20.52
CA ALA L 385 56.24 25.63 20.86
C ALA L 385 57.11 25.08 19.73
N TYR L 386 56.69 25.28 18.47
CA TYR L 386 57.49 24.84 17.33
C TYR L 386 58.79 25.62 17.23
N LEU L 387 58.78 26.91 17.60
CA LEU L 387 59.97 27.74 17.45
C LEU L 387 61.10 27.24 18.33
N GLN L 388 60.78 26.80 19.56
CA GLN L 388 61.78 26.26 20.47
C GLN L 388 61.68 24.73 20.41
N LEU L 389 62.26 24.16 19.36
CA LEU L 389 62.30 22.72 19.21
C LEU L 389 63.70 22.24 18.83
N ASN M 24 -36.48 11.63 -19.48
CA ASN M 24 -35.28 10.92 -19.02
C ASN M 24 -34.60 11.68 -17.88
N ILE M 25 -33.70 10.98 -17.20
CA ILE M 25 -32.98 11.56 -16.07
C ILE M 25 -31.87 12.47 -16.59
N GLY M 26 -31.86 13.72 -16.14
CA GLY M 26 -30.92 14.70 -16.64
C GLY M 26 -30.37 15.64 -15.58
N THR M 27 -29.86 16.79 -16.04
CA THR M 27 -29.14 17.71 -15.17
C THR M 27 -30.00 18.19 -14.00
N GLY M 28 -29.46 18.05 -12.79
CA GLY M 28 -30.11 18.53 -11.59
C GLY M 28 -31.22 17.65 -11.04
N ASP M 29 -31.46 16.48 -11.64
CA ASP M 29 -32.60 15.67 -11.22
C ASP M 29 -32.39 15.01 -9.86
N ASN M 30 -31.15 14.97 -9.36
CA ASN M 30 -30.84 14.37 -8.07
C ASN M 30 -30.42 15.39 -7.02
N VAL M 31 -30.63 16.69 -7.29
CA VAL M 31 -30.26 17.72 -6.33
C VAL M 31 -30.91 17.46 -4.97
N LEU M 32 -32.18 17.07 -4.96
CA LEU M 32 -32.85 16.73 -3.72
C LEU M 32 -32.14 15.60 -2.99
N HIS M 33 -31.72 14.57 -3.73
CA HIS M 33 -31.09 13.41 -3.09
C HIS M 33 -29.67 13.73 -2.65
N ARG M 34 -28.94 14.53 -3.43
CA ARG M 34 -27.63 14.99 -2.99
C ARG M 34 -27.73 15.78 -1.70
N ALA M 35 -28.73 16.66 -1.59
CA ALA M 35 -28.88 17.49 -0.40
C ALA M 35 -29.05 16.64 0.86
N ALA M 36 -29.83 15.58 0.77
CA ALA M 36 -30.07 14.75 1.94
C ALA M 36 -28.81 14.00 2.35
N LEU M 37 -28.13 13.37 1.38
CA LEU M 37 -26.93 12.61 1.70
C LEU M 37 -25.80 13.52 2.15
N CYS M 38 -25.64 14.69 1.52
CA CYS M 38 -24.63 15.63 1.99
C CYS M 38 -24.92 16.08 3.41
N GLY M 39 -26.20 16.12 3.80
CA GLY M 39 -26.53 16.38 5.19
C GLY M 39 -25.95 15.36 6.15
N ILE M 40 -25.70 14.14 5.66
CA ILE M 40 -25.02 13.12 6.45
C ILE M 40 -23.51 13.32 6.39
N ILE M 41 -22.98 13.54 5.19
CA ILE M 41 -21.53 13.54 4.98
C ILE M 41 -20.88 14.68 5.76
N GLU M 42 -21.55 15.82 5.84
CA GLU M 42 -20.96 16.98 6.51
C GLU M 42 -20.70 16.71 7.99
N LEU M 43 -21.46 15.79 8.60
CA LEU M 43 -21.25 15.44 10.00
C LEU M 43 -19.92 14.72 10.25
N ALA M 44 -19.31 14.16 9.22
CA ALA M 44 -18.16 13.28 9.39
C ALA M 44 -16.90 14.09 9.67
N GLY M 45 -15.74 13.44 9.64
CA GLY M 45 -14.53 14.08 10.11
C GLY M 45 -14.66 14.41 11.58
N LYS M 46 -14.09 15.56 11.96
CA LYS M 46 -14.29 16.10 13.30
C LYS M 46 -15.23 17.29 13.29
N ARG M 47 -16.11 17.37 12.28
CA ARG M 47 -16.96 18.55 12.12
C ARG M 47 -18.17 18.53 13.05
N ALA M 48 -18.51 17.37 13.62
CA ALA M 48 -19.59 17.28 14.59
C ALA M 48 -19.05 17.61 15.97
N LYS M 49 -19.57 18.68 16.58
CA LYS M 49 -19.05 19.20 17.84
C LYS M 49 -20.06 19.00 18.97
N LEU M 50 -19.56 18.58 20.13
CA LEU M 50 -20.39 18.43 21.33
C LEU M 50 -20.20 19.70 22.15
N GLU M 51 -21.07 20.69 21.89
CA GLU M 51 -20.87 22.03 22.44
C GLU M 51 -21.27 22.14 23.90
N THR M 52 -22.11 21.26 24.41
CA THR M 52 -22.60 21.38 25.78
C THR M 52 -21.47 21.10 26.78
N ALA M 53 -21.49 21.83 27.90
CA ALA M 53 -20.49 21.68 28.95
C ALA M 53 -20.94 20.64 29.97
N LEU M 54 -19.95 20.02 30.63
CA LEU M 54 -20.20 18.93 31.55
C LEU M 54 -20.28 19.48 32.97
N PRO M 55 -21.40 19.33 33.67
CA PRO M 55 -21.46 19.74 35.07
C PRO M 55 -20.48 18.93 35.92
N ASN M 56 -19.89 19.58 36.92
CA ASN M 56 -18.87 18.96 37.76
C ASN M 56 -19.05 19.44 39.20
N PHE M 57 -19.87 18.70 39.97
CA PHE M 57 -20.04 18.99 41.39
C PHE M 57 -19.25 18.06 42.29
N GLN M 58 -18.67 16.98 41.74
CA GLN M 58 -17.82 16.10 42.54
C GLN M 58 -16.58 16.84 43.02
N ASN M 59 -15.92 17.58 42.12
CA ASN M 59 -14.73 18.32 42.54
C ASN M 59 -15.02 19.25 43.71
N GLU M 60 -16.28 19.67 43.87
CA GLU M 60 -16.71 20.40 45.04
C GLU M 60 -17.43 19.50 46.05
N LEU M 61 -17.51 18.19 45.78
CA LEU M 61 -17.85 17.20 46.79
C LEU M 61 -16.62 16.61 47.43
N ASN M 62 -15.49 16.57 46.70
CA ASN M 62 -14.19 16.47 47.36
C ASN M 62 -14.00 17.61 48.35
N SER M 63 -14.60 18.77 48.06
CA SER M 63 -14.71 19.87 49.01
C SER M 63 -15.67 19.43 50.12
N LEU M 65 -15.12 18.70 51.09
CA LEU M 65 -15.86 18.22 52.24
C LEU M 65 -15.31 18.74 53.56
N GLU M 66 -14.13 19.37 53.55
CA GLU M 66 -13.43 19.71 54.77
C GLU M 66 -14.07 20.87 55.53
N LEU M 67 -15.11 21.50 54.96
CA LEU M 67 -15.82 22.54 55.71
C LEU M 67 -16.49 21.99 56.95
N ASN M 68 -16.63 20.67 57.05
CA ASN M 68 -17.12 20.01 58.25
C ASN M 68 -15.96 19.49 59.09
N MET M 69 -14.95 20.32 59.28
CA MET M 69 -13.76 19.96 60.03
C MET M 69 -13.21 21.15 60.83
N ARG M 144 -22.71 25.35 65.46
CA ARG M 144 -22.09 24.53 64.41
C ARG M 144 -23.07 23.47 63.93
N ASN M 145 -24.18 23.34 64.65
CA ASN M 145 -25.20 22.36 64.29
C ASN M 145 -25.71 22.55 62.86
N THR M 146 -25.62 23.78 62.34
CA THR M 146 -26.04 24.02 60.97
C THR M 146 -25.04 23.48 59.97
N ILE M 147 -23.74 23.53 60.30
CA ILE M 147 -22.71 23.07 59.36
C ILE M 147 -22.82 21.57 59.13
N ARG M 148 -22.99 20.79 60.21
CA ARG M 148 -23.15 19.34 60.06
C ARG M 148 -24.47 18.99 59.38
N ARG M 149 -25.52 19.78 59.62
CA ARG M 149 -26.82 19.50 59.04
C ARG M 149 -26.82 19.72 57.53
N LEU M 150 -26.24 20.83 57.08
CA LEU M 150 -26.18 21.11 55.64
C LEU M 150 -25.25 20.13 54.93
N THR M 151 -24.17 19.72 55.58
CA THR M 151 -23.26 18.74 54.98
C THR M 151 -24.00 17.43 54.67
N ALA M 152 -24.83 16.96 55.61
CA ALA M 152 -25.59 15.74 55.37
C ALA M 152 -26.60 15.91 54.25
N GLU M 153 -27.06 17.14 54.02
CA GLU M 153 -28.00 17.39 52.92
C GLU M 153 -27.30 17.25 51.58
N ALA M 154 -26.08 17.78 51.46
CA ALA M 154 -25.33 17.62 50.22
C ALA M 154 -24.88 16.19 50.01
N VAL M 155 -24.54 15.48 51.09
CA VAL M 155 -24.10 14.08 50.95
C VAL M 155 -25.23 13.23 50.38
N ALA M 156 -26.40 13.25 51.02
CA ALA M 156 -27.51 12.41 50.56
C ALA M 156 -28.00 12.82 49.19
N LYS M 157 -27.92 14.11 48.85
CA LYS M 157 -28.37 14.56 47.54
C LYS M 157 -27.41 14.11 46.44
N ALA M 158 -26.10 14.14 46.72
CA ALA M 158 -25.11 13.77 45.71
C ALA M 158 -25.19 12.29 45.36
N GLN M 159 -25.53 11.43 46.32
CA GLN M 159 -25.68 10.01 46.07
C GLN M 159 -27.11 9.61 45.70
N ASP M 160 -27.87 10.54 45.11
CA ASP M 160 -29.18 10.19 44.59
C ASP M 160 -29.03 9.16 43.47
N PRO M 161 -29.89 8.15 43.41
CA PRO M 161 -29.78 7.14 42.34
C PRO M 161 -29.85 7.73 40.95
N THR M 162 -30.62 8.82 40.76
CA THR M 162 -30.72 9.44 39.45
C THR M 162 -29.54 10.32 39.11
N VAL M 163 -28.62 10.57 40.04
CA VAL M 163 -27.39 11.27 39.74
C VAL M 163 -26.32 10.31 39.22
N ALA M 164 -26.23 9.11 39.82
CA ALA M 164 -25.30 8.11 39.33
C ALA M 164 -25.67 7.64 37.93
N GLU M 165 -26.97 7.51 37.65
CA GLU M 165 -27.40 7.07 36.32
C GLU M 165 -27.15 8.14 35.27
N SER M 166 -27.25 9.42 35.64
CA SER M 166 -26.98 10.48 34.68
C SER M 166 -25.49 10.57 34.35
N THR M 167 -24.63 10.25 35.32
CA THR M 167 -23.20 10.33 35.08
C THR M 167 -22.76 9.30 34.04
N ALA M 168 -23.29 8.08 34.13
CA ALA M 168 -22.93 7.03 33.18
C ALA M 168 -23.50 7.32 31.80
N ASP M 169 -24.62 8.05 31.72
CA ASP M 169 -25.22 8.41 30.45
C ASP M 169 -24.50 9.56 29.75
N LEU M 170 -23.38 10.04 30.30
CA LEU M 170 -22.59 11.06 29.64
C LEU M 170 -21.74 10.45 28.53
N THR M 171 -21.72 11.12 27.38
CA THR M 171 -20.92 10.69 26.24
C THR M 171 -19.86 11.74 25.95
N THR M 172 -18.77 11.30 25.34
CA THR M 172 -17.70 12.20 24.93
C THR M 172 -17.84 12.53 23.45
N GLU M 173 -17.26 13.67 23.06
CA GLU M 173 -17.29 14.07 21.66
C GLU M 173 -16.49 13.11 20.78
N GLU M 174 -15.43 12.51 21.32
CA GLU M 174 -14.57 11.65 20.52
C GLU M 174 -15.30 10.38 20.10
N ASP M 175 -16.09 9.80 21.00
CA ASP M 175 -16.80 8.57 20.67
C ASP M 175 -17.89 8.78 19.63
N LEU M 176 -18.49 9.97 19.61
CA LEU M 176 -19.55 10.22 18.64
C LEU M 176 -19.01 10.44 17.24
N GLN M 177 -17.87 11.12 17.11
CA GLN M 177 -17.25 11.29 15.80
C GLN M 177 -16.77 9.97 15.23
N LYS M 178 -16.36 9.01 16.08
CA LYS M 178 -15.95 7.71 15.59
C LYS M 178 -17.12 6.96 14.95
N GLN M 179 -18.26 6.92 15.62
CA GLN M 179 -19.42 6.23 15.05
C GLN M 179 -19.98 6.95 13.84
N ILE M 180 -19.84 8.28 13.78
CA ILE M 180 -20.30 9.00 12.60
C ILE M 180 -19.49 8.61 11.37
N ASN M 181 -18.15 8.62 11.50
CA ASN M 181 -17.30 8.19 10.39
C ASN M 181 -17.48 6.70 10.10
N GLN M 182 -17.79 5.90 11.12
CA GLN M 182 -18.13 4.50 10.86
C GLN M 182 -19.38 4.39 10.00
N ALA M 183 -20.37 5.26 10.25
CA ALA M 183 -21.59 5.20 9.45
C ALA M 183 -21.33 5.73 8.05
N VAL M 184 -20.44 6.71 7.91
CA VAL M 184 -20.21 7.36 6.62
C VAL M 184 -19.15 6.62 5.82
N TYR M 185 -18.08 6.16 6.46
CA TYR M 185 -16.96 5.56 5.73
C TYR M 185 -16.61 4.15 6.15
N SER M 186 -17.31 3.56 7.11
CA SER M 186 -16.96 2.26 7.68
C SER M 186 -15.56 2.26 8.30
N LYS M 187 -15.06 3.43 8.68
CA LYS M 187 -13.76 3.56 9.33
C LYS M 187 -13.92 4.55 10.47
N ASP M 188 -12.90 4.62 11.34
CA ASP M 188 -12.97 5.52 12.48
C ASP M 188 -12.67 6.97 12.11
N THR M 189 -11.78 7.19 11.16
CA THR M 189 -11.40 8.54 10.76
C THR M 189 -11.75 8.77 9.28
N GLU M 190 -12.02 10.02 8.94
CA GLU M 190 -12.40 10.37 7.58
C GLU M 190 -11.20 10.21 6.66
N PRO M 191 -11.35 9.52 5.53
CA PRO M 191 -10.24 9.41 4.58
C PRO M 191 -9.85 10.78 4.03
N ASP M 192 -8.57 10.90 3.68
CA ASP M 192 -8.05 12.13 3.08
C ASP M 192 -8.61 12.32 1.66
N ASP M 193 -8.09 13.34 0.96
CA ASP M 193 -8.63 13.69 -0.36
C ASP M 193 -8.31 12.66 -1.42
N ASP M 194 -7.32 11.80 -1.17
CA ASP M 194 -7.04 10.66 -2.02
C ASP M 194 -7.68 9.36 -1.54
N PHE M 195 -8.42 9.40 -0.43
CA PHE M 195 -9.05 8.21 0.14
C PHE M 195 -8.03 7.09 0.35
N ASN M 196 -6.93 7.44 1.01
CA ASN M 196 -5.93 6.44 1.39
C ASN M 196 -6.51 5.44 2.38
N GLY M 197 -6.11 4.18 2.21
CA GLY M 197 -6.62 3.12 3.06
C GLY M 197 -8.10 2.86 2.93
N TYR M 198 -8.74 3.37 1.89
CA TYR M 198 -10.18 3.23 1.69
C TYR M 198 -10.44 2.45 0.41
N THR M 199 -11.47 1.61 0.43
CA THR M 199 -11.85 0.82 -0.73
C THR M 199 -13.35 0.88 -0.89
N ALA M 200 -13.81 1.41 -2.02
CA ALA M 200 -15.24 1.60 -2.23
C ALA M 200 -15.98 0.26 -2.26
N PHE M 201 -17.22 0.29 -1.78
CA PHE M 201 -18.12 -0.87 -1.82
C PHE M 201 -17.50 -2.12 -1.21
N GLU M 202 -16.76 -1.93 -0.10
CA GLU M 202 -16.21 -3.03 0.70
C GLU M 202 -15.33 -3.96 -0.15
N GLY M 203 -14.86 -3.48 -1.30
CA GLY M 203 -14.09 -4.30 -2.21
C GLY M 203 -14.91 -5.29 -3.02
N LYS M 204 -16.21 -5.08 -3.15
CA LYS M 204 -17.10 -6.10 -3.73
C LYS M 204 -17.78 -5.64 -5.02
N ALA M 205 -17.31 -4.56 -5.65
CA ALA M 205 -17.82 -4.14 -6.96
C ALA M 205 -17.31 -5.06 -8.06
N SER M 206 -18.18 -5.37 -9.02
CA SER M 206 -17.84 -6.44 -9.96
C SER M 206 -18.05 -6.11 -11.43
N THR M 207 -19.30 -6.06 -11.89
CA THR M 207 -19.62 -6.24 -13.31
C THR M 207 -20.00 -4.97 -14.04
N ASN M 208 -20.89 -4.17 -13.46
CA ASN M 208 -21.38 -2.95 -14.08
C ASN M 208 -22.05 -2.11 -13.01
N ARG M 209 -22.45 -0.89 -13.39
CA ARG M 209 -23.00 0.04 -12.42
C ARG M 209 -24.28 -0.49 -11.78
N GLN M 210 -25.08 -1.25 -12.51
CA GLN M 210 -26.32 -1.79 -11.94
C GLN M 210 -26.03 -2.88 -10.91
N THR M 211 -24.97 -3.67 -11.13
CA THR M 211 -24.59 -4.67 -10.14
C THR M 211 -24.07 -4.01 -8.87
N ILE M 212 -23.32 -2.92 -9.03
CA ILE M 212 -22.72 -2.24 -7.88
C ILE M 212 -23.77 -1.47 -7.10
N CYS M 213 -24.69 -0.79 -7.82
CA CYS M 213 -25.62 0.14 -7.18
C CYS M 213 -27.01 -0.44 -6.94
N GLY M 214 -27.32 -1.61 -7.48
CA GLY M 214 -28.60 -2.24 -7.21
C GLY M 214 -29.62 -2.02 -8.31
N SER M 215 -30.81 -2.55 -8.06
CA SER M 215 -31.88 -2.59 -9.04
C SER M 215 -33.20 -2.68 -8.29
N ALA M 216 -34.25 -3.09 -9.00
CA ALA M 216 -35.54 -3.35 -8.39
C ALA M 216 -35.66 -4.75 -7.82
N VAL M 217 -34.64 -5.60 -8.00
CA VAL M 217 -34.70 -6.98 -7.55
C VAL M 217 -33.46 -7.36 -6.74
N ALA M 218 -32.45 -6.48 -6.72
CA ALA M 218 -31.20 -6.79 -6.04
C ALA M 218 -30.67 -5.53 -5.36
N GLY M 219 -29.93 -5.73 -4.26
CA GLY M 219 -29.39 -4.64 -3.48
C GLY M 219 -27.95 -4.29 -3.84
N SER M 220 -27.56 -3.08 -3.45
CA SER M 220 -26.25 -2.56 -3.82
C SER M 220 -25.16 -3.13 -2.90
N LYS M 221 -23.91 -2.86 -3.28
CA LYS M 221 -22.75 -3.17 -2.45
C LYS M 221 -22.40 -2.06 -1.48
N ALA M 222 -23.11 -0.94 -1.53
CA ALA M 222 -22.79 0.20 -0.68
C ALA M 222 -23.27 -0.07 0.73
N THR M 223 -22.32 -0.24 1.66
CA THR M 223 -22.66 -0.44 3.06
C THR M 223 -22.75 0.86 3.85
N ASN M 224 -22.04 1.90 3.45
CA ASN M 224 -22.02 3.14 4.19
C ASN M 224 -22.66 4.27 3.37
N ALA M 225 -22.60 5.49 3.89
CA ALA M 225 -23.25 6.62 3.24
C ALA M 225 -22.41 7.23 2.13
N MET M 226 -21.08 7.15 2.23
CA MET M 226 -20.22 7.70 1.18
C MET M 226 -20.41 6.95 -0.13
N ASP M 227 -20.42 5.62 -0.09
CA ASP M 227 -20.55 4.84 -1.32
C ASP M 227 -21.95 4.94 -1.89
N ALA M 228 -22.96 5.12 -1.05
CA ALA M 228 -24.31 5.38 -1.53
C ALA M 228 -24.38 6.71 -2.26
N LEU M 229 -23.75 7.75 -1.72
CA LEU M 229 -23.67 9.03 -2.41
C LEU M 229 -22.99 8.86 -3.77
N PHE M 230 -22.01 7.97 -3.86
CA PHE M 230 -21.31 7.78 -5.13
C PHE M 230 -22.23 7.17 -6.17
N CYS M 231 -23.01 6.16 -5.79
CA CYS M 231 -24.00 5.58 -6.70
C CYS M 231 -25.04 6.61 -7.13
N VAL M 232 -25.43 7.52 -6.23
CA VAL M 232 -26.50 8.48 -6.55
C VAL M 232 -26.00 9.60 -7.46
N CYS M 233 -24.74 10.03 -7.30
CA CYS M 233 -24.28 11.28 -7.90
C CYS M 233 -23.13 11.14 -8.88
N ALA M 234 -22.37 10.05 -8.87
CA ALA M 234 -21.19 9.98 -9.72
C ALA M 234 -21.60 9.83 -11.18
N ASP M 235 -20.87 10.52 -12.05
CA ASP M 235 -21.01 10.27 -13.47
C ASP M 235 -20.02 9.20 -13.90
N ASP M 236 -20.32 8.55 -15.01
CA ASP M 236 -19.43 7.59 -15.64
C ASP M 236 -19.20 8.01 -17.09
N ARG M 237 -18.39 7.22 -17.80
CA ARG M 237 -18.01 7.59 -19.16
C ARG M 237 -19.17 7.43 -20.15
N THR M 238 -20.28 6.80 -19.74
CA THR M 238 -21.42 6.63 -20.64
C THR M 238 -22.43 7.75 -20.48
N ASN M 239 -22.71 8.18 -19.25
CA ASN M 239 -23.76 9.16 -18.99
C ASN M 239 -23.23 10.56 -18.70
N GLY M 240 -21.96 10.81 -19.03
CA GLY M 240 -21.36 12.10 -18.69
C GLY M 240 -22.06 13.30 -19.29
N ALA M 241 -22.84 13.11 -20.35
CA ALA M 241 -23.53 14.21 -21.01
C ALA M 241 -25.00 14.33 -20.61
N ASP M 242 -25.59 13.31 -20.01
CA ASP M 242 -27.01 13.36 -19.66
C ASP M 242 -27.23 13.09 -18.19
N ALA M 243 -27.34 11.82 -17.81
CA ALA M 243 -27.72 11.48 -16.44
C ALA M 243 -26.57 11.64 -15.45
N GLY M 244 -25.32 11.68 -15.91
CA GLY M 244 -24.23 11.86 -14.98
C GLY M 244 -24.16 13.23 -14.34
N LYS M 245 -24.96 14.19 -14.82
CA LYS M 245 -25.05 15.53 -14.26
C LYS M 245 -26.27 15.69 -13.38
N ALA M 246 -26.80 14.59 -12.84
CA ALA M 246 -28.02 14.66 -12.02
C ALA M 246 -27.83 15.41 -10.71
N CYS M 247 -26.61 15.46 -10.17
CA CYS M 247 -26.36 16.12 -8.89
C CYS M 247 -25.64 17.46 -9.02
N VAL M 248 -25.38 17.92 -10.25
CA VAL M 248 -24.60 19.14 -10.44
C VAL M 248 -25.40 20.16 -11.25
N ALA M 249 -24.75 21.24 -11.64
CA ALA M 249 -25.42 22.27 -12.43
C ALA M 249 -24.87 22.29 -13.84
N GLY M 250 -23.70 22.89 -14.04
CA GLY M 250 -23.17 23.11 -15.37
C GLY M 250 -22.25 22.04 -15.89
N THR M 251 -21.27 21.63 -15.07
CA THR M 251 -20.26 20.67 -15.49
C THR M 251 -20.34 19.42 -14.64
N ALA M 252 -20.22 18.26 -15.31
CA ALA M 252 -20.30 16.98 -14.63
C ALA M 252 -19.13 16.81 -13.67
N PRO M 253 -19.24 15.91 -12.69
CA PRO M 253 -18.10 15.64 -11.80
C PRO M 253 -16.86 15.19 -12.55
N GLY M 254 -17.01 14.53 -13.69
CA GLY M 254 -15.86 14.09 -14.46
C GLY M 254 -15.02 13.03 -13.77
N THR M 255 -15.67 12.05 -13.14
CA THR M 255 -14.91 10.99 -12.46
C THR M 255 -14.16 10.10 -13.45
N GLY M 256 -14.69 9.93 -14.67
CA GLY M 256 -14.14 8.95 -15.57
C GLY M 256 -14.41 7.52 -15.16
N TRP M 257 -15.37 7.31 -14.28
CA TRP M 257 -15.70 5.98 -13.79
C TRP M 257 -16.07 5.08 -14.98
N ASN M 258 -15.52 3.87 -15.00
CA ASN M 258 -15.75 2.92 -16.09
C ASN M 258 -16.11 1.55 -15.52
N PRO M 259 -17.21 1.48 -14.75
CA PRO M 259 -17.50 0.23 -14.02
C PRO M 259 -17.78 -0.97 -14.91
N GLY M 260 -18.13 -0.76 -16.18
CA GLY M 260 -18.26 -1.91 -17.07
C GLY M 260 -16.94 -2.58 -17.38
N VAL M 261 -15.83 -1.91 -17.12
CA VAL M 261 -14.49 -2.45 -17.35
C VAL M 261 -13.76 -2.65 -16.03
N THR M 262 -13.60 -1.57 -15.25
CA THR M 262 -13.01 -1.62 -13.91
C THR M 262 -14.08 -1.17 -12.93
N ALA M 263 -14.55 -2.11 -12.10
CA ALA M 263 -15.71 -1.85 -11.26
C ALA M 263 -15.40 -0.86 -10.14
N THR M 264 -14.29 -1.06 -9.42
CA THR M 264 -14.04 -0.27 -8.22
C THR M 264 -13.55 1.13 -8.58
N PRO M 265 -14.22 2.19 -8.13
CA PRO M 265 -13.74 3.53 -8.42
C PRO M 265 -12.53 3.90 -7.55
N THR M 266 -11.70 4.77 -8.11
CA THR M 266 -10.50 5.21 -7.42
C THR M 266 -10.84 6.32 -6.43
N GLY M 267 -9.86 6.62 -5.56
CA GLY M 267 -10.04 7.71 -4.61
C GLY M 267 -10.22 9.06 -5.29
N THR M 268 -9.52 9.27 -6.41
CA THR M 268 -9.77 10.48 -7.19
C THR M 268 -11.24 10.58 -7.58
N MET M 269 -11.85 9.45 -7.96
CA MET M 269 -13.24 9.50 -8.38
C MET M 269 -14.17 9.80 -7.21
N LEU M 270 -13.93 9.15 -6.06
CA LEU M 270 -14.80 9.36 -4.90
C LEU M 270 -14.72 10.80 -4.41
N GLN M 271 -13.53 11.43 -4.49
CA GLN M 271 -13.38 12.78 -3.99
C GLN M 271 -14.13 13.79 -4.85
N LYS M 272 -14.23 13.55 -6.16
CA LYS M 272 -14.97 14.47 -7.02
C LYS M 272 -16.46 14.44 -6.74
N VAL M 273 -16.96 13.44 -6.04
CA VAL M 273 -18.34 13.42 -5.60
C VAL M 273 -18.47 14.00 -4.19
N ARG M 274 -17.51 13.71 -3.31
CA ARG M 274 -17.60 14.19 -1.94
C ARG M 274 -17.52 15.71 -1.88
N LYS M 275 -16.74 16.32 -2.79
CA LYS M 275 -16.59 17.77 -2.79
C LYS M 275 -17.90 18.49 -3.12
N LEU M 276 -18.95 17.74 -3.46
CA LEU M 276 -20.26 18.36 -3.60
C LEU M 276 -20.89 18.68 -2.25
N CYS M 277 -20.39 18.06 -1.18
CA CYS M 277 -20.89 18.29 0.17
C CYS M 277 -19.98 19.27 0.90
N ASN M 278 -20.53 19.88 1.95
CA ASN M 278 -19.82 20.90 2.71
C ASN M 278 -18.97 20.21 3.77
N THR M 279 -17.69 20.00 3.46
CA THR M 279 -16.73 19.50 4.43
C THR M 279 -15.92 20.63 5.05
N HIS M 280 -16.40 21.87 4.96
CA HIS M 280 -15.61 23.04 5.37
C HIS M 280 -16.13 23.75 6.61
N GLY M 281 -17.27 23.34 7.15
CA GLY M 281 -17.81 23.96 8.35
C GLY M 281 -17.91 23.00 9.51
N LYS M 282 -18.86 23.24 10.40
CA LYS M 282 -19.06 22.40 11.58
C LYS M 282 -20.56 22.25 11.82
N THR M 283 -20.91 21.34 12.73
CA THR M 283 -22.31 21.11 13.10
C THR M 283 -22.38 20.86 14.59
N THR M 284 -23.21 21.64 15.28
CA THR M 284 -23.43 21.41 16.71
C THR M 284 -24.27 20.14 16.88
N LEU M 285 -23.74 19.16 17.60
CA LEU M 285 -24.39 17.86 17.73
C LEU M 285 -25.57 17.98 18.68
N SER M 286 -26.77 18.04 18.13
CA SER M 286 -28.00 17.91 18.90
C SER M 286 -28.74 16.68 18.40
N ALA M 287 -29.51 16.06 19.31
CA ALA M 287 -30.31 14.90 18.91
C ALA M 287 -31.32 15.24 17.80
N ALA M 288 -31.87 16.47 17.81
CA ALA M 288 -32.83 16.86 16.78
C ALA M 288 -32.17 16.91 15.41
N ALA M 289 -30.91 17.38 15.35
CA ALA M 289 -30.22 17.46 14.06
C ALA M 289 -30.01 16.09 13.45
N ILE M 290 -29.61 15.09 14.25
CA ILE M 290 -29.38 13.76 13.72
C ILE M 290 -30.69 13.11 13.28
N GLU M 291 -31.77 13.33 14.05
CA GLU M 291 -33.05 12.74 13.71
C GLU M 291 -33.57 13.29 12.39
N GLY M 292 -33.47 14.61 12.19
CA GLY M 292 -33.96 15.20 10.96
C GLY M 292 -33.17 14.77 9.75
N ARG M 293 -31.85 14.79 9.85
CA ARG M 293 -31.00 14.33 8.75
C ARG M 293 -31.29 12.88 8.40
N LEU M 294 -31.52 12.04 9.43
CA LEU M 294 -31.81 10.64 9.16
C LEU M 294 -33.16 10.47 8.47
N THR M 295 -34.20 11.11 8.99
CA THR M 295 -35.53 10.93 8.40
C THR M 295 -35.61 11.56 7.01
N ALA M 296 -34.78 12.57 6.75
CA ALA M 296 -34.73 13.14 5.41
C ALA M 296 -34.29 12.09 4.39
N VAL M 297 -33.24 11.34 4.71
CA VAL M 297 -32.79 10.27 3.83
C VAL M 297 -33.84 9.16 3.76
N GLY M 298 -34.35 8.75 4.91
CA GLY M 298 -35.28 7.62 4.95
C GLY M 298 -36.56 7.88 4.18
N ASN M 299 -37.16 9.06 4.39
CA ASN M 299 -38.39 9.39 3.69
C ASN M 299 -38.23 9.34 2.17
N LEU M 300 -37.02 9.59 1.67
CA LEU M 300 -36.77 9.62 0.24
C LEU M 300 -36.66 8.23 -0.38
N LEU M 301 -36.59 7.18 0.45
CA LEU M 301 -36.52 5.82 -0.07
C LEU M 301 -37.87 5.43 -0.66
N THR M 302 -37.87 5.15 -1.96
CA THR M 302 -39.08 4.67 -2.63
C THR M 302 -39.22 3.17 -2.39
N ARG M 303 -40.22 2.78 -1.61
CA ARG M 303 -40.37 1.40 -1.19
C ARG M 303 -41.05 0.58 -2.28
N GLY M 304 -40.39 -0.50 -2.70
CA GLY M 304 -40.95 -1.41 -3.68
C GLY M 304 -41.18 -2.81 -3.16
N SER M 305 -41.46 -3.74 -4.06
CA SER M 305 -41.79 -5.10 -3.63
C SER M 305 -40.57 -5.85 -3.13
N ALA M 306 -39.40 -5.60 -3.72
CA ALA M 306 -38.19 -6.35 -3.40
C ALA M 306 -37.09 -5.48 -2.81
N THR M 307 -36.93 -4.25 -3.28
CA THR M 307 -35.91 -3.34 -2.77
C THR M 307 -36.54 -1.98 -2.49
N SER M 308 -35.71 -1.07 -1.96
CA SER M 308 -36.05 0.34 -1.83
C SER M 308 -35.02 1.16 -2.57
N ILE M 309 -35.47 2.20 -3.25
CA ILE M 309 -34.62 2.98 -4.13
C ILE M 309 -34.44 4.38 -3.54
N LEU M 310 -33.21 4.88 -3.60
CA LEU M 310 -32.88 6.25 -3.23
C LEU M 310 -32.28 6.92 -4.46
N GLY M 311 -33.05 7.81 -5.09
CA GLY M 311 -32.62 8.51 -6.27
C GLY M 311 -33.63 8.41 -7.39
N SER M 312 -33.36 9.18 -8.44
CA SER M 312 -34.23 9.16 -9.61
C SER M 312 -34.21 7.78 -10.26
N PHE M 313 -35.40 7.25 -10.53
CA PHE M 313 -35.56 5.90 -11.07
C PHE M 313 -36.68 5.93 -12.09
N LEU M 314 -36.40 5.42 -13.29
CA LEU M 314 -37.39 5.36 -14.35
C LEU M 314 -37.76 3.95 -14.75
N ALA M 315 -36.78 3.09 -15.07
CA ALA M 315 -37.10 1.81 -15.69
C ALA M 315 -36.77 0.62 -14.80
N THR M 316 -35.50 0.19 -14.76
CA THR M 316 -35.24 -1.18 -14.34
C THR M 316 -34.23 -1.28 -13.21
N ASP M 317 -33.11 -0.58 -13.33
CA ASP M 317 -32.03 -0.70 -12.36
C ASP M 317 -31.31 0.63 -12.22
N CYS M 318 -30.36 0.67 -11.29
CA CYS M 318 -29.57 1.87 -11.03
C CYS M 318 -28.24 1.81 -11.78
N SER M 319 -28.34 1.63 -13.09
CA SER M 319 -27.16 1.45 -13.93
C SER M 319 -26.54 2.77 -14.37
N GLY M 320 -27.17 3.90 -14.06
CA GLY M 320 -26.67 5.19 -14.52
C GLY M 320 -27.15 5.60 -15.89
N ASP M 321 -27.88 4.73 -16.60
CA ASP M 321 -28.47 5.09 -17.88
C ASP M 321 -29.63 6.05 -17.67
N GLN M 322 -29.69 7.09 -18.50
CA GLN M 322 -30.71 8.13 -18.33
C GLN M 322 -32.12 7.57 -18.38
N GLY M 323 -32.33 6.43 -19.03
CA GLY M 323 -33.62 5.79 -19.04
C GLY M 323 -33.87 4.79 -17.93
N SER M 324 -32.86 4.52 -17.10
CA SER M 324 -33.02 3.52 -16.05
C SER M 324 -33.09 4.21 -14.69
N GLY M 325 -31.94 4.67 -14.18
CA GLY M 325 -31.91 5.30 -12.87
C GLY M 325 -30.54 5.77 -12.43
N MET M 326 -30.50 6.79 -11.56
CA MET M 326 -29.30 7.26 -10.89
C MET M 326 -29.56 7.12 -9.39
N CYS M 327 -29.30 5.92 -8.86
CA CYS M 327 -29.83 5.58 -7.54
C CYS M 327 -28.97 4.51 -6.89
N VAL M 328 -29.42 4.07 -5.72
CA VAL M 328 -28.82 2.99 -4.95
C VAL M 328 -29.95 2.21 -4.31
N ALA M 329 -29.84 0.88 -4.29
CA ALA M 329 -30.92 0.01 -3.82
C ALA M 329 -30.56 -0.64 -2.49
N TYR M 330 -31.61 -0.86 -1.67
CA TYR M 330 -31.48 -1.49 -0.36
C TYR M 330 -32.50 -2.62 -0.25
N THR M 331 -32.06 -3.78 0.22
CA THR M 331 -32.97 -4.89 0.44
C THR M 331 -33.55 -4.91 1.84
N GLU M 332 -32.91 -4.25 2.80
CA GLU M 332 -33.34 -4.32 4.19
C GLU M 332 -34.69 -3.64 4.42
N VAL M 333 -35.12 -2.76 3.52
CA VAL M 333 -36.38 -2.06 3.62
C VAL M 333 -37.14 -2.24 2.32
N THR M 334 -38.38 -2.72 2.41
CA THR M 334 -39.25 -2.91 1.26
C THR M 334 -40.62 -2.32 1.58
N ASP M 335 -41.56 -2.46 0.64
CA ASP M 335 -42.92 -1.99 0.87
C ASP M 335 -43.71 -2.93 1.78
N ALA M 336 -43.05 -3.93 2.36
CA ALA M 336 -43.69 -4.83 3.32
C ALA M 336 -42.97 -4.91 4.65
N LYS M 337 -41.76 -4.35 4.79
CA LYS M 337 -41.00 -4.49 6.02
C LYS M 337 -39.97 -3.37 6.11
N GLY M 338 -39.49 -3.15 7.33
CA GLY M 338 -38.27 -2.38 7.53
C GLY M 338 -38.43 -0.93 7.92
N THR M 339 -37.61 -0.51 8.89
CA THR M 339 -37.44 0.89 9.25
C THR M 339 -35.99 1.27 8.93
N PRO M 340 -35.76 2.33 8.15
CA PRO M 340 -34.37 2.63 7.75
C PRO M 340 -33.44 2.87 8.92
N THR M 341 -33.89 3.62 9.94
CA THR M 341 -33.05 3.93 11.09
C THR M 341 -32.68 2.70 11.90
N LYS M 342 -33.29 1.54 11.62
CA LYS M 342 -33.12 0.35 12.44
C LYS M 342 -32.58 -0.85 11.67
N ASP M 343 -32.96 -1.00 10.39
CA ASP M 343 -32.60 -2.19 9.62
C ASP M 343 -31.51 -1.96 8.58
N ILE M 344 -31.36 -0.74 8.08
CA ILE M 344 -30.25 -0.40 7.18
C ILE M 344 -29.02 -0.15 8.03
N PRO M 345 -27.96 -0.94 7.89
CA PRO M 345 -26.87 -0.90 8.88
C PRO M 345 -26.22 0.47 9.06
N TRP M 346 -25.98 1.23 8.01
CA TRP M 346 -25.25 2.49 8.22
C TRP M 346 -26.11 3.54 8.89
N MET M 347 -27.42 3.51 8.64
CA MET M 347 -28.30 4.46 9.32
C MET M 347 -28.55 4.06 10.76
N GLN M 348 -28.47 2.76 11.06
CA GLN M 348 -28.57 2.32 12.45
C GLN M 348 -27.41 2.85 13.27
N LYS M 349 -26.20 2.87 12.69
CA LYS M 349 -25.05 3.39 13.43
C LYS M 349 -25.22 4.87 13.71
N LEU M 350 -25.81 5.61 12.77
CA LEU M 350 -26.06 7.02 13.00
C LEU M 350 -27.18 7.23 14.01
N ASP M 351 -28.17 6.35 14.02
CA ASP M 351 -29.28 6.49 14.97
C ASP M 351 -28.83 6.25 16.39
N SER M 352 -27.84 5.37 16.60
CA SER M 352 -27.29 5.20 17.94
C SER M 352 -26.63 6.48 18.44
N VAL M 353 -26.08 7.29 17.52
CA VAL M 353 -25.50 8.57 17.92
C VAL M 353 -26.60 9.52 18.37
N ARG M 354 -27.75 9.48 17.70
CA ARG M 354 -28.89 10.28 18.16
C ARG M 354 -29.36 9.81 19.53
N ILE M 355 -29.32 8.50 19.77
CA ILE M 355 -29.74 7.95 21.05
C ILE M 355 -28.80 8.42 22.17
N LYS M 356 -27.50 8.21 21.98
CA LYS M 356 -26.53 8.66 22.98
C LYS M 356 -26.61 10.16 23.20
N LEU M 357 -26.86 10.93 22.13
CA LEU M 357 -27.02 12.37 22.27
C LEU M 357 -28.22 12.70 23.14
N GLN M 358 -29.33 11.98 22.94
CA GLN M 358 -30.52 12.23 23.75
C GLN M 358 -30.23 11.96 25.22
N LYS M 359 -29.60 10.83 25.53
CA LYS M 359 -29.25 10.52 26.91
C LYS M 359 -28.30 11.56 27.49
N HIS M 360 -27.30 11.95 26.72
CA HIS M 360 -26.35 12.96 27.20
C HIS M 360 -27.04 14.30 27.44
N GLU M 361 -27.97 14.67 26.56
CA GLU M 361 -28.66 15.94 26.70
C GLU M 361 -29.45 16.00 27.99
N ARG M 362 -30.22 14.95 28.29
CA ARG M 362 -31.02 14.97 29.52
C ARG M 362 -30.14 14.87 30.76
N ALA M 363 -29.04 14.12 30.68
CA ALA M 363 -28.22 13.88 31.86
C ALA M 363 -27.56 15.18 32.34
N VAL M 364 -27.09 16.02 31.42
CA VAL M 364 -26.46 17.27 31.83
C VAL M 364 -27.49 18.22 32.43
N GLU M 365 -28.75 18.10 32.03
CA GLU M 365 -29.81 18.88 32.65
C GLU M 365 -30.10 18.38 34.06
N LYS M 366 -30.12 17.05 34.23
CA LYS M 366 -30.42 16.46 35.53
C LYS M 366 -29.27 16.63 36.53
N LEU M 367 -28.08 17.01 36.06
CA LEU M 367 -26.96 17.29 36.94
C LEU M 367 -26.77 18.78 37.18
N GLY M 368 -27.69 19.61 36.71
CA GLY M 368 -27.63 21.03 36.98
C GLY M 368 -28.22 21.39 38.32
N LYS M 369 -29.40 20.86 38.61
CA LYS M 369 -30.05 21.14 39.91
C LYS M 369 -29.19 20.72 41.10
N PRO M 370 -28.54 19.54 41.11
CA PRO M 370 -27.61 19.26 42.21
C PRO M 370 -26.44 20.23 42.27
N GLN M 371 -25.93 20.69 41.12
CA GLN M 371 -24.82 21.62 41.12
C GLN M 371 -25.22 22.96 41.71
N HIS M 372 -26.41 23.45 41.36
CA HIS M 372 -26.92 24.66 42.01
C HIS M 372 -27.17 24.42 43.48
N ASP M 373 -27.65 23.22 43.84
CA ASP M 373 -27.89 22.91 45.25
C ASP M 373 -26.56 22.75 45.99
N LEU M 374 -25.59 22.05 45.39
CA LEU M 374 -24.31 21.86 46.05
C LEU M 374 -23.52 23.17 46.16
N LYS M 375 -23.77 24.14 45.28
CA LYS M 375 -23.09 25.44 45.37
C LYS M 375 -23.73 26.33 46.43
N THR M 376 -25.06 26.33 46.51
CA THR M 376 -25.74 27.18 47.49
C THR M 376 -25.42 26.75 48.92
N ILE M 377 -25.12 25.47 49.12
CA ILE M 377 -24.81 24.98 50.47
C ILE M 377 -23.47 25.52 50.93
N LEU M 378 -22.48 25.57 50.04
CA LEU M 378 -21.17 26.10 50.39
C LEU M 378 -21.26 27.55 50.86
N THR M 379 -22.08 28.35 50.18
CA THR M 379 -22.22 29.77 50.54
C THR M 379 -22.96 29.94 51.85
N LEU M 380 -23.92 29.08 52.14
CA LEU M 380 -24.72 29.20 53.36
C LEU M 380 -23.98 28.59 54.55
N ASP M 383 -21.38 34.91 55.26
CA ASP M 383 -21.62 33.47 55.27
C ASP M 383 -21.53 32.87 56.69
N PRO M 384 -20.41 33.06 57.40
CA PRO M 384 -20.31 32.45 58.74
C PRO M 384 -21.28 33.03 59.74
N ALA M 385 -21.83 34.23 59.49
CA ALA M 385 -22.80 34.83 60.40
C ALA M 385 -24.16 34.15 60.32
N TYR M 386 -24.55 33.67 59.13
CA TYR M 386 -25.87 33.07 58.93
C TYR M 386 -26.11 31.88 59.87
N LEU M 387 -25.05 31.22 60.31
CA LEU M 387 -25.18 30.04 61.15
C LEU M 387 -25.15 30.38 62.64
N ASN N 24 -35.96 20.79 -20.56
CA ASN N 24 -35.99 22.24 -20.33
C ASN N 24 -36.72 22.57 -19.03
N ILE N 25 -36.35 23.71 -18.44
CA ILE N 25 -36.94 24.12 -17.17
C ILE N 25 -38.38 24.59 -17.42
N GLY N 26 -39.31 24.03 -16.66
CA GLY N 26 -40.71 24.34 -16.85
C GLY N 26 -41.48 24.51 -15.56
N THR N 27 -42.76 24.17 -15.58
CA THR N 27 -43.63 24.38 -14.44
C THR N 27 -43.22 23.48 -13.27
N GLY N 28 -43.04 24.08 -12.09
CA GLY N 28 -42.84 23.34 -10.87
C GLY N 28 -41.44 22.82 -10.61
N ASP N 29 -40.48 23.11 -11.49
CA ASP N 29 -39.13 22.58 -11.30
C ASP N 29 -38.46 23.17 -10.06
N ASN N 30 -38.74 24.45 -9.76
CA ASN N 30 -38.13 25.13 -8.62
C ASN N 30 -39.04 25.15 -7.40
N VAL N 31 -39.93 24.17 -7.27
CA VAL N 31 -40.77 24.09 -6.07
C VAL N 31 -39.93 23.78 -4.84
N LEU N 32 -38.91 22.94 -5.00
CA LEU N 32 -38.03 22.61 -3.87
C LEU N 32 -37.32 23.85 -3.34
N HIS N 33 -36.80 24.69 -4.24
CA HIS N 33 -36.05 25.87 -3.82
C HIS N 33 -36.97 26.97 -3.32
N ARG N 34 -38.18 27.08 -3.89
CA ARG N 34 -39.17 27.99 -3.33
C ARG N 34 -39.54 27.58 -1.91
N ALA N 35 -39.68 26.28 -1.67
CA ALA N 35 -40.05 25.80 -0.34
C ALA N 35 -38.98 26.15 0.70
N ALA N 36 -37.71 25.94 0.36
CA ALA N 36 -36.64 26.26 1.30
C ALA N 36 -36.52 27.77 1.51
N LEU N 37 -36.66 28.55 0.44
CA LEU N 37 -36.49 30.00 0.54
C LEU N 37 -37.67 30.65 1.25
N CYS N 38 -38.89 30.16 1.01
CA CYS N 38 -40.04 30.65 1.77
C CYS N 38 -39.91 30.32 3.25
N GLY N 39 -39.24 29.22 3.59
CA GLY N 39 -38.98 28.94 4.99
C GLY N 39 -38.14 30.02 5.66
N ILE N 40 -37.36 30.76 4.87
CA ILE N 40 -36.64 31.91 5.39
C ILE N 40 -37.55 33.14 5.43
N ILE N 41 -38.32 33.36 4.36
CA ILE N 41 -39.12 34.58 4.26
C ILE N 41 -40.22 34.61 5.32
N GLU N 42 -40.76 33.45 5.68
CA GLU N 42 -41.85 33.40 6.64
C GLU N 42 -41.41 33.80 8.04
N LEU N 43 -40.11 33.84 8.29
CA LEU N 43 -39.61 34.29 9.59
C LEU N 43 -39.59 35.81 9.71
N ALA N 44 -39.75 36.53 8.60
CA ALA N 44 -39.54 37.97 8.57
C ALA N 44 -40.77 38.69 9.08
N GLY N 45 -40.75 40.02 9.01
CA GLY N 45 -41.82 40.79 9.60
C GLY N 45 -41.76 40.69 11.11
N LYS N 46 -42.91 40.43 11.71
CA LYS N 46 -43.02 40.17 13.13
C LYS N 46 -43.56 38.77 13.38
N ARG N 47 -43.26 37.82 12.49
CA ARG N 47 -43.85 36.49 12.55
C ARG N 47 -43.02 35.51 13.36
N ALA N 48 -41.78 35.84 13.70
CA ALA N 48 -40.96 35.00 14.55
C ALA N 48 -41.26 35.32 16.01
N LYS N 49 -41.53 34.30 16.81
CA LYS N 49 -42.05 34.48 18.17
C LYS N 49 -41.10 33.85 19.17
N LEU N 50 -40.62 34.66 20.13
CA LEU N 50 -39.83 34.17 21.25
C LEU N 50 -40.78 33.93 22.42
N GLU N 51 -41.54 32.83 22.31
CA GLU N 51 -42.55 32.53 23.32
C GLU N 51 -41.90 32.22 24.66
N THR N 52 -40.92 31.31 24.68
CA THR N 52 -40.23 30.95 25.92
C THR N 52 -39.19 32.01 26.32
N ASN N 56 -38.67 36.08 34.92
CA ASN N 56 -38.33 36.96 36.03
C ASN N 56 -37.56 36.20 37.10
N PHE N 57 -36.58 36.87 37.72
CA PHE N 57 -35.80 36.32 38.82
C PHE N 57 -35.84 37.20 40.07
N GLN N 58 -36.17 38.48 39.93
CA GLN N 58 -36.15 39.43 41.05
C GLN N 58 -37.50 39.62 41.72
N ASN N 59 -38.60 39.53 40.96
CA ASN N 59 -39.93 39.78 41.52
C ASN N 59 -40.21 38.88 42.71
N GLU N 60 -39.85 37.60 42.60
CA GLU N 60 -40.05 36.67 43.72
C GLU N 60 -39.26 37.10 44.94
N LEU N 61 -37.98 37.45 44.73
CA LEU N 61 -37.16 37.97 45.82
C LEU N 61 -37.81 39.22 46.42
N ASN N 62 -38.19 40.18 45.56
CA ASN N 62 -38.85 41.39 46.03
C ASN N 62 -40.05 41.08 46.92
N SER N 63 -40.75 39.98 46.65
CA SER N 63 -41.88 39.60 47.50
C SER N 63 -41.41 39.03 48.84
N ILE N 64 -40.27 38.36 48.86
CA ILE N 64 -39.79 37.72 50.08
C ILE N 64 -39.10 38.72 51.00
N LEU N 65 -38.35 39.67 50.43
CA LEU N 65 -37.80 40.74 51.24
C LEU N 65 -38.92 41.57 51.87
N GLU N 66 -40.08 41.62 51.22
CA GLU N 66 -41.25 42.23 51.82
C GLU N 66 -41.77 41.39 52.98
N LEU N 67 -41.52 40.08 52.96
CA LEU N 67 -41.96 39.22 54.06
C LEU N 67 -41.14 39.47 55.32
N ASN N 68 -39.81 39.55 55.17
CA ASN N 68 -38.96 39.87 56.32
C ASN N 68 -39.37 41.21 56.92
N MET N 69 -39.83 42.15 56.09
CA MET N 69 -40.18 43.47 56.58
C MET N 69 -41.58 43.49 57.20
N THR N 70 -42.58 42.99 56.45
CA THR N 70 -43.95 42.98 56.97
C THR N 70 -44.10 42.07 58.19
N ALA N 71 -43.10 41.24 58.50
CA ALA N 71 -43.09 40.46 59.72
C ALA N 71 -42.18 41.03 60.79
N ALA N 72 -41.31 41.97 60.43
CA ALA N 72 -40.42 42.57 61.41
C ALA N 72 -41.20 43.41 62.41
N GLU N 73 -40.77 43.37 63.66
CA GLU N 73 -41.45 44.14 64.70
C GLU N 73 -41.38 45.63 64.39
N PRO N 74 -42.37 46.41 64.85
CA PRO N 74 -42.38 47.85 64.53
C PRO N 74 -41.08 48.59 64.81
N THR N 75 -40.37 48.24 65.89
CA THR N 75 -39.09 48.89 66.18
C THR N 75 -38.14 48.84 64.99
N TRP N 76 -38.10 47.69 64.30
CA TRP N 76 -37.24 47.56 63.12
C TRP N 76 -37.80 48.34 61.94
N LEU N 77 -39.11 48.22 61.69
CA LEU N 77 -39.73 48.96 60.60
C LEU N 77 -39.65 50.47 60.83
N ASP N 78 -39.79 50.90 62.09
CA ASP N 78 -39.73 52.32 62.39
C ASP N 78 -38.34 52.89 62.18
N GLN N 79 -37.33 52.03 62.01
CA GLN N 79 -35.98 52.50 61.80
C GLN N 79 -35.77 53.03 60.39
N PHE N 80 -36.75 52.88 59.51
CA PHE N 80 -36.64 53.30 58.12
C PHE N 80 -37.54 54.49 57.79
N ARG N 81 -38.18 55.09 58.79
CA ARG N 81 -39.06 56.23 58.58
C ARG N 81 -38.35 57.53 58.96
N ASP N 82 -38.94 58.63 58.52
CA ASP N 82 -38.49 59.96 58.88
C ASP N 82 -39.15 60.41 60.18
N LYS N 83 -38.38 61.16 61.00
CA LYS N 83 -38.89 61.58 62.30
C LYS N 83 -39.95 62.66 62.17
N ASP N 84 -39.86 63.52 61.16
CA ASP N 84 -40.78 64.63 60.98
C ASP N 84 -42.03 64.25 60.22
N ASP N 85 -42.03 63.10 59.54
CA ASP N 85 -43.21 62.62 58.82
C ASP N 85 -43.03 61.13 58.60
N ARG N 86 -43.79 60.32 59.34
CA ARG N 86 -43.61 58.87 59.30
C ARG N 86 -43.92 58.28 57.94
N SER N 87 -44.72 58.96 57.11
CA SER N 87 -45.11 58.44 55.81
C SER N 87 -44.02 58.58 54.75
N LYS N 88 -42.91 59.24 55.07
CA LYS N 88 -41.84 59.46 54.12
C LYS N 88 -40.57 58.73 54.53
N PRO N 89 -39.71 58.37 53.59
CA PRO N 89 -38.50 57.60 53.94
C PRO N 89 -37.55 58.39 54.82
N ARG N 90 -36.59 57.67 55.37
CA ARG N 90 -35.60 58.26 56.27
C ARG N 90 -34.49 58.92 55.46
N ASP N 91 -34.16 60.16 55.81
CA ASP N 91 -33.09 60.91 55.15
C ASP N 91 -31.81 60.70 55.94
N LEU N 92 -30.86 59.96 55.35
CA LEU N 92 -29.59 59.67 56.01
C LEU N 92 -28.76 60.91 56.24
N THR N 93 -29.05 62.00 55.52
CA THR N 93 -28.43 63.28 55.82
C THR N 93 -28.98 63.83 57.14
N LYS N 94 -30.29 63.68 57.38
CA LYS N 94 -30.89 64.11 58.63
C LYS N 94 -30.77 63.05 59.71
N GLN N 95 -30.80 61.78 59.32
CA GLN N 95 -30.79 60.65 60.26
C GLN N 95 -29.75 59.64 59.78
N PRO N 96 -28.48 59.88 60.06
CA PRO N 96 -27.43 58.99 59.56
C PRO N 96 -27.43 57.64 60.26
N LEU N 97 -27.03 56.61 59.52
CA LEU N 97 -26.93 55.27 60.07
C LEU N 97 -25.76 55.20 61.06
N PRO N 98 -25.83 54.30 62.04
CA PRO N 98 -24.79 54.27 63.06
C PRO N 98 -23.50 53.64 62.53
N LYS N 99 -22.38 54.13 63.06
CA LYS N 99 -21.06 53.59 62.73
C LYS N 99 -20.77 52.29 63.46
N ASP N 100 -21.57 51.93 64.46
CA ASP N 100 -21.39 50.71 65.24
C ASP N 100 -22.18 49.53 64.68
N THR N 101 -22.34 49.45 63.36
CA THR N 101 -23.14 48.39 62.75
C THR N 101 -22.79 48.31 61.27
N ASN N 102 -23.43 47.37 60.58
CA ASN N 102 -23.24 47.19 59.14
C ASN N 102 -24.47 47.58 58.33
N TRP N 103 -25.45 48.26 58.94
CA TRP N 103 -26.67 48.62 58.23
C TRP N 103 -26.36 49.45 56.98
N ALA N 104 -25.24 50.17 56.98
CA ALA N 104 -24.85 50.94 55.80
C ALA N 104 -24.52 50.03 54.62
N ASP N 105 -23.93 48.86 54.89
CA ASP N 105 -23.53 47.95 53.81
C ASP N 105 -24.67 47.64 52.86
N HIS N 106 -25.92 47.70 53.35
CA HIS N 106 -27.08 47.24 52.59
C HIS N 106 -28.32 47.98 53.10
N TRP N 107 -28.51 49.21 52.62
CA TRP N 107 -29.72 49.95 52.97
C TRP N 107 -30.71 50.10 51.82
N THR N 108 -30.25 50.02 50.56
CA THR N 108 -31.18 50.07 49.43
C THR N 108 -32.23 48.97 49.51
N ALA N 109 -31.88 47.82 50.08
CA ALA N 109 -32.79 46.68 50.19
C ALA N 109 -33.95 46.97 51.12
N TRP N 110 -33.63 47.13 52.41
CA TRP N 110 -34.67 47.33 53.43
C TRP N 110 -35.67 48.41 53.04
N ALA N 111 -35.17 49.53 52.52
CA ALA N 111 -36.04 50.66 52.19
C ALA N 111 -37.06 50.26 51.13
N LYS N 112 -36.60 49.64 50.03
CA LYS N 112 -37.49 49.20 48.96
C LYS N 112 -38.61 48.30 49.50
N ALA N 113 -38.27 47.40 50.42
CA ALA N 113 -39.27 46.51 50.99
C ALA N 113 -40.19 47.26 51.94
N ALA N 114 -39.65 48.15 52.76
CA ALA N 114 -40.43 48.84 53.77
C ALA N 114 -41.24 50.01 53.22
N LEU N 115 -40.93 50.48 52.02
CA LEU N 115 -41.60 51.66 51.47
C LEU N 115 -43.12 51.57 51.51
N PRO N 116 -43.77 50.44 51.14
CA PRO N 116 -45.22 50.41 51.38
C PRO N 116 -45.56 50.24 52.85
N ASN N 119 -45.95 53.87 54.81
CA ASN N 119 -47.32 54.31 55.09
C ASN N 119 -48.16 53.17 55.65
N ASP N 120 -48.77 53.41 56.81
CA ASP N 120 -49.57 52.39 57.47
C ASP N 120 -50.74 51.94 56.61
N GLU N 121 -51.21 52.80 55.68
CA GLU N 121 -52.36 52.44 54.87
C GLU N 121 -52.06 51.22 54.00
N THR N 122 -50.92 51.23 53.31
CA THR N 122 -50.48 50.06 52.54
C THR N 122 -49.58 49.18 53.41
N HIS N 123 -50.19 48.62 54.45
CA HIS N 123 -49.47 47.76 55.38
C HIS N 123 -50.33 46.57 55.81
N GLN N 124 -51.57 46.85 56.26
CA GLN N 124 -52.45 45.77 56.68
C GLN N 124 -52.73 44.79 55.55
N ALA N 125 -52.67 45.28 54.30
CA ALA N 125 -52.88 44.39 53.16
C ALA N 125 -51.93 43.20 53.18
N LYS N 126 -50.70 43.41 53.67
CA LYS N 126 -49.74 42.32 53.75
C LYS N 126 -50.00 41.43 54.96
N LEU N 127 -50.34 42.03 56.11
CA LEU N 127 -50.58 41.25 57.32
C LEU N 127 -51.70 40.24 57.12
N LYS N 128 -52.76 40.63 56.40
CA LYS N 128 -53.85 39.71 56.13
C LYS N 128 -53.54 38.78 54.96
N GLU N 129 -52.76 39.24 53.99
CA GLU N 129 -52.46 38.39 52.85
C GLU N 129 -51.44 37.32 53.20
N TYR N 130 -50.38 37.69 53.92
CA TYR N 130 -49.38 36.73 54.37
C TYR N 130 -49.79 36.04 55.67
N LYS N 131 -51.03 36.25 56.12
CA LYS N 131 -51.58 35.57 57.31
C LYS N 131 -50.71 35.81 58.53
N LEU N 132 -50.33 37.06 58.74
CA LEU N 132 -49.43 37.44 59.82
C LEU N 132 -50.14 38.14 60.98
N ALA N 133 -51.43 38.38 60.87
CA ALA N 133 -52.19 39.09 61.90
C ALA N 133 -53.07 38.11 62.68
N GLY N 134 -53.83 38.66 63.62
CA GLY N 134 -54.73 37.87 64.44
C GLY N 134 -54.01 36.84 65.28
N LEU N 135 -52.97 37.26 66.01
CA LEU N 135 -52.11 36.35 66.74
C LEU N 135 -51.57 37.05 67.98
N GLN N 136 -50.86 36.28 68.80
CA GLN N 136 -50.21 36.81 69.99
C GLN N 136 -48.77 37.16 69.67
N PRO N 137 -48.10 37.89 70.57
CA PRO N 137 -46.71 38.24 70.31
C PRO N 137 -45.78 37.03 70.31
N GLU N 138 -46.16 35.95 71.00
CA GLU N 138 -45.36 34.73 70.95
C GLU N 138 -45.46 34.05 69.60
N LYS N 139 -46.61 34.16 68.93
CA LYS N 139 -46.77 33.55 67.61
C LYS N 139 -45.97 34.30 66.56
N LEU N 140 -45.88 35.62 66.67
CA LEU N 140 -45.11 36.40 65.70
C LEU N 140 -43.61 36.21 65.92
N GLU N 141 -43.19 36.07 67.18
CA GLU N 141 -41.77 35.88 67.47
C GLU N 141 -41.28 34.52 66.99
N ARG N 142 -42.08 33.47 67.22
CA ARG N 142 -41.69 32.13 66.78
C ARG N 142 -41.68 32.01 65.26
N ALA N 143 -42.61 32.67 64.58
CA ALA N 143 -42.61 32.68 63.11
C ALA N 143 -41.50 33.54 62.53
N ARG N 144 -41.02 34.55 63.26
CA ARG N 144 -39.96 35.41 62.75
C ARG N 144 -38.66 34.64 62.55
N ASN N 145 -38.30 33.76 63.49
CA ASN N 145 -37.09 32.95 63.35
C ASN N 145 -37.12 32.13 62.06
N THR N 146 -38.29 31.62 61.69
CA THR N 146 -38.41 30.88 60.44
C THR N 146 -38.26 31.79 59.24
N ILE N 147 -38.79 33.02 59.33
CA ILE N 147 -38.75 33.92 58.18
C ILE N 147 -37.34 34.46 57.96
N ARG N 148 -36.57 34.66 59.03
CA ARG N 148 -35.21 35.17 58.86
C ARG N 148 -34.35 34.22 58.03
N ARG N 149 -34.39 32.93 58.35
CA ARG N 149 -33.61 31.96 57.59
C ARG N 149 -34.18 31.74 56.20
N LEU N 150 -35.50 31.87 56.04
CA LEU N 150 -36.10 31.77 54.71
C LEU N 150 -35.69 32.96 53.84
N THR N 151 -35.63 34.15 54.43
CA THR N 151 -35.19 35.33 53.68
C THR N 151 -33.70 35.28 53.38
N ALA N 152 -32.91 34.79 54.34
CA ALA N 152 -31.46 34.68 54.14
C ALA N 152 -31.13 33.64 53.08
N GLU N 153 -31.80 32.49 53.11
CA GLU N 153 -31.56 31.45 52.13
C GLU N 153 -32.01 31.89 50.75
N ALA N 154 -33.13 32.62 50.67
CA ALA N 154 -33.61 33.12 49.39
C ALA N 154 -32.58 34.05 48.75
N VAL N 155 -31.92 34.87 49.56
CA VAL N 155 -30.83 35.70 49.06
C VAL N 155 -29.64 34.84 48.67
N ALA N 156 -29.35 33.80 49.46
CA ALA N 156 -28.24 32.90 49.14
C ALA N 156 -28.49 32.14 47.84
N LYS N 157 -29.73 31.67 47.64
CA LYS N 157 -30.11 31.06 46.36
C LYS N 157 -29.99 32.04 45.20
N ALA N 158 -29.81 33.34 45.49
CA ALA N 158 -29.69 34.38 44.47
C ALA N 158 -28.32 35.06 44.47
N GLN N 159 -27.38 34.60 45.28
CA GLN N 159 -26.05 35.20 45.28
C GLN N 159 -25.14 34.65 44.19
N ASP N 160 -25.55 33.59 43.49
CA ASP N 160 -24.69 33.00 42.48
C ASP N 160 -24.69 33.89 41.23
N PRO N 161 -23.53 34.24 40.70
CA PRO N 161 -23.50 34.96 39.41
C PRO N 161 -24.02 34.14 38.24
N THR N 162 -24.34 32.85 38.44
CA THR N 162 -24.90 32.03 37.38
C THR N 162 -26.11 32.69 36.75
N VAL N 163 -27.05 33.17 37.57
CA VAL N 163 -28.20 33.88 37.04
C VAL N 163 -27.80 35.26 36.52
N ALA N 164 -26.81 35.88 37.15
CA ALA N 164 -26.37 37.20 36.70
C ALA N 164 -25.74 37.13 35.32
N GLU N 165 -24.89 36.12 35.08
CA GLU N 165 -24.31 35.96 33.76
C GLU N 165 -25.34 35.40 32.78
N SER N 166 -26.35 34.70 33.29
CA SER N 166 -27.44 34.24 32.44
C SER N 166 -28.20 35.42 31.85
N THR N 167 -28.50 36.42 32.68
CA THR N 167 -29.19 37.61 32.17
C THR N 167 -28.36 38.33 31.11
N ALA N 168 -27.03 38.31 31.27
CA ALA N 168 -26.14 38.97 30.31
C ALA N 168 -26.13 38.28 28.95
N ASP N 169 -26.66 37.05 28.85
CA ASP N 169 -26.72 36.32 27.59
C ASP N 169 -28.14 36.21 27.06
N LEU N 170 -29.10 36.91 27.65
CA LEU N 170 -30.45 36.93 27.13
C LEU N 170 -30.59 37.95 26.01
N THR N 171 -31.58 37.72 25.15
CA THR N 171 -31.99 38.69 24.15
C THR N 171 -33.51 38.77 24.12
N THR N 172 -34.03 39.84 23.54
CA THR N 172 -35.46 40.06 23.45
C THR N 172 -35.97 39.57 22.09
N GLU N 173 -37.28 39.67 21.91
CA GLU N 173 -37.88 39.30 20.63
C GLU N 173 -37.66 40.39 19.59
N GLU N 174 -37.66 41.66 20.00
CA GLU N 174 -37.47 42.74 19.05
C GLU N 174 -36.09 42.67 18.41
N ASP N 175 -35.05 42.41 19.20
CA ASP N 175 -33.70 42.35 18.66
C ASP N 175 -33.57 41.24 17.63
N LEU N 176 -34.17 40.07 17.91
CA LEU N 176 -34.09 38.97 16.97
C LEU N 176 -34.86 39.27 15.69
N GLN N 177 -36.05 39.87 15.83
CA GLN N 177 -36.85 40.22 14.66
C GLN N 177 -36.14 41.24 13.78
N LYS N 178 -35.35 42.13 14.37
CA LYS N 178 -34.58 43.08 13.58
C LYS N 178 -33.56 42.37 12.70
N GLN N 179 -32.87 41.37 13.25
CA GLN N 179 -31.81 40.69 12.50
C GLN N 179 -32.39 39.80 11.40
N ILE N 180 -33.53 39.14 11.67
CA ILE N 180 -34.20 38.35 10.64
C ILE N 180 -34.53 39.21 9.43
N ASN N 181 -35.17 40.36 9.67
CA ASN N 181 -35.54 41.24 8.56
C ASN N 181 -34.30 41.77 7.86
N GLN N 182 -33.23 42.06 8.61
CA GLN N 182 -31.96 42.43 7.98
C GLN N 182 -31.42 41.30 7.11
N ALA N 183 -31.70 40.04 7.48
CA ALA N 183 -31.26 38.92 6.66
C ALA N 183 -32.15 38.73 5.44
N VAL N 184 -33.45 38.95 5.59
CA VAL N 184 -34.39 38.77 4.48
C VAL N 184 -34.46 40.01 3.59
N TYR N 185 -34.42 41.21 4.17
CA TYR N 185 -34.72 42.43 3.42
C TYR N 185 -33.61 43.48 3.44
N SER N 186 -32.57 43.32 4.26
CA SER N 186 -31.62 44.39 4.54
C SER N 186 -32.29 45.62 5.13
N LYS N 187 -33.39 45.40 5.86
CA LYS N 187 -34.10 46.44 6.58
C LYS N 187 -34.37 45.95 8.00
N ASP N 188 -34.75 46.86 8.88
CA ASP N 188 -35.15 46.47 10.23
C ASP N 188 -36.59 46.00 10.29
N THR N 189 -37.43 46.43 9.35
CA THR N 189 -38.83 46.03 9.28
C THR N 189 -39.13 45.47 7.91
N GLU N 190 -40.19 44.67 7.83
CA GLU N 190 -40.62 44.10 6.56
C GLU N 190 -41.28 45.18 5.70
N PRO N 191 -40.88 45.33 4.44
CA PRO N 191 -41.54 46.31 3.57
C PRO N 191 -43.01 45.97 3.35
N ASP N 192 -43.77 46.96 2.91
CA ASP N 192 -45.19 46.79 2.67
C ASP N 192 -45.43 46.10 1.33
N ASP N 193 -46.70 45.90 0.99
CA ASP N 193 -47.07 45.18 -0.23
C ASP N 193 -46.64 45.91 -1.49
N ASP N 194 -46.43 47.22 -1.43
CA ASP N 194 -45.84 47.96 -2.53
C ASP N 194 -44.33 48.09 -2.40
N PHE N 195 -43.73 47.48 -1.38
CA PHE N 195 -42.29 47.53 -1.13
C PHE N 195 -41.78 48.98 -1.08
N ASN N 196 -42.52 49.84 -0.39
CA ASN N 196 -42.12 51.23 -0.25
C ASN N 196 -40.84 51.34 0.56
N GLY N 197 -39.94 52.21 0.10
CA GLY N 197 -38.63 52.37 0.70
C GLY N 197 -37.65 51.26 0.39
N TYR N 198 -38.05 50.29 -0.44
CA TYR N 198 -37.22 49.13 -0.76
C TYR N 198 -36.82 49.19 -2.22
N THR N 199 -35.53 49.01 -2.49
CA THR N 199 -35.01 48.90 -3.84
C THR N 199 -34.32 47.56 -3.98
N ALA N 200 -34.83 46.72 -4.88
CA ALA N 200 -34.28 45.38 -5.08
C ALA N 200 -32.83 45.46 -5.52
N PHE N 201 -32.05 44.47 -5.06
CA PHE N 201 -30.62 44.34 -5.37
C PHE N 201 -29.82 45.58 -4.99
N GLU N 202 -30.33 46.34 -4.01
CA GLU N 202 -29.65 47.52 -3.50
C GLU N 202 -29.31 48.50 -4.63
N GLY N 203 -30.21 48.58 -5.61
CA GLY N 203 -30.07 49.52 -6.70
C GLY N 203 -28.92 49.25 -7.65
N LYS N 204 -28.28 48.09 -7.56
CA LYS N 204 -27.08 47.81 -8.32
C LYS N 204 -27.32 46.88 -9.51
N ALA N 205 -28.57 46.52 -9.77
CA ALA N 205 -28.86 45.67 -10.90
C ALA N 205 -28.58 46.41 -12.21
N SER N 206 -28.05 45.68 -13.18
CA SER N 206 -27.64 46.30 -14.44
C SER N 206 -27.70 45.28 -15.57
N THR N 207 -27.42 45.77 -16.79
CA THR N 207 -27.34 44.95 -17.99
C THR N 207 -28.57 44.05 -18.16
N ASN N 208 -28.45 42.75 -17.88
CA ASN N 208 -29.55 41.83 -18.10
C ASN N 208 -29.77 40.92 -16.89
N ARG N 209 -30.58 39.88 -17.04
CA ARG N 209 -30.98 39.07 -15.89
C ARG N 209 -29.82 38.26 -15.34
N GLN N 210 -29.02 37.64 -16.20
CA GLN N 210 -27.91 36.83 -15.71
C GLN N 210 -26.78 37.68 -15.14
N THR N 211 -26.74 38.98 -15.48
CA THR N 211 -25.84 39.89 -14.76
C THR N 211 -26.36 40.17 -13.37
N ILE N 212 -27.68 40.15 -13.20
CA ILE N 212 -28.28 40.42 -11.89
C ILE N 212 -28.25 39.18 -11.02
N CYS N 213 -28.56 38.02 -11.58
CA CYS N 213 -28.72 36.80 -10.80
C CYS N 213 -27.48 35.89 -10.82
N GLY N 214 -26.45 36.25 -11.56
CA GLY N 214 -25.21 35.52 -11.53
C GLY N 214 -25.14 34.40 -12.56
N SER N 215 -23.96 33.80 -12.63
CA SER N 215 -23.70 32.78 -13.64
C SER N 215 -22.84 31.70 -13.00
N ALA N 216 -22.22 30.88 -13.84
CA ALA N 216 -21.33 29.82 -13.38
C ALA N 216 -19.91 30.32 -13.11
N VAL N 217 -19.58 31.54 -13.52
CA VAL N 217 -18.27 32.12 -13.23
C VAL N 217 -18.36 33.46 -12.53
N ALA N 218 -19.57 34.00 -12.32
CA ALA N 218 -19.74 35.27 -11.63
C ALA N 218 -20.91 35.16 -10.65
N GLY N 219 -20.92 36.06 -9.67
CA GLY N 219 -21.94 36.05 -8.64
C GLY N 219 -23.07 37.03 -8.91
N SER N 220 -24.12 36.91 -8.11
CA SER N 220 -25.32 37.70 -8.29
C SER N 220 -25.18 39.06 -7.62
N LYS N 221 -26.15 39.93 -7.89
CA LYS N 221 -26.26 41.21 -7.21
C LYS N 221 -27.18 41.14 -6.00
N ALA N 222 -27.74 39.98 -5.70
CA ALA N 222 -28.62 39.81 -4.56
C ALA N 222 -27.79 39.68 -3.30
N THR N 223 -28.15 40.42 -2.25
CA THR N 223 -27.44 40.38 -0.98
C THR N 223 -28.29 39.88 0.16
N ASN N 224 -29.60 39.74 -0.02
CA ASN N 224 -30.49 39.26 1.03
C ASN N 224 -31.31 38.10 0.50
N ALA N 225 -32.12 37.50 1.38
CA ALA N 225 -32.91 36.34 1.01
C ALA N 225 -33.98 36.69 0.00
N MET N 226 -34.63 37.86 0.15
CA MET N 226 -35.79 38.20 -0.68
C MET N 226 -35.41 38.30 -2.15
N ASP N 227 -34.35 39.06 -2.46
CA ASP N 227 -33.93 39.21 -3.84
C ASP N 227 -33.41 37.89 -4.42
N ALA N 228 -32.87 37.02 -3.57
CA ALA N 228 -32.53 35.68 -4.03
C ALA N 228 -33.79 34.90 -4.41
N LEU N 229 -34.83 35.01 -3.59
CA LEU N 229 -36.12 34.41 -3.93
C LEU N 229 -36.65 34.96 -5.24
N PHE N 230 -36.35 36.23 -5.54
CA PHE N 230 -36.82 36.82 -6.78
C PHE N 230 -36.11 36.21 -7.98
N CYS N 231 -34.78 36.11 -7.92
CA CYS N 231 -34.03 35.50 -9.01
C CYS N 231 -34.45 34.06 -9.26
N VAL N 232 -34.91 33.37 -8.22
CA VAL N 232 -35.24 31.96 -8.36
C VAL N 232 -36.67 31.74 -8.86
N CYS N 233 -37.61 32.62 -8.49
CA CYS N 233 -39.03 32.38 -8.73
C CYS N 233 -39.76 33.42 -9.57
N ALA N 234 -39.07 34.44 -10.06
CA ALA N 234 -39.76 35.47 -10.83
C ALA N 234 -39.73 35.15 -12.32
N ASP N 235 -40.81 35.54 -13.00
CA ASP N 235 -40.89 35.46 -14.44
C ASP N 235 -40.44 36.77 -15.07
N ASP N 236 -39.96 36.67 -16.30
CA ASP N 236 -39.72 37.82 -17.14
C ASP N 236 -40.66 37.76 -18.35
N ARG N 237 -40.57 38.77 -19.23
CA ARG N 237 -41.45 38.76 -20.38
C ARG N 237 -41.02 37.72 -21.41
N THR N 238 -39.79 37.24 -21.34
CA THR N 238 -39.27 36.27 -22.30
C THR N 238 -39.50 34.83 -21.87
N ASN N 239 -39.93 34.59 -20.62
CA ASN N 239 -40.03 33.24 -20.09
C ASN N 239 -41.40 32.92 -19.49
N GLY N 240 -42.41 33.76 -19.71
CA GLY N 240 -43.71 33.61 -19.07
C GLY N 240 -44.37 32.27 -19.33
N ALA N 241 -43.99 31.57 -20.39
CA ALA N 241 -44.42 30.20 -20.61
C ALA N 241 -43.27 29.19 -20.59
N ASP N 242 -42.03 29.65 -20.69
CA ASP N 242 -40.85 28.80 -20.71
C ASP N 242 -40.06 29.07 -19.45
N ALA N 243 -40.31 28.27 -18.41
CA ALA N 243 -39.64 28.25 -17.11
C ALA N 243 -40.12 29.34 -16.17
N GLY N 244 -40.91 30.31 -16.63
CA GLY N 244 -41.42 31.31 -15.70
C GLY N 244 -42.27 30.74 -14.60
N LYS N 245 -42.83 29.54 -14.82
CA LYS N 245 -43.67 28.87 -13.84
C LYS N 245 -42.90 27.91 -12.95
N ALA N 246 -41.60 28.15 -12.76
CA ALA N 246 -40.75 27.20 -12.07
C ALA N 246 -41.18 26.98 -10.62
N CYS N 247 -41.71 28.02 -9.97
CA CYS N 247 -42.13 27.92 -8.58
C CYS N 247 -43.64 27.88 -8.41
N VAL N 248 -44.40 28.02 -9.50
CA VAL N 248 -45.85 28.06 -9.39
C VAL N 248 -46.41 26.80 -10.03
N ALA N 249 -47.75 26.67 -10.02
CA ALA N 249 -48.40 25.53 -10.63
C ALA N 249 -49.43 25.98 -11.64
N GLY N 250 -50.41 26.76 -11.20
CA GLY N 250 -51.50 27.18 -12.06
C GLY N 250 -51.11 28.24 -13.08
N THR N 251 -50.91 29.47 -12.60
CA THR N 251 -50.58 30.59 -13.46
C THR N 251 -49.27 31.23 -13.01
N ALA N 252 -48.54 31.80 -13.97
CA ALA N 252 -47.27 32.45 -13.70
C ALA N 252 -47.45 33.62 -12.73
N PRO N 253 -46.37 34.06 -12.08
CA PRO N 253 -46.49 35.24 -11.21
C PRO N 253 -46.95 36.48 -11.98
N GLY N 254 -46.52 36.62 -13.23
CA GLY N 254 -46.91 37.76 -14.04
C GLY N 254 -46.24 39.05 -13.61
N THR N 255 -44.92 39.03 -13.49
CA THR N 255 -44.20 40.22 -13.05
C THR N 255 -44.18 41.28 -14.13
N GLY N 256 -43.84 40.90 -15.36
CA GLY N 256 -43.53 41.87 -16.39
C GLY N 256 -42.12 42.41 -16.32
N TRP N 257 -41.26 41.80 -15.52
CA TRP N 257 -39.86 42.22 -15.40
C TRP N 257 -39.15 42.11 -16.74
N ASN N 258 -38.51 43.20 -17.17
CA ASN N 258 -37.76 43.25 -18.42
C ASN N 258 -36.39 43.81 -18.11
N PRO N 259 -35.48 42.97 -17.58
CA PRO N 259 -34.15 43.48 -17.21
C PRO N 259 -33.40 44.15 -18.35
N GLY N 260 -33.78 43.91 -19.60
CA GLY N 260 -33.11 44.58 -20.70
C GLY N 260 -33.28 46.09 -20.67
N VAL N 261 -34.42 46.57 -20.18
CA VAL N 261 -34.71 48.00 -20.13
C VAL N 261 -34.93 48.48 -18.71
N THR N 262 -35.67 47.73 -17.90
CA THR N 262 -35.89 48.13 -16.51
C THR N 262 -34.60 48.05 -15.70
N ALA N 263 -33.92 46.91 -15.76
CA ALA N 263 -32.68 46.66 -15.02
C ALA N 263 -32.85 46.83 -13.52
N THR N 264 -34.09 46.88 -13.03
CA THR N 264 -34.42 46.96 -11.61
C THR N 264 -35.89 46.63 -11.41
N PRO N 265 -36.20 45.61 -10.61
CA PRO N 265 -37.61 45.25 -10.40
C PRO N 265 -38.32 46.27 -9.52
N THR N 266 -39.64 46.30 -9.66
CA THR N 266 -40.50 47.21 -8.91
C THR N 266 -41.24 46.46 -7.80
N GLY N 267 -41.80 47.25 -6.87
CA GLY N 267 -42.47 46.66 -5.73
C GLY N 267 -43.67 45.82 -6.11
N THR N 268 -44.39 46.24 -7.15
CA THR N 268 -45.50 45.43 -7.64
C THR N 268 -45.02 44.06 -8.12
N MET N 269 -43.79 44.00 -8.65
CA MET N 269 -43.24 42.73 -9.11
C MET N 269 -42.61 41.92 -7.99
N LEU N 270 -41.95 42.57 -7.02
CA LEU N 270 -41.41 41.86 -5.86
C LEU N 270 -42.51 41.16 -5.06
N GLN N 271 -43.65 41.83 -4.87
CA GLN N 271 -44.77 41.24 -4.14
C GLN N 271 -45.37 40.05 -4.87
N LYS N 272 -45.32 40.03 -6.21
CA LYS N 272 -45.89 38.92 -6.97
C LYS N 272 -45.18 37.60 -6.69
N VAL N 273 -43.94 37.64 -6.23
CA VAL N 273 -43.19 36.45 -5.83
C VAL N 273 -43.33 36.20 -4.33
N ARG N 274 -43.29 37.24 -3.51
CA ARG N 274 -43.40 37.06 -2.06
C ARG N 274 -44.70 36.39 -1.65
N LYS N 275 -45.79 36.67 -2.36
CA LYS N 275 -47.09 36.07 -2.04
C LYS N 275 -47.07 34.55 -2.17
N LEU N 276 -46.06 33.99 -2.84
CA LEU N 276 -45.87 32.54 -2.86
C LEU N 276 -45.46 31.99 -1.50
N CYS N 277 -44.99 32.85 -0.60
CA CYS N 277 -44.57 32.42 0.73
C CYS N 277 -45.68 32.66 1.75
N ASN N 278 -45.60 31.90 2.84
CA ASN N 278 -46.57 32.04 3.93
C ASN N 278 -46.21 33.26 4.75
N THR N 279 -46.86 34.39 4.45
CA THR N 279 -46.68 35.63 5.18
C THR N 279 -47.81 35.91 6.15
N HIS N 280 -48.67 34.92 6.40
CA HIS N 280 -49.88 35.12 7.19
C HIS N 280 -49.93 34.15 8.38
N GLY N 281 -48.79 33.91 9.02
CA GLY N 281 -48.77 32.97 10.13
C GLY N 281 -47.76 33.32 11.21
N LYS N 282 -47.37 32.32 12.00
CA LYS N 282 -46.39 32.50 13.07
C LYS N 282 -45.37 31.38 13.00
N THR N 283 -44.25 31.59 13.69
CA THR N 283 -43.21 30.57 13.81
C THR N 283 -42.50 30.76 15.14
N THR N 284 -42.42 29.68 15.92
CA THR N 284 -41.79 29.74 17.23
C THR N 284 -40.27 29.79 17.06
N LEU N 285 -39.66 30.86 17.56
CA LEU N 285 -38.23 31.05 17.40
C LEU N 285 -37.46 30.05 18.26
N SER N 286 -36.46 29.41 17.67
CA SER N 286 -35.67 28.39 18.37
C SER N 286 -34.41 28.12 17.58
N ALA N 287 -33.37 27.67 18.30
CA ALA N 287 -32.11 27.35 17.65
C ALA N 287 -32.28 26.26 16.60
N ALA N 288 -33.07 25.23 16.92
CA ALA N 288 -33.29 24.15 15.97
C ALA N 288 -34.11 24.61 14.77
N ALA N 289 -35.05 25.53 14.99
CA ALA N 289 -35.88 26.02 13.88
C ALA N 289 -35.03 26.80 12.88
N ILE N 290 -34.08 27.60 13.36
CA ILE N 290 -33.25 28.40 12.47
C ILE N 290 -32.28 27.50 11.71
N GLU N 291 -31.66 26.55 12.40
CA GLU N 291 -30.61 25.75 11.78
C GLU N 291 -31.17 24.86 10.67
N GLY N 292 -32.32 24.22 10.90
CA GLY N 292 -32.93 23.40 9.87
C GLY N 292 -33.33 24.21 8.64
N ARG N 293 -33.80 25.44 8.83
CA ARG N 293 -34.18 26.25 7.69
C ARG N 293 -32.95 26.73 6.93
N LEU N 294 -31.87 27.05 7.64
CA LEU N 294 -30.64 27.43 6.96
C LEU N 294 -30.01 26.24 6.25
N THR N 295 -30.01 25.07 6.89
CA THR N 295 -29.47 23.86 6.26
C THR N 295 -30.28 23.48 5.02
N ALA N 296 -31.60 23.62 5.09
CA ALA N 296 -32.43 23.35 3.92
C ALA N 296 -32.03 24.22 2.74
N VAL N 297 -31.67 25.48 3.01
CA VAL N 297 -31.22 26.35 1.92
C VAL N 297 -29.77 26.04 1.57
N GLY N 298 -28.91 25.92 2.59
CA GLY N 298 -27.48 25.78 2.34
C GLY N 298 -27.12 24.51 1.61
N ASN N 299 -27.84 23.43 1.86
CA ASN N 299 -27.54 22.16 1.20
C ASN N 299 -28.13 22.07 -0.20
N LEU N 300 -29.02 22.99 -0.58
CA LEU N 300 -29.47 23.05 -1.96
C LEU N 300 -28.49 23.77 -2.87
N LEU N 301 -27.50 24.48 -2.32
CA LEU N 301 -26.49 25.13 -3.13
C LEU N 301 -25.63 24.08 -3.83
N THR N 302 -25.66 24.08 -5.17
CA THR N 302 -24.88 23.15 -5.96
C THR N 302 -23.46 23.70 -6.10
N ARG N 303 -22.52 23.06 -5.42
CA ARG N 303 -21.15 23.58 -5.36
C ARG N 303 -20.44 23.31 -6.68
N GLY N 304 -20.03 24.38 -7.36
CA GLY N 304 -19.29 24.29 -8.58
C GLY N 304 -17.86 24.80 -8.46
N SER N 305 -17.22 24.94 -9.61
CA SER N 305 -15.83 25.40 -9.66
C SER N 305 -15.69 26.83 -9.15
N ALA N 306 -16.45 27.77 -9.72
CA ALA N 306 -16.33 29.17 -9.33
C ALA N 306 -17.54 29.72 -8.60
N THR N 307 -18.71 29.06 -8.71
CA THR N 307 -19.92 29.53 -8.05
C THR N 307 -20.68 28.34 -7.48
N SER N 308 -21.62 28.64 -6.60
CA SER N 308 -22.64 27.69 -6.16
C SER N 308 -24.00 28.20 -6.61
N ILE N 309 -24.87 27.29 -7.02
CA ILE N 309 -26.11 27.66 -7.69
C ILE N 309 -27.29 27.20 -6.85
N LEU N 310 -28.22 28.09 -6.59
CA LEU N 310 -29.47 27.77 -5.91
C LEU N 310 -30.60 27.90 -6.93
N GLY N 311 -31.18 26.76 -7.31
CA GLY N 311 -32.22 26.72 -8.31
C GLY N 311 -31.84 25.82 -9.49
N SER N 312 -32.83 25.61 -10.35
CA SER N 312 -32.62 24.77 -11.53
C SER N 312 -31.65 25.44 -12.49
N PHE N 313 -30.66 24.67 -12.94
CA PHE N 313 -29.60 25.19 -13.80
C PHE N 313 -29.35 24.14 -14.88
N LEU N 314 -29.26 24.57 -16.12
CA LEU N 314 -29.05 23.63 -17.22
C LEU N 314 -27.80 23.91 -18.03
N ALA N 315 -27.52 25.17 -18.36
CA ALA N 315 -26.44 25.45 -19.31
C ALA N 315 -25.37 26.38 -18.77
N THR N 316 -25.64 27.68 -18.75
CA THR N 316 -24.52 28.60 -18.60
C THR N 316 -24.71 29.65 -17.51
N ASP N 317 -25.90 30.22 -17.38
CA ASP N 317 -26.13 31.27 -16.41
C ASP N 317 -27.58 31.20 -15.92
N CYS N 318 -27.90 32.06 -14.95
CA CYS N 318 -29.25 32.18 -14.42
C CYS N 318 -30.02 33.27 -15.15
N SER N 319 -30.14 33.09 -16.46
CA SER N 319 -30.76 34.08 -17.33
C SER N 319 -32.28 34.04 -17.30
N GLY N 320 -32.88 33.02 -16.71
CA GLY N 320 -34.30 32.80 -16.81
C GLY N 320 -34.75 32.06 -18.05
N ASP N 321 -33.85 31.86 -19.01
CA ASP N 321 -34.19 31.10 -20.20
C ASP N 321 -34.45 29.65 -19.85
N GLN N 322 -35.39 29.03 -20.57
CA GLN N 322 -35.75 27.64 -20.28
C GLN N 322 -34.58 26.69 -20.49
N GLY N 323 -33.58 27.09 -21.27
CA GLY N 323 -32.42 26.26 -21.49
C GLY N 323 -31.19 26.66 -20.70
N SER N 324 -31.26 27.74 -19.92
CA SER N 324 -30.11 28.25 -19.19
C SER N 324 -30.27 28.00 -17.69
N GLY N 325 -31.20 28.68 -17.03
CA GLY N 325 -31.40 28.52 -15.60
C GLY N 325 -32.33 29.54 -14.96
N MET N 326 -33.03 29.11 -13.91
CA MET N 326 -33.84 29.98 -13.05
C MET N 326 -33.25 29.88 -11.64
N CYS N 327 -32.19 30.65 -11.39
CA CYS N 327 -31.37 30.40 -10.22
C CYS N 327 -30.74 31.70 -9.73
N VAL N 328 -29.87 31.57 -8.73
CA VAL N 328 -29.06 32.65 -8.18
C VAL N 328 -27.70 32.07 -7.83
N ALA N 329 -26.63 32.84 -8.06
CA ALA N 329 -25.28 32.35 -7.94
C ALA N 329 -24.52 33.09 -6.85
N TYR N 330 -23.69 32.36 -6.11
CA TYR N 330 -22.82 32.91 -5.09
C TYR N 330 -21.38 32.48 -5.36
N THR N 331 -20.45 33.43 -5.26
CA THR N 331 -19.03 33.11 -5.31
C THR N 331 -18.44 32.80 -3.95
N GLU N 332 -19.19 33.04 -2.87
CA GLU N 332 -18.65 32.86 -1.53
C GLU N 332 -18.44 31.39 -1.15
N VAL N 333 -19.12 30.46 -1.82
CA VAL N 333 -19.00 29.04 -1.53
C VAL N 333 -18.78 28.30 -2.85
N THR N 334 -17.81 27.39 -2.86
CA THR N 334 -17.50 26.59 -4.03
C THR N 334 -17.29 25.14 -3.59
N ASP N 335 -16.95 24.29 -4.54
CA ASP N 335 -16.63 22.90 -4.20
C ASP N 335 -15.26 22.74 -3.56
N ALA N 336 -14.61 23.86 -3.19
CA ALA N 336 -13.33 23.83 -2.51
C ALA N 336 -13.26 24.73 -1.29
N LYS N 337 -14.29 25.53 -1.02
CA LYS N 337 -14.25 26.45 0.11
C LYS N 337 -15.64 26.94 0.43
N GLY N 338 -15.83 27.34 1.69
CA GLY N 338 -17.00 28.09 2.09
C GLY N 338 -18.06 27.33 2.85
N THR N 339 -18.49 27.91 3.97
CA THR N 339 -19.66 27.46 4.72
C THR N 339 -20.72 28.53 4.61
N PRO N 340 -21.93 28.21 4.13
CA PRO N 340 -22.92 29.28 3.85
C PRO N 340 -23.27 30.13 5.06
N THR N 341 -23.44 29.53 6.24
CA THR N 341 -23.76 30.32 7.43
C THR N 341 -22.59 31.15 7.92
N LYS N 342 -21.45 31.09 7.26
CA LYS N 342 -20.30 31.88 7.65
C LYS N 342 -19.82 32.82 6.57
N ASP N 343 -19.95 32.45 5.30
CA ASP N 343 -19.37 33.21 4.20
C ASP N 343 -20.38 33.86 3.28
N ILE N 344 -21.64 33.43 3.30
CA ILE N 344 -22.71 34.11 2.59
C ILE N 344 -23.38 35.06 3.57
N PRO N 345 -23.26 36.38 3.39
CA PRO N 345 -23.66 37.32 4.46
C PRO N 345 -25.07 37.15 4.99
N TRP N 346 -26.08 37.01 4.12
CA TRP N 346 -27.44 36.95 4.64
C TRP N 346 -27.68 35.68 5.43
N MET N 347 -27.04 34.57 5.05
CA MET N 347 -27.14 33.36 5.85
C MET N 347 -26.30 33.46 7.12
N GLN N 348 -25.21 34.22 7.08
CA GLN N 348 -24.45 34.47 8.30
C GLN N 348 -25.22 35.35 9.27
N LYS N 349 -25.86 36.41 8.75
CA LYS N 349 -26.74 37.23 9.58
C LYS N 349 -27.78 36.38 10.28
N LEU N 350 -28.42 35.48 9.52
CA LEU N 350 -29.49 34.67 10.10
C LEU N 350 -28.94 33.61 11.05
N ASP N 351 -27.69 33.18 10.85
CA ASP N 351 -27.13 32.18 11.75
C ASP N 351 -26.87 32.77 13.13
N SER N 352 -26.52 34.06 13.20
CA SER N 352 -26.33 34.71 14.50
C SER N 352 -27.58 34.66 15.35
N VAL N 353 -28.76 34.67 14.71
CA VAL N 353 -30.01 34.52 15.44
C VAL N 353 -30.06 33.16 16.14
N ARG N 354 -29.63 32.10 15.44
CA ARG N 354 -29.56 30.78 16.05
C ARG N 354 -28.57 30.76 17.21
N ILE N 355 -27.40 31.38 17.02
CA ILE N 355 -26.38 31.43 18.06
C ILE N 355 -26.94 32.14 19.30
N LYS N 356 -27.55 33.31 19.10
CA LYS N 356 -28.14 34.03 20.23
C LYS N 356 -29.33 33.28 20.80
N LEU N 357 -30.10 32.59 19.97
CA LEU N 357 -31.18 31.75 20.49
C LEU N 357 -30.66 30.61 21.36
N GLN N 358 -29.51 30.04 21.01
CA GLN N 358 -28.93 28.96 21.80
C GLN N 358 -28.52 29.45 23.18
N LYS N 359 -27.82 30.59 23.24
CA LYS N 359 -27.45 31.17 24.53
C LYS N 359 -28.69 31.54 25.34
N HIS N 360 -29.74 32.00 24.66
CA HIS N 360 -30.96 32.39 25.37
C HIS N 360 -31.65 31.18 25.98
N GLU N 361 -31.85 30.12 25.20
CA GLU N 361 -32.47 28.92 25.74
C GLU N 361 -31.56 28.21 26.73
N ARG N 362 -30.26 28.45 26.67
CA ARG N 362 -29.33 27.88 27.64
C ARG N 362 -29.50 28.53 29.01
N ALA N 363 -29.84 29.81 29.04
CA ALA N 363 -30.05 30.52 30.30
C ALA N 363 -31.45 30.33 30.89
N VAL N 364 -32.45 30.08 30.05
CA VAL N 364 -33.79 29.77 30.57
C VAL N 364 -33.75 28.53 31.45
N GLU N 365 -33.06 27.48 31.00
CA GLU N 365 -32.91 26.28 31.82
C GLU N 365 -31.99 26.54 33.01
N LYS N 366 -30.88 27.25 32.79
CA LYS N 366 -29.94 27.52 33.86
C LYS N 366 -30.45 28.52 34.89
N LEU N 367 -31.62 29.11 34.68
CA LEU N 367 -32.17 30.07 35.62
C LEU N 367 -33.51 29.64 36.21
N GLY N 368 -34.17 28.61 35.64
CA GLY N 368 -35.49 28.25 36.12
C GLY N 368 -35.50 27.62 37.49
N LYS N 369 -34.39 26.99 37.89
CA LYS N 369 -34.36 26.26 39.16
C LYS N 369 -34.34 27.19 40.36
N PRO N 370 -33.59 28.30 40.36
CA PRO N 370 -33.76 29.27 41.45
C PRO N 370 -35.16 29.82 41.55
N GLN N 371 -35.90 29.89 40.43
CA GLN N 371 -37.26 30.41 40.44
C GLN N 371 -38.20 29.48 41.18
N HIS N 372 -38.10 28.18 40.88
CA HIS N 372 -38.95 27.21 41.56
C HIS N 372 -38.70 27.22 43.07
N ASP N 373 -37.43 27.27 43.48
CA ASP N 373 -37.14 27.33 44.90
C ASP N 373 -37.59 28.64 45.51
N LEU N 374 -37.32 29.76 44.83
CA LEU N 374 -37.78 31.06 45.33
C LEU N 374 -39.30 31.10 45.43
N LYS N 375 -39.99 30.45 44.48
CA LYS N 375 -41.44 30.41 44.54
C LYS N 375 -41.92 29.52 45.69
N THR N 376 -41.20 28.43 45.97
CA THR N 376 -41.56 27.57 47.09
C THR N 376 -41.25 28.24 48.42
N ILE N 377 -40.12 28.95 48.51
CA ILE N 377 -39.77 29.64 49.76
C ILE N 377 -40.85 30.65 50.14
N LEU N 378 -41.35 31.40 49.16
CA LEU N 378 -42.43 32.34 49.42
C LEU N 378 -43.68 31.62 49.89
N THR N 379 -44.14 30.63 49.11
CA THR N 379 -45.38 29.93 49.45
C THR N 379 -45.31 29.26 50.82
N LEU N 380 -44.11 29.06 51.36
CA LEU N 380 -43.96 28.69 52.76
C LEU N 380 -44.30 29.88 53.65
N ALA N 381 -45.58 30.23 53.71
CA ALA N 381 -46.02 31.39 54.48
C ALA N 381 -47.36 31.11 55.16
N ASN O 24 -43.73 16.08 -19.26
CA ASN O 24 -45.00 15.84 -18.59
C ASN O 24 -44.77 15.20 -17.24
N ILE O 25 -45.85 14.81 -16.58
CA ILE O 25 -45.78 14.16 -15.27
C ILE O 25 -45.42 12.69 -15.49
N GLY O 26 -44.24 12.29 -15.04
CA GLY O 26 -43.76 10.94 -15.23
C GLY O 26 -43.43 10.22 -13.94
N THR O 27 -42.54 9.23 -14.03
CA THR O 27 -42.21 8.40 -12.87
C THR O 27 -41.36 9.18 -11.88
N GLY O 28 -41.75 9.12 -10.61
CA GLY O 28 -40.98 9.72 -9.53
C GLY O 28 -41.12 11.22 -9.38
N ASP O 29 -42.02 11.86 -10.11
CA ASP O 29 -42.15 13.32 -10.01
C ASP O 29 -42.80 13.78 -8.71
N ASN O 30 -43.29 12.85 -7.88
CA ASN O 30 -43.99 13.20 -6.65
C ASN O 30 -43.31 12.62 -5.41
N VAL O 31 -42.03 12.23 -5.52
CA VAL O 31 -41.34 11.68 -4.35
C VAL O 31 -41.31 12.70 -3.21
N LEU O 32 -40.97 13.94 -3.54
CA LEU O 32 -40.89 15.00 -2.53
C LEU O 32 -42.20 15.14 -1.77
N HIS O 33 -43.33 15.14 -2.48
CA HIS O 33 -44.62 15.24 -1.83
C HIS O 33 -44.99 13.94 -1.12
N ARG O 34 -44.61 12.80 -1.70
CA ARG O 34 -44.89 11.52 -1.06
C ARG O 34 -44.15 11.40 0.27
N ALA O 35 -42.90 11.84 0.31
CA ALA O 35 -42.14 11.80 1.55
C ALA O 35 -42.76 12.68 2.62
N ALA O 36 -43.27 13.85 2.22
CA ALA O 36 -43.87 14.77 3.19
C ALA O 36 -45.18 14.22 3.75
N LEU O 37 -45.96 13.51 2.93
CA LEU O 37 -47.21 12.93 3.39
C LEU O 37 -46.99 11.63 4.15
N CYS O 38 -45.94 10.86 3.80
CA CYS O 38 -45.66 9.64 4.55
C CYS O 38 -45.11 9.93 5.94
N GLY O 39 -44.35 11.02 6.09
CA GLY O 39 -43.91 11.42 7.40
C GLY O 39 -45.04 11.76 8.34
N ILE O 40 -46.24 11.99 7.81
CA ILE O 40 -47.41 12.18 8.64
C ILE O 40 -48.17 10.86 8.85
N ILE O 41 -48.17 9.98 7.86
CA ILE O 41 -48.88 8.71 7.99
C ILE O 41 -48.18 7.80 9.00
N GLU O 42 -46.85 7.84 9.03
CA GLU O 42 -46.10 7.02 9.98
C GLU O 42 -46.29 7.45 11.42
N LEU O 43 -47.05 8.51 11.68
CA LEU O 43 -47.42 8.91 13.04
C LEU O 43 -48.72 8.27 13.50
N ALA O 44 -49.50 7.67 12.59
CA ALA O 44 -50.81 7.15 12.92
C ALA O 44 -50.67 5.77 13.56
N GLY O 45 -51.80 5.07 13.70
CA GLY O 45 -51.78 3.76 14.32
C GLY O 45 -51.46 3.87 15.80
N LYS O 46 -50.51 3.04 16.25
CA LYS O 46 -50.00 3.11 17.61
C LYS O 46 -48.48 3.25 17.63
N ARG O 47 -47.90 3.74 16.53
CA ARG O 47 -46.46 3.87 16.39
C ARG O 47 -45.91 5.16 16.97
N ALA O 48 -46.77 6.13 17.29
CA ALA O 48 -46.33 7.33 17.99
C ALA O 48 -46.14 6.99 19.46
N LYS O 49 -44.92 7.18 19.96
CA LYS O 49 -44.57 6.87 21.34
C LYS O 49 -44.40 8.17 22.12
N LEU O 50 -44.99 8.23 23.32
CA LEU O 50 -44.85 9.42 24.15
C LEU O 50 -43.54 9.43 24.92
N GLU O 51 -43.05 8.25 25.32
CA GLU O 51 -41.78 8.06 26.01
C GLU O 51 -41.75 8.73 27.39
N THR O 52 -42.56 9.77 27.59
CA THR O 52 -42.53 10.56 28.81
C THR O 52 -42.56 9.67 30.05
N ALA O 53 -41.62 9.92 30.96
CA ALA O 53 -41.56 9.23 32.24
C ALA O 53 -42.48 9.97 33.20
N LEU O 54 -43.65 9.39 33.47
CA LEU O 54 -44.64 10.06 34.30
C LEU O 54 -44.06 10.30 35.69
N PRO O 55 -44.15 11.51 36.22
CA PRO O 55 -43.53 11.79 37.53
C PRO O 55 -44.39 11.33 38.69
N ASN O 56 -44.00 10.23 39.33
CA ASN O 56 -44.68 9.72 40.52
C ASN O 56 -44.08 10.44 41.72
N PHE O 57 -44.74 11.52 42.14
CA PHE O 57 -44.36 12.26 43.34
C PHE O 57 -45.25 11.88 44.52
N GLN O 58 -46.01 10.80 44.40
CA GLN O 58 -46.97 10.37 45.42
C GLN O 58 -46.46 9.18 46.23
N ASN O 59 -45.90 8.17 45.58
CA ASN O 59 -45.44 6.98 46.29
C ASN O 59 -44.48 7.34 47.42
N GLU O 60 -43.67 8.39 47.23
CA GLU O 60 -42.88 8.92 48.34
C GLU O 60 -43.77 9.63 49.34
N LEU O 61 -44.66 10.51 48.85
CA LEU O 61 -45.51 11.31 49.73
C LEU O 61 -46.30 10.45 50.70
N ASN O 62 -46.76 9.28 50.25
CA ASN O 62 -47.44 8.36 51.16
C ASN O 62 -46.51 7.90 52.28
N SER O 63 -45.21 7.79 52.01
CA SER O 63 -44.30 7.26 53.01
C SER O 63 -44.01 8.28 54.11
N ILE O 64 -43.86 9.55 53.75
CA ILE O 64 -43.66 10.57 54.78
C ILE O 64 -44.94 10.76 55.58
N LEU O 65 -46.10 10.64 54.94
CA LEU O 65 -47.36 10.68 55.69
C LEU O 65 -47.47 9.52 56.67
N GLU O 66 -46.95 8.34 56.31
CA GLU O 66 -46.88 7.25 57.26
C GLU O 66 -45.90 7.55 58.40
N LEU O 67 -44.65 7.89 58.05
CA LEU O 67 -43.67 8.25 59.06
C LEU O 67 -44.18 9.35 59.98
N ASN O 68 -44.97 10.28 59.44
CA ASN O 68 -45.52 11.38 60.22
C ASN O 68 -46.22 10.88 61.48
N MET O 69 -47.18 9.97 61.31
CA MET O 69 -47.88 9.39 62.45
C MET O 69 -46.92 8.65 63.36
N THR O 70 -46.21 7.68 62.80
CA THR O 70 -45.26 6.86 63.55
C THR O 70 -44.18 7.70 64.23
N LEU O 127 -41.27 -1.42 63.21
CA LEU O 127 -41.14 -0.12 62.56
C LEU O 127 -39.67 0.20 62.34
N LYS O 128 -38.84 -0.85 62.28
CA LYS O 128 -37.44 -0.68 61.92
C LYS O 128 -37.27 -0.10 60.51
N GLU O 129 -38.28 -0.28 59.63
CA GLU O 129 -38.27 0.39 58.33
C GLU O 129 -37.94 1.88 58.46
N TYR O 130 -38.66 2.59 59.34
CA TYR O 130 -38.31 3.95 59.72
C TYR O 130 -37.40 3.91 60.94
N LYS O 131 -36.15 3.51 60.70
CA LYS O 131 -35.17 3.31 61.77
C LYS O 131 -35.06 4.50 62.72
N PRO O 137 -35.58 8.17 75.43
CA PRO O 137 -36.71 9.08 75.17
C PRO O 137 -36.24 10.43 74.65
N GLU O 138 -34.98 10.79 74.95
CA GLU O 138 -34.42 12.02 74.42
C GLU O 138 -34.29 11.97 72.90
N LYS O 139 -33.94 10.79 72.36
CA LYS O 139 -33.78 10.66 70.92
C LYS O 139 -35.13 10.74 70.20
N LEU O 140 -36.17 10.13 70.78
CA LEU O 140 -37.49 10.19 70.17
C LEU O 140 -38.02 11.62 70.09
N GLU O 141 -37.89 12.36 71.20
CA GLU O 141 -38.39 13.74 71.22
C GLU O 141 -37.61 14.62 70.24
N ARG O 142 -36.28 14.45 70.18
CA ARG O 142 -35.50 15.19 69.20
C ARG O 142 -35.92 14.84 67.78
N ALA O 143 -36.15 13.54 67.53
CA ALA O 143 -36.66 13.14 66.22
C ALA O 143 -38.06 13.65 65.99
N ARG O 144 -38.90 13.66 67.03
CA ARG O 144 -40.23 14.22 66.91
C ARG O 144 -40.15 15.69 66.53
N ASN O 145 -41.11 16.13 65.71
CA ASN O 145 -41.19 17.48 65.16
C ASN O 145 -40.11 17.73 64.11
N THR O 146 -38.89 17.25 64.36
CA THR O 146 -37.86 17.28 63.32
C THR O 146 -38.37 16.61 62.05
N ILE O 147 -38.99 15.44 62.20
CA ILE O 147 -39.64 14.78 61.07
C ILE O 147 -40.84 15.60 60.60
N ARG O 148 -41.69 16.02 61.54
CA ARG O 148 -42.89 16.78 61.20
C ARG O 148 -42.53 18.16 60.65
N LEU O 150 -39.93 18.07 58.44
CA LEU O 150 -39.67 17.68 57.06
C LEU O 150 -40.97 17.30 56.37
N THR O 151 -41.93 16.81 57.16
CA THR O 151 -43.25 16.49 56.62
C THR O 151 -43.95 17.75 56.14
N ALA O 152 -43.76 18.86 56.84
CA ALA O 152 -44.42 20.11 56.47
C ALA O 152 -43.88 20.64 55.15
N GLU O 153 -42.56 20.72 55.00
CA GLU O 153 -42.00 21.19 53.73
C GLU O 153 -42.25 20.19 52.61
N ALA O 154 -42.41 18.91 52.95
CA ALA O 154 -42.78 17.92 51.94
C ALA O 154 -44.20 18.16 51.45
N VAL O 155 -45.14 18.35 52.39
CA VAL O 155 -46.52 18.62 52.00
C VAL O 155 -46.63 19.96 51.31
N ALA O 156 -45.75 20.91 51.63
CA ALA O 156 -45.82 22.24 51.05
C ALA O 156 -45.50 22.21 49.56
N LYS O 157 -44.42 21.53 49.17
CA LYS O 157 -44.04 21.49 47.77
C LYS O 157 -45.08 20.74 46.94
N ALA O 158 -45.64 19.66 47.50
CA ALA O 158 -46.70 18.95 46.79
C ALA O 158 -47.96 19.80 46.68
N GLN O 159 -48.20 20.69 47.64
CA GLN O 159 -49.39 21.53 47.62
C GLN O 159 -49.24 22.73 46.70
N ASP O 160 -48.01 23.20 46.49
CA ASP O 160 -47.79 24.41 45.73
C ASP O 160 -48.43 24.30 44.36
N PRO O 161 -49.28 25.26 43.96
CA PRO O 161 -49.92 25.19 42.64
C PRO O 161 -48.95 25.03 41.47
N THR O 162 -47.64 25.22 41.67
CA THR O 162 -46.67 24.89 40.64
C THR O 162 -46.78 23.40 40.26
N VAL O 163 -47.08 22.55 41.23
CA VAL O 163 -47.31 21.13 40.97
C VAL O 163 -48.70 20.92 40.38
N ALA O 164 -49.72 21.52 40.99
CA ALA O 164 -51.10 21.27 40.60
C ALA O 164 -51.38 21.75 39.18
N GLU O 165 -50.98 22.98 38.85
CA GLU O 165 -51.22 23.50 37.51
C GLU O 165 -50.51 22.66 36.46
N SER O 166 -49.31 22.18 36.77
CA SER O 166 -48.56 21.38 35.80
C SER O 166 -49.22 20.03 35.57
N THR O 167 -49.76 19.41 36.62
CA THR O 167 -50.40 18.11 36.49
C THR O 167 -51.64 18.14 35.63
N ALA O 168 -52.09 19.31 35.20
CA ALA O 168 -53.21 19.44 34.27
C ALA O 168 -52.76 19.39 32.81
N ASP O 169 -51.46 19.21 32.56
CA ASP O 169 -50.93 19.19 31.20
C ASP O 169 -50.59 17.80 30.70
N LEU O 170 -50.33 16.84 31.59
CA LEU O 170 -49.94 15.50 31.18
C LEU O 170 -51.07 14.84 30.39
N THR O 171 -50.68 14.06 29.38
CA THR O 171 -51.62 13.41 28.48
C THR O 171 -51.24 11.93 28.32
N THR O 172 -52.05 11.18 27.58
CA THR O 172 -51.87 9.75 27.42
C THR O 172 -51.58 9.41 25.96
N GLU O 173 -51.07 8.19 25.74
CA GLU O 173 -50.80 7.74 24.38
C GLU O 173 -52.10 7.57 23.59
N GLU O 174 -53.10 6.93 24.20
CA GLU O 174 -54.37 6.71 23.51
C GLU O 174 -55.02 8.04 23.12
N ASP O 175 -54.91 9.05 23.99
CA ASP O 175 -55.51 10.35 23.72
C ASP O 175 -54.87 11.01 22.50
N LEU O 176 -53.53 11.02 22.44
CA LEU O 176 -52.83 11.62 21.31
C LEU O 176 -52.90 10.76 20.04
N GLN O 177 -52.88 9.43 20.17
CA GLN O 177 -52.93 8.57 18.99
C GLN O 177 -54.28 8.70 18.26
N LYS O 178 -55.38 8.84 19.00
CA LYS O 178 -56.67 9.05 18.37
C LYS O 178 -56.70 10.37 17.60
N GLN O 179 -56.01 11.39 18.09
CA GLN O 179 -55.93 12.66 17.37
C GLN O 179 -55.24 12.50 16.03
N ILE O 180 -54.07 11.87 16.02
CA ILE O 180 -53.34 11.63 14.78
C ILE O 180 -54.18 10.79 13.83
N ASN O 181 -54.82 9.75 14.36
CA ASN O 181 -55.66 8.90 13.52
C ASN O 181 -56.88 9.67 12.99
N GLN O 182 -57.46 10.54 13.82
CA GLN O 182 -58.57 11.36 13.35
C GLN O 182 -58.10 12.41 12.35
N ALA O 183 -56.83 12.82 12.44
CA ALA O 183 -56.30 13.80 11.51
C ALA O 183 -55.97 13.20 10.16
N VAL O 184 -55.70 11.90 10.09
CA VAL O 184 -55.30 11.27 8.85
C VAL O 184 -56.32 10.26 8.34
N TYR O 185 -57.13 9.65 9.22
CA TYR O 185 -58.11 8.65 8.82
C TYR O 185 -59.55 9.05 9.08
N SER O 186 -59.80 10.11 9.86
CA SER O 186 -61.14 10.45 10.35
C SER O 186 -61.73 9.32 11.18
N LYS O 187 -60.88 8.67 11.96
CA LYS O 187 -61.29 7.61 12.87
C LYS O 187 -60.36 7.62 14.08
N ASP O 188 -60.87 7.12 15.21
CA ASP O 188 -60.07 7.15 16.44
C ASP O 188 -58.89 6.20 16.36
N THR O 189 -59.06 5.06 15.71
CA THR O 189 -57.99 4.10 15.49
C THR O 189 -57.64 4.06 14.01
N GLU O 190 -56.54 3.37 13.71
CA GLU O 190 -56.04 3.29 12.35
C GLU O 190 -56.69 2.12 11.62
N PRO O 191 -57.35 2.36 10.49
CA PRO O 191 -57.85 1.24 9.67
C PRO O 191 -56.74 0.26 9.34
N ASP O 192 -57.04 -1.02 9.52
CA ASP O 192 -56.03 -2.08 9.40
C ASP O 192 -55.65 -2.29 7.93
N ASP O 193 -54.96 -3.40 7.65
CA ASP O 193 -54.56 -3.70 6.29
C ASP O 193 -55.77 -3.84 5.37
N ASP O 194 -56.82 -4.49 5.87
CA ASP O 194 -58.11 -4.49 5.17
C ASP O 194 -58.92 -3.24 5.47
N PHE O 195 -58.41 -2.37 6.35
CA PHE O 195 -59.12 -1.16 6.76
C PHE O 195 -60.50 -1.50 7.33
N ASN O 196 -61.40 -0.53 7.34
CA ASN O 196 -62.75 -0.74 7.83
C ASN O 196 -63.73 -0.20 6.78
N GLY O 197 -64.97 0.00 7.20
CA GLY O 197 -65.97 0.58 6.32
C GLY O 197 -65.98 2.10 6.38
N TYR O 198 -64.82 2.69 6.63
CA TYR O 198 -64.70 4.14 6.68
C TYR O 198 -64.64 4.78 5.30
N THR O 199 -64.61 3.98 4.24
CA THR O 199 -64.69 4.38 2.83
C THR O 199 -63.68 5.51 2.57
N ALA O 200 -64.00 6.42 1.65
CA ALA O 200 -63.05 7.45 1.27
C ALA O 200 -63.80 8.66 0.74
N PHE O 201 -63.10 9.80 0.75
CA PHE O 201 -63.56 11.05 0.14
C PHE O 201 -64.87 11.54 0.77
N GLU O 202 -65.08 11.19 2.04
CA GLU O 202 -66.25 11.64 2.80
C GLU O 202 -67.55 11.36 2.06
N GLY O 203 -67.58 10.28 1.27
CA GLY O 203 -68.80 9.90 0.60
C GLY O 203 -69.06 10.73 -0.63
N LYS O 204 -68.52 11.95 -0.67
CA LYS O 204 -68.80 12.86 -1.77
C LYS O 204 -67.96 12.55 -3.00
N ALA O 205 -67.60 11.27 -3.15
CA ALA O 205 -66.94 10.79 -4.36
C ALA O 205 -67.86 11.00 -5.56
N SER O 206 -67.51 11.92 -6.47
CA SER O 206 -68.41 12.32 -7.53
C SER O 206 -67.64 12.56 -8.82
N THR O 207 -68.35 12.38 -9.94
CA THR O 207 -67.90 12.74 -11.30
C THR O 207 -66.52 12.11 -11.57
N ASN O 208 -65.53 12.88 -12.00
CA ASN O 208 -64.22 12.38 -12.38
C ASN O 208 -63.19 12.75 -11.33
N ARG O 209 -61.92 12.43 -11.62
CA ARG O 209 -60.85 12.76 -10.69
C ARG O 209 -60.63 14.27 -10.61
N GLN O 210 -60.88 14.99 -11.71
CA GLN O 210 -60.78 16.44 -11.70
C GLN O 210 -61.65 17.06 -10.62
N THR O 211 -62.75 16.39 -10.26
CA THR O 211 -63.73 16.90 -9.30
C THR O 211 -63.37 16.55 -7.86
N ILE O 212 -63.09 15.27 -7.59
CA ILE O 212 -62.94 14.80 -6.21
C ILE O 212 -61.67 15.31 -5.54
N CYS O 213 -60.78 15.99 -6.28
CA CYS O 213 -59.56 16.48 -5.67
C CYS O 213 -59.16 17.84 -6.21
N GLY O 214 -60.14 18.69 -6.52
CA GLY O 214 -59.88 20.08 -6.81
C GLY O 214 -59.18 20.37 -8.12
N SER O 215 -59.15 21.65 -8.49
CA SER O 215 -58.48 22.11 -9.69
C SER O 215 -57.75 23.40 -9.35
N ALA O 216 -57.48 24.22 -10.37
CA ALA O 216 -56.95 25.55 -10.13
C ALA O 216 -58.02 26.51 -9.64
N VAL O 217 -59.30 26.13 -9.68
CA VAL O 217 -60.39 27.02 -9.30
C VAL O 217 -61.30 26.37 -8.26
N ALA O 218 -61.15 25.06 -8.05
CA ALA O 218 -62.04 24.30 -7.18
C ALA O 218 -61.23 23.54 -6.14
N GLY O 219 -61.87 23.27 -5.00
CA GLY O 219 -61.25 22.56 -3.91
C GLY O 219 -61.57 21.07 -3.91
N SER O 220 -60.89 20.36 -3.03
CA SER O 220 -60.99 18.90 -2.96
C SER O 220 -61.93 18.46 -1.85
N LYS O 221 -62.53 17.29 -2.03
CA LYS O 221 -63.26 16.63 -0.95
C LYS O 221 -62.35 15.67 -0.20
N ALA O 222 -61.20 16.17 0.23
CA ALA O 222 -60.23 15.42 1.02
C ALA O 222 -60.00 16.22 2.30
N THR O 223 -60.63 15.79 3.38
CA THR O 223 -60.54 16.46 4.67
C THR O 223 -59.50 15.84 5.60
N ASN O 224 -58.91 14.71 5.21
CA ASN O 224 -57.85 14.10 5.99
C ASN O 224 -56.57 13.89 5.17
N ALA O 225 -55.68 13.04 5.66
CA ALA O 225 -54.38 12.89 5.01
C ALA O 225 -54.35 11.74 4.00
N MET O 226 -55.02 10.63 4.30
CA MET O 226 -54.98 9.47 3.42
C MET O 226 -55.58 9.80 2.06
N ASP O 227 -56.77 10.39 2.05
CA ASP O 227 -57.42 10.72 0.79
C ASP O 227 -56.63 11.76 0.01
N ALA O 228 -56.04 12.72 0.71
CA ALA O 228 -55.12 13.65 0.06
C ALA O 228 -53.89 12.91 -0.47
N LEU O 229 -53.35 11.99 0.32
CA LEU O 229 -52.24 11.15 -0.16
C LEU O 229 -52.67 10.31 -1.35
N PHE O 230 -53.91 9.83 -1.37
CA PHE O 230 -54.37 9.02 -2.48
C PHE O 230 -54.36 9.79 -3.78
N CYS O 231 -54.80 11.05 -3.76
CA CYS O 231 -54.81 11.82 -5.00
C CYS O 231 -53.43 12.28 -5.41
N VAL O 232 -52.47 12.34 -4.48
CA VAL O 232 -51.09 12.62 -4.88
C VAL O 232 -50.42 11.35 -5.38
N CYS O 233 -50.74 10.21 -4.79
CA CYS O 233 -50.13 8.92 -5.13
C CYS O 233 -51.23 7.89 -5.34
N ALA O 234 -51.62 7.67 -6.59
CA ALA O 234 -52.51 6.58 -6.97
C ALA O 234 -52.59 6.52 -8.48
N ASP O 235 -52.50 5.32 -9.02
CA ASP O 235 -52.66 5.09 -10.45
C ASP O 235 -54.10 4.69 -10.74
N ASP O 236 -54.74 5.42 -11.65
CA ASP O 236 -56.08 5.05 -12.08
C ASP O 236 -55.99 4.13 -13.29
N ARG O 237 -56.96 4.22 -14.20
CA ARG O 237 -56.93 3.42 -15.41
C ARG O 237 -56.35 4.16 -16.61
N THR O 238 -56.30 5.49 -16.56
CA THR O 238 -55.80 6.28 -17.69
C THR O 238 -54.36 6.73 -17.51
N ASN O 239 -53.83 6.72 -16.28
CA ASN O 239 -52.47 7.18 -16.03
C ASN O 239 -51.55 6.07 -15.57
N GLY O 240 -52.03 4.82 -15.49
CA GLY O 240 -51.22 3.73 -14.97
C GLY O 240 -49.93 3.50 -15.71
N ALA O 241 -49.83 3.97 -16.95
CA ALA O 241 -48.61 3.80 -17.75
C ALA O 241 -47.65 4.98 -17.66
N ASP O 242 -48.16 6.18 -17.37
CA ASP O 242 -47.34 7.39 -17.42
C ASP O 242 -47.31 8.11 -16.08
N ALA O 243 -48.40 8.77 -15.69
CA ALA O 243 -48.38 9.65 -14.52
C ALA O 243 -48.83 8.96 -13.24
N GLY O 244 -49.40 7.76 -13.33
CA GLY O 244 -49.74 7.04 -12.12
C GLY O 244 -48.54 6.50 -11.36
N LYS O 245 -47.34 6.62 -11.93
CA LYS O 245 -46.11 6.16 -11.28
C LYS O 245 -45.35 7.32 -10.65
N ALA O 246 -46.06 8.35 -10.19
CA ALA O 246 -45.39 9.58 -9.78
C ALA O 246 -44.72 9.43 -8.42
N CYS O 247 -45.18 8.50 -7.60
CA CYS O 247 -44.63 8.28 -6.28
C CYS O 247 -43.85 6.99 -6.15
N VAL O 248 -43.77 6.19 -7.20
CA VAL O 248 -43.09 4.90 -7.13
C VAL O 248 -41.85 4.94 -7.99
N ALA O 249 -41.20 3.78 -8.15
CA ALA O 249 -40.01 3.67 -8.98
C ALA O 249 -40.19 2.58 -10.02
N GLY O 250 -40.03 1.33 -9.60
CA GLY O 250 -40.11 0.21 -10.53
C GLY O 250 -41.52 -0.11 -10.98
N THR O 251 -42.38 -0.48 -10.02
CA THR O 251 -43.72 -0.96 -10.33
C THR O 251 -44.77 0.04 -9.85
N ALA O 252 -45.76 0.29 -10.71
CA ALA O 252 -46.84 1.20 -10.38
C ALA O 252 -47.61 0.68 -9.16
N PRO O 253 -48.27 1.58 -8.42
CA PRO O 253 -49.01 1.12 -7.23
C PRO O 253 -50.05 0.05 -7.51
N GLY O 254 -50.56 -0.04 -8.73
CA GLY O 254 -51.50 -1.09 -9.08
C GLY O 254 -52.86 -0.99 -8.42
N THR O 255 -53.24 0.20 -7.96
CA THR O 255 -54.58 0.37 -7.39
C THR O 255 -55.65 0.05 -8.40
N GLY O 256 -55.46 0.48 -9.65
CA GLY O 256 -56.44 0.26 -10.68
C GLY O 256 -57.76 0.94 -10.36
N TRP O 257 -57.76 2.27 -10.42
CA TRP O 257 -58.94 3.06 -10.07
C TRP O 257 -59.72 3.43 -11.32
N ASN O 258 -61.05 3.49 -11.18
CA ASN O 258 -61.97 3.87 -12.25
C ASN O 258 -62.77 5.07 -11.78
N PRO O 259 -62.17 6.27 -11.79
CA PRO O 259 -62.89 7.44 -11.25
C PRO O 259 -64.14 7.80 -12.03
N GLY O 260 -64.17 7.54 -13.34
CA GLY O 260 -65.32 7.92 -14.13
C GLY O 260 -66.59 7.17 -13.74
N VAL O 261 -66.48 5.87 -13.51
CA VAL O 261 -67.64 5.03 -13.20
C VAL O 261 -67.86 4.98 -11.70
N THR O 262 -66.87 4.46 -10.96
CA THR O 262 -66.97 4.31 -9.51
C THR O 262 -66.03 5.34 -8.89
N ALA O 263 -66.58 6.50 -8.52
CA ALA O 263 -65.77 7.60 -8.01
C ALA O 263 -65.18 7.33 -6.63
N THR O 264 -65.48 6.19 -6.01
CA THR O 264 -64.96 5.89 -4.69
C THR O 264 -64.02 4.69 -4.72
N PRO O 265 -62.88 4.77 -4.04
CA PRO O 265 -61.96 3.63 -3.98
C PRO O 265 -62.27 2.69 -2.82
N THR O 266 -61.69 1.50 -2.89
CA THR O 266 -61.88 0.47 -1.88
C THR O 266 -60.63 0.34 -1.02
N GLY O 267 -60.77 -0.42 0.08
CA GLY O 267 -59.66 -0.65 0.98
C GLY O 267 -58.51 -1.42 0.35
N THR O 268 -58.78 -2.20 -0.69
CA THR O 268 -57.75 -2.93 -1.41
C THR O 268 -56.96 -2.05 -2.36
N MET O 269 -57.15 -0.73 -2.30
CA MET O 269 -56.43 0.24 -3.10
C MET O 269 -55.70 1.27 -2.24
N LEU O 270 -56.39 1.83 -1.24
CA LEU O 270 -55.70 2.70 -0.28
C LEU O 270 -54.54 1.97 0.41
N GLN O 271 -54.66 0.65 0.58
CA GLN O 271 -53.57 -0.13 1.15
C GLN O 271 -52.42 -0.26 0.16
N LYS O 272 -52.73 -0.30 -1.14
CA LYS O 272 -51.67 -0.23 -2.14
C LYS O 272 -50.95 1.11 -2.10
N VAL O 273 -51.54 2.11 -1.45
CA VAL O 273 -50.94 3.43 -1.32
C VAL O 273 -50.22 3.59 0.01
N ARG O 274 -50.82 3.10 1.10
CA ARG O 274 -50.21 3.22 2.42
C ARG O 274 -48.89 2.47 2.50
N LYS O 275 -48.73 1.40 1.72
CA LYS O 275 -47.53 0.58 1.81
C LYS O 275 -46.28 1.36 1.38
N LEU O 276 -46.45 2.50 0.73
CA LEU O 276 -45.32 3.36 0.43
C LEU O 276 -44.78 4.04 1.67
N CYS O 277 -45.61 4.19 2.70
CA CYS O 277 -45.21 4.83 3.94
C CYS O 277 -44.75 3.78 4.95
N ASN O 278 -43.93 4.22 5.90
CA ASN O 278 -43.28 3.33 6.87
C ASN O 278 -44.23 3.08 8.03
N THR O 279 -44.84 1.90 8.05
CA THR O 279 -45.73 1.49 9.13
C THR O 279 -45.12 0.37 9.97
N HIS O 280 -43.82 0.11 9.84
CA HIS O 280 -43.18 -1.02 10.50
C HIS O 280 -42.20 -0.58 11.59
N GLY O 281 -42.29 0.67 12.04
CA GLY O 281 -41.40 1.17 13.05
C GLY O 281 -42.09 2.20 13.92
N LYS O 282 -41.34 2.71 14.89
CA LYS O 282 -41.84 3.67 15.86
C LYS O 282 -41.21 5.03 15.64
N THR O 283 -41.88 6.06 16.14
CA THR O 283 -41.35 7.41 16.18
C THR O 283 -41.65 7.99 17.56
N THR O 284 -40.68 8.72 18.11
CA THR O 284 -40.83 9.32 19.43
C THR O 284 -41.53 10.68 19.29
N LEU O 285 -42.69 10.82 19.92
CA LEU O 285 -43.45 12.06 19.85
C LEU O 285 -42.70 13.17 20.56
N SER O 286 -42.37 14.23 19.82
CA SER O 286 -41.61 15.36 20.36
C SER O 286 -41.86 16.57 19.47
N ALA O 287 -42.26 17.68 20.07
CA ALA O 287 -42.70 18.91 19.39
C ALA O 287 -41.92 19.20 18.12
N ALA O 288 -40.59 19.00 18.16
CA ALA O 288 -39.77 19.28 17.00
C ALA O 288 -40.15 18.40 15.80
N ALA O 289 -40.53 17.15 16.06
CA ALA O 289 -40.82 16.23 14.97
C ALA O 289 -42.12 16.60 14.27
N ILE O 290 -43.13 17.05 15.02
CA ILE O 290 -44.43 17.30 14.42
C ILE O 290 -44.43 18.60 13.61
N GLU O 291 -43.75 19.64 14.11
CA GLU O 291 -43.70 20.89 13.36
C GLU O 291 -42.88 20.73 12.08
N GLY O 292 -41.83 19.91 12.12
CA GLY O 292 -41.08 19.65 10.90
C GLY O 292 -41.89 18.90 9.87
N ARG O 293 -42.65 17.90 10.31
CA ARG O 293 -43.49 17.15 9.39
C ARG O 293 -44.65 18.01 8.88
N LEU O 294 -45.19 18.89 9.74
CA LEU O 294 -46.27 19.76 9.31
C LEU O 294 -45.78 20.80 8.31
N THR O 295 -44.71 21.52 8.65
CA THR O 295 -44.20 22.56 7.76
C THR O 295 -43.60 21.99 6.48
N ALA O 296 -43.15 20.73 6.50
CA ALA O 296 -42.72 20.08 5.27
C ALA O 296 -43.87 19.98 4.27
N VAL O 297 -45.05 19.59 4.75
CA VAL O 297 -46.25 19.63 3.91
C VAL O 297 -46.65 21.07 3.63
N GLY O 298 -46.56 21.94 4.63
CA GLY O 298 -46.98 23.32 4.45
C GLY O 298 -46.18 24.08 3.41
N ASN O 299 -44.85 23.95 3.45
CA ASN O 299 -44.00 24.69 2.52
C ASN O 299 -44.11 24.18 1.08
N LEU O 300 -44.71 23.00 0.88
CA LEU O 300 -44.88 22.44 -0.46
C LEU O 300 -46.15 22.92 -1.15
N LEU O 301 -46.98 23.72 -0.47
CA LEU O 301 -48.22 24.21 -1.05
C LEU O 301 -47.94 25.36 -2.01
N THR O 302 -48.16 25.13 -3.30
CA THR O 302 -48.04 26.17 -4.31
C THR O 302 -49.32 27.01 -4.29
N ARG O 303 -49.20 28.27 -3.88
CA ARG O 303 -50.36 29.13 -3.66
C ARG O 303 -50.76 29.79 -4.96
N GLY O 304 -51.92 29.39 -5.50
CA GLY O 304 -52.47 30.03 -6.67
C GLY O 304 -53.44 31.14 -6.31
N SER O 305 -54.05 31.72 -7.34
CA SER O 305 -54.94 32.87 -7.14
C SER O 305 -56.17 32.51 -6.32
N ALA O 306 -56.63 31.27 -6.42
CA ALA O 306 -57.80 30.82 -5.68
C ALA O 306 -57.63 29.47 -5.00
N THR O 307 -56.57 28.72 -5.31
CA THR O 307 -56.34 27.42 -4.70
C THR O 307 -54.85 27.19 -4.51
N SER O 308 -54.52 26.43 -3.47
CA SER O 308 -53.15 25.97 -3.23
C SER O 308 -53.09 24.48 -3.54
N ILE O 309 -52.11 24.09 -4.34
CA ILE O 309 -52.02 22.76 -4.91
C ILE O 309 -50.84 22.03 -4.30
N LEU O 310 -51.06 20.80 -3.85
CA LEU O 310 -50.02 19.94 -3.30
C LEU O 310 -49.83 18.76 -4.24
N GLY O 311 -48.66 18.70 -4.87
CA GLY O 311 -48.36 17.71 -5.89
C GLY O 311 -47.99 18.37 -7.20
N SER O 312 -47.42 17.56 -8.09
CA SER O 312 -47.06 18.06 -9.41
C SER O 312 -48.30 18.49 -10.18
N PHE O 313 -48.36 19.76 -10.55
CA PHE O 313 -49.49 20.33 -11.28
C PHE O 313 -48.97 20.95 -12.56
N LEU O 314 -49.63 20.64 -13.67
CA LEU O 314 -49.22 21.17 -14.97
C LEU O 314 -50.27 22.05 -15.62
N ALA O 315 -51.56 21.71 -15.48
CA ALA O 315 -52.60 22.49 -16.15
C ALA O 315 -53.97 22.20 -15.52
N THR O 316 -54.75 23.27 -15.35
CA THR O 316 -56.19 23.21 -15.12
C THR O 316 -56.58 22.51 -13.82
N ASP O 317 -56.39 21.19 -13.73
CA ASP O 317 -57.02 20.40 -12.68
C ASP O 317 -56.07 19.30 -12.20
N CYS O 318 -56.44 18.68 -11.09
CA CYS O 318 -55.75 17.51 -10.56
C CYS O 318 -56.48 16.24 -10.99
N SER O 319 -56.36 15.94 -12.28
CA SER O 319 -57.08 14.81 -12.87
C SER O 319 -56.25 13.53 -12.88
N GLY O 320 -54.92 13.65 -12.91
CA GLY O 320 -54.05 12.51 -13.13
C GLY O 320 -53.53 12.40 -14.54
N ASP O 321 -54.13 13.11 -15.49
CA ASP O 321 -53.58 13.18 -16.84
C ASP O 321 -52.18 13.78 -16.78
N GLN O 322 -51.27 13.22 -17.57
CA GLN O 322 -49.86 13.59 -17.46
C GLN O 322 -49.59 15.03 -17.85
N GLY O 323 -50.51 15.70 -18.52
CA GLY O 323 -50.40 17.13 -18.79
C GLY O 323 -51.25 18.01 -17.91
N SER O 324 -51.89 17.46 -16.88
CA SER O 324 -52.81 18.20 -16.03
C SER O 324 -52.31 18.30 -14.59
N GLY O 325 -52.19 17.19 -13.87
CA GLY O 325 -51.67 17.26 -12.52
C GLY O 325 -51.99 16.06 -11.65
N MET O 326 -50.98 15.56 -10.94
CA MET O 326 -51.15 14.52 -9.92
C MET O 326 -51.05 15.23 -8.58
N CYS O 327 -52.19 15.60 -7.99
CA CYS O 327 -52.16 16.52 -6.87
C CYS O 327 -53.48 16.49 -6.12
N VAL O 328 -53.49 17.21 -5.00
CA VAL O 328 -54.70 17.52 -4.25
C VAL O 328 -54.73 19.03 -4.03
N ALA O 329 -55.93 19.62 -4.11
CA ALA O 329 -56.08 21.07 -4.11
C ALA O 329 -56.95 21.54 -2.95
N TYR O 330 -56.58 22.69 -2.40
CA TYR O 330 -57.31 23.30 -1.29
C TYR O 330 -57.70 24.72 -1.67
N THR O 331 -58.91 25.12 -1.26
CA THR O 331 -59.32 26.52 -1.33
C THR O 331 -59.12 27.26 -0.01
N GLU O 332 -58.71 26.55 1.05
CA GLU O 332 -58.63 27.15 2.38
C GLU O 332 -57.48 28.15 2.47
N VAL O 333 -56.34 27.83 1.86
CA VAL O 333 -55.20 28.74 1.86
C VAL O 333 -54.92 29.17 0.43
N THR O 334 -54.41 30.38 0.29
CA THR O 334 -54.29 31.05 -1.00
C THR O 334 -53.09 31.99 -0.94
N ASP O 335 -52.70 32.53 -2.11
CA ASP O 335 -51.56 33.42 -2.23
C ASP O 335 -51.89 34.75 -1.56
N ALA O 336 -53.10 34.89 -1.05
CA ALA O 336 -53.49 36.10 -0.34
C ALA O 336 -54.02 35.86 1.05
N LYS O 337 -54.19 34.62 1.49
CA LYS O 337 -54.81 34.35 2.78
C LYS O 337 -54.45 32.94 3.22
N GLY O 338 -54.50 32.72 4.53
CA GLY O 338 -54.50 31.38 5.08
C GLY O 338 -53.15 30.82 5.50
N THR O 339 -53.11 30.22 6.70
CA THR O 339 -51.97 29.45 7.16
C THR O 339 -52.41 28.00 7.33
N PRO O 340 -51.78 27.06 6.62
CA PRO O 340 -52.26 25.67 6.64
C PRO O 340 -52.38 25.07 8.03
N THR O 341 -51.49 25.41 8.96
CA THR O 341 -51.56 24.86 10.31
C THR O 341 -52.72 25.43 11.12
N LYS O 342 -53.53 26.32 10.53
CA LYS O 342 -54.69 26.89 11.19
C LYS O 342 -55.94 26.92 10.33
N ASP O 343 -55.82 26.93 9.00
CA ASP O 343 -56.97 27.07 8.12
C ASP O 343 -57.26 25.81 7.30
N ILE O 344 -56.43 24.78 7.38
CA ILE O 344 -56.65 23.50 6.72
C ILE O 344 -57.04 22.48 7.80
N PRO O 345 -58.21 21.84 7.70
CA PRO O 345 -58.77 21.10 8.83
C PRO O 345 -57.84 20.07 9.46
N TRP O 346 -57.39 19.08 8.68
CA TRP O 346 -56.63 17.98 9.24
C TRP O 346 -55.26 18.45 9.76
N MET O 347 -54.76 19.57 9.26
CA MET O 347 -53.47 20.05 9.73
C MET O 347 -53.58 20.76 11.07
N GLN O 348 -54.72 21.39 11.36
CA GLN O 348 -54.94 21.92 12.69
C GLN O 348 -54.98 20.81 13.73
N LYS O 349 -55.61 19.68 13.37
CA LYS O 349 -55.72 18.57 14.30
C LYS O 349 -54.35 17.97 14.63
N LEU O 350 -53.49 17.82 13.62
CA LEU O 350 -52.13 17.38 13.87
C LEU O 350 -51.32 18.46 14.60
N ASP O 351 -51.57 19.72 14.26
CA ASP O 351 -50.95 20.82 14.99
C ASP O 351 -51.37 20.82 16.45
N SER O 352 -52.64 20.44 16.71
CA SER O 352 -53.11 20.32 18.08
C SER O 352 -52.19 19.41 18.89
N VAL O 353 -51.87 18.23 18.35
CA VAL O 353 -51.00 17.29 19.04
C VAL O 353 -49.73 17.97 19.53
N ARG O 354 -49.21 18.93 18.77
CA ARG O 354 -47.99 19.64 19.19
C ARG O 354 -48.29 20.63 20.31
N ILE O 355 -49.30 21.47 20.12
CA ILE O 355 -49.65 22.42 21.19
C ILE O 355 -50.13 21.67 22.42
N LYS O 356 -50.70 20.47 22.23
CA LYS O 356 -50.98 19.62 23.39
C LYS O 356 -49.70 19.06 23.97
N LEU O 357 -48.77 18.62 23.11
CA LEU O 357 -47.46 18.19 23.60
C LEU O 357 -46.73 19.35 24.28
N GLN O 358 -46.82 20.55 23.70
CA GLN O 358 -46.07 21.69 24.20
C GLN O 358 -46.29 21.90 25.70
N LYS O 359 -47.54 21.82 26.14
CA LYS O 359 -47.83 21.88 27.58
C LYS O 359 -47.27 20.64 28.28
N HIS O 360 -47.50 19.46 27.70
CA HIS O 360 -47.08 18.21 28.32
C HIS O 360 -45.57 18.19 28.56
N GLU O 361 -44.79 18.69 27.61
CA GLU O 361 -43.34 18.75 27.79
C GLU O 361 -42.98 19.64 28.98
N ARG O 362 -43.39 20.90 28.94
CA ARG O 362 -43.14 21.83 30.04
C ARG O 362 -44.06 21.51 31.22
N ALA O 363 -44.03 20.26 31.66
CA ALA O 363 -44.82 19.80 32.80
C ALA O 363 -44.06 18.69 33.51
N VAL O 364 -43.53 17.74 32.73
CA VAL O 364 -42.73 16.68 33.32
C VAL O 364 -41.44 17.25 33.90
N GLU O 365 -40.92 18.34 33.33
CA GLU O 365 -39.76 18.99 33.91
C GLU O 365 -40.12 19.72 35.19
N LYS O 366 -41.37 20.18 35.30
CA LYS O 366 -41.81 20.85 36.52
C LYS O 366 -42.03 19.85 37.65
N LEU O 367 -42.86 18.84 37.40
CA LEU O 367 -43.17 17.85 38.43
C LEU O 367 -41.95 17.04 38.85
N GLY O 368 -40.87 17.08 38.06
CA GLY O 368 -39.66 16.38 38.43
C GLY O 368 -38.87 17.05 39.54
N LYS O 369 -39.10 18.34 39.77
CA LYS O 369 -38.38 19.03 40.84
C LYS O 369 -38.88 18.59 42.22
N PRO O 370 -40.18 18.63 42.52
CA PRO O 370 -40.63 18.02 43.79
C PRO O 370 -40.41 16.53 43.83
N GLN O 371 -40.30 15.87 42.67
CA GLN O 371 -39.91 14.46 42.65
C GLN O 371 -38.55 14.26 43.30
N HIS O 372 -37.59 15.14 43.00
CA HIS O 372 -36.28 15.04 43.62
C HIS O 372 -36.28 15.54 45.06
N ASP O 373 -37.03 16.62 45.32
CA ASP O 373 -37.09 17.17 46.68
C ASP O 373 -37.77 16.21 47.64
N LEU O 374 -38.98 15.76 47.31
CA LEU O 374 -39.68 14.83 48.19
C LEU O 374 -39.01 13.47 48.26
N LYS O 375 -38.01 13.20 47.42
CA LYS O 375 -37.23 11.98 47.52
C LYS O 375 -35.97 12.17 48.34
N THR O 376 -35.36 13.35 48.30
CA THR O 376 -34.15 13.60 49.06
C THR O 376 -34.41 13.62 50.56
N ILE O 377 -35.65 13.90 50.98
CA ILE O 377 -35.94 13.96 52.41
C ILE O 377 -35.96 12.55 53.02
N LEU O 378 -36.39 11.55 52.25
CA LEU O 378 -36.52 10.20 52.78
C LEU O 378 -35.17 9.65 53.22
N THR O 379 -34.16 9.76 52.36
CA THR O 379 -32.84 9.24 52.71
C THR O 379 -32.23 10.02 53.87
N LEU O 380 -32.40 11.34 53.87
CA LEU O 380 -31.86 12.15 54.96
C LEU O 380 -32.59 11.89 56.27
N ALA O 381 -33.93 11.80 56.22
CA ALA O 381 -34.69 11.55 57.44
C ALA O 381 -34.37 10.19 58.03
N LYS O 382 -33.95 9.24 57.20
CA LYS O 382 -33.58 7.91 57.66
C LYS O 382 -32.17 7.83 58.23
N ASP O 383 -31.57 8.97 58.56
CA ASP O 383 -30.22 9.00 59.12
C ASP O 383 -30.27 9.54 60.55
N PRO O 384 -30.00 8.72 61.56
CA PRO O 384 -30.07 9.21 62.95
C PRO O 384 -29.07 10.30 63.26
N ALA O 385 -27.97 10.39 62.51
CA ALA O 385 -27.04 11.50 62.66
C ALA O 385 -27.62 12.81 62.14
N TYR O 386 -28.74 12.76 61.42
CA TYR O 386 -29.39 13.96 60.93
C TYR O 386 -30.67 14.24 61.72
N ASN P 24 -17.85 -27.22 -31.20
CA ASN P 24 -17.04 -26.32 -30.40
C ASN P 24 -17.16 -26.65 -28.92
N ILE P 25 -16.28 -26.06 -28.11
CA ILE P 25 -16.23 -26.33 -26.67
C ILE P 25 -17.41 -25.65 -26.00
N GLY P 26 -18.30 -26.45 -25.41
CA GLY P 26 -19.49 -25.91 -24.78
C GLY P 26 -19.75 -26.45 -23.38
N THR P 27 -21.02 -26.38 -22.96
CA THR P 27 -21.39 -26.78 -21.61
C THR P 27 -21.08 -28.25 -21.37
N GLY P 28 -20.34 -28.52 -20.29
CA GLY P 28 -20.09 -29.87 -19.84
C GLY P 28 -18.95 -30.58 -20.54
N ASP P 29 -18.27 -29.93 -21.48
CA ASP P 29 -17.20 -30.60 -22.20
C ASP P 29 -15.93 -30.80 -21.39
N ASN P 30 -15.88 -30.26 -20.16
CA ASN P 30 -14.72 -30.42 -19.30
C ASN P 30 -15.08 -31.10 -17.97
N VAL P 31 -16.28 -31.68 -17.87
CA VAL P 31 -16.71 -32.33 -16.62
C VAL P 31 -15.72 -33.40 -16.21
N LEU P 32 -15.21 -34.17 -17.19
CA LEU P 32 -14.18 -35.16 -16.89
C LEU P 32 -12.96 -34.52 -16.24
N HIS P 33 -12.50 -33.40 -16.80
CA HIS P 33 -11.33 -32.73 -16.23
C HIS P 33 -11.63 -32.11 -14.87
N ARG P 34 -12.86 -31.64 -14.68
CA ARG P 34 -13.24 -31.05 -13.39
C ARG P 34 -13.24 -32.09 -12.28
N ALA P 35 -13.82 -33.27 -12.55
CA ALA P 35 -13.82 -34.33 -11.55
C ALA P 35 -12.40 -34.78 -11.22
N ALA P 36 -11.50 -34.72 -12.19
CA ALA P 36 -10.11 -35.10 -11.94
C ALA P 36 -9.42 -34.11 -11.02
N LEU P 37 -9.55 -32.82 -11.31
CA LEU P 37 -8.87 -31.81 -10.51
C LEU P 37 -9.55 -31.60 -9.17
N CYS P 38 -10.88 -31.75 -9.11
CA CYS P 38 -11.58 -31.59 -7.84
C CYS P 38 -11.25 -32.72 -6.88
N GLY P 39 -10.93 -33.91 -7.39
CA GLY P 39 -10.44 -34.98 -6.54
C GLY P 39 -9.12 -34.65 -5.87
N ILE P 40 -8.36 -33.71 -6.41
CA ILE P 40 -7.17 -33.21 -5.74
C ILE P 40 -7.54 -32.16 -4.71
N ILE P 41 -8.53 -31.32 -5.01
CA ILE P 41 -8.84 -30.18 -4.15
C ILE P 41 -9.45 -30.62 -2.84
N GLU P 42 -10.26 -31.68 -2.87
CA GLU P 42 -10.96 -32.11 -1.66
C GLU P 42 -10.00 -32.61 -0.58
N LEU P 43 -8.77 -32.96 -0.95
CA LEU P 43 -7.78 -33.44 0.02
C LEU P 43 -7.15 -32.33 0.84
N ALA P 44 -7.36 -31.07 0.47
CA ALA P 44 -6.65 -29.95 1.08
C ALA P 44 -7.26 -29.61 2.44
N GLY P 45 -6.80 -28.50 3.03
CA GLY P 45 -7.32 -28.08 4.32
C GLY P 45 -7.00 -29.08 5.40
N LYS P 46 -7.99 -29.36 6.24
CA LYS P 46 -7.92 -30.39 7.27
C LYS P 46 -8.95 -31.48 7.00
N ARG P 47 -9.07 -31.88 5.74
CA ARG P 47 -10.06 -32.88 5.34
C ARG P 47 -9.46 -34.26 5.10
N ALA P 48 -8.16 -34.34 4.81
CA ALA P 48 -7.49 -35.62 4.65
C ALA P 48 -7.04 -36.11 6.02
N LYS P 49 -7.53 -37.28 6.42
CA LYS P 49 -7.38 -37.76 7.79
C LYS P 49 -6.60 -39.06 7.83
N LEU P 50 -5.59 -39.11 8.71
CA LEU P 50 -4.87 -40.35 9.01
C LEU P 50 -5.58 -41.02 10.19
N GLU P 51 -6.65 -41.74 9.88
CA GLU P 51 -7.47 -42.39 10.90
C GLU P 51 -7.06 -43.84 11.15
N THR P 52 -5.78 -44.14 11.06
CA THR P 52 -5.31 -45.47 11.39
C THR P 52 -5.08 -45.58 12.90
N ALA P 53 -5.10 -46.82 13.39
CA ALA P 53 -4.79 -47.07 14.80
C ALA P 53 -3.35 -46.67 15.07
N LEU P 54 -3.14 -45.45 15.52
CA LEU P 54 -1.82 -44.90 15.75
C LEU P 54 -1.04 -45.78 16.73
N PRO P 55 0.11 -46.36 16.33
CA PRO P 55 0.88 -47.33 17.11
C PRO P 55 1.25 -46.85 18.51
N GLN P 58 5.49 -48.06 21.26
CA GLN P 58 6.60 -47.61 22.10
C GLN P 58 6.07 -47.20 23.48
N ASN P 59 4.75 -47.17 23.61
CA ASN P 59 4.15 -46.73 24.87
C ASN P 59 4.18 -47.83 25.92
N GLU P 60 3.91 -49.06 25.52
CA GLU P 60 3.85 -50.18 26.46
C GLU P 60 5.25 -50.70 26.77
N ASN P 62 7.94 -48.72 27.52
CA ASN P 62 8.12 -47.66 28.50
C ASN P 62 7.35 -47.96 29.79
N SER P 63 6.14 -48.52 29.64
CA SER P 63 5.38 -48.93 30.82
C SER P 63 5.94 -50.19 31.43
N ILE P 64 6.75 -50.95 30.70
CA ILE P 64 7.49 -52.08 31.28
C ILE P 64 8.77 -51.60 31.97
N LEU P 65 9.33 -50.46 31.54
CA LEU P 65 10.47 -49.88 32.24
C LEU P 65 10.13 -49.51 33.67
N GLU P 66 8.85 -49.28 33.98
CA GLU P 66 8.39 -49.08 35.34
C GLU P 66 8.13 -50.38 36.09
N LEU P 67 8.73 -51.47 35.64
CA LEU P 67 8.60 -52.77 36.28
C LEU P 67 9.94 -53.45 36.53
N ASN P 68 10.87 -53.36 35.58
CA ASN P 68 12.20 -53.94 35.77
C ASN P 68 13.06 -53.13 36.72
N MET P 69 12.62 -51.94 37.11
CA MET P 69 13.30 -51.15 38.13
C MET P 69 12.69 -51.34 39.52
N THR P 70 11.37 -51.33 39.63
CA THR P 70 10.71 -51.55 40.92
C THR P 70 10.48 -53.04 41.18
N VAL P 163 11.94 -53.35 13.29
CA VAL P 163 11.19 -52.45 14.15
C VAL P 163 11.93 -51.11 14.28
N ALA P 164 13.26 -51.17 14.25
CA ALA P 164 14.06 -49.96 14.39
C ALA P 164 13.68 -48.92 13.34
N GLU P 165 13.71 -49.31 12.06
CA GLU P 165 13.31 -48.41 10.99
C GLU P 165 11.79 -48.29 10.89
N SER P 166 11.05 -49.25 11.44
CA SER P 166 9.58 -49.18 11.38
C SER P 166 9.06 -48.00 12.18
N THR P 167 9.64 -47.74 13.35
CA THR P 167 9.18 -46.62 14.17
C THR P 167 9.55 -45.28 13.54
N ALA P 168 10.66 -45.23 12.80
CA ALA P 168 11.08 -43.97 12.19
C ALA P 168 10.14 -43.55 11.06
N ASP P 169 9.64 -44.52 10.28
CA ASP P 169 8.80 -44.22 9.12
C ASP P 169 7.43 -43.68 9.50
N LEU P 170 7.08 -43.66 10.79
CA LEU P 170 5.80 -43.12 11.21
C LEU P 170 5.71 -41.64 10.88
N THR P 171 4.61 -41.24 10.25
CA THR P 171 4.35 -39.85 9.92
C THR P 171 3.10 -39.39 10.64
N THR P 172 3.04 -38.08 10.91
CA THR P 172 1.89 -37.49 11.56
C THR P 172 0.90 -36.99 10.52
N GLU P 173 -0.38 -36.99 10.91
CA GLU P 173 -1.44 -36.51 10.02
C GLU P 173 -1.20 -35.05 9.65
N GLU P 174 -0.99 -34.19 10.65
CA GLU P 174 -0.85 -32.76 10.39
C GLU P 174 0.30 -32.48 9.42
N ASP P 175 1.41 -33.20 9.56
CA ASP P 175 2.51 -33.04 8.61
C ASP P 175 2.07 -33.42 7.20
N LEU P 176 1.23 -34.44 7.08
CA LEU P 176 0.70 -34.80 5.77
C LEU P 176 -0.38 -33.82 5.33
N GLN P 177 -1.13 -33.25 6.27
CA GLN P 177 -2.17 -32.29 5.91
C GLN P 177 -1.61 -31.06 5.23
N LYS P 178 -0.29 -30.93 5.18
CA LYS P 178 0.37 -29.86 4.41
C LYS P 178 0.37 -30.27 2.94
N ILE P 180 -0.72 -30.91 2.50
CA ILE P 180 -0.97 -31.13 1.09
C ILE P 180 -1.20 -29.81 0.39
N ASN P 181 -1.67 -28.79 1.11
CA ASN P 181 -2.00 -27.50 0.54
C ASN P 181 -0.83 -26.85 -0.21
N GLN P 182 0.41 -27.28 0.08
CA GLN P 182 1.54 -26.81 -0.73
C GLN P 182 1.36 -27.19 -2.18
N ALA P 183 0.80 -28.37 -2.45
CA ALA P 183 0.53 -28.79 -3.81
C ALA P 183 -0.73 -28.15 -4.37
N VAL P 184 -1.72 -27.89 -3.54
CA VAL P 184 -2.97 -27.29 -4.00
C VAL P 184 -2.89 -25.77 -4.06
N TYR P 185 -2.26 -25.14 -3.07
CA TYR P 185 -2.31 -23.70 -2.91
C TYR P 185 -0.96 -23.01 -2.81
N SER P 186 0.15 -23.75 -2.76
CA SER P 186 1.47 -23.19 -2.45
C SER P 186 1.46 -22.51 -1.09
N LYS P 187 0.69 -23.04 -0.15
CA LYS P 187 0.61 -22.55 1.21
C LYS P 187 0.62 -23.74 2.16
N ASP P 188 1.05 -23.50 3.40
CA ASP P 188 0.99 -24.56 4.41
C ASP P 188 -0.45 -24.95 4.73
N THR P 189 -1.32 -23.95 4.89
CA THR P 189 -2.72 -24.18 5.22
C THR P 189 -3.62 -23.61 4.13
N GLU P 190 -4.85 -24.11 4.09
CA GLU P 190 -5.78 -23.75 3.02
C GLU P 190 -6.27 -22.32 3.20
N PRO P 191 -6.30 -21.52 2.13
CA PRO P 191 -6.79 -20.14 2.25
C PRO P 191 -8.29 -20.10 2.54
N ASP P 192 -8.71 -18.97 3.09
CA ASP P 192 -10.13 -18.75 3.38
C ASP P 192 -10.90 -18.46 2.08
N ASP P 193 -12.20 -18.21 2.23
CA ASP P 193 -13.05 -18.00 1.06
C ASP P 193 -12.84 -16.64 0.41
N ASP P 194 -12.26 -15.69 1.11
CA ASP P 194 -11.77 -14.47 0.47
C ASP P 194 -10.36 -14.65 -0.08
N PHE P 195 -9.77 -15.83 0.11
CA PHE P 195 -8.43 -16.16 -0.38
C PHE P 195 -7.38 -15.17 0.13
N ASN P 196 -7.44 -14.86 1.42
CA ASN P 196 -6.44 -13.97 2.02
C ASN P 196 -5.06 -14.60 1.97
N GLY P 197 -4.05 -13.80 1.67
CA GLY P 197 -2.68 -14.30 1.66
C GLY P 197 -2.33 -14.93 0.33
N TYR P 198 -3.34 -15.33 -0.43
CA TYR P 198 -3.13 -16.03 -1.68
C TYR P 198 -3.02 -15.06 -2.84
N THR P 199 -2.22 -15.44 -3.84
CA THR P 199 -2.09 -14.67 -5.07
C THR P 199 -2.04 -15.64 -6.24
N ALA P 200 -3.03 -15.57 -7.12
CA ALA P 200 -3.14 -16.53 -8.22
C ALA P 200 -1.99 -16.36 -9.21
N PHE P 201 -1.51 -17.48 -9.75
CA PHE P 201 -0.44 -17.52 -10.73
C PHE P 201 0.84 -16.85 -10.24
N GLU P 202 0.99 -16.72 -8.92
CA GLU P 202 2.15 -16.08 -8.30
C GLU P 202 2.36 -14.67 -8.86
N GLY P 203 1.27 -13.99 -9.23
CA GLY P 203 1.32 -12.64 -9.74
C GLY P 203 1.84 -12.51 -11.16
N LYS P 204 2.36 -13.57 -11.75
CA LYS P 204 2.92 -13.53 -13.09
C LYS P 204 1.86 -13.53 -14.18
N ALA P 205 0.57 -13.50 -13.82
CA ALA P 205 -0.49 -13.40 -14.81
C ALA P 205 -0.30 -12.13 -15.64
N SER P 206 -0.42 -12.25 -16.96
CA SER P 206 -0.07 -11.16 -17.85
C SER P 206 -0.86 -11.25 -19.15
N THR P 207 -1.04 -10.09 -19.78
CA THR P 207 -1.63 -9.97 -21.11
C THR P 207 -3.03 -10.58 -21.17
N ASN P 208 -3.15 -11.74 -21.83
CA ASN P 208 -4.45 -12.36 -22.06
C ASN P 208 -4.52 -13.72 -21.36
N ARG P 209 -5.62 -14.43 -21.60
CA ARG P 209 -5.85 -15.70 -20.92
C ARG P 209 -4.88 -16.77 -21.41
N GLN P 210 -4.60 -16.82 -22.71
CA GLN P 210 -3.69 -17.84 -23.22
C GLN P 210 -2.27 -17.65 -22.68
N THR P 211 -1.83 -16.39 -22.49
CA THR P 211 -0.56 -16.17 -21.82
C THR P 211 -0.57 -16.74 -20.41
N ILE P 212 -1.72 -16.63 -19.73
CA ILE P 212 -1.83 -17.16 -18.37
C ILE P 212 -1.97 -18.68 -18.38
N CYS P 213 -2.83 -19.22 -19.25
CA CYS P 213 -3.19 -20.63 -19.19
C CYS P 213 -2.31 -21.54 -20.03
N GLY P 214 -1.55 -20.99 -20.98
CA GLY P 214 -0.64 -21.79 -21.76
C GLY P 214 -1.21 -22.15 -23.13
N SER P 215 -0.31 -22.54 -24.03
CA SER P 215 -0.71 -22.90 -25.38
C SER P 215 -0.08 -24.22 -25.80
N ALA P 216 -0.13 -24.53 -27.10
CA ALA P 216 0.54 -25.71 -27.62
C ALA P 216 2.04 -25.51 -27.78
N VAL P 217 2.53 -24.29 -27.64
CA VAL P 217 3.95 -23.98 -27.79
C VAL P 217 4.54 -23.28 -26.57
N ALA P 218 3.75 -23.05 -25.52
CA ALA P 218 4.23 -22.35 -24.34
C ALA P 218 3.45 -22.80 -23.12
N GLY P 219 4.11 -22.77 -21.96
CA GLY P 219 3.51 -23.21 -20.72
C GLY P 219 2.66 -22.16 -20.06
N SER P 220 2.07 -22.52 -18.93
CA SER P 220 1.18 -21.66 -18.18
C SER P 220 1.91 -21.03 -16.99
N LYS P 221 1.22 -20.08 -16.36
CA LYS P 221 1.70 -19.46 -15.13
C LYS P 221 1.14 -20.13 -13.88
N ALA P 222 0.37 -21.20 -14.05
CA ALA P 222 -0.17 -21.93 -12.91
C ALA P 222 0.87 -22.88 -12.35
N THR P 223 1.15 -22.76 -11.04
CA THR P 223 2.12 -23.63 -10.40
C THR P 223 1.52 -24.58 -9.38
N ASN P 224 0.28 -24.34 -8.93
CA ASN P 224 -0.40 -25.21 -7.99
C ASN P 224 -1.69 -25.74 -8.62
N ALA P 225 -2.34 -26.65 -7.90
CA ALA P 225 -3.53 -27.32 -8.45
C ALA P 225 -4.70 -26.36 -8.59
N MET P 226 -4.85 -25.41 -7.65
CA MET P 226 -6.00 -24.51 -7.68
C MET P 226 -5.97 -23.63 -8.92
N ASP P 227 -4.81 -23.06 -9.25
CA ASP P 227 -4.71 -22.21 -10.42
C ASP P 227 -4.95 -23.00 -11.71
N ALA P 228 -4.52 -24.26 -11.74
CA ALA P 228 -4.84 -25.12 -12.88
C ALA P 228 -6.34 -25.33 -13.00
N LEU P 229 -7.01 -25.54 -11.86
CA LEU P 229 -8.47 -25.69 -11.87
C LEU P 229 -9.14 -24.44 -12.42
N PHE P 230 -8.59 -23.26 -12.10
CA PHE P 230 -9.16 -22.02 -12.62
C PHE P 230 -8.99 -21.93 -14.13
N CYS P 231 -7.78 -22.21 -14.63
CA CYS P 231 -7.52 -22.12 -16.06
C CYS P 231 -8.41 -23.06 -16.87
N VAL P 232 -8.82 -24.17 -16.27
CA VAL P 232 -9.61 -25.17 -16.99
C VAL P 232 -11.11 -24.90 -16.84
N CYS P 233 -11.55 -24.36 -15.71
CA CYS P 233 -12.97 -24.27 -15.41
C CYS P 233 -13.54 -22.85 -15.40
N ALA P 234 -12.72 -21.84 -15.13
CA ALA P 234 -13.24 -20.50 -14.94
C ALA P 234 -13.74 -19.92 -16.26
N ASP P 235 -14.85 -19.20 -16.19
CA ASP P 235 -15.36 -18.45 -17.32
C ASP P 235 -14.77 -17.05 -17.34
N ASP P 236 -14.89 -16.39 -18.48
CA ASP P 236 -14.46 -15.01 -18.64
C ASP P 236 -15.57 -14.20 -19.30
N ARG P 237 -15.37 -12.88 -19.38
CA ARG P 237 -16.38 -11.99 -19.95
C ARG P 237 -16.75 -12.37 -21.37
N THR P 238 -15.91 -13.15 -22.06
CA THR P 238 -16.12 -13.47 -23.46
C THR P 238 -16.75 -14.83 -23.68
N ASN P 239 -16.31 -15.87 -22.98
CA ASN P 239 -16.83 -17.21 -23.16
C ASN P 239 -17.96 -17.55 -22.20
N GLY P 240 -18.50 -16.55 -21.49
CA GLY P 240 -19.55 -16.77 -20.50
C GLY P 240 -20.77 -17.49 -21.04
N ALA P 241 -21.07 -17.37 -22.33
CA ALA P 241 -22.21 -18.03 -22.95
C ALA P 241 -21.82 -19.34 -23.63
N ASP P 242 -20.55 -19.48 -24.03
CA ASP P 242 -20.14 -20.63 -24.84
C ASP P 242 -19.27 -21.56 -24.01
N ALA P 243 -17.95 -21.35 -23.94
CA ALA P 243 -17.06 -22.32 -23.32
C ALA P 243 -16.96 -22.17 -21.81
N GLY P 244 -17.32 -21.00 -21.26
CA GLY P 244 -17.27 -20.77 -19.83
C GLY P 244 -18.06 -21.76 -18.99
N LYS P 245 -18.96 -22.52 -19.62
CA LYS P 245 -19.76 -23.54 -18.93
C LYS P 245 -19.18 -24.93 -19.10
N ALA P 246 -17.92 -25.04 -19.49
CA ALA P 246 -17.34 -26.35 -19.78
C ALA P 246 -17.32 -27.25 -18.55
N CYS P 247 -17.21 -26.68 -17.37
CA CYS P 247 -17.16 -27.48 -16.14
C CYS P 247 -18.48 -27.53 -15.40
N VAL P 248 -19.47 -26.73 -15.80
CA VAL P 248 -20.72 -26.60 -15.07
C VAL P 248 -21.86 -27.02 -15.98
N ALA P 249 -23.08 -27.04 -15.46
CA ALA P 249 -24.25 -27.49 -16.22
C ALA P 249 -25.22 -26.34 -16.47
N GLY P 250 -25.91 -25.86 -15.44
CA GLY P 250 -26.98 -24.89 -15.61
C GLY P 250 -26.53 -23.45 -15.78
N THR P 251 -25.85 -22.92 -14.76
CA THR P 251 -25.40 -21.53 -14.76
C THR P 251 -23.88 -21.49 -14.67
N ALA P 252 -23.27 -20.67 -15.52
CA ALA P 252 -21.81 -20.51 -15.51
C ALA P 252 -21.35 -20.05 -14.14
N PRO P 253 -20.08 -20.29 -13.79
CA PRO P 253 -19.57 -19.81 -12.49
C PRO P 253 -19.73 -18.31 -12.29
N GLY P 254 -19.67 -17.52 -13.36
CA GLY P 254 -19.90 -16.10 -13.24
C GLY P 254 -18.78 -15.32 -12.58
N THR P 255 -17.53 -15.74 -12.79
CA THR P 255 -16.41 -14.96 -12.26
C THR P 255 -16.38 -13.57 -12.85
N GLY P 256 -16.68 -13.45 -14.13
CA GLY P 256 -16.47 -12.19 -14.84
C GLY P 256 -15.01 -11.88 -15.08
N TRP P 257 -14.23 -12.88 -15.51
CA TRP P 257 -12.79 -12.73 -15.64
C TRP P 257 -12.45 -11.92 -16.88
N ASN P 258 -11.58 -10.93 -16.72
CA ASN P 258 -11.19 -10.05 -17.82
C ASN P 258 -9.66 -9.96 -17.86
N PRO P 259 -8.99 -11.03 -18.30
CA PRO P 259 -7.52 -11.02 -18.24
C PRO P 259 -6.87 -9.92 -19.06
N GLY P 260 -7.46 -9.60 -20.23
CA GLY P 260 -6.93 -8.49 -21.01
C GLY P 260 -7.02 -7.16 -20.29
N VAL P 261 -8.05 -6.98 -19.47
CA VAL P 261 -8.20 -5.75 -18.69
C VAL P 261 -7.47 -5.87 -17.35
N THR P 262 -7.67 -6.99 -16.66
CA THR P 262 -7.03 -7.22 -15.36
C THR P 262 -6.62 -8.69 -15.32
N ALA P 263 -5.31 -8.94 -15.29
CA ALA P 263 -4.80 -10.30 -15.47
C ALA P 263 -5.11 -11.19 -14.28
N THR P 264 -4.55 -10.85 -13.11
CA THR P 264 -4.64 -11.73 -11.95
C THR P 264 -6.06 -11.72 -11.39
N PRO P 265 -6.75 -12.86 -11.34
CA PRO P 265 -8.13 -12.87 -10.85
C PRO P 265 -8.20 -12.65 -9.35
N THR P 266 -9.31 -12.05 -8.91
CA THR P 266 -9.51 -11.78 -7.50
C THR P 266 -9.91 -13.06 -6.76
N GLY P 267 -9.79 -13.01 -5.43
CA GLY P 267 -10.15 -14.16 -4.62
C GLY P 267 -11.60 -14.56 -4.75
N THR P 268 -12.49 -13.58 -4.98
CA THR P 268 -13.89 -13.88 -5.18
C THR P 268 -14.09 -14.81 -6.38
N MET P 269 -13.37 -14.56 -7.48
CA MET P 269 -13.47 -15.43 -8.64
C MET P 269 -12.93 -16.83 -8.36
N LEU P 270 -11.80 -16.91 -7.66
CA LEU P 270 -11.21 -18.21 -7.36
C LEU P 270 -12.17 -19.06 -6.51
N GLN P 271 -12.89 -18.43 -5.58
CA GLN P 271 -13.84 -19.16 -4.76
C GLN P 271 -15.04 -19.63 -5.58
N LYS P 272 -15.39 -18.91 -6.65
CA LYS P 272 -16.48 -19.35 -7.53
C LYS P 272 -16.09 -20.58 -8.34
N VAL P 273 -14.80 -20.81 -8.58
CA VAL P 273 -14.37 -22.05 -9.22
C VAL P 273 -14.09 -23.14 -8.19
N ARG P 274 -13.57 -22.76 -7.01
CA ARG P 274 -13.26 -23.75 -5.99
C ARG P 274 -14.52 -24.43 -5.44
N LYS P 275 -15.64 -23.70 -5.39
CA LYS P 275 -16.87 -24.25 -4.82
C LYS P 275 -17.41 -25.44 -5.61
N LEU P 276 -16.88 -25.71 -6.80
CA LEU P 276 -17.32 -26.84 -7.60
C LEU P 276 -16.77 -28.17 -7.08
N CYS P 277 -15.90 -28.14 -6.09
CA CYS P 277 -15.35 -29.34 -5.47
C CYS P 277 -15.99 -29.58 -4.11
N ASN P 278 -15.72 -30.77 -3.55
CA ASN P 278 -16.30 -31.16 -2.27
C ASN P 278 -15.37 -30.72 -1.14
N THR P 279 -15.46 -29.44 -0.80
CA THR P 279 -14.77 -28.90 0.37
C THR P 279 -15.57 -29.12 1.66
N HIS P 280 -16.56 -30.00 1.62
CA HIS P 280 -17.48 -30.20 2.73
C HIS P 280 -17.37 -31.57 3.37
N GLY P 281 -16.57 -32.47 2.81
CA GLY P 281 -16.48 -33.82 3.34
C GLY P 281 -15.11 -34.19 3.86
N LYS P 282 -14.88 -35.48 4.06
CA LYS P 282 -13.63 -36.02 4.55
C LYS P 282 -13.08 -37.04 3.56
N THR P 283 -11.81 -37.40 3.75
CA THR P 283 -11.15 -38.38 2.87
C THR P 283 -10.14 -39.16 3.70
N THR P 284 -10.28 -40.49 3.72
CA THR P 284 -9.33 -41.33 4.43
C THR P 284 -7.99 -41.35 3.71
N LEU P 285 -6.93 -41.07 4.45
CA LEU P 285 -5.59 -40.98 3.87
C LEU P 285 -5.02 -42.37 3.66
N SER P 286 -4.80 -42.73 2.39
CA SER P 286 -4.22 -44.00 2.00
C SER P 286 -3.30 -43.77 0.82
N ALA P 287 -2.32 -44.67 0.67
CA ALA P 287 -1.39 -44.56 -0.45
C ALA P 287 -2.10 -44.76 -1.78
N ALA P 288 -3.03 -45.72 -1.84
CA ALA P 288 -3.77 -45.97 -3.08
C ALA P 288 -4.72 -44.83 -3.40
N ALA P 289 -5.22 -44.13 -2.38
CA ALA P 289 -6.11 -43.00 -2.61
C ALA P 289 -5.39 -41.86 -3.32
N ILE P 290 -4.14 -41.59 -2.93
CA ILE P 290 -3.36 -40.55 -3.60
C ILE P 290 -2.94 -41.01 -4.99
N GLU P 291 -2.58 -42.29 -5.13
CA GLU P 291 -2.11 -42.81 -6.41
C GLU P 291 -3.20 -42.72 -7.47
N GLY P 292 -4.43 -43.08 -7.12
CA GLY P 292 -5.51 -43.02 -8.08
C GLY P 292 -5.83 -41.60 -8.51
N ARG P 293 -5.92 -40.68 -7.55
CA ARG P 293 -6.21 -39.29 -7.88
C ARG P 293 -5.10 -38.68 -8.73
N LEU P 294 -3.84 -39.04 -8.49
CA LEU P 294 -2.74 -38.51 -9.28
C LEU P 294 -2.77 -39.06 -10.71
N THR P 295 -3.06 -40.35 -10.86
CA THR P 295 -3.14 -40.92 -12.20
C THR P 295 -4.31 -40.34 -12.99
N ALA P 296 -5.41 -40.01 -12.32
CA ALA P 296 -6.59 -39.49 -13.01
C ALA P 296 -6.28 -38.21 -13.77
N VAL P 297 -5.54 -37.29 -13.15
CA VAL P 297 -5.18 -36.06 -13.84
C VAL P 297 -3.93 -36.23 -14.69
N GLY P 298 -3.02 -37.14 -14.31
CA GLY P 298 -1.79 -37.30 -15.07
C GLY P 298 -1.99 -37.93 -16.44
N ASN P 299 -2.83 -38.98 -16.50
CA ASN P 299 -3.13 -39.61 -17.77
C ASN P 299 -4.10 -38.79 -18.61
N LEU P 300 -4.79 -37.83 -18.01
CA LEU P 300 -5.62 -36.92 -18.79
C LEU P 300 -4.81 -35.84 -19.49
N LEU P 301 -3.52 -35.74 -19.23
CA LEU P 301 -2.66 -34.82 -19.96
C LEU P 301 -2.43 -35.31 -21.37
N THR P 302 -2.86 -34.53 -22.35
CA THR P 302 -2.64 -34.87 -23.75
C THR P 302 -1.23 -34.46 -24.13
N ARG P 303 -0.37 -35.44 -24.41
CA ARG P 303 1.03 -35.19 -24.67
C ARG P 303 1.24 -34.80 -26.12
N GLY P 304 1.85 -33.63 -26.33
CA GLY P 304 2.17 -33.15 -27.67
C GLY P 304 3.65 -32.94 -27.88
N SER P 305 4.01 -32.22 -28.94
CA SER P 305 5.41 -32.02 -29.28
C SER P 305 6.13 -31.22 -28.20
N ALA P 306 5.62 -30.05 -27.86
CA ALA P 306 6.29 -29.15 -26.92
C ALA P 306 5.56 -28.93 -25.61
N THR P 307 4.23 -29.12 -25.57
CA THR P 307 3.46 -28.96 -24.34
C THR P 307 2.56 -30.17 -24.14
N SER P 308 2.06 -30.32 -22.92
CA SER P 308 0.98 -31.23 -22.59
C SER P 308 -0.25 -30.43 -22.18
N ILE P 309 -1.42 -30.90 -22.58
CA ILE P 309 -2.67 -30.17 -22.39
C ILE P 309 -3.58 -30.97 -21.49
N LEU P 310 -4.06 -30.34 -20.41
CA LEU P 310 -5.14 -30.86 -19.58
C LEU P 310 -6.36 -29.98 -19.79
N GLY P 311 -7.43 -30.56 -20.30
CA GLY P 311 -8.64 -29.84 -20.66
C GLY P 311 -8.94 -29.95 -22.15
N SER P 312 -10.15 -29.52 -22.49
CA SER P 312 -10.58 -29.53 -23.89
C SER P 312 -9.73 -28.57 -24.72
N PHE P 313 -9.27 -29.05 -25.87
CA PHE P 313 -8.42 -28.30 -26.77
C PHE P 313 -8.87 -28.59 -28.19
N LEU P 314 -8.93 -27.55 -29.01
CA LEU P 314 -9.35 -27.71 -30.39
C LEU P 314 -8.32 -27.20 -31.39
N ALA P 315 -7.83 -25.96 -31.21
CA ALA P 315 -7.04 -25.33 -32.26
C ALA P 315 -5.64 -24.94 -31.82
N THR P 316 -5.50 -23.84 -31.09
CA THR P 316 -4.19 -23.22 -30.91
C THR P 316 -3.76 -23.10 -29.46
N ASP P 317 -4.59 -22.53 -28.59
CA ASP P 317 -4.15 -22.23 -27.24
C ASP P 317 -5.30 -22.41 -26.26
N CYS P 318 -5.00 -22.22 -24.99
CA CYS P 318 -6.00 -22.30 -23.92
C CYS P 318 -6.44 -20.89 -23.55
N SER P 319 -7.13 -20.26 -24.49
CA SER P 319 -7.56 -18.88 -24.33
C SER P 319 -8.97 -18.77 -23.77
N GLY P 320 -9.69 -19.88 -23.61
CA GLY P 320 -11.09 -19.84 -23.25
C GLY P 320 -12.04 -19.65 -24.41
N ASP P 321 -11.53 -19.24 -25.57
CA ASP P 321 -12.36 -19.14 -26.76
C ASP P 321 -12.94 -20.52 -27.09
N GLN P 322 -14.24 -20.55 -27.39
CA GLN P 322 -14.93 -21.82 -27.63
C GLN P 322 -14.31 -22.62 -28.77
N GLY P 323 -13.51 -21.98 -29.63
CA GLY P 323 -12.79 -22.67 -30.68
C GLY P 323 -11.32 -22.86 -30.43
N SER P 324 -10.83 -22.58 -29.22
CA SER P 324 -9.41 -22.68 -28.93
C SER P 324 -9.13 -23.70 -27.84
N GLY P 325 -9.70 -23.54 -26.65
CA GLY P 325 -9.47 -24.50 -25.58
C GLY P 325 -9.74 -23.96 -24.19
N MET P 326 -10.38 -24.77 -23.36
CA MET P 326 -10.56 -24.50 -21.94
C MET P 326 -9.64 -25.45 -21.20
N CYS P 327 -8.37 -25.05 -21.04
CA CYS P 327 -7.34 -25.99 -20.64
C CYS P 327 -6.21 -25.24 -19.96
N VAL P 328 -5.21 -26.01 -19.52
CA VAL P 328 -3.98 -25.48 -18.94
C VAL P 328 -2.82 -26.29 -19.53
N ALA P 329 -1.71 -25.63 -19.81
CA ALA P 329 -0.57 -26.23 -20.50
C ALA P 329 0.62 -26.36 -19.58
N TYR P 330 1.31 -27.49 -19.67
CA TYR P 330 2.59 -27.71 -19.03
C TYR P 330 3.62 -28.09 -20.10
N THR P 331 4.87 -27.70 -19.87
CA THR P 331 5.96 -28.06 -20.78
C THR P 331 6.96 -29.01 -20.15
N GLU P 332 6.79 -29.34 -18.87
CA GLU P 332 7.70 -30.27 -18.21
C GLU P 332 7.56 -31.69 -18.76
N VAL P 333 6.36 -32.06 -19.21
CA VAL P 333 6.12 -33.37 -19.82
C VAL P 333 5.62 -33.15 -21.24
N THR P 334 6.11 -33.96 -22.17
CA THR P 334 5.70 -33.91 -23.57
C THR P 334 5.48 -35.33 -24.04
N ASP P 335 5.40 -35.52 -25.36
CA ASP P 335 5.27 -36.87 -25.92
C ASP P 335 6.60 -37.60 -26.00
N ALA P 336 7.69 -37.00 -25.52
CA ALA P 336 8.99 -37.63 -25.54
C ALA P 336 9.69 -37.67 -24.20
N LYS P 337 9.23 -36.90 -23.21
CA LYS P 337 9.90 -36.86 -21.92
C LYS P 337 8.90 -36.45 -20.85
N GLY P 338 9.29 -36.67 -19.60
CA GLY P 338 8.53 -36.20 -18.46
C GLY P 338 7.48 -37.14 -17.93
N THR P 339 7.60 -37.52 -16.66
CA THR P 339 6.51 -38.18 -15.95
C THR P 339 5.95 -37.23 -14.90
N PRO P 340 4.63 -37.05 -14.85
CA PRO P 340 4.07 -35.94 -14.06
C PRO P 340 4.45 -35.95 -12.59
N THR P 341 4.49 -37.12 -11.95
CA THR P 341 4.73 -37.18 -10.52
C THR P 341 6.16 -36.81 -10.12
N LYS P 342 7.04 -36.53 -11.08
CA LYS P 342 8.41 -36.14 -10.79
C LYS P 342 8.80 -34.82 -11.44
N ASP P 343 8.04 -34.35 -12.43
CA ASP P 343 8.44 -33.17 -13.19
C ASP P 343 7.45 -32.03 -13.09
N ILE P 344 6.15 -32.30 -13.10
CA ILE P 344 5.19 -31.24 -12.80
C ILE P 344 5.28 -30.98 -11.29
N PRO P 345 5.61 -29.77 -10.86
CA PRO P 345 6.00 -29.57 -9.46
C PRO P 345 4.92 -29.91 -8.44
N TRP P 346 3.70 -29.41 -8.63
CA TRP P 346 2.68 -29.63 -7.60
C TRP P 346 2.29 -31.09 -7.49
N MET P 347 2.36 -31.84 -8.59
CA MET P 347 2.09 -33.27 -8.52
C MET P 347 3.21 -34.02 -7.83
N GLN P 348 4.43 -33.47 -7.86
CA GLN P 348 5.54 -34.10 -7.15
C GLN P 348 5.33 -34.06 -5.64
N LYS P 349 4.83 -32.94 -5.11
CA LYS P 349 4.54 -32.86 -3.69
C LYS P 349 3.47 -33.88 -3.30
N LEU P 350 2.41 -33.99 -4.09
CA LEU P 350 1.36 -34.95 -3.78
C LEU P 350 1.88 -36.37 -3.85
N ASP P 351 2.76 -36.65 -4.82
CA ASP P 351 3.35 -37.98 -4.92
C ASP P 351 4.21 -38.31 -3.70
N SER P 352 4.80 -37.30 -3.07
CA SER P 352 5.57 -37.55 -1.85
C SER P 352 4.67 -37.97 -0.69
N VAL P 353 3.43 -37.45 -0.65
CA VAL P 353 2.48 -37.86 0.38
C VAL P 353 2.19 -39.35 0.27
N ARG P 354 2.07 -39.85 -0.95
CA ARG P 354 1.87 -41.28 -1.16
C ARG P 354 3.00 -42.11 -0.55
N ILE P 355 4.24 -41.68 -0.77
CA ILE P 355 5.39 -42.45 -0.29
C ILE P 355 5.44 -42.46 1.23
N LYS P 356 5.21 -41.31 1.86
CA LYS P 356 5.14 -41.27 3.32
C LYS P 356 3.98 -42.11 3.83
N LEU P 357 2.84 -42.06 3.16
CA LEU P 357 1.72 -42.93 3.53
C LEU P 357 2.07 -44.39 3.31
N GLN P 358 2.73 -44.71 2.18
CA GLN P 358 3.13 -46.08 1.92
C GLN P 358 4.12 -46.58 2.98
N LYS P 359 4.99 -45.70 3.48
CA LYS P 359 5.90 -46.08 4.54
C LYS P 359 5.21 -46.17 5.89
N HIS P 360 4.11 -45.44 6.08
CA HIS P 360 3.38 -45.53 7.34
C HIS P 360 2.59 -46.83 7.43
N GLU P 361 1.92 -47.22 6.34
CA GLU P 361 1.11 -48.44 6.35
C GLU P 361 1.98 -49.68 6.42
N ARG P 362 3.15 -49.65 5.78
CA ARG P 362 4.09 -50.76 5.87
C ARG P 362 4.60 -50.91 7.29
N ALA P 363 4.85 -49.79 7.96
CA ALA P 363 5.34 -49.83 9.33
C ALA P 363 4.26 -50.28 10.29
N VAL P 364 3.06 -49.67 10.21
CA VAL P 364 1.99 -49.91 11.18
C VAL P 364 1.73 -51.40 11.35
N GLU P 365 1.75 -52.15 10.24
CA GLU P 365 1.54 -53.59 10.35
C GLU P 365 2.77 -54.29 10.91
N LYS P 366 3.96 -53.90 10.47
CA LYS P 366 5.18 -54.61 10.89
C LYS P 366 5.36 -54.56 12.40
N LEU P 367 5.31 -53.36 12.98
CA LEU P 367 5.40 -53.25 14.43
C LEU P 367 4.07 -53.55 15.12
N GLY P 368 3.06 -53.98 14.36
CA GLY P 368 1.80 -54.36 14.98
C GLY P 368 1.87 -55.71 15.69
N LYS P 369 2.64 -56.65 15.14
CA LYS P 369 2.80 -57.92 15.84
C LYS P 369 3.60 -57.77 17.12
N PRO P 370 4.71 -57.02 17.17
CA PRO P 370 5.38 -56.83 18.48
C PRO P 370 4.54 -56.12 19.51
N GLN P 371 3.57 -55.30 19.10
CA GLN P 371 2.66 -54.67 20.05
C GLN P 371 1.85 -55.72 20.80
N HIS P 372 1.38 -56.75 20.08
CA HIS P 372 0.69 -57.86 20.73
C HIS P 372 1.61 -58.62 21.67
N ASP P 373 2.89 -58.76 21.30
CA ASP P 373 3.86 -59.42 22.18
C ASP P 373 4.05 -58.63 23.46
N LEU P 374 4.16 -57.30 23.35
CA LEU P 374 4.27 -56.46 24.54
C LEU P 374 3.02 -56.51 25.41
N LYS P 375 1.88 -56.90 24.84
CA LYS P 375 0.68 -57.07 25.65
C LYS P 375 0.75 -58.31 26.52
N THR P 376 1.52 -59.31 26.09
CA THR P 376 1.71 -60.54 26.85
C THR P 376 2.87 -60.44 27.84
N ILE P 377 3.43 -59.25 28.03
CA ILE P 377 4.53 -59.04 28.96
C ILE P 377 4.08 -58.24 30.17
N LEU P 378 3.34 -57.15 29.96
CA LEU P 378 2.85 -56.33 31.06
C LEU P 378 1.73 -57.02 31.84
N THR P 379 1.14 -58.08 31.29
CA THR P 379 0.05 -58.79 31.95
C THR P 379 0.43 -60.17 32.48
N LEU P 380 1.55 -60.73 32.03
CA LEU P 380 1.96 -62.06 32.44
C LEU P 380 2.85 -62.02 33.69
N ASN Q 24 -27.46 -30.71 -28.46
CA ASN Q 24 -26.07 -31.13 -28.62
C ASN Q 24 -25.73 -32.40 -27.85
N ILE Q 25 -26.77 -33.13 -27.43
CA ILE Q 25 -26.64 -34.39 -26.71
C ILE Q 25 -26.95 -35.49 -27.70
N GLY Q 26 -25.92 -36.26 -28.02
CA GLY Q 26 -25.95 -37.27 -29.05
C GLY Q 26 -25.51 -38.63 -28.53
N THR Q 27 -25.00 -39.45 -29.47
CA THR Q 27 -24.63 -40.82 -29.17
C THR Q 27 -23.35 -40.87 -28.36
N GLY Q 28 -23.35 -41.72 -27.34
CA GLY Q 28 -22.18 -41.96 -26.53
C GLY Q 28 -21.75 -40.83 -25.64
N ASP Q 29 -22.60 -39.81 -25.42
CA ASP Q 29 -22.23 -38.67 -24.59
C ASP Q 29 -22.36 -38.95 -23.09
N ASN Q 30 -23.04 -40.02 -22.71
CA ASN Q 30 -23.17 -40.39 -21.29
C ASN Q 30 -22.42 -41.68 -20.97
N VAL Q 31 -21.37 -41.98 -21.73
CA VAL Q 31 -20.58 -43.17 -21.44
C VAL Q 31 -19.85 -43.01 -20.11
N LEU Q 32 -19.42 -41.79 -19.79
CA LEU Q 32 -18.72 -41.55 -18.53
C LEU Q 32 -19.65 -41.79 -17.35
N HIS Q 33 -20.88 -41.28 -17.41
CA HIS Q 33 -21.83 -41.49 -16.33
C HIS Q 33 -22.32 -42.94 -16.27
N ARG Q 34 -22.50 -43.57 -17.45
CA ARG Q 34 -22.93 -44.96 -17.47
C ARG Q 34 -21.89 -45.87 -16.80
N ALA Q 35 -20.61 -45.58 -17.01
CA ALA Q 35 -19.57 -46.41 -16.40
C ALA Q 35 -19.55 -46.27 -14.88
N ALA Q 36 -19.81 -45.06 -14.37
CA ALA Q 36 -19.82 -44.88 -12.92
C ALA Q 36 -20.99 -45.60 -12.27
N LEU Q 37 -22.17 -45.49 -12.86
CA LEU Q 37 -23.35 -46.14 -12.30
C LEU Q 37 -23.29 -47.66 -12.49
N CYS Q 38 -22.73 -48.13 -13.60
CA CYS Q 38 -22.60 -49.57 -13.78
C CYS Q 38 -21.59 -50.18 -12.81
N GLY Q 39 -20.57 -49.42 -12.42
CA GLY Q 39 -19.70 -49.85 -11.34
C GLY Q 39 -20.43 -50.01 -10.02
N ILE Q 40 -21.59 -49.36 -9.88
CA ILE Q 40 -22.43 -49.57 -8.71
C ILE Q 40 -23.33 -50.79 -8.90
N ILE Q 41 -23.87 -50.95 -10.12
CA ILE Q 41 -24.85 -52.01 -10.37
C ILE Q 41 -24.20 -53.39 -10.24
N GLU Q 42 -22.96 -53.53 -10.71
CA GLU Q 42 -22.31 -54.84 -10.72
C GLU Q 42 -21.99 -55.36 -9.33
N LEU Q 43 -22.30 -54.61 -8.28
CA LEU Q 43 -22.17 -55.09 -6.90
C LEU Q 43 -23.46 -55.66 -6.34
N ALA Q 44 -24.59 -55.43 -7.00
CA ALA Q 44 -25.89 -55.82 -6.47
C ALA Q 44 -26.05 -57.33 -6.54
N GLY Q 45 -27.25 -57.80 -6.20
CA GLY Q 45 -27.49 -59.23 -6.14
C GLY Q 45 -26.55 -59.91 -5.16
N LYS Q 46 -26.00 -61.04 -5.59
CA LYS Q 46 -25.01 -61.77 -4.81
C LYS Q 46 -23.61 -61.68 -5.43
N ARG Q 47 -23.37 -60.66 -6.25
CA ARG Q 47 -22.08 -60.55 -6.93
C ARG Q 47 -20.97 -60.12 -5.99
N ALA Q 48 -21.29 -59.40 -4.92
CA ALA Q 48 -20.29 -59.02 -3.95
C ALA Q 48 -19.91 -60.23 -3.10
N LYS Q 49 -18.61 -60.46 -2.93
CA LYS Q 49 -18.10 -61.63 -2.23
C LYS Q 49 -17.22 -61.22 -1.07
N LEU Q 50 -17.34 -61.93 0.05
CA LEU Q 50 -16.48 -61.73 1.21
C LEU Q 50 -15.32 -62.72 1.16
N GLU Q 51 -14.13 -62.24 1.51
CA GLU Q 51 -12.93 -63.07 1.47
C GLU Q 51 -12.88 -64.03 2.66
N GLN Q 58 -9.41 -69.62 15.04
CA GLN Q 58 -9.03 -69.97 16.40
C GLN Q 58 -10.20 -70.61 17.14
N ASN Q 59 -10.00 -71.85 17.61
CA ASN Q 59 -11.05 -72.57 18.31
C ASN Q 59 -10.49 -73.49 19.38
N GLU Q 60 -9.50 -74.30 19.02
CA GLU Q 60 -9.04 -75.41 19.85
C GLU Q 60 -7.88 -74.95 20.74
N LEU Q 61 -8.23 -74.15 21.74
CA LEU Q 61 -7.27 -73.71 22.75
C LEU Q 61 -7.41 -74.46 24.06
N ASN Q 62 -8.61 -74.97 24.37
CA ASN Q 62 -8.78 -75.82 25.54
C ASN Q 62 -8.08 -77.16 25.40
N SER Q 63 -7.56 -77.47 24.20
CA SER Q 63 -6.75 -78.66 24.02
C SER Q 63 -5.55 -78.66 24.95
N ILE Q 64 -4.87 -77.51 25.04
CA ILE Q 64 -3.77 -77.37 25.98
C ILE Q 64 -4.29 -77.45 27.41
N LEU Q 65 -5.44 -76.83 27.68
CA LEU Q 65 -6.04 -76.94 29.00
C LEU Q 65 -6.40 -78.38 29.33
N GLU Q 66 -6.88 -79.13 28.35
CA GLU Q 66 -7.13 -80.56 28.56
C GLU Q 66 -5.82 -81.31 28.78
N LEU Q 67 -4.76 -80.94 28.05
CA LEU Q 67 -3.43 -81.50 28.24
C LEU Q 67 -2.63 -80.77 29.30
N ASN Q 68 -3.29 -80.08 30.23
CA ASN Q 68 -2.63 -79.36 31.31
C ASN Q 68 -2.81 -80.07 32.64
N THR Q 146 7.12 -79.77 34.90
CA THR Q 146 5.76 -79.55 34.42
C THR Q 146 5.79 -78.69 33.16
N ILE Q 147 4.77 -78.84 32.31
CA ILE Q 147 4.68 -78.08 31.08
C ILE Q 147 3.89 -76.80 31.33
N ARG Q 148 3.73 -76.44 32.59
CA ARG Q 148 3.04 -75.21 32.95
C ARG Q 148 3.81 -74.00 32.42
N ARG Q 149 3.20 -72.82 32.60
CA ARG Q 149 3.70 -71.55 32.07
C ARG Q 149 3.62 -71.51 30.54
N LEU Q 150 3.67 -72.67 29.89
CA LEU Q 150 3.32 -72.74 28.48
C LEU Q 150 1.80 -72.64 28.30
N THR Q 151 1.05 -73.26 29.21
CA THR Q 151 -0.39 -73.05 29.26
C THR Q 151 -0.72 -71.63 29.73
N ALA Q 152 0.14 -71.05 30.58
CA ALA Q 152 -0.07 -69.67 31.00
C ALA Q 152 0.29 -68.70 29.90
N GLU Q 153 1.40 -68.95 29.18
CA GLU Q 153 1.73 -68.13 28.01
C GLU Q 153 0.62 -68.19 26.97
N ALA Q 154 -0.13 -69.28 26.91
CA ALA Q 154 -1.24 -69.40 25.98
C ALA Q 154 -2.33 -68.37 26.28
N VAL Q 155 -2.92 -68.47 27.48
CA VAL Q 155 -4.00 -67.56 27.86
C VAL Q 155 -3.50 -66.12 27.91
N ALA Q 156 -2.25 -65.92 28.33
CA ALA Q 156 -1.71 -64.56 28.44
C ALA Q 156 -1.75 -63.84 27.08
N LYS Q 157 -1.32 -64.52 26.02
CA LYS Q 157 -1.37 -63.94 24.68
C LYS Q 157 -2.78 -63.92 24.11
N ALA Q 158 -3.70 -64.71 24.68
CA ALA Q 158 -5.11 -64.60 24.33
C ALA Q 158 -5.78 -63.62 25.31
N GLN Q 159 -7.08 -63.81 25.55
CA GLN Q 159 -7.91 -63.06 26.50
C GLN Q 159 -7.80 -61.55 26.42
N ASP Q 160 -6.99 -61.01 25.51
CA ASP Q 160 -6.89 -59.55 25.37
C ASP Q 160 -8.29 -59.00 25.08
N PRO Q 161 -8.78 -58.00 25.84
CA PRO Q 161 -10.15 -57.49 25.62
C PRO Q 161 -10.35 -56.95 24.22
N THR Q 162 -9.25 -56.91 23.45
CA THR Q 162 -9.35 -56.60 22.04
C THR Q 162 -10.22 -57.62 21.33
N VAL Q 163 -10.18 -58.87 21.79
CA VAL Q 163 -10.98 -59.93 21.17
C VAL Q 163 -12.47 -59.69 21.45
N ALA Q 164 -12.81 -59.19 22.64
CA ALA Q 164 -14.21 -58.91 22.96
C ALA Q 164 -14.80 -57.89 22.00
N GLU Q 165 -14.00 -56.90 21.59
CA GLU Q 165 -14.44 -55.94 20.57
C GLU Q 165 -14.23 -56.49 19.16
N SER Q 166 -13.24 -57.37 18.98
CA SER Q 166 -12.96 -57.92 17.65
C SER Q 166 -14.08 -58.86 17.20
N THR Q 167 -14.62 -59.66 18.12
CA THR Q 167 -15.69 -60.57 17.75
C THR Q 167 -16.99 -59.83 17.46
N ALA Q 168 -17.18 -58.66 18.06
CA ALA Q 168 -18.39 -57.88 17.83
C ALA Q 168 -18.32 -57.04 16.56
N ASP Q 169 -17.15 -56.94 15.92
CA ASP Q 169 -16.99 -56.19 14.68
C ASP Q 169 -17.03 -57.09 13.46
N LEU Q 170 -17.72 -58.22 13.55
CA LEU Q 170 -17.82 -59.16 12.44
C LEU Q 170 -19.15 -58.99 11.71
N THR Q 171 -19.15 -59.40 10.45
CA THR Q 171 -20.34 -59.35 9.61
C THR Q 171 -20.25 -60.44 8.56
N THR Q 172 -21.40 -60.89 8.08
CA THR Q 172 -21.46 -61.97 7.12
C THR Q 172 -21.61 -61.43 5.70
N GLU Q 173 -21.34 -62.32 4.73
CA GLU Q 173 -21.48 -61.96 3.33
C GLU Q 173 -22.92 -61.60 2.99
N GLU Q 174 -23.88 -62.28 3.63
CA GLU Q 174 -25.29 -61.99 3.38
C GLU Q 174 -25.71 -60.64 3.97
N ASP Q 175 -25.08 -60.23 5.07
CA ASP Q 175 -25.42 -58.96 5.69
C ASP Q 175 -25.06 -57.78 4.79
N LEU Q 176 -23.89 -57.84 4.16
CA LEU Q 176 -23.45 -56.74 3.30
C LEU Q 176 -24.18 -56.76 1.96
N GLN Q 177 -24.24 -57.95 1.33
CA GLN Q 177 -25.01 -58.09 0.09
C GLN Q 177 -26.42 -57.54 0.24
N LYS Q 178 -27.02 -57.75 1.40
CA LYS Q 178 -28.35 -57.20 1.68
C LYS Q 178 -28.35 -55.68 1.52
N GLN Q 179 -27.37 -55.01 2.12
CA GLN Q 179 -27.36 -53.55 2.11
C GLN Q 179 -27.05 -52.98 0.73
N ILE Q 180 -26.25 -53.70 -0.07
CA ILE Q 180 -25.98 -53.25 -1.43
C ILE Q 180 -27.27 -53.23 -2.24
N ASN Q 181 -28.04 -54.32 -2.16
CA ASN Q 181 -29.33 -54.37 -2.86
C ASN Q 181 -30.27 -53.28 -2.37
N GLN Q 182 -30.23 -52.98 -1.07
CA GLN Q 182 -31.05 -51.90 -0.54
C GLN Q 182 -30.60 -50.54 -1.02
N ALA Q 183 -29.36 -50.43 -1.50
CA ALA Q 183 -28.89 -49.18 -2.08
C ALA Q 183 -29.14 -49.14 -3.59
N VAL Q 184 -28.98 -50.27 -4.27
CA VAL Q 184 -29.11 -50.31 -5.71
C VAL Q 184 -30.58 -50.32 -6.14
N TYR Q 185 -31.43 -51.01 -5.39
CA TYR Q 185 -32.83 -51.15 -5.75
C TYR Q 185 -33.80 -50.71 -4.67
N SER Q 186 -33.31 -50.31 -3.49
CA SER Q 186 -34.16 -50.16 -2.31
C SER Q 186 -34.97 -51.42 -2.06
N LYS Q 187 -34.38 -52.57 -2.39
CA LYS Q 187 -35.01 -53.87 -2.26
C LYS Q 187 -34.07 -54.82 -1.52
N ASP Q 188 -34.63 -55.92 -1.05
CA ASP Q 188 -33.86 -56.89 -0.29
C ASP Q 188 -32.84 -57.60 -1.19
N THR Q 189 -33.25 -58.00 -2.38
CA THR Q 189 -32.38 -58.71 -3.31
C THR Q 189 -32.56 -58.10 -4.71
N GLU Q 190 -31.72 -58.55 -5.63
CA GLU Q 190 -31.76 -58.02 -6.99
C GLU Q 190 -32.97 -58.57 -7.73
N PRO Q 191 -33.81 -57.71 -8.30
CA PRO Q 191 -34.96 -58.20 -9.08
C PRO Q 191 -34.51 -59.00 -10.29
N ASP Q 192 -35.43 -59.80 -10.82
CA ASP Q 192 -35.13 -60.66 -11.97
C ASP Q 192 -35.05 -59.81 -13.24
N ASP Q 193 -34.97 -60.47 -14.38
CA ASP Q 193 -34.87 -59.77 -15.66
C ASP Q 193 -36.19 -59.12 -16.08
N ASP Q 194 -37.26 -59.37 -15.34
CA ASP Q 194 -38.52 -58.67 -15.55
C ASP Q 194 -38.87 -57.73 -14.42
N PHE Q 195 -37.99 -57.60 -13.43
CA PHE Q 195 -38.18 -56.70 -12.28
C PHE Q 195 -39.48 -57.01 -11.55
N ASN Q 196 -39.69 -58.30 -11.28
CA ASN Q 196 -40.86 -58.72 -10.52
C ASN Q 196 -40.78 -58.23 -9.09
N GLY Q 197 -41.91 -57.73 -8.57
CA GLY Q 197 -41.95 -57.08 -7.27
C GLY Q 197 -41.39 -55.68 -7.25
N TYR Q 198 -40.69 -55.27 -8.30
CA TYR Q 198 -40.06 -53.96 -8.36
C TYR Q 198 -41.00 -52.97 -9.03
N THR Q 199 -41.22 -51.83 -8.37
CA THR Q 199 -42.00 -50.73 -8.92
C THR Q 199 -41.10 -49.51 -9.04
N ALA Q 200 -40.99 -48.96 -10.25
CA ALA Q 200 -40.02 -47.91 -10.51
C ALA Q 200 -40.38 -46.63 -9.78
N PHE Q 201 -39.35 -45.99 -9.22
CA PHE Q 201 -39.48 -44.69 -8.52
C PHE Q 201 -40.46 -44.77 -7.35
N GLU Q 202 -40.58 -45.95 -6.75
CA GLU Q 202 -41.47 -46.19 -5.60
C GLU Q 202 -42.91 -45.79 -5.91
N GLY Q 203 -43.28 -45.82 -7.19
CA GLY Q 203 -44.62 -45.46 -7.62
C GLY Q 203 -44.92 -43.99 -7.62
N LYS Q 204 -43.96 -43.13 -7.28
CA LYS Q 204 -44.17 -41.70 -7.21
C LYS Q 204 -43.99 -40.99 -8.55
N ALA Q 205 -43.74 -41.74 -9.62
CA ALA Q 205 -43.52 -41.12 -10.93
C ALA Q 205 -44.80 -40.48 -11.42
N SER Q 206 -44.71 -39.24 -11.88
CA SER Q 206 -45.89 -38.50 -12.31
C SER Q 206 -45.51 -37.47 -13.35
N THR Q 207 -46.53 -37.03 -14.11
CA THR Q 207 -46.40 -36.00 -15.14
C THR Q 207 -45.46 -36.52 -16.22
N ASN Q 208 -44.45 -35.77 -16.65
CA ASN Q 208 -43.57 -36.13 -17.74
C ASN Q 208 -42.19 -36.52 -17.21
N ARG Q 209 -41.19 -36.53 -18.09
CA ARG Q 209 -39.88 -37.04 -17.71
C ARG Q 209 -39.12 -36.06 -16.82
N GLN Q 210 -39.18 -34.76 -17.14
CA GLN Q 210 -38.44 -33.78 -16.37
C GLN Q 210 -38.89 -33.76 -14.91
N THR Q 211 -40.19 -33.95 -14.67
CA THR Q 211 -40.67 -34.06 -13.29
C THR Q 211 -40.17 -35.32 -12.61
N ILE Q 212 -39.81 -36.36 -13.37
CA ILE Q 212 -39.32 -37.59 -12.78
C ILE Q 212 -37.85 -37.48 -12.42
N CYS Q 213 -37.04 -36.93 -13.32
CA CYS Q 213 -35.58 -36.95 -13.18
C CYS Q 213 -35.00 -35.65 -12.67
N GLY Q 214 -35.82 -34.65 -12.38
CA GLY Q 214 -35.34 -33.43 -11.74
C GLY Q 214 -34.94 -32.34 -12.73
N SER Q 215 -34.32 -31.31 -12.17
CA SER Q 215 -33.93 -30.12 -12.91
C SER Q 215 -32.97 -29.30 -12.05
N ALA Q 216 -32.60 -28.12 -12.55
CA ALA Q 216 -31.74 -27.22 -11.80
C ALA Q 216 -32.46 -26.59 -10.61
N VAL Q 217 -33.79 -26.65 -10.59
CA VAL Q 217 -34.57 -26.03 -9.52
C VAL Q 217 -35.20 -27.05 -8.59
N ALA Q 218 -35.37 -28.30 -9.01
CA ALA Q 218 -35.96 -29.33 -8.18
C ALA Q 218 -35.27 -30.67 -8.41
N GLY Q 219 -35.36 -31.54 -7.42
CA GLY Q 219 -34.70 -32.83 -7.45
C GLY Q 219 -35.51 -33.89 -8.17
N SER Q 220 -35.00 -35.12 -8.09
CA SER Q 220 -35.55 -36.25 -8.80
C SER Q 220 -36.44 -37.07 -7.86
N LYS Q 221 -36.92 -38.20 -8.36
CA LYS Q 221 -37.73 -39.15 -7.59
C LYS Q 221 -37.13 -40.55 -7.70
N ALA Q 222 -35.80 -40.64 -7.67
CA ALA Q 222 -35.08 -41.90 -7.74
C ALA Q 222 -34.29 -42.07 -6.45
N THR Q 223 -34.88 -42.76 -5.48
CA THR Q 223 -34.26 -42.92 -4.17
C THR Q 223 -33.09 -43.91 -4.21
N ASN Q 224 -32.97 -44.71 -5.25
CA ASN Q 224 -31.93 -45.74 -5.32
C ASN Q 224 -31.05 -45.51 -6.54
N ALA Q 225 -30.14 -46.45 -6.78
CA ALA Q 225 -29.17 -46.30 -7.86
C ALA Q 225 -29.74 -46.75 -9.20
N MET Q 226 -30.50 -47.85 -9.21
CA MET Q 226 -31.02 -48.38 -10.47
C MET Q 226 -31.96 -47.37 -11.14
N ASP Q 227 -32.87 -46.78 -10.36
CA ASP Q 227 -33.78 -45.78 -10.93
C ASP Q 227 -33.03 -44.52 -11.37
N ALA Q 228 -31.94 -44.18 -10.69
CA ALA Q 228 -31.11 -43.06 -11.14
C ALA Q 228 -30.46 -43.37 -12.48
N LEU Q 229 -29.92 -44.58 -12.63
CA LEU Q 229 -29.32 -44.99 -13.90
C LEU Q 229 -30.34 -44.97 -15.04
N PHE Q 230 -31.59 -45.30 -14.74
CA PHE Q 230 -32.63 -45.22 -15.76
C PHE Q 230 -32.79 -43.79 -16.26
N CYS Q 231 -32.85 -42.84 -15.34
CA CYS Q 231 -32.95 -41.43 -15.74
C CYS Q 231 -31.76 -40.98 -16.56
N VAL Q 232 -30.59 -41.59 -16.33
CA VAL Q 232 -29.39 -41.15 -17.03
C VAL Q 232 -29.28 -41.80 -18.41
N CYS Q 233 -29.84 -42.99 -18.60
CA CYS Q 233 -29.54 -43.78 -19.79
C CYS Q 233 -30.75 -44.24 -20.59
N ALA Q 234 -31.96 -44.16 -20.05
CA ALA Q 234 -33.12 -44.61 -20.80
C ALA Q 234 -33.41 -43.69 -21.97
N ASP Q 235 -33.99 -44.25 -23.02
CA ASP Q 235 -34.48 -43.49 -24.16
C ASP Q 235 -36.00 -43.52 -24.15
N ASP Q 236 -36.61 -42.38 -24.47
CA ASP Q 236 -38.05 -42.29 -24.54
C ASP Q 236 -38.51 -42.27 -26.00
N ARG Q 237 -39.83 -42.22 -26.19
CA ARG Q 237 -40.40 -42.29 -27.53
C ARG Q 237 -40.03 -41.10 -28.40
N THR Q 238 -39.52 -40.02 -27.80
CA THR Q 238 -39.12 -38.83 -28.54
C THR Q 238 -37.64 -38.81 -28.88
N ASN Q 239 -36.76 -38.95 -27.89
CA ASN Q 239 -35.33 -38.79 -28.09
C ASN Q 239 -34.63 -40.07 -28.54
N GLY Q 240 -35.38 -41.12 -28.84
CA GLY Q 240 -34.79 -42.39 -29.22
C GLY Q 240 -33.88 -42.32 -30.44
N ALA Q 241 -33.88 -41.20 -31.16
CA ALA Q 241 -33.08 -41.04 -32.36
C ALA Q 241 -31.85 -40.15 -32.18
N ASP Q 242 -31.81 -39.33 -31.13
CA ASP Q 242 -30.67 -38.44 -30.90
C ASP Q 242 -30.09 -38.61 -29.51
N ALA Q 243 -30.81 -38.16 -28.47
CA ALA Q 243 -30.28 -38.17 -27.11
C ALA Q 243 -30.43 -39.53 -26.44
N GLY Q 244 -31.44 -40.30 -26.82
CA GLY Q 244 -31.66 -41.60 -26.21
C GLY Q 244 -30.54 -42.58 -26.43
N LYS Q 245 -29.60 -42.27 -27.30
CA LYS Q 245 -28.41 -43.09 -27.52
C LYS Q 245 -27.20 -42.56 -26.76
N ALA Q 246 -27.42 -41.76 -25.70
CA ALA Q 246 -26.31 -41.17 -24.99
C ALA Q 246 -25.50 -42.18 -24.20
N CYS Q 247 -26.05 -43.36 -23.94
CA CYS Q 247 -25.38 -44.38 -23.14
C CYS Q 247 -25.01 -45.63 -23.94
N VAL Q 248 -25.30 -45.67 -25.24
CA VAL Q 248 -25.08 -46.88 -26.02
C VAL Q 248 -24.13 -46.59 -27.17
N ALA Q 249 -23.93 -47.59 -28.05
CA ALA Q 249 -23.07 -47.46 -29.22
C ALA Q 249 -23.78 -48.13 -30.40
N GLY Q 250 -24.48 -47.33 -31.20
CA GLY Q 250 -25.19 -47.86 -32.35
C GLY Q 250 -26.67 -48.03 -32.13
N THR Q 251 -27.07 -49.25 -31.74
CA THR Q 251 -28.48 -49.55 -31.48
C THR Q 251 -28.93 -48.95 -30.17
N ALA Q 252 -30.01 -48.16 -30.22
CA ALA Q 252 -30.55 -47.52 -29.03
C ALA Q 252 -31.09 -48.57 -28.06
N PRO Q 253 -31.23 -48.20 -26.78
CA PRO Q 253 -31.74 -49.18 -25.80
C PRO Q 253 -33.12 -49.71 -26.14
N GLY Q 254 -33.92 -48.94 -26.89
CA GLY Q 254 -35.20 -49.43 -27.37
C GLY Q 254 -36.24 -49.70 -26.30
N THR Q 255 -36.28 -48.87 -25.25
CA THR Q 255 -37.33 -49.01 -24.25
C THR Q 255 -38.68 -48.62 -24.83
N GLY Q 256 -38.72 -47.51 -25.57
CA GLY Q 256 -40.00 -46.97 -26.02
C GLY Q 256 -40.74 -46.23 -24.94
N TRP Q 257 -40.02 -45.53 -24.07
CA TRP Q 257 -40.63 -44.90 -22.91
C TRP Q 257 -41.54 -43.75 -23.34
N ASN Q 258 -42.73 -43.69 -22.74
CA ASN Q 258 -43.69 -42.62 -22.96
C ASN Q 258 -44.14 -42.10 -21.61
N PRO Q 259 -43.33 -41.27 -20.96
CA PRO Q 259 -43.77 -40.66 -19.70
C PRO Q 259 -44.93 -39.73 -19.86
N GLY Q 260 -45.23 -39.30 -21.08
CA GLY Q 260 -46.41 -38.50 -21.32
C GLY Q 260 -47.72 -39.22 -21.00
N VAL Q 261 -47.78 -40.54 -21.21
CA VAL Q 261 -49.03 -41.27 -21.08
C VAL Q 261 -48.88 -42.18 -19.88
N THR Q 262 -47.65 -42.62 -19.61
CA THR Q 262 -47.42 -43.53 -18.48
C THR Q 262 -46.08 -43.19 -17.84
N ALA Q 263 -46.12 -42.65 -16.61
CA ALA Q 263 -44.88 -42.18 -15.98
C ALA Q 263 -43.98 -43.34 -15.55
N THR Q 264 -44.55 -44.40 -15.01
CA THR Q 264 -43.76 -45.51 -14.46
C THR Q 264 -43.39 -46.49 -15.56
N PRO Q 265 -42.10 -46.70 -15.84
CA PRO Q 265 -41.72 -47.67 -16.87
C PRO Q 265 -41.87 -49.10 -16.38
N THR Q 266 -42.01 -50.01 -17.33
CA THR Q 266 -42.18 -51.42 -17.01
C THR Q 266 -40.83 -52.08 -16.77
N GLY Q 267 -40.88 -53.28 -16.18
CA GLY Q 267 -39.66 -54.03 -15.95
C GLY Q 267 -38.91 -54.37 -17.22
N THR Q 268 -39.64 -54.62 -18.31
CA THR Q 268 -38.98 -54.88 -19.59
C THR Q 268 -38.14 -53.69 -20.03
N MET Q 269 -38.63 -52.47 -19.80
CA MET Q 269 -37.84 -51.29 -20.09
C MET Q 269 -36.63 -51.18 -19.17
N LEU Q 270 -36.82 -51.48 -17.88
CA LEU Q 270 -35.73 -51.36 -16.92
C LEU Q 270 -34.61 -52.35 -17.23
N GLN Q 271 -34.96 -53.56 -17.66
CA GLN Q 271 -33.92 -54.52 -18.02
C GLN Q 271 -33.17 -54.11 -19.28
N LYS Q 272 -33.81 -53.32 -20.15
CA LYS Q 272 -33.12 -52.82 -21.33
C LYS Q 272 -32.06 -51.78 -20.97
N VAL Q 273 -32.09 -51.24 -19.76
CA VAL Q 273 -31.06 -50.34 -19.27
C VAL Q 273 -30.08 -51.07 -18.35
N ARG Q 274 -30.59 -51.95 -17.49
CA ARG Q 274 -29.72 -52.70 -16.60
C ARG Q 274 -28.76 -53.61 -17.37
N LYS Q 275 -29.16 -54.07 -18.56
CA LYS Q 275 -28.31 -54.93 -19.38
C LYS Q 275 -27.03 -54.25 -19.83
N LEU Q 276 -26.93 -52.93 -19.69
CA LEU Q 276 -25.72 -52.22 -20.05
C LEU Q 276 -24.58 -52.43 -19.05
N CYS Q 277 -24.89 -52.92 -17.85
CA CYS Q 277 -23.91 -53.12 -16.80
C CYS Q 277 -23.54 -54.60 -16.68
N ASN Q 278 -22.39 -54.86 -16.08
CA ASN Q 278 -21.89 -56.23 -15.92
C ASN Q 278 -22.60 -56.86 -14.73
N THR Q 279 -23.77 -57.42 -14.99
CA THR Q 279 -24.47 -58.24 -14.01
C THR Q 279 -24.04 -59.70 -14.05
N HIS Q 280 -22.93 -60.02 -14.73
CA HIS Q 280 -22.53 -61.39 -14.95
C HIS Q 280 -21.24 -61.77 -14.23
N GLY Q 281 -20.59 -60.82 -13.56
CA GLY Q 281 -19.30 -61.07 -12.93
C GLY Q 281 -19.42 -61.20 -11.42
N LYS Q 282 -18.25 -61.20 -10.78
CA LYS Q 282 -18.15 -61.11 -9.33
C LYS Q 282 -17.02 -60.15 -8.98
N THR Q 283 -17.12 -59.55 -7.81
CA THR Q 283 -16.11 -58.63 -7.32
C THR Q 283 -15.79 -58.95 -5.87
N THR Q 284 -14.49 -58.96 -5.54
CA THR Q 284 -14.07 -59.20 -4.17
C THR Q 284 -14.18 -57.92 -3.37
N LEU Q 285 -15.04 -57.92 -2.36
CA LEU Q 285 -15.34 -56.72 -1.59
C LEU Q 285 -14.10 -56.20 -0.87
N SER Q 286 -13.78 -54.92 -1.07
CA SER Q 286 -12.70 -54.26 -0.36
C SER Q 286 -13.17 -52.88 0.06
N ALA Q 287 -12.49 -52.33 1.08
CA ALA Q 287 -12.81 -50.97 1.51
C ALA Q 287 -12.51 -49.97 0.41
N ALA Q 288 -11.41 -50.18 -0.33
CA ALA Q 288 -11.03 -49.26 -1.39
C ALA Q 288 -11.94 -49.37 -2.60
N ALA Q 289 -12.50 -50.55 -2.86
CA ALA Q 289 -13.37 -50.72 -4.03
C ALA Q 289 -14.68 -49.95 -3.85
N ILE Q 290 -15.32 -50.11 -2.68
CA ILE Q 290 -16.60 -49.44 -2.45
C ILE Q 290 -16.42 -47.93 -2.45
N GLU Q 291 -15.37 -47.45 -1.78
CA GLU Q 291 -15.11 -46.02 -1.77
C GLU Q 291 -14.68 -45.52 -3.13
N GLY Q 292 -13.95 -46.35 -3.90
CA GLY Q 292 -13.55 -45.93 -5.24
C GLY Q 292 -14.74 -45.75 -6.16
N ARG Q 293 -15.64 -46.73 -6.18
CA ARG Q 293 -16.86 -46.60 -6.97
C ARG Q 293 -17.76 -45.49 -6.44
N LEU Q 294 -17.68 -45.18 -5.14
CA LEU Q 294 -18.51 -44.12 -4.58
C LEU Q 294 -18.00 -42.74 -4.98
N THR Q 295 -16.70 -42.49 -4.85
CA THR Q 295 -16.16 -41.20 -5.25
C THR Q 295 -16.23 -41.00 -6.77
N ALA Q 296 -16.23 -42.10 -7.53
CA ALA Q 296 -16.38 -41.99 -8.98
C ALA Q 296 -17.73 -41.38 -9.35
N VAL Q 297 -18.80 -41.86 -8.71
CA VAL Q 297 -20.12 -41.26 -8.92
C VAL Q 297 -20.17 -39.86 -8.35
N GLY Q 298 -19.61 -39.66 -7.15
CA GLY Q 298 -19.73 -38.38 -6.49
C GLY Q 298 -19.02 -37.26 -7.23
N ASN Q 299 -17.81 -37.53 -7.73
CA ASN Q 299 -17.04 -36.50 -8.41
C ASN Q 299 -17.70 -36.02 -9.70
N LEU Q 300 -18.57 -36.84 -10.29
CA LEU Q 300 -19.24 -36.49 -11.53
C LEU Q 300 -20.45 -35.59 -11.31
N LEU Q 301 -20.91 -35.41 -10.07
CA LEU Q 301 -22.04 -34.55 -9.79
C LEU Q 301 -21.67 -33.10 -10.03
N THR Q 302 -22.36 -32.45 -10.98
CA THR Q 302 -22.12 -31.04 -11.28
C THR Q 302 -22.90 -30.19 -10.30
N ARG Q 303 -22.18 -29.52 -9.39
CA ARG Q 303 -22.79 -28.78 -8.30
C ARG Q 303 -23.28 -27.42 -8.79
N GLY Q 304 -24.57 -27.19 -8.65
CA GLY Q 304 -25.17 -25.89 -8.88
C GLY Q 304 -25.48 -25.22 -7.56
N SER Q 305 -26.28 -24.15 -7.63
CA SER Q 305 -26.71 -23.46 -6.43
C SER Q 305 -27.91 -24.11 -5.73
N ALA Q 306 -28.76 -24.83 -6.47
CA ALA Q 306 -29.95 -25.46 -5.91
C ALA Q 306 -29.91 -26.97 -5.97
N THR Q 307 -29.38 -27.54 -7.05
CA THR Q 307 -29.28 -28.99 -7.20
C THR Q 307 -27.87 -29.36 -7.65
N SER Q 308 -27.67 -30.66 -7.83
CA SER Q 308 -26.45 -31.20 -8.40
C SER Q 308 -26.83 -32.24 -9.44
N ILE Q 309 -26.24 -32.15 -10.63
CA ILE Q 309 -26.67 -32.91 -11.79
C ILE Q 309 -25.68 -34.02 -12.09
N LEU Q 310 -26.20 -35.20 -12.40
CA LEU Q 310 -25.38 -36.34 -12.82
C LEU Q 310 -25.84 -36.74 -14.21
N GLY Q 311 -24.97 -36.56 -15.20
CA GLY Q 311 -25.30 -36.76 -16.60
C GLY Q 311 -25.14 -35.49 -17.40
N SER Q 312 -25.30 -35.65 -18.71
CA SER Q 312 -25.16 -34.52 -19.63
C SER Q 312 -26.31 -33.54 -19.43
N PHE Q 313 -26.00 -32.35 -18.93
CA PHE Q 313 -26.97 -31.28 -18.73
C PHE Q 313 -26.57 -30.11 -19.64
N LEU Q 314 -27.53 -29.58 -20.38
CA LEU Q 314 -27.24 -28.52 -21.34
C LEU Q 314 -28.03 -27.24 -21.14
N ALA Q 315 -29.29 -27.31 -20.71
CA ALA Q 315 -30.11 -26.09 -20.67
C ALA Q 315 -30.82 -25.88 -19.33
N THR Q 316 -32.00 -26.48 -19.17
CA THR Q 316 -32.87 -26.11 -18.06
C THR Q 316 -33.21 -27.28 -17.14
N ASP Q 317 -33.52 -28.46 -17.71
CA ASP Q 317 -33.98 -29.59 -16.93
C ASP Q 317 -33.38 -30.87 -17.51
N CYS Q 318 -33.64 -31.98 -16.83
CA CYS Q 318 -33.29 -33.30 -17.35
C CYS Q 318 -34.46 -33.89 -18.13
N SER Q 319 -34.96 -33.14 -19.11
CA SER Q 319 -36.17 -33.57 -19.82
C SER Q 319 -35.92 -34.82 -20.65
N GLY Q 320 -34.72 -34.98 -21.21
CA GLY Q 320 -34.40 -36.07 -22.09
C GLY Q 320 -34.15 -35.66 -23.53
N ASP Q 321 -34.61 -34.48 -23.91
CA ASP Q 321 -34.37 -33.97 -25.26
C ASP Q 321 -32.93 -33.49 -25.38
N GLN Q 322 -32.42 -33.49 -26.62
CA GLN Q 322 -31.01 -33.20 -26.87
C GLN Q 322 -30.59 -31.81 -26.40
N GLY Q 323 -31.52 -30.93 -26.07
CA GLY Q 323 -31.20 -29.59 -25.64
C GLY Q 323 -31.24 -29.41 -24.14
N SER Q 324 -32.06 -30.22 -23.45
CA SER Q 324 -32.20 -30.11 -22.01
C SER Q 324 -31.11 -30.89 -21.28
N GLY Q 325 -31.27 -32.21 -21.19
CA GLY Q 325 -30.31 -33.05 -20.50
C GLY Q 325 -30.76 -34.46 -20.27
N MET Q 326 -29.83 -35.41 -20.34
CA MET Q 326 -30.06 -36.80 -20.00
C MET Q 326 -29.38 -37.03 -18.66
N CYS Q 327 -30.13 -36.85 -17.58
CA CYS Q 327 -29.50 -36.74 -16.27
C CYS Q 327 -30.49 -37.00 -15.15
N VAL Q 328 -29.94 -37.05 -13.93
CA VAL Q 328 -30.71 -37.15 -12.70
C VAL Q 328 -30.20 -36.07 -11.75
N ALA Q 329 -31.11 -35.44 -11.01
CA ALA Q 329 -30.79 -34.30 -10.17
C ALA Q 329 -30.97 -34.66 -8.69
N TYR Q 330 -30.13 -34.07 -7.85
CA TYR Q 330 -30.19 -34.25 -6.41
C TYR Q 330 -30.14 -32.88 -5.73
N THR Q 331 -31.00 -32.69 -4.72
CA THR Q 331 -30.98 -31.49 -3.90
C THR Q 331 -30.21 -31.68 -2.60
N GLU Q 332 -29.76 -32.90 -2.32
CA GLU Q 332 -29.08 -33.15 -1.04
C GLU Q 332 -27.72 -32.47 -1.00
N VAL Q 333 -27.01 -32.42 -2.12
CA VAL Q 333 -25.72 -31.77 -2.19
C VAL Q 333 -25.80 -30.60 -3.16
N THR Q 334 -25.04 -29.56 -2.87
CA THR Q 334 -25.02 -28.35 -3.68
C THR Q 334 -23.65 -27.72 -3.54
N ASP Q 335 -23.44 -26.59 -4.22
CA ASP Q 335 -22.15 -25.91 -4.15
C ASP Q 335 -21.87 -25.26 -2.78
N ALA Q 336 -22.71 -25.52 -1.77
CA ALA Q 336 -22.51 -24.95 -0.45
C ALA Q 336 -22.72 -25.95 0.69
N LYS Q 337 -23.23 -27.16 0.43
CA LYS Q 337 -23.43 -28.13 1.50
C LYS Q 337 -23.52 -29.52 0.90
N GLY Q 338 -23.29 -30.52 1.75
CA GLY Q 338 -23.50 -31.91 1.39
C GLY Q 338 -22.29 -32.63 0.84
N THR Q 339 -21.87 -33.68 1.53
CA THR Q 339 -20.94 -34.62 0.94
C THR Q 339 -21.71 -35.84 0.46
N PRO Q 340 -21.50 -36.29 -0.78
CA PRO Q 340 -22.42 -37.31 -1.35
C PRO Q 340 -22.47 -38.61 -0.56
N THR Q 341 -21.35 -39.05 0.01
CA THR Q 341 -21.32 -40.32 0.72
C THR Q 341 -22.05 -40.29 2.05
N LYS Q 342 -22.68 -39.16 2.41
CA LYS Q 342 -23.39 -39.06 3.67
C LYS Q 342 -24.75 -38.38 3.59
N ASP Q 343 -25.03 -37.57 2.56
CA ASP Q 343 -26.29 -36.84 2.48
C ASP Q 343 -27.22 -37.35 1.38
N ILE Q 344 -26.71 -38.07 0.40
CA ILE Q 344 -27.55 -38.74 -0.60
C ILE Q 344 -27.82 -40.16 -0.11
N PRO Q 345 -29.09 -40.58 0.00
CA PRO Q 345 -29.41 -41.77 0.80
C PRO Q 345 -28.78 -43.06 0.29
N TRP Q 346 -29.05 -43.45 -0.96
CA TRP Q 346 -28.54 -44.72 -1.45
C TRP Q 346 -27.01 -44.74 -1.43
N MET Q 347 -26.38 -43.60 -1.70
CA MET Q 347 -24.94 -43.52 -1.56
C MET Q 347 -24.50 -43.61 -0.10
N GLN Q 348 -25.38 -43.21 0.82
CA GLN Q 348 -25.07 -43.39 2.24
C GLN Q 348 -25.25 -44.85 2.65
N LYS Q 349 -26.25 -45.54 2.10
CA LYS Q 349 -26.40 -46.97 2.37
C LYS Q 349 -25.15 -47.73 1.93
N LEU Q 350 -24.68 -47.46 0.70
CA LEU Q 350 -23.46 -48.10 0.23
C LEU Q 350 -22.23 -47.60 0.99
N ASP Q 351 -22.30 -46.42 1.58
CA ASP Q 351 -21.19 -45.95 2.40
C ASP Q 351 -21.11 -46.73 3.70
N SER Q 352 -22.26 -47.00 4.32
CA SER Q 352 -22.29 -47.82 5.53
C SER Q 352 -21.67 -49.19 5.29
N VAL Q 353 -21.73 -49.68 4.04
CA VAL Q 353 -21.05 -50.92 3.70
C VAL Q 353 -19.54 -50.75 3.89
N ARG Q 354 -18.95 -49.77 3.21
CA ARG Q 354 -17.53 -49.48 3.35
C ARG Q 354 -17.11 -49.37 4.82
N ILE Q 355 -17.95 -48.72 5.64
CA ILE Q 355 -17.65 -48.56 7.06
C ILE Q 355 -17.57 -49.93 7.74
N LYS Q 356 -18.51 -50.82 7.43
CA LYS Q 356 -18.51 -52.15 8.05
C LYS Q 356 -17.41 -53.05 7.50
N LEU Q 357 -16.96 -52.82 6.26
CA LEU Q 357 -15.84 -53.59 5.72
C LEU Q 357 -14.56 -53.33 6.51
N GLN Q 358 -14.33 -52.08 6.92
CA GLN Q 358 -13.11 -51.76 7.66
C GLN Q 358 -13.14 -52.36 9.06
N LYS Q 359 -14.29 -52.30 9.74
CA LYS Q 359 -14.39 -52.92 11.06
C LYS Q 359 -14.18 -54.42 10.98
N HIS Q 360 -14.61 -55.05 9.88
CA HIS Q 360 -14.47 -56.49 9.74
C HIS Q 360 -13.01 -56.89 9.50
N GLU Q 361 -12.28 -56.10 8.71
CA GLU Q 361 -10.89 -56.43 8.40
C GLU Q 361 -10.02 -56.34 9.65
N ARG Q 362 -10.12 -55.23 10.38
CA ARG Q 362 -9.33 -55.07 11.60
C ARG Q 362 -9.65 -56.14 12.64
N ALA Q 363 -10.85 -56.71 12.60
CA ALA Q 363 -11.23 -57.75 13.57
C ALA Q 363 -10.50 -59.06 13.30
N VAL Q 364 -10.47 -59.51 12.05
CA VAL Q 364 -9.76 -60.74 11.71
C VAL Q 364 -8.26 -60.54 11.78
N GLU Q 365 -7.77 -59.31 11.63
CA GLU Q 365 -6.35 -59.02 11.87
C GLU Q 365 -6.02 -59.14 13.35
N LYS Q 366 -6.94 -58.74 14.23
CA LYS Q 366 -6.73 -58.91 15.66
C LYS Q 366 -6.97 -60.35 16.09
N LEU Q 367 -7.99 -61.00 15.54
CA LEU Q 367 -8.30 -62.38 15.90
C LEU Q 367 -7.30 -63.38 15.34
N GLY Q 368 -6.45 -62.98 14.39
CA GLY Q 368 -5.62 -63.92 13.67
C GLY Q 368 -4.29 -64.27 14.32
N LYS Q 369 -3.46 -63.28 14.60
CA LYS Q 369 -2.09 -63.51 15.06
C LYS Q 369 -2.01 -64.18 16.43
N PRO Q 370 -3.02 -64.08 17.31
CA PRO Q 370 -3.02 -64.98 18.47
C PRO Q 370 -3.14 -66.45 18.09
N GLN Q 371 -3.98 -66.78 17.09
CA GLN Q 371 -4.21 -68.17 16.74
C GLN Q 371 -2.93 -68.85 16.28
N HIS Q 372 -2.13 -68.16 15.45
CA HIS Q 372 -0.92 -68.78 14.92
C HIS Q 372 0.05 -69.14 16.05
N ASP Q 373 0.26 -68.22 16.98
CA ASP Q 373 1.13 -68.51 18.12
C ASP Q 373 0.46 -69.46 19.10
N LEU Q 374 -0.87 -69.39 19.22
CA LEU Q 374 -1.57 -70.25 20.16
C LEU Q 374 -1.46 -71.72 19.79
N LYS Q 375 -1.41 -72.02 18.49
CA LYS Q 375 -1.23 -73.38 18.01
C LYS Q 375 0.23 -73.80 17.92
N THR Q 376 1.17 -72.85 18.07
CA THR Q 376 2.58 -73.20 17.99
C THR Q 376 3.02 -73.95 19.23
N ILE Q 377 2.61 -73.50 20.42
CA ILE Q 377 2.97 -74.15 21.66
C ILE Q 377 2.45 -75.60 21.70
N LEU Q 378 1.42 -75.90 20.93
CA LEU Q 378 0.83 -77.23 20.90
C LEU Q 378 1.70 -78.20 20.11
N ASN R 24 -19.99 -34.81 -35.41
CA ASN R 24 -19.16 -35.96 -35.72
C ASN R 24 -18.01 -36.09 -34.73
N ILE R 25 -17.25 -37.17 -34.85
CA ILE R 25 -16.11 -37.42 -33.96
C ILE R 25 -14.94 -36.53 -34.38
N GLY R 26 -14.42 -35.76 -33.44
CA GLY R 26 -13.36 -34.83 -33.73
C GLY R 26 -12.27 -34.77 -32.68
N THR R 27 -11.54 -33.65 -32.65
CA THR R 27 -10.36 -33.52 -31.81
C THR R 27 -10.70 -33.73 -30.34
N GLY R 28 -10.00 -34.66 -29.70
CA GLY R 28 -10.08 -34.86 -28.26
C GLY R 28 -11.23 -35.70 -27.78
N ASP R 29 -12.07 -36.22 -28.68
CA ASP R 29 -13.24 -36.99 -28.26
C ASP R 29 -12.90 -38.33 -27.64
N ASN R 30 -11.66 -38.80 -27.76
CA ASN R 30 -11.24 -40.07 -27.15
C ASN R 30 -10.20 -39.88 -26.05
N VAL R 31 -10.07 -38.66 -25.52
CA VAL R 31 -9.15 -38.42 -24.41
C VAL R 31 -9.48 -39.34 -23.24
N LEU R 32 -10.76 -39.55 -22.97
CA LEU R 32 -11.17 -40.39 -21.85
C LEU R 32 -10.70 -41.83 -22.04
N HIS R 33 -10.82 -42.37 -23.25
CA HIS R 33 -10.39 -43.74 -23.52
C HIS R 33 -8.87 -43.84 -23.60
N ARG R 34 -8.23 -42.87 -24.26
CA ARG R 34 -6.77 -42.86 -24.33
C ARG R 34 -6.15 -42.90 -22.93
N ALA R 35 -6.67 -42.07 -22.02
CA ALA R 35 -6.16 -42.09 -20.64
C ALA R 35 -6.38 -43.43 -19.97
N ALA R 36 -7.48 -44.12 -20.28
CA ALA R 36 -7.74 -45.43 -19.68
C ALA R 36 -6.78 -46.48 -20.23
N LEU R 37 -6.50 -46.44 -21.53
CA LEU R 37 -5.60 -47.41 -22.12
C LEU R 37 -4.15 -47.10 -21.77
N CYS R 38 -3.78 -45.82 -21.71
CA CYS R 38 -2.42 -45.45 -21.34
C CYS R 38 -2.08 -45.88 -19.92
N GLY R 39 -3.08 -45.88 -19.03
CA GLY R 39 -2.86 -46.45 -17.71
C GLY R 39 -2.44 -47.92 -17.74
N ILE R 40 -2.77 -48.63 -18.83
CA ILE R 40 -2.34 -50.01 -18.98
C ILE R 40 -0.97 -50.09 -19.64
N ILE R 41 -0.71 -49.24 -20.63
CA ILE R 41 0.58 -49.25 -21.32
C ILE R 41 1.70 -48.84 -20.38
N GLU R 42 1.44 -47.94 -19.43
CA GLU R 42 2.49 -47.40 -18.58
C GLU R 42 2.95 -48.39 -17.50
N LEU R 43 2.27 -49.52 -17.34
CA LEU R 43 2.77 -50.59 -16.47
C LEU R 43 3.74 -51.52 -17.19
N ALA R 44 3.86 -51.40 -18.51
CA ALA R 44 4.62 -52.34 -19.31
C ALA R 44 6.13 -52.08 -19.19
N GLY R 45 6.90 -52.89 -19.89
CA GLY R 45 8.35 -52.80 -19.77
C GLY R 45 8.80 -53.25 -18.39
N LYS R 46 9.83 -52.60 -17.88
CA LYS R 46 10.33 -52.84 -16.53
C LYS R 46 9.93 -51.74 -15.57
N ARG R 47 8.86 -51.02 -15.87
CA ARG R 47 8.47 -49.86 -15.08
C ARG R 47 7.55 -50.22 -13.93
N ALA R 48 7.12 -51.48 -13.82
CA ALA R 48 6.30 -51.95 -12.71
C ALA R 48 7.20 -52.59 -11.67
N LYS R 49 7.37 -51.92 -10.52
CA LYS R 49 8.29 -52.36 -9.48
C LYS R 49 7.51 -53.01 -8.34
N LEU R 50 8.08 -54.06 -7.75
CA LEU R 50 7.40 -54.75 -6.66
C LEU R 50 7.58 -54.03 -5.34
N GLU R 51 8.83 -53.73 -4.96
CA GLU R 51 9.16 -52.93 -3.78
C GLU R 51 8.65 -53.60 -2.50
N THR R 52 9.29 -54.73 -2.18
CA THR R 52 8.96 -55.48 -0.96
C THR R 52 10.12 -56.42 -0.68
N ALA R 53 10.80 -56.21 0.44
CA ALA R 53 11.94 -57.05 0.81
C ALA R 53 11.45 -58.45 1.18
N LEU R 54 11.98 -59.46 0.51
CA LEU R 54 11.56 -60.83 0.77
C LEU R 54 12.03 -61.27 2.16
N PRO R 55 11.20 -62.02 2.89
CA PRO R 55 11.51 -62.51 4.24
C PRO R 55 12.71 -63.45 4.25
N PHE R 57 14.34 -67.12 5.90
CA PHE R 57 15.06 -66.81 7.12
C PHE R 57 16.02 -67.92 7.52
N GLN R 58 16.61 -68.60 6.52
CA GLN R 58 17.50 -69.72 6.79
C GLN R 58 18.90 -69.30 7.24
N ASN R 59 19.37 -68.11 6.83
CA ASN R 59 20.68 -67.63 7.26
C ASN R 59 20.75 -67.45 8.77
N GLU R 60 19.73 -66.78 9.34
CA GLU R 60 19.72 -66.47 10.76
C GLU R 60 19.35 -67.69 11.59
N LEU R 61 18.64 -68.65 10.99
CA LEU R 61 18.43 -69.93 11.64
C LEU R 61 19.75 -70.67 11.78
N ASN R 62 20.64 -70.53 10.79
CA ASN R 62 21.93 -71.19 10.85
C ASN R 62 22.80 -70.62 11.96
N SER R 63 22.57 -69.35 12.33
CA SER R 63 23.28 -68.79 13.48
C SER R 63 22.85 -69.46 14.77
N ILE R 64 21.58 -69.87 14.87
CA ILE R 64 21.11 -70.60 16.04
C ILE R 64 21.77 -71.98 16.10
N LEU R 65 21.80 -72.68 14.96
CA LEU R 65 22.40 -74.01 14.93
C LEU R 65 23.89 -73.93 15.22
N GLU R 66 24.56 -72.90 14.72
CA GLU R 66 25.97 -72.69 15.06
C GLU R 66 26.14 -72.49 16.56
N LEU R 67 25.27 -71.68 17.16
CA LEU R 67 25.30 -71.48 18.60
C LEU R 67 25.08 -72.78 19.36
N ASN R 68 24.13 -73.59 18.90
CA ASN R 68 23.81 -74.84 19.58
C ASN R 68 25.01 -75.78 19.59
N MET R 69 25.71 -75.90 18.46
CA MET R 69 26.88 -76.77 18.39
C MET R 69 28.08 -76.14 19.08
N THR R 70 28.25 -74.81 18.96
CA THR R 70 29.35 -74.13 19.62
C THR R 70 29.23 -74.25 21.14
N ALA R 71 28.06 -73.96 21.67
CA ALA R 71 27.82 -74.01 23.12
C ALA R 71 27.31 -75.39 23.55
N ALA R 72 28.04 -76.43 23.16
CA ALA R 72 27.76 -77.79 23.59
C ALA R 72 29.09 -78.52 23.76
N GLU R 73 29.04 -79.64 24.50
CA GLU R 73 30.25 -80.40 24.84
C GLU R 73 30.16 -81.83 24.31
N PRO R 74 30.26 -82.02 22.99
CA PRO R 74 30.28 -83.40 22.49
C PRO R 74 31.63 -84.08 22.74
N THR R 108 22.32 -84.80 9.90
CA THR R 108 22.54 -84.23 8.57
C THR R 108 22.50 -82.70 8.60
N ALA R 109 21.48 -82.12 9.24
CA ALA R 109 21.47 -80.68 9.48
C ALA R 109 22.34 -80.29 10.67
N TRP R 110 22.61 -81.25 11.56
CA TRP R 110 23.52 -80.99 12.67
C TRP R 110 24.94 -80.73 12.17
N ALA R 111 25.39 -81.52 11.18
CA ALA R 111 26.75 -81.40 10.68
C ALA R 111 26.99 -80.09 9.96
N LYS R 112 25.94 -79.44 9.45
CA LYS R 112 26.10 -78.16 8.77
C LYS R 112 26.66 -77.12 9.72
N ALA R 113 26.09 -77.02 10.93
CA ALA R 113 26.64 -76.12 11.93
C ALA R 113 28.02 -76.56 12.38
N ALA R 114 28.26 -77.88 12.45
CA ALA R 114 29.54 -78.38 12.96
C ALA R 114 30.68 -78.10 11.98
N LEU R 115 30.47 -78.40 10.68
CA LEU R 115 31.56 -78.46 9.69
C LEU R 115 32.59 -77.35 9.79
N PRO R 116 32.23 -76.05 9.91
CA PRO R 116 33.28 -75.03 10.10
C PRO R 116 33.87 -75.04 11.50
N LEU R 117 33.10 -75.47 12.50
CA LEU R 117 33.60 -75.54 13.87
C LEU R 117 34.67 -76.60 14.05
N LEU R 118 34.84 -77.50 13.09
CA LEU R 118 35.87 -78.53 13.14
C LEU R 118 37.28 -77.92 13.05
N ASN R 119 37.64 -77.07 14.01
CA ASN R 119 38.92 -76.38 13.97
C ASN R 119 39.27 -75.77 15.33
N THR R 122 39.11 -71.61 15.13
CA THR R 122 37.82 -71.24 14.54
C THR R 122 36.69 -71.41 15.55
N HIS R 123 36.65 -72.59 16.19
CA HIS R 123 35.69 -72.79 17.27
C HIS R 123 35.86 -71.73 18.36
N GLN R 124 37.12 -71.37 18.67
CA GLN R 124 37.36 -70.32 19.64
C GLN R 124 36.78 -68.99 19.18
N ALA R 125 36.87 -68.69 17.88
CA ALA R 125 36.23 -67.51 17.34
C ALA R 125 34.71 -67.58 17.38
N LYS R 126 34.15 -68.77 17.62
CA LYS R 126 32.70 -68.89 17.74
C LYS R 126 32.23 -68.55 19.16
N LEU R 127 32.98 -68.96 20.18
CA LEU R 127 32.70 -68.50 21.53
C LEU R 127 32.78 -66.99 21.61
N LYS R 128 33.82 -66.41 21.01
CA LYS R 128 33.98 -64.96 21.02
C LYS R 128 32.89 -64.28 20.23
N GLU R 129 32.45 -64.88 19.11
CA GLU R 129 31.36 -64.32 18.34
C GLU R 129 30.04 -64.44 19.10
N TYR R 130 29.82 -65.57 19.78
CA TYR R 130 28.62 -65.78 20.56
C TYR R 130 28.76 -65.31 22.00
N LYS R 131 29.86 -64.63 22.33
CA LYS R 131 30.13 -64.15 23.69
C LYS R 131 30.09 -65.27 24.72
N ALA R 143 22.87 -70.98 31.52
CA ALA R 143 24.16 -71.14 30.83
C ALA R 143 23.97 -71.74 29.45
N ARG R 144 23.79 -73.06 29.39
CA ARG R 144 23.55 -73.77 28.14
C ARG R 144 22.12 -74.25 27.97
N ASN R 145 21.44 -74.57 29.07
CA ASN R 145 20.04 -75.00 28.96
C ASN R 145 19.16 -73.88 28.45
N THR R 146 19.31 -72.67 29.02
CA THR R 146 18.51 -71.53 28.57
C THR R 146 18.75 -71.22 27.10
N ILE R 147 20.03 -71.24 26.69
CA ILE R 147 20.35 -70.97 25.28
C ILE R 147 19.73 -72.04 24.38
N ARG R 148 19.88 -73.30 24.76
CA ARG R 148 19.27 -74.38 24.00
C ARG R 148 17.76 -74.36 24.08
N ARG R 149 17.18 -73.71 25.09
CA ARG R 149 15.72 -73.61 25.17
C ARG R 149 15.18 -72.69 24.08
N LEU R 150 15.90 -71.61 23.76
CA LEU R 150 15.47 -70.73 22.68
C LEU R 150 15.51 -71.45 21.34
N THR R 151 16.37 -72.46 21.21
CA THR R 151 16.46 -73.21 19.96
C THR R 151 15.16 -73.97 19.67
N ALA R 152 14.59 -74.61 20.70
CA ALA R 152 13.34 -75.34 20.50
C ALA R 152 12.19 -74.40 20.20
N GLU R 153 12.16 -73.23 20.85
CA GLU R 153 11.13 -72.24 20.57
C GLU R 153 11.25 -71.70 19.14
N ALA R 154 12.48 -71.45 18.69
CA ALA R 154 12.67 -70.90 17.36
C ALA R 154 12.43 -71.96 16.28
N VAL R 155 12.84 -73.21 16.53
CA VAL R 155 12.67 -74.26 15.53
C VAL R 155 11.20 -74.59 15.31
N ALA R 156 10.38 -74.51 16.36
CA ALA R 156 8.95 -74.75 16.19
C ALA R 156 8.27 -73.61 15.44
N LYS R 157 8.70 -72.38 15.69
CA LYS R 157 8.11 -71.23 15.02
C LYS R 157 8.48 -71.20 13.53
N ALA R 158 9.66 -71.69 13.18
CA ALA R 158 10.14 -71.70 11.80
C ALA R 158 9.91 -73.04 11.10
N GLN R 159 8.90 -73.80 11.52
CA GLN R 159 8.60 -75.07 10.89
C GLN R 159 7.09 -75.26 10.68
N ASP R 160 6.32 -74.17 10.72
CA ASP R 160 4.86 -74.26 10.62
C ASP R 160 4.38 -73.95 9.21
N THR R 162 3.30 -73.18 9.08
CA THR R 162 2.67 -72.85 7.80
C THR R 162 3.61 -72.08 6.87
N VAL R 163 4.91 -72.07 7.19
CA VAL R 163 5.90 -71.32 6.42
C VAL R 163 5.89 -71.77 4.96
N ALA R 164 5.78 -73.09 4.73
CA ALA R 164 5.83 -73.60 3.36
C ALA R 164 4.59 -73.18 2.57
N GLU R 165 3.44 -73.09 3.22
CA GLU R 165 2.21 -72.73 2.52
C GLU R 165 2.32 -71.33 1.90
N SER R 166 2.84 -70.37 2.66
CA SER R 166 3.00 -69.02 2.14
C SER R 166 4.18 -68.92 1.17
N THR R 167 5.25 -69.69 1.42
CA THR R 167 6.42 -69.65 0.53
C THR R 167 6.03 -69.87 -0.93
N ALA R 168 5.10 -70.79 -1.17
CA ALA R 168 4.63 -71.07 -2.52
C ALA R 168 3.79 -69.95 -3.11
N ASP R 169 3.61 -68.84 -2.40
CA ASP R 169 2.83 -67.70 -2.88
C ASP R 169 3.67 -66.51 -3.29
N LEU R 170 5.00 -66.63 -3.24
CA LEU R 170 5.89 -65.53 -3.60
C LEU R 170 6.26 -65.61 -5.07
N THR R 171 6.44 -64.44 -5.69
CA THR R 171 6.93 -64.34 -7.05
C THR R 171 7.95 -63.22 -7.14
N THR R 172 8.76 -63.26 -8.19
CA THR R 172 9.79 -62.26 -8.41
C THR R 172 9.21 -61.07 -9.18
N GLU R 173 9.99 -59.99 -9.24
CA GLU R 173 9.57 -58.81 -9.98
C GLU R 173 9.59 -59.08 -11.48
N GLU R 174 10.56 -59.86 -11.95
CA GLU R 174 10.62 -60.19 -13.37
C GLU R 174 9.47 -61.10 -13.80
N ASP R 175 8.85 -61.82 -12.87
CA ASP R 175 7.70 -62.66 -13.22
C ASP R 175 6.47 -61.82 -13.53
N LEU R 176 6.16 -60.85 -12.66
CA LEU R 176 5.01 -59.99 -12.92
C LEU R 176 5.23 -59.09 -14.12
N GLN R 177 6.48 -58.70 -14.40
CA GLN R 177 6.75 -57.82 -15.52
C GLN R 177 6.45 -58.49 -16.85
N LYS R 178 6.80 -59.78 -16.99
CA LYS R 178 6.54 -60.48 -18.24
C LYS R 178 5.04 -60.59 -18.51
N GLN R 179 4.26 -60.94 -17.48
CA GLN R 179 2.82 -61.06 -17.67
C GLN R 179 2.18 -59.71 -17.99
N ILE R 180 2.72 -58.63 -17.43
CA ILE R 180 2.21 -57.30 -17.78
C ILE R 180 2.49 -57.00 -19.25
N ASN R 181 3.71 -57.30 -19.71
CA ASN R 181 4.04 -57.12 -21.12
C ASN R 181 3.30 -58.10 -22.01
N GLN R 182 2.96 -59.29 -21.49
CA GLN R 182 2.17 -60.23 -22.28
C GLN R 182 0.77 -59.68 -22.54
N ALA R 183 0.17 -59.03 -21.54
CA ALA R 183 -1.16 -58.45 -21.73
C ALA R 183 -1.11 -57.28 -22.71
N VAL R 184 -0.06 -56.46 -22.65
CA VAL R 184 0.02 -55.26 -23.46
C VAL R 184 0.55 -55.55 -24.86
N TYR R 185 1.62 -56.33 -24.98
CA TYR R 185 2.28 -56.53 -26.27
C TYR R 185 2.23 -57.96 -26.80
N SER R 186 1.60 -58.88 -26.07
CA SER R 186 1.61 -60.30 -26.43
C SER R 186 3.05 -60.83 -26.55
N LYS R 187 3.95 -60.29 -25.73
CA LYS R 187 5.36 -60.67 -25.76
C LYS R 187 5.95 -60.49 -24.36
N ASP R 188 7.11 -61.09 -24.14
CA ASP R 188 7.66 -61.10 -22.79
C ASP R 188 8.30 -59.77 -22.42
N THR R 189 8.79 -59.01 -23.41
CA THR R 189 9.42 -57.73 -23.12
C THR R 189 8.90 -56.68 -24.09
N GLU R 190 8.97 -55.43 -23.65
CA GLU R 190 8.43 -54.31 -24.40
C GLU R 190 9.22 -54.07 -25.68
N PRO R 191 8.57 -54.01 -26.84
CA PRO R 191 9.31 -53.72 -28.07
C PRO R 191 9.92 -52.33 -28.06
N ASP R 192 11.05 -52.20 -28.74
CA ASP R 192 11.75 -50.93 -28.84
C ASP R 192 10.94 -49.95 -29.69
N ASP R 193 11.50 -48.74 -29.87
CA ASP R 193 10.75 -47.69 -30.55
C ASP R 193 10.44 -48.03 -31.99
N ASP R 194 11.22 -48.93 -32.60
CA ASP R 194 10.96 -49.38 -33.95
C ASP R 194 10.06 -50.61 -33.97
N PHE R 195 9.62 -51.09 -32.80
CA PHE R 195 8.79 -52.29 -32.69
C PHE R 195 9.43 -53.47 -33.42
N ASN R 196 10.71 -53.70 -33.13
CA ASN R 196 11.43 -54.81 -33.74
C ASN R 196 10.91 -56.15 -33.22
N GLY R 197 10.67 -57.08 -34.14
CA GLY R 197 10.16 -58.38 -33.77
C GLY R 197 8.72 -58.37 -33.32
N TYR R 198 7.93 -57.39 -33.75
CA TYR R 198 6.53 -57.25 -33.37
C TYR R 198 5.70 -57.07 -34.62
N THR R 199 4.58 -57.80 -34.71
CA THR R 199 3.63 -57.67 -35.81
C THR R 199 2.26 -57.32 -35.23
N ALA R 200 1.69 -56.21 -35.70
CA ALA R 200 0.42 -55.76 -35.16
C ALA R 200 -0.71 -56.70 -35.55
N PHE R 201 -1.68 -56.84 -34.63
CA PHE R 201 -2.89 -57.63 -34.86
C PHE R 201 -2.57 -59.08 -35.20
N GLU R 202 -1.49 -59.62 -34.63
CA GLU R 202 -1.11 -61.01 -34.80
C GLU R 202 -0.94 -61.38 -36.27
N GLY R 203 -0.62 -60.38 -37.10
CA GLY R 203 -0.41 -60.63 -38.52
C GLY R 203 -1.67 -60.97 -39.28
N LYS R 204 -2.84 -60.62 -38.76
CA LYS R 204 -4.11 -60.97 -39.38
C LYS R 204 -4.90 -59.74 -39.83
N ALA R 205 -4.24 -58.59 -39.96
CA ALA R 205 -4.93 -57.40 -40.46
C ALA R 205 -5.15 -57.54 -41.96
N SER R 206 -6.28 -57.01 -42.45
CA SER R 206 -6.62 -57.13 -43.87
C SER R 206 -7.73 -56.16 -44.23
N THR R 207 -7.94 -56.01 -45.54
CA THR R 207 -9.01 -55.24 -46.18
C THR R 207 -9.04 -53.77 -45.76
N ASN R 208 -9.84 -53.44 -44.75
CA ASN R 208 -10.05 -52.05 -44.33
C ASN R 208 -9.92 -51.94 -42.82
N ARG R 209 -10.00 -50.69 -42.33
CA ARG R 209 -9.83 -50.45 -40.90
C ARG R 209 -10.98 -51.04 -40.08
N GLN R 210 -12.19 -51.06 -40.65
CA GLN R 210 -13.32 -51.58 -39.88
C GLN R 210 -13.16 -53.07 -39.58
N THR R 211 -12.76 -53.87 -40.58
CA THR R 211 -12.52 -55.29 -40.30
C THR R 211 -11.33 -55.48 -39.37
N ILE R 212 -10.35 -54.57 -39.41
CA ILE R 212 -9.22 -54.66 -38.50
C ILE R 212 -9.65 -54.33 -37.08
N CYS R 213 -10.48 -53.32 -36.91
CA CYS R 213 -10.80 -52.80 -35.58
C CYS R 213 -12.19 -53.19 -35.09
N GLY R 214 -13.00 -53.86 -35.90
CA GLY R 214 -14.27 -54.38 -35.43
C GLY R 214 -15.44 -53.49 -35.77
N SER R 215 -16.62 -53.97 -35.38
CA SER R 215 -17.87 -53.32 -35.72
C SER R 215 -18.92 -53.64 -34.67
N ALA R 216 -20.14 -53.19 -34.92
CA ALA R 216 -21.26 -53.56 -34.06
C ALA R 216 -21.64 -55.02 -34.22
N VAL R 217 -21.16 -55.69 -35.27
CA VAL R 217 -21.47 -57.09 -35.52
C VAL R 217 -20.23 -57.96 -35.69
N ALA R 218 -19.03 -57.37 -35.59
CA ALA R 218 -17.80 -58.12 -35.81
C ALA R 218 -16.73 -57.66 -34.82
N GLY R 219 -15.97 -58.63 -34.30
CA GLY R 219 -14.88 -58.29 -33.40
C GLY R 219 -13.61 -57.96 -34.14
N SER R 220 -12.68 -57.34 -33.41
CA SER R 220 -11.45 -56.87 -34.00
C SER R 220 -10.41 -57.98 -34.08
N LYS R 221 -9.29 -57.66 -34.75
CA LYS R 221 -8.14 -58.55 -34.83
C LYS R 221 -7.08 -58.23 -33.78
N ALA R 222 -7.37 -57.29 -32.88
CA ALA R 222 -6.44 -56.87 -31.85
C ALA R 222 -6.65 -57.71 -30.60
N THR R 223 -5.61 -58.44 -30.19
CA THR R 223 -5.69 -59.33 -29.03
C THR R 223 -5.04 -58.77 -27.78
N ASN R 224 -4.25 -57.70 -27.90
CA ASN R 224 -3.56 -57.11 -26.77
C ASN R 224 -4.02 -55.66 -26.57
N ALA R 225 -3.51 -55.03 -25.51
CA ALA R 225 -3.86 -53.64 -25.23
C ALA R 225 -3.20 -52.68 -26.20
N MET R 226 -2.02 -53.03 -26.72
CA MET R 226 -1.30 -52.12 -27.62
C MET R 226 -2.01 -51.98 -28.95
N ASP R 227 -2.39 -53.10 -29.57
CA ASP R 227 -3.11 -53.02 -30.83
C ASP R 227 -4.50 -52.41 -30.64
N ALA R 228 -5.11 -52.63 -29.47
CA ALA R 228 -6.38 -52.00 -29.18
C ALA R 228 -6.23 -50.49 -29.04
N LEU R 229 -5.14 -50.04 -28.43
CA LEU R 229 -4.87 -48.62 -28.35
C LEU R 229 -4.66 -48.02 -29.74
N PHE R 230 -4.06 -48.79 -30.65
CA PHE R 230 -3.87 -48.29 -32.01
C PHE R 230 -5.21 -48.09 -32.71
N CYS R 231 -6.14 -49.02 -32.54
CA CYS R 231 -7.46 -48.87 -33.14
C CYS R 231 -8.20 -47.65 -32.61
N VAL R 232 -7.89 -47.22 -31.40
CA VAL R 232 -8.66 -46.15 -30.76
C VAL R 232 -8.07 -44.77 -31.05
N CYS R 233 -6.76 -44.67 -31.29
CA CYS R 233 -6.11 -43.37 -31.36
C CYS R 233 -5.39 -43.07 -32.66
N ALA R 234 -5.14 -44.07 -33.51
CA ALA R 234 -4.38 -43.84 -34.73
C ALA R 234 -5.23 -43.18 -35.81
N ASP R 235 -4.61 -42.26 -36.54
CA ASP R 235 -5.20 -41.70 -37.74
C ASP R 235 -4.76 -42.49 -38.96
N ASP R 236 -5.51 -42.35 -40.03
CA ASP R 236 -5.16 -42.92 -41.32
C ASP R 236 -5.03 -41.79 -42.34
N ARG R 237 -4.97 -42.17 -43.62
CA ARG R 237 -4.85 -41.15 -44.67
C ARG R 237 -6.13 -40.34 -44.82
N THR R 238 -7.27 -40.91 -44.43
CA THR R 238 -8.54 -40.27 -44.67
C THR R 238 -8.99 -39.35 -43.54
N ASN R 239 -8.80 -39.76 -42.29
CA ASN R 239 -9.40 -39.06 -41.16
C ASN R 239 -8.41 -38.19 -40.39
N GLY R 240 -7.20 -38.00 -40.91
CA GLY R 240 -6.18 -37.22 -40.21
C GLY R 240 -6.59 -35.80 -39.93
N ALA R 241 -7.56 -35.26 -40.67
CA ALA R 241 -8.02 -33.89 -40.47
C ALA R 241 -9.21 -33.79 -39.53
N ASP R 242 -9.96 -34.87 -39.34
CA ASP R 242 -11.19 -34.84 -38.55
C ASP R 242 -11.13 -35.82 -37.39
N ALA R 243 -11.18 -37.13 -37.64
CA ALA R 243 -11.31 -38.10 -36.56
C ALA R 243 -9.98 -38.61 -36.04
N GLY R 244 -8.89 -38.42 -36.79
CA GLY R 244 -7.60 -38.90 -36.34
C GLY R 244 -7.09 -38.18 -35.11
N LYS R 245 -7.51 -36.93 -34.92
CA LYS R 245 -7.15 -36.15 -33.74
C LYS R 245 -8.00 -36.52 -32.52
N ALA R 246 -8.66 -37.67 -32.53
CA ALA R 246 -9.55 -38.04 -31.43
C ALA R 246 -8.81 -38.19 -30.11
N CYS R 247 -7.50 -38.46 -30.15
CA CYS R 247 -6.71 -38.67 -28.93
C CYS R 247 -5.67 -37.60 -28.69
N VAL R 248 -5.45 -36.69 -29.63
CA VAL R 248 -4.44 -35.64 -29.46
C VAL R 248 -5.14 -34.30 -29.30
N ALA R 249 -4.37 -33.22 -29.22
CA ALA R 249 -4.92 -31.88 -29.13
C ALA R 249 -4.46 -31.03 -30.30
N GLY R 250 -3.18 -30.69 -30.37
CA GLY R 250 -2.70 -29.78 -31.41
C GLY R 250 -2.57 -30.40 -32.79
N THR R 251 -1.79 -31.47 -32.91
CA THR R 251 -1.41 -32.02 -34.20
C THR R 251 -1.74 -33.51 -34.26
N ALA R 252 -2.22 -33.95 -35.43
CA ALA R 252 -2.57 -35.36 -35.63
C ALA R 252 -1.34 -36.25 -35.37
N PRO R 253 -1.57 -37.51 -34.98
CA PRO R 253 -0.44 -38.41 -34.73
C PRO R 253 0.47 -38.61 -35.94
N GLY R 254 -0.08 -38.61 -37.14
CA GLY R 254 0.73 -38.67 -38.34
C GLY R 254 1.30 -40.04 -38.65
N THR R 255 0.52 -41.10 -38.47
CA THR R 255 1.01 -42.43 -38.78
C THR R 255 1.13 -42.65 -40.29
N GLY R 256 0.27 -42.00 -41.08
CA GLY R 256 0.18 -42.31 -42.48
C GLY R 256 -0.41 -43.67 -42.77
N TRP R 257 -1.18 -44.21 -41.83
CA TRP R 257 -1.75 -45.54 -41.99
C TRP R 257 -2.71 -45.56 -43.19
N ASN R 258 -2.60 -46.62 -43.98
CA ASN R 258 -3.40 -46.77 -45.20
C ASN R 258 -3.90 -48.20 -45.27
N PRO R 259 -4.91 -48.56 -44.46
CA PRO R 259 -5.33 -49.96 -44.37
C PRO R 259 -5.87 -50.53 -45.66
N GLY R 260 -6.35 -49.69 -46.58
CA GLY R 260 -6.79 -50.19 -47.87
C GLY R 260 -5.67 -50.77 -48.70
N VAL R 261 -4.46 -50.21 -48.60
CA VAL R 261 -3.32 -50.67 -49.39
C VAL R 261 -2.52 -51.67 -48.57
N THR R 262 -2.00 -51.21 -47.42
CA THR R 262 -1.20 -52.03 -46.52
C THR R 262 -1.92 -52.11 -45.19
N ALA R 263 -2.40 -53.30 -44.83
CA ALA R 263 -3.23 -53.45 -43.64
C ALA R 263 -2.42 -53.30 -42.36
N THR R 264 -1.41 -54.14 -42.17
CA THR R 264 -0.64 -54.11 -40.94
C THR R 264 0.16 -52.81 -40.86
N PRO R 265 0.03 -52.05 -39.78
CA PRO R 265 0.84 -50.84 -39.64
C PRO R 265 2.28 -51.18 -39.30
N THR R 266 3.18 -50.29 -39.70
CA THR R 266 4.60 -50.47 -39.38
C THR R 266 4.88 -50.04 -37.95
N GLY R 267 6.06 -50.45 -37.45
CA GLY R 267 6.47 -50.05 -36.12
C GLY R 267 6.62 -48.55 -35.96
N THR R 268 7.02 -47.86 -37.04
CA THR R 268 7.07 -46.41 -37.01
C THR R 268 5.69 -45.80 -36.75
N MET R 269 4.64 -46.42 -37.30
CA MET R 269 3.30 -45.96 -37.01
C MET R 269 2.90 -46.28 -35.58
N LEU R 270 3.22 -47.49 -35.11
CA LEU R 270 2.83 -47.89 -33.76
C LEU R 270 3.46 -46.98 -32.72
N GLN R 271 4.70 -46.54 -32.95
CA GLN R 271 5.39 -45.69 -31.97
C GLN R 271 4.73 -44.32 -31.88
N LYS R 272 4.14 -43.84 -32.98
CA LYS R 272 3.52 -42.52 -32.96
C LYS R 272 2.24 -42.50 -32.14
N VAL R 273 1.61 -43.65 -31.92
CA VAL R 273 0.50 -43.75 -31.00
C VAL R 273 0.98 -43.98 -29.57
N ARG R 274 1.97 -44.86 -29.40
CA ARG R 274 2.41 -45.20 -28.05
C ARG R 274 2.93 -43.98 -27.29
N LYS R 275 3.55 -43.03 -27.99
CA LYS R 275 4.23 -41.91 -27.33
C LYS R 275 3.18 -40.99 -26.72
N LEU R 276 1.90 -41.31 -26.89
CA LEU R 276 0.88 -40.60 -26.16
C LEU R 276 0.82 -41.06 -24.72
N CYS R 277 1.41 -42.21 -24.39
CA CYS R 277 1.35 -42.76 -23.05
C CYS R 277 2.63 -42.44 -22.29
N ASN R 278 2.53 -42.43 -20.97
CA ASN R 278 3.67 -42.12 -20.10
C ASN R 278 4.51 -43.38 -19.96
N THR R 279 5.62 -43.42 -20.70
CA THR R 279 6.58 -44.51 -20.58
C THR R 279 7.92 -44.02 -20.02
N HIS R 280 7.91 -42.92 -19.27
CA HIS R 280 9.13 -42.32 -18.76
C HIS R 280 9.20 -42.31 -17.24
N GLY R 281 8.34 -43.08 -16.57
CA GLY R 281 8.31 -43.13 -15.12
C GLY R 281 8.20 -44.56 -14.63
N LYS R 282 7.60 -44.70 -13.45
CA LYS R 282 7.48 -46.00 -12.80
C LYS R 282 6.19 -46.01 -11.99
N THR R 283 5.75 -47.21 -11.63
CA THR R 283 4.55 -47.37 -10.83
C THR R 283 4.79 -48.43 -9.77
N THR R 284 4.37 -48.14 -8.54
CA THR R 284 4.50 -49.11 -7.45
C THR R 284 3.40 -50.15 -7.57
N LEU R 285 3.79 -51.40 -7.80
CA LEU R 285 2.83 -52.46 -8.05
C LEU R 285 1.97 -52.73 -6.82
N SER R 286 0.66 -52.49 -6.97
CA SER R 286 -0.31 -52.75 -5.92
C SER R 286 -1.54 -53.39 -6.56
N ALA R 287 -2.18 -54.30 -5.81
CA ALA R 287 -3.39 -54.93 -6.30
C ALA R 287 -4.48 -53.89 -6.54
N ALA R 288 -4.54 -52.86 -5.69
CA ALA R 288 -5.52 -51.80 -5.89
C ALA R 288 -5.22 -50.96 -7.13
N ALA R 289 -3.95 -50.84 -7.50
CA ALA R 289 -3.59 -50.06 -8.68
C ALA R 289 -3.95 -50.79 -9.96
N ILE R 290 -3.76 -52.12 -9.98
CA ILE R 290 -4.11 -52.91 -11.16
C ILE R 290 -5.63 -52.98 -11.32
N GLU R 291 -6.34 -53.19 -10.21
CA GLU R 291 -7.79 -53.32 -10.28
C GLU R 291 -8.44 -52.03 -10.77
N GLY R 292 -7.95 -50.88 -10.32
CA GLY R 292 -8.51 -49.62 -10.76
C GLY R 292 -8.26 -49.36 -12.24
N ARG R 293 -7.08 -49.72 -12.74
CA ARG R 293 -6.79 -49.54 -14.16
C ARG R 293 -7.62 -50.47 -15.03
N LEU R 294 -7.89 -51.69 -14.57
CA LEU R 294 -8.71 -52.62 -15.35
C LEU R 294 -10.19 -52.27 -15.26
N THR R 295 -10.66 -51.82 -14.08
CA THR R 295 -12.06 -51.47 -13.94
C THR R 295 -12.43 -50.27 -14.82
N ALA R 296 -11.50 -49.32 -14.99
CA ALA R 296 -11.77 -48.19 -15.87
C ALA R 296 -12.00 -48.64 -17.30
N VAL R 297 -11.11 -49.47 -17.83
CA VAL R 297 -11.23 -49.92 -19.22
C VAL R 297 -12.46 -50.81 -19.38
N GLY R 298 -12.63 -51.78 -18.47
CA GLY R 298 -13.72 -52.73 -18.61
C GLY R 298 -15.09 -52.08 -18.57
N ASN R 299 -15.26 -51.07 -17.72
CA ASN R 299 -16.55 -50.40 -17.64
C ASN R 299 -16.74 -49.32 -18.70
N LEU R 300 -15.66 -48.90 -19.38
CA LEU R 300 -15.82 -48.07 -20.56
C LEU R 300 -16.32 -48.84 -21.78
N LEU R 301 -16.39 -50.17 -21.70
CA LEU R 301 -16.93 -50.97 -22.79
C LEU R 301 -18.43 -50.80 -22.90
N THR R 302 -18.92 -50.39 -24.07
CA THR R 302 -20.34 -50.16 -24.32
C THR R 302 -20.97 -51.46 -24.80
N ARG R 303 -21.69 -52.13 -23.91
CA ARG R 303 -22.21 -53.46 -24.21
C ARG R 303 -23.34 -53.37 -25.22
N GLY R 304 -23.12 -53.92 -26.42
CA GLY R 304 -24.15 -54.00 -27.43
C GLY R 304 -24.70 -55.42 -27.56
N SER R 305 -25.59 -55.59 -28.54
CA SER R 305 -26.24 -56.88 -28.72
C SER R 305 -25.26 -57.94 -29.22
N ALA R 306 -24.31 -57.54 -30.06
CA ALA R 306 -23.36 -58.48 -30.66
C ALA R 306 -21.91 -58.25 -30.24
N THR R 307 -21.50 -57.00 -30.02
CA THR R 307 -20.14 -56.69 -29.61
C THR R 307 -20.19 -55.60 -28.55
N SER R 308 -19.06 -55.41 -27.87
CA SER R 308 -18.86 -54.30 -26.95
C SER R 308 -17.82 -53.36 -27.54
N ILE R 309 -18.10 -52.06 -27.47
CA ILE R 309 -17.29 -51.04 -28.13
C ILE R 309 -16.51 -50.26 -27.07
N LEU R 310 -15.20 -50.11 -27.28
CA LEU R 310 -14.35 -49.23 -26.48
C LEU R 310 -13.90 -48.09 -27.39
N GLY R 311 -14.48 -46.91 -27.20
CA GLY R 311 -14.18 -45.76 -28.04
C GLY R 311 -15.40 -45.00 -28.49
N SER R 312 -15.21 -43.82 -29.06
CA SER R 312 -16.33 -43.03 -29.57
C SER R 312 -16.94 -43.71 -30.79
N PHE R 313 -18.26 -43.90 -30.77
CA PHE R 313 -18.97 -44.67 -31.77
C PHE R 313 -20.20 -43.90 -32.20
N LEU R 314 -20.36 -43.71 -33.50
CA LEU R 314 -21.49 -42.96 -34.03
C LEU R 314 -22.39 -43.79 -34.92
N ALA R 315 -21.83 -44.61 -35.82
CA ALA R 315 -22.66 -45.27 -36.82
C ALA R 315 -22.57 -46.80 -36.79
N THR R 316 -21.65 -47.36 -37.56
CA THR R 316 -21.73 -48.77 -37.89
C THR R 316 -20.52 -49.58 -37.42
N ASP R 317 -19.31 -49.06 -37.64
CA ASP R 317 -18.10 -49.83 -37.36
C ASP R 317 -16.98 -48.88 -36.95
N CYS R 318 -15.86 -49.47 -36.54
CA CYS R 318 -14.67 -48.71 -36.17
C CYS R 318 -13.74 -48.60 -37.38
N SER R 319 -14.16 -47.78 -38.34
CA SER R 319 -13.45 -47.56 -39.58
C SER R 319 -12.57 -46.33 -39.54
N GLY R 320 -12.61 -45.57 -38.45
CA GLY R 320 -11.93 -44.29 -38.37
C GLY R 320 -12.68 -43.15 -39.02
N ASP R 321 -13.77 -43.41 -39.71
CA ASP R 321 -14.54 -42.33 -40.32
C ASP R 321 -15.19 -41.48 -39.24
N GLN R 322 -15.17 -40.17 -39.45
CA GLN R 322 -15.72 -39.25 -38.44
C GLN R 322 -17.21 -39.48 -38.23
N GLY R 323 -17.90 -40.12 -39.17
CA GLY R 323 -19.29 -40.48 -38.99
C GLY R 323 -19.52 -41.86 -38.41
N SER R 324 -18.51 -42.72 -38.39
CA SER R 324 -18.66 -44.10 -37.95
C SER R 324 -18.22 -44.27 -36.50
N GLY R 325 -16.91 -44.20 -36.26
CA GLY R 325 -16.38 -44.38 -34.92
C GLY R 325 -14.88 -44.65 -34.88
N MET R 326 -14.24 -44.25 -33.78
CA MET R 326 -12.82 -44.51 -33.52
C MET R 326 -12.79 -45.40 -32.29
N CYS R 327 -12.73 -46.71 -32.50
CA CYS R 327 -13.01 -47.65 -31.43
C CYS R 327 -12.35 -48.99 -31.72
N VAL R 328 -12.55 -49.93 -30.81
CA VAL R 328 -12.21 -51.34 -31.00
C VAL R 328 -13.36 -52.15 -30.43
N ALA R 329 -13.65 -53.30 -31.05
CA ALA R 329 -14.83 -54.09 -30.72
C ALA R 329 -14.42 -55.49 -30.24
N TYR R 330 -15.17 -56.01 -29.26
CA TYR R 330 -14.94 -57.34 -28.71
C TYR R 330 -16.25 -58.13 -28.75
N THR R 331 -16.15 -59.41 -29.10
CA THR R 331 -17.30 -60.32 -29.11
C THR R 331 -17.43 -61.15 -27.85
N GLU R 332 -16.38 -61.19 -27.02
CA GLU R 332 -16.43 -61.96 -25.78
C GLU R 332 -17.28 -61.32 -24.70
N VAL R 333 -17.56 -60.02 -24.81
CA VAL R 333 -18.35 -59.30 -23.81
C VAL R 333 -19.50 -58.62 -24.53
N THR R 334 -20.73 -58.94 -24.12
CA THR R 334 -21.94 -58.39 -24.73
C THR R 334 -22.89 -57.93 -23.63
N ASP R 335 -24.05 -57.42 -24.03
CA ASP R 335 -25.07 -57.03 -23.06
C ASP R 335 -25.82 -58.23 -22.48
N ALA R 336 -25.31 -59.45 -22.69
CA ALA R 336 -25.91 -60.65 -22.13
C ALA R 336 -24.89 -61.64 -21.59
N LYS R 337 -23.59 -61.39 -21.73
CA LYS R 337 -22.58 -62.33 -21.29
C LYS R 337 -21.26 -61.59 -21.12
N GLY R 338 -20.32 -62.25 -20.45
CA GLY R 338 -18.94 -61.79 -20.40
C GLY R 338 -18.56 -60.88 -19.26
N THR R 339 -17.40 -61.13 -18.67
CA THR R 339 -16.74 -60.24 -17.74
C THR R 339 -15.38 -59.87 -18.30
N PRO R 340 -15.05 -58.59 -18.39
CA PRO R 340 -13.78 -58.22 -19.05
C PRO R 340 -12.56 -58.88 -18.44
N THR R 341 -12.45 -58.91 -17.12
CA THR R 341 -11.28 -59.49 -16.47
C THR R 341 -11.27 -61.02 -16.49
N LYS R 342 -12.20 -61.66 -17.19
CA LYS R 342 -12.24 -63.13 -17.23
C LYS R 342 -12.40 -63.65 -18.64
N ASP R 343 -13.17 -62.94 -19.47
CA ASP R 343 -13.53 -63.45 -20.79
C ASP R 343 -12.81 -62.74 -21.94
N ILE R 344 -12.24 -61.57 -21.72
CA ILE R 344 -11.40 -60.91 -22.72
C ILE R 344 -9.95 -61.28 -22.40
N PRO R 345 -9.20 -61.84 -23.35
CA PRO R 345 -7.76 -62.03 -23.13
C PRO R 345 -7.08 -60.69 -22.86
N TRP R 346 -5.83 -60.74 -22.44
CA TRP R 346 -5.06 -59.57 -22.01
C TRP R 346 -5.68 -58.90 -20.80
N MET R 347 -7.00 -58.77 -20.75
CA MET R 347 -7.62 -58.30 -19.52
C MET R 347 -7.64 -59.38 -18.45
N GLN R 348 -7.77 -60.65 -18.84
CA GLN R 348 -7.63 -61.72 -17.86
C GLN R 348 -6.17 -61.94 -17.51
N LYS R 349 -5.28 -61.74 -18.49
CA LYS R 349 -3.85 -61.85 -18.21
C LYS R 349 -3.42 -60.80 -17.18
N LEU R 350 -3.91 -59.57 -17.34
CA LEU R 350 -3.57 -58.53 -16.38
C LEU R 350 -4.26 -58.75 -15.04
N ASP R 351 -5.45 -59.35 -15.05
CA ASP R 351 -6.12 -59.69 -13.79
C ASP R 351 -5.37 -60.77 -13.04
N SER R 352 -4.71 -61.68 -13.77
CA SER R 352 -3.84 -62.66 -13.13
C SER R 352 -2.68 -61.98 -12.40
N VAL R 353 -2.19 -60.86 -12.93
CA VAL R 353 -1.16 -60.10 -12.23
C VAL R 353 -1.68 -59.61 -10.88
N ARG R 354 -2.91 -59.09 -10.85
CA ARG R 354 -3.49 -58.61 -9.61
C ARG R 354 -3.64 -59.75 -8.59
N ILE R 355 -4.06 -60.93 -9.06
CA ILE R 355 -4.26 -62.06 -8.16
C ILE R 355 -2.93 -62.50 -7.56
N LYS R 356 -1.88 -62.61 -8.39
CA LYS R 356 -0.56 -62.95 -7.88
C LYS R 356 -0.04 -61.88 -6.95
N LEU R 357 -0.35 -60.61 -7.24
CA LEU R 357 0.17 -59.51 -6.44
C LEU R 357 -0.43 -59.52 -5.04
N GLN R 358 -1.74 -59.72 -4.93
CA GLN R 358 -2.36 -59.76 -3.60
C GLN R 358 -2.00 -61.03 -2.84
N LYS R 359 -1.66 -62.11 -3.54
CA LYS R 359 -1.23 -63.32 -2.84
C LYS R 359 0.21 -63.19 -2.34
N HIS R 360 1.08 -62.58 -3.16
CA HIS R 360 2.45 -62.33 -2.72
C HIS R 360 2.49 -61.38 -1.53
N GLU R 361 1.64 -60.34 -1.55
CA GLU R 361 1.67 -59.35 -0.47
C GLU R 361 1.32 -59.97 0.88
N ARG R 362 0.45 -60.99 0.90
CA ARG R 362 0.07 -61.60 2.16
C ARG R 362 1.05 -62.67 2.61
N ALA R 363 1.85 -63.22 1.69
CA ALA R 363 2.88 -64.18 2.09
C ALA R 363 3.98 -63.49 2.89
N VAL R 364 4.39 -62.29 2.47
CA VAL R 364 5.49 -61.61 3.15
C VAL R 364 5.08 -61.17 4.55
N GLU R 365 3.81 -60.82 4.74
CA GLU R 365 3.36 -60.43 6.08
C GLU R 365 3.21 -61.65 6.98
N LYS R 366 2.61 -62.73 6.45
CA LYS R 366 2.48 -63.97 7.18
C LYS R 366 3.83 -64.64 7.42
N LEU R 367 4.88 -64.22 6.72
CA LEU R 367 6.24 -64.66 7.00
C LEU R 367 7.00 -63.68 7.88
N GLY R 368 6.50 -62.45 8.05
CA GLY R 368 7.18 -61.48 8.88
C GLY R 368 7.09 -61.79 10.36
N LYS R 369 5.98 -62.39 10.79
CA LYS R 369 5.85 -62.77 12.20
C LYS R 369 6.88 -63.80 12.62
N PRO R 370 7.14 -64.88 11.87
CA PRO R 370 8.25 -65.77 12.24
C PRO R 370 9.61 -65.10 12.13
N GLN R 371 9.80 -64.21 11.14
CA GLN R 371 11.10 -63.58 10.96
C GLN R 371 11.48 -62.72 12.15
N HIS R 372 10.52 -61.97 12.71
CA HIS R 372 10.79 -61.15 13.88
C HIS R 372 11.22 -62.01 15.07
N ASP R 373 10.54 -63.13 15.29
CA ASP R 373 10.85 -63.98 16.44
C ASP R 373 12.16 -64.71 16.25
N LEU R 374 12.48 -65.12 15.03
CA LEU R 374 13.69 -65.90 14.76
C LEU R 374 14.97 -65.07 14.80
N LYS R 375 14.87 -63.77 15.05
CA LYS R 375 16.03 -62.93 15.32
C LYS R 375 16.01 -62.30 16.70
N THR R 376 14.84 -62.15 17.31
CA THR R 376 14.78 -61.65 18.69
C THR R 376 15.16 -62.70 19.71
N ILE R 377 15.15 -63.98 19.33
CA ILE R 377 15.74 -65.00 20.19
C ILE R 377 17.25 -65.07 19.98
N LEU R 378 17.72 -64.68 18.79
CA LEU R 378 19.15 -64.59 18.55
C LEU R 378 19.79 -63.51 19.41
N THR R 379 19.07 -62.39 19.61
CA THR R 379 19.59 -61.32 20.45
C THR R 379 19.82 -61.79 21.88
N LEU R 380 18.88 -62.56 22.42
CA LEU R 380 19.02 -63.04 23.79
C LEU R 380 20.20 -64.00 23.93
N ALA R 381 20.44 -64.81 22.91
CA ALA R 381 21.50 -65.81 22.96
C ALA R 381 22.68 -65.41 22.08
C1 NAG S . -10.55 47.31 -33.45
C2 NAG S . -9.28 46.50 -33.69
C3 NAG S . -8.57 46.92 -34.97
C4 NAG S . -9.54 47.05 -36.14
C5 NAG S . -10.79 47.82 -35.73
C6 NAG S . -11.81 47.86 -36.87
C7 NAG S . -7.67 45.64 -32.10
C8 NAG S . -6.52 46.00 -31.21
N2 NAG S . -8.39 46.66 -32.55
O3 NAG S . -7.55 45.96 -35.27
O4 NAG S . -8.89 47.75 -37.22
O5 NAG S . -11.39 47.23 -34.59
O6 NAG S . -12.91 48.70 -36.48
O7 NAG S . -7.94 44.48 -32.38
C1 NAG S . -8.24 46.89 -38.18
C2 NAG S . -8.74 47.21 -39.58
C3 NAG S . -7.97 46.43 -40.65
C4 NAG S . -6.46 46.54 -40.43
C5 NAG S . -6.12 46.22 -38.98
C6 NAG S . -4.62 46.37 -38.74
C7 NAG S . -11.00 47.84 -40.15
C8 NAG S . -10.48 49.24 -40.23
N2 NAG S . -10.15 46.93 -39.70
O3 NAG S . -8.31 46.97 -41.93
O4 NAG S . -5.78 45.61 -41.29
O5 NAG S . -6.83 47.09 -38.11
O6 NAG S . -4.33 46.10 -37.36
O7 NAG S . -12.15 47.56 -40.48
C1 BMA S . -5.36 46.23 -42.52
C2 BMA S . -3.92 45.84 -42.79
C3 BMA S . -3.43 46.32 -44.16
C4 BMA S . -4.45 45.98 -45.25
C5 BMA S . -5.85 46.40 -44.84
C6 BMA S . -6.88 46.03 -45.90
O2 BMA S . -3.79 44.41 -42.71
O3 BMA S . -2.19 45.66 -44.47
O4 BMA S . -4.09 46.65 -46.47
O5 BMA S . -6.19 45.78 -43.59
O6 BMA S . -6.66 44.69 -46.38
C1 MAN S . -1.20 46.52 -45.05
C2 MAN S . -0.26 45.64 -45.83
C3 MAN S . 0.46 44.68 -44.89
C4 MAN S . 1.13 45.45 -43.76
C5 MAN S . 0.12 46.39 -43.09
C6 MAN S . 0.79 47.23 -42.02
O2 MAN S . 0.70 46.45 -46.52
O3 MAN S . 1.47 43.96 -45.62
O4 MAN S . 1.64 44.53 -42.79
O5 MAN S . -0.47 47.25 -44.07
O6 MAN S . -0.17 48.07 -41.39
C1 MAN S . 0.09 46.98 -47.71
C2 MAN S . 0.71 46.32 -48.94
C3 MAN S . 2.18 46.72 -49.11
C4 MAN S . 2.36 48.22 -48.96
C5 MAN S . 1.67 48.73 -47.72
C6 MAN S . 1.83 50.24 -47.58
O2 MAN S . -0.03 46.71 -50.11
O3 MAN S . 2.64 46.30 -50.39
O4 MAN S . 3.76 48.53 -48.89
O5 MAN S . 0.29 48.40 -47.78
O6 MAN S . 1.62 50.61 -46.20
C1 MAN S . -7.77 44.37 -47.26
C2 MAN S . -7.77 42.87 -47.66
C3 MAN S . -6.66 42.54 -48.66
C4 MAN S . -6.62 43.57 -49.78
C5 MAN S . -6.58 44.97 -49.22
C6 MAN S . -6.50 46.01 -50.32
O2 MAN S . -9.04 42.51 -48.20
O3 MAN S . -6.91 41.25 -49.23
O4 MAN S . -5.45 43.35 -50.59
O5 MAN S . -7.74 45.19 -48.44
O6 MAN S . -6.49 47.33 -49.74
C1 NAG T . -18.58 69.98 -18.43
C2 NAG T . -19.81 69.17 -18.04
C3 NAG T . -20.73 68.91 -19.25
C4 NAG T . -20.11 69.37 -20.57
C5 NAG T . -19.40 70.74 -20.51
C6 NAG T . -20.24 71.84 -21.13
C7 NAG T . -19.10 67.79 -16.16
C8 NAG T . -19.43 66.48 -15.51
N2 NAG T . -19.40 67.90 -17.45
O3 NAG T . -22.00 69.55 -19.08
O4 NAG T . -19.22 68.36 -21.05
O5 NAG T . -19.03 71.10 -19.18
O6 NAG T . -19.39 72.84 -21.69
O7 NAG T . -18.58 68.71 -15.53
C1 NAG T . -23.07 68.72 -19.62
C2 NAG T . -23.49 69.07 -21.03
C3 NAG T . -24.84 68.44 -21.33
C4 NAG T . -24.84 66.94 -21.01
C5 NAG T . -24.13 66.61 -19.68
C6 NAG T . -23.90 65.11 -19.54
C7 NAG T . -23.29 71.05 -22.42
C8 NAG T . -23.45 72.54 -22.51
N2 NAG T . -23.55 70.51 -21.22
O3 NAG T . -25.17 68.65 -22.70
O4 NAG T . -26.20 66.49 -20.91
O5 NAG T . -22.88 67.31 -19.56
O6 NAG T . -23.88 64.50 -20.83
O7 NAG T . -22.93 70.37 -23.37
C1 BMA T . -26.87 66.18 -22.15
C2 BMA T . -27.91 65.12 -21.83
C3 BMA T . -28.80 64.80 -23.01
C4 BMA T . -29.31 66.06 -23.69
C5 BMA T . -28.18 67.06 -23.93
C6 BMA T . -28.76 68.35 -24.51
O2 BMA T . -28.73 65.58 -20.74
O3 BMA T . -29.92 64.05 -22.57
O4 BMA T . -29.91 65.71 -24.93
O5 BMA T . -27.50 67.34 -22.71
O6 BMA T . -29.62 68.96 -23.53
C1 MAN T . -29.72 62.68 -22.95
C2 MAN T . -30.97 62.17 -23.64
C3 MAN T . -30.80 60.72 -24.05
C4 MAN T . -30.28 59.86 -22.87
C5 MAN T . -29.11 60.54 -22.14
C6 MAN T . -27.83 60.55 -22.97
O2 MAN T . -31.24 62.97 -24.79
O3 MAN T . -29.91 60.63 -25.16
O4 MAN T . -31.34 59.60 -21.96
O5 MAN T . -29.46 61.88 -21.79
O6 MAN T . -27.71 59.31 -23.69
C1 MAN T . -30.95 69.33 -23.99
C2 MAN T . -31.35 68.56 -25.26
C3 MAN T . -32.28 69.40 -26.12
C4 MAN T . -33.18 70.25 -25.25
C5 MAN T . -32.36 71.22 -24.40
C6 MAN T . -32.98 71.40 -23.02
O2 MAN T . -32.02 67.34 -24.89
O3 MAN T . -33.08 68.54 -26.93
O4 MAN T . -34.07 71.00 -26.08
O5 MAN T . -31.00 70.74 -24.26
O6 MAN T . -33.80 70.26 -22.71
C1 NAG U . 8.00 69.54 -28.68
C2 NAG U . 8.28 70.66 -27.69
C3 NAG U . 7.57 71.95 -28.12
C4 NAG U . 6.46 71.69 -29.13
C5 NAG U . 6.95 70.86 -30.33
C6 NAG U . 7.26 71.72 -31.54
C7 NAG U . 8.64 69.59 -25.52
C8 NAG U . 7.97 68.96 -24.35
N2 NAG U . 7.85 70.27 -26.36
O3 NAG U . 8.49 72.90 -28.67
O4 NAG U . 5.34 71.05 -28.49
O5 NAG U . 8.10 70.07 -29.99
O6 NAG U . 7.06 70.96 -32.73
O7 NAG U . 9.85 69.50 -25.70
C1 NAG U . 8.20 74.23 -28.16
C2 NAG U . 7.55 75.22 -29.13
C3 NAG U . 7.69 76.63 -28.55
C4 NAG U . 7.21 76.72 -27.10
C5 NAG U . 7.67 75.51 -26.25
C6 NAG U . 6.93 75.46 -24.93
C7 NAG U . 7.50 75.30 -31.58
C8 NAG U . 6.02 75.52 -31.46
N2 NAG U . 8.19 75.16 -30.43
O3 NAG U . 6.94 77.56 -29.35
O4 NAG U . 7.75 77.90 -26.51
O5 NAG U . 7.46 74.27 -26.95
O6 NAG U . 7.31 74.28 -24.21
O7 NAG U . 8.06 75.26 -32.67
C1 BMA U . 6.81 78.98 -26.38
C2 BMA U . 6.58 79.20 -24.88
C3 BMA U . 5.73 80.43 -24.62
C4 BMA U . 6.29 81.62 -25.37
C5 BMA U . 6.44 81.29 -26.84
C6 BMA U . 7.00 82.47 -27.62
O2 BMA U . 7.84 79.33 -24.21
O3 BMA U . 5.71 80.72 -23.21
O4 BMA U . 5.40 82.74 -25.22
O5 BMA U . 7.31 80.17 -26.99
O6 BMA U . 7.02 82.18 -29.01
C1 NAG V . 28.47 -48.38 -60.40
C2 NAG V . 29.84 -48.95 -60.05
C3 NAG V . 30.90 -48.48 -61.06
C4 NAG V . 30.43 -48.78 -62.48
C5 NAG V . 29.03 -48.23 -62.71
C6 NAG V . 28.52 -48.57 -64.10
C7 NAG V . 30.04 -49.36 -57.66
C8 NAG V . 30.99 -49.17 -56.51
N2 NAG V . 30.23 -48.55 -58.70
O3 NAG V . 32.14 -49.14 -60.80
O4 NAG V . 31.33 -48.20 -63.44
O5 NAG V . 28.13 -48.77 -61.73
O6 NAG V . 27.17 -48.10 -64.24
O7 NAG V . 29.15 -50.19 -57.64
C1 NAG V . 32.34 -49.14 -63.86
C2 NAG V . 32.58 -49.01 -65.38
C3 NAG V . 33.77 -49.84 -65.84
C4 NAG V . 34.99 -49.60 -64.95
C5 NAG V . 34.62 -49.80 -63.49
C6 NAG V . 35.81 -49.57 -62.57
C7 NAG V . 30.78 -50.56 -66.04
C8 NAG V . 29.50 -50.70 -66.82
N2 NAG V . 31.38 -49.37 -66.11
O3 NAG V . 34.10 -49.50 -67.20
O4 NAG V . 36.04 -50.52 -65.32
O5 NAG V . 33.57 -48.88 -63.15
O6 NAG V . 36.29 -48.22 -62.74
O7 NAG V . 31.23 -51.49 -65.39
C1 BMA V . 37.22 -49.78 -65.76
C2 BMA V . 38.42 -50.29 -64.95
C3 BMA V . 39.70 -49.58 -65.38
C4 BMA V . 39.87 -49.65 -66.89
C5 BMA V . 38.60 -49.18 -67.60
C6 BMA V . 38.75 -49.31 -69.11
O2 BMA V . 38.57 -51.71 -65.14
O3 BMA V . 40.83 -50.20 -64.74
O4 BMA V . 40.97 -48.84 -67.30
O5 BMA V . 37.47 -49.96 -67.16
O6 BMA V . 39.91 -48.60 -69.54
C1 NAG W . -57.21 -17.93 -16.51
C2 NAG W . -57.16 -16.40 -16.54
C3 NAG W . -58.57 -15.81 -16.69
C4 NAG W . -59.64 -16.89 -16.89
C5 NAG W . -59.21 -18.03 -17.83
C6 NAG W . -59.53 -17.71 -19.28
C7 NAG W . -56.08 -16.59 -14.33
C8 NAG W . -57.05 -16.79 -13.21
N2 NAG W . -56.52 -15.84 -15.35
O3 NAG W . -58.64 -14.87 -17.77
O4 NAG W . -60.07 -17.41 -15.62
O5 NAG W . -57.81 -18.36 -17.72
O6 NAG W . -59.66 -18.93 -20.01
O7 NAG W . -54.95 -17.04 -14.30
C1 NAG W . -59.03 -13.57 -17.24
C2 NAG W . -60.41 -13.11 -17.71
C3 NAG W . -60.74 -11.71 -17.17
C4 NAG W . -60.51 -11.67 -15.66
C5 NAG W . -59.14 -12.24 -15.27
C6 NAG W . -59.00 -12.28 -13.75
C7 NAG W . -61.14 -14.12 -19.81
C8 NAG W . -62.44 -14.55 -19.20
N2 NAG W . -60.50 -13.14 -19.17
O3 NAG W . -62.14 -11.47 -17.42
O4 NAG W . -60.61 -10.32 -15.19
O5 NAG W . -58.99 -13.55 -15.81
O6 NAG W . -57.88 -13.10 -13.39
O7 NAG W . -60.71 -14.63 -20.83
C1 BMA W . -62.63 -10.25 -18.06
C2 BMA W . -62.48 -8.93 -17.31
C3 BMA W . -63.51 -7.95 -17.86
C4 BMA W . -63.38 -7.82 -19.37
C5 BMA W . -63.35 -9.20 -20.04
C6 BMA W . -63.10 -9.10 -21.54
O2 BMA W . -61.17 -8.39 -17.53
O3 BMA W . -63.35 -6.66 -17.23
O4 BMA W . -64.49 -7.07 -19.87
O5 BMA W . -62.34 -10.03 -19.44
O6 BMA W . -63.09 -7.73 -21.95
C1 MAN W . -64.57 -6.35 -16.50
C2 MAN W . -64.74 -4.84 -16.36
C3 MAN W . -63.66 -4.25 -15.47
C4 MAN W . -63.56 -5.02 -14.16
C5 MAN W . -63.43 -6.51 -14.43
C6 MAN W . -63.38 -7.30 -13.11
O2 MAN W . -66.03 -4.56 -15.78
O3 MAN W . -63.97 -2.88 -15.19
O4 MAN W . -62.41 -4.55 -13.43
O5 MAN W . -64.54 -6.97 -15.20
O6 MAN W . -63.19 -8.69 -13.40
C1 MAN W . -63.17 -7.71 -23.39
C2 MAN W . -62.58 -6.40 -23.94
C3 MAN W . -63.46 -5.20 -23.59
C4 MAN W . -64.92 -5.48 -23.92
C5 MAN W . -65.35 -6.82 -23.34
C6 MAN W . -66.80 -7.12 -23.69
O2 MAN W . -62.43 -6.49 -25.36
O3 MAN W . -63.02 -4.05 -24.32
O4 MAN W . -65.74 -4.43 -23.37
O5 MAN W . -64.51 -7.85 -23.85
O6 MAN W . -67.23 -8.29 -22.98
C1 NAG X . -65.83 -43.93 -5.97
C2 NAG X . -64.48 -44.30 -6.59
C3 NAG X . -64.44 -43.94 -8.07
C4 NAG X . -65.63 -44.55 -8.77
C5 NAG X . -66.92 -44.11 -8.10
C6 NAG X . -68.13 -44.71 -8.79
C7 NAG X . -62.58 -44.29 -5.06
C8 NAG X . -62.65 -45.79 -5.12
N2 NAG X . -63.40 -43.63 -5.88
O3 NAG X . -63.22 -44.43 -8.63
O4 NAG X . -65.63 -44.14 -10.16
O5 NAG X . -66.90 -44.53 -6.72
O6 NAG X . -68.07 -46.13 -8.71
O7 NAG X . -61.82 -43.70 -4.31
C1 NAG X . -65.20 -45.27 -10.96
C2 NAG X . -65.62 -45.09 -12.42
C3 NAG X . -65.13 -46.24 -13.29
C4 NAG X . -63.65 -46.50 -13.07
C5 NAG X . -63.33 -46.59 -11.58
C6 NAG X . -61.84 -46.77 -11.35
C7 NAG X . -67.97 -45.80 -12.11
C8 NAG X . -69.40 -45.36 -12.17
N2 NAG X . -67.07 -44.91 -12.55
O3 NAG X . -65.38 -45.93 -14.67
O4 NAG X . -63.27 -47.73 -13.71
O5 NAG X . -63.77 -45.42 -10.91
O6 NAG X . -61.43 -48.08 -11.77
O7 NAG X . -67.66 -46.91 -11.69
C1 BMA X . -62.78 -47.55 -15.07
C2 BMA X . -61.49 -46.73 -15.06
C3 BMA X . -60.94 -46.57 -16.47
C4 BMA X . -60.83 -47.92 -17.15
C5 BMA X . -62.14 -48.69 -17.06
C6 BMA X . -62.01 -50.07 -17.69
O2 BMA X . -60.51 -47.39 -14.25
O3 BMA X . -59.66 -45.94 -16.42
O4 BMA X . -60.48 -47.73 -18.53
O5 BMA X . -62.54 -48.82 -15.69
O6 BMA X . -63.24 -50.78 -17.56
C1 NAG Y . -76.26 -19.65 4.38
C2 NAG Y . -76.34 -20.68 5.50
C3 NAG Y . -77.20 -21.88 5.09
C4 NAG Y . -78.53 -21.44 4.48
C5 NAG Y . -78.31 -20.34 3.45
C6 NAG Y . -79.64 -19.81 2.92
C7 NAG Y . -74.55 -21.07 7.11
C8 NAG Y . -74.86 -19.80 7.85
N2 NAG Y . -75.00 -21.14 5.86
O3 NAG Y . -77.43 -22.70 6.24
O4 NAG Y . -79.16 -22.56 3.84
O5 NAG Y . -77.58 -19.25 4.02
O6 NAG Y . -79.41 -18.95 1.80
O7 NAG Y . -73.91 -21.98 7.62
C1 NAG Y . -80.12 -23.24 4.69
C2 NAG Y . -81.40 -23.50 3.89
C3 NAG Y . -82.42 -24.25 4.75
C4 NAG Y . -81.80 -25.48 5.41
C5 NAG Y . -80.47 -25.13 6.08
C6 NAG Y . -79.80 -26.39 6.63
C7 NAG Y . -82.35 -22.11 2.15
C8 NAG Y . -82.95 -20.79 1.81
N2 NAG Y . -81.97 -22.26 3.43
O3 NAG Y . -83.52 -24.66 3.91
O4 NAG Y . -82.71 -25.99 6.41
O5 NAG Y . -79.60 -24.49 5.16
O6 NAG Y . -78.52 -26.06 7.17
O7 NAG Y . -82.21 -23.00 1.34
C1 BMA Y . -83.50 -27.11 5.93
C2 BMA Y . -83.10 -28.37 6.71
C3 BMA Y . -83.98 -29.56 6.33
C4 BMA Y . -85.45 -29.18 6.41
C5 BMA Y . -85.72 -27.92 5.61
C6 BMA Y . -87.19 -27.51 5.74
O2 BMA Y . -83.23 -28.12 8.11
O3 BMA Y . -83.71 -30.65 7.20
O4 BMA Y . -86.25 -30.25 5.91
O5 BMA Y . -84.89 -26.85 6.09
O6 BMA Y . -87.42 -26.32 4.98
C1 NAG Z . 54.48 14.59 19.80
C2 NAG Z . 53.26 15.45 20.08
C3 NAG Z . 53.58 16.59 21.04
C4 NAG Z . 54.30 16.06 22.29
C5 NAG Z . 55.46 15.16 21.89
C6 NAG Z . 56.16 14.59 23.11
C7 NAG Z . 51.49 15.73 18.45
C8 NAG Z . 50.88 16.73 17.52
N2 NAG Z . 52.73 15.98 18.84
O3 NAG Z . 52.36 17.23 21.41
O4 NAG Z . 54.82 17.16 23.06
O5 NAG Z . 55.00 14.10 21.05
O6 NAG Z . 57.46 14.14 22.73
O7 NAG Z . 50.87 14.75 18.84
C1 NAG Z . 53.85 17.71 23.97
C2 NAG Z . 54.51 18.03 25.32
C3 NAG Z . 53.54 18.76 26.24
C4 NAG Z . 52.94 19.96 25.53
C5 NAG Z . 52.32 19.52 24.21
C6 NAG Z . 51.71 20.70 23.46
C7 NAG Z . 56.28 16.59 26.08
C8 NAG Z . 56.64 15.30 26.77
N2 NAG Z . 54.98 16.83 25.95
O3 NAG Z . 54.23 19.17 27.41
O4 NAG Z . 51.92 20.57 26.34
O5 NAG Z . 53.31 18.90 23.39
O6 NAG Z . 51.24 20.26 22.18
O7 NAG Z . 57.13 17.36 25.68
C1 BMA Z . 52.50 21.61 27.14
C2 BMA Z . 51.54 22.81 27.26
C3 BMA Z . 52.06 23.85 28.25
C4 BMA Z . 52.48 23.17 29.55
C5 BMA Z . 53.44 22.03 29.26
C6 BMA Z . 53.89 21.34 30.54
O2 BMA Z . 50.25 22.34 27.67
O3 BMA Z . 51.01 24.79 28.52
O4 BMA Z . 53.13 24.13 30.40
O5 BMA Z . 52.78 21.08 28.43
O6 BMA Z . 52.78 21.23 31.44
C1 MAN Z . 51.46 26.14 28.23
C2 MAN Z . 50.47 27.11 28.87
C3 MAN Z . 49.11 26.98 28.22
C4 MAN Z . 49.23 27.13 26.71
C5 MAN Z . 50.27 26.17 26.16
C6 MAN Z . 50.45 26.36 24.66
O2 MAN Z . 50.93 28.45 28.69
O3 MAN Z . 48.24 28.00 28.72
O4 MAN Z . 47.97 26.87 26.09
O5 MAN Z . 51.53 26.39 26.82
O6 MAN Z . 51.50 25.50 24.18
C1 MAN Z . 52.27 28.60 29.21
C2 MAN Z . 52.24 29.72 30.23
C3 MAN Z . 51.85 31.04 29.56
C4 MAN Z . 52.73 31.30 28.34
C5 MAN Z . 52.79 30.07 27.42
C6 MAN Z . 53.77 30.29 26.27
O2 MAN Z . 53.53 29.85 30.83
O3 MAN Z . 52.01 32.12 30.50
O4 MAN Z . 52.20 32.41 27.59
O5 MAN Z . 53.21 28.92 28.18
O6 MAN Z . 53.39 31.47 25.53
C1 MAN Z . 53.20 20.50 32.61
C2 MAN Z . 52.00 20.26 33.53
C3 MAN Z . 51.47 21.57 34.09
C4 MAN Z . 52.60 22.38 34.71
C5 MAN Z . 53.74 22.54 33.73
C6 MAN Z . 54.88 23.32 34.37
O2 MAN Z . 52.38 19.39 34.60
O3 MAN Z . 50.48 21.28 35.09
O4 MAN Z . 52.11 23.67 35.09
O5 MAN Z . 54.21 21.25 33.33
O6 MAN Z . 55.98 23.40 33.45
C1 NAG AA . 74.80 13.57 0.41
C2 NAG AA . 74.21 12.16 0.34
C3 NAG AA . 74.41 11.43 1.66
C4 NAG AA . 75.88 11.47 2.08
C5 NAG AA . 76.40 12.91 2.02
C6 NAG AA . 77.89 12.96 2.36
C7 NAG AA . 72.33 11.68 -1.12
C8 NAG AA . 70.85 11.56 -1.20
N2 NAG AA . 72.80 12.22 0.00
O3 NAG AA . 73.95 10.09 1.52
O4 NAG AA . 76.00 10.99 3.43
O5 NAG AA . 76.18 13.47 0.72
O6 NAG AA . 78.29 14.32 2.51
O7 NAG AA . 73.08 11.29 -2.01
C1 NAG AA . 76.14 9.55 3.51
C2 NAG AA . 77.29 9.19 4.47
C3 NAG AA . 77.42 7.68 4.59
C4 NAG AA . 76.08 7.07 4.98
C5 NAG AA . 74.98 7.54 4.04
C6 NAG AA . 73.63 6.99 4.47
C7 NAG AA . 79.17 10.72 4.65
C8 NAG AA . 78.58 11.09 5.97
N2 NAG AA . 78.54 9.76 3.99
O3 NAG AA . 78.40 7.38 5.59
O4 NAG AA . 76.17 5.64 4.90
O5 NAG AA . 74.93 8.97 4.00
O6 NAG AA . 72.61 7.43 3.55
O7 NAG AA . 80.17 11.26 4.21
C1 BMA AA . 76.50 5.00 6.14
C2 BMA AA . 75.62 3.77 6.27
C3 BMA AA . 76.00 2.92 7.48
C4 BMA AA . 77.50 2.66 7.48
C5 BMA AA . 78.30 3.94 7.31
C6 BMA AA . 79.79 3.61 7.17
O2 BMA AA . 75.76 2.98 5.08
O3 BMA AA . 75.32 1.66 7.39
O4 BMA AA . 77.87 2.03 8.72
O5 BMA AA . 77.88 4.64 6.13
O6 BMA AA . 80.58 4.63 7.82
C1 MAN AA . 74.16 1.61 8.24
C2 MAN AA . 74.49 0.65 9.38
C3 MAN AA . 74.70 -0.77 8.84
C4 MAN AA . 73.55 -1.18 7.93
C5 MAN AA . 73.25 -0.10 6.90
C6 MAN AA . 72.03 -0.47 6.06
O2 MAN AA . 73.41 0.64 10.32
O3 MAN AA . 74.80 -1.67 9.94
O4 MAN AA . 73.88 -2.40 7.27
O5 MAN AA . 73.02 1.15 7.55
O6 MAN AA . 70.85 -0.48 6.90
C1 MAN AA . 81.94 4.35 8.38
C2 MAN AA . 83.01 4.11 7.23
C3 MAN AA . 83.00 2.67 6.73
C4 MAN AA . 83.08 1.71 7.88
C5 MAN AA . 81.94 1.93 8.83
C6 MAN AA . 81.95 0.90 9.97
O2 MAN AA . 84.32 4.45 7.71
O3 MAN AA . 84.13 2.47 5.87
O4 MAN AA . 83.02 0.38 7.38
O5 MAN AA . 82.03 3.26 9.39
O6 MAN AA . 81.84 -0.41 9.42
C1 NAG BA . 64.09 38.83 8.17
C2 NAG BA . 64.47 39.13 6.72
C3 NAG BA . 65.98 39.00 6.53
C4 NAG BA . 66.74 39.79 7.59
C5 NAG BA . 66.20 39.50 8.99
C6 NAG BA . 66.88 40.38 10.03
C7 NAG BA . 63.20 38.62 4.71
C8 NAG BA . 63.33 37.70 3.53
N2 NAG BA . 63.79 38.21 5.84
O3 NAG BA . 66.32 39.49 5.23
O4 NAG BA . 68.13 39.42 7.55
O5 NAG BA . 64.79 39.73 9.03
O6 NAG BA . 66.57 39.90 11.34
O7 NAG BA . 62.59 39.68 4.65
C1 NAG BA . 68.89 40.35 6.75
C2 NAG BA . 70.23 40.62 7.44
C3 NAG BA . 71.09 41.55 6.59
C4 NAG BA . 71.20 41.02 5.16
C5 NAG BA . 69.81 40.72 4.60
C6 NAG BA . 69.91 40.12 3.20
C7 NAG BA . 70.61 40.76 9.83
C8 NAG BA . 70.21 41.40 11.13
N2 NAG BA . 70.01 41.23 8.74
O3 NAG BA . 72.40 41.63 7.16
O4 NAG BA . 71.82 42.01 4.33
O5 NAG BA . 69.13 39.80 5.45
O6 NAG BA . 68.59 39.86 2.70
O7 NAG BA . 71.44 39.87 9.78
C1 BMA BA . 73.19 41.65 4.07
C2 BMA BA . 73.56 42.14 2.68
C3 BMA BA . 75.02 41.84 2.36
C4 BMA BA . 75.93 42.33 3.48
C5 BMA BA . 75.43 41.85 4.84
C6 BMA BA . 76.29 42.44 5.96
O2 BMA BA . 73.33 43.55 2.57
O3 BMA BA . 75.38 42.49 1.14
O4 BMA BA . 77.26 41.84 3.26
O5 BMA BA . 74.08 42.24 5.03
O6 BMA BA . 76.47 43.84 5.73
C1 MAN BA . 75.94 41.48 0.25
C2 MAN BA . 76.63 42.17 -0.91
C3 MAN BA . 77.22 41.14 -1.86
C4 MAN BA . 76.21 40.07 -2.24
C5 MAN BA . 75.42 39.54 -1.02
C6 MAN BA . 76.29 38.65 -0.14
O2 MAN BA . 77.66 43.03 -0.41
O3 MAN BA . 78.37 40.54 -1.25
O4 MAN BA . 75.28 40.61 -3.20
O5 MAN BA . 74.90 40.63 -0.24
O6 MAN BA . 75.58 38.33 1.06
C1 MAN BA . 76.36 44.56 6.98
C2 MAN BA . 75.46 45.77 6.75
C3 MAN BA . 76.11 46.75 5.78
C4 MAN BA . 77.54 47.06 6.21
C5 MAN BA . 78.32 45.78 6.47
C6 MAN BA . 79.73 46.09 6.97
O2 MAN BA . 75.21 46.42 8.00
O3 MAN BA . 75.35 47.97 5.76
O4 MAN BA . 78.20 47.81 5.18
O5 MAN BA . 77.64 44.99 7.45
O6 MAN BA . 79.64 46.81 8.20
C1 NAG CA . -34.95 40.64 58.66
C2 NAG CA . -33.52 41.11 58.46
C3 NAG CA . -32.76 41.19 59.80
C4 NAG CA . -33.46 40.40 60.92
C5 NAG CA . -34.95 40.70 61.03
C6 NAG CA . -35.25 41.63 62.20
C7 NAG CA . -33.07 40.20 56.24
C8 NAG CA . -32.72 38.93 55.52
N2 NAG CA . -32.82 40.21 57.55
O3 NAG CA . -32.56 42.55 60.20
O4 NAG CA . -33.24 38.99 60.73
O5 NAG CA . -35.47 41.28 59.82
O6 NAG CA . -36.67 41.76 62.35
O7 NAG CA . -33.53 41.17 55.66
C1 NAG CA . -31.14 42.88 60.15
C2 NAG CA . -30.48 42.83 61.54
C3 NAG CA . -28.96 43.07 61.49
C4 NAG CA . -28.31 42.33 60.32
C5 NAG CA . -29.11 42.46 59.03
C6 NAG CA . -28.50 41.62 57.92
C7 NAG CA . -31.75 43.43 63.51
C8 NAG CA . -31.63 44.35 64.69
N2 NAG CA . -31.10 43.80 62.42
O3 NAG CA . -28.38 42.56 62.70
O4 NAG CA . -26.99 42.84 60.10
O5 NAG CA . -30.45 42.02 59.25
O6 NAG CA . -27.06 41.65 58.03
O7 NAG CA . -32.40 42.40 63.55
C1 BMA CA . -27.56 43.39 63.57
C2 BMA CA . -26.26 44.00 63.01
C3 BMA CA . -25.36 44.47 64.15
C4 BMA CA . -26.13 45.29 65.19
C5 BMA CA . -27.45 44.63 65.56
C6 BMA CA . -28.27 45.48 66.53
O2 BMA CA . -26.57 45.11 62.16
O3 BMA CA . -24.28 45.27 63.63
O4 BMA CA . -25.32 45.41 66.37
O5 BMA CA . -28.22 44.37 64.38
O6 BMA CA . -28.06 46.87 66.27
C1 MAN CA . -23.07 44.47 63.53
C2 MAN CA . -22.03 44.97 64.53
C3 MAN CA . -20.77 44.13 64.45
C4 MAN CA . -20.27 43.99 63.01
C5 MAN CA . -21.42 43.67 62.02
C6 MAN CA . -21.88 42.22 62.17
O2 MAN CA . -22.58 44.90 65.85
O3 MAN CA . -21.02 42.83 65.00
O4 MAN CA . -19.64 45.21 62.61
O5 MAN CA . -22.51 44.56 62.21
O6 MAN CA . -23.03 42.00 61.33
C1 MAN CA . -28.22 47.58 67.52
C2 MAN CA . -28.72 49.00 67.24
C3 MAN CA . -27.67 49.80 66.48
C4 MAN CA . -26.30 49.70 67.16
C5 MAN CA . -25.94 48.25 67.45
C6 MAN CA . -24.61 48.15 68.18
O2 MAN CA . -29.01 49.65 68.48
O3 MAN CA . -28.07 51.17 66.42
O4 MAN CA . -25.31 50.27 66.29
O5 MAN CA . -26.98 47.65 68.24
O6 MAN CA . -24.13 49.46 68.50
C1 GLC DA . 23.81 8.71 24.51
C2 GLC DA . 23.92 7.21 24.32
C3 GLC DA . 23.71 6.50 25.63
C4 GLC DA . 24.63 7.02 26.68
C5 GLC DA . 24.50 8.53 26.81
C6 GLC DA . 25.47 9.09 27.84
O2 GLC DA . 22.95 6.75 23.37
O3 GLC DA . 23.94 5.09 25.45
O4 GLC DA . 24.34 6.41 27.93
O5 GLC DA . 24.76 9.16 25.52
O6 GLC DA . 26.81 8.93 27.37
C1 GLC EA . 3.23 21.30 41.97
C2 GLC EA . 2.52 21.40 43.31
C3 GLC EA . 3.49 21.22 44.44
C4 GLC EA . 4.25 19.94 44.29
C5 GLC EA . 4.92 19.86 42.92
C6 GLC EA . 5.64 18.54 42.72
O2 GLC EA . 1.88 22.68 43.43
O3 GLC EA . 2.77 21.20 45.69
O4 GLC EA . 5.26 19.85 45.31
O5 GLC EA . 3.91 20.02 41.89
O6 GLC EA . 4.67 17.48 42.68
C1 GLC FA . 29.72 33.91 38.90
C2 GLC FA . 31.09 34.28 39.47
C3 GLC FA . 31.77 33.08 40.02
C4 GLC FA . 30.90 32.38 41.02
C5 GLC FA . 29.54 32.05 40.41
C6 GLC FA . 28.63 31.39 41.44
O2 GLC FA . 31.89 34.87 38.44
O3 GLC FA . 32.99 33.48 40.65
O4 GLC FA . 31.54 31.17 41.44
O5 GLC FA . 28.93 33.27 39.93
O6 GLC FA . 28.32 32.33 42.46
C1 GLC GA . 23.01 -25.61 19.41
C2 GLC GA . 21.87 -25.22 20.35
C3 GLC GA . 22.39 -24.39 21.48
C4 GLC GA . 23.50 -25.09 22.19
C5 GLC GA . 24.61 -25.49 21.21
C6 GLC GA . 25.72 -26.25 21.92
O2 GLC GA . 20.88 -24.49 19.62
O3 GLC GA . 21.33 -24.13 22.40
O4 GLC GA . 24.06 -24.21 23.19
O5 GLC GA . 24.04 -26.32 20.16
O6 GLC GA . 25.21 -27.50 22.40
C1 GLC HA . 47.38 -9.46 13.14
C2 GLC HA . 48.49 -8.51 13.57
C3 GLC HA . 49.04 -8.89 14.90
C4 GLC HA . 47.94 -8.99 15.93
C5 GLC HA . 46.85 -9.94 15.45
C6 GLC HA . 45.70 -10.01 16.45
O2 GLC HA . 49.54 -8.52 12.59
O3 GLC HA . 49.99 -7.90 15.32
O4 GLC HA . 48.48 -9.46 17.16
O5 GLC HA . 46.34 -9.49 14.16
O6 GLC HA . 45.04 -8.74 16.51
C1 NAG IA . 41.12 -22.21 -63.35
C2 NAG IA . 40.51 -21.14 -62.43
C3 NAG IA . 39.71 -20.09 -63.20
C4 NAG IA . 40.46 -19.60 -64.43
C5 NAG IA . 40.93 -20.79 -65.25
C6 NAG IA . 41.67 -20.33 -66.52
C7 NAG IA . 39.87 -21.66 -60.13
C8 NAG IA . 38.76 -22.17 -59.25
N2 NAG IA . 39.64 -21.77 -61.44
O3 NAG IA . 39.43 -18.97 -62.34
O4 NAG IA . 39.60 -18.77 -65.23
O5 NAG IA . 41.80 -21.59 -64.46
O6 NAG IA . 42.66 -19.36 -66.18
O7 NAG IA . 40.90 -21.19 -59.68
C1 GLC JA . 49.86 -38.85 16.80
C2 GLC JA . 50.21 -40.12 17.55
C3 GLC JA . 49.69 -40.07 18.96
C4 GLC JA . 50.17 -38.82 19.66
C5 GLC JA . 49.81 -37.58 18.85
C6 GLC JA . 50.34 -36.32 19.52
O2 GLC JA . 49.65 -41.26 16.89
O3 GLC JA . 50.15 -41.22 19.68
O4 GLC JA . 49.57 -38.74 20.96
O5 GLC JA . 50.38 -37.70 17.52
O6 GLC JA . 51.77 -36.34 19.50
C1 GLC KA . -0.76 -37.16 39.77
C2 GLC KA . 0.20 -38.31 40.07
C3 GLC KA . 0.88 -38.10 41.39
C4 GLC KA . 1.56 -36.76 41.42
C5 GLC KA . 0.58 -35.64 41.08
C6 GLC KA . 1.27 -34.29 41.06
O2 GLC KA . -0.54 -39.54 40.12
O3 GLC KA . 1.85 -39.13 41.60
O4 GLC KA . 2.11 -36.53 42.72
O5 GLC KA . -0.02 -35.91 39.78
O6 GLC KA . 1.95 -34.08 42.30
C1 GLC LA . -18.15 -21.34 60.62
C2 GLC LA . -17.70 -20.64 61.91
C3 GLC LA . -16.20 -20.55 61.98
C4 GLC LA . -15.60 -21.91 61.82
C5 GLC LA . -16.09 -22.59 60.54
C6 GLC LA . -15.51 -23.99 60.41
O2 GLC LA . -18.26 -19.31 61.95
O3 GLC LA . -15.81 -20.00 63.24
O4 GLC LA . -14.17 -21.79 61.78
O5 GLC LA . -17.54 -22.65 60.57
O6 GLC LA . -15.87 -24.53 59.14
C1 GLC MA . -3.97 15.18 -31.34
C2 GLC MA . -5.28 14.59 -30.85
C3 GLC MA . -5.95 13.82 -31.95
C4 GLC MA . -6.13 14.67 -33.17
C5 GLC MA . -4.79 15.28 -33.60
C6 GLC MA . -4.97 16.19 -34.80
O2 GLC MA . -5.04 13.72 -29.74
O3 GLC MA . -7.24 13.37 -31.49
O4 GLC MA . -6.66 13.88 -34.23
O5 GLC MA . -4.21 16.03 -32.50
O6 GLC MA . -5.73 17.34 -34.41
C1 GLC NA . 13.64 -1.99 -48.30
C2 GLC NA . 13.70 -3.01 -49.43
C3 GLC NA . 12.88 -2.55 -50.60
C4 GLC NA . 11.47 -2.24 -50.17
C5 GLC NA . 11.46 -1.25 -49.02
C6 GLC NA . 10.04 -0.97 -48.55
O2 GLC NA . 15.06 -3.19 -49.84
O3 GLC NA . 12.86 -3.57 -51.60
O4 GLC NA . 10.75 -1.71 -51.28
O5 GLC NA . 12.25 -1.76 -47.91
O6 GLC NA . 9.51 -2.15 -47.95
C1 GLC OA . 13.70 27.23 -52.48
C2 GLC OA . 13.29 28.44 -53.33
C3 GLC OA . 11.86 28.35 -53.73
C4 GLC OA . 11.55 27.04 -54.39
C5 GLC OA . 12.00 25.88 -53.51
C6 GLC OA . 11.75 24.54 -54.21
O2 GLC OA . 13.52 29.65 -52.59
O3 GLC OA . 11.54 29.42 -54.63
O4 GLC OA . 10.15 26.94 -54.65
O5 GLC OA . 13.41 26.01 -53.21
O6 GLC OA . 12.62 24.43 -55.34
C1 GLC PA . -31.78 0.42 -17.59
C2 GLC PA . -30.79 -0.32 -18.48
C3 GLC PA . -30.60 0.40 -19.78
C4 GLC PA . -31.92 0.63 -20.45
C5 GLC PA . -32.89 1.35 -19.52
C6 GLC PA . -34.25 1.54 -20.18
O2 GLC PA . -29.53 -0.43 -17.81
O3 GLC PA . -29.76 -0.37 -20.64
O4 GLC PA . -31.72 1.42 -21.63
O5 GLC PA . -33.05 0.58 -18.30
O6 GLC PA . -34.88 0.26 -20.36
C1 GLC QA . -28.66 30.35 -21.17
C2 GLC QA . -28.08 31.57 -21.88
C3 GLC QA . -28.61 31.68 -23.27
C4 GLC QA . -28.39 30.40 -24.04
C5 GLC QA . -28.96 29.21 -23.27
C6 GLC QA . -28.67 27.91 -24.01
O2 GLC QA . -28.41 32.75 -21.15
O3 GLC QA . -27.95 32.76 -23.95
O4 GLC QA . -29.01 30.49 -25.32
O5 GLC QA . -28.36 29.15 -21.94
O6 GLC QA . -29.35 26.83 -23.35
C1 GLC RA . -55.81 17.92 -17.56
C2 GLC RA . -57.20 17.66 -18.11
C3 GLC RA . -57.15 17.21 -19.54
C4 GLC RA . -56.39 18.21 -20.36
C5 GLC RA . -55.00 18.48 -19.78
C6 GLC RA . -54.26 19.53 -20.58
O2 GLC RA . -57.83 16.64 -17.32
O3 GLC RA . -58.48 17.07 -20.04
O4 GLC RA . -56.25 17.70 -21.70
O5 GLC RA . -55.15 18.91 -18.40
O6 GLC RA . -54.92 20.79 -20.44
C1 NAG SA . -49.07 14.67 60.49
C2 NAG SA . -50.57 14.59 60.18
C3 NAG SA . -51.29 15.82 60.72
C4 NAG SA . -50.98 16.01 62.20
C5 NAG SA . -49.47 15.97 62.46
C6 NAG SA . -49.16 16.04 63.95
C7 NAG SA . -50.75 15.46 57.90
C8 NAG SA . -51.86 15.51 56.90
N2 NAG SA . -50.78 14.44 58.75
O3 NAG SA . -52.71 15.65 60.55
O4 NAG SA . -51.51 17.28 62.64
O5 NAG SA . -48.90 14.77 61.91
O6 NAG SA . -47.77 15.80 64.16
O7 NAG SA . -49.87 16.31 57.93
C1 GLC TA . -7.88 -19.87 -30.18
C2 GLC TA . -7.45 -18.41 -30.20
C3 GLC TA . -8.39 -17.58 -31.01
C4 GLC TA . -8.55 -18.14 -32.39
C5 GLC TA . -8.95 -19.61 -32.33
C6 GLC TA . -9.05 -20.21 -33.73
O2 GLC TA . -7.40 -17.91 -28.86
O3 GLC TA . -7.90 -16.23 -31.10
O4 GLC TA . -9.54 -17.40 -33.10
O5 GLC TA . -7.98 -20.35 -31.55
O6 GLC TA . -9.55 -21.55 -33.64
C1 NAG UA . -3.37 -76.09 34.72
C2 NAG UA . -4.37 -74.96 34.99
C3 NAG UA . -4.07 -74.26 36.31
C4 NAG UA . -3.90 -75.28 37.44
C5 NAG UA . -2.91 -76.35 37.04
C6 NAG UA . -2.76 -77.39 38.15
C7 NAG UA . -5.32 -73.10 33.74
C8 NAG UA . -5.07 -72.06 32.68
N2 NAG UA . -4.36 -74.00 33.90
O3 NAG UA . -5.14 -73.37 36.65
O4 NAG UA . -3.45 -74.60 38.62
O5 NAG UA . -3.33 -76.98 35.84
O6 NAG UA . -1.51 -78.07 38.01
O7 NAG UA . -6.33 -73.09 34.41
C1 GLC VA . -35.17 -28.79 -22.17
C2 GLC VA . -36.65 -28.46 -22.37
C3 GLC VA . -36.94 -28.22 -23.81
C4 GLC VA . -36.03 -27.18 -24.40
C5 GLC VA . -34.57 -27.56 -24.14
C6 GLC VA . -33.63 -26.47 -24.68
O2 GLC VA . -37.46 -29.52 -21.87
O3 GLC VA . -38.31 -27.79 -23.96
O4 GLC VA . -36.26 -27.06 -25.80
O5 GLC VA . -34.34 -27.73 -22.72
O6 GLC VA . -33.81 -25.28 -23.92
C1 NAG WA . 21.71 -78.99 20.07
C2 NAG WA . 20.65 -79.77 19.29
C3 NAG WA . 20.09 -80.91 20.13
C4 NAG WA . 21.22 -81.77 20.68
C5 NAG WA . 22.26 -80.91 21.39
C6 NAG WA . 23.43 -81.76 21.87
C7 NAG WA . 19.46 -78.46 17.61
C8 NAG WA . 20.38 -79.13 16.61
N2 NAG WA . 19.58 -78.88 18.87
O3 NAG WA . 19.21 -81.71 19.33
O4 NAG WA . 20.67 -82.73 21.59
O5 NAG WA . 22.74 -79.89 20.51
O6 NAG WA . 22.94 -82.99 22.42
O7 NAG WA . 18.66 -77.61 17.28
C1 GLC XA . -19.28 -45.80 -41.03
C2 GLC XA . -18.62 -46.22 -42.34
C3 GLC XA . -18.26 -45.02 -43.16
C4 GLC XA . -19.46 -44.13 -43.37
C5 GLC XA . -20.09 -43.76 -42.03
C6 GLC XA . -21.34 -42.90 -42.23
O2 GLC XA . -17.44 -46.98 -42.06
O3 GLC XA . -17.75 -45.44 -44.43
O4 GLC XA . -19.06 -42.94 -44.05
O5 GLC XA . -20.44 -44.97 -41.30
O6 GLC XA . -21.81 -42.45 -40.96
#